data_7B5I
#
_entry.id   7B5I
#
_cell.length_a   1.00
_cell.length_b   1.00
_cell.length_c   1.00
_cell.angle_alpha   90.00
_cell.angle_beta   90.00
_cell.angle_gamma   90.00
#
_symmetry.space_group_name_H-M   'P 1'
#
loop_
_entity.id
_entity.type
_entity.pdbx_description
1 polymer 'All3327 protein'
2 polymer 'All3326 protein'
3 polymer 'All3325 protein'
4 polymer 'All3324 protein'
#
loop_
_entity_poly.entity_id
_entity_poly.type
_entity_poly.pdbx_seq_one_letter_code
_entity_poly.pdbx_strand_id
1 'polypeptide(L)'
;MISDAMRLIQVALQRYILEFEPELGLSQVVIIENIAMAEELGGQNNQINGHVVMSLVNLQEETTLKNSPHYRLDNGRTIY
QNPPVNLNLFILFSALHNQYETSLRLLSRVVEFFQWQKELSFTTTPGIGGISRDLRILPDLYSLTFEQLNHLWGALGGKQ
VPFVLYRARILSLEAPKRQAEGSTITEIYINE
;
AA,BA,CA,DA,EA,FA
2 'polypeptide(L)'
;MKILYKKILNLELWHDFYLGQPNTPGSLPNNYDISRTLALVPTQECLRVLANLRWVFRPQLYGASLFANVNAAPSGQFPT
IFPIDRVYRLTFWLVVSDRYFANFTNLSLINSRNQIYYFSNLSGNEGHALFLTQPLSAYTTNNEYQLGQLVTHADKTLES
LTYQGNATNIPNPSDWDSLPASQYVSELDHLPRQGTYRTQVITNANPDNTYNFTLVNTNEQESWAIDVIVPDTHKSGEPF
STSLNFVGQTPGHYRLLENDTQVAEFVLVDNSLPEAFALVEVILNPELVPSAFSLLQASAGQTFIQPKTYVIRFKNRATR
WRYRYEQPHGCSAANLPSYFNLIDTHTYATARPIGLRQRPDSLLNDCQDRPLPAPSITLIQPETDGSQRIARIFSDIYL
;
AB,BB,CB,DB,EB,FB
3 'polypeptide(L)'
;MPSTYKTPGVYIEEISKFPPSIAQVETAIPAFIGYTQIAKVGVENFHTDADNLILRPVRITSLLEYEQFFGKAINETTIQ
VVIQDTTDSRGNLTERKASARITSPSPHNLYYSMQAYFANGGGPCYIVSVGPMSNTGTIQLEALQNGLAEVAKEDEVTLL
VFPESQSLSDENYAALMSAALEQCANLQDRFTVMDLKLPATRPIPANAIVGASNAFRDLSLPQDNLKYGACYAPDIETIF
NYFYQEDAVTIFRSVNGGAEEQDTLTMAGYNPANGGDGIQYALIESAIDQLPLILPPSPLVVGQYARTDNTRGVWKAPAN
VALSSVIKPVLKITNEQQNNLNVHPTGKSINAIRAFTGKGTLIWGARTLAGNDNEWRYVSVRRFFNMAEESIKKGSEPFV
FEPNDANTWTKVKAMIENFLTLQWRAGALAGAKPEQAFYVKIGLNETMTALDILEGRMIVEIGMAVVRPAEFIILKFSHK
MQES
;
AC,BC,CC,DC,EC,FC
4 'polypeptide(L)'
;MAEYPLPKFHFQVDWGGSRLGFTEVSGLDVETEVIEYREGNLPQYHKLKMPGMQKFSNITMKRGTFQGDNDFYKWWNTVA
LNTIERRDLTISLLNEKHEPVVVWKVNRAWPTKVQSTDLKGDGNEVAIESIEVAHEGLTIQNG
;
AD,AE,BD,BE,CD,CE,DD,DE,ED,EE,FD,FE
#
# COMPACT_ATOMS: atom_id res chain seq x y z
N MET A 1 -56.55 -0.88 7.65
CA MET A 1 -56.39 0.42 8.28
C MET A 1 -55.38 0.36 9.42
N ILE A 2 -55.07 1.52 9.98
CA ILE A 2 -54.13 1.59 11.09
C ILE A 2 -54.83 1.45 12.43
N SER A 3 -56.12 1.76 12.51
CA SER A 3 -56.85 1.67 13.77
C SER A 3 -57.08 0.24 14.22
N ASP A 4 -57.12 -0.72 13.29
CA ASP A 4 -57.47 -2.08 13.67
C ASP A 4 -56.34 -2.78 14.40
N ALA A 5 -55.11 -2.56 13.97
CA ALA A 5 -53.97 -3.15 14.65
C ALA A 5 -53.86 -2.63 16.08
N MET A 6 -54.02 -1.32 16.25
CA MET A 6 -53.91 -0.76 17.59
C MET A 6 -55.08 -1.17 18.47
N ARG A 7 -56.27 -1.36 17.89
CA ARG A 7 -57.37 -1.87 18.70
C ARG A 7 -57.10 -3.30 19.14
N LEU A 8 -56.56 -4.12 18.25
CA LEU A 8 -56.20 -5.50 18.61
C LEU A 8 -55.22 -5.53 19.77
N ILE A 9 -54.13 -4.77 19.65
CA ILE A 9 -53.12 -4.74 20.70
C ILE A 9 -53.71 -4.23 22.01
N GLN A 10 -54.54 -3.19 21.93
CA GLN A 10 -55.14 -2.63 23.13
C GLN A 10 -56.00 -3.66 23.85
N VAL A 11 -56.85 -4.37 23.11
CA VAL A 11 -57.74 -5.33 23.74
C VAL A 11 -56.95 -6.45 24.40
N ALA A 12 -55.93 -6.97 23.72
CA ALA A 12 -55.17 -8.08 24.30
C ALA A 12 -54.43 -7.64 25.57
N LEU A 13 -53.77 -6.49 25.52
CA LEU A 13 -53.02 -6.04 26.69
C LEU A 13 -53.94 -5.71 27.85
N GLN A 14 -55.09 -5.08 27.56
CA GLN A 14 -56.09 -4.81 28.58
C GLN A 14 -56.51 -6.09 29.28
N ARG A 15 -56.81 -7.14 28.50
CA ARG A 15 -57.23 -8.40 29.08
C ARG A 15 -56.16 -8.97 30.00
N TYR A 16 -54.91 -9.00 29.53
CA TYR A 16 -53.83 -9.54 30.35
C TYR A 16 -53.69 -8.78 31.67
N ILE A 17 -53.56 -7.45 31.60
CA ILE A 17 -53.32 -6.66 32.80
C ILE A 17 -54.48 -6.83 33.77
N LEU A 18 -55.71 -6.64 33.31
CA LEU A 18 -56.84 -6.76 34.22
C LEU A 18 -57.03 -8.19 34.72
N GLU A 19 -56.45 -9.17 34.03
CA GLU A 19 -56.42 -10.52 34.57
C GLU A 19 -55.50 -10.60 35.78
N PHE A 20 -54.32 -9.98 35.69
CA PHE A 20 -53.36 -10.13 36.78
C PHE A 20 -53.53 -9.12 37.91
N GLU A 21 -54.30 -8.05 37.70
CA GLU A 21 -54.53 -7.03 38.72
C GLU A 21 -56.03 -6.84 38.90
N PRO A 22 -56.69 -7.70 39.68
CA PRO A 22 -58.14 -7.55 39.89
C PRO A 22 -58.52 -6.29 40.65
N GLU A 23 -57.59 -5.67 41.36
CA GLU A 23 -57.91 -4.55 42.24
C GLU A 23 -58.21 -3.27 41.48
N LEU A 24 -57.94 -3.21 40.18
CA LEU A 24 -58.12 -1.99 39.40
C LEU A 24 -59.57 -1.67 39.11
N GLY A 25 -60.53 -2.40 39.68
CA GLY A 25 -61.92 -2.01 39.60
C GLY A 25 -62.53 -2.07 38.22
N LEU A 26 -61.92 -2.79 37.29
CA LEU A 26 -62.50 -3.07 35.98
C LEU A 26 -62.71 -1.78 35.19
N SER A 27 -61.79 -0.84 35.33
CA SER A 27 -61.83 0.41 34.58
C SER A 27 -61.06 0.23 33.28
N GLN A 28 -60.78 1.34 32.58
CA GLN A 28 -60.02 1.31 31.34
C GLN A 28 -58.56 1.58 31.67
N VAL A 29 -57.73 0.53 31.62
CA VAL A 29 -56.32 0.70 31.91
C VAL A 29 -55.57 1.26 30.72
N VAL A 30 -55.96 0.86 29.51
CA VAL A 30 -55.23 1.21 28.29
C VAL A 30 -56.12 2.09 27.43
N ILE A 31 -55.57 3.21 26.96
CA ILE A 31 -56.26 4.12 26.06
C ILE A 31 -55.32 4.46 24.92
N ILE A 32 -55.90 4.85 23.79
CA ILE A 32 -55.15 5.27 22.61
C ILE A 32 -55.35 6.76 22.44
N GLU A 33 -54.26 7.51 22.54
CA GLU A 33 -54.30 8.97 22.56
C GLU A 33 -52.88 9.47 22.30
N ASN A 34 -52.74 10.78 22.14
CA ASN A 34 -51.45 11.42 21.95
C ASN A 34 -50.90 11.86 23.30
N ILE A 35 -49.66 11.47 23.59
CA ILE A 35 -49.09 11.74 24.90
C ILE A 35 -48.72 13.21 25.04
N ALA A 36 -48.22 13.83 23.97
CA ALA A 36 -47.75 15.21 24.06
C ALA A 36 -48.85 16.19 24.40
N MET A 37 -50.12 15.79 24.29
CA MET A 37 -51.24 16.67 24.59
C MET A 37 -51.57 16.71 26.08
N ALA A 38 -50.81 16.00 26.91
CA ALA A 38 -51.14 15.92 28.33
C ALA A 38 -50.89 17.26 29.02
N GLU A 39 -51.78 17.59 29.96
CA GLU A 39 -51.65 18.85 30.68
C GLU A 39 -50.38 18.89 31.53
N GLU A 40 -50.04 17.77 32.16
CA GLU A 40 -48.89 17.74 33.05
C GLU A 40 -47.58 18.01 32.33
N LEU A 41 -47.51 17.73 31.03
CA LEU A 41 -46.31 17.96 30.25
C LEU A 41 -46.35 19.28 29.50
N GLY A 42 -47.29 20.16 29.83
CA GLY A 42 -47.40 21.45 29.19
C GLY A 42 -48.47 21.56 28.13
N GLY A 43 -49.26 20.51 27.91
CA GLY A 43 -50.31 20.53 26.91
C GLY A 43 -51.60 21.12 27.45
N GLN A 44 -52.70 20.74 26.80
CA GLN A 44 -54.01 21.31 27.10
C GLN A 44 -55.03 20.28 27.57
N ASN A 45 -54.82 19.00 27.33
CA ASN A 45 -55.78 17.96 27.65
C ASN A 45 -55.62 17.55 29.11
N ASN A 46 -56.73 17.56 29.86
CA ASN A 46 -56.71 17.22 31.27
C ASN A 46 -57.34 15.86 31.57
N GLN A 47 -57.55 15.03 30.56
CA GLN A 47 -58.14 13.72 30.75
C GLN A 47 -57.14 12.57 30.67
N ILE A 48 -55.90 12.86 30.31
CA ILE A 48 -54.87 11.83 30.22
C ILE A 48 -54.10 11.85 31.53
N ASN A 49 -54.55 11.05 32.48
CA ASN A 49 -53.88 10.96 33.78
C ASN A 49 -54.34 9.68 34.45
N GLY A 50 -53.40 8.81 34.80
CA GLY A 50 -53.75 7.56 35.41
C GLY A 50 -54.10 6.52 34.37
N HIS A 51 -53.23 6.35 33.38
CA HIS A 51 -53.47 5.42 32.29
C HIS A 51 -52.15 4.88 31.78
N VAL A 52 -52.26 3.88 30.91
CA VAL A 52 -51.21 3.51 29.97
C VAL A 52 -51.68 3.96 28.60
N VAL A 53 -50.83 4.69 27.90
CA VAL A 53 -51.18 5.35 26.65
C VAL A 53 -50.33 4.79 25.53
N MET A 54 -50.97 4.49 24.41
CA MET A 54 -50.31 4.03 23.20
C MET A 54 -50.22 5.18 22.20
N SER A 55 -49.05 5.36 21.60
CA SER A 55 -48.87 6.44 20.63
C SER A 55 -48.10 5.95 19.43
N LEU A 56 -48.56 6.34 18.24
CA LEU A 56 -47.84 6.09 17.00
C LEU A 56 -46.83 7.21 16.79
N VAL A 57 -45.56 6.87 16.67
CA VAL A 57 -44.51 7.89 16.60
C VAL A 57 -43.82 7.97 15.25
N ASN A 58 -43.87 6.93 14.43
CA ASN A 58 -43.17 6.94 13.15
C ASN A 58 -43.83 5.94 12.22
N LEU A 59 -43.43 5.98 10.95
CA LEU A 59 -44.03 5.16 9.92
C LEU A 59 -43.03 4.99 8.80
N GLN A 60 -42.51 3.78 8.63
CA GLN A 60 -41.49 3.51 7.62
C GLN A 60 -41.96 2.43 6.66
N GLU A 61 -41.42 2.47 5.44
CA GLU A 61 -41.73 1.49 4.42
C GLU A 61 -40.70 0.37 4.42
N GLU A 62 -41.15 -0.83 4.08
CA GLU A 62 -40.27 -2.00 4.00
C GLU A 62 -39.64 -2.04 2.62
N THR A 63 -38.31 -1.92 2.58
CA THR A 63 -37.58 -1.85 1.32
C THR A 63 -37.50 -3.18 0.58
N THR A 64 -37.66 -4.29 1.29
CA THR A 64 -37.48 -5.59 0.66
C THR A 64 -38.67 -5.99 -0.19
N LEU A 65 -39.85 -5.45 0.06
CA LEU A 65 -41.06 -5.82 -0.66
C LEU A 65 -41.40 -4.86 -1.79
N LYS A 66 -40.54 -3.88 -2.06
CA LYS A 66 -40.70 -3.08 -3.26
C LYS A 66 -40.40 -3.92 -4.50
N ASN A 67 -40.84 -3.42 -5.64
CA ASN A 67 -40.62 -4.07 -6.93
C ASN A 67 -41.28 -5.44 -6.99
N SER A 68 -42.48 -5.55 -6.47
CA SER A 68 -43.30 -6.74 -6.63
C SER A 68 -44.12 -6.64 -7.90
N PRO A 69 -44.57 -7.77 -8.45
CA PRO A 69 -45.22 -7.74 -9.77
C PRO A 69 -46.47 -6.87 -9.80
N HIS A 70 -46.76 -6.33 -10.98
CA HIS A 70 -47.90 -5.44 -11.17
C HIS A 70 -49.02 -6.06 -12.00
N TYR A 71 -49.03 -7.39 -12.14
CA TYR A 71 -50.08 -8.05 -12.88
C TYR A 71 -50.35 -9.42 -12.26
N ARG A 72 -51.49 -10.00 -12.62
CA ARG A 72 -51.84 -11.36 -12.21
C ARG A 72 -52.53 -12.06 -13.36
N LEU A 73 -52.44 -13.39 -13.37
CA LEU A 73 -53.05 -14.21 -14.41
C LEU A 73 -54.28 -14.93 -13.85
N ASP A 74 -55.34 -14.96 -14.65
CA ASP A 74 -56.57 -15.64 -14.24
C ASP A 74 -57.36 -15.99 -15.50
N ASN A 75 -57.70 -17.28 -15.63
CA ASN A 75 -58.53 -17.78 -16.73
C ASN A 75 -57.93 -17.45 -18.09
N GLY A 76 -56.60 -17.37 -18.16
CA GLY A 76 -55.94 -17.05 -19.41
C GLY A 76 -55.95 -15.58 -19.78
N ARG A 77 -56.27 -14.69 -18.84
CA ARG A 77 -56.23 -13.27 -19.08
C ARG A 77 -55.44 -12.58 -17.99
N THR A 78 -55.01 -11.35 -18.27
CA THR A 78 -54.13 -10.59 -17.40
C THR A 78 -54.90 -9.47 -16.73
N ILE A 79 -54.75 -9.34 -15.42
CA ILE A 79 -55.34 -8.27 -14.63
C ILE A 79 -54.21 -7.39 -14.14
N TYR A 80 -54.27 -6.10 -14.50
CA TYR A 80 -53.24 -5.13 -14.12
C TYR A 80 -53.73 -4.31 -12.94
N GLN A 81 -52.91 -4.24 -11.90
CA GLN A 81 -53.19 -3.49 -10.68
C GLN A 81 -51.85 -3.12 -10.03
N ASN A 82 -51.82 -1.97 -9.36
CA ASN A 82 -50.59 -1.51 -8.71
C ASN A 82 -50.35 -2.28 -7.41
N PRO A 83 -49.10 -2.56 -7.07
CA PRO A 83 -48.80 -3.32 -5.85
C PRO A 83 -49.10 -2.52 -4.60
N PRO A 84 -49.27 -3.17 -3.45
CA PRO A 84 -49.62 -2.45 -2.22
C PRO A 84 -48.38 -1.85 -1.56
N VAL A 85 -48.64 -1.09 -0.49
CA VAL A 85 -47.60 -0.42 0.28
C VAL A 85 -47.49 -1.09 1.63
N ASN A 86 -46.28 -1.50 2.00
CA ASN A 86 -46.01 -2.25 3.22
C ASN A 86 -45.26 -1.37 4.22
N LEU A 87 -45.77 -1.30 5.45
CA LEU A 87 -45.29 -0.35 6.43
C LEU A 87 -44.91 -1.04 7.72
N ASN A 88 -43.87 -0.49 8.37
CA ASN A 88 -43.50 -0.80 9.75
C ASN A 88 -44.02 0.30 10.66
N LEU A 89 -44.50 -0.09 11.84
CA LEU A 89 -45.08 0.85 12.78
C LEU A 89 -44.27 0.91 14.05
N PHE A 90 -44.19 2.11 14.63
CA PHE A 90 -43.46 2.36 15.86
C PHE A 90 -44.42 2.86 16.93
N ILE A 91 -44.57 2.09 18.00
CA ILE A 91 -45.56 2.34 19.03
C ILE A 91 -44.85 2.56 20.36
N LEU A 92 -45.21 3.64 21.03
CA LEU A 92 -44.65 4.01 22.33
C LEU A 92 -45.72 3.80 23.40
N PHE A 93 -45.35 3.10 24.46
CA PHE A 93 -46.21 2.86 25.62
C PHE A 93 -45.71 3.72 26.76
N SER A 94 -46.57 4.62 27.24
CA SER A 94 -46.23 5.50 28.35
C SER A 94 -47.20 5.30 29.50
N ALA A 95 -46.67 5.28 30.72
CA ALA A 95 -47.48 5.12 31.92
C ALA A 95 -47.53 6.44 32.67
N LEU A 96 -48.73 6.96 32.90
CA LEU A 96 -48.88 8.26 33.55
C LEU A 96 -49.87 8.12 34.70
N HIS A 97 -49.38 8.26 35.93
CA HIS A 97 -50.22 8.17 37.12
C HIS A 97 -49.76 9.20 38.13
N ASN A 98 -50.65 9.53 39.06
CA ASN A 98 -50.29 10.39 40.18
C ASN A 98 -49.52 9.64 41.26
N GLN A 99 -49.24 8.36 41.05
CA GLN A 99 -48.48 7.54 41.98
C GLN A 99 -47.35 6.88 41.19
N TYR A 100 -46.12 7.26 41.48
CA TYR A 100 -44.99 6.88 40.63
C TYR A 100 -44.74 5.38 40.60
N GLU A 101 -45.21 4.62 41.59
CA GLU A 101 -44.90 3.19 41.63
C GLU A 101 -45.87 2.36 40.79
N THR A 102 -47.13 2.78 40.73
CA THR A 102 -48.09 2.11 39.87
C THR A 102 -47.59 2.10 38.43
N SER A 103 -46.97 3.20 38.00
CA SER A 103 -46.43 3.26 36.65
C SER A 103 -45.39 2.18 36.42
N LEU A 104 -44.51 1.96 37.39
CA LEU A 104 -43.46 0.96 37.23
C LEU A 104 -44.04 -0.45 37.21
N ARG A 105 -45.02 -0.72 38.07
CA ARG A 105 -45.67 -2.03 38.05
C ARG A 105 -46.32 -2.29 36.69
N LEU A 106 -47.04 -1.31 36.16
CA LEU A 106 -47.71 -1.51 34.88
C LEU A 106 -46.71 -1.64 33.74
N LEU A 107 -45.59 -0.92 33.79
CA LEU A 107 -44.55 -1.12 32.79
C LEU A 107 -44.00 -2.54 32.82
N SER A 108 -43.75 -3.06 34.02
CA SER A 108 -43.25 -4.42 34.14
C SER A 108 -44.24 -5.40 33.51
N ARG A 109 -45.53 -5.19 33.75
CA ARG A 109 -46.52 -6.11 33.20
C ARG A 109 -46.63 -6.00 31.69
N VAL A 110 -46.48 -4.79 31.14
CA VAL A 110 -46.45 -4.63 29.69
C VAL A 110 -45.29 -5.42 29.09
N VAL A 111 -44.10 -5.27 29.70
CA VAL A 111 -42.92 -5.96 29.19
C VAL A 111 -43.13 -7.47 29.21
N GLU A 112 -43.67 -8.00 30.30
CA GLU A 112 -43.82 -9.45 30.36
C GLU A 112 -44.94 -9.95 29.46
N PHE A 113 -45.99 -9.14 29.23
CA PHE A 113 -47.00 -9.53 28.26
C PHE A 113 -46.39 -9.69 26.88
N PHE A 114 -45.54 -8.74 26.47
CA PHE A 114 -44.89 -8.91 25.18
C PHE A 114 -43.82 -10.00 25.21
N GLN A 115 -43.35 -10.37 26.41
CA GLN A 115 -42.45 -11.52 26.52
C GLN A 115 -43.20 -12.82 26.25
N TRP A 116 -44.48 -12.88 26.58
CA TRP A 116 -45.25 -14.11 26.40
C TRP A 116 -45.69 -14.30 24.95
N GLN A 117 -46.31 -13.29 24.36
CA GLN A 117 -46.97 -13.40 23.06
C GLN A 117 -46.05 -12.87 21.97
N LYS A 118 -45.58 -13.76 21.09
CA LYS A 118 -44.70 -13.38 20.01
C LYS A 118 -45.43 -13.13 18.69
N GLU A 119 -46.75 -13.33 18.66
CA GLU A 119 -47.51 -13.11 17.43
C GLU A 119 -48.92 -12.70 17.79
N LEU A 120 -49.39 -11.61 17.17
CA LEU A 120 -50.72 -11.08 17.41
C LEU A 120 -51.56 -11.31 16.17
N SER A 121 -52.70 -11.97 16.34
CA SER A 121 -53.61 -12.25 15.24
C SER A 121 -54.98 -12.51 15.82
N PHE A 122 -55.99 -12.41 14.96
CA PHE A 122 -57.35 -12.71 15.39
C PHE A 122 -57.53 -14.18 15.74
N THR A 123 -56.71 -15.06 15.16
CA THR A 123 -56.82 -16.49 15.39
C THR A 123 -56.17 -16.93 16.69
N THR A 124 -55.32 -16.10 17.29
CA THR A 124 -54.57 -16.45 18.48
C THR A 124 -54.82 -15.51 19.65
N THR A 125 -55.17 -14.25 19.39
CA THR A 125 -55.48 -13.28 20.43
C THR A 125 -56.83 -12.65 20.12
N PRO A 126 -57.91 -13.43 20.24
CA PRO A 126 -59.21 -12.96 19.72
C PRO A 126 -59.80 -11.78 20.47
N GLY A 127 -59.92 -11.88 21.78
CA GLY A 127 -60.52 -10.82 22.58
C GLY A 127 -61.98 -10.56 22.23
N SER A 132 -60.10 -8.22 12.42
CA SER A 132 -60.48 -8.16 11.01
C SER A 132 -60.09 -9.43 10.27
N ARG A 133 -59.51 -10.37 11.01
CA ARG A 133 -59.13 -11.69 10.49
C ARG A 133 -58.15 -11.59 9.32
N ASP A 134 -57.49 -10.45 9.16
CA ASP A 134 -56.48 -10.27 8.14
C ASP A 134 -55.11 -9.90 8.67
N LEU A 135 -55.04 -9.37 9.89
CA LEU A 135 -53.80 -8.84 10.43
C LEU A 135 -52.90 -9.98 10.92
N ARG A 136 -51.60 -9.69 10.93
CA ARG A 136 -50.61 -10.57 11.55
C ARG A 136 -49.43 -9.69 11.90
N ILE A 137 -49.19 -9.51 13.20
CA ILE A 137 -48.27 -8.49 13.70
C ILE A 137 -47.24 -9.15 14.59
N LEU A 138 -45.97 -9.01 14.21
CA LEU A 138 -44.88 -9.55 15.01
C LEU A 138 -44.12 -8.40 15.67
N PRO A 139 -44.25 -8.19 16.97
CA PRO A 139 -43.60 -7.05 17.61
C PRO A 139 -42.18 -7.38 18.05
N ASP A 140 -41.40 -6.33 18.27
CA ASP A 140 -40.11 -6.45 18.94
C ASP A 140 -39.80 -5.20 19.73
N LEU A 141 -38.84 -5.31 20.64
CA LEU A 141 -38.51 -4.29 21.62
C LEU A 141 -37.32 -3.47 21.16
N TYR A 142 -37.36 -2.15 21.40
CA TYR A 142 -36.29 -1.25 20.99
C TYR A 142 -35.66 -0.62 22.22
N SER A 143 -34.34 -0.77 22.35
CA SER A 143 -33.55 -0.10 23.37
C SER A 143 -32.75 1.02 22.73
N LEU A 144 -32.77 2.19 23.37
CA LEU A 144 -32.18 3.39 22.79
C LEU A 144 -30.99 3.88 23.60
N THR A 145 -30.21 4.77 23.00
CA THR A 145 -29.14 5.46 23.68
C THR A 145 -29.67 6.80 24.20
N PHE A 146 -28.79 7.59 24.81
CA PHE A 146 -29.25 8.87 25.34
C PHE A 146 -29.49 9.89 24.24
N GLU A 147 -28.71 9.83 23.16
CA GLU A 147 -28.95 10.73 22.04
C GLU A 147 -30.28 10.42 21.36
N GLN A 148 -30.63 9.14 21.26
CA GLN A 148 -31.89 8.78 20.63
C GLN A 148 -33.07 9.13 21.51
N LEU A 149 -32.94 8.96 22.83
CA LEU A 149 -33.95 9.46 23.74
C LEU A 149 -34.11 10.97 23.58
N ASN A 150 -33.00 11.67 23.44
CA ASN A 150 -33.05 13.11 23.25
C ASN A 150 -33.85 13.46 22.00
N HIS A 151 -33.54 12.80 20.88
CA HIS A 151 -34.27 13.07 19.65
C HIS A 151 -35.76 12.80 19.81
N LEU A 152 -36.10 11.62 20.36
CA LEU A 152 -37.49 11.24 20.54
C LEU A 152 -38.25 12.27 21.38
N TRP A 153 -37.78 12.52 22.59
CA TRP A 153 -38.54 13.37 23.49
C TRP A 153 -38.42 14.84 23.13
N GLY A 154 -37.43 15.24 22.33
CA GLY A 154 -37.45 16.56 21.75
C GLY A 154 -38.53 16.70 20.71
N ALA A 155 -38.76 15.65 19.93
CA ALA A 155 -39.91 15.65 19.04
C ALA A 155 -41.24 15.54 19.78
N LEU A 156 -41.23 15.11 21.03
CA LEU A 156 -42.47 14.92 21.78
C LEU A 156 -42.74 15.96 22.85
N GLY A 157 -41.91 16.98 23.00
CA GLY A 157 -42.15 18.07 23.93
C GLY A 157 -41.03 18.34 24.92
N GLY A 158 -40.19 17.36 25.21
CA GLY A 158 -39.02 17.59 26.04
C GLY A 158 -39.11 17.15 27.49
N LYS A 159 -39.99 16.23 27.83
CA LYS A 159 -40.08 15.71 29.20
C LYS A 159 -40.44 14.23 29.18
N GLN A 160 -39.72 13.44 29.97
CA GLN A 160 -39.88 12.00 30.01
C GLN A 160 -40.94 11.56 31.00
N VAL A 161 -41.49 10.37 30.75
CA VAL A 161 -42.25 9.60 31.73
C VAL A 161 -41.74 8.17 31.61
N PRO A 162 -42.07 7.26 32.52
CA PRO A 162 -41.72 5.85 32.30
C PRO A 162 -42.36 5.32 31.02
N PHE A 163 -41.55 4.74 30.15
CA PHE A 163 -42.02 4.41 28.82
C PHE A 163 -41.29 3.17 28.30
N VAL A 164 -41.77 2.68 27.15
CA VAL A 164 -41.10 1.62 26.42
C VAL A 164 -41.52 1.70 24.95
N LEU A 165 -40.65 1.24 24.05
CA LEU A 165 -40.87 1.39 22.62
C LEU A 165 -40.82 0.03 21.90
N TYR A 166 -41.81 -0.19 21.04
CA TYR A 166 -41.92 -1.43 20.29
C TYR A 166 -42.13 -1.13 18.81
N ARG A 167 -41.76 -2.09 17.98
CA ARG A 167 -41.97 -2.03 16.54
C ARG A 167 -42.85 -3.18 16.10
N ALA A 168 -43.87 -2.87 15.30
CA ALA A 168 -44.76 -3.85 14.70
C ALA A 168 -44.45 -3.92 13.21
N ARG A 169 -44.23 -5.13 12.69
CA ARG A 169 -43.47 -5.25 11.45
C ARG A 169 -44.26 -4.89 10.19
N ILE A 170 -45.30 -5.64 9.85
CA ILE A 170 -45.87 -5.52 8.51
C ILE A 170 -47.34 -5.11 8.60
N LEU A 171 -47.68 -4.06 7.87
CA LEU A 171 -49.06 -3.67 7.64
C LEU A 171 -49.18 -3.19 6.20
N SER A 172 -50.13 -3.75 5.46
CA SER A 172 -50.22 -3.54 4.02
C SER A 172 -51.46 -2.74 3.67
N LEU A 173 -51.29 -1.72 2.84
CA LEU A 173 -52.36 -0.81 2.45
C LEU A 173 -52.45 -0.73 0.94
N GLU A 174 -53.69 -0.67 0.44
CA GLU A 174 -53.93 -0.49 -0.99
C GLU A 174 -55.39 -0.11 -1.19
N ALA A 175 -55.68 0.38 -2.40
CA ALA A 175 -57.02 0.75 -2.83
C ALA A 175 -57.68 -0.41 -3.57
N PRO A 176 -58.97 -0.62 -3.40
CA PRO A 176 -59.70 -1.67 -4.13
C PRO A 176 -60.12 -1.23 -5.51
N LYS A 177 -59.15 -1.13 -6.42
CA LYS A 177 -59.42 -0.63 -7.76
C LYS A 177 -58.49 -1.29 -8.78
N ARG A 178 -59.08 -1.81 -9.84
CA ARG A 178 -58.34 -2.42 -10.93
C ARG A 178 -57.69 -1.34 -11.79
N GLN A 179 -56.69 -1.74 -12.57
CA GLN A 179 -56.06 -0.82 -13.51
C GLN A 179 -56.35 -1.16 -14.96
N ALA A 180 -56.16 -2.42 -15.39
CA ALA A 180 -56.45 -2.74 -16.78
C ALA A 180 -56.58 -4.24 -16.97
N GLU A 181 -56.83 -4.66 -18.22
CA GLU A 181 -56.95 -6.07 -18.57
C GLU A 181 -56.25 -6.33 -19.90
N GLY A 182 -55.84 -7.58 -20.09
CA GLY A 182 -55.20 -7.97 -21.33
C GLY A 182 -55.29 -9.47 -21.55
N SER A 183 -54.66 -9.93 -22.62
CA SER A 183 -54.70 -11.34 -23.01
C SER A 183 -53.30 -11.90 -23.14
N THR A 184 -53.20 -13.24 -23.11
CA THR A 184 -51.94 -13.95 -23.08
C THR A 184 -51.57 -14.49 -24.47
N ILE A 185 -50.45 -15.22 -24.51
CA ILE A 185 -49.88 -15.72 -25.76
C ILE A 185 -50.39 -17.12 -26.04
N THR A 186 -50.89 -17.34 -27.26
CA THR A 186 -51.38 -18.66 -27.64
C THR A 186 -50.89 -19.13 -29.01
N GLU A 187 -50.37 -18.25 -29.86
CA GLU A 187 -49.87 -18.65 -31.16
C GLU A 187 -48.65 -17.83 -31.51
N ILE A 188 -47.66 -18.43 -32.20
CA ILE A 188 -46.41 -17.75 -32.60
C ILE A 188 -46.03 -18.04 -34.08
N TYR A 189 -45.64 -17.03 -34.85
CA TYR A 189 -45.19 -17.24 -36.21
C TYR A 189 -43.75 -16.88 -36.22
N ILE A 190 -42.93 -17.70 -36.87
CA ILE A 190 -41.52 -17.43 -37.02
C ILE A 190 -41.34 -17.33 -38.53
N ASN A 191 -40.95 -16.15 -39.02
CA ASN A 191 -40.80 -15.92 -40.45
C ASN A 191 -42.03 -16.36 -41.23
N MET B 1 -43.59 -20.27 -40.06
CA MET B 1 -43.84 -21.41 -39.19
C MET B 1 -44.89 -21.08 -38.15
N LYS B 2 -46.14 -21.48 -38.42
CA LYS B 2 -47.27 -21.24 -37.51
C LYS B 2 -47.41 -22.38 -36.51
N ILE B 3 -47.44 -22.03 -35.22
CA ILE B 3 -47.54 -23.02 -34.15
C ILE B 3 -48.71 -22.66 -33.26
N LEU B 4 -49.71 -23.53 -33.22
CA LEU B 4 -50.92 -23.31 -32.43
C LEU B 4 -50.97 -24.28 -31.26
N TYR B 5 -51.27 -23.74 -30.07
CA TYR B 5 -51.31 -24.51 -28.84
C TYR B 5 -52.68 -24.37 -28.20
N LYS B 6 -53.14 -25.45 -27.58
CA LYS B 6 -54.45 -25.44 -26.92
C LYS B 6 -54.38 -26.27 -25.64
N LYS B 7 -55.04 -25.79 -24.59
CA LYS B 7 -55.03 -26.53 -23.34
C LYS B 7 -55.70 -27.87 -23.58
N ILE B 8 -55.14 -28.93 -23.00
CA ILE B 8 -55.69 -30.27 -23.17
C ILE B 8 -55.91 -31.01 -21.85
N LEU B 9 -55.47 -30.44 -20.74
CA LEU B 9 -55.62 -31.13 -19.46
C LEU B 9 -55.68 -30.19 -18.28
N ASN B 10 -56.57 -30.50 -17.33
CA ASN B 10 -56.70 -29.74 -16.12
C ASN B 10 -56.51 -30.70 -14.95
N LEU B 11 -55.58 -30.37 -14.07
CA LEU B 11 -55.30 -31.20 -12.90
C LEU B 11 -55.43 -30.33 -11.67
N GLU B 12 -56.39 -30.64 -10.82
CA GLU B 12 -56.60 -29.82 -9.63
C GLU B 12 -56.46 -30.63 -8.35
N LEU B 13 -56.06 -29.94 -7.29
CA LEU B 13 -55.80 -30.55 -5.99
C LEU B 13 -56.53 -29.74 -4.93
N TRP B 14 -57.37 -30.40 -4.14
CA TRP B 14 -58.22 -29.75 -3.16
C TRP B 14 -57.79 -30.13 -1.76
N HIS B 15 -58.01 -29.22 -0.82
CA HIS B 15 -57.75 -29.49 0.59
C HIS B 15 -58.76 -28.74 1.43
N ASP B 16 -59.42 -29.46 2.34
CA ASP B 16 -60.44 -28.88 3.18
C ASP B 16 -59.85 -28.00 4.29
N PHE B 17 -58.54 -28.06 4.50
CA PHE B 17 -57.89 -27.14 5.43
C PHE B 17 -58.10 -25.69 5.00
N TYR B 18 -58.22 -25.44 3.69
CA TYR B 18 -58.48 -24.12 3.15
C TYR B 18 -59.93 -23.93 2.69
N LEU B 19 -60.54 -24.97 2.12
CA LEU B 19 -61.84 -24.82 1.48
C LEU B 19 -62.99 -25.01 2.45
N GLY B 20 -62.88 -25.96 3.36
CA GLY B 20 -64.01 -26.34 4.19
C GLY B 20 -64.91 -27.31 3.45
N GLN B 21 -66.18 -27.32 3.85
CA GLN B 21 -67.20 -28.16 3.20
C GLN B 21 -68.26 -27.28 2.59
N PRO B 22 -68.22 -27.02 1.29
CA PRO B 22 -69.33 -26.32 0.65
C PRO B 22 -70.55 -27.23 0.56
N ASN B 23 -71.73 -26.62 0.65
CA ASN B 23 -72.97 -27.39 0.63
C ASN B 23 -73.20 -28.08 -0.71
N THR B 24 -72.61 -27.58 -1.78
CA THR B 24 -72.59 -28.28 -3.06
C THR B 24 -71.37 -27.84 -3.86
N PRO B 25 -70.45 -28.75 -4.13
CA PRO B 25 -69.17 -28.34 -4.75
C PRO B 25 -69.35 -27.90 -6.18
N GLY B 26 -68.71 -26.77 -6.50
CA GLY B 26 -68.64 -26.27 -7.85
C GLY B 26 -67.19 -26.15 -8.29
N SER B 27 -66.75 -24.93 -8.53
CA SER B 27 -65.34 -24.64 -8.77
C SER B 27 -64.69 -24.11 -7.50
N LEU B 28 -63.37 -23.95 -7.56
CA LEU B 28 -62.64 -23.35 -6.46
C LEU B 28 -62.87 -21.85 -6.42
N PRO B 29 -62.59 -21.20 -5.30
CA PRO B 29 -62.68 -19.74 -5.26
C PRO B 29 -61.63 -19.08 -6.13
N ASN B 30 -61.69 -17.76 -6.27
CA ASN B 30 -60.74 -17.04 -7.12
C ASN B 30 -59.38 -16.86 -6.46
N ASN B 31 -59.31 -17.01 -5.13
CA ASN B 31 -58.06 -16.82 -4.39
C ASN B 31 -57.48 -18.14 -3.89
N TYR B 32 -57.77 -19.24 -4.56
CA TYR B 32 -57.25 -20.52 -4.12
C TYR B 32 -55.77 -20.64 -4.49
N ASP B 33 -55.02 -21.33 -3.63
CA ASP B 33 -53.58 -21.47 -3.81
C ASP B 33 -52.99 -22.56 -2.93
N ILE B 34 -52.21 -23.46 -3.51
CA ILE B 34 -51.47 -24.45 -2.75
C ILE B 34 -50.02 -24.47 -3.24
N SER B 35 -49.62 -23.44 -3.98
CA SER B 35 -48.31 -23.39 -4.60
C SER B 35 -47.16 -23.50 -3.61
N ARG B 36 -47.46 -23.48 -2.30
CA ARG B 36 -46.45 -23.60 -1.26
C ARG B 36 -46.66 -24.82 -0.38
N THR B 37 -47.57 -25.71 -0.75
CA THR B 37 -47.83 -26.93 0.00
C THR B 37 -47.60 -28.19 -0.81
N LEU B 38 -47.98 -28.19 -2.08
CA LEU B 38 -47.89 -29.37 -2.93
C LEU B 38 -47.31 -28.96 -4.28
N ALA B 39 -46.61 -29.91 -4.92
CA ALA B 39 -46.00 -29.63 -6.21
C ALA B 39 -46.03 -30.89 -7.07
N LEU B 40 -46.23 -30.71 -8.37
CA LEU B 40 -46.19 -31.78 -9.35
C LEU B 40 -44.89 -31.69 -10.15
N VAL B 41 -44.22 -32.82 -10.33
CA VAL B 41 -42.91 -32.83 -10.98
C VAL B 41 -42.85 -33.96 -12.02
N PRO B 42 -42.65 -33.66 -13.29
CA PRO B 42 -42.54 -34.73 -14.29
C PRO B 42 -41.25 -35.54 -14.10
N THR B 43 -41.33 -36.83 -14.41
CA THR B 43 -40.14 -37.68 -14.41
C THR B 43 -39.37 -37.48 -15.71
N GLN B 44 -38.28 -38.24 -15.87
CA GLN B 44 -37.46 -38.11 -17.08
C GLN B 44 -38.15 -38.70 -18.29
N GLU B 45 -38.68 -39.92 -18.14
CA GLU B 45 -39.45 -40.53 -19.21
C GLU B 45 -40.60 -39.61 -19.63
N CYS B 46 -41.29 -39.04 -18.65
CA CYS B 46 -42.37 -38.10 -18.97
C CYS B 46 -41.85 -36.96 -19.82
N LEU B 47 -40.67 -36.43 -19.49
CA LEU B 47 -40.12 -35.31 -20.23
C LEU B 47 -39.86 -35.70 -21.68
N ARG B 48 -39.18 -36.82 -21.91
CA ARG B 48 -38.86 -37.17 -23.28
C ARG B 48 -40.10 -37.57 -24.08
N VAL B 49 -41.11 -38.14 -23.41
CA VAL B 49 -42.33 -38.50 -24.12
C VAL B 49 -43.12 -37.24 -24.50
N LEU B 50 -43.21 -36.27 -23.58
CA LEU B 50 -43.85 -35.01 -23.91
C LEU B 50 -43.11 -34.31 -25.05
N ALA B 51 -41.79 -34.43 -25.07
CA ALA B 51 -41.03 -33.88 -26.19
C ALA B 51 -41.43 -34.55 -27.50
N ASN B 52 -41.48 -35.88 -27.52
CA ASN B 52 -41.82 -36.58 -28.75
C ASN B 52 -43.25 -36.25 -29.21
N LEU B 53 -44.16 -36.04 -28.28
CA LEU B 53 -45.55 -35.75 -28.65
C LEU B 53 -45.80 -34.29 -28.96
N ARG B 54 -44.81 -33.41 -28.72
CA ARG B 54 -44.97 -31.96 -28.87
C ARG B 54 -46.07 -31.42 -27.95
N TRP B 55 -45.98 -31.75 -26.67
CA TRP B 55 -46.85 -31.19 -25.66
C TRP B 55 -46.03 -30.45 -24.63
N VAL B 56 -46.67 -29.51 -23.94
CA VAL B 56 -46.00 -28.57 -23.04
C VAL B 56 -46.62 -28.68 -21.66
N PHE B 57 -45.76 -28.82 -20.65
CA PHE B 57 -46.18 -28.88 -19.25
C PHE B 57 -46.10 -27.49 -18.61
N ARG B 58 -47.04 -27.18 -17.72
CA ARG B 58 -47.00 -25.89 -17.08
C ARG B 58 -47.55 -25.97 -15.66
N PRO B 59 -46.81 -25.54 -14.65
CA PRO B 59 -47.37 -25.45 -13.30
C PRO B 59 -48.40 -24.34 -13.20
N GLN B 60 -49.26 -24.45 -12.19
CA GLN B 60 -50.33 -23.50 -11.98
C GLN B 60 -50.48 -23.22 -10.49
N LEU B 61 -51.31 -22.24 -10.17
CA LEU B 61 -51.58 -21.92 -8.78
C LEU B 61 -52.47 -22.96 -8.09
N TYR B 62 -53.10 -23.84 -8.86
CA TYR B 62 -53.97 -24.87 -8.34
C TYR B 62 -53.51 -26.28 -8.68
N GLY B 63 -52.37 -26.42 -9.36
CA GLY B 63 -51.98 -27.69 -9.93
C GLY B 63 -51.11 -27.53 -11.15
N ALA B 64 -51.49 -28.12 -12.27
CA ALA B 64 -50.72 -28.03 -13.50
C ALA B 64 -51.66 -28.07 -14.70
N SER B 65 -51.07 -27.98 -15.89
CA SER B 65 -51.81 -28.05 -17.13
C SER B 65 -50.91 -28.56 -18.23
N LEU B 66 -51.53 -29.11 -19.27
CA LEU B 66 -50.84 -29.58 -20.47
C LEU B 66 -51.42 -28.89 -21.70
N PHE B 67 -50.54 -28.52 -22.61
CA PHE B 67 -50.90 -27.86 -23.86
C PHE B 67 -50.44 -28.71 -25.03
N ALA B 68 -51.34 -28.94 -25.98
CA ALA B 68 -51.06 -29.71 -27.17
C ALA B 68 -50.92 -28.80 -28.38
N ASN B 69 -50.15 -29.27 -29.36
CA ASN B 69 -49.89 -28.53 -30.59
C ASN B 69 -50.84 -29.05 -31.66
N VAL B 70 -51.74 -28.20 -32.13
CA VAL B 70 -52.87 -28.64 -32.95
C VAL B 70 -52.92 -27.84 -34.25
N ASN B 71 -53.86 -28.23 -35.11
CA ASN B 71 -54.14 -27.56 -36.37
C ASN B 71 -55.53 -26.96 -36.32
N ALA B 72 -55.67 -25.73 -36.80
CA ALA B 72 -56.95 -25.03 -36.76
C ALA B 72 -57.80 -25.47 -37.95
N ALA B 73 -58.83 -26.26 -37.68
CA ALA B 73 -59.77 -26.71 -38.69
C ALA B 73 -60.98 -25.77 -38.73
N PRO B 74 -61.73 -25.76 -39.84
CA PRO B 74 -62.94 -24.93 -39.87
C PRO B 74 -64.06 -25.46 -39.02
N SER B 75 -64.16 -26.77 -38.84
CA SER B 75 -65.27 -27.36 -38.11
C SER B 75 -65.33 -26.92 -36.65
N GLY B 76 -64.25 -26.36 -36.12
CA GLY B 76 -64.14 -26.11 -34.70
C GLY B 76 -63.45 -27.22 -33.94
N GLN B 77 -63.31 -28.38 -34.55
CA GLN B 77 -62.52 -29.46 -33.97
C GLN B 77 -61.04 -29.19 -34.18
N PHE B 78 -60.23 -29.64 -33.24
CA PHE B 78 -58.79 -29.36 -33.27
C PHE B 78 -58.01 -30.66 -33.36
N PRO B 79 -57.48 -31.02 -34.52
CA PRO B 79 -56.69 -32.24 -34.65
C PRO B 79 -55.23 -32.02 -34.31
N THR B 80 -54.61 -33.08 -33.81
CA THR B 80 -53.19 -33.02 -33.52
C THR B 80 -52.39 -33.05 -34.82
N ILE B 81 -51.16 -32.57 -34.74
CA ILE B 81 -50.30 -32.51 -35.93
C ILE B 81 -50.15 -33.87 -36.59
N PHE B 82 -50.23 -34.92 -35.80
CA PHE B 82 -50.24 -36.26 -36.32
C PHE B 82 -51.17 -37.12 -35.50
N PRO B 83 -51.62 -38.23 -36.05
CA PRO B 83 -52.52 -39.10 -35.27
C PRO B 83 -51.79 -39.80 -34.13
N ILE B 84 -52.25 -39.55 -32.91
CA ILE B 84 -51.74 -40.24 -31.72
C ILE B 84 -52.63 -41.45 -31.52
N ASP B 85 -52.25 -42.57 -32.14
CA ASP B 85 -53.09 -43.76 -32.16
C ASP B 85 -52.39 -44.99 -31.56
N ARG B 86 -51.37 -44.77 -30.74
CA ARG B 86 -50.74 -45.83 -29.96
C ARG B 86 -51.06 -45.64 -28.49
N VAL B 87 -50.46 -46.47 -27.65
CA VAL B 87 -50.65 -46.42 -26.21
C VAL B 87 -49.48 -45.66 -25.59
N TYR B 88 -49.80 -44.71 -24.70
CA TYR B 88 -48.78 -43.89 -24.07
C TYR B 88 -49.06 -43.76 -22.58
N ARG B 89 -48.02 -43.36 -21.84
CA ARG B 89 -48.05 -43.41 -20.38
C ARG B 89 -47.25 -42.24 -19.84
N LEU B 90 -47.86 -41.42 -18.98
CA LEU B 90 -47.23 -40.22 -18.44
C LEU B 90 -47.28 -40.27 -16.91
N THR B 91 -46.16 -39.97 -16.26
CA THR B 91 -46.04 -40.11 -14.82
C THR B 91 -45.56 -38.82 -14.19
N PHE B 92 -45.97 -38.59 -12.95
CA PHE B 92 -45.62 -37.38 -12.21
C PHE B 92 -45.42 -37.70 -10.74
N TRP B 93 -44.38 -37.10 -10.15
CA TRP B 93 -44.18 -37.11 -8.72
C TRP B 93 -45.05 -36.04 -8.06
N LEU B 94 -45.58 -36.37 -6.89
CA LEU B 94 -46.26 -35.40 -6.05
C LEU B 94 -45.43 -35.21 -4.79
N VAL B 95 -44.96 -33.98 -4.57
CA VAL B 95 -44.05 -33.66 -3.47
C VAL B 95 -44.73 -32.66 -2.55
N VAL B 96 -44.43 -32.77 -1.26
CA VAL B 96 -45.00 -31.93 -0.22
C VAL B 96 -43.96 -30.90 0.22
N SER B 97 -44.38 -29.65 0.36
CA SER B 97 -43.49 -28.59 0.79
C SER B 97 -43.72 -28.15 2.24
N ASP B 98 -44.94 -28.25 2.73
CA ASP B 98 -45.31 -27.74 4.04
C ASP B 98 -45.04 -28.80 5.11
N ARG B 99 -44.25 -28.41 6.09
CA ARG B 99 -44.03 -29.32 7.23
C ARG B 99 -45.32 -29.33 8.02
N TYR B 100 -45.43 -30.20 8.99
CA TYR B 100 -46.66 -30.42 9.74
C TYR B 100 -47.83 -30.83 8.84
N PHE B 101 -47.55 -31.21 7.60
CA PHE B 101 -48.61 -31.60 6.68
C PHE B 101 -49.38 -32.80 7.21
N ALA B 102 -48.69 -33.79 7.73
CA ALA B 102 -49.28 -35.01 8.25
C ALA B 102 -50.11 -34.77 9.49
N ASN B 103 -50.28 -33.54 9.94
CA ASN B 103 -51.05 -33.24 11.14
C ASN B 103 -52.45 -32.74 10.84
N PHE B 104 -52.67 -32.12 9.68
CA PHE B 104 -53.98 -31.56 9.36
C PHE B 104 -54.59 -32.18 8.10
N THR B 105 -54.24 -33.44 7.80
CA THR B 105 -54.59 -33.99 6.49
C THR B 105 -55.38 -35.30 6.59
N ASN B 106 -55.72 -35.76 7.80
CA ASN B 106 -56.53 -36.96 7.99
C ASN B 106 -55.93 -38.16 7.26
N LEU B 107 -54.72 -38.53 7.67
CA LEU B 107 -54.04 -39.71 7.15
C LEU B 107 -53.97 -40.79 8.21
N SER B 108 -53.50 -41.96 7.82
CA SER B 108 -53.41 -43.09 8.75
C SER B 108 -52.18 -42.93 9.63
N LEU B 109 -52.39 -43.04 10.94
CA LEU B 109 -51.33 -42.85 11.93
C LEU B 109 -50.53 -44.11 12.18
N ILE B 110 -50.77 -45.17 11.43
CA ILE B 110 -50.06 -46.44 11.60
C ILE B 110 -48.74 -46.37 10.85
N ASN B 111 -47.68 -46.87 11.48
CA ASN B 111 -46.34 -46.73 10.96
C ASN B 111 -46.21 -47.40 9.59
N SER B 112 -46.07 -46.59 8.56
CA SER B 112 -45.93 -47.08 7.20
C SER B 112 -44.84 -46.26 6.52
N ARG B 113 -43.65 -46.84 6.41
CA ARG B 113 -42.53 -46.22 5.72
C ARG B 113 -42.13 -46.99 4.47
N ASN B 114 -42.85 -48.06 4.13
CA ASN B 114 -42.60 -48.83 2.92
C ASN B 114 -43.78 -48.78 1.96
N GLN B 115 -44.58 -47.71 2.03
CA GLN B 115 -45.76 -47.59 1.21
C GLN B 115 -45.79 -46.20 0.59
N ILE B 116 -46.64 -46.05 -0.43
CA ILE B 116 -46.74 -44.81 -1.18
C ILE B 116 -48.14 -44.74 -1.79
N TYR B 117 -48.61 -43.53 -2.04
CA TYR B 117 -49.93 -43.35 -2.62
C TYR B 117 -49.87 -43.43 -4.14
N TYR B 118 -51.04 -43.55 -4.76
CA TYR B 118 -51.10 -43.80 -6.19
C TYR B 118 -52.45 -43.33 -6.72
N PHE B 119 -52.43 -42.58 -7.82
CA PHE B 119 -53.61 -42.01 -8.43
C PHE B 119 -53.53 -42.22 -9.94
N SER B 120 -54.68 -42.43 -10.57
CA SER B 120 -54.70 -42.77 -11.99
C SER B 120 -56.05 -42.35 -12.58
N ASN B 121 -56.16 -42.49 -13.90
CA ASN B 121 -57.41 -42.24 -14.60
C ASN B 121 -58.13 -43.53 -14.95
N LEU B 122 -57.77 -44.63 -14.29
CA LEU B 122 -58.41 -45.93 -14.44
C LEU B 122 -59.15 -46.32 -13.16
N SER B 123 -59.84 -45.36 -12.55
CA SER B 123 -60.50 -45.58 -11.27
C SER B 123 -62.01 -45.37 -11.33
N GLY B 124 -62.58 -45.15 -12.51
CA GLY B 124 -63.97 -44.79 -12.64
C GLY B 124 -64.31 -43.55 -11.83
N ASN B 125 -65.24 -43.70 -10.89
CA ASN B 125 -65.57 -42.65 -9.93
C ASN B 125 -65.88 -41.31 -10.60
N GLU B 126 -66.80 -41.34 -11.56
CA GLU B 126 -67.23 -40.12 -12.26
C GLU B 126 -68.58 -39.69 -11.71
N GLY B 127 -68.53 -38.93 -10.61
CA GLY B 127 -69.73 -38.45 -9.95
C GLY B 127 -70.03 -37.01 -10.30
N HIS B 128 -69.67 -36.08 -9.43
CA HIS B 128 -69.76 -34.67 -9.75
C HIS B 128 -68.43 -34.12 -10.26
N ALA B 129 -67.44 -34.98 -10.40
CA ALA B 129 -66.14 -34.62 -10.96
C ALA B 129 -65.52 -35.87 -11.55
N LEU B 130 -64.31 -35.72 -12.07
CA LEU B 130 -63.51 -36.86 -12.49
C LEU B 130 -62.46 -37.09 -11.41
N PHE B 131 -62.75 -38.02 -10.50
CA PHE B 131 -61.91 -38.27 -9.34
C PHE B 131 -60.85 -39.31 -9.65
N LEU B 132 -59.59 -38.97 -9.37
CA LEU B 132 -58.47 -39.88 -9.58
C LEU B 132 -58.26 -40.84 -8.41
N THR B 133 -59.19 -40.88 -7.48
CA THR B 133 -59.14 -41.80 -6.35
C THR B 133 -60.05 -42.99 -6.61
N GLN B 134 -59.91 -44.01 -5.76
CA GLN B 134 -60.79 -45.17 -5.84
C GLN B 134 -62.14 -44.86 -5.19
N PRO B 135 -63.21 -45.48 -5.65
CA PRO B 135 -64.53 -45.20 -5.07
C PRO B 135 -64.61 -45.66 -3.63
N LEU B 136 -65.19 -44.82 -2.79
CA LEU B 136 -65.33 -45.13 -1.37
C LEU B 136 -66.28 -46.31 -1.18
N SER B 137 -65.98 -47.14 -0.18
CA SER B 137 -66.84 -48.28 0.12
C SER B 137 -68.15 -47.80 0.76
N ALA B 138 -69.10 -48.73 0.85
CA ALA B 138 -70.42 -48.43 1.36
C ALA B 138 -70.54 -48.80 2.84
N TYR B 139 -71.45 -48.13 3.52
CA TYR B 139 -71.73 -48.45 4.92
C TYR B 139 -72.55 -49.73 4.99
N THR B 140 -72.00 -50.75 5.64
CA THR B 140 -72.66 -52.05 5.76
C THR B 140 -72.93 -52.35 7.22
N THR B 141 -73.42 -53.55 7.48
CA THR B 141 -73.68 -54.02 8.83
C THR B 141 -72.68 -55.10 9.21
N ASN B 142 -72.28 -55.07 10.49
CA ASN B 142 -71.34 -56.04 11.04
C ASN B 142 -69.97 -55.99 10.38
N ASN B 143 -69.34 -54.82 10.39
CA ASN B 143 -67.95 -54.68 9.97
C ASN B 143 -67.18 -53.85 10.99
N GLU B 144 -65.87 -53.74 10.76
CA GLU B 144 -64.95 -53.10 11.67
C GLU B 144 -64.39 -51.85 11.02
N TYR B 145 -64.63 -50.70 11.65
CA TYR B 145 -64.14 -49.42 11.16
C TYR B 145 -63.24 -48.77 12.18
N GLN B 146 -62.11 -48.25 11.72
CA GLN B 146 -61.20 -47.51 12.59
C GLN B 146 -61.62 -46.05 12.67
N LEU B 147 -61.16 -45.39 13.72
CA LEU B 147 -61.39 -43.97 13.88
C LEU B 147 -60.76 -43.20 12.72
N GLY B 148 -61.57 -42.49 11.94
CA GLY B 148 -61.09 -41.74 10.80
C GLY B 148 -61.61 -42.21 9.45
N GLN B 149 -62.35 -43.32 9.40
CA GLN B 149 -62.79 -43.87 8.12
C GLN B 149 -63.93 -43.05 7.52
N LEU B 150 -63.86 -42.85 6.22
CA LEU B 150 -64.92 -42.20 5.44
C LEU B 150 -65.64 -43.25 4.61
N VAL B 151 -66.97 -43.28 4.73
CA VAL B 151 -67.82 -44.19 3.97
C VAL B 151 -68.96 -43.40 3.35
N THR B 152 -69.81 -44.09 2.60
CA THR B 152 -70.94 -43.48 1.93
C THR B 152 -72.24 -44.15 2.40
N HIS B 153 -73.28 -43.34 2.56
CA HIS B 153 -74.57 -43.87 2.99
C HIS B 153 -75.63 -42.80 2.80
N ALA B 154 -76.76 -43.20 2.21
CA ALA B 154 -77.95 -42.36 2.07
C ALA B 154 -77.61 -40.97 1.55
N ASP B 155 -76.97 -40.93 0.38
CA ASP B 155 -76.64 -39.70 -0.33
C ASP B 155 -75.65 -38.83 0.42
N LYS B 156 -74.98 -39.36 1.45
CA LYS B 156 -74.09 -38.58 2.29
C LYS B 156 -72.79 -39.33 2.51
N THR B 157 -71.82 -38.62 3.08
CA THR B 157 -70.53 -39.17 3.42
C THR B 157 -70.38 -39.16 4.94
N LEU B 158 -69.99 -40.30 5.49
CA LEU B 158 -69.92 -40.51 6.92
C LEU B 158 -68.47 -40.60 7.38
N GLU B 159 -68.17 -39.94 8.49
CA GLU B 159 -66.87 -39.99 9.13
C GLU B 159 -66.98 -40.76 10.45
N SER B 160 -65.96 -41.54 10.76
CA SER B 160 -65.98 -42.36 11.97
C SER B 160 -65.34 -41.62 13.14
N LEU B 161 -65.97 -41.71 14.31
CA LEU B 161 -65.48 -41.03 15.50
C LEU B 161 -64.92 -41.96 16.57
N THR B 162 -65.14 -43.26 16.47
CA THR B 162 -64.64 -44.20 17.47
C THR B 162 -64.57 -45.59 16.86
N TYR B 163 -63.89 -46.48 17.58
CA TYR B 163 -63.68 -47.84 17.11
C TYR B 163 -64.93 -48.68 17.32
N GLN B 164 -65.33 -49.42 16.30
CA GLN B 164 -66.53 -50.26 16.34
C GLN B 164 -66.18 -51.66 15.85
N GLY B 165 -66.22 -52.64 16.76
CA GLY B 165 -65.98 -54.01 16.37
C GLY B 165 -67.12 -54.69 15.65
N ASN B 166 -68.33 -54.15 15.78
CA ASN B 166 -69.48 -54.69 15.09
C ASN B 166 -70.47 -53.57 14.85
N ALA B 167 -70.95 -53.45 13.61
CA ALA B 167 -71.74 -52.30 13.21
C ALA B 167 -73.21 -52.50 13.58
N THR B 168 -74.02 -51.49 13.27
CA THR B 168 -75.45 -51.49 13.52
C THR B 168 -76.19 -51.57 12.19
N ASN B 169 -77.49 -51.88 12.25
CA ASN B 169 -78.30 -51.83 11.05
C ASN B 169 -78.46 -50.40 10.55
N ILE B 170 -78.63 -49.45 11.47
CA ILE B 170 -78.74 -48.04 11.12
C ILE B 170 -77.60 -47.29 11.78
N PRO B 171 -76.94 -46.35 11.07
CA PRO B 171 -75.86 -45.57 11.67
C PRO B 171 -76.18 -45.01 13.06
N ASN B 172 -75.25 -45.20 13.99
CA ASN B 172 -75.37 -44.65 15.33
C ASN B 172 -74.92 -43.19 15.30
N PRO B 173 -75.82 -42.24 15.53
CA PRO B 173 -75.48 -40.82 15.29
C PRO B 173 -74.41 -40.27 16.22
N SER B 174 -74.03 -40.98 17.27
CA SER B 174 -72.96 -40.55 18.14
C SER B 174 -71.59 -41.08 17.70
N ASP B 175 -71.52 -41.76 16.56
CA ASP B 175 -70.28 -42.28 16.05
C ASP B 175 -69.94 -41.77 14.66
N TRP B 176 -70.83 -41.02 14.03
CA TRP B 176 -70.64 -40.61 12.64
C TRP B 176 -71.11 -39.19 12.44
N ASP B 177 -70.41 -38.46 11.57
CA ASP B 177 -70.80 -37.12 11.20
C ASP B 177 -71.46 -37.14 9.83
N SER B 178 -72.01 -35.99 9.42
CA SER B 178 -72.83 -35.89 8.21
C SER B 178 -72.29 -34.78 7.33
N LEU B 179 -71.53 -35.16 6.30
CA LEU B 179 -70.95 -34.25 5.33
C LEU B 179 -71.63 -34.39 3.98
N PRO B 180 -71.45 -33.42 3.07
CA PRO B 180 -72.00 -33.55 1.73
C PRO B 180 -71.31 -34.65 0.94
N ALA B 181 -71.96 -35.05 -0.15
CA ALA B 181 -71.52 -36.18 -0.96
C ALA B 181 -70.32 -35.78 -1.81
N SER B 182 -69.18 -36.41 -1.54
CA SER B 182 -67.98 -36.20 -2.32
C SER B 182 -67.02 -37.35 -2.01
N GLN B 183 -66.00 -37.48 -2.83
CA GLN B 183 -64.98 -38.50 -2.65
C GLN B 183 -63.69 -37.86 -2.16
N TYR B 184 -62.89 -38.63 -1.42
CA TYR B 184 -61.64 -38.14 -0.86
C TYR B 184 -60.59 -39.23 -0.97
N VAL B 185 -59.43 -38.97 -0.36
CA VAL B 185 -58.35 -39.94 -0.26
C VAL B 185 -58.59 -40.82 0.95
N SER B 186 -58.29 -42.11 0.82
CA SER B 186 -58.45 -43.05 1.92
C SER B 186 -57.34 -44.10 1.83
N GLU B 187 -57.45 -45.12 2.67
CA GLU B 187 -56.46 -46.19 2.71
C GLU B 187 -56.55 -47.13 1.54
N LEU B 188 -57.44 -46.86 0.58
CA LEU B 188 -57.54 -47.68 -0.62
C LEU B 188 -56.50 -47.31 -1.66
N ASP B 189 -55.62 -46.36 -1.35
CA ASP B 189 -54.61 -45.90 -2.29
C ASP B 189 -53.19 -46.07 -1.74
N HIS B 190 -53.04 -46.87 -0.70
CA HIS B 190 -51.77 -47.01 0.00
C HIS B 190 -51.14 -48.32 -0.46
N LEU B 191 -50.35 -48.24 -1.51
CA LEU B 191 -49.69 -49.41 -2.08
C LEU B 191 -48.26 -49.53 -1.57
N PRO B 192 -47.74 -50.75 -1.45
CA PRO B 192 -46.36 -50.92 -0.98
C PRO B 192 -45.35 -50.51 -2.04
N ARG B 193 -44.37 -49.73 -1.64
CA ARG B 193 -43.33 -49.27 -2.55
C ARG B 193 -42.12 -50.17 -2.48
N GLN B 194 -41.43 -50.31 -3.61
CA GLN B 194 -40.31 -51.23 -3.73
C GLN B 194 -39.17 -50.58 -4.50
N GLY B 195 -37.94 -51.00 -4.20
CA GLY B 195 -36.78 -50.54 -4.89
C GLY B 195 -36.23 -51.56 -5.87
N THR B 196 -34.90 -51.64 -5.97
CA THR B 196 -34.29 -52.40 -7.05
C THR B 196 -34.23 -53.90 -6.77
N TYR B 197 -33.94 -54.29 -5.53
CA TYR B 197 -33.70 -55.70 -5.21
C TYR B 197 -34.87 -56.26 -4.42
N ARG B 198 -35.28 -57.47 -4.77
CA ARG B 198 -36.38 -58.14 -4.11
C ARG B 198 -35.96 -59.52 -3.60
N THR B 199 -36.56 -59.93 -2.49
CA THR B 199 -36.45 -61.29 -1.99
C THR B 199 -37.82 -61.95 -2.15
N GLN B 200 -37.92 -62.88 -3.10
CA GLN B 200 -39.16 -63.58 -3.36
C GLN B 200 -39.08 -65.01 -2.82
N VAL B 201 -40.15 -65.45 -2.17
CA VAL B 201 -40.20 -66.76 -1.52
C VAL B 201 -41.20 -67.63 -2.24
N ILE B 202 -40.77 -68.83 -2.63
CA ILE B 202 -41.64 -69.84 -3.23
C ILE B 202 -42.05 -70.81 -2.13
N THR B 203 -43.34 -71.05 -2.01
CA THR B 203 -43.87 -72.04 -1.09
C THR B 203 -44.00 -73.38 -1.80
N ASN B 204 -43.79 -74.46 -1.04
CA ASN B 204 -43.79 -75.82 -1.58
C ASN B 204 -42.79 -75.93 -2.73
N ALA B 205 -41.55 -75.58 -2.44
CA ALA B 205 -40.51 -75.59 -3.46
C ALA B 205 -40.24 -77.03 -3.92
N ASN B 206 -40.46 -77.28 -5.20
CA ASN B 206 -40.39 -78.63 -5.75
C ASN B 206 -39.19 -78.77 -6.67
N PRO B 207 -38.15 -79.51 -6.27
CA PRO B 207 -36.95 -79.61 -7.12
C PRO B 207 -37.20 -80.19 -8.49
N ASP B 208 -38.33 -80.87 -8.71
CA ASP B 208 -38.61 -81.46 -10.00
C ASP B 208 -39.24 -80.48 -10.98
N ASN B 209 -39.24 -79.19 -10.69
CA ASN B 209 -39.94 -78.21 -11.50
C ASN B 209 -39.09 -76.96 -11.67
N THR B 210 -39.67 -75.97 -12.35
CA THR B 210 -39.05 -74.68 -12.56
C THR B 210 -40.12 -73.62 -12.39
N TYR B 211 -39.73 -72.35 -12.50
CA TYR B 211 -40.67 -71.25 -12.36
C TYR B 211 -40.24 -70.10 -13.26
N ASN B 212 -41.21 -69.48 -13.92
CA ASN B 212 -40.99 -68.32 -14.76
C ASN B 212 -41.73 -67.14 -14.14
N PHE B 213 -40.97 -66.12 -13.70
CA PHE B 213 -41.54 -64.92 -13.11
C PHE B 213 -41.64 -63.83 -14.16
N THR B 214 -42.72 -63.04 -14.10
CA THR B 214 -42.94 -61.97 -15.06
C THR B 214 -43.44 -60.72 -14.36
N LEU B 215 -43.29 -59.60 -15.05
CA LEU B 215 -43.75 -58.29 -14.58
C LEU B 215 -44.67 -57.69 -15.63
N VAL B 216 -45.85 -57.23 -15.21
CA VAL B 216 -46.86 -56.72 -16.13
C VAL B 216 -47.29 -55.33 -15.66
N ASN B 217 -47.25 -54.36 -16.57
CA ASN B 217 -47.62 -52.99 -16.22
C ASN B 217 -49.10 -52.73 -16.51
N THR B 218 -49.51 -51.46 -16.34
CA THR B 218 -50.91 -51.10 -16.47
C THR B 218 -51.43 -51.28 -17.89
N ASN B 219 -50.57 -51.16 -18.89
CA ASN B 219 -50.97 -51.39 -20.27
C ASN B 219 -51.04 -52.87 -20.62
N GLU B 220 -50.89 -53.75 -19.64
CA GLU B 220 -50.94 -55.20 -19.83
C GLU B 220 -49.87 -55.68 -20.79
N GLN B 221 -48.69 -55.08 -20.69
CA GLN B 221 -47.52 -55.49 -21.47
C GLN B 221 -46.50 -56.14 -20.55
N GLU B 222 -46.02 -57.32 -20.93
CA GLU B 222 -44.94 -57.96 -20.19
C GLU B 222 -43.66 -57.14 -20.37
N SER B 223 -42.97 -56.88 -19.27
CA SER B 223 -41.81 -56.00 -19.29
C SER B 223 -40.53 -56.67 -18.82
N TRP B 224 -40.58 -57.87 -18.28
CA TRP B 224 -39.44 -58.43 -17.58
C TRP B 224 -39.73 -59.88 -17.27
N ALA B 225 -38.68 -60.71 -17.27
CA ALA B 225 -38.86 -62.13 -17.00
C ALA B 225 -37.50 -62.77 -16.77
N ILE B 226 -37.46 -63.72 -15.84
CA ILE B 226 -36.31 -64.59 -15.60
C ILE B 226 -36.83 -65.98 -15.23
N ASP B 227 -35.89 -66.90 -15.00
CA ASP B 227 -36.20 -68.24 -14.51
C ASP B 227 -35.37 -68.54 -13.27
N VAL B 228 -35.90 -69.42 -12.42
CA VAL B 228 -35.24 -69.86 -11.20
C VAL B 228 -35.34 -71.37 -11.12
N ILE B 229 -34.22 -72.04 -10.86
CA ILE B 229 -34.14 -73.50 -10.88
C ILE B 229 -33.82 -73.98 -9.46
N VAL B 230 -34.79 -74.60 -8.82
CA VAL B 230 -34.62 -75.14 -7.47
C VAL B 230 -33.68 -76.34 -7.52
N PRO B 231 -32.63 -76.39 -6.69
CA PRO B 231 -31.67 -77.50 -6.77
C PRO B 231 -32.30 -78.82 -6.32
N ASP B 232 -31.63 -79.91 -6.69
CA ASP B 232 -32.15 -81.25 -6.49
C ASP B 232 -31.73 -81.86 -5.16
N THR B 233 -31.32 -81.03 -4.18
CA THR B 233 -31.08 -81.49 -2.83
C THR B 233 -31.97 -80.77 -1.84
N HIS B 234 -33.05 -80.17 -2.32
CA HIS B 234 -33.96 -79.37 -1.52
C HIS B 234 -35.16 -80.24 -1.15
N LYS B 235 -35.30 -80.57 0.13
CA LYS B 235 -36.40 -81.39 0.60
C LYS B 235 -37.74 -80.77 0.20
N SER B 236 -38.49 -81.52 -0.61
CA SER B 236 -39.71 -81.01 -1.21
C SER B 236 -40.73 -80.58 -0.17
N GLY B 237 -41.22 -79.35 -0.29
CA GLY B 237 -42.24 -78.82 0.58
C GLY B 237 -41.84 -77.62 1.41
N GLU B 238 -40.55 -77.33 1.53
CA GLU B 238 -40.12 -76.19 2.32
C GLU B 238 -40.08 -74.93 1.47
N PRO B 239 -40.14 -73.75 2.09
CA PRO B 239 -40.00 -72.51 1.34
C PRO B 239 -38.59 -72.36 0.76
N PHE B 240 -38.48 -71.52 -0.26
CA PHE B 240 -37.20 -71.28 -0.91
C PHE B 240 -37.14 -69.83 -1.34
N SER B 241 -36.12 -69.11 -0.92
CA SER B 241 -36.00 -67.69 -1.22
C SER B 241 -35.04 -67.45 -2.36
N THR B 242 -35.25 -66.36 -3.08
CA THR B 242 -34.42 -65.99 -4.21
C THR B 242 -34.35 -64.47 -4.30
N SER B 243 -33.34 -63.99 -5.00
CA SER B 243 -33.10 -62.56 -5.19
C SER B 243 -33.42 -62.14 -6.61
N LEU B 244 -34.11 -61.02 -6.76
CA LEU B 244 -34.54 -60.50 -8.05
C LEU B 244 -34.06 -59.07 -8.21
N ASN B 245 -33.80 -58.69 -9.46
CA ASN B 245 -33.24 -57.39 -9.80
C ASN B 245 -34.07 -56.75 -10.90
N PHE B 246 -34.57 -55.54 -10.65
CA PHE B 246 -35.39 -54.80 -11.61
C PHE B 246 -34.68 -53.53 -12.07
N VAL B 247 -33.38 -53.61 -12.33
CA VAL B 247 -32.56 -52.42 -12.45
C VAL B 247 -32.95 -51.56 -13.64
N GLY B 248 -33.49 -52.16 -14.70
CA GLY B 248 -33.71 -51.44 -15.93
C GLY B 248 -35.13 -51.03 -16.26
N GLN B 249 -35.99 -50.90 -15.25
CA GLN B 249 -37.39 -50.55 -15.47
C GLN B 249 -37.68 -49.13 -15.01
N THR B 250 -38.77 -48.57 -15.53
CA THR B 250 -39.20 -47.21 -15.24
C THR B 250 -40.27 -47.21 -14.18
N PRO B 251 -40.22 -46.26 -13.23
CA PRO B 251 -41.09 -46.34 -12.05
C PRO B 251 -42.56 -46.32 -12.43
N GLY B 252 -43.36 -47.07 -11.68
CA GLY B 252 -44.76 -47.16 -12.00
C GLY B 252 -45.39 -48.39 -11.35
N HIS B 253 -46.67 -48.58 -11.66
CA HIS B 253 -47.45 -49.65 -11.05
C HIS B 253 -47.26 -50.95 -11.84
N TYR B 254 -46.94 -52.03 -11.14
CA TYR B 254 -46.65 -53.31 -11.78
C TYR B 254 -47.27 -54.45 -10.97
N ARG B 255 -47.52 -55.55 -11.67
CA ARG B 255 -48.01 -56.79 -11.09
C ARG B 255 -46.97 -57.87 -11.36
N LEU B 256 -46.48 -58.49 -10.29
CA LEU B 256 -45.50 -59.56 -10.38
C LEU B 256 -46.23 -60.91 -10.35
N LEU B 257 -46.05 -61.68 -11.43
CA LEU B 257 -46.68 -62.99 -11.57
C LEU B 257 -45.64 -64.08 -11.57
N GLU B 258 -46.07 -65.28 -11.17
CA GLU B 258 -45.26 -66.49 -11.31
C GLU B 258 -46.13 -67.57 -11.94
N ASN B 259 -45.78 -67.96 -13.17
CA ASN B 259 -46.46 -69.04 -13.89
C ASN B 259 -47.98 -68.90 -13.83
N ASP B 260 -48.46 -67.82 -14.44
CA ASP B 260 -49.89 -67.58 -14.62
C ASP B 260 -50.60 -67.46 -13.28
N THR B 261 -50.00 -66.69 -12.36
CA THR B 261 -50.61 -66.45 -11.07
C THR B 261 -50.04 -65.17 -10.49
N GLN B 262 -50.91 -64.28 -10.02
CA GLN B 262 -50.44 -63.05 -9.38
C GLN B 262 -49.84 -63.38 -8.03
N VAL B 263 -48.59 -62.99 -7.83
CA VAL B 263 -47.93 -63.18 -6.55
C VAL B 263 -47.84 -61.85 -5.81
N ALA B 264 -47.69 -60.76 -6.54
CA ALA B 264 -47.53 -59.47 -5.87
C ALA B 264 -48.01 -58.35 -6.78
N GLU B 265 -48.18 -57.18 -6.18
CA GLU B 265 -48.55 -55.97 -6.89
C GLU B 265 -47.96 -54.78 -6.15
N PHE B 266 -47.21 -53.94 -6.86
CA PHE B 266 -46.49 -52.88 -6.16
C PHE B 266 -46.17 -51.73 -7.11
N VAL B 267 -45.76 -50.61 -6.52
CA VAL B 267 -45.24 -49.48 -7.26
C VAL B 267 -43.71 -49.56 -7.21
N LEU B 268 -43.08 -49.63 -8.37
CA LEU B 268 -41.63 -49.70 -8.49
C LEU B 268 -41.04 -48.30 -8.54
N VAL B 269 -39.93 -48.13 -7.81
CA VAL B 269 -39.27 -46.86 -7.57
C VAL B 269 -37.77 -47.01 -7.86
N ASP B 270 -37.17 -45.94 -8.39
CA ASP B 270 -35.73 -45.93 -8.68
C ASP B 270 -34.95 -44.94 -7.83
N ASN B 271 -35.60 -44.24 -6.90
CA ASN B 271 -34.95 -43.29 -5.99
C ASN B 271 -34.26 -42.16 -6.75
N SER B 272 -34.85 -41.75 -7.87
CA SER B 272 -34.46 -40.50 -8.50
C SER B 272 -34.91 -39.30 -7.66
N LEU B 273 -36.02 -39.43 -6.94
CA LEU B 273 -36.53 -38.39 -6.05
C LEU B 273 -37.07 -39.09 -4.81
N PRO B 274 -36.18 -39.52 -3.92
CA PRO B 274 -36.60 -40.46 -2.85
C PRO B 274 -37.65 -39.92 -1.91
N GLU B 275 -37.71 -38.61 -1.70
CA GLU B 275 -38.65 -38.03 -0.74
C GLU B 275 -39.98 -37.66 -1.37
N ALA B 276 -40.31 -38.22 -2.53
CA ALA B 276 -41.61 -37.97 -3.14
C ALA B 276 -42.74 -38.53 -2.27
N PHE B 277 -43.89 -37.85 -2.33
CA PHE B 277 -45.05 -38.22 -1.52
C PHE B 277 -45.97 -39.19 -2.26
N ALA B 278 -46.32 -38.89 -3.51
CA ALA B 278 -47.24 -39.74 -4.25
C ALA B 278 -46.82 -39.83 -5.71
N LEU B 279 -47.51 -40.69 -6.45
CA LEU B 279 -47.30 -40.85 -7.88
C LEU B 279 -48.62 -40.73 -8.62
N VAL B 280 -48.61 -40.02 -9.74
CA VAL B 280 -49.79 -39.84 -10.58
C VAL B 280 -49.48 -40.39 -11.96
N GLU B 281 -50.41 -41.17 -12.51
CA GLU B 281 -50.27 -41.77 -13.84
C GLU B 281 -51.45 -41.38 -14.71
N VAL B 282 -51.16 -41.04 -15.96
CA VAL B 282 -52.17 -40.70 -16.96
C VAL B 282 -51.89 -41.49 -18.22
N ILE B 283 -52.90 -42.16 -18.75
CA ILE B 283 -52.70 -43.11 -19.83
C ILE B 283 -53.48 -42.68 -21.06
N LEU B 284 -52.90 -42.94 -22.23
CA LEU B 284 -53.57 -42.76 -23.52
C LEU B 284 -53.72 -44.15 -24.13
N ASN B 285 -54.91 -44.72 -24.02
CA ASN B 285 -55.23 -46.04 -24.54
C ASN B 285 -56.72 -46.15 -24.81
N PRO B 286 -57.13 -46.26 -26.07
CA PRO B 286 -58.57 -46.28 -26.38
C PRO B 286 -59.33 -47.49 -25.82
N GLU B 287 -58.65 -48.42 -25.16
CA GLU B 287 -59.29 -49.64 -24.71
C GLU B 287 -59.45 -49.73 -23.20
N LEU B 288 -58.66 -49.00 -22.42
CA LEU B 288 -58.64 -49.16 -20.98
C LEU B 288 -59.26 -48.01 -20.21
N VAL B 289 -59.28 -46.80 -20.76
CA VAL B 289 -59.86 -45.64 -20.10
C VAL B 289 -61.26 -45.41 -20.69
N PRO B 290 -62.29 -45.29 -19.87
CA PRO B 290 -63.64 -45.08 -20.41
C PRO B 290 -63.77 -43.76 -21.16
N SER B 291 -64.94 -43.53 -21.76
CA SER B 291 -65.14 -42.36 -22.58
C SER B 291 -65.33 -41.09 -21.77
N ALA B 292 -65.72 -41.21 -20.50
CA ALA B 292 -65.87 -40.03 -19.66
C ALA B 292 -64.52 -39.47 -19.23
N PHE B 293 -63.44 -40.23 -19.38
CA PHE B 293 -62.13 -39.82 -18.93
C PHE B 293 -61.12 -39.60 -20.05
N SER B 294 -61.39 -40.08 -21.25
CA SER B 294 -60.39 -40.01 -22.31
C SER B 294 -60.26 -38.57 -22.81
N LEU B 295 -59.17 -38.33 -23.54
CA LEU B 295 -58.82 -36.99 -23.99
C LEU B 295 -58.65 -36.88 -25.50
N LEU B 296 -58.89 -37.96 -26.26
CA LEU B 296 -58.69 -37.96 -27.70
C LEU B 296 -59.82 -38.71 -28.37
N GLN B 297 -60.42 -38.09 -29.39
CA GLN B 297 -61.37 -38.76 -30.27
C GLN B 297 -60.67 -39.17 -31.56
N ALA B 298 -61.14 -40.25 -32.16
CA ALA B 298 -60.60 -40.74 -33.42
C ALA B 298 -61.69 -40.73 -34.47
N SER B 299 -61.45 -40.02 -35.58
CA SER B 299 -62.44 -39.93 -36.64
C SER B 299 -61.74 -39.49 -37.91
N ALA B 300 -62.18 -40.05 -39.04
CA ALA B 300 -61.70 -39.66 -40.37
C ALA B 300 -60.19 -39.76 -40.47
N GLY B 301 -59.62 -40.81 -39.90
CA GLY B 301 -58.18 -40.99 -39.95
C GLY B 301 -57.39 -40.00 -39.14
N GLN B 302 -58.02 -39.28 -38.22
CA GLN B 302 -57.35 -38.26 -37.43
C GLN B 302 -57.77 -38.40 -35.98
N THR B 303 -57.12 -37.62 -35.13
CA THR B 303 -57.47 -37.52 -33.71
C THR B 303 -57.80 -36.07 -33.39
N PHE B 304 -58.76 -35.87 -32.50
CA PHE B 304 -59.20 -34.56 -32.08
C PHE B 304 -59.13 -34.46 -30.57
N ILE B 305 -58.81 -33.27 -30.08
CA ILE B 305 -58.59 -33.07 -28.65
C ILE B 305 -59.91 -32.84 -27.94
N GLN B 306 -60.01 -33.34 -26.72
CA GLN B 306 -61.15 -33.08 -25.84
C GLN B 306 -60.59 -32.64 -24.49
N PRO B 307 -60.74 -31.39 -24.11
CA PRO B 307 -60.17 -30.94 -22.83
C PRO B 307 -60.95 -31.47 -21.65
N LYS B 308 -60.22 -31.81 -20.58
CA LYS B 308 -60.83 -32.39 -19.39
C LYS B 308 -60.24 -31.74 -18.14
N THR B 309 -60.81 -32.10 -16.99
CA THR B 309 -60.35 -31.58 -15.69
C THR B 309 -60.47 -32.71 -14.67
N TYR B 310 -59.34 -33.18 -14.18
CA TYR B 310 -59.27 -34.22 -13.17
C TYR B 310 -59.06 -33.60 -11.80
N VAL B 311 -59.57 -34.26 -10.77
CA VAL B 311 -59.61 -33.72 -9.42
C VAL B 311 -59.05 -34.74 -8.43
N ILE B 312 -58.21 -34.28 -7.52
CA ILE B 312 -57.84 -35.03 -6.32
C ILE B 312 -58.17 -34.16 -5.12
N ARG B 313 -58.54 -34.78 -4.00
CA ARG B 313 -59.04 -34.02 -2.85
C ARG B 313 -58.59 -34.67 -1.55
N PHE B 314 -58.18 -33.84 -0.59
CA PHE B 314 -57.79 -34.27 0.74
C PHE B 314 -58.73 -33.69 1.79
N LYS B 315 -59.07 -34.49 2.79
CA LYS B 315 -59.95 -34.05 3.87
C LYS B 315 -59.12 -33.68 5.10
N ASN B 316 -59.58 -32.70 5.88
CA ASN B 316 -58.84 -32.26 7.05
C ASN B 316 -59.06 -33.22 8.22
N ARG B 317 -58.16 -33.13 9.20
CA ARG B 317 -58.27 -33.96 10.38
C ARG B 317 -59.19 -33.30 11.41
N ALA B 318 -59.73 -34.12 12.31
CA ALA B 318 -60.63 -33.65 13.36
C ALA B 318 -60.14 -34.16 14.70
N THR B 319 -59.97 -33.24 15.65
CA THR B 319 -59.45 -33.54 16.97
C THR B 319 -60.38 -32.97 18.03
N ARG B 320 -60.20 -33.43 19.27
CA ARG B 320 -60.89 -32.86 20.41
C ARG B 320 -59.97 -31.85 21.08
N TRP B 321 -60.52 -30.67 21.39
CA TRP B 321 -59.72 -29.57 21.91
C TRP B 321 -59.74 -29.59 23.43
N ARG B 322 -58.55 -29.54 24.03
CA ARG B 322 -58.39 -29.59 25.48
C ARG B 322 -57.70 -28.33 25.97
N TYR B 323 -58.41 -27.55 26.78
CA TYR B 323 -57.85 -26.34 27.36
C TYR B 323 -57.24 -26.67 28.72
N ARG B 324 -55.96 -26.33 28.87
CA ARG B 324 -55.16 -26.60 30.05
C ARG B 324 -54.71 -25.29 30.67
N TYR B 325 -54.52 -25.29 31.98
CA TYR B 325 -54.24 -24.07 32.71
C TYR B 325 -52.98 -24.22 33.56
N GLU B 326 -52.47 -23.07 34.01
CA GLU B 326 -51.37 -22.99 34.95
C GLU B 326 -51.87 -22.84 36.37
N GLN B 327 -52.77 -21.90 36.60
CA GLN B 327 -53.47 -21.61 37.83
C GLN B 327 -54.95 -21.99 37.69
N PRO B 328 -55.62 -22.33 38.79
CA PRO B 328 -56.99 -22.85 38.68
C PRO B 328 -57.95 -21.83 38.12
N HIS B 329 -58.86 -22.32 37.30
CA HIS B 329 -59.91 -21.53 36.69
C HIS B 329 -61.15 -21.81 37.52
N GLY B 330 -61.97 -20.78 37.68
CA GLY B 330 -63.16 -20.87 38.51
C GLY B 330 -64.45 -21.30 37.84
N CYS B 331 -64.39 -21.98 36.71
CA CYS B 331 -65.64 -22.38 36.07
C CYS B 331 -66.07 -23.79 36.44
N SER B 332 -67.37 -23.99 36.53
CA SER B 332 -67.93 -25.27 36.98
C SER B 332 -68.85 -25.91 35.95
N ALA B 333 -69.28 -27.13 36.24
CA ALA B 333 -70.16 -27.87 35.36
C ALA B 333 -71.49 -27.13 35.19
N ALA B 334 -71.78 -26.21 36.11
CA ALA B 334 -73.03 -25.46 36.04
C ALA B 334 -72.98 -24.08 35.34
N ASN B 335 -71.80 -23.68 34.87
CA ASN B 335 -71.68 -22.37 34.23
C ASN B 335 -70.79 -22.36 32.99
N LEU B 336 -70.54 -23.55 32.44
CA LEU B 336 -69.70 -23.69 31.26
C LEU B 336 -70.54 -24.08 30.05
N PRO B 337 -70.05 -23.74 28.84
CA PRO B 337 -70.75 -24.05 27.60
C PRO B 337 -71.13 -25.52 27.53
N SER B 338 -72.41 -25.79 27.29
CA SER B 338 -72.92 -27.16 27.19
C SER B 338 -72.07 -28.15 26.38
N TYR B 339 -71.36 -27.64 25.38
CA TYR B 339 -70.53 -28.51 24.54
C TYR B 339 -69.17 -28.82 25.16
N PHE B 340 -68.96 -28.48 26.42
CA PHE B 340 -67.70 -28.75 27.11
C PHE B 340 -67.85 -29.91 28.09
N ASN B 341 -66.71 -30.36 28.59
CA ASN B 341 -66.64 -31.38 29.63
C ASN B 341 -65.52 -31.00 30.58
N LEU B 342 -65.89 -30.78 31.81
CA LEU B 342 -64.95 -30.45 32.82
C LEU B 342 -64.15 -31.67 33.15
N ILE B 343 -62.84 -31.61 32.98
CA ILE B 343 -62.03 -32.75 33.40
C ILE B 343 -61.59 -32.58 34.86
N ASP B 344 -60.87 -31.50 35.15
CA ASP B 344 -60.54 -31.14 36.52
C ASP B 344 -60.47 -29.62 36.63
N THR B 345 -60.03 -29.14 37.78
CA THR B 345 -60.04 -27.71 38.05
C THR B 345 -59.08 -26.92 37.16
N HIS B 346 -58.17 -27.59 36.46
CA HIS B 346 -57.28 -26.91 35.53
C HIS B 346 -57.53 -27.27 34.07
N THR B 347 -58.55 -28.07 33.77
CA THR B 347 -58.65 -28.63 32.42
C THR B 347 -60.11 -28.85 32.03
N TYR B 348 -60.43 -28.49 30.78
CA TYR B 348 -61.70 -28.96 30.22
C TYR B 348 -61.57 -29.14 28.72
N ALA B 349 -62.33 -30.09 28.18
CA ALA B 349 -62.18 -30.47 26.78
C ALA B 349 -63.53 -30.55 26.10
N THR B 350 -63.51 -30.42 24.78
CA THR B 350 -64.72 -30.57 23.99
C THR B 350 -65.22 -32.01 24.05
N ALA B 351 -66.50 -32.19 23.75
CA ALA B 351 -67.12 -33.51 23.81
C ALA B 351 -67.10 -34.24 22.47
N ARG B 352 -66.99 -33.52 21.36
CA ARG B 352 -66.90 -34.09 20.04
C ARG B 352 -65.71 -33.50 19.31
N PRO B 353 -65.15 -34.20 18.34
CA PRO B 353 -64.02 -33.65 17.60
C PRO B 353 -64.43 -32.47 16.72
N ILE B 354 -63.51 -31.52 16.58
CA ILE B 354 -63.69 -30.37 15.71
C ILE B 354 -62.62 -30.42 14.63
N GLY B 355 -62.95 -29.85 13.46
CA GLY B 355 -62.09 -29.96 12.30
C GLY B 355 -61.11 -28.80 12.21
N LEU B 356 -59.86 -29.14 11.87
CA LEU B 356 -58.78 -28.16 11.82
C LEU B 356 -58.89 -27.33 10.55
N ARG B 357 -58.99 -26.02 10.70
CA ARG B 357 -59.05 -25.09 9.58
C ARG B 357 -58.08 -23.94 9.83
N GLN B 358 -57.80 -23.20 8.76
CA GLN B 358 -56.91 -22.06 8.87
C GLN B 358 -57.63 -20.79 9.31
N ARG B 359 -58.88 -20.66 8.95
CA ARG B 359 -59.60 -19.49 9.34
C ARG B 359 -60.89 -20.06 9.79
N PRO B 360 -60.86 -20.68 10.98
CA PRO B 360 -62.05 -21.26 11.59
C PRO B 360 -63.04 -20.13 11.76
N ASP B 361 -64.21 -20.28 11.17
CA ASP B 361 -65.25 -19.25 11.21
C ASP B 361 -65.52 -18.70 12.60
N SER B 362 -66.10 -19.52 13.46
CA SER B 362 -66.43 -19.10 14.81
C SER B 362 -65.74 -19.89 15.91
N LEU B 363 -65.25 -19.16 16.91
CA LEU B 363 -64.59 -19.74 18.05
C LEU B 363 -65.59 -19.93 19.19
N LEU B 364 -65.19 -20.74 20.15
CA LEU B 364 -65.94 -21.11 21.33
C LEU B 364 -65.93 -20.04 22.42
N ASN B 365 -67.00 -19.90 23.21
CA ASN B 365 -67.04 -18.91 24.27
C ASN B 365 -66.90 -19.53 25.65
N ASP B 366 -66.31 -18.77 26.58
CA ASP B 366 -66.10 -19.23 27.91
C ASP B 366 -67.31 -18.98 28.80
N CYS B 367 -67.37 -19.64 29.94
CA CYS B 367 -68.46 -19.45 30.89
C CYS B 367 -68.65 -18.01 31.36
N GLN B 368 -67.60 -17.22 31.19
CA GLN B 368 -67.62 -15.80 31.50
C GLN B 368 -67.76 -14.97 30.20
N ASP B 369 -68.14 -15.67 29.13
CA ASP B 369 -68.34 -15.10 27.79
C ASP B 369 -67.11 -14.40 27.23
N ARG B 370 -66.11 -15.20 26.84
CA ARG B 370 -64.88 -14.69 26.25
C ARG B 370 -64.38 -15.65 25.18
N PRO B 371 -63.95 -15.11 24.03
CA PRO B 371 -63.43 -15.94 22.93
C PRO B 371 -62.13 -16.63 23.33
N LEU B 372 -61.98 -17.89 22.97
CA LEU B 372 -60.77 -18.62 23.31
C LEU B 372 -59.95 -18.89 22.07
N PRO B 373 -58.63 -18.82 22.16
CA PRO B 373 -57.79 -19.10 20.99
C PRO B 373 -57.96 -20.52 20.49
N ALA B 374 -57.80 -20.69 19.18
CA ALA B 374 -57.87 -21.99 18.54
C ALA B 374 -56.56 -22.74 18.73
N PRO B 375 -56.54 -24.04 18.51
CA PRO B 375 -55.29 -24.80 18.65
C PRO B 375 -54.29 -24.42 17.57
N SER B 376 -53.07 -24.90 17.76
CA SER B 376 -52.02 -24.80 16.75
C SER B 376 -51.82 -26.15 16.08
N ILE B 377 -51.08 -26.14 14.98
CA ILE B 377 -50.92 -27.32 14.14
C ILE B 377 -49.56 -27.97 14.33
N THR B 378 -48.88 -27.68 15.44
CA THR B 378 -47.53 -28.20 15.62
C THR B 378 -47.50 -29.53 16.35
N LEU B 379 -48.52 -29.85 17.14
CA LEU B 379 -48.52 -31.07 17.93
C LEU B 379 -49.92 -31.66 18.01
N ILE B 380 -50.00 -32.99 17.96
CA ILE B 380 -51.23 -33.73 18.19
C ILE B 380 -50.88 -34.90 19.09
N GLN B 381 -51.84 -35.31 19.92
CA GLN B 381 -51.60 -36.31 20.96
C GLN B 381 -52.57 -37.48 20.82
N PRO B 382 -52.22 -38.47 20.00
CA PRO B 382 -53.03 -39.69 19.94
C PRO B 382 -52.77 -40.59 21.13
N GLU B 383 -53.83 -41.24 21.59
CA GLU B 383 -53.77 -42.11 22.76
C GLU B 383 -54.14 -43.53 22.36
N THR B 384 -53.26 -44.47 22.67
CA THR B 384 -53.43 -45.86 22.28
C THR B 384 -54.32 -46.60 23.27
N ASP B 385 -54.91 -47.69 22.80
CA ASP B 385 -55.82 -48.50 23.61
C ASP B 385 -55.07 -49.63 24.32
N GLY B 386 -55.83 -50.40 25.11
CA GLY B 386 -55.29 -51.63 25.69
C GLY B 386 -54.72 -52.55 24.63
N SER B 387 -55.46 -52.76 23.54
CA SER B 387 -55.01 -53.56 22.42
C SER B 387 -54.11 -52.77 21.47
N GLN B 388 -53.54 -51.67 21.94
CA GLN B 388 -52.69 -50.80 21.12
C GLN B 388 -53.41 -50.35 19.85
N ARG B 389 -54.64 -49.86 20.05
CA ARG B 389 -55.43 -49.21 19.01
C ARG B 389 -55.59 -47.73 19.35
N ILE B 390 -55.73 -46.91 18.32
CA ILE B 390 -55.96 -45.48 18.56
C ILE B 390 -57.39 -45.29 19.04
N ALA B 391 -57.55 -44.58 20.15
CA ALA B 391 -58.87 -44.37 20.72
C ALA B 391 -59.34 -42.93 20.62
N ARG B 392 -58.45 -41.96 20.84
CA ARG B 392 -58.80 -40.56 20.85
C ARG B 392 -57.64 -39.74 20.30
N ILE B 393 -57.94 -38.52 19.86
CA ILE B 393 -56.91 -37.59 19.42
C ILE B 393 -57.26 -36.19 19.92
N PHE B 394 -56.32 -35.58 20.63
CA PHE B 394 -56.52 -34.27 21.25
C PHE B 394 -55.62 -33.22 20.60
N SER B 395 -55.95 -31.97 20.89
CA SER B 395 -55.08 -30.83 20.67
C SER B 395 -55.09 -29.99 21.94
N ASP B 396 -53.90 -29.71 22.48
CA ASP B 396 -53.77 -29.04 23.76
C ASP B 396 -53.57 -27.55 23.53
N ILE B 397 -54.32 -26.73 24.28
CA ILE B 397 -54.14 -25.29 24.28
C ILE B 397 -53.78 -24.87 25.70
N TYR B 398 -52.58 -24.32 25.86
CA TYR B 398 -52.10 -23.86 27.15
C TYR B 398 -52.42 -22.38 27.30
N LEU B 399 -53.23 -22.05 28.31
CA LEU B 399 -53.66 -20.69 28.54
C LEU B 399 -52.87 -20.06 29.68
N SER C 3 -21.91 -69.93 -24.06
CA SER C 3 -20.68 -69.78 -23.31
C SER C 3 -20.96 -69.21 -21.93
N THR C 4 -20.55 -69.93 -20.89
CA THR C 4 -20.67 -69.47 -19.53
C THR C 4 -19.27 -69.33 -18.91
N TYR C 5 -19.17 -68.42 -17.95
CA TYR C 5 -17.91 -68.15 -17.28
C TYR C 5 -18.14 -68.24 -15.79
N LYS C 6 -17.59 -69.29 -15.16
CA LYS C 6 -17.81 -69.56 -13.75
C LYS C 6 -16.55 -69.48 -12.91
N THR C 7 -15.37 -69.61 -13.51
CA THR C 7 -14.11 -69.51 -12.79
C THR C 7 -13.48 -68.15 -13.07
N PRO C 8 -13.15 -67.38 -12.05
CA PRO C 8 -12.49 -66.09 -12.29
C PRO C 8 -11.15 -66.26 -13.00
N GLY C 9 -10.87 -65.40 -13.96
CA GLY C 9 -9.61 -65.45 -14.66
C GLY C 9 -9.73 -64.94 -16.07
N VAL C 10 -8.76 -65.35 -16.89
CA VAL C 10 -8.63 -64.90 -18.27
C VAL C 10 -9.08 -66.02 -19.20
N TYR C 11 -9.93 -65.68 -20.16
CA TYR C 11 -10.41 -66.62 -21.17
C TYR C 11 -9.93 -66.19 -22.54
N ILE C 12 -9.54 -67.16 -23.38
CA ILE C 12 -8.96 -66.91 -24.68
C ILE C 12 -9.84 -67.54 -25.76
N GLU C 13 -10.21 -66.73 -26.75
CA GLU C 13 -11.09 -67.17 -27.83
C GLU C 13 -10.56 -66.65 -29.17
N GLU C 14 -10.78 -67.43 -30.23
CA GLU C 14 -10.28 -67.10 -31.56
C GLU C 14 -11.43 -66.97 -32.54
N ILE C 15 -11.53 -65.81 -33.20
CA ILE C 15 -12.61 -65.49 -34.11
C ILE C 15 -12.06 -64.83 -35.36
N SER C 16 -12.91 -64.71 -36.38
CA SER C 16 -12.65 -63.92 -37.57
C SER C 16 -13.65 -62.77 -37.63
N LYS C 17 -13.15 -61.54 -37.67
CA LYS C 17 -13.99 -60.38 -37.43
C LYS C 17 -13.39 -59.16 -38.12
N PHE C 18 -14.23 -58.16 -38.39
CA PHE C 18 -13.78 -56.84 -38.83
C PHE C 18 -13.61 -55.91 -37.62
N PRO C 19 -12.65 -55.00 -37.67
CA PRO C 19 -12.43 -54.08 -36.54
C PRO C 19 -13.63 -53.18 -36.30
N PRO C 20 -13.93 -52.86 -35.04
CA PRO C 20 -15.07 -52.00 -34.75
C PRO C 20 -14.73 -50.51 -34.77
N SER C 21 -15.78 -49.70 -34.84
CA SER C 21 -15.62 -48.24 -34.97
C SER C 21 -16.85 -47.55 -34.38
N ILE C 22 -16.62 -46.54 -33.54
CA ILE C 22 -17.70 -45.76 -32.94
C ILE C 22 -17.35 -44.27 -32.98
N ALA C 23 -18.38 -43.44 -32.77
CA ALA C 23 -18.22 -41.99 -32.74
C ALA C 23 -19.44 -41.37 -32.07
N GLN C 24 -19.31 -40.12 -31.65
CA GLN C 24 -20.38 -39.40 -30.97
C GLN C 24 -20.71 -38.12 -31.73
N VAL C 25 -21.97 -38.01 -32.15
CA VAL C 25 -22.48 -36.85 -32.87
C VAL C 25 -23.82 -36.48 -32.25
N GLU C 26 -24.31 -35.30 -32.59
CA GLU C 26 -25.64 -34.89 -32.11
C GLU C 26 -26.53 -34.28 -33.18
N THR C 27 -25.99 -33.60 -34.20
CA THR C 27 -26.84 -32.94 -35.17
C THR C 27 -27.04 -33.75 -36.45
N ALA C 28 -26.53 -34.97 -36.51
CA ALA C 28 -26.78 -35.85 -37.64
C ALA C 28 -27.26 -37.20 -37.09
N ILE C 29 -28.56 -37.28 -36.84
CA ILE C 29 -29.18 -38.50 -36.30
C ILE C 29 -30.13 -39.06 -37.35
N PRO C 30 -29.75 -40.12 -38.07
CA PRO C 30 -30.62 -40.66 -39.11
C PRO C 30 -31.48 -41.82 -38.62
N ALA C 31 -32.56 -42.03 -39.36
CA ALA C 31 -33.45 -43.17 -39.18
C ALA C 31 -33.36 -44.06 -40.41
N PHE C 32 -33.17 -45.36 -40.20
CA PHE C 32 -33.08 -46.34 -41.26
C PHE C 32 -34.33 -47.20 -41.25
N ILE C 33 -35.08 -47.16 -42.34
CA ILE C 33 -36.34 -47.87 -42.49
C ILE C 33 -36.11 -49.05 -43.40
N GLY C 34 -36.31 -50.28 -42.90
CA GLY C 34 -36.13 -51.41 -43.77
C GLY C 34 -36.39 -52.73 -43.07
N TYR C 35 -36.26 -53.80 -43.86
CA TYR C 35 -36.49 -55.15 -43.37
C TYR C 35 -35.33 -55.61 -42.49
N THR C 36 -35.68 -56.40 -41.48
CA THR C 36 -34.69 -56.95 -40.55
C THR C 36 -34.65 -58.47 -40.69
N GLN C 37 -33.99 -59.12 -39.75
CA GLN C 37 -33.88 -60.57 -39.74
C GLN C 37 -34.46 -61.23 -38.50
N ILE C 38 -34.41 -60.57 -37.35
CA ILE C 38 -34.98 -61.14 -36.13
C ILE C 38 -35.96 -60.17 -35.48
N ALA C 39 -35.51 -58.94 -35.20
CA ALA C 39 -36.33 -57.90 -34.59
C ALA C 39 -36.98 -58.37 -33.28
N LYS C 40 -36.12 -58.68 -32.31
CA LYS C 40 -36.56 -59.08 -30.96
C LYS C 40 -35.93 -58.14 -29.94
N VAL C 41 -36.76 -57.33 -29.30
CA VAL C 41 -36.29 -56.28 -28.39
C VAL C 41 -36.86 -56.56 -27.01
N GLY C 42 -35.97 -56.70 -26.03
CA GLY C 42 -36.40 -56.97 -24.67
C GLY C 42 -37.00 -58.35 -24.49
N VAL C 43 -38.28 -58.41 -24.12
CA VAL C 43 -39.03 -59.65 -24.03
C VAL C 43 -40.11 -59.72 -25.09
N GLU C 44 -40.13 -58.77 -26.02
CA GLU C 44 -41.16 -58.68 -27.05
C GLU C 44 -40.60 -59.11 -28.39
N ASN C 45 -41.31 -59.99 -29.08
CA ASN C 45 -40.97 -60.34 -30.45
C ASN C 45 -41.86 -59.52 -31.36
N PHE C 46 -41.27 -58.56 -32.07
CA PHE C 46 -42.05 -57.69 -32.94
C PHE C 46 -42.63 -58.44 -34.12
N HIS C 47 -42.05 -59.58 -34.49
CA HIS C 47 -42.47 -60.37 -35.62
C HIS C 47 -43.19 -61.65 -35.20
N THR C 48 -43.78 -61.66 -34.00
CA THR C 48 -44.38 -62.89 -33.47
C THR C 48 -45.53 -63.36 -34.35
N ASP C 49 -46.40 -62.46 -34.77
CA ASP C 49 -47.49 -62.79 -35.66
C ASP C 49 -47.20 -62.25 -37.05
N ALA C 50 -47.80 -62.89 -38.07
CA ALA C 50 -47.49 -62.51 -39.44
C ALA C 50 -47.99 -61.10 -39.74
N ASP C 51 -49.19 -60.81 -39.25
CA ASP C 51 -49.80 -59.49 -39.34
C ASP C 51 -49.70 -58.84 -37.95
N ASN C 52 -50.26 -57.64 -37.80
CA ASN C 52 -50.23 -56.89 -36.55
C ASN C 52 -48.82 -56.81 -35.99
N LEU C 53 -47.86 -56.55 -36.86
CA LEU C 53 -46.48 -56.41 -36.44
C LEU C 53 -46.33 -55.18 -35.55
N ILE C 54 -45.33 -55.22 -34.67
CA ILE C 54 -45.01 -54.07 -33.85
C ILE C 54 -44.07 -53.18 -34.66
N LEU C 55 -44.55 -51.99 -34.97
CA LEU C 55 -43.82 -51.02 -35.78
C LEU C 55 -43.30 -49.96 -34.82
N ARG C 56 -42.01 -50.04 -34.48
CA ARG C 56 -41.50 -49.16 -33.45
C ARG C 56 -40.06 -48.75 -33.74
N PRO C 57 -39.72 -47.48 -33.58
CA PRO C 57 -38.33 -47.05 -33.79
C PRO C 57 -37.45 -47.26 -32.56
N VAL C 58 -36.36 -47.99 -32.75
CA VAL C 58 -35.42 -48.28 -31.67
C VAL C 58 -34.16 -47.46 -31.83
N ARG C 59 -33.60 -47.00 -30.71
CA ARG C 59 -32.39 -46.20 -30.69
C ARG C 59 -31.19 -47.09 -30.44
N ILE C 60 -30.21 -47.05 -31.36
CA ILE C 60 -28.98 -47.82 -31.19
C ILE C 60 -27.78 -46.90 -31.39
N THR C 61 -26.64 -47.34 -30.87
CA THR C 61 -25.42 -46.56 -30.95
C THR C 61 -24.25 -47.28 -31.60
N SER C 62 -24.35 -48.58 -31.86
CA SER C 62 -23.22 -49.32 -32.41
C SER C 62 -23.71 -50.53 -33.18
N LEU C 63 -22.81 -51.09 -33.99
CA LEU C 63 -23.11 -52.34 -34.68
C LEU C 63 -23.38 -53.47 -33.70
N LEU C 64 -22.70 -53.44 -32.55
CA LEU C 64 -22.84 -54.51 -31.57
C LEU C 64 -24.26 -54.62 -31.04
N GLU C 65 -24.96 -53.49 -30.95
CA GLU C 65 -26.34 -53.50 -30.47
C GLU C 65 -27.32 -53.92 -31.56
N TYR C 66 -27.10 -53.43 -32.78
CA TYR C 66 -27.88 -53.90 -33.91
C TYR C 66 -27.84 -55.42 -33.98
N GLU C 67 -26.65 -55.99 -33.84
CA GLU C 67 -26.54 -57.45 -33.83
C GLU C 67 -27.25 -58.06 -32.63
N GLN C 68 -27.46 -57.31 -31.56
CA GLN C 68 -28.19 -57.87 -30.43
C GLN C 68 -29.68 -57.94 -30.69
N PHE C 69 -30.25 -56.91 -31.31
CA PHE C 69 -31.70 -56.90 -31.53
C PHE C 69 -32.09 -57.52 -32.87
N PHE C 70 -31.47 -57.09 -33.97
CA PHE C 70 -31.92 -57.48 -35.29
C PHE C 70 -31.01 -58.48 -35.99
N GLY C 71 -29.89 -58.87 -35.38
CA GLY C 71 -29.02 -59.88 -35.95
C GLY C 71 -28.42 -59.54 -37.31
N LYS C 72 -27.93 -60.56 -38.02
CA LYS C 72 -27.21 -60.41 -39.28
C LYS C 72 -28.09 -60.81 -40.46
N ALA C 73 -27.57 -60.54 -41.67
CA ALA C 73 -28.33 -60.76 -42.89
C ALA C 73 -28.33 -62.21 -43.32
N ILE C 74 -29.28 -62.56 -44.17
CA ILE C 74 -29.43 -63.89 -44.74
C ILE C 74 -28.39 -64.15 -45.81
N ASN C 75 -28.19 -65.42 -46.15
CA ASN C 75 -27.15 -65.82 -47.08
C ASN C 75 -27.64 -65.87 -48.52
N GLU C 76 -26.70 -65.75 -49.45
CA GLU C 76 -26.99 -65.67 -50.88
C GLU C 76 -27.06 -67.07 -51.50
N THR C 77 -27.64 -67.15 -52.69
CA THR C 77 -27.82 -68.43 -53.36
C THR C 77 -27.47 -68.32 -54.84
N THR C 78 -26.41 -67.59 -55.17
CA THR C 78 -26.09 -67.37 -56.57
C THR C 78 -24.59 -67.40 -56.89
N ILE C 79 -23.74 -67.74 -55.92
CA ILE C 79 -22.30 -67.62 -56.12
C ILE C 79 -21.80 -68.79 -56.98
N GLN C 80 -21.07 -68.43 -58.04
CA GLN C 80 -20.45 -69.38 -58.95
C GLN C 80 -18.94 -69.20 -58.89
N VAL C 81 -18.21 -70.30 -59.00
CA VAL C 81 -16.75 -70.29 -58.93
C VAL C 81 -16.25 -71.02 -60.16
N VAL C 82 -15.20 -70.48 -60.78
CA VAL C 82 -14.59 -71.09 -61.96
C VAL C 82 -13.16 -71.47 -61.63
N ILE C 83 -12.78 -72.69 -61.98
CA ILE C 83 -11.42 -73.18 -61.82
C ILE C 83 -10.78 -73.28 -63.19
N GLN C 84 -9.63 -72.64 -63.36
CA GLN C 84 -8.96 -72.51 -64.65
C GLN C 84 -7.65 -73.29 -64.62
N ASP C 85 -7.59 -74.36 -65.40
CA ASP C 85 -6.41 -75.22 -65.49
C ASP C 85 -5.72 -75.01 -66.82
N THR C 86 -4.40 -74.92 -66.79
CA THR C 86 -3.58 -74.97 -67.98
C THR C 86 -2.57 -76.11 -67.86
N THR C 87 -2.53 -76.95 -68.88
CA THR C 87 -1.71 -78.16 -68.92
C THR C 87 -0.76 -78.08 -70.11
N ASP C 88 0.21 -79.00 -70.13
CA ASP C 88 1.21 -79.04 -71.17
C ASP C 88 0.74 -79.90 -72.34
N SER C 89 1.68 -80.25 -73.22
CA SER C 89 1.39 -81.03 -74.43
C SER C 89 0.97 -82.47 -74.14
N ARG C 90 1.26 -82.99 -72.95
CA ARG C 90 0.93 -84.37 -72.62
C ARG C 90 -0.25 -84.48 -71.68
N GLY C 91 -0.87 -83.37 -71.33
CA GLY C 91 -1.93 -83.37 -70.33
C GLY C 91 -1.46 -83.25 -68.91
N ASN C 92 -0.19 -82.92 -68.68
CA ASN C 92 0.30 -82.68 -67.33
C ASN C 92 -0.09 -81.28 -66.87
N LEU C 93 -0.67 -81.20 -65.68
CA LEU C 93 -1.10 -79.92 -65.15
C LEU C 93 0.10 -79.03 -64.87
N THR C 94 0.08 -77.82 -65.41
CA THR C 94 1.14 -76.84 -65.19
C THR C 94 0.71 -75.70 -64.29
N GLU C 95 -0.55 -75.31 -64.31
CA GLU C 95 -0.98 -74.21 -63.46
C GLU C 95 -2.49 -74.27 -63.24
N ARG C 96 -2.93 -73.81 -62.07
CA ARG C 96 -4.34 -73.82 -61.70
C ARG C 96 -4.68 -72.54 -60.94
N LYS C 97 -5.83 -71.96 -61.27
CA LYS C 97 -6.31 -70.75 -60.63
C LYS C 97 -7.82 -70.85 -60.39
N ALA C 98 -8.34 -69.97 -59.54
CA ALA C 98 -9.77 -69.99 -59.23
C ALA C 98 -10.28 -68.55 -59.07
N SER C 99 -11.55 -68.34 -59.43
CA SER C 99 -12.18 -67.03 -59.29
C SER C 99 -13.66 -67.21 -59.00
N ALA C 100 -14.28 -66.15 -58.46
CA ALA C 100 -15.69 -66.19 -58.07
C ALA C 100 -16.48 -65.06 -58.71
N ARG C 101 -17.78 -65.27 -58.86
CA ARG C 101 -18.71 -64.26 -59.32
C ARG C 101 -20.08 -64.50 -58.68
N ILE C 102 -20.88 -63.44 -58.62
CA ILE C 102 -22.26 -63.53 -58.17
C ILE C 102 -23.16 -62.98 -59.28
N THR C 103 -24.18 -63.76 -59.66
CA THR C 103 -25.02 -63.37 -60.78
C THR C 103 -26.16 -62.46 -60.35
N SER C 104 -26.83 -62.79 -59.25
CA SER C 104 -27.92 -61.93 -58.79
C SER C 104 -28.00 -61.89 -57.27
N PRO C 105 -27.63 -60.77 -56.64
CA PRO C 105 -27.65 -60.70 -55.18
C PRO C 105 -28.99 -60.28 -54.61
N SER C 106 -29.19 -60.63 -53.34
CA SER C 106 -30.45 -60.37 -52.68
C SER C 106 -30.65 -58.87 -52.46
N PRO C 107 -31.88 -58.39 -52.48
CA PRO C 107 -32.12 -56.95 -52.23
C PRO C 107 -32.05 -56.55 -50.76
N HIS C 108 -32.02 -57.50 -49.84
CA HIS C 108 -31.97 -57.21 -48.40
C HIS C 108 -30.53 -56.97 -47.98
N ASN C 109 -30.12 -55.70 -47.87
CA ASN C 109 -28.73 -55.34 -47.57
C ASN C 109 -28.67 -54.38 -46.37
N LEU C 110 -29.49 -54.62 -45.36
CA LEU C 110 -29.53 -53.66 -44.26
C LEU C 110 -28.38 -53.87 -43.28
N TYR C 111 -27.96 -55.12 -43.10
CA TYR C 111 -26.85 -55.41 -42.20
C TYR C 111 -25.51 -54.94 -42.76
N TYR C 112 -25.34 -54.97 -44.08
CA TYR C 112 -24.08 -54.49 -44.66
C TYR C 112 -24.03 -52.97 -44.67
N SER C 113 -25.17 -52.34 -44.84
CA SER C 113 -25.21 -50.88 -44.83
C SER C 113 -24.81 -50.34 -43.47
N MET C 114 -25.17 -51.05 -42.39
CA MET C 114 -24.76 -50.60 -41.08
C MET C 114 -23.26 -50.72 -40.88
N GLN C 115 -22.64 -51.75 -41.43
CA GLN C 115 -21.19 -51.85 -41.43
C GLN C 115 -20.56 -50.67 -42.14
N ALA C 116 -21.06 -50.36 -43.34
CA ALA C 116 -20.51 -49.25 -44.10
C ALA C 116 -20.73 -47.93 -43.37
N TYR C 117 -21.88 -47.78 -42.72
CA TYR C 117 -22.17 -46.56 -41.97
C TYR C 117 -21.19 -46.38 -40.83
N PHE C 118 -21.02 -47.41 -40.00
CA PHE C 118 -20.14 -47.25 -38.85
C PHE C 118 -18.68 -47.14 -39.26
N ALA C 119 -18.32 -47.64 -40.45
CA ALA C 119 -16.95 -47.47 -40.91
C ALA C 119 -16.63 -46.04 -41.32
N ASN C 120 -17.64 -45.22 -41.61
CA ASN C 120 -17.43 -43.86 -42.09
C ASN C 120 -17.71 -42.81 -41.04
N GLY C 121 -17.92 -43.20 -39.78
CA GLY C 121 -18.38 -42.29 -38.77
C GLY C 121 -19.86 -42.48 -38.49
N GLY C 122 -20.36 -41.72 -37.53
CA GLY C 122 -21.76 -41.85 -37.20
C GLY C 122 -21.99 -41.77 -35.71
N GLY C 123 -23.09 -42.33 -35.25
CA GLY C 123 -23.40 -42.32 -33.84
C GLY C 123 -24.77 -42.91 -33.56
N PRO C 124 -25.49 -42.29 -32.64
CA PRO C 124 -26.88 -42.71 -32.39
C PRO C 124 -27.71 -42.64 -33.66
N CYS C 125 -28.44 -43.72 -33.94
CA CYS C 125 -29.37 -43.74 -35.04
C CYS C 125 -30.62 -44.49 -34.61
N TYR C 126 -31.67 -44.40 -35.41
CA TYR C 126 -32.91 -45.12 -35.17
C TYR C 126 -33.13 -46.16 -36.24
N ILE C 127 -33.62 -47.32 -35.82
CA ILE C 127 -33.93 -48.43 -36.71
C ILE C 127 -35.44 -48.64 -36.69
N VAL C 128 -36.01 -48.79 -37.87
CA VAL C 128 -37.42 -49.13 -38.02
C VAL C 128 -37.51 -50.40 -38.85
N SER C 129 -37.84 -51.51 -38.19
CA SER C 129 -37.90 -52.80 -38.83
C SER C 129 -39.26 -52.96 -39.48
N VAL C 130 -39.28 -52.86 -40.80
CA VAL C 130 -40.47 -53.04 -41.61
C VAL C 130 -40.54 -54.49 -42.08
N GLY C 131 -41.07 -55.38 -41.25
CA GLY C 131 -41.22 -56.77 -41.62
C GLY C 131 -39.92 -57.54 -41.67
N PRO C 132 -40.01 -58.87 -41.75
CA PRO C 132 -38.79 -59.69 -41.80
C PRO C 132 -38.27 -59.88 -43.22
N MET C 133 -36.94 -59.96 -43.35
CA MET C 133 -36.35 -60.15 -44.66
C MET C 133 -36.68 -61.53 -45.22
N SER C 134 -36.87 -61.59 -46.54
CA SER C 134 -37.35 -62.78 -47.22
C SER C 134 -36.38 -63.16 -48.33
N ASN C 135 -36.24 -64.48 -48.54
CA ASN C 135 -35.36 -64.96 -49.60
C ASN C 135 -35.90 -64.61 -50.97
N THR C 136 -37.22 -64.70 -51.16
CA THR C 136 -37.81 -64.41 -52.46
C THR C 136 -37.48 -62.99 -52.93
N GLY C 137 -37.32 -62.06 -51.99
CA GLY C 137 -36.90 -60.72 -52.35
C GLY C 137 -38.00 -59.76 -52.71
N THR C 138 -39.14 -59.84 -52.03
CA THR C 138 -40.26 -58.94 -52.27
C THR C 138 -40.17 -57.77 -51.31
N ILE C 139 -40.18 -56.56 -51.86
CA ILE C 139 -40.16 -55.32 -51.08
C ILE C 139 -41.38 -54.51 -51.48
N GLN C 140 -42.21 -54.19 -50.49
CA GLN C 140 -43.52 -53.58 -50.73
C GLN C 140 -43.53 -52.12 -50.32
N LEU C 141 -44.22 -51.30 -51.13
CA LEU C 141 -44.30 -49.87 -50.88
C LEU C 141 -45.08 -49.55 -49.61
N GLU C 142 -46.19 -50.27 -49.38
CA GLU C 142 -47.09 -49.92 -48.29
C GLU C 142 -46.40 -50.06 -46.94
N ALA C 143 -45.58 -51.09 -46.81
CA ALA C 143 -44.85 -51.30 -45.56
C ALA C 143 -43.85 -50.19 -45.30
N LEU C 144 -43.17 -49.73 -46.35
CA LEU C 144 -42.23 -48.62 -46.18
C LEU C 144 -42.98 -47.34 -45.84
N GLN C 145 -44.17 -47.17 -46.40
CA GLN C 145 -44.98 -46.00 -46.05
C GLN C 145 -45.43 -46.05 -44.60
N ASN C 146 -45.75 -47.24 -44.09
CA ASN C 146 -46.08 -47.34 -42.66
C ASN C 146 -44.87 -47.02 -41.79
N GLY C 147 -43.69 -47.47 -42.21
CA GLY C 147 -42.49 -47.14 -41.47
C GLY C 147 -42.24 -45.64 -41.41
N LEU C 148 -42.35 -44.96 -42.56
CA LEU C 148 -42.14 -43.49 -42.66
C LEU C 148 -43.21 -42.78 -41.84
N ALA C 149 -44.44 -43.32 -41.82
CA ALA C 149 -45.47 -42.70 -41.02
C ALA C 149 -45.15 -42.81 -39.53
N GLU C 150 -44.52 -43.92 -39.13
CA GLU C 150 -44.17 -44.08 -37.73
C GLU C 150 -42.97 -43.25 -37.31
N VAL C 151 -42.01 -43.00 -38.20
CA VAL C 151 -40.85 -42.20 -37.77
C VAL C 151 -41.19 -40.74 -37.50
N ALA C 152 -42.40 -40.29 -37.83
CA ALA C 152 -42.74 -38.89 -37.60
C ALA C 152 -42.78 -38.53 -36.12
N LYS C 153 -42.82 -39.53 -35.24
CA LYS C 153 -43.00 -39.34 -33.81
C LYS C 153 -41.69 -39.20 -33.05
N GLU C 154 -40.55 -39.26 -33.72
CA GLU C 154 -39.25 -39.08 -33.08
C GLU C 154 -38.72 -37.68 -33.36
N ASP C 155 -38.20 -37.02 -32.33
CA ASP C 155 -37.66 -35.68 -32.51
C ASP C 155 -36.17 -35.64 -32.79
N GLU C 156 -35.41 -36.63 -32.33
CA GLU C 156 -33.97 -36.59 -32.57
C GLU C 156 -33.61 -36.82 -34.02
N VAL C 157 -34.54 -37.28 -34.84
CA VAL C 157 -34.24 -37.62 -36.23
C VAL C 157 -34.10 -36.34 -37.04
N THR C 158 -33.00 -36.24 -37.79
CA THR C 158 -32.80 -35.15 -38.74
C THR C 158 -32.64 -35.60 -40.19
N LEU C 159 -32.38 -36.88 -40.43
CA LEU C 159 -32.11 -37.39 -41.77
C LEU C 159 -32.90 -38.65 -42.02
N LEU C 160 -33.38 -38.83 -43.25
CA LEU C 160 -34.20 -39.99 -43.63
C LEU C 160 -33.50 -40.78 -44.73
N VAL C 161 -33.28 -42.07 -44.50
CA VAL C 161 -32.56 -42.94 -45.43
C VAL C 161 -33.40 -44.16 -45.72
N PHE C 162 -33.48 -44.53 -47.01
CA PHE C 162 -34.20 -45.72 -47.48
C PHE C 162 -33.22 -46.62 -48.22
N PRO C 163 -32.49 -47.48 -47.51
CA PRO C 163 -31.48 -48.31 -48.17
C PRO C 163 -32.06 -49.24 -49.23
N GLU C 164 -33.18 -49.87 -48.95
CA GLU C 164 -33.79 -50.84 -49.86
C GLU C 164 -34.93 -50.19 -50.64
N SER C 165 -34.56 -49.34 -51.60
CA SER C 165 -35.54 -48.72 -52.46
C SER C 165 -35.17 -48.75 -53.92
N GLN C 166 -34.00 -49.26 -54.27
CA GLN C 166 -33.59 -49.38 -55.65
C GLN C 166 -34.28 -50.54 -56.37
N SER C 167 -34.93 -51.43 -55.62
CA SER C 167 -35.65 -52.55 -56.20
C SER C 167 -37.10 -52.21 -56.50
N LEU C 168 -37.59 -51.05 -56.10
CA LEU C 168 -38.95 -50.65 -56.41
C LEU C 168 -39.03 -50.12 -57.83
N SER C 169 -40.27 -50.06 -58.34
CA SER C 169 -40.53 -49.51 -59.65
C SER C 169 -40.49 -47.97 -59.61
N ASP C 170 -40.50 -47.36 -60.78
CA ASP C 170 -40.38 -45.91 -60.86
C ASP C 170 -41.56 -45.21 -60.22
N GLU C 171 -42.76 -45.74 -60.40
CA GLU C 171 -43.94 -45.10 -59.82
C GLU C 171 -43.94 -45.21 -58.31
N ASN C 172 -43.63 -46.40 -57.78
CA ASN C 172 -43.58 -46.58 -56.34
C ASN C 172 -42.43 -45.79 -55.74
N TYR C 173 -41.30 -45.72 -56.45
CA TYR C 173 -40.17 -44.93 -56.00
C TYR C 173 -40.52 -43.46 -55.90
N ALA C 174 -41.17 -42.93 -56.94
CA ALA C 174 -41.58 -41.52 -56.92
C ALA C 174 -42.57 -41.25 -55.81
N ALA C 175 -43.52 -42.17 -55.60
CA ALA C 175 -44.50 -41.99 -54.54
C ALA C 175 -43.84 -41.94 -53.17
N LEU C 176 -42.90 -42.84 -52.91
CA LEU C 176 -42.21 -42.85 -51.63
C LEU C 176 -41.40 -41.58 -51.42
N MET C 177 -40.66 -41.16 -52.46
CA MET C 177 -39.85 -39.97 -52.31
C MET C 177 -40.72 -38.75 -52.10
N SER C 178 -41.89 -38.70 -52.74
CA SER C 178 -42.81 -37.58 -52.54
C SER C 178 -43.33 -37.56 -51.11
N ALA C 179 -43.67 -38.72 -50.56
CA ALA C 179 -44.14 -38.77 -49.17
C ALA C 179 -43.05 -38.30 -48.21
N ALA C 180 -41.81 -38.72 -48.43
CA ALA C 180 -40.73 -38.30 -47.55
C ALA C 180 -40.54 -36.78 -47.61
N LEU C 181 -40.50 -36.23 -48.83
CA LEU C 181 -40.33 -34.79 -48.96
C LEU C 181 -41.50 -34.04 -48.35
N GLU C 182 -42.70 -34.60 -48.41
CA GLU C 182 -43.85 -33.94 -47.81
C GLU C 182 -43.74 -33.93 -46.28
N GLN C 183 -43.25 -35.01 -45.69
CA GLN C 183 -43.03 -34.99 -44.24
C GLN C 183 -42.01 -33.93 -43.86
N CYS C 184 -40.89 -33.88 -44.57
CA CYS C 184 -39.89 -32.85 -44.26
C CYS C 184 -40.45 -31.44 -44.44
N ALA C 185 -41.27 -31.25 -45.47
CA ALA C 185 -41.89 -29.94 -45.67
C ALA C 185 -42.83 -29.58 -44.52
N ASN C 186 -43.49 -30.58 -43.93
CA ASN C 186 -44.42 -30.30 -42.85
C ASN C 186 -43.73 -30.04 -41.53
N LEU C 187 -42.67 -30.79 -41.21
CA LEU C 187 -42.02 -30.59 -39.92
C LEU C 187 -40.95 -29.51 -39.95
N GLN C 188 -40.32 -29.29 -41.10
CA GLN C 188 -39.35 -28.22 -41.30
C GLN C 188 -38.11 -28.39 -40.44
N ASP C 189 -37.70 -29.65 -40.21
CA ASP C 189 -36.48 -29.90 -39.47
C ASP C 189 -35.71 -31.12 -39.98
N ARG C 190 -35.93 -31.54 -41.23
CA ARG C 190 -35.36 -32.79 -41.72
C ARG C 190 -34.86 -32.63 -43.15
N PHE C 191 -34.09 -33.62 -43.59
CA PHE C 191 -33.51 -33.65 -44.92
C PHE C 191 -33.49 -35.09 -45.41
N THR C 192 -33.69 -35.30 -46.71
CA THR C 192 -33.66 -36.63 -47.30
C THR C 192 -32.49 -36.78 -48.28
N VAL C 193 -31.94 -38.00 -48.33
CA VAL C 193 -30.84 -38.34 -49.23
C VAL C 193 -31.29 -39.51 -50.10
N MET C 194 -31.09 -39.40 -51.40
CA MET C 194 -31.57 -40.37 -52.37
C MET C 194 -30.44 -40.98 -53.18
N ASP C 195 -30.65 -42.21 -53.63
CA ASP C 195 -29.72 -42.93 -54.50
C ASP C 195 -30.30 -42.98 -55.91
N LEU C 196 -29.52 -42.57 -56.88
CA LEU C 196 -29.96 -42.66 -58.28
C LEU C 196 -30.04 -44.12 -58.71
N LYS C 197 -31.14 -44.48 -59.38
CA LYS C 197 -31.28 -45.82 -59.94
C LYS C 197 -30.50 -45.94 -61.24
N LEU C 198 -29.76 -47.03 -61.38
CA LEU C 198 -28.97 -47.28 -62.58
C LEU C 198 -29.47 -48.55 -63.26
N PRO C 199 -29.13 -48.76 -64.54
CA PRO C 199 -29.62 -49.95 -65.25
C PRO C 199 -29.26 -51.25 -64.53
N ALA C 200 -30.13 -52.24 -64.66
CA ALA C 200 -29.91 -53.55 -64.04
C ALA C 200 -29.45 -54.63 -65.01
N THR C 201 -28.76 -54.21 -66.08
CA THR C 201 -28.27 -55.16 -67.08
C THR C 201 -26.80 -55.48 -66.78
N ARG C 202 -26.23 -56.44 -67.52
CA ARG C 202 -24.83 -56.81 -67.28
C ARG C 202 -24.04 -57.21 -68.54
N PRO C 203 -22.80 -56.71 -68.66
CA PRO C 203 -22.29 -55.69 -67.76
C PRO C 203 -22.74 -54.33 -68.28
N ILE C 204 -22.64 -53.35 -67.42
CA ILE C 204 -23.06 -51.97 -67.68
C ILE C 204 -22.70 -51.44 -69.06
N PRO C 205 -23.72 -50.94 -69.79
CA PRO C 205 -23.54 -50.36 -71.12
C PRO C 205 -22.76 -49.06 -71.01
N ALA C 206 -21.93 -48.77 -72.01
CA ALA C 206 -21.12 -47.56 -71.98
C ALA C 206 -21.96 -46.31 -71.82
N ASN C 207 -21.48 -45.40 -70.98
CA ASN C 207 -22.16 -44.13 -70.72
C ASN C 207 -23.65 -44.24 -70.38
N ALA C 208 -24.00 -45.13 -69.45
CA ALA C 208 -25.42 -45.25 -69.05
C ALA C 208 -25.99 -44.12 -68.18
N ILE C 209 -25.11 -43.48 -67.40
CA ILE C 209 -25.43 -42.37 -66.51
C ILE C 209 -26.32 -41.35 -67.22
N VAL C 210 -26.09 -41.13 -68.50
CA VAL C 210 -26.88 -40.17 -69.26
C VAL C 210 -28.32 -40.64 -69.38
N GLY C 211 -28.52 -41.95 -69.55
CA GLY C 211 -29.88 -42.47 -69.60
C GLY C 211 -30.56 -42.44 -68.25
N ALA C 212 -29.80 -42.81 -67.21
CA ALA C 212 -30.34 -42.84 -65.86
C ALA C 212 -30.75 -41.45 -65.38
N SER C 213 -29.98 -40.42 -65.72
CA SER C 213 -30.37 -39.08 -65.27
C SER C 213 -31.61 -38.58 -66.00
N ASN C 214 -31.80 -38.97 -67.26
CA ASN C 214 -33.01 -38.60 -67.97
C ASN C 214 -34.21 -39.34 -67.44
N ALA C 215 -34.02 -40.60 -67.05
CA ALA C 215 -35.10 -41.33 -66.39
C ALA C 215 -35.46 -40.70 -65.05
N PHE C 216 -34.44 -40.24 -64.31
CA PHE C 216 -34.69 -39.64 -63.00
C PHE C 216 -35.47 -38.34 -63.13
N ARG C 217 -35.04 -37.46 -64.05
CA ARG C 217 -35.71 -36.17 -64.16
C ARG C 217 -37.14 -36.32 -64.65
N ASP C 218 -37.48 -37.48 -65.23
CA ASP C 218 -38.86 -37.72 -65.76
C ASP C 218 -39.81 -38.14 -64.64
N LEU C 219 -39.32 -38.31 -63.40
CA LEU C 219 -40.20 -38.63 -62.29
C LEU C 219 -40.96 -37.39 -61.85
N SER C 220 -42.18 -37.58 -61.37
CA SER C 220 -43.04 -36.49 -60.97
C SER C 220 -42.97 -36.31 -59.46
N LEU C 221 -42.34 -35.23 -59.01
CA LEU C 221 -42.14 -34.91 -57.61
C LEU C 221 -42.66 -33.50 -57.34
N PRO C 222 -43.17 -33.25 -56.13
CA PRO C 222 -43.72 -31.92 -55.83
C PRO C 222 -42.64 -30.85 -55.89
N GLN C 223 -42.86 -29.84 -56.74
CA GLN C 223 -41.85 -28.83 -56.99
C GLN C 223 -41.62 -27.91 -55.81
N ASP C 224 -42.51 -27.92 -54.83
CA ASP C 224 -42.36 -27.03 -53.67
C ASP C 224 -41.58 -27.63 -52.51
N ASN C 225 -41.31 -28.93 -52.57
CA ASN C 225 -40.60 -29.60 -51.50
C ASN C 225 -39.21 -30.06 -51.93
N LEU C 226 -38.80 -29.70 -53.14
CA LEU C 226 -37.53 -30.18 -53.67
C LEU C 226 -36.34 -29.60 -52.91
N LYS C 227 -36.53 -28.48 -52.23
CA LYS C 227 -35.44 -27.89 -51.47
C LYS C 227 -35.08 -28.69 -50.22
N TYR C 228 -35.81 -29.76 -49.91
CA TYR C 228 -35.58 -30.56 -48.72
C TYR C 228 -34.89 -31.89 -48.99
N GLY C 229 -34.26 -32.07 -50.15
CA GLY C 229 -33.62 -33.34 -50.41
C GLY C 229 -32.45 -33.23 -51.37
N ALA C 230 -31.70 -34.33 -51.46
CA ALA C 230 -30.51 -34.39 -52.30
C ALA C 230 -30.40 -35.78 -52.93
N CYS C 231 -29.57 -35.89 -53.97
CA CYS C 231 -29.42 -37.14 -54.71
C CYS C 231 -27.95 -37.39 -55.02
N TYR C 232 -27.56 -38.66 -55.03
CA TYR C 232 -26.17 -39.03 -55.30
C TYR C 232 -26.09 -40.23 -56.24
N ALA C 233 -24.98 -40.31 -56.95
CA ALA C 233 -24.68 -41.41 -57.86
C ALA C 233 -23.17 -41.51 -58.02
N PRO C 234 -22.66 -42.68 -58.41
CA PRO C 234 -23.25 -44.01 -58.57
C PRO C 234 -22.99 -44.92 -57.39
N ASP C 235 -23.29 -46.20 -57.55
CA ASP C 235 -23.05 -47.19 -56.50
C ASP C 235 -21.56 -47.47 -56.31
N ILE C 236 -21.22 -47.97 -55.12
CA ILE C 236 -19.84 -48.10 -54.68
C ILE C 236 -19.56 -49.55 -54.34
N GLU C 237 -18.36 -50.02 -54.72
CA GLU C 237 -17.87 -51.32 -54.29
C GLU C 237 -17.12 -51.21 -52.97
N THR C 238 -17.27 -52.22 -52.13
CA THR C 238 -16.69 -52.24 -50.79
C THR C 238 -16.05 -53.59 -50.54
N ILE C 239 -15.32 -53.67 -49.43
CA ILE C 239 -14.47 -54.82 -49.13
C ILE C 239 -15.18 -55.88 -48.31
N PHE C 240 -16.42 -55.65 -47.90
CA PHE C 240 -17.09 -56.59 -47.02
C PHE C 240 -17.50 -57.86 -47.76
N ASN C 241 -17.74 -58.92 -47.00
CA ASN C 241 -17.98 -60.25 -47.55
C ASN C 241 -19.47 -60.59 -47.59
N TYR C 242 -19.79 -61.64 -48.34
CA TYR C 242 -21.15 -62.15 -48.48
C TYR C 242 -21.35 -63.35 -47.55
N PHE C 243 -22.60 -63.58 -47.16
CA PHE C 243 -22.97 -64.79 -46.42
C PHE C 243 -23.46 -65.86 -47.39
N TYR C 244 -23.07 -67.10 -47.12
CA TYR C 244 -23.39 -68.20 -48.03
C TYR C 244 -23.32 -69.53 -47.28
N GLN C 245 -23.76 -70.58 -47.97
CA GLN C 245 -23.60 -71.97 -47.52
C GLN C 245 -22.80 -72.73 -48.56
N GLU C 246 -22.02 -73.70 -48.11
CA GLU C 246 -21.17 -74.50 -48.97
C GLU C 246 -21.89 -75.37 -50.00
N ASP C 247 -23.14 -75.74 -49.71
CA ASP C 247 -23.89 -76.58 -50.63
C ASP C 247 -24.70 -75.78 -51.64
N ALA C 248 -24.57 -74.47 -51.65
CA ALA C 248 -25.23 -73.63 -52.63
C ALA C 248 -24.27 -72.99 -53.63
N VAL C 249 -22.97 -73.22 -53.50
CA VAL C 249 -21.97 -72.63 -54.38
C VAL C 249 -21.77 -73.56 -55.57
N THR C 250 -21.88 -73.00 -56.77
CA THR C 250 -21.84 -73.80 -58.00
C THR C 250 -20.45 -73.70 -58.62
N ILE C 251 -19.93 -74.82 -59.13
CA ILE C 251 -18.55 -74.94 -59.58
C ILE C 251 -18.51 -75.17 -61.08
N PHE C 252 -17.56 -74.52 -61.75
CA PHE C 252 -17.28 -74.69 -63.17
C PHE C 252 -15.79 -74.91 -63.38
N ARG C 253 -15.44 -75.51 -64.50
CA ARG C 253 -14.04 -75.71 -64.88
C ARG C 253 -13.80 -75.29 -66.31
N SER C 254 -12.56 -74.83 -66.57
CA SER C 254 -12.14 -74.50 -67.93
C SER C 254 -10.66 -74.84 -68.08
N VAL C 255 -10.33 -75.53 -69.17
CA VAL C 255 -8.98 -76.04 -69.39
C VAL C 255 -8.39 -75.37 -70.62
N ASN C 256 -7.20 -74.80 -70.46
CA ASN C 256 -6.44 -74.18 -71.55
C ASN C 256 -7.27 -73.12 -72.27
N GLY C 257 -8.11 -72.42 -71.53
CA GLY C 257 -8.98 -71.43 -72.13
C GLY C 257 -10.16 -71.97 -72.87
N GLY C 258 -10.54 -73.22 -72.63
CA GLY C 258 -11.64 -73.84 -73.34
C GLY C 258 -13.00 -73.37 -72.84
N ALA C 259 -14.01 -74.15 -73.18
CA ALA C 259 -15.36 -73.86 -72.75
C ALA C 259 -15.51 -74.04 -71.25
N GLU C 260 -16.37 -73.25 -70.65
CA GLU C 260 -16.61 -73.28 -69.21
C GLU C 260 -17.75 -74.25 -68.93
N GLU C 261 -17.45 -75.35 -68.25
CA GLU C 261 -18.41 -76.41 -68.04
C GLU C 261 -18.73 -76.56 -66.55
N GLN C 262 -19.98 -76.87 -66.26
CA GLN C 262 -20.44 -77.01 -64.88
C GLN C 262 -20.12 -78.39 -64.34
N ASP C 263 -19.54 -78.42 -63.15
CA ASP C 263 -19.21 -79.66 -62.47
C ASP C 263 -20.45 -80.18 -61.74
N THR C 264 -20.39 -81.43 -61.28
CA THR C 264 -21.54 -82.06 -60.62
C THR C 264 -21.44 -82.04 -59.10
N LEU C 265 -20.39 -81.45 -58.53
CA LEU C 265 -20.24 -81.33 -57.10
C LEU C 265 -20.52 -79.89 -56.69
N THR C 266 -20.88 -79.71 -55.43
CA THR C 266 -20.94 -78.41 -54.80
C THR C 266 -19.62 -78.15 -54.09
N MET C 267 -19.48 -76.93 -53.56
CA MET C 267 -18.30 -76.63 -52.73
C MET C 267 -18.20 -77.62 -51.59
N ALA C 268 -19.34 -77.97 -50.99
CA ALA C 268 -19.36 -78.98 -49.93
C ALA C 268 -18.82 -80.32 -50.42
N GLY C 269 -18.88 -80.57 -51.72
CA GLY C 269 -18.34 -81.80 -52.24
C GLY C 269 -16.83 -81.89 -52.22
N TYR C 270 -16.14 -80.77 -52.04
CA TYR C 270 -14.70 -80.77 -51.96
C TYR C 270 -14.20 -80.63 -50.52
N ASN C 271 -15.10 -80.56 -49.57
CA ASN C 271 -14.71 -80.40 -48.17
C ASN C 271 -14.01 -81.67 -47.69
N PRO C 272 -12.80 -81.57 -47.14
CA PRO C 272 -12.10 -82.78 -46.68
C PRO C 272 -12.85 -83.51 -45.58
N ALA C 273 -13.69 -82.82 -44.80
CA ALA C 273 -14.49 -83.50 -43.79
C ALA C 273 -15.47 -84.48 -44.43
N ASN C 274 -15.78 -84.29 -45.71
CA ASN C 274 -16.66 -85.18 -46.45
C ASN C 274 -15.91 -86.10 -47.40
N GLY C 275 -14.58 -86.13 -47.31
CA GLY C 275 -13.80 -86.97 -48.19
C GLY C 275 -13.49 -86.38 -49.55
N GLY C 276 -13.56 -85.06 -49.70
CA GLY C 276 -13.22 -84.42 -50.94
C GLY C 276 -11.77 -83.98 -50.99
N ASP C 277 -11.39 -83.36 -52.10
CA ASP C 277 -10.03 -82.87 -52.30
C ASP C 277 -9.93 -81.48 -51.68
N GLY C 278 -9.31 -81.39 -50.52
CA GLY C 278 -9.16 -80.11 -49.85
C GLY C 278 -8.22 -79.13 -50.54
N ILE C 279 -7.34 -79.64 -51.41
CA ILE C 279 -6.38 -78.77 -52.07
C ILE C 279 -7.10 -77.77 -52.96
N GLN C 280 -8.18 -78.19 -53.59
CA GLN C 280 -8.99 -77.26 -54.37
C GLN C 280 -10.01 -76.54 -53.51
N TYR C 281 -10.41 -77.15 -52.40
CA TYR C 281 -11.32 -76.49 -51.45
C TYR C 281 -10.73 -75.19 -50.93
N ALA C 282 -9.43 -75.21 -50.63
CA ALA C 282 -8.75 -74.00 -50.18
C ALA C 282 -8.81 -72.91 -51.25
N LEU C 283 -8.61 -73.28 -52.51
CA LEU C 283 -8.71 -72.29 -53.58
C LEU C 283 -10.12 -71.74 -53.70
N ILE C 284 -11.13 -72.59 -53.52
CA ILE C 284 -12.51 -72.13 -53.58
C ILE C 284 -12.78 -71.13 -52.47
N GLU C 285 -12.32 -71.41 -51.26
CA GLU C 285 -12.49 -70.45 -50.16
C GLU C 285 -11.82 -69.13 -50.48
N SER C 286 -10.56 -69.18 -50.91
CA SER C 286 -9.80 -67.95 -51.14
C SER C 286 -10.36 -67.15 -52.30
N ALA C 287 -11.00 -67.82 -53.26
CA ALA C 287 -11.65 -67.12 -54.35
C ALA C 287 -12.94 -66.46 -53.90
N ILE C 288 -13.77 -67.17 -53.14
CA ILE C 288 -15.02 -66.58 -52.68
C ILE C 288 -14.73 -65.37 -51.80
N ASP C 289 -13.65 -65.42 -51.03
CA ASP C 289 -13.35 -64.33 -50.10
C ASP C 289 -13.14 -62.98 -50.79
N GLN C 290 -12.77 -62.97 -52.07
CA GLN C 290 -12.32 -61.76 -52.74
C GLN C 290 -13.41 -61.01 -53.50
N LEU C 291 -14.64 -61.49 -53.49
CA LEU C 291 -15.70 -60.84 -54.24
C LEU C 291 -16.14 -59.53 -53.58
N PRO C 292 -16.13 -58.40 -54.31
CA PRO C 292 -16.55 -57.14 -53.71
C PRO C 292 -18.05 -57.07 -53.45
N LEU C 293 -18.43 -56.19 -52.54
CA LEU C 293 -19.83 -55.99 -52.16
C LEU C 293 -20.33 -54.66 -52.70
N ILE C 294 -21.48 -54.67 -53.38
CA ILE C 294 -22.01 -53.46 -54.02
C ILE C 294 -23.06 -52.84 -53.11
N LEU C 295 -22.91 -51.56 -52.81
CA LEU C 295 -23.84 -50.82 -51.97
C LEU C 295 -24.18 -49.48 -52.60
N PRO C 296 -25.34 -48.92 -52.23
CA PRO C 296 -25.67 -47.56 -52.69
C PRO C 296 -24.93 -46.53 -51.87
N PRO C 297 -24.83 -45.28 -52.37
CA PRO C 297 -24.00 -44.27 -51.69
C PRO C 297 -24.54 -43.80 -50.35
N SER C 298 -25.85 -43.75 -50.17
CA SER C 298 -26.52 -43.08 -49.06
C SER C 298 -25.99 -43.45 -47.67
N PRO C 299 -25.86 -44.75 -47.33
CA PRO C 299 -25.27 -45.12 -46.03
C PRO C 299 -23.92 -44.46 -45.76
N LEU C 300 -23.05 -44.38 -46.77
CA LEU C 300 -21.75 -43.76 -46.57
C LEU C 300 -21.86 -42.24 -46.52
N VAL C 301 -22.75 -41.67 -47.32
CA VAL C 301 -22.90 -40.23 -47.36
C VAL C 301 -23.36 -39.70 -46.01
N VAL C 302 -24.32 -40.38 -45.37
CA VAL C 302 -24.82 -39.89 -44.09
C VAL C 302 -23.73 -39.96 -43.02
N GLY C 303 -22.92 -41.02 -43.06
CA GLY C 303 -21.80 -41.10 -42.13
C GLY C 303 -20.81 -39.98 -42.32
N GLN C 304 -20.54 -39.62 -43.59
CA GLN C 304 -19.64 -38.50 -43.82
C GLN C 304 -20.25 -37.18 -43.40
N TYR C 305 -21.58 -37.04 -43.48
CA TYR C 305 -22.22 -35.85 -42.90
C TYR C 305 -21.92 -35.77 -41.41
N ALA C 306 -22.13 -36.88 -40.70
CA ALA C 306 -21.89 -36.89 -39.27
C ALA C 306 -20.43 -36.60 -38.95
N ARG C 307 -19.52 -37.07 -39.79
CA ARG C 307 -18.11 -36.84 -39.54
C ARG C 307 -17.72 -35.38 -39.79
N THR C 308 -18.24 -34.76 -40.85
CA THR C 308 -17.78 -33.42 -41.18
C THR C 308 -18.45 -32.34 -40.36
N ASP C 309 -19.67 -32.57 -39.87
CA ASP C 309 -20.27 -31.54 -39.02
C ASP C 309 -19.59 -31.45 -37.66
N ASN C 310 -18.68 -32.36 -37.35
CA ASN C 310 -18.03 -32.39 -36.05
C ASN C 310 -16.66 -31.72 -36.04
N THR C 311 -16.08 -31.43 -37.19
CA THR C 311 -14.78 -30.79 -37.26
C THR C 311 -14.82 -29.40 -37.85
N ARG C 312 -15.77 -29.12 -38.73
CA ARG C 312 -15.89 -27.82 -39.37
C ARG C 312 -17.16 -27.07 -39.01
N GLY C 313 -18.28 -27.76 -38.84
CA GLY C 313 -19.53 -27.12 -38.53
C GLY C 313 -20.60 -27.42 -39.56
N VAL C 314 -21.87 -27.26 -39.19
CA VAL C 314 -22.95 -27.63 -40.09
C VAL C 314 -23.00 -26.75 -41.33
N TRP C 315 -22.43 -25.55 -41.27
CA TRP C 315 -22.46 -24.59 -42.37
C TRP C 315 -21.37 -24.82 -43.39
N LYS C 316 -20.49 -25.80 -43.18
CA LYS C 316 -19.44 -26.12 -44.13
C LYS C 316 -19.94 -27.19 -45.09
N ALA C 317 -19.57 -27.07 -46.37
CA ALA C 317 -20.07 -27.99 -47.37
C ALA C 317 -19.58 -29.42 -47.09
N PRO C 318 -20.48 -30.41 -47.05
CA PRO C 318 -20.05 -31.82 -46.90
C PRO C 318 -19.62 -32.44 -48.22
N ALA C 319 -18.51 -31.93 -48.75
CA ALA C 319 -17.99 -32.37 -50.03
C ALA C 319 -16.47 -32.25 -50.01
N ASN C 320 -15.82 -32.85 -51.01
CA ASN C 320 -14.36 -32.90 -51.09
C ASN C 320 -13.77 -33.68 -49.91
N VAL C 321 -14.42 -34.78 -49.56
CA VAL C 321 -13.98 -35.66 -48.48
C VAL C 321 -13.90 -37.08 -49.03
N ALA C 322 -13.01 -37.88 -48.45
CA ALA C 322 -12.72 -39.22 -48.94
C ALA C 322 -13.48 -40.29 -48.16
N LEU C 323 -13.78 -41.38 -48.84
CA LEU C 323 -14.55 -42.49 -48.27
C LEU C 323 -13.62 -43.62 -47.82
N SER C 324 -14.01 -44.30 -46.76
CA SER C 324 -13.24 -45.41 -46.21
C SER C 324 -13.88 -46.74 -46.52
N SER C 325 -13.06 -47.79 -46.44
CA SER C 325 -13.47 -49.17 -46.75
C SER C 325 -14.12 -49.28 -48.12
N VAL C 326 -13.54 -48.60 -49.11
CA VAL C 326 -14.05 -48.56 -50.48
C VAL C 326 -12.92 -48.96 -51.41
N ILE C 327 -13.24 -49.76 -52.42
CA ILE C 327 -12.27 -50.11 -53.45
C ILE C 327 -12.34 -49.14 -54.62
N LYS C 328 -13.50 -49.06 -55.28
CA LYS C 328 -13.66 -48.24 -56.47
C LYS C 328 -15.12 -48.06 -56.77
N PRO C 329 -15.51 -46.97 -57.43
CA PRO C 329 -16.90 -46.85 -57.90
C PRO C 329 -17.18 -47.76 -59.09
N VAL C 330 -18.46 -48.08 -59.27
CA VAL C 330 -18.82 -48.99 -60.34
C VAL C 330 -18.76 -48.33 -61.71
N LEU C 331 -18.89 -47.03 -61.80
CA LEU C 331 -18.83 -46.34 -63.07
C LEU C 331 -17.90 -45.16 -62.97
N LYS C 332 -17.36 -44.74 -64.11
CA LYS C 332 -16.47 -43.60 -64.24
C LYS C 332 -17.22 -42.43 -64.86
N ILE C 333 -17.21 -41.28 -64.21
CA ILE C 333 -17.87 -40.08 -64.69
C ILE C 333 -16.81 -39.11 -65.19
N THR C 334 -17.07 -38.49 -66.33
CA THR C 334 -16.18 -37.49 -66.92
C THR C 334 -16.68 -36.09 -66.63
N ASN C 335 -15.87 -35.09 -67.01
CA ASN C 335 -16.27 -33.70 -66.83
C ASN C 335 -17.46 -33.33 -67.72
N GLU C 336 -17.52 -33.86 -68.94
CA GLU C 336 -18.59 -33.48 -69.85
C GLU C 336 -19.94 -34.00 -69.36
N GLN C 337 -19.94 -35.18 -68.74
CA GLN C 337 -21.15 -35.69 -68.12
C GLN C 337 -21.47 -34.95 -66.84
N GLN C 338 -20.44 -34.58 -66.08
CA GLN C 338 -20.65 -33.79 -64.87
C GLN C 338 -21.31 -32.46 -65.18
N ASN C 339 -21.04 -31.89 -66.36
CA ASN C 339 -21.66 -30.62 -66.72
C ASN C 339 -23.18 -30.72 -66.75
N ASN C 340 -23.71 -31.84 -67.22
CA ASN C 340 -25.16 -32.05 -67.27
C ASN C 340 -25.71 -32.58 -65.97
N LEU C 341 -24.89 -33.29 -65.18
CA LEU C 341 -25.36 -33.73 -63.88
C LEU C 341 -25.49 -32.57 -62.90
N ASN C 342 -24.59 -31.59 -62.98
CA ASN C 342 -24.52 -30.56 -61.95
C ASN C 342 -25.48 -29.42 -62.22
N VAL C 343 -25.68 -29.04 -63.48
CA VAL C 343 -26.56 -27.94 -63.85
C VAL C 343 -27.55 -28.45 -64.89
N HIS C 344 -28.82 -28.10 -64.72
CA HIS C 344 -29.86 -28.52 -65.65
C HIS C 344 -31.00 -27.51 -65.59
N PRO C 345 -31.66 -27.25 -66.72
CA PRO C 345 -32.76 -26.27 -66.73
C PRO C 345 -33.91 -26.60 -65.80
N THR C 346 -34.06 -27.85 -65.38
CA THR C 346 -35.15 -28.22 -64.49
C THR C 346 -34.80 -28.04 -63.02
N GLY C 347 -33.55 -27.73 -62.70
CA GLY C 347 -33.12 -27.55 -61.34
C GLY C 347 -32.77 -28.81 -60.58
N LYS C 348 -33.13 -29.99 -61.09
CA LYS C 348 -32.80 -31.22 -60.39
C LYS C 348 -31.35 -31.58 -60.64
N SER C 349 -30.59 -31.77 -59.56
CA SER C 349 -29.15 -31.89 -59.67
C SER C 349 -28.70 -33.20 -59.06
N ILE C 350 -27.58 -33.71 -59.56
CA ILE C 350 -27.06 -35.00 -59.17
C ILE C 350 -25.62 -34.82 -58.74
N ASN C 351 -25.34 -35.11 -57.48
CA ASN C 351 -24.00 -34.99 -56.96
C ASN C 351 -23.22 -36.28 -57.21
N ALA C 352 -21.96 -36.14 -57.58
CA ALA C 352 -21.19 -37.28 -58.06
C ALA C 352 -20.21 -37.79 -57.00
N ILE C 353 -19.74 -39.01 -57.20
CA ILE C 353 -18.69 -39.61 -56.38
C ILE C 353 -17.62 -40.13 -57.33
N ARG C 354 -16.44 -39.52 -57.30
CA ARG C 354 -15.45 -39.73 -58.35
C ARG C 354 -14.10 -40.08 -57.74
N ALA C 355 -13.31 -40.85 -58.49
CA ALA C 355 -11.97 -41.21 -58.06
C ALA C 355 -10.94 -40.27 -58.70
N PHE C 356 -9.96 -39.85 -57.90
CA PHE C 356 -8.91 -38.95 -58.35
C PHE C 356 -7.58 -39.59 -58.03
N THR C 357 -6.67 -39.62 -59.00
CA THR C 357 -5.36 -40.31 -58.84
C THR C 357 -4.57 -39.93 -57.58
N GLY C 358 -4.37 -40.87 -56.65
CA GLY C 358 -3.59 -40.64 -55.43
C GLY C 358 -4.39 -40.14 -54.25
N LYS C 359 -5.68 -39.80 -54.44
CA LYS C 359 -6.46 -39.17 -53.35
C LYS C 359 -7.57 -40.09 -52.80
N GLY C 360 -7.78 -41.26 -53.42
CA GLY C 360 -8.95 -42.10 -53.09
C GLY C 360 -10.20 -41.74 -53.87
N THR C 361 -11.37 -42.12 -53.35
CA THR C 361 -12.66 -41.77 -53.99
C THR C 361 -13.31 -40.68 -53.16
N LEU C 362 -13.78 -39.60 -53.77
CA LEU C 362 -14.27 -38.45 -53.01
C LEU C 362 -15.64 -38.04 -53.49
N ILE C 363 -16.39 -37.42 -52.58
CA ILE C 363 -17.68 -36.81 -52.87
C ILE C 363 -17.44 -35.48 -53.59
N TRP C 364 -18.14 -35.27 -54.69
CA TRP C 364 -17.91 -34.14 -55.58
C TRP C 364 -19.28 -33.57 -55.94
N GLY C 365 -19.67 -32.50 -55.26
CA GLY C 365 -20.94 -31.82 -55.46
C GLY C 365 -21.72 -31.69 -54.17
N ALA C 366 -22.30 -30.50 -53.98
CA ALA C 366 -22.99 -30.17 -52.73
C ALA C 366 -24.25 -29.34 -52.98
N ARG C 367 -25.06 -29.72 -53.96
CA ARG C 367 -26.27 -28.99 -54.27
C ARG C 367 -27.53 -29.78 -53.91
N THR C 368 -28.63 -29.05 -53.75
CA THR C 368 -29.94 -29.65 -53.50
C THR C 368 -30.67 -29.94 -54.81
N LEU C 369 -31.87 -30.48 -54.69
CA LEU C 369 -32.72 -30.72 -55.85
C LEU C 369 -33.35 -29.45 -56.40
N ALA C 370 -32.99 -28.29 -55.87
CA ALA C 370 -33.52 -27.00 -56.28
C ALA C 370 -32.36 -26.09 -56.68
N GLY C 371 -31.46 -26.64 -57.51
CA GLY C 371 -30.19 -26.02 -57.77
C GLY C 371 -30.24 -24.68 -58.46
N ASN C 372 -31.38 -24.30 -59.04
CA ASN C 372 -31.54 -22.97 -59.61
C ASN C 372 -32.08 -21.95 -58.63
N ASP C 373 -32.32 -22.35 -57.39
CA ASP C 373 -32.86 -21.44 -56.38
C ASP C 373 -31.73 -20.63 -55.78
N ASN C 374 -31.85 -19.29 -55.83
CA ASN C 374 -30.79 -18.43 -55.32
C ASN C 374 -30.59 -18.56 -53.81
N GLU C 375 -31.61 -19.01 -53.09
CA GLU C 375 -31.53 -19.14 -51.63
C GLU C 375 -31.21 -20.55 -51.16
N TRP C 376 -31.80 -21.57 -51.79
CA TRP C 376 -31.69 -22.94 -51.32
C TRP C 376 -30.87 -23.81 -52.26
N ARG C 377 -29.87 -23.21 -52.90
CA ARG C 377 -29.04 -23.97 -53.83
C ARG C 377 -28.23 -25.05 -53.12
N TYR C 378 -27.70 -24.75 -51.94
CA TYR C 378 -26.71 -25.62 -51.32
C TYR C 378 -27.26 -26.35 -50.09
N VAL C 379 -26.68 -27.52 -49.82
CA VAL C 379 -27.13 -28.36 -48.72
C VAL C 379 -26.86 -27.68 -47.37
N SER C 380 -25.67 -27.13 -47.20
CA SER C 380 -25.25 -26.64 -45.89
C SER C 380 -26.10 -25.46 -45.44
N VAL C 381 -26.53 -24.61 -46.37
CA VAL C 381 -27.35 -23.47 -46.00
C VAL C 381 -28.69 -23.93 -45.46
N ARG C 382 -29.31 -24.89 -46.14
CA ARG C 382 -30.62 -25.38 -45.71
C ARG C 382 -30.52 -26.10 -44.37
N ARG C 383 -29.49 -26.92 -44.19
CA ARG C 383 -29.35 -27.63 -42.92
C ARG C 383 -29.11 -26.65 -41.78
N PHE C 384 -28.29 -25.63 -42.01
CA PHE C 384 -28.04 -24.63 -40.99
C PHE C 384 -29.31 -23.88 -40.61
N PHE C 385 -30.10 -23.48 -41.62
CA PHE C 385 -31.36 -22.81 -41.33
C PHE C 385 -32.29 -23.69 -40.51
N ASN C 386 -32.34 -24.99 -40.83
CA ASN C 386 -33.16 -25.90 -40.03
C ASN C 386 -32.72 -25.90 -38.58
N MET C 387 -31.41 -26.03 -38.35
CA MET C 387 -30.90 -26.04 -36.99
C MET C 387 -31.25 -24.76 -36.25
N ALA C 388 -31.04 -23.61 -36.90
CA ALA C 388 -31.24 -22.34 -36.22
C ALA C 388 -32.70 -22.14 -35.85
N GLU C 389 -33.62 -22.45 -36.76
CA GLU C 389 -35.03 -22.25 -36.44
C GLU C 389 -35.50 -23.23 -35.37
N GLU C 390 -34.97 -24.45 -35.36
CA GLU C 390 -35.33 -25.37 -34.29
C GLU C 390 -34.87 -24.85 -32.93
N SER C 391 -33.66 -24.31 -32.86
CA SER C 391 -33.19 -23.77 -31.58
C SER C 391 -34.01 -22.58 -31.15
N ILE C 392 -34.41 -21.73 -32.11
CA ILE C 392 -35.22 -20.56 -31.76
C ILE C 392 -36.59 -21.00 -31.24
N LYS C 393 -37.21 -21.98 -31.88
CA LYS C 393 -38.47 -22.53 -31.39
C LYS C 393 -38.34 -23.04 -29.96
N LYS C 394 -37.30 -23.84 -29.71
CA LYS C 394 -37.12 -24.38 -28.36
C LYS C 394 -36.89 -23.28 -27.34
N GLY C 395 -36.19 -22.22 -27.74
CA GLY C 395 -35.95 -21.12 -26.83
C GLY C 395 -37.20 -20.31 -26.53
N SER C 396 -38.07 -20.13 -27.52
CA SER C 396 -39.24 -19.27 -27.35
C SER C 396 -40.50 -20.07 -27.08
N GLU C 397 -40.35 -21.32 -26.69
CA GLU C 397 -41.53 -22.05 -26.22
C GLU C 397 -42.00 -21.67 -24.82
N PRO C 398 -41.10 -21.50 -23.84
CA PRO C 398 -41.58 -21.26 -22.47
C PRO C 398 -42.52 -20.07 -22.32
N PHE C 399 -42.49 -19.11 -23.22
CA PHE C 399 -43.40 -17.97 -23.05
C PHE C 399 -44.86 -18.27 -23.48
N VAL C 400 -45.30 -19.50 -23.68
CA VAL C 400 -46.69 -19.75 -24.01
C VAL C 400 -47.57 -19.40 -22.81
N PHE C 401 -48.72 -18.78 -23.09
CA PHE C 401 -49.67 -18.35 -22.06
C PHE C 401 -49.04 -17.38 -21.07
N GLU C 402 -48.28 -16.43 -21.59
CA GLU C 402 -47.73 -15.31 -20.87
C GLU C 402 -48.33 -14.01 -21.40
N PRO C 403 -48.27 -12.93 -20.63
CA PRO C 403 -48.87 -11.67 -21.10
C PRO C 403 -48.22 -11.19 -22.39
N ASN C 404 -49.07 -10.81 -23.35
CA ASN C 404 -48.63 -10.36 -24.67
C ASN C 404 -48.37 -8.87 -24.62
N ASP C 405 -47.22 -8.49 -24.04
CA ASP C 405 -46.88 -7.09 -23.86
C ASP C 405 -45.39 -6.89 -24.11
N ALA C 406 -44.92 -5.68 -23.84
CA ALA C 406 -43.57 -5.27 -24.24
C ALA C 406 -42.48 -6.02 -23.49
N ASN C 407 -42.75 -6.44 -22.26
CA ASN C 407 -41.70 -7.08 -21.47
C ASN C 407 -41.34 -8.44 -22.02
N THR C 408 -42.34 -9.24 -22.36
CA THR C 408 -42.09 -10.53 -22.99
C THR C 408 -41.36 -10.35 -24.32
N TRP C 409 -41.75 -9.34 -25.08
CA TRP C 409 -41.11 -9.09 -26.37
C TRP C 409 -39.63 -8.77 -26.18
N THR C 410 -39.31 -7.95 -25.18
CA THR C 410 -37.93 -7.65 -24.85
C THR C 410 -37.15 -8.93 -24.53
N LYS C 411 -37.72 -9.77 -23.68
CA LYS C 411 -37.01 -11.00 -23.29
C LYS C 411 -36.75 -11.91 -24.50
N VAL C 412 -37.77 -12.08 -25.33
CA VAL C 412 -37.65 -12.95 -26.50
C VAL C 412 -36.58 -12.42 -27.44
N LYS C 413 -36.60 -11.12 -27.72
CA LYS C 413 -35.60 -10.54 -28.60
C LYS C 413 -34.19 -10.74 -28.04
N ALA C 414 -34.04 -10.59 -26.73
CA ALA C 414 -32.73 -10.80 -26.12
C ALA C 414 -32.23 -12.21 -26.35
N MET C 415 -33.10 -13.20 -26.13
CA MET C 415 -32.69 -14.59 -26.34
C MET C 415 -32.24 -14.83 -27.78
N ILE C 416 -33.04 -14.37 -28.73
CA ILE C 416 -32.72 -14.62 -30.14
C ILE C 416 -31.40 -13.95 -30.52
N GLU C 417 -31.19 -12.72 -30.06
CA GLU C 417 -29.98 -12.01 -30.44
C GLU C 417 -28.74 -12.65 -29.82
N ASN C 418 -28.85 -13.16 -28.59
CA ASN C 418 -27.69 -13.83 -28.01
C ASN C 418 -27.33 -15.09 -28.78
N PHE C 419 -28.34 -15.86 -29.20
CA PHE C 419 -28.05 -17.05 -30.00
C PHE C 419 -27.39 -16.68 -31.33
N LEU C 420 -27.92 -15.66 -32.00
CA LEU C 420 -27.33 -15.27 -33.28
C LEU C 420 -25.93 -14.71 -33.12
N THR C 421 -25.64 -14.01 -32.02
CA THR C 421 -24.28 -13.54 -31.77
C THR C 421 -23.31 -14.70 -31.60
N LEU C 422 -23.71 -15.71 -30.83
CA LEU C 422 -22.86 -16.89 -30.70
C LEU C 422 -22.63 -17.56 -32.05
N GLN C 423 -23.64 -17.56 -32.92
CA GLN C 423 -23.43 -18.16 -34.23
C GLN C 423 -22.50 -17.33 -35.10
N TRP C 424 -22.61 -16.00 -35.01
CA TRP C 424 -21.76 -15.13 -35.80
C TRP C 424 -20.29 -15.30 -35.43
N ARG C 425 -19.99 -15.33 -34.13
CA ARG C 425 -18.57 -15.27 -33.76
C ARG C 425 -17.81 -16.55 -34.10
N ALA C 426 -18.49 -17.63 -34.47
CA ALA C 426 -17.82 -18.86 -34.83
C ALA C 426 -17.53 -18.97 -36.33
N GLY C 427 -17.94 -17.98 -37.12
CA GLY C 427 -17.68 -17.97 -38.54
C GLY C 427 -18.79 -18.49 -39.42
N ALA C 428 -20.01 -18.61 -38.91
CA ALA C 428 -21.11 -19.08 -39.74
C ALA C 428 -21.73 -17.96 -40.56
N LEU C 429 -21.77 -16.75 -40.02
CA LEU C 429 -22.43 -15.63 -40.66
C LEU C 429 -21.42 -14.59 -41.12
N ALA C 430 -21.77 -13.88 -42.17
CA ALA C 430 -20.92 -12.83 -42.70
C ALA C 430 -21.22 -11.50 -42.02
N GLY C 431 -20.25 -10.60 -42.06
CA GLY C 431 -20.40 -9.27 -41.49
C GLY C 431 -19.26 -8.88 -40.57
N ALA C 432 -19.00 -7.58 -40.48
CA ALA C 432 -17.91 -7.09 -39.65
C ALA C 432 -18.31 -6.95 -38.19
N LYS C 433 -19.59 -6.74 -37.92
CA LYS C 433 -20.09 -6.70 -36.55
C LYS C 433 -21.40 -7.48 -36.49
N PRO C 434 -21.97 -7.72 -35.31
CA PRO C 434 -23.30 -8.34 -35.26
C PRO C 434 -24.40 -7.46 -35.82
N GLU C 435 -24.13 -6.19 -36.10
CA GLU C 435 -25.13 -5.31 -36.70
C GLU C 435 -25.30 -5.55 -38.18
N GLN C 436 -24.29 -6.09 -38.84
CA GLN C 436 -24.34 -6.35 -40.27
C GLN C 436 -24.65 -7.79 -40.60
N ALA C 437 -24.75 -8.65 -39.59
CA ALA C 437 -24.92 -10.09 -39.81
C ALA C 437 -26.36 -10.54 -39.68
N PHE C 438 -27.17 -9.89 -38.84
CA PHE C 438 -28.52 -10.34 -38.60
C PHE C 438 -29.35 -9.20 -38.02
N TYR C 439 -30.66 -9.36 -38.09
CA TYR C 439 -31.58 -8.43 -37.44
C TYR C 439 -32.84 -9.16 -36.99
N VAL C 440 -33.48 -8.60 -35.95
CA VAL C 440 -34.65 -9.17 -35.30
C VAL C 440 -35.71 -8.07 -35.14
N LYS C 441 -36.94 -8.34 -35.57
CA LYS C 441 -38.04 -7.38 -35.49
C LYS C 441 -39.25 -8.02 -34.81
N ILE C 442 -39.63 -7.48 -33.67
CA ILE C 442 -40.83 -7.90 -32.93
C ILE C 442 -41.48 -6.72 -32.19
N GLY C 443 -42.69 -6.36 -32.57
CA GLY C 443 -43.37 -5.31 -31.82
C GLY C 443 -44.57 -4.74 -32.55
N LEU C 444 -45.17 -3.76 -31.92
CA LEU C 444 -46.36 -3.11 -32.47
C LEU C 444 -46.04 -2.33 -33.75
N ASN C 445 -44.92 -1.63 -33.76
CA ASN C 445 -44.55 -0.86 -34.93
C ASN C 445 -43.64 -1.64 -35.86
N GLU C 446 -43.47 -2.94 -35.61
CA GLU C 446 -42.57 -3.75 -36.41
C GLU C 446 -43.32 -4.82 -37.19
N THR C 447 -44.10 -5.67 -36.52
CA THR C 447 -44.74 -6.79 -37.20
C THR C 447 -46.14 -7.10 -36.69
N MET C 448 -46.70 -6.28 -35.80
CA MET C 448 -47.90 -6.66 -35.06
C MET C 448 -48.88 -5.50 -35.03
N THR C 449 -50.14 -5.81 -34.75
CA THR C 449 -51.17 -4.79 -34.64
C THR C 449 -52.05 -5.10 -33.44
N ALA C 450 -53.01 -4.22 -33.19
CA ALA C 450 -53.94 -4.39 -32.08
C ALA C 450 -54.75 -5.68 -32.25
N LEU C 451 -55.22 -5.94 -33.46
CA LEU C 451 -55.92 -7.19 -33.75
C LEU C 451 -55.10 -8.39 -33.34
N ASP C 452 -53.79 -8.35 -33.56
CA ASP C 452 -52.92 -9.47 -33.17
C ASP C 452 -52.77 -9.56 -31.67
N ILE C 453 -52.84 -8.43 -30.95
CA ILE C 453 -52.79 -8.48 -29.50
C ILE C 453 -54.07 -9.13 -28.97
N LEU C 454 -55.21 -8.79 -29.55
CA LEU C 454 -56.47 -9.38 -29.10
C LEU C 454 -56.53 -10.87 -29.44
N GLU C 455 -55.98 -11.27 -30.59
CA GLU C 455 -56.03 -12.67 -30.96
C GLU C 455 -55.12 -13.52 -30.07
N GLY C 456 -54.01 -12.97 -29.60
CA GLY C 456 -53.01 -13.73 -28.88
C GLY C 456 -51.85 -14.20 -29.70
N ARG C 457 -51.54 -13.54 -30.82
CA ARG C 457 -50.48 -13.94 -31.73
C ARG C 457 -49.25 -13.07 -31.55
N MET C 458 -48.08 -13.69 -31.64
CA MET C 458 -46.80 -13.00 -31.62
C MET C 458 -46.07 -13.29 -32.92
N ILE C 459 -45.62 -12.24 -33.59
CA ILE C 459 -44.92 -12.37 -34.86
C ILE C 459 -43.51 -11.80 -34.75
N VAL C 460 -42.53 -12.61 -35.13
CA VAL C 460 -41.13 -12.21 -35.09
C VAL C 460 -40.51 -12.41 -36.47
N GLU C 461 -39.72 -11.44 -36.92
CA GLU C 461 -39.03 -11.51 -38.21
C GLU C 461 -37.52 -11.51 -37.99
N ILE C 462 -36.83 -12.48 -38.58
CA ILE C 462 -35.39 -12.66 -38.36
C ILE C 462 -34.68 -12.75 -39.70
N GLY C 463 -33.72 -11.85 -39.92
CA GLY C 463 -32.88 -11.86 -41.12
C GLY C 463 -31.44 -12.20 -40.81
N MET C 464 -30.81 -12.98 -41.70
CA MET C 464 -29.49 -13.56 -41.51
C MET C 464 -28.74 -13.62 -42.83
N ALA C 465 -27.43 -13.34 -42.79
CA ALA C 465 -26.55 -13.43 -43.95
C ALA C 465 -25.57 -14.59 -43.75
N VAL C 466 -25.63 -15.59 -44.62
CA VAL C 466 -24.81 -16.78 -44.51
C VAL C 466 -23.72 -16.73 -45.58
N VAL C 467 -22.67 -17.52 -45.36
CA VAL C 467 -21.49 -17.55 -46.24
C VAL C 467 -21.64 -18.68 -47.24
N ARG C 468 -21.25 -18.45 -48.48
CA ARG C 468 -21.46 -19.38 -49.58
C ARG C 468 -20.15 -19.78 -50.24
N PRO C 469 -20.06 -21.00 -50.76
CA PRO C 469 -18.76 -21.54 -51.18
C PRO C 469 -18.35 -21.11 -52.58
N ALA C 470 -17.09 -21.42 -52.89
CA ALA C 470 -16.51 -21.20 -54.21
C ALA C 470 -16.36 -22.53 -54.93
N GLU C 471 -16.98 -22.65 -56.11
CA GLU C 471 -16.99 -23.90 -56.84
C GLU C 471 -16.01 -23.97 -58.00
N PHE C 472 -15.62 -22.85 -58.59
CA PHE C 472 -14.85 -22.88 -59.84
C PHE C 472 -13.58 -22.06 -59.70
N ILE C 473 -12.47 -22.65 -60.11
CA ILE C 473 -11.15 -22.01 -60.04
C ILE C 473 -10.57 -22.00 -61.45
N ILE C 474 -10.16 -20.82 -61.90
CA ILE C 474 -9.73 -20.61 -63.28
C ILE C 474 -8.29 -20.14 -63.27
N LEU C 475 -7.41 -20.87 -63.94
CA LEU C 475 -6.00 -20.52 -64.04
C LEU C 475 -5.66 -20.08 -65.45
N LYS C 476 -4.84 -19.03 -65.55
CA LYS C 476 -4.44 -18.49 -66.84
C LYS C 476 -2.93 -18.40 -66.90
N PHE C 477 -2.35 -18.86 -68.00
CA PHE C 477 -0.90 -18.98 -68.12
C PHE C 477 -0.41 -18.11 -69.26
N SER C 478 0.86 -17.73 -69.19
CA SER C 478 1.44 -16.85 -70.18
C SER C 478 2.94 -17.09 -70.23
N HIS C 479 3.55 -16.62 -71.30
CA HIS C 479 5.00 -16.57 -71.44
C HIS C 479 5.49 -15.21 -70.97
N LYS C 480 6.43 -15.20 -70.04
CA LYS C 480 6.88 -13.94 -69.48
C LYS C 480 7.74 -13.18 -70.49
N MET C 481 7.51 -11.86 -70.58
CA MET C 481 8.26 -10.99 -71.45
C MET C 481 9.73 -10.96 -71.06
N GLN C 482 10.60 -11.11 -72.04
CA GLN C 482 12.03 -11.17 -71.78
C GLN C 482 12.84 -10.94 -73.05
N ALA D 2 -40.35 11.78 -20.61
CA ALA D 2 -39.68 12.15 -21.84
C ALA D 2 -38.94 13.48 -21.70
N GLU D 3 -39.41 14.31 -20.78
CA GLU D 3 -38.79 15.61 -20.55
C GLU D 3 -38.16 15.68 -19.16
N TYR D 4 -38.63 14.82 -18.26
CA TYR D 4 -38.11 14.78 -16.90
C TYR D 4 -36.95 13.80 -16.82
N PRO D 5 -36.00 14.02 -15.93
CA PRO D 5 -35.00 12.98 -15.67
C PRO D 5 -35.60 11.84 -14.87
N LEU D 6 -35.03 10.66 -15.01
CA LEU D 6 -35.59 9.47 -14.42
C LEU D 6 -35.04 9.21 -13.02
N PRO D 7 -35.82 8.58 -12.14
CA PRO D 7 -35.29 8.14 -10.84
C PRO D 7 -34.64 6.78 -10.90
N LYS D 8 -34.08 6.32 -9.79
CA LYS D 8 -33.39 5.04 -9.83
C LYS D 8 -33.87 4.05 -8.78
N PHE D 9 -35.18 3.94 -8.62
CA PHE D 9 -35.67 2.97 -7.63
C PHE D 9 -36.80 2.06 -8.12
N HIS D 10 -37.03 1.94 -9.42
CA HIS D 10 -38.12 1.10 -9.94
C HIS D 10 -37.58 0.31 -11.13
N PHE D 11 -37.25 -0.96 -10.91
CA PHE D 11 -36.54 -1.77 -11.90
C PHE D 11 -36.93 -3.23 -11.73
N GLN D 12 -36.48 -4.06 -12.68
CA GLN D 12 -36.68 -5.50 -12.56
C GLN D 12 -35.59 -6.27 -13.30
N VAL D 13 -35.41 -7.53 -12.92
CA VAL D 13 -34.31 -8.37 -13.36
C VAL D 13 -34.88 -9.72 -13.78
N ASP D 14 -34.61 -10.14 -15.02
CA ASP D 14 -34.87 -11.51 -15.46
C ASP D 14 -33.55 -12.29 -15.42
N TRP D 15 -33.52 -13.32 -14.58
CA TRP D 15 -32.32 -14.11 -14.33
C TRP D 15 -32.61 -15.60 -14.26
N GLY D 16 -33.74 -16.04 -14.81
CA GLY D 16 -34.08 -17.44 -14.84
C GLY D 16 -34.32 -18.04 -13.50
N GLY D 17 -34.57 -17.17 -12.52
CA GLY D 17 -34.84 -17.57 -11.16
C GLY D 17 -36.33 -17.56 -10.85
N SER D 18 -36.72 -18.28 -9.81
CA SER D 18 -38.13 -18.37 -9.40
C SER D 18 -38.74 -17.04 -8.96
N ARG D 19 -38.14 -16.40 -7.95
CA ARG D 19 -38.67 -15.14 -7.41
C ARG D 19 -38.02 -13.88 -7.98
N LEU D 20 -38.57 -12.73 -7.59
CA LEU D 20 -38.08 -11.44 -8.01
C LEU D 20 -38.06 -10.52 -6.79
N GLY D 21 -37.72 -9.25 -7.01
CA GLY D 21 -37.66 -8.28 -5.94
C GLY D 21 -36.27 -8.12 -5.37
N PHE D 22 -35.37 -7.55 -6.17
CA PHE D 22 -33.99 -7.33 -5.74
C PHE D 22 -33.81 -5.95 -5.13
N THR D 23 -32.88 -5.84 -4.19
CA THR D 23 -32.59 -4.57 -3.53
C THR D 23 -31.55 -3.73 -4.26
N GLU D 24 -30.39 -4.31 -4.54
CA GLU D 24 -29.33 -3.58 -5.21
C GLU D 24 -28.72 -4.30 -6.40
N VAL D 25 -28.45 -3.53 -7.46
CA VAL D 25 -27.83 -4.02 -8.68
C VAL D 25 -26.74 -3.05 -9.10
N SER D 26 -25.48 -3.49 -9.05
CA SER D 26 -24.40 -2.60 -9.46
C SER D 26 -23.35 -3.33 -10.30
N GLY D 27 -22.63 -2.57 -11.11
CA GLY D 27 -21.51 -3.10 -11.86
C GLY D 27 -21.58 -2.98 -13.38
N LEU D 28 -22.35 -2.04 -13.91
CA LEU D 28 -22.66 -1.99 -15.34
C LEU D 28 -21.74 -1.00 -16.04
N ASP D 29 -20.64 -1.51 -16.62
CA ASP D 29 -19.57 -0.70 -17.17
C ASP D 29 -19.03 -1.34 -18.44
N VAL D 30 -18.34 -0.53 -19.26
CA VAL D 30 -17.62 -0.99 -20.45
C VAL D 30 -16.32 -0.18 -20.55
N GLU D 31 -15.26 -0.80 -21.08
CA GLU D 31 -14.02 -0.04 -21.24
C GLU D 31 -13.16 -0.58 -22.38
N THR D 32 -12.27 0.28 -22.87
CA THR D 32 -11.28 -0.01 -23.90
C THR D 32 -9.92 0.50 -23.43
N GLU D 33 -8.88 -0.28 -23.73
CA GLU D 33 -7.51 0.11 -23.32
C GLU D 33 -6.89 1.09 -24.32
N VAL D 34 -5.99 1.96 -23.84
CA VAL D 34 -5.29 2.93 -24.67
C VAL D 34 -3.91 2.36 -25.01
N ILE D 35 -3.49 2.53 -26.26
CA ILE D 35 -2.13 2.24 -26.69
C ILE D 35 -1.47 3.54 -27.10
N GLU D 36 -0.21 3.72 -26.71
CA GLU D 36 0.52 4.96 -26.90
C GLU D 36 1.72 4.76 -27.81
N TYR D 37 2.09 5.82 -28.53
CA TYR D 37 3.15 5.71 -29.51
C TYR D 37 3.77 7.08 -29.77
N ARG D 38 5.09 7.11 -29.92
CA ARG D 38 5.79 8.31 -30.36
C ARG D 38 7.11 7.95 -31.02
N GLU D 39 7.42 8.62 -32.13
CA GLU D 39 8.70 8.49 -32.81
C GLU D 39 9.57 9.70 -32.54
N GLY D 40 10.87 9.55 -32.80
CA GLY D 40 11.84 10.50 -32.29
C GLY D 40 11.75 11.89 -32.87
N ASN D 41 11.29 12.03 -34.11
CA ASN D 41 11.34 13.31 -34.81
C ASN D 41 10.02 14.05 -34.79
N LEU D 42 9.09 13.68 -33.93
CA LEU D 42 7.81 14.36 -33.89
C LEU D 42 7.96 15.70 -33.16
N PRO D 43 7.45 16.80 -33.72
CA PRO D 43 7.63 18.12 -33.08
C PRO D 43 6.95 18.28 -31.74
N GLN D 44 5.92 17.49 -31.43
CA GLN D 44 5.35 17.52 -30.10
C GLN D 44 6.06 16.51 -29.21
N TYR D 45 6.16 16.84 -27.93
CA TYR D 45 6.87 16.00 -26.97
C TYR D 45 5.91 15.26 -26.05
N HIS D 46 4.77 14.85 -26.57
CA HIS D 46 3.87 13.93 -25.89
C HIS D 46 3.31 12.95 -26.92
N LYS D 47 2.69 11.89 -26.43
CA LYS D 47 2.42 10.70 -27.23
C LYS D 47 1.07 10.73 -27.93
N LEU D 48 0.94 9.86 -28.93
CA LEU D 48 -0.30 9.61 -29.64
C LEU D 48 -0.99 8.38 -29.05
N LYS D 49 -2.32 8.37 -29.15
CA LYS D 49 -3.16 7.39 -28.48
C LYS D 49 -4.14 6.75 -29.44
N MET D 50 -4.36 5.45 -29.29
CA MET D 50 -5.28 4.72 -30.16
C MET D 50 -5.94 3.59 -29.38
N PRO D 51 -7.10 3.12 -29.83
CA PRO D 51 -7.84 2.10 -29.08
C PRO D 51 -7.19 0.72 -29.11
N GLY D 52 -7.52 -0.08 -28.08
CA GLY D 52 -7.00 -1.41 -27.90
C GLY D 52 -8.10 -2.44 -27.67
N MET D 53 -7.94 -3.24 -26.63
CA MET D 53 -8.87 -4.32 -26.30
C MET D 53 -9.95 -3.83 -25.33
N GLN D 54 -11.04 -4.60 -25.24
CA GLN D 54 -12.18 -4.28 -24.39
C GLN D 54 -12.11 -5.00 -23.06
N LYS D 55 -12.86 -4.47 -22.10
CA LYS D 55 -12.93 -5.04 -20.76
C LYS D 55 -14.33 -4.80 -20.18
N PHE D 56 -14.82 -5.81 -19.46
CA PHE D 56 -16.14 -5.86 -18.86
C PHE D 56 -16.00 -6.23 -17.39
N SER D 57 -16.95 -5.78 -16.57
CA SER D 57 -16.89 -5.98 -15.14
C SER D 57 -17.87 -7.04 -14.68
N ASN D 58 -17.65 -7.54 -13.47
CA ASN D 58 -18.60 -8.44 -12.83
C ASN D 58 -19.77 -7.65 -12.28
N ILE D 59 -20.91 -8.32 -12.11
CA ILE D 59 -22.15 -7.69 -11.68
C ILE D 59 -22.55 -8.25 -10.33
N THR D 60 -22.98 -7.37 -9.43
CA THR D 60 -23.35 -7.74 -8.08
C THR D 60 -24.83 -7.46 -7.85
N MET D 61 -25.51 -8.39 -7.19
CA MET D 61 -26.93 -8.23 -6.88
C MET D 61 -27.20 -8.64 -5.44
N LYS D 62 -28.05 -7.87 -4.77
CA LYS D 62 -28.39 -8.10 -3.37
C LYS D 62 -29.89 -8.18 -3.19
N ARG D 63 -30.32 -9.12 -2.35
CA ARG D 63 -31.75 -9.31 -2.09
C ARG D 63 -31.97 -9.84 -0.68
N GLY D 64 -33.19 -9.74 -0.20
CA GLY D 64 -33.54 -10.21 1.12
C GLY D 64 -33.92 -11.69 1.17
N THR D 65 -33.80 -12.27 2.36
CA THR D 65 -33.94 -13.71 2.54
C THR D 65 -35.35 -14.10 2.97
N PHE D 66 -35.90 -15.13 2.32
CA PHE D 66 -37.24 -15.61 2.58
C PHE D 66 -37.20 -17.10 2.85
N GLN D 67 -38.17 -17.58 3.63
CA GLN D 67 -38.29 -19.00 3.91
C GLN D 67 -38.70 -19.77 2.65
N GLY D 68 -37.96 -20.82 2.34
CA GLY D 68 -38.26 -21.69 1.21
C GLY D 68 -37.53 -21.35 -0.07
N ASP D 69 -36.78 -20.25 -0.12
CA ASP D 69 -36.14 -19.80 -1.34
C ASP D 69 -34.64 -20.04 -1.23
N ASN D 70 -34.12 -20.94 -2.06
CA ASN D 70 -32.70 -21.29 -2.03
C ASN D 70 -32.12 -21.26 -3.44
N ASP D 71 -32.41 -20.18 -4.18
CA ASP D 71 -32.13 -20.13 -5.61
C ASP D 71 -30.69 -19.74 -5.93
N PHE D 72 -30.08 -18.83 -5.16
CA PHE D 72 -28.70 -18.45 -5.45
C PHE D 72 -27.78 -19.66 -5.36
N TYR D 73 -27.96 -20.42 -4.29
CA TYR D 73 -27.19 -21.63 -4.05
C TYR D 73 -27.50 -22.65 -5.14
N LYS D 74 -28.77 -22.78 -5.51
CA LYS D 74 -29.14 -23.71 -6.57
C LYS D 74 -28.36 -23.44 -7.84
N TRP D 75 -28.29 -22.17 -8.27
CA TRP D 75 -27.58 -21.86 -9.50
C TRP D 75 -26.08 -22.08 -9.34
N TRP D 76 -25.51 -21.62 -8.23
CA TRP D 76 -24.07 -21.79 -8.00
C TRP D 76 -23.67 -23.25 -8.00
N ASN D 77 -24.51 -24.12 -7.45
CA ASN D 77 -24.17 -25.52 -7.23
C ASN D 77 -24.29 -26.38 -8.48
N THR D 78 -24.55 -25.81 -9.65
CA THR D 78 -24.63 -26.62 -10.86
C THR D 78 -23.30 -26.74 -11.56
N VAL D 79 -22.20 -26.63 -10.82
CA VAL D 79 -20.88 -26.51 -11.41
C VAL D 79 -20.18 -27.88 -11.37
N ALA D 80 -19.79 -28.37 -12.53
CA ALA D 80 -18.91 -29.52 -12.66
C ALA D 80 -17.49 -28.98 -12.87
N LEU D 81 -16.55 -29.84 -13.26
CA LEU D 81 -15.14 -29.46 -13.36
C LEU D 81 -14.98 -28.11 -14.05
N ASN D 82 -15.28 -27.99 -15.34
CA ASN D 82 -15.23 -26.72 -16.04
C ASN D 82 -16.52 -26.42 -16.78
N THR D 83 -17.60 -27.10 -16.44
CA THR D 83 -18.89 -26.87 -17.06
C THR D 83 -19.86 -26.32 -16.01
N ILE D 84 -20.80 -25.52 -16.48
CA ILE D 84 -21.78 -24.86 -15.63
C ILE D 84 -22.96 -24.45 -16.49
N GLU D 85 -24.09 -24.14 -15.86
CA GLU D 85 -25.27 -23.68 -16.58
C GLU D 85 -25.23 -22.17 -16.76
N ARG D 86 -25.16 -21.72 -18.00
CA ARG D 86 -25.10 -20.31 -18.34
C ARG D 86 -26.48 -19.81 -18.74
N ARG D 87 -26.77 -18.55 -18.42
CA ARG D 87 -28.07 -17.97 -18.66
C ARG D 87 -27.95 -16.60 -19.31
N ASP D 88 -29.01 -16.17 -19.98
CA ASP D 88 -29.10 -14.83 -20.52
C ASP D 88 -29.74 -13.92 -19.48
N LEU D 89 -29.11 -12.78 -19.19
CA LEU D 89 -29.63 -11.88 -18.18
C LEU D 89 -30.20 -10.59 -18.76
N THR D 90 -31.35 -10.18 -18.25
CA THR D 90 -31.98 -8.94 -18.71
C THR D 90 -32.30 -8.06 -17.52
N ILE D 91 -31.91 -6.79 -17.60
CA ILE D 91 -32.20 -5.83 -16.55
C ILE D 91 -32.94 -4.67 -17.19
N SER D 92 -34.04 -4.22 -16.57
CA SER D 92 -34.82 -3.15 -17.16
C SER D 92 -35.21 -2.14 -16.11
N LEU D 93 -35.20 -0.86 -16.50
CA LEU D 93 -35.61 0.24 -15.64
C LEU D 93 -37.02 0.66 -16.03
N LEU D 94 -37.93 0.74 -15.09
CA LEU D 94 -39.29 1.13 -15.43
C LEU D 94 -39.67 2.51 -14.99
N ASN D 95 -40.59 3.13 -15.69
CA ASN D 95 -41.06 4.43 -15.27
C ASN D 95 -42.42 4.31 -14.58
N GLU D 96 -42.99 5.45 -14.18
CA GLU D 96 -44.27 5.50 -13.49
C GLU D 96 -45.40 4.58 -14.01
N LYS D 97 -45.46 4.38 -15.33
CA LYS D 97 -46.49 3.54 -15.95
C LYS D 97 -45.95 2.14 -16.27
N HIS D 98 -44.87 1.78 -15.59
CA HIS D 98 -44.22 0.49 -15.71
C HIS D 98 -43.81 0.05 -17.12
N GLU D 99 -43.30 0.98 -17.92
CA GLU D 99 -42.88 0.65 -19.27
C GLU D 99 -41.36 0.61 -19.31
N PRO D 100 -40.79 -0.48 -19.84
CA PRO D 100 -39.33 -0.64 -19.91
C PRO D 100 -38.74 0.54 -20.69
N VAL D 101 -37.80 1.25 -20.10
CA VAL D 101 -37.23 2.40 -20.79
C VAL D 101 -35.78 2.15 -21.16
N VAL D 102 -34.97 1.69 -20.21
CA VAL D 102 -33.58 1.38 -20.45
C VAL D 102 -33.37 -0.10 -20.16
N VAL D 103 -32.73 -0.80 -21.09
CA VAL D 103 -32.54 -2.24 -20.99
C VAL D 103 -31.06 -2.56 -21.11
N TRP D 104 -30.57 -3.39 -20.20
CA TRP D 104 -29.22 -3.93 -20.24
C TRP D 104 -29.32 -5.42 -20.52
N LYS D 105 -28.65 -5.88 -21.58
CA LYS D 105 -28.63 -7.28 -21.97
C LYS D 105 -27.25 -7.84 -21.70
N VAL D 106 -27.21 -8.89 -20.88
CA VAL D 106 -25.95 -9.54 -20.53
C VAL D 106 -25.86 -10.87 -21.28
N ASN D 107 -24.65 -11.24 -21.67
CA ASN D 107 -24.45 -12.49 -22.41
C ASN D 107 -23.61 -13.51 -21.66
N ARG D 108 -24.10 -14.75 -21.61
CA ARG D 108 -23.42 -15.86 -20.95
C ARG D 108 -22.99 -15.56 -19.51
N ALA D 109 -23.94 -15.49 -18.59
CA ALA D 109 -23.60 -15.19 -17.20
C ALA D 109 -23.76 -16.38 -16.24
N TRP D 110 -22.70 -16.66 -15.48
CA TRP D 110 -22.72 -17.73 -14.49
C TRP D 110 -22.21 -17.19 -13.16
N PRO D 111 -22.77 -17.67 -12.05
CA PRO D 111 -22.45 -17.10 -10.73
C PRO D 111 -21.07 -17.50 -10.22
N THR D 112 -20.24 -16.50 -9.92
CA THR D 112 -18.92 -16.79 -9.38
C THR D 112 -18.85 -16.73 -7.87
N LYS D 113 -19.79 -16.05 -7.20
CA LYS D 113 -19.69 -15.95 -5.75
C LYS D 113 -21.06 -15.76 -5.12
N VAL D 114 -21.24 -16.35 -3.94
CA VAL D 114 -22.48 -16.23 -3.17
C VAL D 114 -22.11 -15.95 -1.72
N GLN D 115 -22.67 -14.89 -1.15
CA GLN D 115 -22.41 -14.54 0.24
C GLN D 115 -23.71 -14.44 1.02
N SER D 116 -23.76 -15.12 2.16
CA SER D 116 -24.91 -15.11 3.03
C SER D 116 -24.77 -14.03 4.09
N THR D 117 -25.82 -13.88 4.90
CA THR D 117 -25.85 -12.82 5.88
C THR D 117 -24.96 -13.17 7.08
N ASP D 118 -24.72 -12.16 7.91
CA ASP D 118 -24.03 -12.33 9.18
C ASP D 118 -25.05 -12.22 10.30
N LEU D 119 -24.75 -12.84 11.43
CA LEU D 119 -25.69 -12.97 12.53
C LEU D 119 -25.22 -12.14 13.70
N LYS D 120 -26.07 -11.23 14.18
CA LYS D 120 -25.75 -10.38 15.32
C LYS D 120 -26.85 -10.46 16.35
N GLY D 121 -26.48 -10.75 17.59
CA GLY D 121 -27.45 -10.78 18.66
C GLY D 121 -28.11 -9.46 18.95
N ASP D 122 -27.54 -8.36 18.47
CA ASP D 122 -28.07 -7.02 18.68
C ASP D 122 -28.45 -6.32 17.39
N GLY D 123 -28.63 -7.06 16.30
CA GLY D 123 -28.90 -6.45 15.01
C GLY D 123 -30.37 -6.36 14.70
N ASN D 124 -30.87 -5.13 14.59
CA ASN D 124 -32.26 -4.86 14.26
C ASN D 124 -32.47 -4.70 12.76
N GLU D 125 -31.86 -5.56 11.96
CA GLU D 125 -32.04 -5.42 10.53
C GLU D 125 -32.42 -6.72 9.87
N VAL D 126 -32.90 -6.60 8.64
CA VAL D 126 -33.26 -7.77 7.85
C VAL D 126 -32.00 -8.47 7.38
N ALA D 127 -32.11 -9.77 7.10
CA ALA D 127 -31.00 -10.54 6.58
C ALA D 127 -30.96 -10.39 5.06
N ILE D 128 -29.77 -10.08 4.54
CA ILE D 128 -29.57 -9.89 3.11
C ILE D 128 -28.46 -10.77 2.56
N GLU D 129 -28.66 -11.26 1.34
CA GLU D 129 -27.69 -12.12 0.67
C GLU D 129 -27.29 -11.50 -0.66
N SER D 130 -26.12 -11.91 -1.16
CA SER D 130 -25.53 -11.30 -2.34
C SER D 130 -25.01 -12.36 -3.29
N ILE D 131 -25.03 -12.03 -4.58
CA ILE D 131 -24.45 -12.86 -5.62
C ILE D 131 -23.61 -12.01 -6.55
N GLU D 132 -22.52 -12.60 -7.04
CA GLU D 132 -21.60 -11.96 -7.97
C GLU D 132 -21.46 -12.83 -9.21
N VAL D 133 -21.61 -12.20 -10.38
CA VAL D 133 -21.79 -12.91 -11.65
C VAL D 133 -20.77 -12.41 -12.67
N ALA D 134 -20.23 -13.35 -13.45
CA ALA D 134 -19.35 -13.09 -14.57
C ALA D 134 -20.08 -13.38 -15.87
N HIS D 135 -19.68 -12.70 -16.94
CA HIS D 135 -20.40 -12.75 -18.20
C HIS D 135 -19.43 -12.48 -19.35
N GLU D 136 -19.86 -12.78 -20.57
CA GLU D 136 -19.10 -12.44 -21.77
C GLU D 136 -19.91 -11.54 -22.69
N GLY D 137 -20.42 -10.43 -22.19
CA GLY D 137 -20.91 -9.37 -23.04
C GLY D 137 -21.99 -8.55 -22.36
N LEU D 138 -22.13 -7.32 -22.85
CA LEU D 138 -23.12 -6.38 -22.31
C LEU D 138 -23.52 -5.40 -23.40
N THR D 139 -24.81 -5.06 -23.43
CA THR D 139 -25.35 -4.15 -24.43
C THR D 139 -26.44 -3.28 -23.83
N ILE D 140 -26.43 -1.99 -24.20
CA ILE D 140 -27.37 -0.99 -23.67
C ILE D 140 -28.35 -0.60 -24.76
N GLN D 141 -29.62 -0.52 -24.39
CA GLN D 141 -30.69 -0.08 -25.29
C GLN D 141 -31.55 0.96 -24.60
N ASN D 142 -31.55 2.18 -25.13
CA ASN D 142 -32.38 3.27 -24.64
C ASN D 142 -33.14 3.88 -25.81
N GLY D 143 -34.47 3.86 -25.71
CA GLY D 143 -35.29 4.46 -26.73
C GLY D 143 -35.21 3.73 -28.06
N ALA E 2 -0.70 6.24 -42.58
CA ALA E 2 -1.42 7.21 -41.81
C ALA E 2 -0.52 7.65 -40.72
N GLU E 3 -1.01 7.71 -39.48
CA GLU E 3 -0.18 8.15 -38.37
C GLU E 3 -0.26 7.15 -37.22
N TYR E 4 -1.03 6.09 -37.40
CA TYR E 4 -1.12 5.13 -36.33
C TYR E 4 -0.65 3.81 -36.84
N PRO E 5 0.07 3.06 -36.02
CA PRO E 5 0.56 1.72 -36.39
C PRO E 5 -0.43 0.59 -36.06
N LEU E 6 -0.06 -0.66 -36.30
CA LEU E 6 -0.99 -1.78 -36.02
C LEU E 6 -0.74 -2.50 -34.69
N PRO E 7 -1.79 -3.14 -34.13
CA PRO E 7 -1.60 -3.94 -32.92
C PRO E 7 -1.13 -5.35 -33.23
N LYS E 8 -0.97 -6.19 -32.21
CA LYS E 8 -0.30 -7.48 -32.37
C LYS E 8 -1.16 -8.65 -31.91
N PHE E 9 -2.49 -8.50 -31.88
CA PHE E 9 -3.29 -9.56 -31.27
C PHE E 9 -4.41 -10.14 -32.15
N HIS E 10 -4.39 -9.90 -33.46
CA HIS E 10 -5.45 -10.39 -34.35
C HIS E 10 -4.79 -10.97 -35.61
N PHE E 11 -4.67 -12.29 -35.66
CA PHE E 11 -3.89 -12.96 -36.70
C PHE E 11 -4.49 -14.33 -36.99
N GLN E 12 -3.99 -14.99 -38.04
CA GLN E 12 -4.38 -16.36 -38.33
C GLN E 12 -3.28 -17.11 -39.05
N VAL E 13 -3.35 -18.44 -38.99
CA VAL E 13 -2.30 -19.33 -39.46
C VAL E 13 -2.94 -20.43 -40.29
N ASP E 14 -2.49 -20.59 -41.54
CA ASP E 14 -2.83 -21.75 -42.35
C ASP E 14 -1.67 -22.74 -42.30
N TRP E 15 -1.94 -23.93 -41.77
CA TRP E 15 -0.94 -24.96 -41.54
C TRP E 15 -1.42 -26.34 -41.92
N GLY E 16 -2.61 -26.53 -42.46
CA GLY E 16 -3.01 -27.87 -42.82
C GLY E 16 -3.87 -28.67 -41.85
N GLY E 17 -4.03 -28.10 -40.66
CA GLY E 17 -4.85 -28.68 -39.61
C GLY E 17 -6.20 -27.97 -39.56
N SER E 18 -7.14 -28.53 -38.81
CA SER E 18 -8.49 -27.96 -38.69
C SER E 18 -8.54 -26.58 -38.01
N ARG E 19 -8.10 -26.46 -36.76
CA ARG E 19 -8.23 -25.16 -36.08
C ARG E 19 -7.29 -24.12 -36.62
N LEU E 20 -7.70 -22.87 -36.55
CA LEU E 20 -7.07 -21.69 -37.12
C LEU E 20 -6.84 -20.59 -36.07
N GLY E 21 -6.70 -20.98 -34.82
CA GLY E 21 -6.48 -20.00 -33.78
C GLY E 21 -5.37 -20.38 -32.81
N PHE E 22 -4.35 -19.55 -32.68
CA PHE E 22 -3.28 -19.87 -31.76
C PHE E 22 -3.13 -18.77 -30.75
N THR E 23 -2.38 -19.08 -29.71
CA THR E 23 -2.12 -18.06 -28.71
C THR E 23 -0.75 -17.45 -28.85
N GLU E 24 0.21 -18.13 -29.47
CA GLU E 24 1.52 -17.51 -29.64
C GLU E 24 2.21 -18.03 -30.89
N VAL E 25 2.83 -17.11 -31.61
CA VAL E 25 3.61 -17.41 -32.82
C VAL E 25 4.89 -16.57 -32.78
N SER E 26 6.04 -17.22 -32.64
CA SER E 26 7.29 -16.48 -32.63
C SER E 26 8.38 -17.17 -33.44
N GLY E 27 9.34 -16.37 -33.90
CA GLY E 27 10.51 -16.90 -34.59
C GLY E 27 10.77 -16.43 -36.00
N LEU E 28 10.24 -15.27 -36.39
CA LEU E 28 10.25 -14.84 -37.78
C LEU E 28 11.41 -13.89 -38.05
N ASP E 29 12.52 -14.45 -38.55
CA ASP E 29 13.78 -13.73 -38.69
C ASP E 29 14.47 -14.15 -39.99
N VAL E 30 15.42 -13.30 -40.44
CA VAL E 30 16.29 -13.59 -41.56
C VAL E 30 17.68 -13.03 -41.24
N GLU E 31 18.74 -13.68 -41.74
CA GLU E 31 20.07 -13.14 -41.49
C GLU E 31 21.06 -13.54 -42.59
N THR E 32 22.14 -12.76 -42.67
CA THR E 32 23.27 -12.97 -43.57
C THR E 32 24.56 -12.85 -42.77
N GLU E 33 25.54 -13.72 -43.01
CA GLU E 33 26.80 -13.59 -42.29
C GLU E 33 27.66 -12.50 -42.92
N VAL E 34 28.65 -12.05 -42.15
CA VAL E 34 29.63 -11.06 -42.57
C VAL E 34 30.96 -11.76 -42.81
N ILE E 35 31.64 -11.38 -43.90
CA ILE E 35 33.01 -11.81 -44.16
C ILE E 35 33.91 -10.59 -44.10
N GLU E 36 35.08 -10.73 -43.48
CA GLU E 36 35.98 -9.62 -43.22
C GLU E 36 37.30 -9.82 -43.95
N TYR E 37 37.95 -8.70 -44.29
CA TYR E 37 39.16 -8.77 -45.09
C TYR E 37 39.99 -7.51 -44.88
N ARG E 38 41.31 -7.67 -44.80
CA ARG E 38 42.24 -6.55 -44.79
C ARG E 38 43.60 -6.97 -45.30
N GLU E 39 44.21 -6.14 -46.12
CA GLU E 39 45.57 -6.32 -46.61
C GLU E 39 46.52 -5.38 -45.88
N GLY E 40 47.81 -5.70 -45.96
CA GLY E 40 48.78 -5.08 -45.07
C GLY E 40 48.98 -3.59 -45.27
N ASN E 41 48.81 -3.10 -46.49
CA ASN E 41 49.17 -1.73 -46.81
C ASN E 41 47.98 -0.78 -46.82
N LEU E 42 46.86 -1.17 -46.25
CA LEU E 42 45.70 -0.30 -46.24
C LEU E 42 45.87 0.78 -45.17
N PRO E 43 45.63 2.05 -45.50
CA PRO E 43 45.86 3.13 -44.53
C PRO E 43 44.94 3.10 -43.32
N GLN E 44 43.79 2.46 -43.40
CA GLN E 44 42.96 2.27 -42.22
C GLN E 44 43.33 0.97 -41.52
N TYR E 45 43.23 0.98 -40.19
CA TYR E 45 43.61 -0.17 -39.39
C TYR E 45 42.39 -0.92 -38.85
N HIS E 46 41.32 -0.99 -39.64
CA HIS E 46 40.20 -1.87 -39.39
C HIS E 46 39.74 -2.47 -40.71
N LYS E 47 38.88 -3.49 -40.62
CA LYS E 47 38.64 -4.39 -41.73
C LYS E 47 37.47 -3.96 -42.61
N LEU E 48 37.44 -4.53 -43.82
CA LEU E 48 36.35 -4.40 -44.75
C LEU E 48 35.39 -5.58 -44.62
N LYS E 49 34.12 -5.34 -44.93
CA LYS E 49 33.04 -6.29 -44.68
C LYS E 49 32.19 -6.50 -45.93
N MET E 50 31.79 -7.74 -46.17
CA MET E 50 30.97 -8.07 -47.32
C MET E 50 30.03 -9.22 -46.98
N PRO E 51 28.94 -9.37 -47.72
CA PRO E 51 27.92 -10.38 -47.39
C PRO E 51 28.38 -11.81 -47.68
N GLY E 52 27.75 -12.74 -46.96
CA GLY E 52 28.05 -14.15 -47.05
C GLY E 52 26.80 -14.99 -47.27
N MET E 53 26.64 -16.03 -46.46
CA MET E 53 25.52 -16.97 -46.58
C MET E 53 24.35 -16.54 -45.71
N GLN E 54 23.18 -17.11 -46.00
CA GLN E 54 21.95 -16.78 -45.30
C GLN E 54 21.64 -17.81 -44.21
N LYS E 55 20.79 -17.39 -43.26
CA LYS E 55 20.36 -18.22 -42.16
C LYS E 55 18.94 -17.89 -41.77
N PHE E 56 18.16 -18.91 -41.46
CA PHE E 56 16.76 -18.82 -41.07
C PHE E 56 16.57 -19.52 -39.75
N SER E 57 15.55 -19.18 -39.02
CA SER E 57 15.28 -19.72 -37.69
C SER E 57 14.09 -20.67 -37.70
N ASN E 58 14.00 -21.47 -36.64
CA ASN E 58 12.84 -22.30 -36.42
C ASN E 58 11.68 -21.46 -35.87
N ILE E 59 10.46 -21.95 -36.07
CA ILE E 59 9.26 -21.23 -35.71
C ILE E 59 8.51 -22.00 -34.63
N THR E 60 8.04 -21.29 -33.60
CA THR E 60 7.35 -21.89 -32.47
C THR E 60 5.91 -21.42 -32.43
N MET E 61 4.99 -22.34 -32.16
CA MET E 61 3.58 -22.00 -32.04
C MET E 61 2.96 -22.67 -30.82
N LYS E 62 2.10 -21.95 -30.13
CA LYS E 62 1.47 -22.43 -28.91
C LYS E 62 -0.04 -22.29 -29.01
N ARG E 63 -0.75 -23.30 -28.50
CA ARG E 63 -2.21 -23.29 -28.54
C ARG E 63 -2.77 -24.08 -27.36
N GLY E 64 -4.05 -23.89 -27.10
CA GLY E 64 -4.72 -24.59 -26.02
C GLY E 64 -5.29 -25.94 -26.43
N THR E 65 -5.49 -26.78 -25.43
CA THR E 65 -5.84 -28.19 -25.64
C THR E 65 -7.35 -28.40 -25.57
N PHE E 66 -7.86 -29.15 -26.54
CA PHE E 66 -9.26 -29.45 -26.67
C PHE E 66 -9.51 -30.95 -26.77
N GLN E 67 -10.68 -31.39 -26.30
CA GLN E 67 -11.04 -32.78 -26.43
C GLN E 67 -11.28 -33.16 -27.89
N GLY E 68 -10.64 -34.23 -28.33
CA GLY E 68 -10.82 -34.74 -29.68
C GLY E 68 -9.80 -34.26 -30.69
N ASP E 69 -8.93 -33.33 -30.33
CA ASP E 69 -8.00 -32.72 -31.28
C ASP E 69 -6.59 -33.25 -30.99
N ASN E 70 -6.04 -34.01 -31.93
CA ASN E 70 -4.72 -34.60 -31.77
C ASN E 70 -3.87 -34.34 -33.01
N ASP E 71 -3.85 -33.09 -33.47
CA ASP E 71 -3.28 -32.76 -34.77
C ASP E 71 -1.77 -32.56 -34.74
N PHE E 72 -1.22 -32.00 -33.67
CA PHE E 72 0.23 -31.80 -33.63
C PHE E 72 0.95 -33.14 -33.72
N TYR E 73 0.46 -34.09 -32.92
CA TYR E 73 0.99 -35.45 -32.87
C TYR E 73 0.79 -36.11 -34.23
N LYS E 74 -0.40 -35.92 -34.82
CA LYS E 74 -0.67 -36.49 -36.13
C LYS E 74 0.39 -36.08 -37.15
N TRP E 75 0.71 -34.78 -37.21
CA TRP E 75 1.68 -34.33 -38.19
C TRP E 75 3.07 -34.84 -37.86
N TRP E 76 3.47 -34.76 -36.58
CA TRP E 76 4.79 -35.22 -36.18
C TRP E 76 5.00 -36.70 -36.48
N ASN E 77 3.95 -37.51 -36.32
CA ASN E 77 4.06 -38.96 -36.42
C ASN E 77 4.08 -39.48 -37.85
N THR E 78 4.14 -38.62 -38.86
CA THR E 78 4.19 -39.08 -40.24
C THR E 78 5.61 -39.28 -40.72
N VAL E 79 6.55 -39.54 -39.82
CA VAL E 79 7.97 -39.53 -40.13
C VAL E 79 8.45 -40.96 -40.33
N ALA E 80 9.00 -41.23 -41.51
CA ALA E 80 9.74 -42.46 -41.79
C ALA E 80 11.22 -42.15 -41.60
N LEU E 81 12.09 -43.04 -42.05
CA LEU E 81 13.54 -42.91 -41.83
C LEU E 81 14.01 -41.49 -42.10
N ASN E 82 14.00 -41.03 -43.35
CA ASN E 82 14.36 -39.65 -43.68
C ASN E 82 13.30 -38.96 -44.50
N THR E 83 12.08 -39.50 -44.54
CA THR E 83 10.98 -38.92 -45.27
C THR E 83 9.91 -38.46 -44.29
N ILE E 84 9.19 -37.40 -44.68
CA ILE E 84 8.15 -36.81 -43.86
C ILE E 84 7.25 -36.00 -44.76
N GLU E 85 6.06 -35.65 -44.27
CA GLU E 85 5.11 -34.84 -45.03
C GLU E 85 5.39 -33.37 -44.79
N ARG E 86 5.76 -32.65 -45.85
CA ARG E 86 6.08 -31.24 -45.79
C ARG E 86 4.89 -30.43 -46.28
N ARG E 87 4.71 -29.25 -45.69
CA ARG E 87 3.55 -28.41 -45.97
C ARG E 87 3.99 -26.97 -46.21
N ASP E 88 3.16 -26.21 -46.92
CA ASP E 88 3.35 -24.78 -47.09
C ASP E 88 2.64 -24.04 -45.97
N LEU E 89 3.34 -23.13 -45.31
CA LEU E 89 2.75 -22.41 -44.19
C LEU E 89 2.49 -20.94 -44.49
N THR E 90 1.31 -20.46 -44.09
CA THR E 90 0.96 -19.07 -44.32
C THR E 90 0.53 -18.43 -43.01
N ILE E 91 1.09 -17.27 -42.69
CA ILE E 91 0.72 -16.53 -41.48
C ILE E 91 0.28 -15.14 -41.91
N SER E 92 -0.85 -14.67 -41.39
CA SER E 92 -1.35 -13.38 -41.79
C SER E 92 -1.81 -12.58 -40.58
N LEU E 93 -1.55 -11.28 -40.63
CA LEU E 93 -1.98 -10.34 -39.58
C LEU E 93 -3.21 -9.60 -40.09
N LEU E 94 -4.32 -9.78 -39.40
CA LEU E 94 -5.62 -9.33 -39.90
C LEU E 94 -5.93 -7.93 -39.41
N ASN E 95 -6.87 -7.33 -40.15
CA ASN E 95 -7.47 -6.00 -39.93
C ASN E 95 -8.95 -6.01 -39.54
N GLU E 96 -9.50 -4.83 -39.30
CA GLU E 96 -10.91 -4.68 -38.93
C GLU E 96 -11.89 -5.40 -39.88
N LYS E 97 -11.58 -5.42 -41.17
CA LYS E 97 -12.49 -6.05 -42.13
C LYS E 97 -12.20 -7.53 -42.30
N HIS E 98 -11.52 -8.09 -41.34
CA HIS E 98 -11.13 -9.51 -41.35
C HIS E 98 -10.33 -9.89 -42.60
N GLU E 99 -9.40 -9.05 -42.95
CA GLU E 99 -8.57 -9.26 -44.12
C GLU E 99 -7.11 -9.31 -43.70
N PRO E 100 -6.23 -9.51 -44.66
CA PRO E 100 -4.80 -9.60 -44.36
C PRO E 100 -4.02 -8.36 -44.77
N VAL E 101 -3.07 -7.96 -43.92
CA VAL E 101 -2.23 -6.80 -44.20
C VAL E 101 -0.78 -7.21 -44.38
N VAL E 102 -0.25 -8.01 -43.46
CA VAL E 102 1.12 -8.51 -43.55
C VAL E 102 1.05 -10.02 -43.62
N VAL E 103 1.78 -10.59 -44.58
CA VAL E 103 1.75 -12.02 -44.83
C VAL E 103 3.17 -12.57 -44.79
N TRP E 104 3.36 -13.65 -44.05
CA TRP E 104 4.61 -14.40 -44.02
C TRP E 104 4.37 -15.75 -44.69
N LYS E 105 5.17 -16.05 -45.70
CA LYS E 105 5.09 -17.30 -46.45
C LYS E 105 6.30 -18.16 -46.11
N VAL E 106 6.04 -19.36 -45.60
CA VAL E 106 7.09 -20.26 -45.14
C VAL E 106 7.10 -21.50 -46.01
N ASN E 107 8.28 -21.85 -46.50
CA ASN E 107 8.46 -22.88 -47.52
C ASN E 107 9.15 -24.11 -46.96
N ARG E 108 8.51 -25.25 -47.23
CA ARG E 108 8.97 -26.59 -46.83
C ARG E 108 9.14 -26.72 -45.34
N ALA E 109 8.00 -26.77 -44.65
CA ALA E 109 7.99 -26.90 -43.19
C ALA E 109 7.61 -28.32 -42.75
N TRP E 110 8.31 -28.83 -41.74
CA TRP E 110 7.96 -30.07 -41.08
C TRP E 110 8.24 -29.96 -39.59
N PRO E 111 7.42 -30.59 -38.74
CA PRO E 111 7.55 -30.40 -37.29
C PRO E 111 8.72 -31.14 -36.68
N THR E 112 9.60 -30.41 -36.00
CA THR E 112 10.74 -31.04 -35.35
C THR E 112 10.50 -31.34 -33.89
N LYS E 113 9.55 -30.68 -33.23
CA LYS E 113 9.37 -30.94 -31.80
C LYS E 113 7.93 -30.66 -31.38
N VAL E 114 7.44 -31.47 -30.44
CA VAL E 114 6.10 -31.31 -29.87
C VAL E 114 6.20 -31.44 -28.36
N GLN E 115 5.68 -30.46 -27.63
CA GLN E 115 5.70 -30.48 -26.17
C GLN E 115 4.30 -30.34 -25.62
N SER E 116 3.93 -31.25 -24.72
CA SER E 116 2.64 -31.23 -24.07
C SER E 116 2.70 -30.46 -22.75
N THR E 117 1.54 -30.32 -22.12
CA THR E 117 1.46 -29.54 -20.91
C THR E 117 2.03 -30.30 -19.73
N ASP E 118 2.23 -29.58 -18.63
CA ASP E 118 2.62 -30.14 -17.35
C ASP E 118 1.42 -30.13 -16.43
N LEU E 119 1.40 -31.04 -15.46
CA LEU E 119 0.25 -31.25 -14.60
C LEU E 119 0.58 -30.80 -13.19
N LYS E 120 -0.22 -29.90 -12.64
CA LYS E 120 -0.02 -29.40 -11.28
C LYS E 120 -1.32 -29.53 -10.50
N GLY E 121 -1.24 -30.15 -9.33
CA GLY E 121 -2.41 -30.26 -8.48
C GLY E 121 -2.93 -28.94 -7.96
N ASP E 122 -2.13 -27.87 -8.05
CA ASP E 122 -2.52 -26.55 -7.58
C ASP E 122 -2.55 -25.52 -8.69
N GLY E 123 -2.59 -25.94 -9.95
CA GLY E 123 -2.51 -25.01 -11.06
C GLY E 123 -3.86 -24.60 -11.57
N ASN E 124 -4.17 -23.30 -11.45
CA ASN E 124 -5.42 -22.73 -11.91
C ASN E 124 -5.30 -22.18 -13.33
N GLU E 125 -4.66 -22.93 -14.21
CA GLU E 125 -4.51 -22.43 -15.56
C GLU E 125 -4.93 -23.46 -16.60
N VAL E 126 -5.13 -22.99 -17.82
CA VAL E 126 -5.48 -23.85 -18.94
C VAL E 126 -4.25 -24.64 -19.35
N ALA E 127 -4.47 -25.79 -19.97
CA ALA E 127 -3.39 -26.60 -20.50
C ALA E 127 -3.02 -26.13 -21.90
N ILE E 128 -1.73 -25.92 -22.12
CA ILE E 128 -1.22 -25.42 -23.40
C ILE E 128 -0.14 -26.36 -23.97
N GLU E 129 -0.15 -26.51 -25.29
CA GLU E 129 0.81 -27.34 -25.99
C GLU E 129 1.55 -26.51 -27.03
N SER E 130 2.73 -27.00 -27.42
CA SER E 130 3.61 -26.24 -28.29
C SER E 130 4.17 -27.13 -29.39
N ILE E 131 4.46 -26.50 -30.54
CA ILE E 131 5.12 -27.18 -31.65
C ILE E 131 6.24 -26.28 -32.17
N GLU E 132 7.31 -26.93 -32.62
CA GLU E 132 8.48 -26.27 -33.18
C GLU E 132 8.75 -26.83 -34.57
N VAL E 133 8.92 -25.95 -35.55
CA VAL E 133 8.91 -26.29 -36.97
C VAL E 133 10.17 -25.76 -37.64
N ALA E 134 10.72 -26.57 -38.54
CA ALA E 134 11.84 -26.22 -39.40
C ALA E 134 11.35 -26.06 -40.84
N HIS E 135 12.05 -25.24 -41.61
CA HIS E 135 11.60 -24.88 -42.95
C HIS E 135 12.81 -24.52 -43.80
N GLU E 136 12.59 -24.44 -45.11
CA GLU E 136 13.62 -23.99 -46.05
C GLU E 136 13.15 -22.77 -46.83
N GLY E 137 12.68 -21.74 -46.13
CA GLY E 137 12.52 -20.43 -46.74
C GLY E 137 11.44 -19.61 -46.06
N LEU E 138 11.56 -18.30 -46.24
CA LEU E 138 10.63 -17.34 -45.64
C LEU E 138 10.58 -16.08 -46.48
N THR E 139 9.38 -15.52 -46.63
CA THR E 139 9.18 -14.33 -47.44
C THR E 139 8.11 -13.43 -46.82
N ILE E 140 8.36 -12.12 -46.82
CA ILE E 140 7.49 -11.13 -46.21
C ILE E 140 6.80 -10.33 -47.31
N GLN E 141 5.49 -10.10 -47.14
CA GLN E 141 4.70 -9.29 -48.06
C GLN E 141 3.86 -8.30 -47.27
N ASN E 142 4.14 -7.01 -47.46
CA ASN E 142 3.37 -5.94 -46.84
C ASN E 142 2.94 -4.95 -47.92
N GLY E 143 1.64 -4.75 -48.05
CA GLY E 143 1.11 -3.80 -49.00
C GLY E 143 1.36 -4.21 -50.44
N MET F 1 -40.60 -7.48 39.41
CA MET F 1 -41.07 -6.15 39.04
C MET F 1 -39.96 -5.11 39.15
N ILE F 2 -40.26 -3.89 38.71
CA ILE F 2 -39.28 -2.82 38.78
C ILE F 2 -39.38 -2.06 40.11
N SER F 3 -40.53 -2.10 40.77
CA SER F 3 -40.69 -1.37 42.02
C SER F 3 -39.91 -1.99 43.17
N ASP F 4 -39.62 -3.28 43.11
CA ASP F 4 -38.99 -3.94 44.26
C ASP F 4 -37.52 -3.58 44.37
N ALA F 5 -36.82 -3.49 43.25
CA ALA F 5 -35.42 -3.10 43.28
C ALA F 5 -35.26 -1.68 43.82
N MET F 6 -36.12 -0.76 43.35
CA MET F 6 -36.00 0.62 43.81
C MET F 6 -36.42 0.75 45.26
N ARG F 7 -37.37 -0.06 45.73
CA ARG F 7 -37.69 -0.02 47.15
C ARG F 7 -36.53 -0.54 48.00
N LEU F 8 -35.86 -1.61 47.54
CA LEU F 8 -34.69 -2.12 48.25
C LEU F 8 -33.61 -1.04 48.37
N ILE F 9 -33.27 -0.41 47.25
CA ILE F 9 -32.23 0.61 47.27
C ILE F 9 -32.63 1.78 48.16
N GLN F 10 -33.90 2.19 48.08
CA GLN F 10 -34.37 3.29 48.90
C GLN F 10 -34.23 2.99 50.38
N VAL F 11 -34.65 1.81 50.80
CA VAL F 11 -34.60 1.47 52.22
C VAL F 11 -33.16 1.44 52.72
N ALA F 12 -32.26 0.84 51.95
CA ALA F 12 -30.87 0.75 52.40
C ALA F 12 -30.23 2.13 52.51
N LEU F 13 -30.41 2.97 51.49
CA LEU F 13 -29.79 4.29 51.52
C LEU F 13 -30.38 5.16 52.62
N GLN F 14 -31.70 5.07 52.82
CA GLN F 14 -32.35 5.78 53.90
C GLN F 14 -31.73 5.41 55.25
N ARG F 15 -31.56 4.10 55.47
CA ARG F 15 -30.98 3.65 56.73
C ARG F 15 -29.57 4.22 56.93
N TYR F 16 -28.73 4.14 55.90
CA TYR F 16 -27.37 4.66 56.02
C TYR F 16 -27.35 6.14 56.36
N ILE F 17 -28.07 6.94 55.56
CA ILE F 17 -28.03 8.39 55.74
C ILE F 17 -28.55 8.76 57.12
N LEU F 18 -29.72 8.25 57.49
CA LEU F 18 -30.28 8.60 58.80
C LEU F 18 -29.45 8.04 59.94
N GLU F 19 -28.61 7.04 59.67
CA GLU F 19 -27.64 6.60 60.67
C GLU F 19 -26.58 7.66 60.89
N PHE F 20 -26.06 8.24 59.82
CA PHE F 20 -24.95 9.19 59.97
C PHE F 20 -25.38 10.61 60.24
N GLU F 21 -26.65 10.96 60.04
CA GLU F 21 -27.15 12.31 60.28
C GLU F 21 -28.37 12.23 61.20
N PRO F 22 -28.15 12.13 62.52
CA PRO F 22 -29.30 12.05 63.44
C PRO F 22 -30.12 13.32 63.50
N GLU F 23 -29.59 14.45 63.05
CA GLU F 23 -30.26 15.73 63.21
C GLU F 23 -31.44 15.91 62.28
N LEU F 24 -31.61 15.03 61.29
CA LEU F 24 -32.67 15.19 60.30
C LEU F 24 -34.06 14.83 60.84
N GLY F 25 -34.20 14.59 62.14
CA GLY F 25 -35.51 14.47 62.74
C GLY F 25 -36.31 13.26 62.30
N LEU F 26 -35.66 12.25 61.73
CA LEU F 26 -36.30 10.97 61.41
C LEU F 26 -37.43 11.14 60.40
N SER F 27 -37.24 12.05 59.45
CA SER F 27 -38.21 12.26 58.38
C SER F 27 -37.87 11.34 57.21
N GLN F 28 -38.48 11.59 56.05
CA GLN F 28 -38.22 10.81 54.85
C GLN F 28 -37.18 11.54 54.02
N VAL F 29 -35.95 11.03 54.03
CA VAL F 29 -34.89 11.67 53.27
C VAL F 29 -34.97 11.30 51.80
N VAL F 30 -35.34 10.07 51.50
CA VAL F 30 -35.32 9.54 50.14
C VAL F 30 -36.75 9.24 49.70
N ILE F 31 -37.11 9.72 48.52
CA ILE F 31 -38.41 9.47 47.91
C ILE F 31 -38.20 9.04 46.47
N ILE F 32 -39.17 8.30 45.94
CA ILE F 32 -39.16 7.85 44.56
C ILE F 32 -40.24 8.63 43.81
N GLU F 33 -39.82 9.41 42.83
CA GLU F 33 -40.70 10.34 42.13
C GLU F 33 -39.98 10.77 40.85
N ASN F 34 -40.69 11.50 40.00
CA ASN F 34 -40.14 12.05 38.78
C ASN F 34 -39.61 13.45 39.04
N ILE F 35 -38.36 13.70 38.66
CA ILE F 35 -37.73 14.98 38.98
C ILE F 35 -38.28 16.09 38.09
N ALA F 36 -38.55 15.80 36.81
CA ALA F 36 -38.98 16.82 35.88
C ALA F 36 -40.31 17.45 36.26
N MET F 37 -41.07 16.84 37.15
CA MET F 37 -42.36 17.36 37.58
C MET F 37 -42.24 18.42 38.66
N ALA F 38 -41.03 18.77 39.08
CA ALA F 38 -40.86 19.70 40.17
C ALA F 38 -41.26 21.11 39.77
N GLU F 39 -41.89 21.82 40.71
CA GLU F 39 -42.33 23.18 40.43
C GLU F 39 -41.17 24.12 40.15
N GLU F 40 -40.08 23.96 40.90
CA GLU F 40 -38.95 24.87 40.76
C GLU F 40 -38.30 24.79 39.40
N LEU F 41 -38.43 23.66 38.70
CA LEU F 41 -37.85 23.50 37.38
C LEU F 41 -38.87 23.75 36.27
N GLY F 42 -40.01 24.34 36.60
CA GLY F 42 -41.03 24.64 35.62
C GLY F 42 -42.19 23.69 35.56
N GLY F 43 -42.23 22.69 36.44
CA GLY F 43 -43.31 21.72 36.46
C GLY F 43 -44.49 22.20 37.28
N GLN F 44 -45.29 21.23 37.74
CA GLN F 44 -46.54 21.52 38.42
C GLN F 44 -46.60 21.00 39.85
N ASN F 45 -45.74 20.06 40.23
CA ASN F 45 -45.78 19.44 41.54
C ASN F 45 -45.03 20.30 42.54
N ASN F 46 -45.68 20.61 43.66
CA ASN F 46 -45.09 21.47 44.69
C ASN F 46 -44.68 20.70 45.95
N GLN F 47 -44.63 19.38 45.88
CA GLN F 47 -44.25 18.56 47.03
C GLN F 47 -42.84 18.01 46.96
N ILE F 48 -42.15 18.20 45.84
CA ILE F 48 -40.79 17.71 45.67
C ILE F 48 -39.86 18.88 46.00
N ASN F 49 -39.48 18.99 47.27
CA ASN F 49 -38.57 20.05 47.70
C ASN F 49 -37.99 19.64 49.04
N GLY F 50 -36.67 19.57 49.11
CA GLY F 50 -36.03 19.16 50.34
C GLY F 50 -35.97 17.64 50.45
N HIS F 51 -35.46 17.00 49.41
CA HIS F 51 -35.39 15.55 49.37
C HIS F 51 -34.20 15.12 48.54
N VAL F 52 -33.93 13.83 48.58
CA VAL F 52 -33.16 13.13 47.56
C VAL F 52 -34.14 12.28 46.77
N VAL F 53 -34.12 12.41 45.45
CA VAL F 53 -35.11 11.81 44.57
C VAL F 53 -34.41 10.82 43.66
N MET F 54 -35.04 9.64 43.52
CA MET F 54 -34.58 8.61 42.61
C MET F 54 -35.46 8.59 41.37
N SER F 55 -34.83 8.53 40.19
CA SER F 55 -35.59 8.52 38.95
C SER F 55 -35.03 7.49 37.99
N LEU F 56 -35.93 6.74 37.34
CA LEU F 56 -35.56 5.82 36.28
C LEU F 56 -35.51 6.59 34.97
N VAL F 57 -34.37 6.57 34.29
CA VAL F 57 -34.20 7.39 33.09
C VAL F 57 -34.06 6.59 31.82
N ASN F 58 -33.72 5.31 31.88
CA ASN F 58 -33.53 4.52 30.67
C ASN F 58 -33.69 3.06 31.01
N LEU F 59 -33.75 2.22 29.96
CA LEU F 59 -33.99 0.80 30.13
C LEU F 59 -33.42 0.09 28.92
N GLN F 60 -32.36 -0.69 29.11
CA GLN F 60 -31.69 -1.37 28.03
C GLN F 60 -31.67 -2.88 28.27
N GLU F 61 -31.60 -3.64 27.19
CA GLU F 61 -31.54 -5.09 27.25
C GLU F 61 -30.09 -5.56 27.20
N GLU F 62 -29.82 -6.67 27.87
CA GLU F 62 -28.49 -7.26 27.88
C GLU F 62 -28.35 -8.18 26.68
N THR F 63 -27.42 -7.84 25.79
CA THR F 63 -27.24 -8.57 24.54
C THR F 63 -26.58 -9.93 24.72
N THR F 64 -25.87 -10.14 25.82
CA THR F 64 -25.13 -11.38 25.99
C THR F 64 -26.03 -12.54 26.40
N LEU F 65 -27.18 -12.27 26.99
CA LEU F 65 -28.08 -13.31 27.47
C LEU F 65 -29.20 -13.63 26.49
N LYS F 66 -29.19 -13.03 25.32
CA LYS F 66 -30.11 -13.45 24.27
C LYS F 66 -29.72 -14.83 23.75
N ASN F 67 -30.66 -15.48 23.08
CA ASN F 67 -30.44 -16.80 22.49
C ASN F 67 -30.15 -17.85 23.56
N SER F 68 -30.87 -17.79 24.65
CA SER F 68 -30.83 -18.84 25.66
C SER F 68 -31.86 -19.92 25.33
N PRO F 69 -31.69 -21.14 25.84
CA PRO F 69 -32.55 -22.24 25.42
C PRO F 69 -34.02 -21.99 25.71
N HIS F 70 -34.88 -22.61 24.89
CA HIS F 70 -36.33 -22.44 25.01
C HIS F 70 -37.03 -23.70 25.50
N TYR F 71 -36.29 -24.64 26.09
CA TYR F 71 -36.90 -25.85 26.63
C TYR F 71 -36.13 -26.30 27.86
N ARG F 72 -36.76 -27.19 28.63
CA ARG F 72 -36.12 -27.81 29.78
C ARG F 72 -36.54 -29.27 29.87
N LEU F 73 -35.69 -30.08 30.48
CA LEU F 73 -35.95 -31.51 30.64
C LEU F 73 -36.31 -31.82 32.09
N ASP F 74 -37.32 -32.68 32.26
CA ASP F 74 -37.76 -33.08 33.59
C ASP F 74 -38.48 -34.40 33.50
N ASN F 75 -38.01 -35.39 34.28
CA ASN F 75 -38.65 -36.70 34.36
C ASN F 75 -38.74 -37.38 33.00
N GLY F 76 -37.80 -37.09 32.11
CA GLY F 76 -37.81 -37.67 30.79
C GLY F 76 -38.78 -37.03 29.81
N ARG F 77 -39.30 -35.84 30.13
CA ARG F 77 -40.18 -35.12 29.23
C ARG F 77 -39.69 -33.69 29.07
N THR F 78 -40.16 -33.04 28.01
CA THR F 78 -39.70 -31.72 27.62
C THR F 78 -40.77 -30.69 27.92
N ILE F 79 -40.38 -29.60 28.56
CA ILE F 79 -41.26 -28.47 28.86
C ILE F 79 -40.78 -27.29 28.02
N TYR F 80 -41.67 -26.76 27.19
CA TYR F 80 -41.37 -25.65 26.29
C TYR F 80 -41.91 -24.37 26.89
N GLN F 81 -41.04 -23.36 27.00
CA GLN F 81 -41.37 -22.04 27.52
C GLN F 81 -40.39 -21.03 26.93
N ASN F 82 -40.88 -19.79 26.72
CA ASN F 82 -40.04 -18.75 26.15
C ASN F 82 -39.06 -18.21 27.18
N PRO F 83 -37.85 -17.85 26.77
CA PRO F 83 -36.84 -17.34 27.73
C PRO F 83 -37.21 -15.98 28.26
N PRO F 84 -36.65 -15.58 29.40
CA PRO F 84 -37.01 -14.28 29.99
C PRO F 84 -36.25 -13.13 29.33
N VAL F 85 -36.60 -11.92 29.76
CA VAL F 85 -36.00 -10.69 29.26
C VAL F 85 -35.15 -10.08 30.36
N ASN F 86 -33.89 -9.78 30.05
CA ASN F 86 -32.93 -9.29 31.02
C ASN F 86 -32.61 -7.83 30.72
N LEU F 87 -32.72 -6.98 31.74
CA LEU F 87 -32.64 -5.54 31.57
C LEU F 87 -31.59 -4.91 32.48
N ASN F 88 -30.96 -3.86 31.96
CA ASN F 88 -30.13 -2.95 32.74
C ASN F 88 -30.93 -1.69 33.05
N LEU F 89 -30.75 -1.16 34.25
CA LEU F 89 -31.50 -0.01 34.70
C LEU F 89 -30.57 1.18 34.95
N PHE F 90 -31.07 2.37 34.66
CA PHE F 90 -30.32 3.61 34.83
C PHE F 90 -31.07 4.50 35.81
N ILE F 91 -30.44 4.79 36.95
CA ILE F 91 -31.08 5.49 38.05
C ILE F 91 -30.31 6.78 38.32
N LEU F 92 -31.04 7.88 38.39
CA LEU F 92 -30.48 9.20 38.66
C LEU F 92 -30.89 9.63 40.06
N PHE F 93 -29.92 10.07 40.85
CA PHE F 93 -30.12 10.59 42.20
C PHE F 93 -29.94 12.09 42.15
N SER F 94 -31.00 12.82 42.51
CA SER F 94 -30.96 14.28 42.53
C SER F 94 -31.28 14.80 43.91
N ALA F 95 -30.54 15.81 44.35
CA ALA F 95 -30.74 16.43 45.67
C ALA F 95 -31.36 17.81 45.47
N LEU F 96 -32.51 18.04 46.07
CA LEU F 96 -33.22 19.30 45.90
C LEU F 96 -33.60 19.85 47.27
N HIS F 97 -32.97 20.96 47.65
CA HIS F 97 -33.25 21.60 48.93
C HIS F 97 -33.23 23.11 48.75
N ASN F 98 -33.86 23.81 49.69
CA ASN F 98 -33.79 25.27 49.71
C ASN F 98 -32.48 25.77 50.29
N GLN F 99 -31.56 24.88 50.64
CA GLN F 99 -30.25 25.23 51.17
C GLN F 99 -29.21 24.48 50.34
N TYR F 100 -28.41 25.21 49.57
CA TYR F 100 -27.56 24.59 48.57
C TYR F 100 -26.49 23.68 49.16
N GLU F 101 -26.14 23.83 50.43
CA GLU F 101 -25.05 23.04 51.00
C GLU F 101 -25.52 21.68 51.50
N THR F 102 -26.75 21.61 52.02
CA THR F 102 -27.32 20.33 52.41
C THR F 102 -27.31 19.36 51.24
N SER F 103 -27.60 19.87 50.04
CA SER F 103 -27.59 19.03 48.85
C SER F 103 -26.22 18.41 48.62
N LEU F 104 -25.16 19.20 48.80
CA LEU F 104 -23.81 18.69 48.58
C LEU F 104 -23.43 17.66 49.64
N ARG F 105 -23.79 17.91 50.89
CA ARG F 105 -23.53 16.92 51.94
C ARG F 105 -24.22 15.60 51.64
N LEU F 106 -25.50 15.66 51.25
CA LEU F 106 -26.22 14.43 50.99
C LEU F 106 -25.69 13.71 49.75
N LEU F 107 -25.24 14.46 48.73
CA LEU F 107 -24.60 13.82 47.59
C LEU F 107 -23.34 13.08 48.00
N SER F 108 -22.52 13.70 48.84
CA SER F 108 -21.31 13.04 49.31
C SER F 108 -21.65 11.74 50.04
N ARG F 109 -22.70 11.77 50.85
CA ARG F 109 -23.05 10.56 51.59
C ARG F 109 -23.60 9.48 50.67
N VAL F 110 -24.35 9.85 49.63
CA VAL F 110 -24.81 8.88 48.64
C VAL F 110 -23.61 8.20 47.98
N VAL F 111 -22.64 9.01 47.55
CA VAL F 111 -21.47 8.46 46.88
C VAL F 111 -20.73 7.49 47.79
N GLU F 112 -20.55 7.84 49.06
CA GLU F 112 -19.79 6.94 49.91
C GLU F 112 -20.59 5.70 50.30
N PHE F 113 -21.93 5.81 50.38
CA PHE F 113 -22.73 4.61 50.60
C PHE F 113 -22.54 3.62 49.47
N PHE F 114 -22.55 4.10 48.22
CA PHE F 114 -22.30 3.18 47.13
C PHE F 114 -20.83 2.75 47.06
N GLN F 115 -19.94 3.53 47.68
CA GLN F 115 -18.54 3.08 47.80
C GLN F 115 -18.42 1.90 48.75
N TRP F 116 -19.27 1.83 49.77
CA TRP F 116 -19.18 0.76 50.74
C TRP F 116 -19.79 -0.54 50.23
N GLN F 117 -21.03 -0.50 49.72
CA GLN F 117 -21.80 -1.68 49.39
C GLN F 117 -21.71 -1.96 47.90
N LYS F 118 -21.06 -3.07 47.53
CA LYS F 118 -20.90 -3.44 46.14
C LYS F 118 -21.95 -4.43 45.66
N GLU F 119 -22.85 -4.88 46.53
CA GLU F 119 -23.89 -5.82 46.13
C GLU F 119 -25.11 -5.61 46.99
N LEU F 120 -26.27 -5.51 46.35
CA LEU F 120 -27.54 -5.29 47.03
C LEU F 120 -28.38 -6.55 46.91
N SER F 121 -28.81 -7.08 48.04
CA SER F 121 -29.63 -8.28 48.06
C SER F 121 -30.37 -8.32 49.38
N PHE F 122 -31.43 -9.13 49.41
CA PHE F 122 -32.17 -9.29 50.66
C PHE F 122 -31.35 -10.00 51.72
N THR F 123 -30.35 -10.79 51.33
CA THR F 123 -29.54 -11.54 52.26
C THR F 123 -28.44 -10.70 52.89
N THR F 124 -28.12 -9.55 52.31
CA THR F 124 -27.03 -8.71 52.76
C THR F 124 -27.46 -7.30 53.14
N THR F 125 -28.54 -6.79 52.57
CA THR F 125 -29.07 -5.47 52.89
C THR F 125 -30.55 -5.60 53.19
N PRO F 126 -30.89 -6.25 54.32
CA PRO F 126 -32.29 -6.64 54.55
C PRO F 126 -33.24 -5.46 54.76
N GLY F 127 -32.92 -4.58 55.69
CA GLY F 127 -33.79 -3.45 56.00
C GLY F 127 -35.15 -3.86 56.53
N SER F 132 -37.71 -9.31 48.23
CA SER F 132 -38.40 -10.40 47.56
C SER F 132 -37.56 -11.67 47.52
N ARG F 133 -36.37 -11.58 48.10
CA ARG F 133 -35.44 -12.71 48.22
C ARG F 133 -35.06 -13.30 46.87
N ASP F 134 -35.27 -12.56 45.79
CA ASP F 134 -34.89 -12.98 44.46
C ASP F 134 -33.91 -12.05 43.76
N LEU F 135 -33.85 -10.79 44.19
CA LEU F 135 -33.06 -9.78 43.51
C LEU F 135 -31.58 -9.92 43.83
N ARG F 136 -30.76 -9.44 42.90
CA ARG F 136 -29.32 -9.31 43.13
C ARG F 136 -28.83 -8.23 42.18
N ILE F 137 -28.41 -7.10 42.74
CA ILE F 137 -28.19 -5.89 41.96
C ILE F 137 -26.77 -5.40 42.21
N LEU F 138 -25.99 -5.31 41.15
CA LEU F 138 -24.62 -4.81 41.25
C LEU F 138 -24.56 -3.44 40.60
N PRO F 139 -24.43 -2.36 41.37
CA PRO F 139 -24.42 -1.02 40.79
C PRO F 139 -23.03 -0.57 40.36
N ASP F 140 -23.00 0.42 39.48
CA ASP F 140 -21.76 1.13 39.17
C ASP F 140 -22.05 2.58 38.82
N LEU F 141 -21.01 3.40 38.85
CA LEU F 141 -21.10 4.84 38.74
C LEU F 141 -20.80 5.28 37.30
N TYR F 142 -21.54 6.27 36.82
CA TYR F 142 -21.37 6.77 35.46
C TYR F 142 -20.92 8.23 35.49
N SER F 143 -19.80 8.52 34.85
CA SER F 143 -19.32 9.88 34.66
C SER F 143 -19.54 10.29 33.21
N LEU F 144 -20.07 11.50 33.00
CA LEU F 144 -20.49 11.95 31.68
C LEU F 144 -19.64 13.12 31.22
N THR F 145 -19.74 13.40 29.92
CA THR F 145 -19.14 14.59 29.33
C THR F 145 -20.19 15.69 29.29
N PHE F 146 -19.83 16.84 28.73
CA PHE F 146 -20.79 17.94 28.67
C PHE F 146 -21.87 17.70 27.63
N GLU F 147 -21.52 17.03 26.53
CA GLU F 147 -22.53 16.71 25.54
C GLU F 147 -23.55 15.71 26.08
N GLN F 148 -23.09 14.75 26.88
CA GLN F 148 -24.01 13.77 27.44
C GLN F 148 -24.88 14.39 28.53
N LEU F 149 -24.33 15.30 29.33
CA LEU F 149 -25.16 16.07 30.25
C LEU F 149 -26.20 16.86 29.49
N ASN F 150 -25.81 17.44 28.36
CA ASN F 150 -26.75 18.18 27.54
C ASN F 150 -27.90 17.29 27.08
N HIS F 151 -27.57 16.12 26.55
CA HIS F 151 -28.62 15.20 26.11
C HIS F 151 -29.54 14.82 27.26
N LEU F 152 -28.97 14.42 28.38
CA LEU F 152 -29.75 14.00 29.54
C LEU F 152 -30.72 15.11 29.99
N TRP F 153 -30.18 16.27 30.31
CA TRP F 153 -31.03 17.31 30.88
C TRP F 153 -31.90 17.99 29.85
N GLY F 154 -31.58 17.86 28.55
CA GLY F 154 -32.53 18.26 27.53
C GLY F 154 -33.72 17.32 27.48
N ALA F 155 -33.48 16.02 27.69
CA ALA F 155 -34.60 15.11 27.83
C ALA F 155 -35.36 15.29 29.14
N LEU F 156 -34.75 15.96 30.13
CA LEU F 156 -35.40 16.12 31.43
C LEU F 156 -35.92 17.51 31.72
N GLY F 157 -35.85 18.45 30.78
CA GLY F 157 -36.43 19.77 30.95
C GLY F 157 -35.47 20.93 30.73
N GLY F 158 -34.17 20.72 30.90
CA GLY F 158 -33.20 21.74 30.58
C GLY F 158 -32.62 22.53 31.74
N LYS F 159 -32.66 22.01 32.96
CA LYS F 159 -32.06 22.69 34.10
C LYS F 159 -31.46 21.67 35.07
N GLN F 160 -30.24 21.92 35.52
CA GLN F 160 -29.51 21.01 36.37
C GLN F 160 -29.78 21.25 37.85
N VAL F 161 -29.57 20.19 38.63
CA VAL F 161 -29.43 20.26 40.08
C VAL F 161 -28.24 19.39 40.43
N PRO F 162 -27.72 19.42 41.66
CA PRO F 162 -26.67 18.45 42.03
C PRO F 162 -27.19 17.03 41.91
N PHE F 163 -26.47 16.20 41.17
CA PHE F 163 -26.98 14.88 40.81
C PHE F 163 -25.84 13.89 40.68
N VAL F 164 -26.22 12.61 40.53
CA VAL F 164 -25.28 11.55 40.23
C VAL F 164 -26.04 10.42 39.54
N LEU F 165 -25.34 9.64 38.70
CA LEU F 165 -25.97 8.63 37.88
C LEU F 165 -25.33 7.25 38.10
N TYR F 166 -26.19 6.25 38.29
CA TYR F 166 -25.74 4.88 38.53
C TYR F 166 -26.47 3.92 37.60
N ARG F 167 -25.84 2.78 37.37
CA ARG F 167 -26.42 1.70 36.58
C ARG F 167 -26.54 0.45 37.43
N ALA F 168 -27.70 -0.17 37.41
CA ALA F 168 -27.97 -1.44 38.08
C ALA F 168 -28.09 -2.53 37.02
N ARG F 169 -27.35 -3.63 37.18
CA ARG F 169 -27.03 -4.46 36.02
C ARG F 169 -28.17 -5.35 35.55
N ILE F 170 -28.62 -6.30 36.35
CA ILE F 170 -29.49 -7.36 35.83
C ILE F 170 -30.82 -7.36 36.56
N LEU F 171 -31.90 -7.32 35.78
CA LEU F 171 -33.24 -7.56 36.29
C LEU F 171 -34.00 -8.36 35.24
N SER F 172 -34.59 -9.47 35.64
CA SER F 172 -35.17 -10.43 34.71
C SER F 172 -36.68 -10.47 34.85
N LEU F 173 -37.37 -10.41 33.72
CA LEU F 173 -38.82 -10.37 33.66
C LEU F 173 -39.35 -11.47 32.76
N GLU F 174 -40.46 -12.08 33.17
CA GLU F 174 -41.13 -13.09 32.35
C GLU F 174 -42.52 -13.33 32.92
N ALA F 175 -43.35 -13.98 32.11
CA ALA F 175 -44.70 -14.38 32.48
C ALA F 175 -44.72 -15.81 33.01
N PRO F 176 -45.54 -16.09 34.00
CA PRO F 176 -45.66 -17.46 34.55
C PRO F 176 -46.62 -18.31 33.73
N LYS F 177 -46.18 -18.72 32.53
CA LYS F 177 -47.04 -19.47 31.63
C LYS F 177 -46.21 -20.42 30.79
N ARG F 178 -46.63 -21.67 30.75
CA ARG F 178 -46.00 -22.70 29.94
C ARG F 178 -46.37 -22.52 28.48
N GLN F 179 -45.58 -23.14 27.61
CA GLN F 179 -45.89 -23.12 26.18
C GLN F 179 -46.30 -24.48 25.64
N ALA F 180 -45.53 -25.55 25.90
CA ALA F 180 -45.93 -26.85 25.39
C ALA F 180 -45.19 -27.96 26.13
N GLU F 181 -45.47 -29.21 25.73
CA GLU F 181 -44.83 -30.38 26.31
C GLU F 181 -44.50 -31.39 25.21
N GLY F 182 -43.50 -32.21 25.47
CA GLY F 182 -43.10 -33.24 24.54
C GLY F 182 -42.36 -34.37 25.23
N SER F 183 -41.88 -35.32 24.42
CA SER F 183 -41.19 -36.51 24.93
C SER F 183 -39.82 -36.63 24.28
N THR F 184 -38.96 -37.43 24.93
CA THR F 184 -37.56 -37.57 24.54
C THR F 184 -37.33 -38.86 23.75
N ILE F 185 -36.07 -39.11 23.41
CA ILE F 185 -35.67 -40.22 22.56
C ILE F 185 -35.31 -41.42 23.41
N THR F 186 -35.88 -42.58 23.09
CA THR F 186 -35.58 -43.81 23.82
C THR F 186 -35.30 -45.01 22.93
N GLU F 187 -35.64 -44.98 21.64
CA GLU F 187 -35.38 -46.10 20.75
C GLU F 187 -35.00 -45.56 19.38
N ILE F 188 -34.09 -46.23 18.66
CA ILE F 188 -33.65 -45.83 17.31
C ILE F 188 -33.57 -47.03 16.33
N TYR F 189 -34.08 -46.88 15.11
CA TYR F 189 -33.98 -47.93 14.11
C TYR F 189 -33.09 -47.39 13.04
N ILE F 190 -32.16 -48.21 12.58
CA ILE F 190 -31.28 -47.83 11.49
C ILE F 190 -31.60 -48.86 10.41
N ASN F 191 -32.13 -48.39 9.27
CA ASN F 191 -32.53 -49.28 8.18
C ASN F 191 -33.41 -50.41 8.69
N MET G 1 -32.00 -52.34 12.34
CA MET G 1 -31.28 -52.46 13.60
C MET G 1 -32.00 -51.72 14.72
N LYS G 2 -32.79 -52.45 15.50
CA LYS G 2 -33.55 -51.87 16.62
C LYS G 2 -32.72 -51.86 17.90
N ILE G 3 -32.60 -50.69 18.53
CA ILE G 3 -31.81 -50.54 19.74
C ILE G 3 -32.68 -49.91 20.81
N LEU G 4 -32.93 -50.66 21.89
CA LEU G 4 -33.77 -50.19 22.99
C LEU G 4 -32.91 -49.93 24.23
N TYR G 5 -33.15 -48.78 24.86
CA TYR G 5 -32.40 -48.35 26.03
C TYR G 5 -33.35 -48.10 27.18
N LYS G 6 -32.91 -48.41 28.39
CA LYS G 6 -33.74 -48.20 29.58
C LYS G 6 -32.85 -47.75 30.74
N LYS G 7 -33.36 -46.82 31.54
CA LYS G 7 -32.58 -46.34 32.67
C LYS G 7 -32.37 -47.52 33.62
N ILE G 8 -31.17 -47.62 34.16
CA ILE G 8 -30.84 -48.71 35.08
C ILE G 8 -30.22 -48.25 36.41
N LEU G 9 -29.93 -46.96 36.52
CA LEU G 9 -29.29 -46.47 37.74
C LEU G 9 -29.57 -45.00 38.01
N ASN G 10 -29.82 -44.70 39.29
CA ASN G 10 -30.04 -43.34 39.72
C ASN G 10 -29.02 -43.03 40.82
N LEU G 11 -28.27 -41.95 40.61
CA LEU G 11 -27.26 -41.54 41.59
C LEU G 11 -27.55 -40.10 41.96
N GLU G 12 -27.87 -39.87 43.23
CA GLU G 12 -28.19 -38.52 43.66
C GLU G 12 -27.27 -38.06 44.78
N LEU G 13 -27.08 -36.74 44.83
CA LEU G 13 -26.18 -36.09 45.77
C LEU G 13 -26.94 -34.95 46.44
N TRP G 14 -26.98 -34.97 47.77
CA TRP G 14 -27.75 -34.02 48.55
C TRP G 14 -26.82 -33.11 49.35
N HIS G 15 -27.27 -31.89 49.60
CA HIS G 15 -26.54 -30.95 50.42
C HIS G 15 -27.53 -30.08 51.17
N ASP G 16 -27.37 -30.01 52.49
CA ASP G 16 -28.26 -29.23 53.33
C ASP G 16 -28.04 -27.73 53.19
N PHE G 17 -26.95 -27.31 52.56
CA PHE G 17 -26.75 -25.90 52.26
C PHE G 17 -27.88 -25.35 51.38
N TYR G 18 -28.46 -26.21 50.54
CA TYR G 18 -29.58 -25.84 49.69
C TYR G 18 -30.92 -26.39 50.19
N LEU G 19 -30.93 -27.60 50.74
CA LEU G 19 -32.17 -28.27 51.07
C LEU G 19 -32.68 -27.93 52.46
N GLY G 20 -31.79 -27.81 53.43
CA GLY G 20 -32.22 -27.68 54.81
C GLY G 20 -32.53 -29.05 55.40
N GLN G 21 -33.39 -29.04 56.42
CA GLN G 21 -33.83 -30.27 57.07
C GLN G 21 -35.33 -30.42 56.90
N PRO G 22 -35.80 -31.22 55.95
CA PRO G 22 -37.23 -31.51 55.87
C PRO G 22 -37.65 -32.42 57.02
N ASN G 23 -38.89 -32.23 57.47
CA ASN G 23 -39.39 -33.00 58.60
C ASN G 23 -39.51 -34.49 58.28
N THR G 24 -39.64 -34.84 57.02
CA THR G 24 -39.56 -36.23 56.58
C THR G 24 -39.10 -36.28 55.13
N PRO G 25 -37.92 -36.85 54.87
CA PRO G 25 -37.35 -36.77 53.52
C PRO G 25 -38.13 -37.59 52.51
N GLY G 26 -38.40 -36.99 51.36
CA GLY G 26 -38.99 -37.66 50.23
C GLY G 26 -38.09 -37.60 49.03
N SER G 27 -38.52 -36.90 47.99
CA SER G 27 -37.68 -36.59 46.84
C SER G 27 -37.16 -35.16 46.95
N LEU G 28 -36.26 -34.81 46.04
CA LEU G 28 -35.77 -33.45 45.96
C LEU G 28 -36.82 -32.54 45.36
N PRO G 29 -36.69 -31.22 45.54
CA PRO G 29 -37.61 -30.30 44.87
C PRO G 29 -37.42 -30.30 43.37
N ASN G 30 -38.29 -29.60 42.65
CA ASN G 30 -38.20 -29.57 41.20
C ASN G 30 -37.11 -28.65 40.68
N ASN G 31 -36.60 -27.74 41.52
CA ASN G 31 -35.58 -26.80 41.11
C ASN G 31 -34.21 -27.11 41.74
N TYR G 32 -33.97 -28.37 42.07
CA TYR G 32 -32.70 -28.73 42.68
C TYR G 32 -31.60 -28.75 41.62
N ASP G 33 -30.39 -28.37 42.04
CA ASP G 33 -29.26 -28.27 41.13
C ASP G 33 -27.92 -28.16 41.85
N ILE G 34 -26.96 -28.99 41.48
CA ILE G 34 -25.60 -28.87 42.01
C ILE G 34 -24.62 -28.93 40.85
N SER G 35 -25.12 -28.75 39.62
CA SER G 35 -24.31 -28.89 38.43
C SER G 35 -23.10 -27.96 38.40
N ARG G 36 -23.00 -27.05 39.36
CA ARG G 36 -21.89 -26.11 39.44
C ARG G 36 -21.09 -26.27 40.73
N THR G 37 -21.35 -27.31 41.50
CA THR G 37 -20.64 -27.57 42.74
C THR G 37 -19.94 -28.92 42.75
N LEU G 38 -20.57 -29.95 42.20
CA LEU G 38 -20.03 -31.30 42.23
C LEU G 38 -20.18 -31.92 40.85
N ALA G 39 -19.26 -32.83 40.52
CA ALA G 39 -19.31 -33.50 39.23
C ALA G 39 -18.81 -34.92 39.36
N LEU G 40 -19.42 -35.82 38.59
CA LEU G 40 -19.02 -37.22 38.52
C LEU G 40 -18.29 -37.47 37.20
N VAL G 41 -17.17 -38.17 37.26
CA VAL G 41 -16.34 -38.37 36.08
C VAL G 41 -15.89 -39.83 35.98
N PRO G 42 -16.27 -40.56 34.93
CA PRO G 42 -15.81 -41.94 34.80
C PRO G 42 -14.31 -42.02 34.54
N THR G 43 -13.69 -43.08 35.06
CA THR G 43 -12.29 -43.35 34.77
C THR G 43 -12.16 -44.02 33.41
N GLN G 44 -10.92 -44.38 33.03
CA GLN G 44 -10.69 -45.00 31.73
C GLN G 44 -11.19 -46.44 31.72
N GLU G 45 -10.84 -47.21 32.76
CA GLU G 45 -11.36 -48.56 32.88
C GLU G 45 -12.88 -48.56 32.86
N CYS G 46 -13.49 -47.63 33.58
CA CYS G 46 -14.94 -47.52 33.56
C CYS G 46 -15.45 -47.31 32.14
N LEU G 47 -14.77 -46.47 31.36
CA LEU G 47 -15.21 -46.20 30.00
C LEU G 47 -15.17 -47.46 29.15
N ARG G 48 -14.05 -48.18 29.18
CA ARG G 48 -13.95 -49.36 28.32
C ARG G 48 -14.88 -50.48 28.79
N VAL G 49 -15.15 -50.56 30.10
CA VAL G 49 -16.05 -51.59 30.59
C VAL G 49 -17.49 -51.26 30.21
N LEU G 50 -17.89 -49.99 30.32
CA LEU G 50 -19.22 -49.59 29.86
C LEU G 50 -19.36 -49.84 28.37
N ALA G 51 -18.29 -49.64 27.61
CA ALA G 51 -18.33 -49.95 26.19
C ALA G 51 -18.59 -51.44 25.97
N ASN G 52 -17.85 -52.30 26.67
CA ASN G 52 -18.03 -53.74 26.49
C ASN G 52 -19.43 -54.18 26.89
N LEU G 53 -20.01 -53.57 27.92
CA LEU G 53 -21.33 -53.98 28.38
C LEU G 53 -22.47 -53.34 27.60
N ARG G 54 -22.17 -52.39 26.71
CA ARG G 54 -23.18 -51.63 25.96
C ARG G 54 -24.10 -50.85 26.91
N TRP G 55 -23.49 -50.09 27.82
CA TRP G 55 -24.21 -49.17 28.68
C TRP G 55 -23.75 -47.75 28.42
N VAL G 56 -24.61 -46.80 28.75
CA VAL G 56 -24.41 -45.39 28.41
C VAL G 56 -24.45 -44.56 29.69
N PHE G 57 -23.45 -43.70 29.86
CA PHE G 57 -23.36 -42.79 30.99
C PHE G 57 -23.94 -41.43 30.63
N ARG G 58 -24.61 -40.78 31.59
CA ARG G 58 -25.16 -39.47 31.29
C ARG G 58 -25.16 -38.59 32.54
N PRO G 59 -24.57 -37.40 32.48
CA PRO G 59 -24.69 -36.47 33.60
C PRO G 59 -26.12 -35.93 33.72
N GLN G 60 -26.44 -35.44 34.92
CA GLN G 60 -27.76 -34.91 35.20
C GLN G 60 -27.63 -33.66 36.06
N LEU G 61 -28.76 -32.99 36.26
CA LEU G 61 -28.79 -31.82 37.11
C LEU G 61 -28.68 -32.16 38.59
N TYR G 62 -28.83 -33.42 38.96
CA TYR G 62 -28.76 -33.88 40.33
C TYR G 62 -27.67 -34.91 40.56
N GLY G 63 -26.90 -35.25 39.53
CA GLY G 63 -26.00 -36.38 39.60
C GLY G 63 -25.76 -36.99 38.24
N ALA G 64 -26.00 -38.30 38.09
CA ALA G 64 -25.79 -38.97 36.82
C ALA G 64 -26.80 -40.10 36.69
N SER G 65 -26.72 -40.80 35.55
CA SER G 65 -27.58 -41.95 35.28
C SER G 65 -26.88 -42.89 34.33
N LEU G 66 -27.31 -44.15 34.35
CA LEU G 66 -26.83 -45.18 33.43
C LEU G 66 -28.00 -45.80 32.68
N PHE G 67 -27.80 -46.05 31.40
CA PHE G 67 -28.79 -46.64 30.52
C PHE G 67 -28.25 -47.95 29.97
N ALA G 68 -29.05 -49.00 30.06
CA ALA G 68 -28.71 -50.32 29.55
C ALA G 68 -29.46 -50.62 28.26
N ASN G 69 -28.85 -51.46 27.43
CA ASN G 69 -29.41 -51.86 26.15
C ASN G 69 -30.11 -53.19 26.35
N VAL G 70 -31.44 -53.22 26.16
CA VAL G 70 -32.25 -54.36 26.58
C VAL G 70 -33.11 -54.84 25.41
N ASN G 71 -33.82 -55.93 25.65
CA ASN G 71 -34.76 -56.52 24.71
C ASN G 71 -36.17 -56.41 25.28
N ALA G 72 -37.12 -56.03 24.44
CA ALA G 72 -38.50 -55.85 24.89
C ALA G 72 -39.22 -57.20 24.90
N ALA G 73 -39.46 -57.74 26.09
CA ALA G 73 -40.19 -58.97 26.27
C ALA G 73 -41.67 -58.68 26.50
N PRO G 74 -42.54 -59.67 26.28
CA PRO G 74 -43.97 -59.45 26.57
C PRO G 74 -44.28 -59.39 28.04
N SER G 75 -43.53 -60.10 28.88
CA SER G 75 -43.84 -60.17 30.30
C SER G 75 -43.76 -58.82 31.00
N GLY G 76 -43.13 -57.83 30.37
CA GLY G 76 -42.81 -56.59 31.05
C GLY G 76 -41.43 -56.56 31.66
N GLN G 77 -40.79 -57.73 31.80
CA GLN G 77 -39.41 -57.78 32.22
C GLN G 77 -38.49 -57.45 31.06
N PHE G 78 -37.36 -56.84 31.37
CA PHE G 78 -36.43 -56.37 30.33
C PHE G 78 -35.09 -57.07 30.47
N PRO G 79 -34.79 -58.05 29.62
CA PRO G 79 -33.50 -58.74 29.69
C PRO G 79 -32.42 -58.02 28.90
N THR G 80 -31.19 -58.17 29.37
CA THR G 80 -30.07 -57.60 28.66
C THR G 80 -29.80 -58.41 27.39
N ILE G 81 -29.11 -57.77 26.44
CA ILE G 81 -28.81 -58.43 25.17
C ILE G 81 -28.07 -59.75 25.38
N PHE G 82 -27.30 -59.84 26.44
CA PHE G 82 -26.65 -61.06 26.81
C PHE G 82 -26.64 -61.19 28.31
N PRO G 83 -26.48 -62.41 28.82
CA PRO G 83 -26.44 -62.57 30.29
C PRO G 83 -25.17 -61.99 30.88
N ILE G 84 -25.34 -61.03 31.78
CA ILE G 84 -24.23 -60.46 32.55
C ILE G 84 -24.15 -61.28 33.83
N ASP G 85 -23.36 -62.35 33.80
CA ASP G 85 -23.30 -63.29 34.91
C ASP G 85 -21.89 -63.46 35.47
N ARG G 86 -21.02 -62.49 35.24
CA ARG G 86 -19.71 -62.43 35.87
C ARG G 86 -19.67 -61.28 36.86
N VAL G 87 -18.50 -61.05 37.44
CA VAL G 87 -18.29 -59.98 38.41
C VAL G 87 -17.68 -58.78 37.69
N TYR G 88 -18.25 -57.60 37.94
CA TYR G 88 -17.78 -56.38 37.28
C TYR G 88 -17.68 -55.25 38.29
N ARG G 89 -16.93 -54.21 37.92
CA ARG G 89 -16.53 -53.16 38.85
C ARG G 89 -16.46 -51.84 38.09
N LEU G 90 -17.19 -50.83 38.57
CA LEU G 90 -17.26 -49.52 37.91
C LEU G 90 -16.87 -48.43 38.89
N THR G 91 -16.02 -47.51 38.46
CA THR G 91 -15.46 -46.49 39.34
C THR G 91 -15.69 -45.10 38.77
N PHE G 92 -15.80 -44.13 39.67
CA PHE G 92 -16.04 -42.74 39.29
C PHE G 92 -15.32 -41.79 40.22
N TRP G 93 -14.72 -40.75 39.64
CA TRP G 93 -14.18 -39.64 40.40
C TRP G 93 -15.29 -38.67 40.79
N LEU G 94 -15.20 -38.12 41.99
CA LEU G 94 -16.06 -37.04 42.43
C LEU G 94 -15.21 -35.80 42.59
N VAL G 95 -15.51 -34.76 41.81
CA VAL G 95 -14.72 -33.54 41.77
C VAL G 95 -15.58 -32.37 42.22
N VAL G 96 -14.94 -31.41 42.90
CA VAL G 96 -15.60 -30.23 43.44
C VAL G 96 -15.29 -29.04 42.55
N SER G 97 -16.31 -28.23 42.26
CA SER G 97 -16.14 -27.05 41.44
C SER G 97 -16.18 -25.75 42.24
N ASP G 98 -16.93 -25.72 43.33
CA ASP G 98 -17.16 -24.50 44.09
C ASP G 98 -16.05 -24.30 45.11
N ARG G 99 -15.40 -23.15 45.04
CA ARG G 99 -14.41 -22.83 46.07
C ARG G 99 -15.18 -22.54 47.34
N TYR G 100 -14.49 -22.38 48.44
CA TYR G 100 -15.09 -22.23 49.76
C TYR G 100 -15.98 -23.41 50.12
N PHE G 101 -15.87 -24.52 49.40
CA PHE G 101 -16.70 -25.69 49.68
C PHE G 101 -16.45 -26.22 51.08
N ALA G 102 -15.19 -26.29 51.48
CA ALA G 102 -14.79 -26.80 52.78
C ALA G 102 -15.23 -25.91 53.91
N ASN G 103 -15.97 -24.84 53.66
CA ASN G 103 -16.41 -23.94 54.71
C ASN G 103 -17.85 -24.15 55.12
N PHE G 104 -18.70 -24.67 54.23
CA PHE G 104 -20.12 -24.87 54.54
C PHE G 104 -20.55 -26.32 54.47
N THR G 105 -19.63 -27.27 54.71
CA THR G 105 -19.91 -28.67 54.41
C THR G 105 -19.71 -29.58 55.61
N ASN G 106 -19.38 -29.05 56.79
CA ASN G 106 -19.24 -29.84 58.01
C ASN G 106 -18.27 -31.00 57.81
N LEU G 107 -17.02 -30.66 57.52
CA LEU G 107 -15.95 -31.63 57.39
C LEU G 107 -14.97 -31.50 58.55
N SER G 108 -14.02 -32.43 58.62
CA SER G 108 -13.05 -32.42 59.71
C SER G 108 -11.97 -31.39 59.42
N LEU G 109 -11.71 -30.53 60.40
CA LEU G 109 -10.76 -29.43 60.26
C LEU G 109 -9.33 -29.86 60.57
N ILE G 110 -9.09 -31.13 60.80
CA ILE G 110 -7.76 -31.64 61.12
C ILE G 110 -7.00 -31.85 59.83
N ASN G 111 -5.72 -31.47 59.83
CA ASN G 111 -4.92 -31.47 58.61
C ASN G 111 -4.79 -32.88 58.05
N SER G 112 -5.44 -33.12 56.93
CA SER G 112 -5.41 -34.41 56.25
C SER G 112 -5.23 -34.16 54.77
N ARG G 113 -4.01 -34.34 54.27
CA ARG G 113 -3.71 -34.21 52.86
C ARG G 113 -3.28 -35.54 52.24
N ASN G 114 -3.30 -36.62 53.02
CA ASN G 114 -2.97 -37.96 52.53
C ASN G 114 -4.16 -38.90 52.63
N GLN G 115 -5.37 -38.36 52.61
CA GLN G 115 -6.57 -39.17 52.76
C GLN G 115 -7.58 -38.76 51.70
N ILE G 116 -8.58 -39.61 51.51
CA ILE G 116 -9.59 -39.42 50.48
C ILE G 116 -10.86 -40.14 50.92
N TYR G 117 -12.00 -39.68 50.43
CA TYR G 117 -13.27 -40.28 50.79
C TYR G 117 -13.57 -41.46 49.87
N TYR G 118 -14.56 -42.26 50.26
CA TYR G 118 -14.85 -43.50 49.55
C TYR G 118 -16.30 -43.89 49.81
N PHE G 119 -17.01 -44.24 48.74
CA PHE G 119 -18.41 -44.61 48.80
C PHE G 119 -18.64 -45.85 47.93
N SER G 120 -19.55 -46.71 48.36
CA SER G 120 -19.75 -47.99 47.68
C SER G 120 -21.18 -48.46 47.91
N ASN G 121 -21.53 -49.56 47.25
CA ASN G 121 -22.82 -50.21 47.47
C ASN G 121 -22.70 -51.43 48.34
N LEU G 122 -21.60 -51.55 49.09
CA LEU G 122 -21.37 -52.62 50.04
C LEU G 122 -21.36 -52.07 51.47
N SER G 123 -22.29 -51.17 51.77
CA SER G 123 -22.32 -50.51 53.07
C SER G 123 -23.62 -50.75 53.83
N GLY G 124 -24.50 -51.63 53.35
CA GLY G 124 -25.81 -51.81 53.93
C GLY G 124 -26.58 -50.51 54.00
N ASN G 125 -26.95 -50.09 55.21
CA ASN G 125 -27.56 -48.80 55.46
C ASN G 125 -28.76 -48.53 54.56
N GLU G 126 -29.71 -49.47 54.55
CA GLU G 126 -30.93 -49.32 53.76
C GLU G 126 -32.08 -48.94 54.69
N GLY G 127 -32.19 -47.64 54.94
CA GLY G 127 -33.21 -47.11 55.83
C GLY G 127 -34.39 -46.54 55.06
N HIS G 128 -34.43 -45.22 54.90
CA HIS G 128 -35.41 -44.60 54.04
C HIS G 128 -34.85 -44.33 52.66
N ALA G 129 -33.63 -44.75 52.40
CA ALA G 129 -33.00 -44.66 51.08
C ALA G 129 -31.95 -45.74 50.99
N LEU G 130 -31.25 -45.77 49.86
CA LEU G 130 -30.08 -46.62 49.70
C LEU G 130 -28.85 -45.72 49.84
N PHE G 131 -28.29 -45.69 51.05
CA PHE G 131 -27.19 -44.79 51.37
C PHE G 131 -25.85 -45.44 51.07
N LEU G 132 -25.01 -44.73 50.31
CA LEU G 132 -23.68 -45.21 49.96
C LEU G 132 -22.65 -44.90 51.03
N THR G 133 -23.08 -44.44 52.19
CA THR G 133 -22.20 -44.16 53.31
C THR G 133 -22.26 -45.30 54.32
N GLN G 134 -21.34 -45.27 55.27
CA GLN G 134 -21.34 -46.26 56.34
C GLN G 134 -22.38 -45.87 57.40
N PRO G 135 -22.96 -46.85 58.08
CA PRO G 135 -23.98 -46.54 59.09
C PRO G 135 -23.38 -45.77 60.26
N LEU G 136 -24.09 -44.74 60.69
CA LEU G 136 -23.64 -43.92 61.81
C LEU G 136 -23.61 -44.73 63.10
N SER G 137 -22.64 -44.43 63.95
CA SER G 137 -22.54 -45.12 65.23
C SER G 137 -23.65 -44.63 66.17
N ALA G 138 -23.80 -45.35 67.28
CA ALA G 138 -24.85 -45.08 68.24
C ALA G 138 -24.33 -44.23 69.40
N TYR G 139 -25.24 -43.51 70.03
CA TYR G 139 -24.89 -42.73 71.22
C TYR G 139 -24.74 -43.66 72.41
N THR G 140 -23.55 -43.70 72.99
CA THR G 140 -23.25 -44.56 74.12
C THR G 140 -22.89 -43.72 75.34
N THR G 141 -22.49 -44.39 76.40
CA THR G 141 -22.06 -43.74 77.62
C THR G 141 -20.56 -43.91 77.80
N ASN G 142 -19.93 -42.85 78.32
CA ASN G 142 -18.49 -42.83 78.58
C ASN G 142 -17.66 -42.99 77.32
N ASN G 143 -17.86 -42.11 76.35
CA ASN G 143 -16.98 -42.01 75.18
C ASN G 143 -16.62 -40.57 74.91
N GLU G 144 -15.75 -40.38 73.92
CA GLU G 144 -15.18 -39.08 73.59
C GLU G 144 -15.66 -38.66 72.22
N TYR G 145 -16.35 -37.53 72.16
CA TYR G 145 -16.87 -36.99 70.91
C TYR G 145 -16.28 -35.62 70.66
N GLN G 146 -15.86 -35.38 69.42
CA GLN G 146 -15.37 -34.07 69.03
C GLN G 146 -16.53 -33.18 68.59
N LEU G 147 -16.28 -31.88 68.61
CA LEU G 147 -17.26 -30.92 68.12
C LEU G 147 -17.53 -31.16 66.64
N GLY G 148 -18.77 -31.48 66.30
CA GLY G 148 -19.16 -31.76 64.93
C GLY G 148 -19.63 -33.17 64.67
N GLN G 149 -19.56 -34.07 65.64
CA GLN G 149 -19.90 -35.46 65.41
C GLN G 149 -21.42 -35.65 65.31
N LEU G 150 -21.84 -36.50 64.38
CA LEU G 150 -23.23 -36.90 64.22
C LEU G 150 -23.39 -38.34 64.68
N VAL G 151 -24.36 -38.57 65.57
CA VAL G 151 -24.67 -39.89 66.09
C VAL G 151 -26.17 -40.12 66.00
N THR G 152 -26.60 -41.30 66.41
CA THR G 152 -28.01 -41.67 66.39
C THR G 152 -28.48 -42.02 67.79
N HIS G 153 -29.70 -41.63 68.12
CA HIS G 153 -30.27 -41.93 69.42
C HIS G 153 -31.76 -41.64 69.41
N ALA G 154 -32.54 -42.58 69.93
CA ALA G 154 -33.98 -42.42 70.14
C ALA G 154 -34.68 -41.87 68.91
N ASP G 155 -34.52 -42.57 67.80
CA ASP G 155 -35.19 -42.25 66.53
C ASP G 155 -34.74 -40.92 65.94
N LYS G 156 -33.65 -40.35 66.44
CA LYS G 156 -33.21 -39.03 66.01
C LYS G 156 -31.71 -39.04 65.73
N THR G 157 -31.24 -37.95 65.14
CA THR G 157 -29.84 -37.76 64.84
C THR G 157 -29.33 -36.59 65.67
N LEU G 158 -28.21 -36.80 66.35
CA LEU G 158 -27.65 -35.85 67.30
C LEU G 158 -26.37 -35.25 66.74
N GLU G 159 -26.24 -33.93 66.90
CA GLU G 159 -25.04 -33.20 66.52
C GLU G 159 -24.32 -32.72 67.78
N SER G 160 -23.00 -32.75 67.76
CA SER G 160 -22.21 -32.36 68.92
C SER G 160 -21.85 -30.88 68.86
N LEU G 161 -21.96 -30.21 70.01
CA LEU G 161 -21.67 -28.78 70.09
C LEU G 161 -20.41 -28.45 70.88
N THR G 162 -19.84 -29.39 71.62
CA THR G 162 -18.64 -29.11 72.39
C THR G 162 -17.93 -30.42 72.70
N TYR G 163 -16.70 -30.29 73.18
CA TYR G 163 -15.85 -31.45 73.46
C TYR G 163 -16.26 -32.10 74.78
N GLN G 164 -16.40 -33.42 74.77
CA GLN G 164 -16.81 -34.18 75.95
C GLN G 164 -15.85 -35.35 76.15
N GLY G 165 -15.07 -35.29 77.23
CA GLY G 165 -14.17 -36.38 77.55
C GLY G 165 -14.83 -37.60 78.15
N ASN G 166 -16.04 -37.44 78.68
CA ASN G 166 -16.79 -38.56 79.24
C ASN G 166 -18.27 -38.24 79.11
N ALA G 167 -19.04 -39.20 78.59
CA ALA G 167 -20.42 -38.96 78.24
C ALA G 167 -21.33 -39.14 79.46
N THR G 168 -22.62 -38.92 79.25
CA THR G 168 -23.65 -39.05 80.26
C THR G 168 -24.52 -40.26 79.95
N ASN G 169 -25.31 -40.70 80.93
CA ASN G 169 -26.28 -41.75 80.66
C ASN G 169 -27.38 -41.25 79.73
N ILE G 170 -27.82 -40.01 79.91
CA ILE G 170 -28.83 -39.41 79.05
C ILE G 170 -28.22 -38.19 78.38
N PRO G 171 -28.46 -37.99 77.07
CA PRO G 171 -27.94 -36.80 76.37
C PRO G 171 -28.14 -35.49 77.12
N ASN G 172 -27.07 -34.71 77.22
CA ASN G 172 -27.14 -33.39 77.84
C ASN G 172 -27.65 -32.39 76.80
N PRO G 173 -28.85 -31.83 76.99
CA PRO G 173 -29.48 -31.04 75.93
C PRO G 173 -28.74 -29.77 75.56
N SER G 174 -27.75 -29.35 76.34
CA SER G 174 -26.95 -28.18 76.00
C SER G 174 -25.72 -28.54 75.17
N ASP G 175 -25.57 -29.80 74.78
CA ASP G 175 -24.45 -30.23 73.97
C ASP G 175 -24.86 -30.88 72.67
N TRP G 176 -26.15 -31.06 72.43
CA TRP G 176 -26.62 -31.81 71.27
C TRP G 176 -27.86 -31.17 70.71
N ASP G 177 -27.98 -31.21 69.38
CA ASP G 177 -29.18 -30.72 68.71
C ASP G 177 -30.04 -31.92 68.27
N SER G 178 -31.24 -31.62 67.78
CA SER G 178 -32.25 -32.64 67.49
C SER G 178 -32.73 -32.48 66.05
N LEU G 179 -32.20 -33.32 65.16
CA LEU G 179 -32.55 -33.35 63.76
C LEU G 179 -33.35 -34.60 63.41
N PRO G 180 -34.01 -34.62 62.26
CA PRO G 180 -34.72 -35.83 61.84
C PRO G 180 -33.76 -36.96 61.50
N ALA G 181 -34.31 -38.16 61.43
CA ALA G 181 -33.52 -39.38 61.24
C ALA G 181 -33.07 -39.49 59.80
N SER G 182 -31.76 -39.42 59.58
CA SER G 182 -31.17 -39.61 58.27
C SER G 182 -29.68 -39.88 58.47
N GLN G 183 -29.05 -40.36 57.41
CA GLN G 183 -27.61 -40.63 57.44
C GLN G 183 -26.88 -39.58 56.62
N TYR G 184 -25.62 -39.34 56.98
CA TYR G 184 -24.80 -38.32 56.32
C TYR G 184 -23.39 -38.85 56.16
N VAL G 185 -22.50 -37.98 55.70
CA VAL G 185 -21.07 -38.28 55.61
C VAL G 185 -20.41 -37.97 56.94
N SER G 186 -19.46 -38.81 57.33
CA SER G 186 -18.73 -38.61 58.58
C SER G 186 -17.30 -39.09 58.39
N GLU G 187 -16.56 -39.13 59.48
CA GLU G 187 -15.16 -39.56 59.45
C GLU G 187 -14.99 -41.03 59.27
N LEU G 188 -16.08 -41.78 59.09
CA LEU G 188 -15.99 -43.20 58.84
C LEU G 188 -15.69 -43.52 57.38
N ASP G 189 -15.49 -42.50 56.55
CA ASP G 189 -15.25 -42.69 55.13
C ASP G 189 -13.93 -42.07 54.70
N HIS G 190 -13.05 -41.76 55.64
CA HIS G 190 -11.81 -41.04 55.38
C HIS G 190 -10.69 -42.06 55.39
N LEU G 191 -10.41 -42.62 54.22
CA LEU G 191 -9.37 -43.63 54.07
C LEU G 191 -8.08 -43.01 53.58
N PRO G 192 -6.93 -43.57 53.95
CA PRO G 192 -5.65 -43.02 53.49
C PRO G 192 -5.40 -43.33 52.02
N ARG G 193 -5.01 -42.31 51.27
CA ARG G 193 -4.73 -42.47 49.86
C ARG G 193 -3.25 -42.71 49.62
N GLN G 194 -2.95 -43.50 48.58
CA GLN G 194 -1.58 -43.91 48.30
C GLN G 194 -1.30 -43.82 46.81
N GLY G 195 -0.03 -43.59 46.47
CA GLY G 195 0.40 -43.55 45.09
C GLY G 195 1.16 -44.80 44.69
N THR G 196 2.19 -44.63 43.87
CA THR G 196 2.81 -45.78 43.22
C THR G 196 3.82 -46.49 44.12
N TYR G 197 4.60 -45.75 44.89
CA TYR G 197 5.70 -46.33 45.66
C TYR G 197 5.35 -46.36 47.15
N ARG G 198 5.66 -47.47 47.80
CA ARG G 198 5.39 -47.65 49.22
C ARG G 198 6.65 -48.04 49.97
N THR G 199 6.74 -47.59 51.22
CA THR G 199 7.75 -48.05 52.16
C THR G 199 7.06 -48.89 53.22
N GLN G 200 7.27 -50.21 53.17
CA GLN G 200 6.66 -51.12 54.13
C GLN G 200 7.71 -51.60 55.13
N VAL G 201 7.32 -51.63 56.40
CA VAL G 201 8.23 -51.97 57.49
C VAL G 201 7.79 -53.29 58.12
N ILE G 202 8.72 -54.23 58.22
CA ILE G 202 8.50 -55.49 58.90
C ILE G 202 9.05 -55.38 60.31
N THR G 203 8.24 -55.73 61.29
CA THR G 203 8.66 -55.78 62.68
C THR G 203 9.16 -57.18 63.01
N ASN G 204 10.16 -57.24 63.90
CA ASN G 204 10.82 -58.50 64.27
C ASN G 204 11.33 -59.21 63.01
N ALA G 205 12.16 -58.50 62.26
CA ALA G 205 12.69 -59.03 61.01
C ALA G 205 13.61 -60.21 61.30
N ASN G 206 13.25 -61.38 60.78
CA ASN G 206 13.96 -62.61 61.09
C ASN G 206 14.71 -63.12 59.88
N PRO G 207 16.05 -63.05 59.86
CA PRO G 207 16.80 -63.48 58.67
C PRO G 207 16.57 -64.92 58.27
N ASP G 208 16.06 -65.76 59.17
CA ASP G 208 15.85 -67.16 58.86
C ASP G 208 14.53 -67.42 58.14
N ASN G 209 13.84 -66.39 57.66
CA ASN G 209 12.52 -66.55 57.10
C ASN G 209 12.39 -65.70 55.84
N THR G 210 11.18 -65.72 55.26
CA THR G 210 10.83 -64.92 54.11
C THR G 210 9.44 -64.37 54.32
N TYR G 211 8.96 -63.57 53.37
CA TYR G 211 7.64 -62.99 53.46
C TYR G 211 7.05 -62.84 52.07
N ASN G 212 5.76 -63.16 51.94
CA ASN G 212 5.02 -63.01 50.69
C ASN G 212 3.93 -61.96 50.92
N PHE G 213 4.03 -60.84 50.22
CA PHE G 213 3.04 -59.77 50.30
C PHE G 213 2.04 -59.89 49.16
N THR G 214 0.78 -59.58 49.45
CA THR G 214 -0.29 -59.69 48.46
C THR G 214 -1.21 -58.49 48.55
N LEU G 215 -1.95 -58.27 47.47
CA LEU G 215 -2.94 -57.20 47.37
C LEU G 215 -4.28 -57.81 46.98
N VAL G 216 -5.33 -57.47 47.72
CA VAL G 216 -6.65 -58.07 47.51
C VAL G 216 -7.67 -56.95 47.35
N ASN G 217 -8.45 -57.00 46.28
CA ASN G 217 -9.46 -55.97 46.01
C ASN G 217 -10.81 -56.35 46.60
N THR G 218 -11.82 -55.52 46.30
CA THR G 218 -13.14 -55.70 46.89
C THR G 218 -13.81 -56.99 46.43
N ASN G 219 -13.49 -57.47 45.24
CA ASN G 219 -14.04 -58.74 44.76
C ASN G 219 -13.31 -59.95 45.35
N GLU G 220 -12.40 -59.73 46.31
CA GLU G 220 -11.64 -60.79 46.96
C GLU G 220 -10.80 -61.57 45.96
N GLN G 221 -10.22 -60.85 45.00
CA GLN G 221 -9.30 -61.44 44.03
C GLN G 221 -7.90 -60.93 44.31
N GLU G 222 -6.93 -61.84 44.39
CA GLU G 222 -5.54 -61.44 44.50
C GLU G 222 -5.09 -60.78 43.20
N SER G 223 -4.43 -59.64 43.32
CA SER G 223 -4.06 -58.85 42.16
C SER G 223 -2.56 -58.62 41.99
N TRP G 224 -1.76 -58.99 42.98
CA TRP G 224 -0.36 -58.56 42.99
C TRP G 224 0.35 -59.31 44.10
N ALA G 225 1.64 -59.60 43.89
CA ALA G 225 2.41 -60.33 44.89
C ALA G 225 3.89 -60.24 44.52
N ILE G 226 4.72 -60.14 45.56
CA ILE G 226 6.17 -60.26 45.45
C ILE G 226 6.70 -60.96 46.70
N ASP G 227 8.02 -61.16 46.74
CA ASP G 227 8.70 -61.70 47.91
C ASP G 227 9.84 -60.78 48.31
N VAL G 228 10.17 -60.82 49.60
CA VAL G 228 11.27 -60.03 50.17
C VAL G 228 12.10 -60.95 51.06
N ILE G 229 13.43 -60.91 50.87
CA ILE G 229 14.34 -61.82 51.55
C ILE G 229 15.24 -61.00 52.47
N VAL G 230 15.04 -61.14 53.77
CA VAL G 230 15.85 -60.41 54.75
C VAL G 230 17.26 -60.99 54.77
N PRO G 231 18.30 -60.18 54.66
CA PRO G 231 19.67 -60.72 54.60
C PRO G 231 20.09 -61.35 55.92
N ASP G 232 21.14 -62.16 55.85
CA ASP G 232 21.59 -62.96 56.97
C ASP G 232 22.63 -62.25 57.84
N THR G 233 22.70 -60.93 57.77
CA THR G 233 23.53 -60.15 58.68
C THR G 233 22.69 -59.15 59.46
N HIS G 234 21.37 -59.38 59.51
CA HIS G 234 20.43 -58.48 60.15
C HIS G 234 20.12 -59.02 61.54
N LYS G 235 20.55 -58.30 62.57
CA LYS G 235 20.31 -58.71 63.95
C LYS G 235 18.83 -58.92 64.20
N SER G 236 18.48 -60.16 64.55
CA SER G 236 17.08 -60.57 64.65
C SER G 236 16.33 -59.75 65.69
N GLY G 237 15.20 -59.17 65.29
CA GLY G 237 14.34 -58.43 66.18
C GLY G 237 14.16 -56.96 65.82
N GLU G 238 15.01 -56.40 64.96
CA GLU G 238 14.88 -54.99 64.60
C GLU G 238 13.93 -54.83 63.41
N PRO G 239 13.36 -53.64 63.23
CA PRO G 239 12.53 -53.40 62.05
C PRO G 239 13.37 -53.43 60.78
N PHE G 240 12.68 -53.63 59.66
CA PHE G 240 13.34 -53.68 58.36
C PHE G 240 12.42 -53.09 57.31
N SER G 241 12.90 -52.08 56.60
CA SER G 241 12.07 -51.39 55.62
C SER G 241 12.36 -51.88 54.21
N THR G 242 11.36 -51.78 53.34
CA THR G 242 11.48 -52.21 51.96
C THR G 242 10.61 -51.31 51.09
N SER G 243 10.91 -51.29 49.80
CA SER G 243 10.20 -50.49 48.82
C SER G 243 9.33 -51.37 47.93
N LEU G 244 8.11 -50.92 47.68
CA LEU G 244 7.13 -51.65 46.90
C LEU G 244 6.60 -50.77 45.78
N ASN G 245 6.25 -51.41 44.66
CA ASN G 245 5.82 -50.72 43.45
C ASN G 245 4.52 -51.33 42.96
N PHE G 246 3.49 -50.49 42.79
CA PHE G 246 2.17 -50.92 42.32
C PHE G 246 1.84 -50.32 40.97
N VAL G 247 2.82 -50.27 40.07
CA VAL G 247 2.71 -49.43 38.89
C VAL G 247 1.58 -49.87 37.95
N GLY G 248 1.25 -51.16 37.95
CA GLY G 248 0.32 -51.67 36.96
C GLY G 248 -1.09 -51.98 37.41
N GLN G 249 -1.55 -51.34 38.48
CA GLN G 249 -2.89 -51.60 39.02
C GLN G 249 -3.81 -50.42 38.76
N THR G 250 -5.11 -50.70 38.81
CA THR G 250 -6.17 -49.73 38.55
C THR G 250 -6.70 -49.17 39.85
N PRO G 251 -6.96 -47.86 39.92
CA PRO G 251 -7.27 -47.22 41.21
C PRO G 251 -8.51 -47.82 41.86
N GLY G 252 -8.47 -47.91 43.18
CA GLY G 252 -9.58 -48.53 43.88
C GLY G 252 -9.16 -48.95 45.28
N HIS G 253 -10.10 -49.58 45.97
CA HIS G 253 -9.90 -49.98 47.36
C HIS G 253 -9.21 -51.34 47.42
N TYR G 254 -8.14 -51.42 48.21
CA TYR G 254 -7.34 -52.64 48.30
C TYR G 254 -6.93 -52.88 49.74
N ARG G 255 -6.66 -54.16 50.03
CA ARG G 255 -6.14 -54.61 51.31
C ARG G 255 -4.78 -55.25 51.08
N LEU G 256 -3.76 -54.73 51.74
CA LEU G 256 -2.41 -55.26 51.65
C LEU G 256 -2.16 -56.24 52.78
N LEU G 257 -1.86 -57.48 52.42
CA LEU G 257 -1.61 -58.56 53.37
C LEU G 257 -0.17 -59.01 53.30
N GLU G 258 0.31 -59.55 54.41
CA GLU G 258 1.61 -60.24 54.47
C GLU G 258 1.40 -61.59 55.16
N ASN G 259 1.58 -62.67 54.39
CA ASN G 259 1.51 -64.03 54.92
C ASN G 259 0.28 -64.24 55.80
N ASP G 260 -0.89 -64.13 55.17
CA ASP G 260 -2.17 -64.43 55.80
C ASP G 260 -2.43 -63.51 56.99
N THR G 261 -2.17 -62.21 56.80
CA THR G 261 -2.43 -61.22 57.83
C THR G 261 -2.60 -59.87 57.18
N GLN G 262 -3.66 -59.15 57.54
CA GLN G 262 -3.85 -57.80 57.03
C GLN G 262 -2.85 -56.86 57.65
N VAL G 263 -2.06 -56.18 56.82
CA VAL G 263 -1.11 -55.21 57.30
C VAL G 263 -1.62 -53.80 57.01
N ALA G 264 -2.35 -53.63 55.91
CA ALA G 264 -2.81 -52.29 55.57
C ALA G 264 -4.08 -52.37 54.74
N GLU G 265 -4.74 -51.23 54.61
CA GLU G 265 -5.93 -51.08 53.78
C GLU G 265 -5.97 -49.65 53.27
N PHE G 266 -6.08 -49.48 51.95
CA PHE G 266 -5.97 -48.13 51.40
C PHE G 266 -6.66 -48.05 50.04
N VAL G 267 -6.85 -46.82 49.59
CA VAL G 267 -7.31 -46.55 48.24
C VAL G 267 -6.09 -46.22 47.39
N LEU G 268 -5.88 -47.00 46.34
CA LEU G 268 -4.76 -46.80 45.42
C LEU G 268 -5.14 -45.82 44.32
N VAL G 269 -4.20 -44.93 44.00
CA VAL G 269 -4.39 -43.80 43.10
C VAL G 269 -3.23 -43.78 42.09
N ASP G 270 -3.54 -43.36 40.85
CA ASP G 270 -2.53 -43.26 39.80
C ASP G 270 -2.28 -41.82 39.34
N ASN G 271 -2.95 -40.84 39.94
CA ASN G 271 -2.77 -39.42 39.62
C ASN G 271 -3.11 -39.12 38.16
N SER G 272 -4.10 -39.83 37.63
CA SER G 272 -4.71 -39.43 36.37
C SER G 272 -5.53 -38.15 36.54
N LEU G 273 -6.12 -37.95 37.72
CA LEU G 273 -6.88 -36.75 38.04
C LEU G 273 -6.55 -36.38 39.48
N PRO G 274 -5.37 -35.78 39.71
CA PRO G 274 -4.86 -35.67 41.09
C PRO G 274 -5.73 -34.86 42.03
N GLU G 275 -6.49 -33.90 41.53
CA GLU G 275 -7.29 -33.02 42.37
C GLU G 275 -8.70 -33.57 42.63
N ALA G 276 -8.92 -34.86 42.40
CA ALA G 276 -10.23 -35.46 42.69
C ALA G 276 -10.53 -35.39 44.18
N PHE G 277 -11.82 -35.27 44.51
CA PHE G 277 -12.27 -35.17 45.88
C PHE G 277 -12.60 -36.53 46.48
N ALA G 278 -13.38 -37.35 45.78
CA ALA G 278 -13.77 -38.64 46.33
C ALA G 278 -13.79 -39.69 45.22
N LEU G 279 -14.01 -40.94 45.63
CA LEU G 279 -14.13 -42.06 44.71
C LEU G 279 -15.41 -42.82 45.00
N VAL G 280 -16.12 -43.22 43.95
CA VAL G 280 -17.34 -44.00 44.07
C VAL G 280 -17.15 -45.31 43.31
N GLU G 281 -17.56 -46.41 43.93
CA GLU G 281 -17.44 -47.74 43.35
C GLU G 281 -18.81 -48.43 43.34
N VAL G 282 -19.13 -49.08 42.22
CA VAL G 282 -20.36 -49.82 42.05
C VAL G 282 -20.01 -51.20 41.51
N ILE G 283 -20.53 -52.24 42.15
CA ILE G 283 -20.11 -53.61 41.86
C ILE G 283 -21.29 -54.43 41.36
N LEU G 284 -21.00 -55.33 40.42
CA LEU G 284 -21.96 -56.33 39.96
C LEU G 284 -21.42 -57.69 40.38
N ASN G 285 -21.96 -58.23 41.46
CA ASN G 285 -21.56 -59.51 42.01
C ASN G 285 -22.72 -60.12 42.80
N PRO G 286 -23.30 -61.23 42.34
CA PRO G 286 -24.47 -61.79 43.04
C PRO G 286 -24.18 -62.30 44.45
N GLU G 287 -22.94 -62.24 44.92
CA GLU G 287 -22.58 -62.80 46.21
C GLU G 287 -22.26 -61.77 47.27
N LEU G 288 -21.88 -60.55 46.89
CA LEU G 288 -21.38 -59.58 47.84
C LEU G 288 -22.33 -58.43 48.11
N VAL G 289 -23.20 -58.08 47.16
CA VAL G 289 -24.15 -57.00 47.33
C VAL G 289 -25.51 -57.60 47.70
N PRO G 290 -26.15 -57.14 48.76
CA PRO G 290 -27.45 -57.71 49.14
C PRO G 290 -28.53 -57.48 48.10
N SER G 291 -29.71 -58.04 48.32
CA SER G 291 -30.78 -57.96 47.33
C SER G 291 -31.45 -56.60 47.30
N ALA G 292 -31.34 -55.82 48.37
CA ALA G 292 -31.92 -54.48 48.37
C ALA G 292 -31.11 -53.51 47.53
N PHE G 293 -29.88 -53.86 47.17
CA PHE G 293 -29.00 -52.97 46.44
C PHE G 293 -28.65 -53.44 45.04
N SER G 294 -28.90 -54.71 44.71
CA SER G 294 -28.47 -55.23 43.42
C SER G 294 -29.34 -54.67 42.30
N LEU G 295 -28.85 -54.82 41.07
CA LEU G 295 -29.49 -54.24 39.90
C LEU G 295 -29.82 -55.26 38.83
N LEU G 296 -29.57 -56.55 39.06
CA LEU G 296 -29.80 -57.57 38.06
C LEU G 296 -30.41 -58.81 38.72
N GLN G 297 -31.50 -59.32 38.15
CA GLN G 297 -32.06 -60.60 38.53
C GLN G 297 -31.63 -61.66 37.53
N ALA G 298 -31.52 -62.90 38.00
CA ALA G 298 -31.15 -64.02 37.15
C ALA G 298 -32.27 -65.04 37.16
N SER G 299 -32.79 -65.37 35.99
CA SER G 299 -33.89 -66.32 35.88
C SER G 299 -33.96 -66.85 34.46
N ALA G 300 -34.27 -68.14 34.33
CA ALA G 300 -34.48 -68.78 33.02
C ALA G 300 -33.29 -68.57 32.09
N GLY G 301 -32.09 -68.68 32.64
CA GLY G 301 -30.91 -68.51 31.82
C GLY G 301 -30.66 -67.11 31.33
N GLN G 302 -31.33 -66.11 31.91
CA GLN G 302 -31.19 -64.73 31.46
C GLN G 302 -31.05 -63.83 32.67
N THR G 303 -30.79 -62.56 32.41
CA THR G 303 -30.74 -61.52 33.43
C THR G 303 -31.76 -60.44 33.09
N PHE G 304 -32.38 -59.88 34.11
CA PHE G 304 -33.37 -58.84 33.96
C PHE G 304 -32.97 -57.63 34.80
N ILE G 305 -33.29 -56.45 34.29
CA ILE G 305 -32.86 -55.21 34.93
C ILE G 305 -33.82 -54.83 36.04
N GLN G 306 -33.28 -54.26 37.10
CA GLN G 306 -34.06 -53.69 38.20
C GLN G 306 -33.54 -52.28 38.46
N PRO G 307 -34.28 -51.24 38.15
CA PRO G 307 -33.77 -49.87 38.34
C PRO G 307 -33.74 -49.50 39.82
N LYS G 308 -32.70 -48.76 40.20
CA LYS G 308 -32.51 -48.37 41.59
C LYS G 308 -32.10 -46.90 41.66
N THR G 309 -32.02 -46.39 42.88
CA THR G 309 -31.64 -45.00 43.14
C THR G 309 -30.80 -44.96 44.40
N TYR G 310 -29.52 -44.63 44.25
CA TYR G 310 -28.58 -44.52 45.36
C TYR G 310 -28.42 -43.05 45.75
N VAL G 311 -28.15 -42.83 47.04
CA VAL G 311 -28.14 -41.48 47.61
C VAL G 311 -26.85 -41.27 48.39
N ILE G 312 -26.23 -40.10 48.20
CA ILE G 312 -25.20 -39.60 49.09
C ILE G 312 -25.64 -38.23 49.58
N ARG G 313 -25.25 -37.87 50.81
CA ARG G 313 -25.78 -36.65 51.42
C ARG G 313 -24.71 -35.98 52.27
N PHE G 314 -24.62 -34.65 52.19
CA PHE G 314 -23.72 -33.84 52.98
C PHE G 314 -24.50 -32.91 53.89
N LYS G 315 -24.02 -32.73 55.12
CA LYS G 315 -24.67 -31.85 56.08
C LYS G 315 -23.92 -30.52 56.15
N ASN G 316 -24.64 -29.43 56.40
CA ASN G 316 -24.02 -28.10 56.44
C ASN G 316 -23.32 -27.89 57.77
N ARG G 317 -22.42 -26.91 57.79
CA ARG G 317 -21.70 -26.56 58.99
C ARG G 317 -22.52 -25.59 59.84
N ALA G 318 -22.20 -25.55 61.13
CA ALA G 318 -22.89 -24.67 62.08
C ALA G 318 -21.86 -23.87 62.86
N THR G 319 -22.02 -22.55 62.87
CA THR G 319 -21.08 -21.65 63.51
C THR G 319 -21.85 -20.70 64.43
N ARG G 320 -21.11 -20.03 65.32
CA ARG G 320 -21.67 -18.97 66.14
C ARG G 320 -21.39 -17.63 65.48
N TRP G 321 -22.42 -16.78 65.39
CA TRP G 321 -22.32 -15.53 64.67
C TRP G 321 -21.91 -14.42 65.61
N ARG G 322 -20.88 -13.66 65.23
CA ARG G 322 -20.34 -12.59 66.05
C ARG G 322 -20.42 -11.27 65.28
N TYR G 323 -21.21 -10.33 65.81
CA TYR G 323 -21.34 -9.01 65.22
C TYR G 323 -20.33 -8.08 65.84
N ARG G 324 -19.50 -7.46 64.98
CA ARG G 324 -18.41 -6.57 65.35
C ARG G 324 -18.68 -5.19 64.79
N TYR G 325 -18.19 -4.17 65.48
CA TYR G 325 -18.50 -2.79 65.13
C TYR G 325 -17.23 -1.97 64.95
N GLU G 326 -17.39 -0.81 64.33
CA GLU G 326 -16.35 0.20 64.19
C GLU G 326 -16.44 1.24 65.30
N GLN G 327 -17.62 1.79 65.49
CA GLN G 327 -17.99 2.74 66.53
C GLN G 327 -18.94 2.07 67.53
N PRO G 328 -18.96 2.53 68.78
CA PRO G 328 -19.73 1.82 69.81
C PRO G 328 -21.22 1.82 69.53
N HIS G 329 -21.83 0.70 69.84
CA HIS G 329 -23.26 0.50 69.70
C HIS G 329 -23.82 0.67 71.10
N GLY G 330 -25.01 1.25 71.17
CA GLY G 330 -25.64 1.54 72.44
C GLY G 330 -26.55 0.50 73.03
N CYS G 331 -26.41 -0.76 72.65
CA CYS G 331 -27.30 -1.77 73.23
C CYS G 331 -26.70 -2.48 74.43
N SER G 332 -27.55 -2.83 75.38
CA SER G 332 -27.10 -3.42 76.64
C SER G 332 -27.70 -4.79 76.90
N ALA G 333 -27.23 -5.44 77.96
CA ALA G 333 -27.71 -6.76 78.34
C ALA G 333 -29.19 -6.72 78.67
N ALA G 334 -29.72 -5.52 78.93
CA ALA G 334 -31.14 -5.39 79.26
C ALA G 334 -32.09 -5.02 78.10
N ASN G 335 -31.56 -4.86 76.89
CA ASN G 335 -32.40 -4.48 75.76
C ASN G 335 -32.06 -5.21 74.47
N LEU G 336 -31.31 -6.31 74.58
CA LEU G 336 -30.91 -7.08 73.42
C LEU G 336 -31.64 -8.42 73.39
N PRO G 337 -31.79 -9.00 72.18
CA PRO G 337 -32.47 -10.28 72.01
C PRO G 337 -31.91 -11.35 72.96
N SER G 338 -32.79 -11.98 73.72
CA SER G 338 -32.40 -13.03 74.67
C SER G 338 -31.39 -14.06 74.16
N TYR G 339 -31.41 -14.33 72.86
CA TYR G 339 -30.49 -15.31 72.28
C TYR G 339 -29.10 -14.74 72.01
N PHE G 340 -28.81 -13.53 72.46
CA PHE G 340 -27.51 -12.92 72.26
C PHE G 340 -26.67 -12.94 73.54
N ASN G 341 -25.40 -12.59 73.38
CA ASN G 341 -24.48 -12.45 74.50
C ASN G 341 -23.59 -11.25 74.21
N LEU G 342 -23.68 -10.28 75.07
CA LEU G 342 -22.89 -9.11 74.95
C LEU G 342 -21.46 -9.44 75.27
N ILE G 343 -20.55 -9.25 74.35
CA ILE G 343 -19.14 -9.46 74.70
C ILE G 343 -18.53 -8.17 75.22
N ASP G 344 -18.53 -7.11 74.42
CA ASP G 344 -18.12 -5.79 74.87
C ASP G 344 -18.94 -4.75 74.13
N THR G 345 -18.57 -3.48 74.32
CA THR G 345 -19.36 -2.38 73.75
C THR G 345 -19.33 -2.36 72.23
N HIS G 346 -18.43 -3.08 71.59
CA HIS G 346 -18.40 -3.15 70.13
C HIS G 346 -18.76 -4.53 69.58
N THR G 347 -19.15 -5.47 70.42
CA THR G 347 -19.26 -6.86 69.95
C THR G 347 -20.35 -7.61 70.69
N TYR G 348 -21.14 -8.39 69.96
CA TYR G 348 -21.97 -9.38 70.63
C TYR G 348 -22.17 -10.59 69.72
N ALA G 349 -22.33 -11.75 70.34
CA ALA G 349 -22.36 -13.00 69.59
C ALA G 349 -23.53 -13.87 70.03
N THR G 350 -23.94 -14.77 69.14
CA THR G 350 -24.99 -15.71 69.48
C THR G 350 -24.50 -16.68 70.55
N ALA G 351 -25.46 -17.31 71.24
CA ALA G 351 -25.14 -18.24 72.32
C ALA G 351 -25.05 -19.69 71.87
N ARG G 352 -25.69 -20.03 70.76
CA ARG G 352 -25.63 -21.37 70.19
C ARG G 352 -25.27 -21.27 68.72
N PRO G 353 -24.69 -22.31 68.14
CA PRO G 353 -24.35 -22.26 66.72
C PRO G 353 -25.58 -22.27 65.84
N ILE G 354 -25.49 -21.57 64.71
CA ILE G 354 -26.53 -21.55 63.70
C ILE G 354 -25.97 -22.15 62.41
N GLY G 355 -26.87 -22.73 61.62
CA GLY G 355 -26.45 -23.47 60.43
C GLY G 355 -26.41 -22.60 59.20
N LEU G 356 -25.35 -22.78 58.41
CA LEU G 356 -25.12 -21.97 57.23
C LEU G 356 -26.03 -22.42 56.10
N ARG G 357 -26.84 -21.51 55.57
CA ARG G 357 -27.73 -21.77 54.46
C ARG G 357 -27.60 -20.66 53.43
N GLN G 358 -28.11 -20.92 52.23
CA GLN G 358 -28.07 -19.92 51.17
C GLN G 358 -29.25 -18.96 51.24
N ARG G 359 -30.37 -19.42 51.70
CA ARG G 359 -31.52 -18.57 51.79
C ARG G 359 -32.04 -18.86 53.13
N PRO G 360 -31.34 -18.37 54.16
CA PRO G 360 -31.73 -18.54 55.56
C PRO G 360 -33.11 -17.92 55.67
N ASP G 361 -34.08 -18.72 56.09
CA ASP G 361 -35.47 -18.28 56.22
C ASP G 361 -35.63 -16.96 56.96
N SER G 362 -35.35 -16.96 58.26
CA SER G 362 -35.50 -15.76 59.07
C SER G 362 -34.21 -15.28 59.72
N LEU G 363 -34.00 -13.97 59.67
CA LEU G 363 -32.85 -13.33 60.24
C LEU G 363 -33.20 -12.82 61.65
N LEU G 364 -32.16 -12.53 62.41
CA LEU G 364 -32.19 -12.04 63.77
C LEU G 364 -32.54 -10.55 63.88
N ASN G 365 -33.22 -10.13 64.95
CA ASN G 365 -33.56 -8.72 65.11
C ASN G 365 -32.71 -8.04 66.18
N ASP G 366 -32.46 -6.75 66.00
CA ASP G 366 -31.67 -5.99 66.93
C ASP G 366 -32.51 -5.44 68.06
N CYS G 367 -31.86 -5.01 69.14
CA CYS G 367 -32.55 -4.44 70.29
C CYS G 367 -33.43 -3.24 69.95
N GLN G 368 -33.13 -2.62 68.80
CA GLN G 368 -33.91 -1.50 68.28
C GLN G 368 -34.84 -1.98 67.15
N ASP G 369 -35.01 -3.30 67.09
CA ASP G 369 -35.84 -3.99 66.11
C ASP G 369 -35.48 -3.70 64.66
N ARG G 370 -34.35 -4.27 64.22
CA ARG G 370 -33.86 -4.11 62.86
C ARG G 370 -33.20 -5.40 62.39
N PRO G 371 -33.49 -5.82 61.15
CA PRO G 371 -32.91 -7.05 60.59
C PRO G 371 -31.40 -6.89 60.40
N LEU G 372 -30.64 -7.92 60.73
CA LEU G 372 -29.20 -7.85 60.58
C LEU G 372 -28.74 -8.77 59.46
N PRO G 373 -27.75 -8.36 58.67
CA PRO G 373 -27.25 -9.22 57.59
C PRO G 373 -26.69 -10.53 58.12
N ALA G 374 -26.81 -11.57 57.31
CA ALA G 374 -26.27 -12.87 57.62
C ALA G 374 -24.78 -12.91 57.32
N PRO G 375 -24.05 -13.89 57.84
CA PRO G 375 -22.62 -13.97 57.55
C PRO G 375 -22.36 -14.33 56.10
N SER G 376 -21.10 -14.21 55.71
CA SER G 376 -20.63 -14.66 54.41
C SER G 376 -19.86 -15.97 54.57
N ILE G 377 -19.59 -16.62 53.44
CA ILE G 377 -19.00 -17.95 53.44
C ILE G 377 -17.53 -17.91 53.06
N THR G 378 -16.89 -16.75 53.17
CA THR G 378 -15.51 -16.65 52.74
C THR G 378 -14.50 -16.92 53.84
N LEU G 379 -14.88 -16.76 55.11
CA LEU G 379 -13.96 -16.95 56.21
C LEU G 379 -14.65 -17.56 57.41
N ILE G 380 -13.94 -18.45 58.10
CA ILE G 380 -14.38 -19.02 59.37
C ILE G 380 -13.18 -19.00 60.31
N GLN G 381 -13.46 -18.86 61.60
CA GLN G 381 -12.41 -18.65 62.60
C GLN G 381 -12.49 -19.70 63.69
N PRO G 382 -11.86 -20.85 63.49
CA PRO G 382 -11.78 -21.85 64.56
C PRO G 382 -10.74 -21.47 65.60
N GLU G 383 -11.04 -21.77 66.85
CA GLU G 383 -10.17 -21.43 67.97
C GLU G 383 -9.72 -22.70 68.68
N THR G 384 -8.41 -22.86 68.81
CA THR G 384 -7.83 -24.06 69.38
C THR G 384 -7.81 -23.98 70.91
N ASP G 385 -7.74 -25.15 71.54
CA ASP G 385 -7.74 -25.25 72.99
C ASP G 385 -6.32 -25.27 73.55
N GLY G 386 -6.23 -25.33 74.88
CA GLY G 386 -4.94 -25.54 75.53
C GLY G 386 -4.25 -26.79 75.02
N SER G 387 -4.98 -27.90 74.90
CA SER G 387 -4.47 -29.14 74.34
C SER G 387 -4.49 -29.16 72.83
N GLN G 388 -4.58 -27.98 72.21
CA GLN G 388 -4.66 -27.85 70.74
C GLN G 388 -5.82 -28.68 70.18
N ARG G 389 -6.99 -28.50 70.80
CA ARG G 389 -8.25 -29.04 70.31
C ARG G 389 -9.15 -27.90 69.86
N ILE G 390 -10.01 -28.19 68.90
CA ILE G 390 -10.97 -27.17 68.46
C ILE G 390 -12.05 -27.01 69.52
N ALA G 391 -12.30 -25.77 69.94
CA ALA G 391 -13.28 -25.51 70.97
C ALA G 391 -14.51 -24.78 70.47
N ARG G 392 -14.34 -23.81 69.56
CA ARG G 392 -15.43 -23.00 69.06
C ARG G 392 -15.17 -22.64 67.61
N ILE G 393 -16.23 -22.28 66.90
CA ILE G 393 -16.11 -21.78 65.53
C ILE G 393 -17.06 -20.62 65.34
N PHE G 394 -16.53 -19.49 64.89
CA PHE G 394 -17.29 -18.25 64.72
C PHE G 394 -17.39 -17.89 63.24
N SER G 395 -18.30 -16.96 62.99
CA SER G 395 -18.37 -16.20 61.73
C SER G 395 -18.53 -14.74 62.09
N ASP G 396 -17.64 -13.89 61.55
CA ASP G 396 -17.60 -12.48 61.91
C ASP G 396 -18.38 -11.67 60.90
N ILE G 397 -19.24 -10.77 61.38
CA ILE G 397 -19.95 -9.82 60.54
C ILE G 397 -19.54 -8.43 60.98
N TYR G 398 -18.91 -7.69 60.06
CA TYR G 398 -18.47 -6.33 60.33
C TYR G 398 -19.55 -5.36 59.86
N LEU G 399 -20.09 -4.59 60.80
CA LEU G 399 -21.16 -3.66 60.50
C LEU G 399 -20.63 -2.24 60.40
N SER H 3 18.05 -66.70 34.28
CA SER H 3 19.11 -65.76 33.91
C SER H 3 18.93 -64.43 34.63
N THR H 4 19.94 -64.03 35.38
CA THR H 4 19.94 -62.74 36.05
C THR H 4 21.09 -61.89 35.51
N TYR H 5 20.89 -60.58 35.57
CA TYR H 5 21.86 -59.63 35.07
C TYR H 5 22.14 -58.62 36.17
N LYS H 6 23.34 -58.69 36.75
CA LYS H 6 23.71 -57.85 37.88
C LYS H 6 24.86 -56.90 37.60
N THR H 7 25.67 -57.16 36.57
CA THR H 7 26.76 -56.28 36.20
C THR H 7 26.37 -55.50 34.96
N PRO H 8 26.43 -54.18 34.98
CA PRO H 8 26.12 -53.40 33.78
C PRO H 8 27.05 -53.74 32.64
N GLY H 9 26.50 -53.85 31.44
CA GLY H 9 27.31 -54.12 30.27
C GLY H 9 26.54 -54.88 29.21
N VAL H 10 27.30 -55.54 28.33
CA VAL H 10 26.77 -56.25 27.18
C VAL H 10 26.84 -57.75 27.46
N TYR H 11 25.73 -58.45 27.22
CA TYR H 11 25.65 -59.89 27.37
C TYR H 11 25.40 -60.54 26.02
N ILE H 12 26.05 -61.69 25.78
CA ILE H 12 26.00 -62.37 24.50
C ILE H 12 25.41 -63.76 24.69
N GLU H 13 24.38 -64.09 23.90
CA GLU H 13 23.68 -65.36 24.00
C GLU H 13 23.43 -65.92 22.61
N GLU H 14 23.44 -67.24 22.48
CA GLU H 14 23.26 -67.92 21.20
C GLU H 14 22.05 -68.83 21.24
N ILE H 15 21.11 -68.62 20.31
CA ILE H 15 19.86 -69.35 20.24
C ILE H 15 19.55 -69.73 18.79
N SER H 16 18.57 -70.61 18.64
CA SER H 16 17.98 -70.95 17.35
C SER H 16 16.53 -70.49 17.34
N LYS H 17 16.17 -69.63 16.38
CA LYS H 17 14.92 -68.92 16.44
C LYS H 17 14.47 -68.53 15.03
N PHE H 18 13.16 -68.30 14.87
CA PHE H 18 12.62 -67.69 13.66
C PHE H 18 12.52 -66.17 13.82
N PRO H 19 12.71 -65.42 12.74
CA PRO H 19 12.63 -63.96 12.83
C PRO H 19 11.25 -63.48 13.24
N PRO H 20 11.17 -62.41 14.03
CA PRO H 20 9.87 -61.90 14.47
C PRO H 20 9.25 -60.91 13.49
N SER H 21 7.95 -60.68 13.66
CA SER H 21 7.18 -59.83 12.75
C SER H 21 5.99 -59.23 13.49
N ILE H 22 5.79 -57.93 13.35
CA ILE H 22 4.67 -57.23 13.97
C ILE H 22 4.05 -56.25 12.99
N ALA H 23 2.83 -55.79 13.31
CA ALA H 23 2.11 -54.83 12.50
C ALA H 23 0.99 -54.22 13.33
N GLN H 24 0.47 -53.09 12.86
CA GLN H 24 -0.60 -52.37 13.56
C GLN H 24 -1.80 -52.20 12.66
N VAL H 25 -2.95 -52.74 13.09
CA VAL H 25 -4.20 -52.65 12.37
C VAL H 25 -5.28 -52.26 13.39
N GLU H 26 -6.44 -51.89 12.88
CA GLU H 26 -7.57 -51.57 13.75
C GLU H 26 -8.90 -52.18 13.33
N THR H 27 -9.15 -52.40 12.05
CA THR H 27 -10.45 -52.91 11.62
C THR H 27 -10.47 -54.41 11.38
N ALA H 28 -9.38 -55.10 11.66
CA ALA H 28 -9.35 -56.56 11.57
C ALA H 28 -8.77 -57.10 12.88
N ILE H 29 -9.65 -57.25 13.86
CA ILE H 29 -9.27 -57.75 15.19
C ILE H 29 -9.94 -59.10 15.41
N PRO H 30 -9.21 -60.20 15.29
CA PRO H 30 -9.84 -61.52 15.45
C PRO H 30 -9.69 -62.08 16.86
N ALA H 31 -10.58 -63.00 17.18
CA ALA H 31 -10.54 -63.78 18.40
C ALA H 31 -10.28 -65.24 18.05
N PHE H 32 -9.31 -65.85 18.73
CA PHE H 32 -8.95 -67.24 18.52
C PHE H 32 -9.39 -68.05 19.73
N ILE H 33 -10.27 -69.00 19.50
CA ILE H 33 -10.86 -69.83 20.54
C ILE H 33 -10.23 -71.22 20.45
N GLY H 34 -9.52 -71.64 21.49
CA GLY H 34 -8.95 -72.97 21.44
C GLY H 34 -8.19 -73.34 22.69
N TYR H 35 -7.67 -74.57 22.68
CA TYR H 35 -6.92 -75.09 23.80
C TYR H 35 -5.53 -74.47 23.87
N THR H 36 -5.06 -74.29 25.10
CA THR H 36 -3.73 -73.72 25.34
C THR H 36 -2.85 -74.76 26.02
N GLN H 37 -1.71 -74.32 26.52
CA GLN H 37 -0.77 -75.20 27.19
C GLN H 37 -0.49 -74.83 28.64
N ILE H 38 -0.54 -73.54 28.98
CA ILE H 38 -0.31 -73.11 30.36
C ILE H 38 -1.46 -72.24 30.85
N ALA H 39 -1.76 -71.17 30.12
CA ALA H 39 -2.83 -70.23 30.47
C ALA H 39 -2.71 -69.69 31.89
N LYS H 40 -1.60 -68.98 32.13
CA LYS H 40 -1.35 -68.31 33.41
C LYS H 40 -1.15 -66.82 33.18
N VAL H 41 -2.09 -66.01 33.65
CA VAL H 41 -2.12 -64.58 33.39
C VAL H 41 -2.01 -63.85 34.72
N GLY H 42 -0.99 -63.01 34.86
CA GLY H 42 -0.79 -62.26 36.08
C GLY H 42 -0.39 -63.12 37.27
N VAL H 43 -1.24 -63.17 38.29
CA VAL H 43 -1.05 -64.05 39.43
C VAL H 43 -2.12 -65.13 39.47
N GLU H 44 -2.94 -65.24 38.43
CA GLU H 44 -4.06 -66.17 38.39
C GLU H 44 -3.74 -67.31 37.45
N ASN H 45 -3.94 -68.54 37.91
CA ASN H 45 -3.83 -69.71 37.06
C ASN H 45 -5.25 -70.08 36.62
N PHE H 46 -5.55 -69.87 35.33
CA PHE H 46 -6.89 -70.15 34.83
C PHE H 46 -7.21 -71.62 34.84
N HIS H 47 -6.18 -72.48 34.85
CA HIS H 47 -6.34 -73.93 34.82
C HIS H 47 -6.03 -74.58 36.17
N THR H 48 -6.15 -73.81 37.27
CA THR H 48 -5.75 -74.33 38.57
C THR H 48 -6.57 -75.53 38.98
N ASP H 49 -7.88 -75.47 38.78
CA ASP H 49 -8.76 -76.59 39.07
C ASP H 49 -9.23 -77.23 37.77
N ALA H 50 -9.57 -78.51 37.84
CA ALA H 50 -9.93 -79.24 36.63
C ALA H 50 -11.23 -78.69 36.03
N ASP H 51 -12.17 -78.41 36.90
CA ASP H 51 -13.44 -77.79 36.55
C ASP H 51 -13.38 -76.31 37.00
N ASN H 52 -14.48 -75.57 36.82
CA ASN H 52 -14.56 -74.17 37.18
C ASN H 52 -13.38 -73.38 36.63
N LEU H 53 -13.04 -73.66 35.39
CA LEU H 53 -11.95 -72.95 34.73
C LEU H 53 -12.32 -71.48 34.55
N ILE H 54 -11.31 -70.63 34.51
CA ILE H 54 -11.52 -69.22 34.22
C ILE H 54 -11.54 -69.06 32.71
N LEU H 55 -12.69 -68.65 32.20
CA LEU H 55 -12.92 -68.48 30.77
C LEU H 55 -12.89 -66.98 30.50
N ARG H 56 -11.78 -66.49 29.98
CA ARG H 56 -11.63 -65.06 29.84
C ARG H 56 -10.84 -64.70 28.58
N PRO H 57 -11.29 -63.71 27.82
CA PRO H 57 -10.55 -63.28 26.63
C PRO H 57 -9.42 -62.31 26.96
N VAL H 58 -8.20 -62.64 26.54
CA VAL H 58 -7.03 -61.82 26.80
C VAL H 58 -6.59 -61.15 25.51
N ARG H 59 -6.14 -59.90 25.61
CA ARG H 59 -5.68 -59.10 24.48
C ARG H 59 -4.17 -59.21 24.36
N ILE H 60 -3.69 -59.65 23.19
CA ILE H 60 -2.26 -59.73 22.93
C ILE H 60 -1.95 -59.04 21.62
N THR H 61 -0.67 -58.67 21.47
CA THR H 61 -0.21 -57.96 20.29
C THR H 61 0.93 -58.64 19.55
N SER H 62 1.55 -59.67 20.12
CA SER H 62 2.69 -60.29 19.46
C SER H 62 2.83 -61.74 19.91
N LEU H 63 3.62 -62.49 19.15
CA LEU H 63 3.95 -63.86 19.55
C LEU H 63 4.67 -63.90 20.89
N LEU H 64 5.47 -62.88 21.17
CA LEU H 64 6.27 -62.83 22.40
C LEU H 64 5.39 -62.84 23.64
N GLU H 65 4.21 -62.22 23.54
CA GLU H 65 3.29 -62.17 24.67
C GLU H 65 2.50 -63.46 24.81
N TYR H 66 2.05 -64.01 23.69
CA TYR H 66 1.44 -65.34 23.71
C TYR H 66 2.34 -66.33 24.42
N GLU H 67 3.63 -66.31 24.08
CA GLU H 67 4.56 -67.19 24.76
C GLU H 67 4.71 -66.84 26.23
N GLN H 68 4.39 -65.61 26.63
CA GLN H 68 4.47 -65.29 28.05
C GLN H 68 3.30 -65.87 28.83
N PHE H 69 2.09 -65.81 28.27
CA PHE H 69 0.92 -66.28 29.00
C PHE H 69 0.64 -67.76 28.75
N PHE H 70 0.55 -68.18 27.49
CA PHE H 70 0.10 -69.51 27.15
C PHE H 70 1.19 -70.45 26.68
N GLY H 71 2.44 -70.00 26.58
CA GLY H 71 3.54 -70.86 26.20
C GLY H 71 3.44 -71.52 24.84
N LYS H 72 4.22 -72.59 24.64
CA LYS H 72 4.35 -73.27 23.35
C LYS H 72 3.60 -74.60 23.36
N ALA H 73 3.52 -75.21 22.18
CA ALA H 73 2.73 -76.43 22.01
C ALA H 73 3.49 -77.66 22.48
N ILE H 74 2.73 -78.73 22.72
CA ILE H 74 3.25 -80.02 23.15
C ILE H 74 3.92 -80.75 21.99
N ASN H 75 4.72 -81.76 22.31
CA ASN H 75 5.51 -82.47 21.32
C ASN H 75 4.78 -83.69 20.77
N GLU H 76 5.18 -84.10 19.57
CA GLU H 76 4.53 -85.17 18.83
C GLU H 76 5.13 -86.53 19.21
N THR H 77 4.41 -87.60 18.87
CA THR H 77 4.85 -88.94 19.22
C THR H 77 4.66 -89.90 18.05
N THR H 78 4.95 -89.45 16.83
CA THR H 78 4.69 -90.29 15.66
C THR H 78 5.78 -90.21 14.59
N ILE H 79 6.88 -89.51 14.84
CA ILE H 79 7.85 -89.27 13.79
C ILE H 79 8.70 -90.53 13.54
N GLN H 80 8.76 -90.93 12.28
CA GLN H 80 9.55 -92.07 11.83
C GLN H 80 10.61 -91.57 10.85
N VAL H 81 11.79 -92.18 10.91
CA VAL H 81 12.92 -91.80 10.07
C VAL H 81 13.40 -93.06 9.37
N VAL H 82 13.72 -92.96 8.09
CA VAL H 82 14.22 -94.08 7.30
C VAL H 82 15.63 -93.74 6.84
N ILE H 83 16.54 -94.69 7.01
CA ILE H 83 17.92 -94.58 6.54
C ILE H 83 18.09 -95.52 5.36
N GLN H 84 18.56 -94.98 4.24
CA GLN H 84 18.64 -95.71 2.97
C GLN H 84 20.11 -95.89 2.60
N ASP H 85 20.58 -97.13 2.64
CA ASP H 85 21.96 -97.47 2.30
C ASP H 85 22.01 -98.18 0.96
N THR H 86 22.98 -97.80 0.13
CA THR H 86 23.31 -98.54 -1.07
C THR H 86 24.78 -98.93 -1.02
N THR H 87 25.04 -100.22 -1.24
CA THR H 87 26.36 -100.83 -1.15
C THR H 87 26.73 -101.45 -2.49
N ASP H 88 28.00 -101.82 -2.61
CA ASP H 88 28.52 -102.40 -3.84
C ASP H 88 28.35 -103.92 -3.83
N SER H 89 29.03 -104.59 -4.76
CA SER H 89 28.96 -106.04 -4.92
C SER H 89 29.56 -106.83 -3.76
N ARG H 90 30.40 -106.20 -2.94
CA ARG H 90 31.05 -106.89 -1.84
C ARG H 90 30.46 -106.53 -0.49
N GLY H 91 29.42 -105.71 -0.46
CA GLY H 91 28.89 -105.20 0.78
C GLY H 91 29.55 -103.95 1.30
N ASN H 92 30.39 -103.29 0.50
CA ASN H 92 30.99 -102.02 0.92
C ASN H 92 29.99 -100.89 0.72
N LEU H 93 29.82 -100.08 1.75
CA LEU H 93 28.86 -98.98 1.68
C LEU H 93 29.34 -97.94 0.68
N THR H 94 28.46 -97.59 -0.27
CA THR H 94 28.76 -96.58 -1.26
C THR H 94 28.00 -95.29 -1.04
N GLU H 95 26.79 -95.34 -0.48
CA GLU H 95 26.05 -94.11 -0.27
C GLU H 95 25.00 -94.31 0.81
N ARG H 96 24.70 -93.26 1.56
CA ARG H 96 23.72 -93.30 2.64
C ARG H 96 22.91 -92.01 2.66
N LYS H 97 21.61 -92.15 2.86
CA LYS H 97 20.70 -91.02 2.92
C LYS H 97 19.67 -91.23 4.04
N ALA H 98 18.97 -90.18 4.43
CA ALA H 98 17.98 -90.26 5.48
C ALA H 98 16.79 -89.36 5.17
N SER H 99 15.60 -89.79 5.60
CA SER H 99 14.39 -88.99 5.41
C SER H 99 13.44 -89.22 6.57
N ALA H 100 12.48 -88.30 6.73
CA ALA H 100 11.54 -88.33 7.85
C ALA H 100 10.10 -88.29 7.36
N ARG H 101 9.19 -88.83 8.17
CA ARG H 101 7.77 -88.74 7.94
C ARG H 101 7.03 -88.72 9.28
N ILE H 102 5.81 -88.19 9.26
CA ILE H 102 4.93 -88.22 10.42
C ILE H 102 3.63 -88.90 10.01
N THR H 103 3.21 -89.89 10.79
CA THR H 103 2.04 -90.68 10.42
C THR H 103 0.74 -90.05 10.91
N SER H 104 0.72 -89.58 12.15
CA SER H 104 -0.49 -88.94 12.66
C SER H 104 -0.17 -87.80 13.61
N PRO H 105 -0.38 -86.55 13.20
CA PRO H 105 -0.05 -85.41 14.07
C PRO H 105 -1.17 -85.03 15.01
N SER H 106 -0.77 -84.34 16.09
CA SER H 106 -1.72 -83.97 17.12
C SER H 106 -2.69 -82.90 16.61
N PRO H 107 -3.93 -82.90 17.10
CA PRO H 107 -4.88 -81.87 16.67
C PRO H 107 -4.67 -80.50 17.32
N HIS H 108 -3.85 -80.39 18.35
CA HIS H 108 -3.60 -79.13 19.04
C HIS H 108 -2.52 -78.35 18.30
N ASN H 109 -2.94 -77.37 17.47
CA ASN H 109 -2.00 -76.62 16.64
C ASN H 109 -2.21 -75.12 16.83
N LEU H 110 -2.42 -74.68 18.07
CA LEU H 110 -2.72 -73.27 18.28
C LEU H 110 -1.46 -72.42 18.29
N TYR H 111 -0.36 -72.97 18.77
CA TYR H 111 0.91 -72.23 18.80
C TYR H 111 1.50 -72.06 17.41
N TYR H 112 1.30 -73.02 16.51
CA TYR H 112 1.82 -72.87 15.16
C TYR H 112 0.97 -71.92 14.34
N SER H 113 -0.33 -71.90 14.60
CA SER H 113 -1.21 -70.99 13.89
C SER H 113 -0.86 -69.55 14.21
N MET H 114 -0.44 -69.27 15.44
CA MET H 114 -0.04 -67.91 15.77
C MET H 114 1.23 -67.50 15.04
N GLN H 115 2.17 -68.43 14.86
CA GLN H 115 3.33 -68.15 14.02
C GLN H 115 2.92 -67.81 12.60
N ALA H 116 2.05 -68.63 12.03
CA ALA H 116 1.60 -68.37 10.65
C ALA H 116 0.85 -67.06 10.55
N TYR H 117 0.06 -66.72 11.58
CA TYR H 117 -0.67 -65.47 11.59
C TYR H 117 0.27 -64.28 11.60
N PHE H 118 1.23 -64.28 12.53
CA PHE H 118 2.11 -63.11 12.61
C PHE H 118 3.05 -63.03 11.43
N ALA H 119 3.30 -64.15 10.73
CA ALA H 119 4.13 -64.08 9.53
C ALA H 119 3.42 -63.42 8.36
N ASN H 120 2.09 -63.34 8.38
CA ASN H 120 1.32 -62.81 7.27
C ASN H 120 0.77 -61.42 7.54
N GLY H 121 1.16 -60.79 8.63
CA GLY H 121 0.55 -59.56 9.07
C GLY H 121 -0.40 -59.80 10.23
N GLY H 122 -0.96 -58.72 10.73
CA GLY H 122 -1.87 -58.86 11.85
C GLY H 122 -1.69 -57.75 12.85
N GLY H 123 -2.08 -58.01 14.10
CA GLY H 123 -1.95 -57.02 15.13
C GLY H 123 -2.57 -57.48 16.43
N PRO H 124 -3.25 -56.58 17.11
CA PRO H 124 -3.98 -56.96 18.33
C PRO H 124 -5.00 -58.04 18.02
N CYS H 125 -5.00 -59.09 18.84
CA CYS H 125 -5.99 -60.14 18.75
C CYS H 125 -6.38 -60.56 20.15
N TYR H 126 -7.45 -61.34 20.25
CA TYR H 126 -7.90 -61.88 21.52
C TYR H 126 -7.74 -63.39 21.54
N ILE H 127 -7.33 -63.92 22.68
CA ILE H 127 -7.15 -65.34 22.89
C ILE H 127 -8.17 -65.80 23.92
N VAL H 128 -8.84 -66.90 23.62
CA VAL H 128 -9.75 -67.54 24.56
C VAL H 128 -9.29 -68.97 24.76
N SER H 129 -8.72 -69.25 25.92
CA SER H 129 -8.17 -70.55 26.23
C SER H 129 -9.28 -71.44 26.74
N VAL H 130 -9.71 -72.36 25.89
CA VAL H 130 -10.73 -73.35 26.22
C VAL H 130 -10.05 -74.62 26.71
N GLY H 131 -9.71 -74.68 28.00
CA GLY H 131 -9.10 -75.86 28.57
C GLY H 131 -7.67 -76.09 28.14
N PRO H 132 -6.98 -77.01 28.82
CA PRO H 132 -5.58 -77.29 28.47
C PRO H 132 -5.45 -78.35 27.38
N MET H 133 -4.43 -78.20 26.55
CA MET H 133 -4.21 -79.16 25.48
C MET H 133 -3.80 -80.51 26.04
N SER H 134 -4.26 -81.58 25.38
CA SER H 134 -4.11 -82.94 25.86
C SER H 134 -3.43 -83.80 24.80
N ASN H 135 -2.61 -84.74 25.25
CA ASN H 135 -1.94 -85.65 24.32
C ASN H 135 -2.92 -86.57 23.63
N THR H 136 -3.92 -87.06 24.37
CA THR H 136 -4.89 -87.98 23.77
C THR H 136 -5.60 -87.36 22.57
N GLY H 137 -5.77 -86.05 22.57
CA GLY H 137 -6.34 -85.38 21.41
C GLY H 137 -7.84 -85.29 21.38
N THR H 138 -8.48 -85.10 22.52
CA THR H 138 -9.93 -84.96 22.59
C THR H 138 -10.30 -83.48 22.52
N ILE H 139 -11.17 -83.15 21.58
CA ILE H 139 -11.67 -81.78 21.41
C ILE H 139 -13.18 -81.84 21.50
N GLN H 140 -13.75 -81.09 22.44
CA GLN H 140 -15.16 -81.18 22.78
C GLN H 140 -15.93 -79.96 22.28
N LEU H 141 -17.15 -80.20 21.79
CA LEU H 141 -17.99 -79.14 21.27
C LEU H 141 -18.43 -78.17 22.35
N GLU H 142 -18.79 -78.69 23.53
CA GLU H 142 -19.40 -77.86 24.56
C GLU H 142 -18.43 -76.79 25.04
N ALA H 143 -17.16 -77.14 25.14
CA ALA H 143 -16.15 -76.19 25.58
C ALA H 143 -15.98 -75.07 24.55
N LEU H 144 -16.00 -75.41 23.27
CA LEU H 144 -15.90 -74.39 22.24
C LEU H 144 -17.13 -73.49 22.25
N GLN H 145 -18.29 -74.07 22.55
CA GLN H 145 -19.50 -73.26 22.65
C GLN H 145 -19.42 -72.30 23.84
N ASN H 146 -18.83 -72.74 24.94
CA ASN H 146 -18.65 -71.82 26.07
C ASN H 146 -17.68 -70.70 25.70
N GLY H 147 -16.63 -71.03 24.97
CA GLY H 147 -15.70 -69.99 24.51
C GLY H 147 -16.38 -68.96 23.64
N LEU H 148 -17.17 -69.41 22.66
CA LEU H 148 -17.90 -68.52 21.72
C LEU H 148 -18.93 -67.71 22.50
N ALA H 149 -19.54 -68.30 23.54
CA ALA H 149 -20.48 -67.54 24.34
C ALA H 149 -19.76 -66.43 25.11
N GLU H 150 -18.53 -66.68 25.53
CA GLU H 150 -17.80 -65.66 26.26
C GLU H 150 -17.26 -64.55 25.36
N VAL H 151 -16.91 -64.85 24.11
CA VAL H 151 -16.38 -63.77 23.26
C VAL H 151 -17.42 -62.73 22.89
N ALA H 152 -18.71 -62.97 23.18
CA ALA H 152 -19.73 -61.99 22.82
C ALA H 152 -19.57 -60.68 23.57
N LYS H 153 -18.78 -60.65 24.64
CA LYS H 153 -18.65 -59.51 25.52
C LYS H 153 -17.54 -58.55 25.12
N GLU H 154 -16.80 -58.85 24.05
CA GLU H 154 -15.75 -57.96 23.55
C GLU H 154 -16.24 -57.17 22.35
N ASP H 155 -15.96 -55.87 22.33
CA ASP H 155 -16.38 -55.04 21.21
C ASP H 155 -15.35 -54.90 20.12
N GLU H 156 -14.06 -55.01 20.44
CA GLU H 156 -13.05 -54.84 19.40
C GLU H 156 -13.02 -55.98 18.41
N VAL H 157 -13.69 -57.09 18.70
CA VAL H 157 -13.63 -58.27 17.86
C VAL H 157 -14.49 -58.05 16.62
N THR H 158 -13.91 -58.30 15.45
CA THR H 158 -14.65 -58.27 14.19
C THR H 158 -14.64 -59.60 13.44
N LEU H 159 -13.76 -60.53 13.79
CA LEU H 159 -13.61 -61.78 13.06
C LEU H 159 -13.53 -62.94 14.05
N LEU H 160 -14.12 -64.08 13.67
CA LEU H 160 -14.17 -65.27 14.52
C LEU H 160 -13.46 -66.43 13.83
N VAL H 161 -12.48 -67.02 14.50
CA VAL H 161 -11.66 -68.10 13.93
C VAL H 161 -11.66 -69.27 14.89
N PHE H 162 -11.85 -70.49 14.35
CA PHE H 162 -11.82 -71.74 15.10
C PHE H 162 -10.74 -72.64 14.52
N PRO H 163 -9.48 -72.48 14.94
CA PRO H 163 -8.41 -73.27 14.35
C PRO H 163 -8.58 -74.78 14.52
N GLU H 164 -8.99 -75.22 15.70
CA GLU H 164 -9.12 -76.64 16.01
C GLU H 164 -10.58 -77.07 15.89
N SER H 165 -11.05 -77.17 14.65
CA SER H 165 -12.41 -77.64 14.40
C SER H 165 -12.49 -78.67 13.30
N GLN H 166 -11.39 -78.98 12.64
CA GLN H 166 -11.38 -80.01 11.61
C GLN H 166 -11.41 -81.41 12.18
N SER H 167 -11.18 -81.56 13.49
CA SER H 167 -11.23 -82.86 14.14
C SER H 167 -12.61 -83.20 14.68
N LEU H 168 -13.56 -82.26 14.61
CA LEU H 168 -14.91 -82.55 15.05
C LEU H 168 -15.67 -83.30 13.96
N SER H 169 -16.78 -83.91 14.37
CA SER H 169 -17.66 -84.61 13.44
C SER H 169 -18.53 -83.61 12.67
N ASP H 170 -19.20 -84.10 11.64
CA ASP H 170 -19.99 -83.22 10.78
C ASP H 170 -21.13 -82.57 11.53
N GLU H 171 -21.79 -83.31 12.42
CA GLU H 171 -22.90 -82.74 13.17
C GLU H 171 -22.43 -81.67 14.14
N ASN H 172 -21.36 -81.96 14.88
CA ASN H 172 -20.83 -80.99 15.82
C ASN H 172 -20.25 -79.78 15.09
N TYR H 173 -19.63 -80.03 13.93
CA TYR H 173 -19.11 -78.94 13.12
C TYR H 173 -20.23 -78.02 12.64
N ALA H 174 -21.31 -78.60 12.13
CA ALA H 174 -22.43 -77.80 11.68
C ALA H 174 -23.06 -77.03 12.82
N ALA H 175 -23.18 -77.65 13.99
CA ALA H 175 -23.75 -76.97 15.14
C ALA H 175 -22.92 -75.77 15.55
N LEU H 176 -21.60 -75.93 15.59
CA LEU H 176 -20.72 -74.83 15.97
C LEU H 176 -20.80 -73.70 14.95
N MET H 177 -20.76 -74.03 13.66
CA MET H 177 -20.80 -73.00 12.65
C MET H 177 -22.13 -72.27 12.68
N SER H 178 -23.23 -72.99 12.97
CA SER H 178 -24.53 -72.34 13.09
C SER H 178 -24.56 -71.37 14.26
N ALA H 179 -23.99 -71.77 15.39
CA ALA H 179 -23.95 -70.86 16.55
C ALA H 179 -23.14 -69.61 16.24
N ALA H 180 -22.00 -69.76 15.56
CA ALA H 180 -21.19 -68.60 15.22
C ALA H 180 -21.96 -67.65 14.30
N LEU H 181 -22.57 -68.20 13.26
CA LEU H 181 -23.33 -67.36 12.34
C LEU H 181 -24.50 -66.69 13.03
N GLU H 182 -25.10 -67.36 14.01
CA GLU H 182 -26.20 -66.75 14.74
C GLU H 182 -25.72 -65.58 15.59
N GLN H 183 -24.56 -65.71 16.22
CA GLN H 183 -24.02 -64.57 16.95
C GLN H 183 -23.75 -63.39 16.03
N CYS H 184 -23.12 -63.64 14.88
CA CYS H 184 -22.88 -62.54 13.95
C CYS H 184 -24.18 -61.92 13.46
N ALA H 185 -25.20 -62.75 13.22
CA ALA H 185 -26.50 -62.21 12.82
C ALA H 185 -27.12 -61.34 13.91
N ASN H 186 -26.88 -61.68 15.17
CA ASN H 186 -27.46 -60.90 16.25
C ASN H 186 -26.73 -59.59 16.50
N LEU H 187 -25.40 -59.59 16.44
CA LEU H 187 -24.68 -58.36 16.74
C LEU H 187 -24.51 -57.46 15.52
N GLN H 188 -24.47 -58.05 14.32
CA GLN H 188 -24.41 -57.30 13.05
C GLN H 188 -23.13 -56.49 12.93
N ASP H 189 -22.03 -57.02 13.46
CA ASP H 189 -20.74 -56.35 13.30
C ASP H 189 -19.57 -57.32 13.14
N ARG H 190 -19.82 -58.57 12.73
CA ARG H 190 -18.78 -59.58 12.72
C ARG H 190 -18.88 -60.45 11.47
N PHE H 191 -17.83 -61.23 11.23
CA PHE H 191 -17.72 -62.10 10.08
C PHE H 191 -16.98 -63.37 10.51
N THR H 192 -17.36 -64.51 9.94
CA THR H 192 -16.71 -65.79 10.25
C THR H 192 -15.99 -66.35 9.02
N VAL H 193 -14.87 -67.04 9.27
CA VAL H 193 -14.06 -67.67 8.24
C VAL H 193 -13.95 -69.15 8.57
N MET H 194 -14.22 -70.01 7.59
CA MET H 194 -14.27 -71.45 7.79
C MET H 194 -13.26 -72.19 6.93
N ASP H 195 -12.82 -73.34 7.41
CA ASP H 195 -11.92 -74.23 6.68
C ASP H 195 -12.70 -75.45 6.21
N LEU H 196 -12.61 -75.74 4.92
CA LEU H 196 -13.26 -76.93 4.38
C LEU H 196 -12.58 -78.19 4.90
N LYS H 197 -13.38 -79.16 5.35
CA LYS H 197 -12.85 -80.44 5.78
C LYS H 197 -12.53 -81.32 4.56
N LEU H 198 -11.36 -81.95 4.60
CA LEU H 198 -10.94 -82.82 3.51
C LEU H 198 -10.75 -84.24 4.04
N PRO H 199 -10.71 -85.25 3.17
CA PRO H 199 -10.56 -86.63 3.65
C PRO H 199 -9.33 -86.83 4.52
N ALA H 200 -9.45 -87.74 5.47
CA ALA H 200 -8.35 -88.05 6.39
C ALA H 200 -7.61 -89.35 6.07
N THR H 201 -7.63 -89.74 4.79
CA THR H 201 -6.95 -90.95 4.36
C THR H 201 -5.57 -90.62 3.82
N ARG H 202 -4.76 -91.64 3.51
CA ARG H 202 -3.42 -91.38 2.99
C ARG H 202 -2.90 -92.39 1.95
N PRO H 203 -2.29 -91.89 0.86
CA PRO H 203 -2.27 -90.46 0.59
C PRO H 203 -3.55 -90.11 -0.16
N ILE H 204 -3.82 -88.82 -0.18
CA ILE H 204 -5.01 -88.25 -0.79
C ILE H 204 -5.42 -88.87 -2.12
N PRO H 205 -6.70 -89.32 -2.21
CA PRO H 205 -7.25 -89.92 -3.43
C PRO H 205 -7.38 -88.83 -4.49
N ALA H 206 -7.19 -89.21 -5.75
CA ALA H 206 -7.28 -88.26 -6.84
C ALA H 206 -8.62 -87.54 -6.87
N ASN H 207 -8.56 -86.24 -7.11
CA ASN H 207 -9.76 -85.40 -7.19
C ASN H 207 -10.74 -85.56 -6.02
N ALA H 208 -10.24 -85.49 -4.79
CA ALA H 208 -11.15 -85.59 -3.63
C ALA H 208 -12.00 -84.35 -3.33
N ILE H 209 -11.51 -83.17 -3.72
CA ILE H 209 -12.17 -81.89 -3.54
C ILE H 209 -13.64 -81.97 -3.95
N VAL H 210 -13.93 -82.74 -4.99
CA VAL H 210 -15.30 -82.88 -5.46
C VAL H 210 -16.16 -83.59 -4.42
N GLY H 211 -15.59 -84.57 -3.74
CA GLY H 211 -16.34 -85.25 -2.68
C GLY H 211 -16.50 -84.37 -1.45
N ALA H 212 -15.43 -83.66 -1.09
CA ALA H 212 -15.46 -82.79 0.08
C ALA H 212 -16.47 -81.66 -0.09
N SER H 213 -16.59 -81.09 -1.29
CA SER H 213 -17.55 -80.01 -1.47
C SER H 213 -18.98 -80.51 -1.41
N ASN H 214 -19.23 -81.73 -1.87
CA ASN H 214 -20.56 -82.30 -1.76
C ASN H 214 -20.90 -82.64 -0.32
N ALA H 215 -19.91 -83.09 0.44
CA ALA H 215 -20.12 -83.30 1.87
C ALA H 215 -20.42 -81.98 2.58
N PHE H 216 -19.71 -80.92 2.18
CA PHE H 216 -19.91 -79.62 2.82
C PHE H 216 -21.31 -79.08 2.55
N ARG H 217 -21.73 -79.12 1.30
CA ARG H 217 -23.04 -78.55 0.97
C ARG H 217 -24.17 -79.31 1.61
N ASP H 218 -23.90 -80.55 2.06
CA ASP H 218 -24.96 -81.40 2.70
C ASP H 218 -25.13 -81.05 4.17
N LEU H 219 -24.32 -80.11 4.72
CA LEU H 219 -24.52 -79.69 6.10
C LEU H 219 -25.71 -78.75 6.18
N SER H 220 -26.40 -78.79 7.32
CA SER H 220 -27.60 -77.99 7.53
C SER H 220 -27.24 -76.75 8.32
N LEU H 221 -27.28 -75.59 7.65
CA LEU H 221 -26.94 -74.29 8.23
C LEU H 221 -28.09 -73.33 7.99
N PRO H 222 -28.31 -72.38 8.90
CA PRO H 222 -29.43 -71.45 8.74
C PRO H 222 -29.26 -70.58 7.51
N GLN H 223 -30.24 -70.63 6.61
CA GLN H 223 -30.14 -69.96 5.33
C GLN H 223 -30.19 -68.45 5.43
N ASP H 224 -30.60 -67.92 6.58
CA ASP H 224 -30.70 -66.47 6.74
C ASP H 224 -29.44 -65.80 7.28
N ASN H 225 -28.49 -66.60 7.74
CA ASN H 225 -27.26 -66.06 8.31
C ASN H 225 -26.05 -66.36 7.44
N LEU H 226 -26.27 -66.95 6.26
CA LEU H 226 -25.16 -67.36 5.41
C LEU H 226 -24.39 -66.17 4.87
N LYS H 227 -25.02 -64.99 4.82
CA LYS H 227 -24.32 -63.81 4.33
C LYS H 227 -23.26 -63.30 5.28
N TYR H 228 -23.09 -63.91 6.45
CA TYR H 228 -22.13 -63.47 7.45
C TYR H 228 -20.89 -64.36 7.55
N GLY H 229 -20.62 -65.19 6.55
CA GLY H 229 -19.44 -66.04 6.65
C GLY H 229 -18.88 -66.43 5.30
N ALA H 230 -17.68 -67.00 5.34
CA ALA H 230 -16.96 -67.42 4.14
C ALA H 230 -16.23 -68.73 4.40
N CYS H 231 -15.80 -69.39 3.33
CA CYS H 231 -15.16 -70.69 3.42
C CYS H 231 -13.97 -70.75 2.46
N TYR H 232 -12.92 -71.47 2.87
CA TYR H 232 -11.72 -71.59 2.04
C TYR H 232 -11.21 -73.03 2.04
N ALA H 233 -10.49 -73.36 0.96
CA ALA H 233 -9.86 -74.66 0.79
C ALA H 233 -8.69 -74.51 -0.16
N PRO H 234 -7.71 -75.41 -0.12
CA PRO H 234 -7.42 -76.50 0.83
C PRO H 234 -6.37 -76.13 1.85
N ASP H 235 -5.89 -77.12 2.59
CA ASP H 235 -4.85 -76.91 3.59
C ASP H 235 -3.50 -76.61 2.94
N ILE H 236 -2.63 -75.95 3.71
CA ILE H 236 -1.39 -75.40 3.20
C ILE H 236 -0.22 -75.99 3.98
N GLU H 237 0.87 -76.30 3.27
CA GLU H 237 2.12 -76.68 3.89
C GLU H 237 2.98 -75.46 4.18
N THR H 238 3.68 -75.51 5.31
CA THR H 238 4.50 -74.39 5.78
C THR H 238 5.85 -74.91 6.24
N ILE H 239 6.75 -73.96 6.51
CA ILE H 239 8.15 -74.27 6.76
C ILE H 239 8.46 -74.49 8.24
N PHE H 240 7.48 -74.31 9.13
CA PHE H 240 7.76 -74.39 10.55
C PHE H 240 7.99 -75.83 10.99
N ASN H 241 8.64 -75.99 12.14
CA ASN H 241 9.10 -77.28 12.63
C ASN H 241 8.15 -77.85 13.68
N TYR H 242 8.32 -79.15 13.95
CA TYR H 242 7.56 -79.87 14.95
C TYR H 242 8.34 -79.99 16.25
N PHE H 243 7.64 -80.11 17.37
CA PHE H 243 8.26 -80.40 18.65
C PHE H 243 8.26 -81.90 18.91
N TYR H 244 9.36 -82.40 19.48
CA TYR H 244 9.52 -83.83 19.67
C TYR H 244 10.56 -84.09 20.76
N GLN H 245 10.66 -85.36 21.15
CA GLN H 245 11.72 -85.86 22.02
C GLN H 245 12.50 -86.93 21.30
N GLU H 246 13.79 -87.03 21.60
CA GLU H 246 14.68 -87.99 20.96
C GLU H 246 14.37 -89.46 21.22
N ASP H 247 13.70 -89.75 22.33
CA ASP H 247 13.38 -91.14 22.66
C ASP H 247 12.03 -91.57 22.14
N ALA H 248 11.35 -90.72 21.37
CA ALA H 248 10.09 -91.08 20.74
C ALA H 248 10.18 -91.21 19.23
N VAL H 249 11.35 -90.96 18.64
CA VAL H 249 11.53 -91.02 17.20
C VAL H 249 11.90 -92.45 16.82
N THR H 250 11.17 -93.03 15.87
CA THR H 250 11.34 -94.44 15.50
C THR H 250 12.18 -94.52 14.23
N ILE H 251 13.10 -95.49 14.18
CA ILE H 251 14.10 -95.59 13.12
C ILE H 251 13.87 -96.85 12.30
N PHE H 252 14.04 -96.73 10.99
CA PHE H 252 13.97 -97.83 10.04
C PHE H 252 15.18 -97.80 9.12
N ARG H 253 15.51 -98.93 8.52
CA ARG H 253 16.60 -99.02 7.55
C ARG H 253 16.14 -99.77 6.32
N SER H 254 16.74 -99.42 5.18
CA SER H 254 16.52 -100.12 3.92
C SER H 254 17.80 -100.12 3.10
N VAL H 255 18.17 -101.29 2.59
CA VAL H 255 19.44 -101.47 1.90
C VAL H 255 19.17 -101.84 0.44
N ASN H 256 19.79 -101.09 -0.47
CA ASN H 256 19.71 -101.35 -1.91
C ASN H 256 18.26 -101.41 -2.39
N GLY H 257 17.41 -100.61 -1.77
CA GLY H 257 16.00 -100.61 -2.13
C GLY H 257 15.22 -101.78 -1.58
N GLY H 258 15.73 -102.47 -0.56
CA GLY H 258 15.06 -103.63 -0.02
C GLY H 258 13.89 -103.27 0.87
N ALA H 259 13.49 -104.24 1.68
CA ALA H 259 12.39 -104.04 2.60
C ALA H 259 12.79 -103.06 3.70
N GLU H 260 11.82 -102.31 4.19
CA GLU H 260 12.04 -101.32 5.24
C GLU H 260 11.82 -101.96 6.59
N GLU H 261 12.88 -102.07 7.38
CA GLU H 261 12.82 -102.81 8.64
C GLU H 261 13.07 -101.86 9.80
N GLN H 262 12.37 -102.11 10.90
CA GLN H 262 12.47 -101.27 12.09
C GLN H 262 13.68 -101.65 12.93
N ASP H 263 14.45 -100.65 13.33
CA ASP H 263 15.62 -100.86 14.17
C ASP H 263 15.17 -100.92 15.63
N THR H 264 16.07 -101.34 16.52
CA THR H 264 15.75 -101.49 17.93
C THR H 264 16.21 -100.34 18.79
N LEU H 265 16.82 -99.31 18.20
CA LEU H 265 17.24 -98.12 18.92
C LEU H 265 16.29 -96.98 18.62
N THR H 266 16.25 -96.02 19.51
CA THR H 266 15.61 -94.73 19.26
C THR H 266 16.65 -93.74 18.76
N MET H 267 16.18 -92.55 18.37
CA MET H 267 17.12 -91.49 18.02
C MET H 267 18.09 -91.23 19.16
N ALA H 268 17.58 -91.26 20.40
CA ALA H 268 18.44 -91.11 21.56
C ALA H 268 19.51 -92.19 21.62
N GLY H 269 19.26 -93.33 21.00
CA GLY H 269 20.26 -94.38 20.98
C GLY H 269 21.47 -94.08 20.12
N TYR H 270 21.39 -93.09 19.24
CA TYR H 270 22.51 -92.70 18.41
C TYR H 270 23.19 -91.43 18.91
N ASN H 271 22.71 -90.88 20.01
CA ASN H 271 23.29 -89.65 20.54
C ASN H 271 24.70 -89.92 21.05
N PRO H 272 25.71 -89.18 20.60
CA PRO H 272 27.08 -89.45 21.08
C PRO H 272 27.24 -89.25 22.58
N ALA H 273 26.39 -88.42 23.20
CA ALA H 273 26.46 -88.27 24.66
C ALA H 273 26.11 -89.58 25.36
N ASN H 274 25.43 -90.48 24.67
CA ASN H 274 25.08 -91.79 25.21
C ASN H 274 25.94 -92.91 24.64
N GLY H 275 26.99 -92.57 23.90
CA GLY H 275 27.85 -93.58 23.33
C GLY H 275 27.38 -94.16 22.01
N GLY H 276 26.51 -93.46 21.29
CA GLY H 276 26.06 -93.90 19.99
C GLY H 276 26.90 -93.33 18.87
N ASP H 277 26.52 -93.70 17.65
CA ASP H 277 27.21 -93.23 16.45
C ASP H 277 26.63 -91.89 16.04
N GLY H 278 27.38 -90.81 16.34
CA GLY H 278 26.91 -89.47 16.01
C GLY H 278 26.87 -89.17 14.52
N ILE H 279 27.61 -89.93 13.71
CA ILE H 279 27.65 -89.67 12.28
C ILE H 279 26.28 -89.86 11.66
N GLN H 280 25.52 -90.85 12.15
CA GLN H 280 24.15 -91.03 11.69
C GLN H 280 23.18 -90.16 12.47
N TYR H 281 23.53 -89.80 13.70
CA TYR H 281 22.70 -88.89 14.48
C TYR H 281 22.53 -87.55 13.78
N ALA H 282 23.61 -87.05 13.19
CA ALA H 282 23.53 -85.80 12.43
C ALA H 282 22.56 -85.93 11.26
N LEU H 283 22.59 -87.06 10.55
CA LEU H 283 21.65 -87.26 9.47
C LEU H 283 20.22 -87.32 9.97
N ILE H 284 20.01 -87.94 11.13
CA ILE H 284 18.65 -88.01 11.69
C ILE H 284 18.16 -86.61 12.02
N GLU H 285 19.00 -85.77 12.62
CA GLU H 285 18.60 -84.40 12.90
C GLU H 285 18.24 -83.66 11.63
N SER H 286 19.12 -83.73 10.63
CA SER H 286 18.92 -82.96 9.41
C SER H 286 17.71 -83.45 8.63
N ALA H 287 17.37 -84.73 8.78
CA ALA H 287 16.16 -85.25 8.14
C ALA H 287 14.91 -84.79 8.86
N ILE H 288 14.90 -84.85 10.19
CA ILE H 288 13.71 -84.41 10.93
C ILE H 288 13.45 -82.94 10.67
N ASP H 289 14.52 -82.15 10.51
CA ASP H 289 14.35 -80.70 10.34
C ASP H 289 13.54 -80.33 9.11
N GLN H 290 13.47 -81.19 8.09
CA GLN H 290 12.91 -80.84 6.80
C GLN H 290 11.45 -81.17 6.61
N LEU H 291 10.79 -81.74 7.61
CA LEU H 291 9.40 -82.14 7.46
C LEU H 291 8.46 -80.92 7.47
N PRO H 292 7.62 -80.75 6.45
CA PRO H 292 6.71 -79.60 6.41
C PRO H 292 5.60 -79.71 7.45
N LEU H 293 5.03 -78.56 7.78
CA LEU H 293 3.95 -78.47 8.76
C LEU H 293 2.64 -78.14 8.06
N ILE H 294 1.59 -78.91 8.34
CA ILE H 294 0.30 -78.75 7.67
C ILE H 294 -0.63 -77.93 8.54
N LEU H 295 -1.18 -76.86 7.99
CA LEU H 295 -2.11 -75.97 8.68
C LEU H 295 -3.32 -75.67 7.82
N PRO H 296 -4.44 -75.31 8.45
CA PRO H 296 -5.61 -74.88 7.69
C PRO H 296 -5.45 -73.46 7.20
N PRO H 297 -6.23 -73.02 6.21
CA PRO H 297 -6.01 -71.70 5.60
C PRO H 297 -6.33 -70.52 6.51
N SER H 298 -7.33 -70.65 7.38
CA SER H 298 -7.94 -69.55 8.13
C SER H 298 -6.94 -68.62 8.85
N PRO H 299 -5.98 -69.16 9.64
CA PRO H 299 -4.97 -68.29 10.26
C PRO H 299 -4.25 -67.38 9.27
N LEU H 300 -3.91 -67.88 8.08
CA LEU H 300 -3.23 -67.05 7.10
C LEU H 300 -4.20 -66.09 6.42
N VAL H 301 -5.43 -66.53 6.19
CA VAL H 301 -6.40 -65.68 5.52
C VAL H 301 -6.70 -64.45 6.35
N VAL H 302 -6.87 -64.61 7.66
CA VAL H 302 -7.20 -63.46 8.49
C VAL H 302 -6.04 -62.47 8.53
N GLY H 303 -4.80 -62.97 8.56
CA GLY H 303 -3.65 -62.09 8.49
C GLY H 303 -3.61 -61.30 7.20
N GLN H 304 -3.95 -61.96 6.08
CA GLN H 304 -3.99 -61.23 4.81
C GLN H 304 -5.12 -60.22 4.77
N TYR H 305 -6.24 -60.49 5.45
CA TYR H 305 -7.26 -59.45 5.59
C TYR H 305 -6.69 -58.22 6.27
N ALA H 306 -6.01 -58.43 7.40
CA ALA H 306 -5.43 -57.32 8.14
C ALA H 306 -4.41 -56.58 7.30
N ARG H 307 -3.66 -57.30 6.48
CA ARG H 307 -2.66 -56.65 5.65
C ARG H 307 -3.28 -55.83 4.52
N THR H 308 -4.32 -56.35 3.87
CA THR H 308 -4.86 -55.66 2.70
C THR H 308 -5.79 -54.52 3.07
N ASP H 309 -6.45 -54.56 4.22
CA ASP H 309 -7.28 -53.42 4.59
C ASP H 309 -6.46 -52.20 4.95
N ASN H 310 -5.15 -52.33 5.06
CA ASN H 310 -4.28 -51.24 5.46
C ASN H 310 -3.64 -50.51 4.30
N THR H 311 -3.67 -51.06 3.10
CA THR H 311 -3.07 -50.41 1.94
C THR H 311 -4.08 -50.00 0.89
N ARG H 312 -5.20 -50.68 0.79
CA ARG H 312 -6.22 -50.37 -0.19
C ARG H 312 -7.54 -49.92 0.43
N GLY H 313 -7.94 -50.48 1.56
CA GLY H 313 -9.20 -50.12 2.17
C GLY H 313 -10.10 -51.32 2.36
N VAL H 314 -11.08 -51.22 3.26
CA VAL H 314 -11.92 -52.38 3.56
C VAL H 314 -12.81 -52.75 2.38
N TRP H 315 -13.06 -51.83 1.46
CA TRP H 315 -13.94 -52.06 0.33
C TRP H 315 -13.25 -52.72 -0.85
N LYS H 316 -11.94 -52.98 -0.76
CA LYS H 316 -11.20 -53.65 -1.80
C LYS H 316 -11.21 -55.16 -1.54
N ALA H 317 -11.34 -55.95 -2.60
CA ALA H 317 -11.44 -57.39 -2.44
C ALA H 317 -10.16 -57.97 -1.85
N PRO H 318 -10.25 -58.76 -0.77
CA PRO H 318 -9.05 -59.43 -0.22
C PRO H 318 -8.71 -60.70 -0.97
N ALA H 319 -8.30 -60.54 -2.22
CA ALA H 319 -7.99 -61.65 -3.10
C ALA H 319 -6.90 -61.22 -4.07
N ASN H 320 -6.31 -62.20 -4.76
CA ASN H 320 -5.20 -61.96 -5.68
C ASN H 320 -3.98 -61.44 -4.92
N VAL H 321 -3.72 -62.02 -3.74
CA VAL H 321 -2.58 -61.67 -2.91
C VAL H 321 -1.83 -62.95 -2.56
N ALA H 322 -0.53 -62.81 -2.34
CA ALA H 322 0.35 -63.96 -2.13
C ALA H 322 0.61 -64.21 -0.66
N LEU H 323 0.85 -65.47 -0.32
CA LEU H 323 1.07 -65.91 1.05
C LEU H 323 2.55 -66.08 1.33
N SER H 324 2.94 -65.81 2.57
CA SER H 324 4.33 -65.91 3.00
C SER H 324 4.54 -67.12 3.89
N SER H 325 5.80 -67.55 3.97
CA SER H 325 6.22 -68.73 4.74
C SER H 325 5.42 -69.97 4.34
N VAL H 326 5.21 -70.14 3.04
CA VAL H 326 4.44 -71.26 2.49
C VAL H 326 5.28 -71.95 1.45
N ILE H 327 5.24 -73.29 1.44
CA ILE H 327 5.91 -74.05 0.40
C ILE H 327 4.97 -74.33 -0.77
N LYS H 328 3.87 -75.03 -0.51
CA LYS H 328 2.95 -75.44 -1.56
C LYS H 328 1.64 -75.88 -0.94
N PRO H 329 0.53 -75.77 -1.67
CA PRO H 329 -0.73 -76.35 -1.18
C PRO H 329 -0.73 -77.88 -1.27
N VAL H 330 -1.56 -78.51 -0.44
CA VAL H 330 -1.58 -79.96 -0.41
C VAL H 330 -2.29 -80.55 -1.62
N LEU H 331 -3.18 -79.83 -2.25
CA LEU H 331 -3.88 -80.33 -3.42
C LEU H 331 -3.85 -79.31 -4.52
N LYS H 332 -3.97 -79.77 -5.76
CA LYS H 332 -4.00 -78.95 -6.96
C LYS H 332 -5.44 -78.87 -7.48
N ILE H 333 -5.92 -77.65 -7.66
CA ILE H 333 -7.27 -77.40 -8.18
C ILE H 333 -7.15 -76.92 -9.62
N THR H 334 -8.03 -77.44 -10.48
CA THR H 334 -8.09 -77.06 -11.89
C THR H 334 -9.23 -76.08 -12.13
N ASN H 335 -9.29 -75.56 -13.35
CA ASN H 335 -10.38 -74.65 -13.71
C ASN H 335 -11.74 -75.34 -13.72
N GLU H 336 -11.79 -76.60 -14.15
CA GLU H 336 -13.07 -77.28 -14.26
C GLU H 336 -13.66 -77.52 -12.88
N GLN H 337 -12.81 -77.81 -11.90
CA GLN H 337 -13.27 -77.94 -10.52
C GLN H 337 -13.61 -76.59 -9.92
N GLN H 338 -12.84 -75.56 -10.28
CA GLN H 338 -13.14 -74.22 -9.81
C GLN H 338 -14.51 -73.76 -10.27
N ASN H 339 -14.95 -74.22 -11.45
CA ASN H 339 -16.27 -73.84 -11.94
C ASN H 339 -17.38 -74.26 -10.99
N ASN H 340 -17.25 -75.43 -10.37
CA ASN H 340 -18.25 -75.92 -9.44
C ASN H 340 -18.00 -75.40 -8.03
N LEU H 341 -16.76 -75.08 -7.69
CA LEU H 341 -16.50 -74.48 -6.38
C LEU H 341 -17.03 -73.06 -6.29
N ASN H 342 -16.93 -72.30 -7.38
CA ASN H 342 -17.21 -70.87 -7.33
C ASN H 342 -18.70 -70.57 -7.49
N VAL H 343 -19.40 -71.32 -8.34
CA VAL H 343 -20.83 -71.10 -8.60
C VAL H 343 -21.55 -72.42 -8.37
N HIS H 344 -22.69 -72.36 -7.67
CA HIS H 344 -23.48 -73.55 -7.38
C HIS H 344 -24.93 -73.13 -7.17
N PRO H 345 -25.88 -73.96 -7.59
CA PRO H 345 -27.30 -73.59 -7.44
C PRO H 345 -27.73 -73.35 -6.01
N THR H 346 -27.01 -73.86 -5.02
CA THR H 346 -27.38 -73.68 -3.63
C THR H 346 -26.83 -72.39 -3.03
N GLY H 347 -25.97 -71.68 -3.76
CA GLY H 347 -25.39 -70.45 -3.28
C GLY H 347 -24.17 -70.59 -2.38
N LYS H 348 -23.89 -71.79 -1.87
CA LYS H 348 -22.73 -71.97 -1.02
C LYS H 348 -21.47 -72.06 -1.87
N SER H 349 -20.49 -71.21 -1.58
CA SER H 349 -19.37 -71.04 -2.46
C SER H 349 -18.08 -71.30 -1.68
N ILE H 350 -17.06 -71.75 -2.41
CA ILE H 350 -15.80 -72.15 -1.82
C ILE H 350 -14.70 -71.40 -2.54
N ASN H 351 -13.97 -70.57 -1.78
CA ASN H 351 -12.87 -69.80 -2.34
C ASN H 351 -11.60 -70.63 -2.31
N ALA H 352 -10.81 -70.54 -3.37
CA ALA H 352 -9.67 -71.44 -3.55
C ALA H 352 -8.35 -70.75 -3.24
N ILE H 353 -7.32 -71.56 -3.02
CA ILE H 353 -5.95 -71.09 -2.86
C ILE H 353 -5.09 -71.89 -3.81
N ARG H 354 -4.54 -71.21 -4.82
CA ARG H 354 -3.93 -71.90 -5.96
C ARG H 354 -2.54 -71.37 -6.23
N ALA H 355 -1.68 -72.24 -6.77
CA ALA H 355 -0.34 -71.84 -7.14
C ALA H 355 -0.26 -71.50 -8.63
N PHE H 356 0.44 -70.42 -8.95
CA PHE H 356 0.60 -69.96 -10.32
C PHE H 356 2.08 -69.82 -10.61
N THR H 357 2.53 -70.36 -11.74
CA THR H 357 3.98 -70.38 -12.07
C THR H 357 4.69 -69.02 -11.99
N GLY H 358 5.64 -68.88 -11.06
CA GLY H 358 6.43 -67.65 -10.91
C GLY H 358 5.83 -66.63 -9.96
N LYS H 359 4.60 -66.85 -9.47
CA LYS H 359 3.92 -65.82 -8.64
C LYS H 359 3.77 -66.23 -7.18
N GLY H 360 4.13 -67.47 -6.82
CA GLY H 360 3.82 -68.02 -5.48
C GLY H 360 2.45 -68.65 -5.39
N THR H 361 1.92 -68.76 -4.16
CA THR H 361 0.56 -69.32 -3.95
C THR H 361 -0.35 -68.15 -3.60
N LEU H 362 -1.52 -68.04 -4.25
CA LEU H 362 -2.37 -66.86 -4.08
C LEU H 362 -3.79 -67.27 -3.75
N ILE H 363 -4.47 -66.36 -3.05
CA ILE H 363 -5.89 -66.48 -2.76
C ILE H 363 -6.68 -66.13 -4.00
N TRP H 364 -7.64 -66.99 -4.37
CA TRP H 364 -8.37 -66.89 -5.63
C TRP H 364 -9.84 -67.10 -5.31
N GLY H 365 -10.58 -66.01 -5.20
CA GLY H 365 -12.01 -66.02 -4.90
C GLY H 365 -12.34 -65.16 -3.70
N ALA H 366 -13.43 -64.39 -3.83
CA ALA H 366 -13.82 -63.41 -2.83
C ALA H 366 -15.34 -63.36 -2.63
N ARG H 367 -15.99 -64.51 -2.56
CA ARG H 367 -17.44 -64.55 -2.38
C ARG H 367 -17.83 -65.05 -1.00
N THR H 368 -19.05 -64.73 -0.60
CA THR H 368 -19.63 -65.20 0.64
C THR H 368 -20.37 -66.53 0.43
N LEU H 369 -20.94 -67.05 1.52
CA LEU H 369 -21.76 -68.26 1.45
C LEU H 369 -23.13 -68.01 0.85
N ALA H 370 -23.40 -66.80 0.35
CA ALA H 370 -24.67 -66.42 -0.23
C ALA H 370 -24.42 -65.89 -1.64
N GLY H 371 -23.65 -66.65 -2.41
CA GLY H 371 -23.10 -66.17 -3.66
C GLY H 371 -24.12 -65.86 -4.73
N ASN H 372 -25.36 -66.30 -4.58
CA ASN H 372 -26.42 -65.94 -5.52
C ASN H 372 -27.17 -64.68 -5.11
N ASP H 373 -26.78 -64.05 -4.00
CA ASP H 373 -27.48 -62.87 -3.53
C ASP H 373 -26.92 -61.65 -4.26
N ASN H 374 -27.81 -60.88 -4.89
CA ASN H 374 -27.38 -59.73 -5.67
C ASN H 374 -26.75 -58.63 -4.81
N GLU H 375 -27.07 -58.60 -3.52
CA GLU H 375 -26.54 -57.58 -2.62
C GLU H 375 -25.34 -58.04 -1.80
N TRP H 376 -25.36 -59.28 -1.31
CA TRP H 376 -24.34 -59.76 -0.38
C TRP H 376 -23.46 -60.82 -1.01
N ARG H 377 -23.21 -60.70 -2.31
CA ARG H 377 -22.39 -61.69 -3.00
C ARG H 377 -20.94 -61.66 -2.51
N TYR H 378 -20.40 -60.47 -2.26
CA TYR H 378 -18.96 -60.33 -2.03
C TYR H 378 -18.63 -60.00 -0.59
N VAL H 379 -17.43 -60.40 -0.18
CA VAL H 379 -16.97 -60.20 1.21
C VAL H 379 -16.82 -58.71 1.51
N SER H 380 -16.18 -57.97 0.62
CA SER H 380 -15.81 -56.60 0.91
C SER H 380 -17.03 -55.71 1.09
N VAL H 381 -18.11 -55.96 0.35
CA VAL H 381 -19.31 -55.16 0.50
C VAL H 381 -19.91 -55.35 1.88
N ARG H 382 -20.00 -56.59 2.34
CA ARG H 382 -20.59 -56.86 3.63
C ARG H 382 -19.74 -56.30 4.76
N ARG H 383 -18.42 -56.45 4.66
CA ARG H 383 -17.56 -55.91 5.72
C ARG H 383 -17.64 -54.39 5.77
N PHE H 384 -17.68 -53.74 4.61
CA PHE H 384 -17.81 -52.30 4.56
C PHE H 384 -19.12 -51.83 5.19
N PHE H 385 -20.22 -52.51 4.85
CA PHE H 385 -21.51 -52.16 5.45
C PHE H 385 -21.47 -52.30 6.96
N ASN H 386 -20.84 -53.36 7.45
CA ASN H 386 -20.72 -53.53 8.90
C ASN H 386 -20.00 -52.34 9.52
N MET H 387 -18.86 -51.95 8.92
CA MET H 387 -18.09 -50.83 9.45
C MET H 387 -18.92 -49.56 9.47
N ALA H 388 -19.60 -49.27 8.36
CA ALA H 388 -20.34 -48.02 8.24
C ALA H 388 -21.47 -47.95 9.26
N GLU H 389 -22.23 -49.02 9.41
CA GLU H 389 -23.34 -48.97 10.37
C GLU H 389 -22.83 -48.89 11.81
N GLU H 390 -21.71 -49.53 12.10
CA GLU H 390 -21.16 -49.39 13.45
C GLU H 390 -20.75 -47.94 13.73
N SER H 391 -20.12 -47.29 12.76
CA SER H 391 -19.74 -45.89 12.98
C SER H 391 -20.96 -45.01 13.14
N ILE H 392 -22.01 -45.28 12.37
CA ILE H 392 -23.23 -44.47 12.48
C ILE H 392 -23.88 -44.65 13.84
N LYS H 393 -23.94 -45.88 14.33
CA LYS H 393 -24.45 -46.15 15.68
C LYS H 393 -23.66 -45.36 16.73
N LYS H 394 -22.34 -45.45 16.66
CA LYS H 394 -21.53 -44.75 17.65
C LYS H 394 -21.72 -43.24 17.57
N GLY H 395 -21.92 -42.72 16.36
CA GLY H 395 -22.15 -41.30 16.21
C GLY H 395 -23.50 -40.85 16.74
N SER H 396 -24.52 -41.66 16.56
CA SER H 396 -25.87 -41.26 16.94
C SER H 396 -26.29 -41.84 18.28
N GLU H 397 -25.35 -42.30 19.07
CA GLU H 397 -25.68 -42.67 20.44
C GLU H 397 -25.89 -41.48 21.38
N PRO H 398 -25.05 -40.46 21.36
CA PRO H 398 -25.20 -39.39 22.36
C PRO H 398 -26.57 -38.73 22.40
N PHE H 399 -27.35 -38.80 21.36
CA PHE H 399 -28.67 -38.17 21.43
C PHE H 399 -29.72 -38.99 22.20
N VAL H 400 -29.39 -40.02 22.97
CA VAL H 400 -30.39 -40.73 23.75
C VAL H 400 -30.95 -39.81 24.83
N PHE H 401 -32.27 -39.89 25.04
CA PHE H 401 -32.96 -39.06 26.03
C PHE H 401 -32.80 -37.58 25.75
N GLU H 402 -32.92 -37.21 24.49
CA GLU H 402 -32.96 -35.83 24.03
C GLU H 402 -34.33 -35.55 23.41
N PRO H 403 -34.71 -34.28 23.28
CA PRO H 403 -36.04 -33.98 22.72
C PRO H 403 -36.17 -34.50 21.30
N ASN H 404 -37.29 -35.16 21.03
CA ASN H 404 -37.57 -35.77 19.73
C ASN H 404 -38.25 -34.73 18.84
N ASP H 405 -37.44 -33.82 18.31
CA ASP H 405 -37.95 -32.72 17.50
C ASP H 405 -36.99 -32.45 16.35
N ALA H 406 -37.28 -31.38 15.60
CA ALA H 406 -36.61 -31.14 14.33
C ALA H 406 -35.13 -30.80 14.51
N ASN H 407 -34.75 -30.21 15.64
CA ASN H 407 -33.36 -29.77 15.81
C ASN H 407 -32.43 -30.96 15.95
N THR H 408 -32.83 -31.94 16.75
CA THR H 408 -32.04 -33.16 16.87
C THR H 408 -31.94 -33.88 15.53
N TRP H 409 -33.04 -33.90 14.78
CA TRP H 409 -33.04 -34.56 13.48
C TRP H 409 -32.06 -33.89 12.54
N THR H 410 -32.03 -32.56 12.54
CA THR H 410 -31.05 -31.82 11.75
C THR H 410 -29.63 -32.21 12.12
N LYS H 411 -29.33 -32.22 13.42
CA LYS H 411 -27.97 -32.54 13.85
C LYS H 411 -27.56 -33.96 13.43
N VAL H 412 -28.46 -34.92 13.62
CA VAL H 412 -28.16 -36.30 13.27
C VAL H 412 -27.91 -36.44 11.78
N LYS H 413 -28.76 -35.84 10.97
CA LYS H 413 -28.58 -35.90 9.52
C LYS H 413 -27.24 -35.31 9.11
N ALA H 414 -26.86 -34.18 9.73
CA ALA H 414 -25.58 -33.57 9.42
C ALA H 414 -24.43 -34.52 9.70
N MET H 415 -24.44 -35.17 10.87
CA MET H 415 -23.37 -36.10 11.20
C MET H 415 -23.27 -37.23 10.18
N ILE H 416 -24.41 -37.84 9.84
CA ILE H 416 -24.38 -38.97 8.92
C ILE H 416 -23.87 -38.54 7.55
N GLU H 417 -24.32 -37.38 7.07
CA GLU H 417 -23.91 -36.94 5.74
C GLU H 417 -22.43 -36.61 5.69
N ASN H 418 -21.88 -36.03 6.77
CA ASN H 418 -20.44 -35.76 6.76
C ASN H 418 -19.64 -37.05 6.71
N PHE H 419 -20.06 -38.06 7.47
CA PHE H 419 -19.36 -39.35 7.41
C PHE H 419 -19.42 -39.96 6.01
N LEU H 420 -20.60 -39.94 5.40
CA LEU H 420 -20.73 -40.52 4.06
C LEU H 420 -19.95 -39.73 3.02
N THR H 421 -19.84 -38.41 3.17
CA THR H 421 -19.02 -37.63 2.25
C THR H 421 -17.55 -38.01 2.36
N LEU H 422 -17.05 -38.16 3.59
CA LEU H 422 -15.68 -38.61 3.75
C LEU H 422 -15.47 -39.98 3.13
N GLN H 423 -16.47 -40.86 3.21
CA GLN H 423 -16.31 -42.17 2.59
C GLN H 423 -16.32 -42.08 1.07
N TRP H 424 -17.16 -41.21 0.52
CA TRP H 424 -17.23 -41.06 -0.92
C TRP H 424 -15.91 -40.57 -1.50
N ARG H 425 -15.31 -39.55 -0.87
CA ARG H 425 -14.17 -38.93 -1.54
C ARG H 425 -12.93 -39.80 -1.55
N ALA H 426 -12.91 -40.91 -0.82
CA ALA H 426 -11.77 -41.80 -0.83
C ALA H 426 -11.88 -42.93 -1.85
N GLY H 427 -12.99 -42.99 -2.59
CA GLY H 427 -13.17 -43.99 -3.62
C GLY H 427 -13.95 -45.21 -3.22
N ALA H 428 -14.67 -45.18 -2.10
CA ALA H 428 -15.46 -46.34 -1.70
C ALA H 428 -16.81 -46.39 -2.40
N LEU H 429 -17.40 -45.23 -2.66
CA LEU H 429 -18.75 -45.15 -3.22
C LEU H 429 -18.70 -44.63 -4.64
N ALA H 430 -19.67 -45.04 -5.44
CA ALA H 430 -19.77 -44.58 -6.81
C ALA H 430 -20.62 -43.32 -6.89
N GLY H 431 -20.41 -42.56 -7.97
CA GLY H 431 -21.16 -41.34 -8.20
C GLY H 431 -20.27 -40.15 -8.53
N ALA H 432 -20.82 -39.21 -9.31
CA ALA H 432 -20.05 -38.04 -9.71
C ALA H 432 -20.06 -36.95 -8.65
N LYS H 433 -21.08 -36.91 -7.81
CA LYS H 433 -21.12 -35.97 -6.69
C LYS H 433 -21.64 -36.70 -5.46
N PRO H 434 -21.63 -36.09 -4.28
CA PRO H 434 -22.26 -36.75 -3.13
C PRO H 434 -23.77 -36.87 -3.24
N GLU H 435 -24.38 -36.22 -4.23
CA GLU H 435 -25.82 -36.33 -4.43
C GLU H 435 -26.21 -37.62 -5.12
N GLN H 436 -25.29 -38.24 -5.85
CA GLN H 436 -25.56 -39.47 -6.56
C GLN H 436 -25.03 -40.69 -5.84
N ALA H 437 -24.33 -40.50 -4.73
CA ALA H 437 -23.68 -41.60 -4.03
C ALA H 437 -24.47 -42.11 -2.83
N PHE H 438 -25.26 -41.25 -2.18
CA PHE H 438 -25.96 -41.66 -0.97
C PHE H 438 -27.11 -40.70 -0.70
N TYR H 439 -28.03 -41.15 0.14
CA TYR H 439 -29.11 -40.29 0.61
C TYR H 439 -29.52 -40.68 2.02
N VAL H 440 -30.06 -39.70 2.76
CA VAL H 440 -30.45 -39.84 4.16
C VAL H 440 -31.85 -39.26 4.33
N LYS H 441 -32.75 -40.02 4.96
CA LYS H 441 -34.13 -39.61 5.19
C LYS H 441 -34.50 -39.78 6.65
N ILE H 442 -34.80 -38.67 7.32
CA ILE H 442 -35.28 -38.64 8.70
C ILE H 442 -36.27 -37.51 8.94
N GLY H 443 -37.51 -37.82 9.26
CA GLY H 443 -38.44 -36.76 9.60
C GLY H 443 -39.89 -37.22 9.59
N LEU H 444 -40.76 -36.28 9.85
CA LEU H 444 -42.19 -36.54 9.89
C LEU H 444 -42.75 -36.93 8.52
N ASN H 445 -42.31 -36.25 7.49
CA ASN H 445 -42.80 -36.56 6.15
C ASN H 445 -41.88 -37.53 5.43
N GLU H 446 -40.92 -38.12 6.14
CA GLU H 446 -39.97 -39.03 5.52
C GLU H 446 -40.12 -40.45 6.05
N THR H 447 -40.04 -40.66 7.36
CA THR H 447 -40.04 -42.01 7.91
C THR H 447 -40.80 -42.14 9.22
N MET H 448 -41.47 -41.09 9.69
CA MET H 448 -41.96 -41.04 11.06
C MET H 448 -43.39 -40.51 11.08
N THR H 449 -44.09 -40.78 12.18
CA THR H 449 -45.46 -40.28 12.35
C THR H 449 -45.62 -39.79 13.78
N ALA H 450 -46.81 -39.26 14.06
CA ALA H 450 -47.12 -38.74 15.40
C ALA H 450 -47.03 -39.86 16.43
N LEU H 451 -47.56 -41.04 16.11
CA LEU H 451 -47.43 -42.18 17.00
C LEU H 451 -45.98 -42.45 17.36
N ASP H 452 -45.06 -42.29 16.41
CA ASP H 452 -43.65 -42.51 16.68
C ASP H 452 -43.07 -41.41 17.57
N ILE H 453 -43.60 -40.19 17.46
CA ILE H 453 -43.14 -39.13 18.35
C ILE H 453 -43.59 -39.42 19.78
N LEU H 454 -44.82 -39.89 19.94
CA LEU H 454 -45.32 -40.21 21.28
C LEU H 454 -44.57 -41.41 21.87
N GLU H 455 -44.23 -42.39 21.04
CA GLU H 455 -43.53 -43.56 21.56
C GLU H 455 -42.10 -43.23 21.98
N GLY H 456 -41.46 -42.28 21.31
CA GLY H 456 -40.06 -42.00 21.53
C GLY H 456 -39.11 -42.65 20.57
N ARG H 457 -39.57 -43.01 19.37
CA ARG H 457 -38.76 -43.70 18.37
C ARG H 457 -38.28 -42.74 17.29
N MET H 458 -37.05 -42.93 16.85
CA MET H 458 -36.47 -42.20 15.73
C MET H 458 -36.10 -43.20 14.64
N ILE H 459 -36.55 -42.93 13.42
CA ILE H 459 -36.27 -43.80 12.29
C ILE H 459 -35.51 -43.05 11.21
N VAL H 460 -34.39 -43.63 10.79
CA VAL H 460 -33.54 -43.03 9.76
C VAL H 460 -33.32 -44.05 8.66
N GLU H 461 -33.41 -43.60 7.40
CA GLU H 461 -33.18 -44.45 6.23
C GLU H 461 -31.97 -43.94 5.46
N ILE H 462 -31.02 -44.84 5.17
CA ILE H 462 -29.76 -44.47 4.53
C ILE H 462 -29.53 -45.36 3.32
N GLY H 463 -29.38 -44.75 2.14
CA GLY H 463 -29.06 -45.47 0.91
C GLY H 463 -27.68 -45.13 0.40
N MET H 464 -26.98 -46.14 -0.13
CA MET H 464 -25.58 -46.07 -0.52
C MET H 464 -25.33 -46.93 -1.75
N ALA H 465 -24.48 -46.43 -2.67
CA ALA H 465 -24.06 -47.15 -3.85
C ALA H 465 -22.57 -47.50 -3.73
N VAL H 466 -22.27 -48.80 -3.72
CA VAL H 466 -20.91 -49.28 -3.55
C VAL H 466 -20.39 -49.80 -4.88
N VAL H 467 -19.07 -49.90 -4.99
CA VAL H 467 -18.38 -50.31 -6.22
C VAL H 467 -18.10 -51.80 -6.16
N ARG H 468 -18.27 -52.50 -7.28
CA ARG H 468 -18.17 -53.95 -7.34
C ARG H 468 -17.11 -54.40 -8.33
N PRO H 469 -16.46 -55.53 -8.09
CA PRO H 469 -15.26 -55.89 -8.86
C PRO H 469 -15.57 -56.58 -10.17
N ALA H 470 -14.52 -56.72 -10.97
CA ALA H 470 -14.56 -57.44 -12.24
C ALA H 470 -13.85 -58.78 -12.10
N GLU H 471 -14.56 -59.87 -12.37
CA GLU H 471 -14.02 -61.20 -12.17
C GLU H 471 -13.55 -61.89 -13.44
N PHE H 472 -14.08 -61.55 -14.62
CA PHE H 472 -13.80 -62.32 -15.82
C PHE H 472 -13.28 -61.42 -16.93
N ILE H 473 -12.18 -61.84 -17.55
CA ILE H 473 -11.54 -61.10 -18.63
C ILE H 473 -11.48 -62.01 -19.86
N ILE H 474 -11.99 -61.53 -20.98
CA ILE H 474 -12.14 -62.32 -22.19
C ILE H 474 -11.31 -61.69 -23.30
N LEU H 475 -10.39 -62.46 -23.86
CA LEU H 475 -9.55 -62.00 -24.96
C LEU H 475 -9.93 -62.70 -26.25
N LYS H 476 -9.95 -61.94 -27.34
CA LYS H 476 -10.30 -62.47 -28.65
C LYS H 476 -9.22 -62.11 -29.65
N PHE H 477 -8.80 -63.10 -30.43
CA PHE H 477 -7.65 -62.95 -31.32
C PHE H 477 -8.09 -63.14 -32.76
N SER H 478 -7.33 -62.57 -33.67
CA SER H 478 -7.67 -62.62 -35.08
C SER H 478 -6.40 -62.47 -35.90
N HIS H 479 -6.49 -62.84 -37.17
CA HIS H 479 -5.45 -62.58 -38.16
C HIS H 479 -5.76 -61.28 -38.87
N LYS H 480 -4.80 -60.36 -38.88
CA LYS H 480 -5.05 -59.06 -39.45
C LYS H 480 -5.12 -59.14 -40.98
N MET H 481 -6.09 -58.44 -41.54
CA MET H 481 -6.25 -58.38 -42.98
C MET H 481 -5.05 -57.72 -43.65
N GLN H 482 -4.56 -58.36 -44.71
CA GLN H 482 -3.36 -57.89 -45.38
C GLN H 482 -3.22 -58.51 -46.76
N ALA I 2 -43.22 -17.01 5.89
CA ALA I 2 -43.25 -17.55 4.55
C ALA I 2 -43.43 -16.44 3.51
N GLU I 3 -44.03 -15.34 3.92
CA GLU I 3 -44.26 -14.21 3.04
C GLU I 3 -43.45 -12.99 3.46
N TYR I 4 -43.07 -12.96 4.74
CA TYR I 4 -42.29 -11.85 5.27
C TYR I 4 -40.81 -12.16 5.11
N PRO I 5 -39.97 -11.14 4.97
CA PRO I 5 -38.52 -11.37 5.04
C PRO I 5 -38.10 -11.62 6.48
N LEU I 6 -37.01 -12.34 6.64
CA LEU I 6 -36.57 -12.77 7.96
C LEU I 6 -35.63 -11.76 8.61
N PRO I 7 -35.62 -11.69 9.95
CA PRO I 7 -34.62 -10.86 10.63
C PRO I 7 -33.33 -11.62 10.90
N LYS I 8 -32.34 -10.96 11.47
CA LYS I 8 -31.06 -11.63 11.69
C LYS I 8 -30.57 -11.57 13.12
N PHE I 9 -31.45 -11.82 14.08
CA PHE I 9 -31.01 -11.80 15.46
C PHE I 9 -31.45 -12.99 16.31
N HIS I 10 -31.91 -14.09 15.73
CA HIS I 10 -32.38 -15.24 16.49
C HIS I 10 -31.83 -16.51 15.85
N PHE I 11 -30.77 -17.06 16.43
CA PHE I 11 -30.01 -18.15 15.81
C PHE I 11 -29.41 -19.03 16.89
N GLN I 12 -28.82 -20.16 16.47
CA GLN I 12 -28.10 -21.02 17.39
C GLN I 12 -27.01 -21.81 16.67
N VAL I 13 -26.02 -22.28 17.44
CA VAL I 13 -24.81 -22.88 16.92
C VAL I 13 -24.56 -24.16 17.71
N ASP I 14 -24.43 -25.29 17.00
CA ASP I 14 -23.94 -26.54 17.58
C ASP I 14 -22.48 -26.71 17.20
N TRP I 15 -21.62 -26.72 18.22
CA TRP I 15 -20.17 -26.76 18.06
C TRP I 15 -19.50 -27.72 19.04
N GLY I 16 -20.24 -28.64 19.60
CA GLY I 16 -19.68 -29.62 20.51
C GLY I 16 -19.16 -29.06 21.78
N GLY I 17 -19.61 -27.83 22.08
CA GLY I 17 -19.21 -27.13 23.29
C GLY I 17 -20.27 -27.22 24.38
N SER I 18 -19.86 -26.99 25.62
CA SER I 18 -20.79 -27.05 26.75
C SER I 18 -21.91 -26.03 26.72
N ARG I 19 -21.56 -24.74 26.65
CA ARG I 19 -22.57 -23.67 26.66
C ARG I 19 -22.97 -23.16 25.26
N LEU I 20 -23.95 -22.26 25.26
CA LEU I 20 -24.46 -21.66 24.04
C LEU I 20 -24.66 -20.17 24.30
N GLY I 21 -25.20 -19.46 23.32
CA GLY I 21 -25.45 -18.04 23.44
C GLY I 21 -24.33 -17.20 22.86
N PHE I 22 -24.19 -17.23 21.54
CA PHE I 22 -23.15 -16.48 20.86
C PHE I 22 -23.66 -15.11 20.42
N THR I 23 -22.76 -14.13 20.36
CA THR I 23 -23.12 -12.79 19.95
C THR I 23 -23.02 -12.56 18.44
N GLU I 24 -21.86 -12.89 17.87
CA GLU I 24 -21.66 -12.68 16.43
C GLU I 24 -21.09 -13.89 15.70
N VAL I 25 -21.61 -14.13 14.51
CA VAL I 25 -21.18 -15.22 13.64
C VAL I 25 -21.03 -14.68 12.23
N SER I 26 -19.80 -14.63 11.71
CA SER I 26 -19.60 -14.14 10.35
C SER I 26 -18.60 -14.99 9.58
N GLY I 27 -18.71 -14.96 8.26
CA GLY I 27 -17.76 -15.61 7.39
C GLY I 27 -18.28 -16.68 6.45
N LEU I 28 -19.57 -16.66 6.10
CA LEU I 28 -20.20 -17.75 5.40
C LEU I 28 -20.27 -17.45 3.90
N ASP I 29 -19.29 -17.96 3.16
CA ASP I 29 -19.10 -17.62 1.75
C ASP I 29 -18.65 -18.86 0.97
N VAL I 30 -18.81 -18.81 -0.35
CA VAL I 30 -18.30 -19.81 -1.28
C VAL I 30 -17.82 -19.10 -2.54
N GLU I 31 -16.79 -19.64 -3.19
CA GLU I 31 -16.33 -19.01 -4.42
C GLU I 31 -15.67 -20.01 -5.37
N THR I 32 -15.62 -19.63 -6.65
CA THR I 32 -14.97 -20.36 -7.74
C THR I 32 -14.11 -19.39 -8.53
N GLU I 33 -12.93 -19.87 -8.95
CA GLU I 33 -12.01 -19.00 -9.73
C GLU I 33 -12.37 -19.00 -11.21
N VAL I 34 -12.07 -17.91 -11.90
CA VAL I 34 -12.33 -17.75 -13.34
C VAL I 34 -11.04 -18.06 -14.09
N ILE I 35 -11.14 -18.79 -15.19
CA ILE I 35 -10.05 -18.99 -16.13
C ILE I 35 -10.43 -18.34 -17.45
N GLU I 36 -9.47 -17.65 -18.06
CA GLU I 36 -9.69 -16.85 -19.25
C GLU I 36 -8.90 -17.39 -20.43
N TYR I 37 -9.43 -17.18 -21.63
CA TYR I 37 -8.82 -17.74 -22.83
C TYR I 37 -9.22 -16.94 -24.06
N ARG I 38 -8.27 -16.74 -24.97
CA ARG I 38 -8.57 -16.15 -26.28
C ARG I 38 -7.52 -16.58 -27.29
N GLU I 39 -7.98 -16.91 -28.49
CA GLU I 39 -7.10 -17.23 -29.62
C GLU I 39 -7.08 -16.06 -30.60
N GLY I 40 -6.07 -16.06 -31.47
CA GLY I 40 -5.74 -14.87 -32.23
C GLY I 40 -6.79 -14.45 -33.24
N ASN I 41 -7.56 -15.39 -33.79
CA ASN I 41 -8.46 -15.10 -34.90
C ASN I 41 -9.90 -14.91 -34.47
N LEU I 42 -10.15 -14.71 -33.18
CA LEU I 42 -11.52 -14.54 -32.74
C LEU I 42 -12.01 -13.13 -33.06
N PRO I 43 -13.19 -12.97 -33.65
CA PRO I 43 -13.65 -11.62 -34.05
C PRO I 43 -13.92 -10.67 -32.90
N GLN I 44 -14.15 -11.16 -31.69
CA GLN I 44 -14.25 -10.29 -30.54
C GLN I 44 -12.88 -10.10 -29.90
N TYR I 45 -12.65 -8.90 -29.36
CA TYR I 45 -11.36 -8.56 -28.78
C TYR I 45 -11.41 -8.55 -27.26
N HIS I 46 -12.19 -9.45 -26.67
CA HIS I 46 -12.15 -9.73 -25.24
C HIS I 46 -12.27 -11.24 -25.03
N LYS I 47 -11.99 -11.67 -23.81
CA LYS I 47 -11.71 -13.07 -23.54
C LYS I 47 -12.95 -13.87 -23.16
N LEU I 48 -12.80 -15.20 -23.26
CA LEU I 48 -13.79 -16.16 -22.80
C LEU I 48 -13.43 -16.65 -21.40
N LYS I 49 -14.46 -17.03 -20.64
CA LYS I 49 -14.34 -17.33 -19.22
C LYS I 49 -14.98 -18.67 -18.89
N MET I 50 -14.34 -19.42 -18.00
CA MET I 50 -14.84 -20.72 -17.60
C MET I 50 -14.47 -21.01 -16.14
N PRO I 51 -15.20 -21.90 -15.48
CA PRO I 51 -14.96 -22.14 -14.05
C PRO I 51 -13.67 -22.89 -13.76
N GLY I 52 -13.17 -22.68 -12.53
CA GLY I 52 -11.94 -23.27 -12.05
C GLY I 52 -12.11 -23.99 -10.72
N MET I 53 -11.24 -23.67 -9.77
CA MET I 53 -11.24 -24.32 -8.46
C MET I 53 -12.08 -23.53 -7.46
N GLN I 54 -12.43 -24.19 -6.36
CA GLN I 54 -13.27 -23.61 -5.31
C GLN I 54 -12.44 -23.05 -4.17
N LYS I 55 -13.06 -22.17 -3.40
CA LYS I 55 -12.43 -21.54 -2.25
C LYS I 55 -13.48 -21.28 -1.16
N PHE I 56 -13.06 -21.48 0.08
CA PHE I 56 -13.88 -21.35 1.27
C PHE I 56 -13.17 -20.46 2.27
N SER I 57 -13.95 -19.78 3.12
CA SER I 57 -13.40 -18.82 4.06
C SER I 57 -13.40 -19.37 5.48
N ASN I 58 -12.61 -18.73 6.33
CA ASN I 58 -12.64 -19.02 7.75
C ASN I 58 -13.86 -18.37 8.40
N ILE I 59 -14.27 -18.92 9.53
CA ILE I 59 -15.49 -18.48 10.22
C ILE I 59 -15.11 -17.92 11.58
N THR I 60 -15.70 -16.78 11.94
CA THR I 60 -15.41 -16.10 13.18
C THR I 60 -16.65 -16.08 14.07
N MET I 61 -16.45 -16.33 15.37
CA MET I 61 -17.53 -16.31 16.33
C MET I 61 -17.12 -15.55 17.59
N LYS I 62 -18.05 -14.76 18.12
CA LYS I 62 -17.79 -13.94 19.29
C LYS I 62 -18.84 -14.19 20.35
N ARG I 63 -18.39 -14.24 21.61
CA ARG I 63 -19.30 -14.48 22.73
C ARG I 63 -18.78 -13.82 24.00
N GLY I 64 -19.64 -13.67 24.97
CA GLY I 64 -19.28 -13.06 26.24
C GLY I 64 -18.69 -14.03 27.24
N THR I 65 -17.94 -13.49 28.20
CA THR I 65 -17.15 -14.28 29.13
C THR I 65 -17.88 -14.52 30.44
N PHE I 66 -17.86 -15.77 30.90
CA PHE I 66 -18.53 -16.19 32.13
C PHE I 66 -17.56 -16.92 33.03
N GLN I 67 -17.81 -16.84 34.33
CA GLN I 67 -16.99 -17.55 35.29
C GLN I 67 -17.18 -19.06 35.17
N GLY I 68 -16.07 -19.79 35.08
CA GLY I 68 -16.10 -21.24 34.99
C GLY I 68 -16.08 -21.82 33.61
N ASP I 69 -16.17 -21.00 32.57
CA ASP I 69 -16.28 -21.48 31.19
C ASP I 69 -14.96 -21.22 30.48
N ASN I 70 -14.26 -22.29 30.12
CA ASN I 70 -12.96 -22.17 29.45
C ASN I 70 -12.91 -23.08 28.22
N ASP I 71 -13.96 -23.01 27.40
CA ASP I 71 -14.15 -23.97 26.32
C ASP I 71 -13.37 -23.65 25.06
N PHE I 72 -13.23 -22.38 24.71
CA PHE I 72 -12.48 -22.05 23.50
C PHE I 72 -11.05 -22.54 23.61
N TYR I 73 -10.45 -22.25 24.76
CA TYR I 73 -9.08 -22.66 25.06
C TYR I 73 -9.01 -24.18 25.09
N LYS I 74 -10.00 -24.83 25.71
CA LYS I 74 -10.02 -26.27 25.76
C LYS I 74 -9.93 -26.88 24.36
N TRP I 75 -10.73 -26.39 23.43
CA TRP I 75 -10.70 -26.96 22.08
C TRP I 75 -9.39 -26.64 21.38
N TRP I 76 -8.92 -25.40 21.48
CA TRP I 76 -7.67 -25.01 20.83
C TRP I 76 -6.50 -25.83 21.34
N ASN I 77 -6.48 -26.15 22.62
CA ASN I 77 -5.33 -26.79 23.26
C ASN I 77 -5.25 -28.29 23.02
N THR I 78 -6.09 -28.86 22.17
CA THR I 78 -6.01 -30.29 21.89
C THR I 78 -5.11 -30.60 20.72
N VAL I 79 -4.15 -29.73 20.44
CA VAL I 79 -3.35 -29.80 19.22
C VAL I 79 -2.01 -30.47 19.53
N ALA I 80 -1.73 -31.56 18.83
CA ALA I 80 -0.42 -32.19 18.79
C ALA I 80 0.29 -31.68 17.54
N LEU I 81 1.41 -32.30 17.16
CA LEU I 81 2.23 -31.83 16.06
C LEU I 81 1.38 -31.46 14.85
N ASN I 82 0.74 -32.41 14.19
CA ASN I 82 -0.16 -32.12 13.08
C ASN I 82 -1.52 -32.77 13.25
N THR I 83 -1.86 -33.20 14.46
CA THR I 83 -3.14 -33.80 14.76
C THR I 83 -3.92 -32.89 15.70
N ILE I 84 -5.23 -32.94 15.57
CA ILE I 84 -6.14 -32.11 16.36
C ILE I 84 -7.52 -32.76 16.33
N GLU I 85 -8.39 -32.35 17.24
CA GLU I 85 -9.75 -32.87 17.29
C GLU I 85 -10.66 -32.04 16.38
N ARG I 86 -11.20 -32.67 15.35
CA ARG I 86 -12.07 -32.02 14.39
C ARG I 86 -13.53 -32.32 14.72
N ARG I 87 -14.40 -31.35 14.46
CA ARG I 87 -15.81 -31.46 14.81
C ARG I 87 -16.69 -31.05 13.64
N ASP I 88 -17.93 -31.53 13.65
CA ASP I 88 -18.94 -31.11 12.69
C ASP I 88 -19.69 -29.91 13.25
N LEU I 89 -19.79 -28.85 12.47
CA LEU I 89 -20.45 -27.63 12.95
C LEU I 89 -21.80 -27.38 12.27
N THR I 90 -22.79 -27.00 13.08
CA THR I 90 -24.12 -26.72 12.55
C THR I 90 -24.57 -25.35 13.01
N ILE I 91 -25.04 -24.51 12.08
CA ILE I 91 -25.55 -23.19 12.41
C ILE I 91 -26.97 -23.12 11.87
N SER I 92 -27.90 -22.62 12.69
CA SER I 92 -29.28 -22.56 12.26
C SER I 92 -29.90 -21.23 12.63
N LEU I 93 -30.74 -20.72 11.73
CA LEU I 93 -31.48 -19.47 11.93
C LEU I 93 -32.92 -19.82 12.33
N LEU I 94 -33.41 -19.27 13.41
CA LEU I 94 -34.76 -19.58 13.84
C LEU I 94 -35.74 -18.47 13.64
N ASN I 95 -36.99 -18.81 13.46
CA ASN I 95 -38.00 -17.80 13.34
C ASN I 95 -38.79 -17.66 14.63
N GLU I 96 -39.79 -16.77 14.64
CA GLU I 96 -40.61 -16.51 15.83
C GLU I 96 -41.08 -17.73 16.65
N LYS I 97 -41.35 -18.84 15.99
CA LYS I 97 -41.80 -20.06 16.66
C LYS I 97 -40.66 -21.07 16.86
N HIS I 98 -39.44 -20.54 16.79
CA HIS I 98 -38.21 -21.30 16.98
C HIS I 98 -38.03 -22.53 16.10
N GLU I 99 -38.40 -22.44 14.83
CA GLU I 99 -38.24 -23.55 13.91
C GLU I 99 -37.06 -23.26 13.00
N PRO I 100 -36.13 -24.22 12.89
CA PRO I 100 -34.95 -24.05 12.03
C PRO I 100 -35.39 -23.76 10.61
N VAL I 101 -34.93 -22.66 10.02
CA VAL I 101 -35.35 -22.33 8.68
C VAL I 101 -34.20 -22.43 7.70
N VAL I 102 -33.06 -21.83 8.03
CA VAL I 102 -31.88 -21.89 7.19
C VAL I 102 -30.78 -22.57 7.99
N VAL I 103 -30.12 -23.55 7.40
CA VAL I 103 -29.10 -24.34 8.08
C VAL I 103 -27.81 -24.30 7.27
N TRP I 104 -26.71 -24.03 7.95
CA TRP I 104 -25.37 -24.10 7.38
C TRP I 104 -24.64 -25.26 8.03
N LYS I 105 -24.15 -26.19 7.21
CA LYS I 105 -23.42 -27.35 7.68
C LYS I 105 -21.95 -27.20 7.30
N VAL I 106 -21.08 -27.23 8.30
CA VAL I 106 -19.65 -27.10 8.08
C VAL I 106 -19.00 -28.48 8.25
N ASN I 107 -17.96 -28.74 7.47
CA ASN I 107 -17.27 -30.02 7.53
C ASN I 107 -15.83 -29.90 8.00
N ARG I 108 -15.46 -30.76 8.95
CA ARG I 108 -14.11 -30.81 9.51
C ARG I 108 -13.58 -29.46 9.97
N ALA I 109 -14.10 -28.94 11.08
CA ALA I 109 -13.65 -27.63 11.57
C ALA I 109 -12.81 -27.69 12.85
N TRP I 110 -11.64 -27.07 12.81
CA TRP I 110 -10.76 -27.01 13.98
C TRP I 110 -10.33 -25.56 14.22
N PRO I 111 -10.18 -25.16 15.47
CA PRO I 111 -9.91 -23.75 15.79
C PRO I 111 -8.49 -23.31 15.47
N THR I 112 -8.36 -22.27 14.65
CA THR I 112 -7.05 -21.75 14.31
C THR I 112 -6.63 -20.57 15.16
N LYS I 113 -7.57 -19.86 15.79
CA LYS I 113 -7.16 -18.70 16.57
C LYS I 113 -8.15 -18.40 17.68
N VAL I 114 -7.63 -17.94 18.82
CA VAL I 114 -8.44 -17.57 19.98
C VAL I 114 -7.93 -16.23 20.50
N GLN I 115 -8.83 -15.26 20.64
CA GLN I 115 -8.48 -13.94 21.15
C GLN I 115 -9.32 -13.59 22.36
N SER I 116 -8.66 -13.18 23.44
CA SER I 116 -9.31 -12.77 24.66
C SER I 116 -9.55 -11.27 24.68
N THR I 117 -10.22 -10.81 25.73
CA THR I 117 -10.61 -9.42 25.80
C THR I 117 -9.41 -8.55 26.17
N ASP I 118 -9.60 -7.24 26.02
CA ASP I 118 -8.63 -6.25 26.45
C ASP I 118 -9.17 -5.57 27.71
N LEU I 119 -8.27 -5.05 28.54
CA LEU I 119 -8.62 -4.52 29.84
C LEU I 119 -8.44 -3.02 29.85
N LYS I 120 -9.50 -2.28 30.19
CA LYS I 120 -9.45 -0.82 30.25
C LYS I 120 -9.97 -0.36 31.59
N GLY I 121 -9.19 0.48 32.27
CA GLY I 121 -9.62 1.04 33.53
C GLY I 121 -10.83 1.94 33.44
N ASP I 122 -11.17 2.39 32.23
CA ASP I 122 -12.30 3.27 32.00
C ASP I 122 -13.36 2.66 31.09
N GLY I 123 -13.34 1.34 30.91
CA GLY I 123 -14.25 0.71 29.97
C GLY I 123 -15.52 0.20 30.63
N ASN I 124 -16.65 0.78 30.24
CA ASN I 124 -17.96 0.38 30.75
C ASN I 124 -18.61 -0.68 29.88
N GLU I 125 -17.85 -1.68 29.46
CA GLU I 125 -18.46 -2.69 28.61
C GLU I 125 -18.15 -4.09 29.11
N VAL I 126 -18.91 -5.04 28.60
CA VAL I 126 -18.71 -6.45 28.92
C VAL I 126 -17.45 -6.95 28.24
N ALA I 127 -16.86 -7.99 28.79
CA ALA I 127 -15.70 -8.62 28.19
C ALA I 127 -16.15 -9.66 27.17
N ILE I 128 -15.57 -9.59 25.97
CA ILE I 128 -15.92 -10.49 24.88
C ILE I 128 -14.69 -11.21 24.32
N GLU I 129 -14.88 -12.46 23.95
CA GLU I 129 -13.81 -13.28 23.39
C GLU I 129 -14.23 -13.80 22.02
N SER I 130 -13.22 -14.16 21.21
CA SER I 130 -13.45 -14.53 19.83
C SER I 130 -12.68 -15.79 19.47
N ILE I 131 -13.24 -16.55 18.52
CA ILE I 131 -12.58 -17.72 17.96
C ILE I 131 -12.68 -17.68 16.44
N GLU I 132 -11.64 -18.19 15.79
CA GLU I 132 -11.56 -18.27 14.33
C GLU I 132 -11.27 -19.71 13.94
N VAL I 133 -12.07 -20.23 13.01
CA VAL I 133 -12.13 -21.65 12.69
C VAL I 133 -11.91 -21.88 11.20
N ALA I 134 -11.15 -22.92 10.88
CA ALA I 134 -10.93 -23.41 9.52
C ALA I 134 -11.68 -24.72 9.32
N HIS I 135 -12.05 -25.00 8.08
CA HIS I 135 -12.90 -26.14 7.77
C HIS I 135 -12.63 -26.60 6.35
N GLU I 136 -13.12 -27.81 6.01
CA GLU I 136 -13.05 -28.31 4.65
C GLU I 136 -14.44 -28.62 4.12
N GLY I 137 -15.35 -27.66 4.17
CA GLY I 137 -16.57 -27.74 3.42
C GLY I 137 -17.71 -26.96 4.07
N LEU I 138 -18.66 -26.58 3.22
CA LEU I 138 -19.83 -25.82 3.67
C LEU I 138 -21.00 -26.10 2.74
N THR I 139 -22.20 -26.20 3.34
CA THR I 139 -23.41 -26.50 2.59
C THR I 139 -24.60 -25.75 3.17
N ILE I 140 -25.44 -25.21 2.28
CA ILE I 140 -26.60 -24.40 2.66
C ILE I 140 -27.88 -25.19 2.40
N GLN I 141 -28.79 -25.14 3.36
CA GLN I 141 -30.11 -25.79 3.23
C GLN I 141 -31.19 -24.81 3.64
N ASN I 142 -32.05 -24.43 2.70
CA ASN I 142 -33.19 -23.57 2.95
C ASN I 142 -34.44 -24.23 2.39
N GLY I 143 -35.42 -24.46 3.25
CA GLY I 143 -36.68 -25.05 2.83
C GLY I 143 -36.53 -26.47 2.35
N ALA J 2 -15.55 -28.02 -28.73
CA ALA J 2 -16.47 -27.00 -28.31
C ALA J 2 -15.75 -25.70 -28.42
N GLU J 3 -15.83 -24.86 -27.40
CA GLU J 3 -15.15 -23.58 -27.44
C GLU J 3 -14.33 -23.35 -26.19
N TYR J 4 -14.33 -24.33 -25.28
CA TYR J 4 -13.56 -24.15 -24.10
C TYR J 4 -12.56 -25.25 -24.02
N PRO J 5 -11.34 -24.94 -23.58
CA PRO J 5 -10.28 -25.95 -23.41
C PRO J 5 -10.28 -26.63 -22.04
N LEU J 6 -9.33 -27.53 -21.77
CA LEU J 6 -9.30 -28.21 -20.47
C LEU J 6 -8.33 -27.62 -19.44
N PRO J 7 -8.61 -27.85 -18.13
CA PRO J 7 -7.67 -27.39 -17.10
C PRO J 7 -6.56 -28.41 -16.85
N LYS J 8 -5.67 -28.14 -15.90
CA LYS J 8 -4.45 -28.91 -15.74
C LYS J 8 -4.29 -29.50 -14.34
N PHE J 9 -5.38 -29.68 -13.59
CA PHE J 9 -5.21 -30.07 -12.20
C PHE J 9 -5.96 -31.33 -11.77
N HIS J 10 -6.43 -32.17 -12.70
CA HIS J 10 -7.19 -33.37 -12.35
C HIS J 10 -6.68 -34.52 -13.23
N PHE J 11 -5.83 -35.37 -12.65
CA PHE J 11 -5.11 -36.39 -13.41
C PHE J 11 -4.85 -37.61 -12.53
N GLN J 12 -4.34 -38.67 -13.14
CA GLN J 12 -3.92 -39.84 -12.37
C GLN J 12 -2.83 -40.61 -13.11
N VAL J 13 -2.08 -41.42 -12.35
CA VAL J 13 -0.88 -42.08 -12.82
C VAL J 13 -0.94 -43.54 -12.37
N ASP J 14 -0.84 -44.47 -13.32
CA ASP J 14 -0.63 -45.87 -13.03
C ASP J 14 0.85 -46.20 -13.20
N TRP J 15 1.48 -46.61 -12.10
CA TRP J 15 2.92 -46.86 -12.04
C TRP J 15 3.26 -48.12 -11.27
N GLY J 16 2.32 -48.91 -10.79
CA GLY J 16 2.71 -50.11 -10.07
C GLY J 16 2.78 -50.07 -8.57
N GLY J 17 2.65 -48.86 -8.03
CA GLY J 17 2.63 -48.63 -6.59
C GLY J 17 1.20 -48.44 -6.11
N SER J 18 1.02 -48.45 -4.79
CA SER J 18 -0.32 -48.30 -4.20
C SER J 18 -0.98 -46.94 -4.45
N ARG J 19 -0.39 -45.83 -4.02
CA ARG J 19 -1.07 -44.53 -4.19
C ARG J 19 -1.12 -44.09 -5.61
N LEU J 20 -2.14 -43.34 -5.95
CA LEU J 20 -2.51 -42.88 -7.30
C LEU J 20 -2.71 -41.36 -7.36
N GLY J 21 -2.03 -40.63 -6.47
CA GLY J 21 -2.16 -39.19 -6.48
C GLY J 21 -0.84 -38.47 -6.36
N PHE J 22 -0.51 -37.62 -7.32
CA PHE J 22 0.74 -36.89 -7.26
C PHE J 22 0.48 -35.42 -7.28
N THR J 23 1.51 -34.67 -6.94
CA THR J 23 1.37 -33.23 -7.02
C THR J 23 2.02 -32.64 -8.25
N GLU J 24 2.99 -33.31 -8.86
CA GLU J 24 3.58 -32.76 -10.07
C GLU J 24 4.07 -33.86 -10.98
N VAL J 25 3.81 -33.69 -12.28
CA VAL J 25 4.27 -34.60 -13.33
C VAL J 25 4.76 -33.77 -14.50
N SER J 26 6.05 -33.82 -14.79
CA SER J 26 6.57 -33.05 -15.93
C SER J 26 7.60 -33.85 -16.72
N GLY J 27 7.73 -33.48 -18.00
CA GLY J 27 8.76 -34.06 -18.84
C GLY J 27 8.30 -34.76 -20.11
N LEU J 28 7.11 -34.45 -20.62
CA LEU J 28 6.49 -35.21 -21.69
C LEU J 28 6.75 -34.56 -23.04
N ASP J 29 7.79 -35.03 -23.74
CA ASP J 29 8.29 -34.40 -24.96
C ASP J 29 8.72 -35.48 -25.95
N VAL J 30 8.83 -35.08 -27.23
CA VAL J 30 9.37 -35.90 -28.30
C VAL J 30 10.17 -35.00 -29.24
N GLU J 31 11.24 -35.54 -29.85
CA GLU J 31 12.00 -34.73 -30.78
C GLU J 31 12.70 -35.57 -31.84
N THR J 32 13.04 -34.90 -32.95
CA THR J 32 13.79 -35.46 -34.07
C THR J 32 14.91 -34.49 -34.44
N GLU J 33 16.11 -35.00 -34.72
CA GLU J 33 17.18 -34.10 -35.12
C GLU J 33 17.04 -33.69 -36.58
N VAL J 34 17.73 -32.61 -36.94
CA VAL J 34 17.78 -32.08 -38.30
C VAL J 34 19.14 -32.41 -38.90
N ILE J 35 19.16 -32.82 -40.16
CA ILE J 35 20.38 -32.99 -40.93
C ILE J 35 20.36 -31.97 -42.07
N GLU J 36 21.50 -31.34 -42.32
CA GLU J 36 21.60 -30.25 -43.28
C GLU J 36 22.54 -30.62 -44.42
N TYR J 37 22.28 -30.04 -45.59
CA TYR J 37 23.04 -30.40 -46.79
C TYR J 37 22.99 -29.27 -47.80
N ARG J 38 24.11 -29.01 -48.47
CA ARG J 38 24.16 -28.09 -49.60
C ARG J 38 25.31 -28.44 -50.51
N GLU J 39 25.06 -28.40 -51.82
CA GLU J 39 26.08 -28.58 -52.84
C GLU J 39 26.45 -27.22 -53.46
N GLY J 40 27.59 -27.19 -54.13
CA GLY J 40 28.21 -25.93 -54.49
C GLY J 40 27.44 -25.10 -55.49
N ASN J 41 26.69 -25.74 -56.38
CA ASN J 41 26.07 -25.04 -57.50
C ASN J 41 24.60 -24.71 -57.27
N LEU J 42 24.13 -24.79 -56.04
CA LEU J 42 22.73 -24.49 -55.76
C LEU J 42 22.51 -22.98 -55.77
N PRO J 43 21.48 -22.48 -56.48
CA PRO J 43 21.29 -21.03 -56.57
C PRO J 43 20.93 -20.35 -55.27
N GLN J 44 20.40 -21.07 -54.29
CA GLN J 44 20.20 -20.48 -52.97
C GLN J 44 21.43 -20.70 -52.10
N TYR J 45 21.70 -19.73 -51.24
CA TYR J 45 22.89 -19.76 -50.39
C TYR J 45 22.54 -20.10 -48.94
N HIS J 46 21.55 -20.97 -48.74
CA HIS J 46 21.28 -21.59 -47.46
C HIS J 46 20.94 -23.06 -47.67
N LYS J 47 20.91 -23.81 -46.58
CA LYS J 47 20.96 -25.27 -46.65
C LYS J 47 19.58 -25.91 -46.70
N LEU J 48 19.58 -27.17 -47.12
CA LEU J 48 18.40 -28.04 -47.11
C LEU J 48 18.41 -28.89 -45.84
N LYS J 49 17.21 -29.26 -45.38
CA LYS J 49 17.02 -29.91 -44.09
C LYS J 49 16.16 -31.16 -44.22
N MET J 50 16.52 -32.21 -43.49
CA MET J 50 15.78 -33.46 -43.54
C MET J 50 15.83 -34.14 -42.16
N PRO J 51 14.88 -35.03 -41.89
CA PRO J 51 14.79 -35.64 -40.56
C PRO J 51 15.91 -36.64 -40.27
N GLY J 52 16.17 -36.83 -38.98
CA GLY J 52 17.21 -37.72 -38.49
C GLY J 52 16.68 -38.70 -37.44
N MET J 53 17.39 -38.78 -36.32
CA MET J 53 17.06 -39.70 -35.24
C MET J 53 16.14 -39.05 -34.21
N GLN J 54 15.51 -39.88 -33.40
CA GLN J 54 14.56 -39.43 -32.38
C GLN J 54 15.22 -39.32 -31.01
N LYS J 55 14.57 -38.55 -30.14
CA LYS J 55 15.04 -38.34 -28.77
C LYS J 55 13.86 -38.16 -27.84
N PHE J 56 13.95 -38.74 -26.67
CA PHE J 56 12.93 -38.71 -25.62
C PHE J 56 13.55 -38.20 -24.34
N SER J 57 12.76 -37.68 -23.44
CA SER J 57 13.24 -37.08 -22.20
C SER J 57 12.89 -37.95 -21.00
N ASN J 58 13.57 -37.68 -19.89
CA ASN J 58 13.23 -38.30 -18.62
C ASN J 58 12.00 -37.62 -18.01
N ILE J 59 11.31 -38.34 -17.15
CA ILE J 59 10.05 -37.89 -16.57
C ILE J 59 10.22 -37.74 -15.07
N THR J 60 9.72 -36.63 -14.52
CA THR J 60 9.85 -36.32 -13.11
C THR J 60 8.48 -36.31 -12.45
N MET J 61 8.40 -36.89 -11.25
CA MET J 61 7.15 -36.91 -10.49
C MET J 61 7.41 -36.55 -9.03
N LYS J 62 6.50 -35.77 -8.46
CA LYS J 62 6.63 -35.31 -7.08
C LYS J 62 5.37 -35.64 -6.30
N ARG J 63 5.55 -36.05 -5.05
CA ARG J 63 4.43 -36.39 -4.19
C ARG J 63 4.78 -36.14 -2.73
N GLY J 64 3.76 -36.11 -1.89
CA GLY J 64 3.95 -35.88 -0.47
C GLY J 64 4.20 -37.16 0.32
N THR J 65 4.81 -37.00 1.49
CA THR J 65 5.31 -38.11 2.28
C THR J 65 4.30 -38.53 3.35
N PHE J 66 4.10 -39.84 3.44
CA PHE J 66 3.17 -40.44 4.37
C PHE J 66 3.84 -41.50 5.23
N GLN J 67 3.33 -41.69 6.44
CA GLN J 67 3.85 -42.75 7.30
C GLN J 67 3.50 -44.12 6.74
N GLY J 68 4.49 -44.99 6.63
CA GLY J 68 4.30 -46.35 6.17
C GLY J 68 4.52 -46.58 4.69
N ASP J 69 4.73 -45.52 3.91
CA ASP J 69 4.83 -45.65 2.45
C ASP J 69 6.30 -45.45 2.05
N ASN J 70 6.91 -46.50 1.53
CA ASN J 70 8.32 -46.45 1.14
C ASN J 70 8.48 -47.02 -0.28
N ASP J 71 7.63 -46.59 -1.21
CA ASP J 71 7.53 -47.22 -2.51
C ASP J 71 8.58 -46.74 -3.50
N PHE J 72 8.94 -45.46 -3.49
CA PHE J 72 9.94 -44.99 -4.43
C PHE J 72 11.26 -45.73 -4.23
N TYR J 73 11.65 -45.84 -2.97
CA TYR J 73 12.87 -46.54 -2.58
C TYR J 73 12.75 -48.01 -2.94
N LYS J 74 11.57 -48.60 -2.68
CA LYS J 74 11.35 -50.00 -3.03
C LYS J 74 11.65 -50.26 -4.50
N TRP J 75 11.11 -49.43 -5.38
CA TRP J 75 11.33 -49.65 -6.81
C TRP J 75 12.79 -49.40 -7.19
N TRP J 76 13.37 -48.32 -6.69
CA TRP J 76 14.76 -48.01 -7.01
C TRP J 76 15.71 -49.13 -6.57
N ASN J 77 15.43 -49.74 -5.42
CA ASN J 77 16.34 -50.70 -4.81
C ASN J 77 16.27 -52.09 -5.43
N THR J 78 15.55 -52.29 -6.52
CA THR J 78 15.50 -53.60 -7.16
C THR J 78 16.56 -53.76 -8.22
N VAL J 79 17.67 -53.05 -8.10
CA VAL J 79 18.67 -52.96 -9.16
C VAL J 79 19.82 -53.89 -8.84
N ALA J 80 20.10 -54.81 -9.75
CA ALA J 80 21.31 -55.63 -9.74
C ALA J 80 22.30 -54.97 -10.68
N LEU J 81 23.37 -55.67 -11.03
CA LEU J 81 24.46 -55.10 -11.84
C LEU J 81 23.90 -54.30 -13.02
N ASN J 82 23.29 -54.95 -14.01
CA ASN J 82 22.68 -54.25 -15.13
C ASN J 82 21.24 -54.67 -15.34
N THR J 83 20.62 -55.31 -14.35
CA THR J 83 19.24 -55.74 -14.43
C THR J 83 18.41 -54.96 -13.42
N ILE J 84 17.14 -54.74 -13.75
CA ILE J 84 16.22 -53.99 -12.93
C ILE J 84 14.81 -54.36 -13.34
N GLU J 85 13.83 -54.04 -12.49
CA GLU J 85 12.43 -54.30 -12.80
C GLU J 85 11.83 -53.14 -13.58
N ARG J 86 11.42 -53.41 -14.81
CA ARG J 86 10.84 -52.40 -15.69
C ARG J 86 9.32 -52.52 -15.68
N ARG J 87 8.65 -51.38 -15.81
CA ARG J 87 7.19 -51.32 -15.72
C ARG J 87 6.62 -50.50 -16.86
N ASP J 88 5.35 -50.74 -17.16
CA ASP J 88 4.60 -49.94 -18.12
C ASP J 88 3.93 -48.79 -17.38
N LEU J 89 4.11 -47.57 -17.87
CA LEU J 89 3.52 -46.41 -17.19
C LEU J 89 2.38 -45.78 -17.96
N THR J 90 1.31 -45.44 -17.25
CA THR J 90 0.16 -44.81 -17.89
C THR J 90 -0.20 -43.54 -17.16
N ILE J 91 -0.37 -42.44 -17.89
CA ILE J 91 -0.76 -41.16 -17.30
C ILE J 91 -2.03 -40.71 -18.01
N SER J 92 -3.03 -40.28 -17.25
CA SER J 92 -4.29 -39.88 -17.86
C SER J 92 -4.79 -38.58 -17.25
N LEU J 93 -5.36 -37.73 -18.09
CA LEU J 93 -5.97 -36.47 -17.68
C LEU J 93 -7.47 -36.65 -17.61
N LEU J 94 -8.04 -36.51 -16.42
CA LEU J 94 -9.42 -36.88 -16.18
C LEU J 94 -10.35 -35.71 -16.40
N ASN J 95 -11.62 -36.10 -16.59
CA ASN J 95 -12.81 -35.24 -16.76
C ASN J 95 -13.82 -35.27 -15.63
N GLU J 96 -14.88 -34.47 -15.75
CA GLU J 96 -15.95 -34.43 -14.75
C GLU J 96 -16.51 -35.80 -14.36
N LYS J 97 -16.61 -36.71 -15.32
CA LYS J 97 -17.19 -38.03 -15.05
C LYS J 97 -16.15 -39.01 -14.57
N HIS J 98 -15.04 -38.50 -14.11
CA HIS J 98 -13.91 -39.31 -13.61
C HIS J 98 -13.40 -40.30 -14.67
N GLU J 99 -13.29 -39.83 -15.88
CA GLU J 99 -12.84 -40.65 -16.99
C GLU J 99 -11.59 -40.05 -17.60
N PRO J 100 -11.05 -40.69 -18.61
CA PRO J 100 -9.83 -40.21 -19.25
C PRO J 100 -10.07 -39.55 -20.61
N VAL J 101 -9.36 -38.46 -20.88
CA VAL J 101 -9.47 -37.75 -22.14
C VAL J 101 -8.17 -37.81 -22.92
N VAL J 102 -7.05 -37.52 -22.28
CA VAL J 102 -5.74 -37.59 -22.90
C VAL J 102 -4.92 -38.61 -22.14
N VAL J 103 -4.28 -39.51 -22.87
CA VAL J 103 -3.53 -40.61 -22.27
C VAL J 103 -2.11 -40.60 -22.84
N TRP J 104 -1.14 -40.68 -21.95
CA TRP J 104 0.27 -40.85 -22.30
C TRP J 104 0.70 -42.25 -21.88
N LYS J 105 1.22 -43.01 -22.83
CA LYS J 105 1.71 -44.37 -22.58
C LYS J 105 3.22 -44.39 -22.68
N VAL J 106 3.87 -44.81 -21.60
CA VAL J 106 5.32 -44.80 -21.50
C VAL J 106 5.82 -46.24 -21.40
N ASN J 107 6.81 -46.55 -22.24
CA ASN J 107 7.27 -47.92 -22.45
C ASN J 107 8.67 -48.13 -21.90
N ARG J 108 8.79 -49.18 -21.09
CA ARG J 108 10.03 -49.62 -20.44
C ARG J 108 10.63 -48.55 -19.56
N ALA J 109 9.98 -48.32 -18.44
CA ALA J 109 10.44 -47.32 -17.47
C ALA J 109 11.10 -47.96 -16.25
N TRP J 110 12.20 -47.37 -15.80
CA TRP J 110 12.84 -47.74 -14.54
C TRP J 110 13.39 -46.49 -13.86
N PRO J 111 13.35 -46.44 -12.53
CA PRO J 111 13.73 -45.21 -11.82
C PRO J 111 15.22 -44.96 -11.78
N THR J 112 15.64 -43.79 -12.28
CA THR J 112 17.05 -43.45 -12.25
C THR J 112 17.44 -42.59 -11.05
N LYS J 113 16.50 -41.90 -10.41
CA LYS J 113 16.90 -41.04 -9.31
C LYS J 113 15.75 -40.86 -8.32
N VAL J 114 16.10 -40.79 -7.04
CA VAL J 114 15.13 -40.56 -5.96
C VAL J 114 15.69 -39.49 -5.03
N GLN J 115 14.91 -38.45 -4.78
CA GLN J 115 15.33 -37.37 -3.88
C GLN J 115 14.32 -37.18 -2.76
N SER J 116 14.82 -37.16 -1.52
CA SER J 116 13.99 -36.96 -0.36
C SER J 116 13.94 -35.48 0.02
N THR J 117 13.14 -35.17 1.04
CA THR J 117 12.94 -33.80 1.42
C THR J 117 14.14 -33.27 2.20
N ASP J 118 14.16 -31.95 2.37
CA ASP J 118 15.13 -31.27 3.20
C ASP J 118 14.45 -30.84 4.48
N LEU J 119 15.23 -30.69 5.55
CA LEU J 119 14.71 -30.44 6.88
C LEU J 119 15.07 -29.03 7.31
N LYS J 120 14.06 -28.23 7.67
CA LYS J 120 14.29 -26.86 8.12
C LYS J 120 13.58 -26.65 9.45
N GLY J 121 14.32 -26.15 10.43
CA GLY J 121 13.73 -25.84 11.72
C GLY J 121 12.69 -24.74 11.68
N ASP J 122 12.64 -23.97 10.59
CA ASP J 122 11.69 -22.87 10.44
C ASP J 122 10.77 -23.06 9.25
N GLY J 123 10.65 -24.27 8.73
CA GLY J 123 9.86 -24.50 7.53
C GLY J 123 8.45 -24.92 7.83
N ASN J 124 7.49 -24.09 7.43
CA ASN J 124 6.07 -24.35 7.60
C ASN J 124 5.47 -25.05 6.39
N GLU J 125 6.16 -26.03 5.85
CA GLU J 125 5.61 -26.69 4.68
C GLU J 125 5.63 -28.20 4.83
N VAL J 126 4.88 -28.86 3.96
CA VAL J 126 4.82 -30.31 3.93
C VAL J 126 6.11 -30.84 3.34
N ALA J 127 6.46 -32.08 3.69
CA ALA J 127 7.62 -32.73 3.12
C ALA J 127 7.26 -33.40 1.80
N ILE J 128 8.05 -33.14 0.78
CA ILE J 128 7.81 -33.68 -0.56
C ILE J 128 9.03 -34.45 -1.09
N GLU J 129 8.76 -35.53 -1.82
CA GLU J 129 9.79 -36.36 -2.41
C GLU J 129 9.59 -36.45 -3.91
N SER J 130 10.67 -36.78 -4.61
CA SER J 130 10.67 -36.76 -6.07
C SER J 130 11.33 -38.01 -6.62
N ILE J 131 10.88 -38.41 -7.81
CA ILE J 131 11.48 -39.51 -8.56
C ILE J 131 11.67 -39.09 -10.01
N GLU J 132 12.74 -39.60 -10.60
CA GLU J 132 13.10 -39.35 -11.99
C GLU J 132 13.27 -40.67 -12.71
N VAL J 133 12.62 -40.80 -13.87
CA VAL J 133 12.44 -42.08 -14.55
C VAL J 133 12.90 -41.97 -16.00
N ALA J 134 13.56 -43.02 -16.46
CA ALA J 134 13.98 -43.20 -17.85
C ALA J 134 13.13 -44.28 -18.51
N HIS J 135 12.98 -44.19 -19.82
CA HIS J 135 12.06 -45.05 -20.54
C HIS J 135 12.55 -45.20 -21.98
N GLU J 136 11.98 -46.18 -22.70
CA GLU J 136 12.25 -46.36 -24.12
C GLU J 136 10.97 -46.28 -24.93
N GLY J 137 10.19 -45.23 -24.75
CA GLY J 137 9.14 -44.89 -25.69
C GLY J 137 8.00 -44.12 -25.04
N LEU J 138 7.28 -43.40 -25.88
CA LEU J 138 6.17 -42.56 -25.43
C LEU J 138 5.17 -42.41 -26.56
N THR J 139 3.88 -42.44 -26.21
CA THR J 139 2.81 -42.34 -27.20
C THR J 139 1.63 -41.56 -26.63
N ILE J 140 1.04 -40.68 -27.45
CA ILE J 140 -0.04 -39.79 -27.06
C ILE J 140 -1.33 -40.27 -27.71
N GLN J 141 -2.42 -40.30 -26.93
CA GLN J 141 -3.75 -40.65 -27.43
C GLN J 141 -4.76 -39.63 -26.94
N ASN J 142 -5.35 -38.90 -27.87
CA ASN J 142 -6.41 -37.93 -27.59
C ASN J 142 -7.60 -38.21 -28.48
N GLY J 143 -8.75 -38.48 -27.88
CA GLY J 143 -9.97 -38.71 -28.63
C GLY J 143 -9.92 -39.98 -29.45
N MET K 1 -16.08 15.66 52.48
CA MET K 1 -17.31 16.11 51.86
C MET K 1 -17.05 17.09 50.73
N ILE K 2 -18.11 17.46 50.02
CA ILE K 2 -17.98 18.40 48.92
C ILE K 2 -18.15 19.84 49.39
N SER K 3 -18.83 20.06 50.52
CA SER K 3 -19.05 21.41 51.01
C SER K 3 -17.77 22.06 51.56
N ASP K 4 -16.81 21.27 52.01
CA ASP K 4 -15.64 21.85 52.66
C ASP K 4 -14.70 22.49 51.65
N ALA K 5 -14.52 21.87 50.49
CA ALA K 5 -13.68 22.44 49.47
C ALA K 5 -14.25 23.77 48.97
N MET K 6 -15.56 23.81 48.73
CA MET K 6 -16.16 25.04 48.25
C MET K 6 -16.17 26.12 49.32
N ARG K 7 -16.30 25.75 50.59
CA ARG K 7 -16.18 26.76 51.63
C ARG K 7 -14.77 27.32 51.71
N LEU K 8 -13.76 26.47 51.57
CA LEU K 8 -12.37 26.93 51.55
C LEU K 8 -12.15 27.94 50.43
N ILE K 9 -12.55 27.58 49.21
CA ILE K 9 -12.36 28.46 48.06
C ILE K 9 -13.11 29.77 48.27
N GLN K 10 -14.34 29.68 48.78
CA GLN K 10 -15.14 30.89 48.99
C GLN K 10 -14.46 31.84 49.95
N VAL K 11 -13.97 31.31 51.08
CA VAL K 11 -13.36 32.17 52.09
C VAL K 11 -12.11 32.84 51.52
N ALA K 12 -11.27 32.09 50.82
CA ALA K 12 -10.04 32.68 50.30
C ALA K 12 -10.33 33.77 49.28
N LEU K 13 -11.23 33.50 48.34
CA LEU K 13 -11.53 34.49 47.31
C LEU K 13 -12.20 35.72 47.89
N GLN K 14 -13.11 35.52 48.86
CA GLN K 14 -13.73 36.63 49.55
C GLN K 14 -12.68 37.53 50.18
N ARG K 15 -11.72 36.92 50.88
CA ARG K 15 -10.68 37.70 51.53
C ARG K 15 -9.89 38.52 50.51
N TYR K 16 -9.46 37.90 49.42
CA TYR K 16 -8.70 38.62 48.40
C TYR K 16 -9.48 39.80 47.84
N ILE K 17 -10.71 39.55 47.37
CA ILE K 17 -11.48 40.61 46.72
C ILE K 17 -11.72 41.75 47.69
N LEU K 18 -12.22 41.44 48.89
CA LEU K 18 -12.51 42.51 49.83
C LEU K 18 -11.24 43.20 50.32
N GLU K 19 -10.08 42.56 50.16
CA GLU K 19 -8.82 43.24 50.41
C GLU K 19 -8.57 44.31 49.35
N PHE K 20 -8.81 43.99 48.08
CA PHE K 20 -8.47 44.94 47.03
C PHE K 20 -9.57 45.95 46.73
N GLU K 21 -10.80 45.72 47.19
CA GLU K 21 -11.91 46.64 46.96
C GLU K 21 -12.54 47.01 48.30
N PRO K 22 -11.97 47.97 49.03
CA PRO K 22 -12.55 48.35 50.32
C PRO K 22 -13.92 49.01 50.21
N GLU K 23 -14.29 49.51 49.04
CA GLU K 23 -15.52 50.28 48.88
C GLU K 23 -16.77 49.43 48.95
N LEU K 24 -16.65 48.10 48.90
CA LEU K 24 -17.81 47.22 48.86
C LEU K 24 -18.52 47.09 50.20
N GLY K 25 -18.13 47.89 51.20
CA GLY K 25 -18.91 47.96 52.43
C GLY K 25 -18.92 46.70 53.26
N LEU K 26 -17.99 45.78 53.03
CA LEU K 26 -17.80 44.61 53.88
C LEU K 26 -19.03 43.70 53.87
N SER K 27 -19.67 43.60 52.71
CA SER K 27 -20.82 42.72 52.54
C SER K 27 -20.33 41.35 52.08
N GLN K 28 -21.26 40.50 51.62
CA GLN K 28 -20.92 39.18 51.12
C GLN K 28 -20.77 39.25 49.62
N VAL K 29 -19.53 39.21 49.14
CA VAL K 29 -19.30 39.29 47.70
C VAL K 29 -19.54 37.93 47.04
N VAL K 30 -19.18 36.84 47.72
CA VAL K 30 -19.21 35.51 47.14
C VAL K 30 -20.24 34.68 47.89
N ILE K 31 -21.12 34.02 47.14
CA ILE K 31 -22.12 33.12 47.69
C ILE K 31 -22.10 31.81 46.91
N ILE K 32 -22.54 30.74 47.54
CA ILE K 32 -22.64 29.43 46.92
C ILE K 32 -24.11 29.12 46.73
N GLU K 33 -24.52 28.96 45.48
CA GLU K 33 -25.93 28.82 45.11
C GLU K 33 -25.97 28.31 43.68
N ASN K 34 -27.17 27.97 43.22
CA ASN K 34 -27.39 27.53 41.85
C ASN K 34 -27.75 28.72 40.97
N ILE K 35 -27.05 28.87 39.86
CA ILE K 35 -27.24 30.05 39.02
C ILE K 35 -28.54 29.96 38.25
N ALA K 36 -28.91 28.77 37.79
CA ALA K 36 -30.10 28.61 36.95
C ALA K 36 -31.38 29.00 37.66
N MET K 37 -31.36 29.11 38.99
CA MET K 37 -32.54 29.47 39.76
C MET K 37 -32.78 30.96 39.81
N ALA K 38 -31.95 31.76 39.15
CA ALA K 38 -32.07 33.21 39.24
C ALA K 38 -33.32 33.70 38.52
N GLU K 39 -33.97 34.71 39.10
CA GLU K 39 -35.18 35.25 38.52
C GLU K 39 -34.92 35.89 37.17
N GLU K 40 -33.80 36.60 37.03
CA GLU K 40 -33.50 37.32 35.80
C GLU K 40 -33.33 36.39 34.62
N LEU K 41 -32.94 35.14 34.85
CA LEU K 41 -32.76 34.18 33.78
C LEU K 41 -33.98 33.28 33.59
N GLY K 42 -35.11 33.64 34.18
CA GLY K 42 -36.33 32.87 34.04
C GLY K 42 -36.67 31.97 35.20
N GLY K 43 -35.88 31.99 36.27
CA GLY K 43 -36.13 31.16 37.43
C GLY K 43 -37.10 31.80 38.40
N GLN K 44 -37.01 31.36 39.66
CA GLN K 44 -37.95 31.78 40.69
C GLN K 44 -37.31 32.50 41.86
N ASN K 45 -36.00 32.38 42.05
CA ASN K 45 -35.31 32.96 43.19
C ASN K 45 -34.98 34.42 42.90
N ASN K 46 -35.36 35.32 43.82
CA ASN K 46 -35.14 36.74 43.65
C ASN K 46 -34.05 37.29 44.57
N GLN K 47 -33.24 36.42 45.17
CA GLN K 47 -32.17 36.86 46.06
C GLN K 47 -30.79 36.77 45.43
N ILE K 48 -30.67 36.21 44.24
CA ILE K 48 -29.39 36.09 43.56
C ILE K 48 -29.28 37.27 42.60
N ASN K 49 -28.71 38.36 43.10
CA ASN K 49 -28.53 39.55 42.26
C ASN K 49 -27.49 40.43 42.94
N GLY K 50 -26.41 40.73 42.22
CA GLY K 50 -25.36 41.54 42.79
C GLY K 50 -24.39 40.68 43.59
N HIS K 51 -23.91 39.62 42.97
CA HIS K 51 -23.01 38.69 43.65
C HIS K 51 -22.08 38.07 42.63
N VAL K 52 -21.09 37.35 43.15
CA VAL K 52 -20.36 36.32 42.42
C VAL K 52 -20.83 34.98 42.98
N VAL K 53 -21.24 34.09 42.09
CA VAL K 53 -21.87 32.83 42.46
C VAL K 53 -21.00 31.68 41.99
N MET K 54 -20.82 30.70 42.88
CA MET K 54 -20.10 29.47 42.58
C MET K 54 -21.10 28.34 42.35
N SER K 55 -20.89 27.56 41.30
CA SER K 55 -21.80 26.45 41.00
C SER K 55 -21.02 25.22 40.60
N LEU K 56 -21.44 24.07 41.13
CA LEU K 56 -20.89 22.78 40.73
C LEU K 56 -21.66 22.29 39.51
N VAL K 57 -20.96 22.04 38.41
CA VAL K 57 -21.63 21.70 37.16
C VAL K 57 -21.40 20.27 36.70
N ASN K 58 -20.36 19.60 37.18
CA ASN K 58 -20.08 18.23 36.73
C ASN K 58 -19.24 17.54 37.79
N LEU K 59 -19.08 16.22 37.61
CA LEU K 59 -18.38 15.39 38.59
C LEU K 59 -17.85 14.17 37.87
N GLN K 60 -16.53 14.07 37.73
CA GLN K 60 -15.91 12.98 37.02
C GLN K 60 -14.94 12.22 37.92
N GLU K 61 -14.73 10.95 37.60
CA GLU K 61 -13.81 10.10 38.34
C GLU K 61 -12.45 10.09 37.67
N GLU K 62 -11.41 9.96 38.49
CA GLU K 62 -10.03 9.90 37.99
C GLU K 62 -9.71 8.45 37.64
N THR K 63 -9.43 8.21 36.36
CA THR K 63 -9.21 6.86 35.86
C THR K 63 -7.85 6.29 36.27
N THR K 64 -6.89 7.13 36.61
CA THR K 64 -5.55 6.65 36.90
C THR K 64 -5.45 6.02 38.29
N LEU K 65 -6.32 6.38 39.21
CA LEU K 65 -6.27 5.88 40.58
C LEU K 65 -7.20 4.70 40.83
N LYS K 66 -7.86 4.20 39.79
CA LYS K 66 -8.59 2.95 39.93
C LYS K 66 -7.61 1.80 40.08
N ASN K 67 -8.13 0.67 40.57
CA ASN K 67 -7.35 -0.55 40.74
C ASN K 67 -6.22 -0.35 41.75
N SER K 68 -6.51 0.34 42.83
CA SER K 68 -5.60 0.45 43.95
C SER K 68 -5.84 -0.70 44.93
N PRO K 69 -4.85 -1.05 45.76
CA PRO K 69 -4.97 -2.25 46.59
C PRO K 69 -6.15 -2.20 47.54
N HIS K 70 -6.67 -3.39 47.87
CA HIS K 70 -7.84 -3.51 48.74
C HIS K 70 -7.50 -4.10 50.11
N TYR K 71 -6.23 -4.09 50.49
CA TYR K 71 -5.84 -4.58 51.81
C TYR K 71 -4.66 -3.77 52.33
N ARG K 72 -4.41 -3.89 53.63
CA ARG K 72 -3.25 -3.27 54.25
C ARG K 72 -2.69 -4.22 55.31
N LEU K 73 -1.40 -4.09 55.58
CA LEU K 73 -0.71 -4.92 56.55
C LEU K 73 -0.43 -4.12 57.82
N ASP K 74 -0.64 -4.75 58.98
CA ASP K 74 -0.38 -4.10 60.26
C ASP K 74 -0.17 -5.17 61.32
N ASN K 75 0.97 -5.09 62.00
CA ASN K 75 1.28 -6.00 63.12
C ASN K 75 1.24 -7.46 62.69
N GLY K 76 1.56 -7.74 61.42
CA GLY K 76 1.53 -9.09 60.93
C GLY K 76 0.16 -9.63 60.59
N ARG K 77 -0.85 -8.76 60.49
CA ARG K 77 -2.19 -9.18 60.11
C ARG K 77 -2.70 -8.30 58.98
N THR K 78 -3.73 -8.79 58.29
CA THR K 78 -4.25 -8.14 57.10
C THR K 78 -5.60 -7.51 57.41
N ILE K 79 -5.77 -6.26 57.01
CA ILE K 79 -7.03 -5.53 57.15
C ILE K 79 -7.58 -5.31 55.75
N TYR K 80 -8.80 -5.79 55.50
CA TYR K 80 -9.45 -5.69 54.21
C TYR K 80 -10.47 -4.57 54.25
N GLN K 81 -10.37 -3.66 53.28
CA GLN K 81 -11.26 -2.52 53.12
C GLN K 81 -11.27 -2.12 51.64
N ASN K 82 -12.42 -1.59 51.19
CA ASN K 82 -12.54 -1.19 49.79
C ASN K 82 -11.84 0.14 49.55
N PRO K 83 -11.24 0.34 48.38
CA PRO K 83 -10.50 1.59 48.10
C PRO K 83 -11.45 2.76 47.96
N PRO K 84 -10.96 3.99 48.10
CA PRO K 84 -11.84 5.16 48.02
C PRO K 84 -12.11 5.56 46.58
N VAL K 85 -12.98 6.56 46.43
CA VAL K 85 -13.39 7.09 45.13
C VAL K 85 -12.80 8.49 44.98
N ASN K 86 -12.10 8.72 43.88
CA ASN K 86 -11.39 9.98 43.62
C ASN K 86 -12.09 10.75 42.51
N LEU K 87 -12.40 12.01 42.76
CA LEU K 87 -13.24 12.80 41.87
C LEU K 87 -12.56 14.10 41.48
N ASN K 88 -12.83 14.52 40.24
CA ASN K 88 -12.53 15.85 39.74
C ASN K 88 -13.80 16.69 39.78
N LEU K 89 -13.66 17.97 40.13
CA LEU K 89 -14.79 18.86 40.28
C LEU K 89 -14.71 19.99 39.27
N PHE K 90 -15.87 20.41 38.77
CA PHE K 90 -15.98 21.49 37.80
C PHE K 90 -16.82 22.61 38.39
N ILE K 91 -16.20 23.78 38.56
CA ILE K 91 -16.81 24.90 39.25
C ILE K 91 -16.91 26.08 38.30
N LEU K 92 -18.10 26.67 38.22
CA LEU K 92 -18.38 27.81 37.38
C LEU K 92 -18.57 29.04 38.26
N PHE K 93 -17.87 30.12 37.93
CA PHE K 93 -17.98 31.40 38.61
C PHE K 93 -18.74 32.35 37.71
N SER K 94 -19.88 32.84 38.19
CA SER K 94 -20.71 33.78 37.43
C SER K 94 -20.88 35.07 38.21
N ALA K 95 -20.80 36.20 37.51
CA ALA K 95 -20.97 37.51 38.12
C ALA K 95 -22.30 38.10 37.67
N LEU K 96 -23.16 38.43 38.63
CA LEU K 96 -24.49 38.93 38.31
C LEU K 96 -24.73 40.22 39.09
N HIS K 97 -24.81 41.35 38.38
CA HIS K 97 -25.06 42.63 39.00
C HIS K 97 -25.98 43.44 38.10
N ASN K 98 -26.62 44.45 38.70
CA ASN K 98 -27.42 45.40 37.93
C ASN K 98 -26.57 46.43 37.22
N GLN K 99 -25.25 46.34 37.34
CA GLN K 99 -24.31 47.25 36.69
C GLN K 99 -23.29 46.39 35.94
N TYR K 100 -23.32 46.46 34.62
CA TYR K 100 -22.58 45.50 33.80
C TYR K 100 -21.06 45.61 33.98
N GLU K 101 -20.54 46.75 34.46
CA GLU K 101 -19.10 46.91 34.55
C GLU K 101 -18.52 46.32 35.84
N THR K 102 -19.28 46.40 36.93
CA THR K 102 -18.86 45.76 38.17
C THR K 102 -18.60 44.28 37.95
N SER K 103 -19.43 43.64 37.13
CA SER K 103 -19.25 42.23 36.82
C SER K 103 -17.89 41.98 36.18
N LEU K 104 -17.50 42.84 35.24
CA LEU K 104 -16.23 42.65 34.54
C LEU K 104 -15.05 42.88 35.48
N ARG K 105 -15.15 43.90 36.34
CA ARG K 105 -14.08 44.12 37.32
C ARG K 105 -13.91 42.91 38.24
N LEU K 106 -15.02 42.37 38.74
CA LEU K 106 -14.93 41.24 39.64
C LEU K 106 -14.43 39.99 38.94
N LEU K 107 -14.79 39.80 37.67
CA LEU K 107 -14.23 38.69 36.91
C LEU K 107 -12.72 38.81 36.77
N SER K 108 -12.24 40.02 36.46
CA SER K 108 -10.80 40.21 36.36
C SER K 108 -10.10 39.87 37.66
N ARG K 109 -10.70 40.26 38.78
CA ARG K 109 -10.06 39.97 40.07
C ARG K 109 -10.10 38.48 40.40
N VAL K 110 -11.16 37.78 40.02
CA VAL K 110 -11.20 36.33 40.19
C VAL K 110 -10.07 35.67 39.41
N VAL K 111 -9.91 36.07 38.15
CA VAL K 111 -8.87 35.50 37.30
C VAL K 111 -7.50 35.73 37.90
N GLU K 112 -7.23 36.94 38.38
CA GLU K 112 -5.89 37.19 38.91
C GLU K 112 -5.67 36.52 40.26
N PHE K 113 -6.72 36.35 41.07
CA PHE K 113 -6.58 35.58 42.30
C PHE K 113 -6.15 34.16 42.00
N PHE K 114 -6.77 33.53 41.00
CA PHE K 114 -6.33 32.19 40.65
C PHE K 114 -4.98 32.19 39.94
N GLN K 115 -4.59 33.35 39.37
CA GLN K 115 -3.23 33.46 38.83
C GLN K 115 -2.19 33.46 39.94
N TRP K 116 -2.53 33.98 41.11
CA TRP K 116 -1.56 34.06 42.21
C TRP K 116 -1.41 32.72 42.93
N GLN K 117 -2.50 32.11 43.34
CA GLN K 117 -2.49 30.93 44.21
C GLN K 117 -2.65 29.67 43.38
N LYS K 118 -1.60 28.85 43.33
CA LYS K 118 -1.63 27.60 42.58
C LYS K 118 -1.98 26.39 43.42
N GLU K 119 -2.17 26.56 44.73
CA GLU K 119 -2.51 25.45 45.60
C GLU K 119 -3.35 25.95 46.75
N LEU K 120 -4.46 25.28 47.01
CA LEU K 120 -5.38 25.63 48.09
C LEU K 120 -5.30 24.57 49.16
N SER K 121 -5.02 24.97 50.39
CA SER K 121 -4.93 24.06 51.51
C SER K 121 -5.11 24.85 52.79
N PHE K 122 -5.44 24.14 53.86
CA PHE K 122 -5.58 24.79 55.15
C PHE K 122 -4.26 25.33 55.67
N THR K 123 -3.14 24.75 55.22
CA THR K 123 -1.82 25.17 55.68
C THR K 123 -1.31 26.41 54.97
N THR K 124 -1.91 26.77 53.84
CA THR K 124 -1.44 27.88 53.02
C THR K 124 -2.50 28.95 52.79
N THR K 125 -3.78 28.60 52.83
CA THR K 125 -4.87 29.55 52.67
C THR K 125 -5.84 29.36 53.84
N PRO K 126 -5.42 29.72 55.05
CA PRO K 126 -6.20 29.34 56.24
C PRO K 126 -7.56 30.01 56.35
N GLY K 127 -7.59 31.34 56.27
CA GLY K 127 -8.83 32.08 56.41
C GLY K 127 -9.49 31.91 57.78
N SER K 132 -10.45 21.73 57.04
CA SER K 132 -10.52 20.39 57.61
C SER K 132 -9.13 19.76 57.71
N ARG K 133 -8.12 20.51 57.30
CA ARG K 133 -6.72 20.11 57.39
C ARG K 133 -6.43 18.81 56.64
N ASP K 134 -7.32 18.42 55.73
CA ASP K 134 -7.14 17.24 54.89
C ASP K 134 -7.12 17.54 53.40
N LEU K 135 -7.70 18.66 52.99
CA LEU K 135 -7.88 18.95 51.59
C LEU K 135 -6.58 19.43 50.94
N ARG K 136 -6.48 19.23 49.64
CA ARG K 136 -5.40 19.80 48.84
C ARG K 136 -5.92 19.88 47.41
N ILE K 137 -6.12 21.09 46.92
CA ILE K 137 -6.87 21.33 45.69
C ILE K 137 -6.00 22.13 44.74
N LEU K 138 -5.74 21.58 43.57
CA LEU K 138 -4.97 22.27 42.54
C LEU K 138 -5.89 22.67 41.41
N PRO K 139 -6.23 23.95 41.25
CA PRO K 139 -7.18 24.35 40.20
C PRO K 139 -6.49 24.61 38.87
N ASP K 140 -7.28 24.59 37.81
CA ASP K 140 -6.83 25.08 36.51
C ASP K 140 -8.00 25.67 35.74
N LEU K 141 -7.68 26.44 34.71
CA LEU K 141 -8.64 27.23 33.95
C LEU K 141 -9.04 26.51 32.68
N TYR K 142 -10.32 26.59 32.33
CA TYR K 142 -10.85 25.93 31.13
C TYR K 142 -11.35 26.98 30.15
N SER K 143 -10.84 26.93 28.92
CA SER K 143 -11.33 27.75 27.82
C SER K 143 -12.12 26.87 26.86
N LEU K 144 -13.29 27.35 26.45
CA LEU K 144 -14.23 26.57 25.65
C LEU K 144 -14.40 27.14 24.26
N THR K 145 -14.98 26.32 23.38
CA THR K 145 -15.38 26.76 22.06
C THR K 145 -16.85 27.18 22.11
N PHE K 146 -17.39 27.57 20.96
CA PHE K 146 -18.79 28.01 20.95
C PHE K 146 -19.75 26.84 21.09
N GLU K 147 -19.38 25.67 20.56
CA GLU K 147 -20.23 24.50 20.72
C GLU K 147 -20.27 24.06 22.18
N GLN K 148 -19.15 24.15 22.88
CA GLN K 148 -19.12 23.76 24.28
C GLN K 148 -19.86 24.76 25.16
N LEU K 149 -19.76 26.05 24.84
CA LEU K 149 -20.60 27.03 25.51
C LEU K 149 -22.07 26.72 25.28
N ASN K 150 -22.41 26.33 24.06
CA ASN K 150 -23.79 25.98 23.74
C ASN K 150 -24.26 24.82 24.61
N HIS K 151 -23.45 23.76 24.70
CA HIS K 151 -23.84 22.62 25.53
C HIS K 151 -24.02 23.03 26.98
N LEU K 152 -23.03 23.76 27.53
CA LEU K 152 -23.08 24.18 28.92
C LEU K 152 -24.35 24.99 29.22
N TRP K 153 -24.54 26.08 28.50
CA TRP K 153 -25.64 26.97 28.83
C TRP K 153 -26.99 26.42 28.38
N GLY K 154 -27.01 25.45 27.46
CA GLY K 154 -28.24 24.73 27.22
C GLY K 154 -28.61 23.84 28.38
N ALA K 155 -27.61 23.24 29.03
CA ALA K 155 -27.88 22.51 30.26
C ALA K 155 -28.22 23.44 31.42
N LEU K 156 -27.89 24.73 31.32
CA LEU K 156 -28.13 25.66 32.42
C LEU K 156 -29.27 26.63 32.21
N GLY K 157 -30.02 26.53 31.12
CA GLY K 157 -31.20 27.35 30.89
C GLY K 157 -31.21 28.14 29.58
N GLY K 158 -30.04 28.42 29.01
CA GLY K 158 -29.98 29.05 27.71
C GLY K 158 -29.71 30.53 27.65
N LYS K 159 -29.10 31.11 28.68
CA LYS K 159 -28.74 32.52 28.67
C LYS K 159 -27.43 32.73 29.42
N GLN K 160 -26.52 33.50 28.83
CA GLN K 160 -25.20 33.73 29.37
C GLN K 160 -25.16 34.91 30.32
N VAL K 161 -24.16 34.89 31.20
CA VAL K 161 -23.71 36.05 31.97
C VAL K 161 -22.20 36.02 31.91
N PRO K 162 -21.49 37.07 32.32
CA PRO K 162 -20.03 36.98 32.40
C PRO K 162 -19.61 35.88 33.37
N PHE K 163 -18.77 34.97 32.91
CA PHE K 163 -18.48 33.76 33.67
C PHE K 163 -17.05 33.30 33.41
N VAL K 164 -16.64 32.30 34.19
CA VAL K 164 -15.37 31.62 33.98
C VAL K 164 -15.47 30.22 34.60
N LEU K 165 -14.71 29.27 34.05
CA LEU K 165 -14.81 27.87 34.46
C LEU K 165 -13.45 27.32 34.91
N TYR K 166 -13.46 26.65 36.05
CA TYR K 166 -12.25 26.07 36.62
C TYR K 166 -12.49 24.61 36.99
N ARG K 167 -11.40 23.86 37.05
CA ARG K 167 -11.42 22.47 37.47
C ARG K 167 -10.55 22.29 38.69
N ALA K 168 -11.07 21.62 39.71
CA ALA K 168 -10.35 21.27 40.92
C ALA K 168 -10.08 19.76 40.91
N ARG K 169 -8.83 19.37 41.12
CA ARG K 169 -8.40 18.05 40.64
C ARG K 169 -8.88 16.88 41.49
N ILE K 170 -8.44 16.79 42.75
CA ILE K 170 -8.62 15.54 43.49
C ILE K 170 -9.44 15.78 44.75
N LEU K 171 -10.50 14.99 44.90
CA LEU K 171 -11.25 14.92 46.15
C LEU K 171 -11.63 13.46 46.38
N SER K 172 -11.32 12.93 47.55
CA SER K 172 -11.44 11.51 47.83
C SER K 172 -12.54 11.25 48.85
N LEU K 173 -13.40 10.29 48.55
CA LEU K 173 -14.55 9.95 49.37
C LEU K 173 -14.54 8.47 49.70
N GLU K 174 -14.92 8.14 50.93
CA GLU K 174 -15.06 6.76 51.35
C GLU K 174 -15.82 6.71 52.67
N ALA K 175 -16.29 5.51 53.01
CA ALA K 175 -16.99 5.24 54.25
C ALA K 175 -16.02 4.73 55.32
N PRO K 176 -16.21 5.12 56.57
CA PRO K 176 -15.36 4.64 57.67
C PRO K 176 -15.80 3.27 58.19
N LYS K 177 -15.55 2.23 57.39
CA LYS K 177 -16.00 0.89 57.75
C LYS K 177 -15.03 -0.15 57.22
N ARG K 178 -14.63 -1.06 58.09
CA ARG K 178 -13.76 -2.16 57.74
C ARG K 178 -14.53 -3.22 56.98
N GLN K 179 -13.81 -4.09 56.28
CA GLN K 179 -14.42 -5.20 55.59
C GLN K 179 -14.08 -6.55 56.21
N ALA K 180 -12.80 -6.85 56.44
CA ALA K 180 -12.47 -8.14 57.04
C ALA K 180 -11.06 -8.13 57.61
N GLU K 181 -10.64 -9.27 58.18
CA GLU K 181 -9.30 -9.43 58.73
C GLU K 181 -8.75 -10.80 58.37
N GLY K 182 -7.43 -10.90 58.35
CA GLY K 182 -6.78 -12.16 58.07
C GLY K 182 -5.36 -12.19 58.60
N SER K 183 -4.65 -13.27 58.30
CA SER K 183 -3.29 -13.48 58.80
C SER K 183 -2.34 -13.74 57.65
N THR K 184 -1.04 -13.57 57.92
CA THR K 184 0.00 -13.63 56.92
C THR K 184 0.73 -14.98 56.95
N ILE K 185 1.74 -15.11 56.10
CA ILE K 185 2.48 -16.35 55.90
C ILE K 185 3.69 -16.38 56.82
N THR K 186 3.85 -17.48 57.56
CA THR K 186 4.99 -17.64 58.45
C THR K 186 5.68 -19.00 58.35
N GLU K 187 5.06 -20.01 57.75
CA GLU K 187 5.68 -21.32 57.62
C GLU K 187 5.28 -21.92 56.28
N ILE K 188 6.19 -22.66 55.63
CA ILE K 188 5.92 -23.33 54.34
C ILE K 188 6.43 -24.80 54.30
N TYR K 189 5.62 -25.73 53.79
CA TYR K 189 6.06 -27.11 53.66
C TYR K 189 6.13 -27.37 52.20
N ILE K 190 7.20 -28.02 51.77
CA ILE K 190 7.36 -28.40 50.37
C ILE K 190 7.43 -29.92 50.43
N ASN K 191 6.45 -30.60 49.83
CA ASN K 191 6.38 -32.05 49.85
C ASN K 191 6.51 -32.59 51.28
N MET L 1 9.69 -30.75 53.63
CA MET L 1 10.64 -29.73 54.02
C MET L 1 9.95 -28.60 54.76
N LYS L 2 10.00 -28.64 56.09
CA LYS L 2 9.37 -27.61 56.94
C LYS L 2 10.35 -26.47 57.22
N ILE L 3 9.91 -25.24 56.94
CA ILE L 3 10.75 -24.06 57.10
C ILE L 3 10.00 -23.06 57.97
N LEU L 4 10.54 -22.78 59.15
CA LEU L 4 9.91 -21.86 60.10
C LEU L 4 10.74 -20.58 60.21
N TYR L 5 10.06 -19.44 60.15
CA TYR L 5 10.69 -18.12 60.18
C TYR L 5 10.11 -17.32 61.34
N LYS L 6 10.96 -16.51 61.96
CA LYS L 6 10.52 -15.68 63.09
C LYS L 6 11.24 -14.34 63.03
N LYS L 7 10.52 -13.27 63.35
CA LYS L 7 11.13 -11.95 63.33
C LYS L 7 12.23 -11.93 64.37
N ILE L 8 13.37 -11.32 64.03
CA ILE L 8 14.50 -11.25 64.94
C ILE L 8 15.05 -9.83 65.14
N LEU L 9 14.54 -8.87 64.37
CA LEU L 9 15.06 -7.51 64.48
C LEU L 9 14.06 -6.45 64.07
N ASN L 10 14.03 -5.37 64.85
CA ASN L 10 13.18 -4.23 64.56
C ASN L 10 14.06 -3.00 64.44
N LEU L 11 13.96 -2.30 63.32
CA LEU L 11 14.74 -1.10 63.08
C LEU L 11 13.77 0.02 62.75
N GLU L 12 13.74 1.04 63.61
CA GLU L 12 12.80 2.13 63.38
C GLU L 12 13.53 3.46 63.26
N LEU L 13 12.91 4.38 62.50
CA LEU L 13 13.47 5.69 62.20
C LEU L 13 12.40 6.73 62.49
N TRP L 14 12.73 7.70 63.33
CA TRP L 14 11.79 8.71 63.79
C TRP L 14 12.18 10.08 63.25
N HIS L 15 11.18 10.93 63.05
CA HIS L 15 11.40 12.30 62.63
C HIS L 15 10.33 13.18 63.25
N ASP L 16 10.77 14.25 63.92
CA ASP L 16 9.85 15.16 64.57
C ASP L 16 9.11 16.05 63.59
N PHE L 17 9.52 16.08 62.33
CA PHE L 17 8.76 16.79 61.30
C PHE L 17 7.35 16.23 61.18
N TYR L 18 7.18 14.94 61.45
CA TYR L 18 5.88 14.28 61.43
C TYR L 18 5.31 14.01 62.83
N LEU L 19 6.17 13.65 63.78
CA LEU L 19 5.70 13.20 65.08
C LEU L 19 5.49 14.34 66.07
N GLY L 20 6.36 15.34 66.06
CA GLY L 20 6.32 16.35 67.09
C GLY L 20 7.05 15.86 68.34
N GLN L 21 6.66 16.45 69.47
CA GLN L 21 7.21 16.06 70.77
C GLN L 21 6.11 15.50 71.65
N PRO L 22 5.97 14.18 71.76
CA PRO L 22 5.03 13.63 72.74
C PRO L 22 5.55 13.82 74.15
N ASN L 23 4.61 14.00 75.08
CA ASN L 23 4.99 14.24 76.47
C ASN L 23 5.69 13.05 77.10
N THR L 24 5.46 11.85 76.58
CA THR L 24 6.22 10.68 76.98
C THR L 24 6.22 9.67 75.84
N PRO L 25 7.37 9.37 75.26
CA PRO L 25 7.41 8.55 74.05
C PRO L 25 7.03 7.10 74.33
N GLY L 26 6.16 6.56 73.49
CA GLY L 26 5.81 5.16 73.50
C GLY L 26 6.14 4.51 72.18
N SER L 27 5.12 4.07 71.46
CA SER L 27 5.28 3.60 70.09
C SER L 27 4.86 4.69 69.11
N LEU L 28 5.09 4.43 67.83
CA LEU L 28 4.65 5.34 66.79
C LEU L 28 3.15 5.23 66.59
N PRO L 29 2.53 6.22 65.95
CA PRO L 29 1.10 6.09 65.64
C PRO L 29 0.84 5.01 64.60
N ASN L 30 -0.43 4.72 64.33
CA ASN L 30 -0.77 3.67 63.37
C ASN L 30 -0.60 4.11 61.93
N ASN L 31 -0.53 5.41 61.68
CA ASN L 31 -0.41 5.94 60.32
C ASN L 31 0.97 6.51 60.03
N TYR L 32 1.99 6.02 60.73
CA TYR L 32 3.34 6.53 60.51
C TYR L 32 3.90 5.98 59.21
N ASP L 33 4.71 6.79 58.54
CA ASP L 33 5.28 6.43 57.26
C ASP L 33 6.43 7.35 56.83
N ILE L 34 7.55 6.76 56.44
CA ILE L 34 8.66 7.53 55.88
C ILE L 34 9.13 6.84 54.60
N SER L 35 8.32 5.93 54.06
CA SER L 35 8.70 5.13 52.92
C SER L 35 9.06 5.96 51.69
N ARG L 36 8.86 7.28 51.74
CA ARG L 36 9.18 8.17 50.64
C ARG L 36 10.22 9.22 51.03
N THR L 37 10.84 9.08 52.19
CA THR L 37 11.87 10.01 52.64
C THR L 37 13.20 9.33 52.91
N LEU L 38 13.18 8.13 53.49
CA LEU L 38 14.39 7.42 53.86
C LEU L 38 14.28 5.96 53.44
N ALA L 39 15.43 5.35 53.14
CA ALA L 39 15.44 3.96 52.72
C ALA L 39 16.70 3.28 53.23
N LEU L 40 16.56 2.00 53.58
CA LEU L 40 17.66 1.16 54.01
C LEU L 40 18.01 0.18 52.89
N VAL L 41 19.30 0.04 52.60
CA VAL L 41 19.74 -0.78 51.48
C VAL L 41 20.91 -1.68 51.90
N PRO L 42 20.77 -2.99 51.85
CA PRO L 42 21.91 -3.85 52.21
C PRO L 42 23.03 -3.77 51.18
N THR L 43 24.26 -3.90 51.65
CA THR L 43 25.42 -3.98 50.77
C THR L 43 25.55 -5.38 50.20
N GLN L 44 26.60 -5.61 49.41
CA GLN L 44 26.80 -6.91 48.79
C GLN L 44 27.26 -7.94 49.82
N GLU L 45 28.25 -7.58 50.62
CA GLU L 45 28.69 -8.45 51.71
C GLU L 45 27.52 -8.80 52.62
N CYS L 46 26.70 -7.82 52.95
CA CYS L 46 25.52 -8.08 53.76
C CYS L 46 24.63 -9.12 53.10
N LEU L 47 24.45 -9.03 51.79
CA LEU L 47 23.59 -9.97 51.08
C LEU L 47 24.15 -11.39 51.19
N ARG L 48 25.43 -11.57 50.89
CA ARG L 48 25.96 -12.93 50.92
C ARG L 48 26.04 -13.48 52.34
N VAL L 49 26.24 -12.62 53.33
CA VAL L 49 26.28 -13.10 54.71
C VAL L 49 24.88 -13.51 55.18
N LEU L 50 23.87 -12.71 54.84
CA LEU L 50 22.50 -13.10 55.16
C LEU L 50 22.14 -14.40 54.47
N ALA L 51 22.63 -14.60 53.25
CA ALA L 51 22.41 -15.87 52.56
C ALA L 51 23.03 -17.02 53.35
N ASN L 52 24.28 -16.87 53.77
CA ASN L 52 24.94 -17.95 54.50
C ASN L 52 24.24 -18.24 55.82
N LEU L 53 23.71 -17.22 56.48
CA LEU L 53 23.07 -17.43 57.77
C LEU L 53 21.62 -17.86 57.66
N ARG L 54 21.05 -17.88 56.46
CA ARG L 54 19.63 -18.17 56.22
C ARG L 54 18.73 -17.18 56.96
N TRP L 55 18.99 -15.89 56.76
CA TRP L 55 18.12 -14.84 57.26
C TRP L 55 17.57 -14.03 56.09
N VAL L 56 16.44 -13.38 56.33
CA VAL L 56 15.67 -12.70 55.29
C VAL L 56 15.50 -11.24 55.67
N PHE L 57 15.79 -10.35 54.72
CA PHE L 57 15.63 -8.92 54.89
C PHE L 57 14.29 -8.46 54.33
N ARG L 58 13.65 -7.49 54.99
CA ARG L 58 12.39 -7.01 54.48
C ARG L 58 12.19 -5.54 54.79
N PRO L 59 11.92 -4.70 53.79
CA PRO L 59 11.58 -3.30 54.07
C PRO L 59 10.21 -3.20 54.74
N GLN L 60 10.00 -2.06 55.40
CA GLN L 60 8.76 -1.81 56.11
C GLN L 60 8.34 -0.37 55.92
N LEU L 61 7.14 -0.05 56.39
CA LEU L 61 6.66 1.32 56.32
C LEU L 61 7.33 2.24 57.32
N TYR L 62 8.06 1.68 58.30
CA TYR L 62 8.75 2.44 59.31
C TYR L 62 10.25 2.21 59.32
N GLY L 63 10.77 1.39 58.40
CA GLY L 63 12.14 0.93 58.48
C GLY L 63 12.32 -0.41 57.81
N ALA L 64 12.86 -1.39 58.54
CA ALA L 64 13.08 -2.72 57.97
C ALA L 64 12.94 -3.75 59.09
N SER L 65 13.11 -5.02 58.70
CA SER L 65 13.06 -6.13 59.64
C SER L 65 13.89 -7.28 59.12
N LEU L 66 14.31 -8.14 60.03
CA LEU L 66 15.04 -9.37 59.70
C LEU L 66 14.31 -10.58 60.28
N PHE L 67 14.27 -11.64 59.49
CA PHE L 67 13.63 -12.90 59.87
C PHE L 67 14.66 -14.02 59.87
N ALA L 68 14.70 -14.78 60.94
CA ALA L 68 15.60 -15.90 61.09
C ALA L 68 14.86 -17.22 60.91
N ASN L 69 15.60 -18.23 60.48
CA ASN L 69 15.07 -19.57 60.24
C ASN L 69 15.36 -20.42 61.46
N VAL L 70 14.33 -20.86 62.17
CA VAL L 70 14.48 -21.46 63.49
C VAL L 70 13.80 -22.82 63.54
N ASN L 71 13.97 -23.48 64.68
CA ASN L 71 13.34 -24.76 64.98
C ASN L 71 12.35 -24.58 66.12
N ALA L 72 11.18 -25.19 66.00
CA ALA L 72 10.14 -25.05 67.01
C ALA L 72 10.40 -26.04 68.15
N ALA L 73 10.84 -25.54 69.29
CA ALA L 73 11.06 -26.34 70.47
C ALA L 73 9.82 -26.32 71.37
N PRO L 74 9.68 -27.30 72.26
CA PRO L 74 8.53 -27.27 73.19
C PRO L 74 8.65 -26.20 74.25
N SER L 75 9.87 -25.85 74.67
CA SER L 75 10.06 -24.90 75.76
C SER L 75 9.51 -23.52 75.44
N GLY L 76 9.24 -23.22 74.18
CA GLY L 76 8.93 -21.88 73.76
C GLY L 76 10.13 -21.09 73.28
N GLN L 77 11.34 -21.57 73.58
CA GLN L 77 12.55 -20.98 73.02
C GLN L 77 12.74 -21.44 71.59
N PHE L 78 13.32 -20.57 70.77
CA PHE L 78 13.48 -20.85 69.35
C PHE L 78 14.95 -20.88 68.98
N PRO L 79 15.53 -22.06 68.78
CA PRO L 79 16.94 -22.15 68.38
C PRO L 79 17.13 -22.05 66.88
N THR L 80 18.28 -21.52 66.50
CA THR L 80 18.61 -21.45 65.09
C THR L 80 18.97 -22.83 64.57
N ILE L 81 18.86 -22.99 63.25
CA ILE L 81 19.13 -24.29 62.62
C ILE L 81 20.52 -24.80 62.97
N PHE L 82 21.45 -23.88 63.20
CA PHE L 82 22.77 -24.23 63.66
C PHE L 82 23.25 -23.19 64.63
N PRO L 83 24.23 -23.53 65.47
CA PRO L 83 24.74 -22.53 66.41
C PRO L 83 25.53 -21.44 65.72
N ILE L 84 25.08 -20.20 65.89
CA ILE L 84 25.79 -19.03 65.39
C ILE L 84 26.68 -18.55 66.53
N ASP L 85 27.90 -19.09 66.58
CA ASP L 85 28.80 -18.84 67.71
C ASP L 85 30.12 -18.20 67.27
N ARG L 86 30.15 -17.57 66.12
CA ARG L 86 31.29 -16.78 65.67
C ARG L 86 30.90 -15.31 65.66
N VAL L 87 31.81 -14.47 65.18
CA VAL L 87 31.60 -13.02 65.11
C VAL L 87 31.16 -12.68 63.70
N TYR L 88 30.10 -11.88 63.58
CA TYR L 88 29.57 -11.50 62.28
C TYR L 88 29.24 -10.01 62.25
N ARG L 89 29.11 -9.47 61.04
CA ARG L 89 29.04 -8.03 60.84
C ARG L 89 28.12 -7.74 59.66
N LEU L 90 27.09 -6.92 59.87
CA LEU L 90 26.10 -6.61 58.85
C LEU L 90 26.01 -5.11 58.66
N THR L 91 26.00 -4.67 57.40
CA THR L 91 26.06 -3.24 57.08
C THR L 91 24.92 -2.84 56.16
N PHE L 92 24.50 -1.60 56.28
CA PHE L 92 23.40 -1.06 55.50
C PHE L 92 23.64 0.39 55.13
N TRP L 93 23.33 0.75 53.89
CA TRP L 93 23.29 2.13 53.46
C TRP L 93 21.97 2.78 53.87
N LEU L 94 22.04 4.04 54.27
CA LEU L 94 20.86 4.85 54.51
C LEU L 94 20.83 5.94 53.46
N VAL L 95 19.77 5.94 52.64
CA VAL L 95 19.65 6.86 51.51
C VAL L 95 18.42 7.74 51.71
N VAL L 96 18.53 8.98 51.24
CA VAL L 96 17.47 9.98 51.38
C VAL L 96 16.77 10.13 50.04
N SER L 97 15.44 10.19 50.07
CA SER L 97 14.65 10.36 48.86
C SER L 97 14.07 11.77 48.71
N ASP L 98 13.77 12.43 49.81
CA ASP L 98 13.08 13.72 49.80
C ASP L 98 14.08 14.85 49.64
N ARG L 99 13.87 15.66 48.62
CA ARG L 99 14.72 16.86 48.47
C ARG L 99 14.30 17.81 49.57
N TYR L 100 15.02 18.88 49.74
CA TYR L 100 14.83 19.83 50.83
C TYR L 100 14.95 19.16 52.21
N PHE L 101 15.49 17.95 52.26
CA PHE L 101 15.62 17.24 53.53
C PHE L 101 16.50 18.01 54.50
N ALA L 102 17.60 18.54 54.02
CA ALA L 102 18.56 19.28 54.83
C ALA L 102 18.00 20.59 55.34
N ASN L 103 16.74 20.91 55.08
CA ASN L 103 16.14 22.16 55.53
C ASN L 103 15.28 22.00 56.77
N PHE L 104 14.71 20.82 57.01
CA PHE L 104 13.82 20.62 58.15
C PHE L 104 14.34 19.56 59.11
N THR L 105 15.65 19.35 59.17
CA THR L 105 16.19 18.19 59.88
C THR L 105 17.20 18.56 60.96
N ASN L 106 17.44 19.84 61.20
CA ASN L 106 18.34 20.28 62.27
C ASN L 106 19.72 19.63 62.15
N LEU L 107 20.39 19.90 61.05
CA LEU L 107 21.74 19.43 60.81
C LEU L 107 22.72 20.59 60.86
N SER L 108 24.01 20.29 60.80
CA SER L 108 25.04 21.32 60.87
C SER L 108 25.19 22.00 59.51
N LEU L 109 25.12 23.32 59.51
CA LEU L 109 25.18 24.12 58.29
C LEU L 109 26.60 24.41 57.83
N ILE L 110 27.59 23.83 58.48
CA ILE L 110 28.99 24.05 58.12
C ILE L 110 29.35 23.11 56.98
N ASN L 111 30.10 23.64 56.01
CA ASN L 111 30.39 22.92 54.79
C ASN L 111 31.18 21.65 55.09
N SER L 112 30.52 20.50 54.91
CA SER L 112 31.13 19.20 55.14
C SER L 112 30.71 18.29 53.99
N ARG L 113 31.62 18.08 53.05
CA ARG L 113 31.40 17.17 51.94
C ARG L 113 32.35 15.98 51.98
N ASN L 114 33.17 15.87 53.01
CA ASN L 114 34.08 14.75 53.19
C ASN L 114 33.75 13.95 54.46
N GLN L 115 32.51 14.02 54.91
CA GLN L 115 32.11 13.35 56.14
C GLN L 115 30.82 12.60 55.89
N ILE L 116 30.50 11.69 56.83
CA ILE L 116 29.34 10.82 56.72
C ILE L 116 28.92 10.42 58.12
N TYR L 117 27.65 10.08 58.28
CA TYR L 117 27.13 9.69 59.57
C TYR L 117 27.34 8.19 59.80
N TYR L 118 27.16 7.76 61.04
CA TYR L 118 27.48 6.39 61.41
C TYR L 118 26.69 6.01 62.66
N PHE L 119 26.06 4.84 62.61
CA PHE L 119 25.22 4.34 63.69
C PHE L 119 25.55 2.86 63.92
N SER L 120 25.47 2.43 65.17
CA SER L 120 25.89 1.08 65.53
C SER L 120 25.14 0.64 66.79
N ASN L 121 25.34 -0.62 67.15
CA ASN L 121 24.80 -1.15 68.40
C ASN L 121 25.85 -1.24 69.48
N LEU L 122 26.95 -0.51 69.33
CA LEU L 122 28.01 -0.41 70.32
C LEU L 122 28.07 0.99 70.91
N SER L 123 26.91 1.57 71.19
CA SER L 123 26.85 2.95 71.67
C SER L 123 26.21 3.09 73.04
N GLY L 124 25.93 1.98 73.73
CA GLY L 124 25.18 2.00 74.97
C GLY L 124 23.85 2.70 74.81
N ASN L 125 23.65 3.77 75.57
CA ASN L 125 22.49 4.64 75.44
C ASN L 125 21.16 3.86 75.47
N GLU L 126 20.99 3.06 76.52
CA GLU L 126 19.76 2.29 76.70
C GLU L 126 18.92 2.97 77.77
N GLY L 127 18.12 3.95 77.33
CA GLY L 127 17.28 4.71 78.22
C GLY L 127 15.83 4.23 78.17
N HIS L 128 14.99 4.93 77.43
CA HIS L 128 13.63 4.45 77.18
C HIS L 128 13.54 3.72 75.86
N ALA L 129 14.65 3.53 75.18
CA ALA L 129 14.73 2.75 73.96
C ALA L 129 16.14 2.24 73.80
N LEU L 130 16.39 1.53 72.71
CA LEU L 130 17.74 1.14 72.33
C LEU L 130 18.19 2.08 71.22
N PHE L 131 18.92 3.13 71.60
CA PHE L 131 19.32 4.18 70.67
C PHE L 131 20.64 3.85 70.00
N LEU L 132 20.66 3.91 68.67
CA LEU L 132 21.86 3.65 67.89
C LEU L 132 22.75 4.88 67.76
N THR L 133 22.46 5.93 68.49
CA THR L 133 23.26 7.14 68.50
C THR L 133 24.16 7.16 69.73
N GLN L 134 25.11 8.10 69.75
CA GLN L 134 25.96 8.27 70.90
C GLN L 134 25.23 9.07 71.98
N PRO L 135 25.55 8.85 73.25
CA PRO L 135 24.85 9.57 74.32
C PRO L 135 25.17 11.05 74.28
N LEU L 136 24.13 11.86 74.45
CA LEU L 136 24.29 13.32 74.44
C LEU L 136 25.13 13.77 75.62
N SER L 137 25.92 14.82 75.39
CA SER L 137 26.74 15.36 76.46
C SER L 137 25.87 16.13 77.47
N ALA L 138 26.47 16.46 78.60
CA ALA L 138 25.76 17.11 79.69
C ALA L 138 25.97 18.62 79.65
N TYR L 139 25.02 19.35 80.21
CA TYR L 139 25.14 20.79 80.33
C TYR L 139 26.12 21.14 81.44
N THR L 140 27.20 21.81 81.09
CA THR L 140 28.24 22.18 82.04
C THR L 140 28.34 23.70 82.13
N THR L 141 29.34 24.16 82.88
CA THR L 141 29.60 25.58 83.03
C THR L 141 30.89 25.94 82.31
N ASN L 142 30.89 27.13 81.71
CA ASN L 142 32.05 27.66 80.99
C ASN L 142 32.44 26.81 79.80
N ASN L 143 31.50 26.59 78.88
CA ASN L 143 31.81 25.97 77.58
C ASN L 143 31.16 26.76 76.46
N GLU L 144 31.45 26.33 75.24
CA GLU L 144 31.04 27.03 74.02
C GLU L 144 30.05 26.15 73.26
N TYR L 145 28.85 26.67 73.08
CA TYR L 145 27.80 25.96 72.35
C TYR L 145 27.37 26.76 71.14
N GLN L 146 27.23 26.09 70.01
CA GLN L 146 26.72 26.72 68.80
C GLN L 146 25.20 26.69 68.78
N LEU L 147 24.63 27.58 67.99
CA LEU L 147 23.19 27.60 67.78
C LEU L 147 22.73 26.28 67.17
N GLY L 148 21.88 25.55 67.88
CA GLY L 148 21.38 24.26 67.42
C GLY L 148 21.78 23.08 68.27
N GLN L 149 22.63 23.26 69.27
CA GLN L 149 23.12 22.13 70.05
C GLN L 149 22.05 21.61 71.01
N LEU L 150 21.98 20.29 71.13
CA LEU L 150 21.11 19.61 72.08
C LEU L 150 21.96 19.01 73.20
N VAL L 151 21.59 19.31 74.44
CA VAL L 151 22.28 18.80 75.61
C VAL L 151 21.23 18.26 76.59
N THR L 152 21.71 17.73 77.71
CA THR L 152 20.85 17.16 78.73
C THR L 152 21.08 17.89 80.05
N HIS L 153 19.99 18.10 80.79
CA HIS L 153 20.09 18.76 82.08
C HIS L 153 18.78 18.60 82.83
N ALA L 154 18.87 18.22 84.11
CA ALA L 154 17.74 18.16 85.03
C ALA L 154 16.55 17.43 84.42
N ASP L 155 16.78 16.19 84.00
CA ASP L 155 15.76 15.30 83.47
C ASP L 155 15.16 15.80 82.17
N LYS L 156 15.78 16.77 81.51
CA LYS L 156 15.23 17.37 80.31
C LYS L 156 16.30 17.49 79.24
N THR L 157 15.86 17.83 78.04
CA THR L 157 16.74 18.05 76.91
C THR L 157 16.66 19.52 76.51
N LEU L 158 17.82 20.14 76.35
CA LEU L 158 17.94 21.57 76.10
C LEU L 158 18.42 21.82 74.68
N GLU L 159 17.78 22.79 74.02
CA GLU L 159 18.16 23.24 72.69
C GLU L 159 18.76 24.64 72.78
N SER L 160 19.79 24.89 71.98
CA SER L 160 20.47 26.19 72.01
C SER L 160 19.86 27.16 71.00
N LEU L 161 19.68 28.41 71.43
CA LEU L 161 19.09 29.42 70.57
C LEU L 161 20.05 30.50 70.12
N THR L 162 21.24 30.59 70.71
CA THR L 162 22.20 31.61 70.31
C THR L 162 23.59 31.18 70.73
N TYR L 163 24.59 31.89 70.21
CA TYR L 163 25.99 31.56 70.46
C TYR L 163 26.41 32.05 71.84
N GLN L 164 27.08 31.18 72.60
CA GLN L 164 27.53 31.49 73.95
C GLN L 164 29.00 31.13 74.08
N GLY L 165 29.86 32.14 74.25
CA GLY L 165 31.27 31.89 74.45
C GLY L 165 31.64 31.44 75.84
N ASN L 166 30.76 31.66 76.82
CA ASN L 166 31.00 31.21 78.18
C ASN L 166 29.65 30.98 78.83
N ALA L 167 29.49 29.82 79.47
CA ALA L 167 28.21 29.41 79.98
C ALA L 167 27.94 30.00 81.36
N THR L 168 26.76 29.68 81.91
CA THR L 168 26.34 30.14 83.21
C THR L 168 26.29 28.95 84.16
N ASN L 169 26.21 29.23 85.46
CA ASN L 169 26.02 28.15 86.43
C ASN L 169 24.64 27.53 86.27
N ILE L 170 23.62 28.33 86.03
CA ILE L 170 22.27 27.85 85.80
C ILE L 170 21.83 28.24 84.39
N PRO L 171 21.18 27.34 83.64
CA PRO L 171 20.70 27.67 82.30
C PRO L 171 19.98 29.02 82.22
N ASN L 172 20.35 29.82 81.22
CA ASN L 172 19.69 31.10 80.96
C ASN L 172 18.43 30.83 80.14
N PRO L 173 17.24 31.06 80.69
CA PRO L 173 16.01 30.62 80.03
C PRO L 173 15.73 31.31 78.70
N SER L 174 16.44 32.37 78.36
CA SER L 174 16.27 33.02 77.08
C SER L 174 17.20 32.46 76.00
N ASP L 175 17.95 31.41 76.32
CA ASP L 175 18.85 30.79 75.37
C ASP L 175 18.56 29.32 75.14
N TRP L 176 17.63 28.73 75.89
CA TRP L 176 17.41 27.30 75.84
C TRP L 176 15.93 27.00 75.92
N ASP L 177 15.51 25.96 75.21
CA ASP L 177 14.13 25.50 75.28
C ASP L 177 14.06 24.24 76.13
N SER L 178 12.84 23.78 76.41
CA SER L 178 12.59 22.70 77.37
C SER L 178 11.75 21.62 76.70
N LEU L 179 12.41 20.54 76.27
CA LEU L 179 11.79 19.41 75.63
C LEU L 179 11.82 18.18 76.55
N PRO L 180 11.02 17.16 76.26
CA PRO L 180 11.08 15.93 77.06
C PRO L 180 12.39 15.18 76.84
N ALA L 181 12.65 14.25 77.74
CA ALA L 181 13.93 13.53 77.77
C ALA L 181 13.95 12.48 76.68
N SER L 182 14.86 12.65 75.72
CA SER L 182 15.07 11.69 74.65
C SER L 182 16.41 11.99 74.01
N GLN L 183 16.90 11.06 73.22
CA GLN L 183 18.15 11.22 72.50
C GLN L 183 17.88 11.44 71.02
N TYR L 184 18.80 12.15 70.35
CA TYR L 184 18.64 12.46 68.94
C TYR L 184 20.00 12.33 68.25
N VAL L 185 20.03 12.73 66.99
CA VAL L 185 21.28 12.79 66.22
C VAL L 185 21.95 14.13 66.47
N SER L 186 23.28 14.11 66.55
CA SER L 186 24.05 15.32 66.79
C SER L 186 25.38 15.20 66.05
N GLU L 187 26.26 16.16 66.28
CA GLU L 187 27.56 16.18 65.62
C GLU L 187 28.52 15.16 66.17
N LEU L 188 28.07 14.31 67.10
CA LEU L 188 28.91 13.25 67.63
C LEU L 188 28.95 12.04 66.71
N ASP L 189 28.27 12.10 65.57
CA ASP L 189 28.19 10.97 64.64
C ASP L 189 28.72 11.34 63.26
N HIS L 190 29.45 12.43 63.15
CA HIS L 190 29.91 12.96 61.88
C HIS L 190 31.36 12.58 61.71
N LEU L 191 31.60 11.42 61.12
CA LEU L 191 32.95 10.91 60.92
C LEU L 191 33.44 11.22 59.51
N PRO L 192 34.75 11.40 59.33
CA PRO L 192 35.27 11.68 57.99
C PRO L 192 35.25 10.45 57.11
N ARG L 193 34.75 10.62 55.88
CA ARG L 193 34.68 9.52 54.94
C ARG L 193 35.89 9.53 54.02
N GLN L 194 36.31 8.33 53.60
CA GLN L 194 37.51 8.16 52.81
C GLN L 194 37.28 7.17 51.68
N GLY L 195 38.02 7.34 50.59
CA GLY L 195 37.96 6.43 49.47
C GLY L 195 39.17 5.52 49.40
N THR L 196 39.64 5.24 48.19
CA THR L 196 40.62 4.17 48.01
C THR L 196 42.04 4.63 48.30
N TYR L 197 42.41 5.84 47.92
CA TYR L 197 43.80 6.30 48.02
C TYR L 197 43.94 7.31 49.16
N ARG L 198 45.01 7.17 49.93
CA ARG L 198 45.28 8.05 51.06
C ARG L 198 46.67 8.65 50.94
N THR L 199 46.81 9.89 51.42
CA THR L 199 48.11 10.53 51.62
C THR L 199 48.36 10.64 53.12
N GLN L 200 49.28 9.83 53.62
CA GLN L 200 49.61 9.83 55.05
C GLN L 200 50.95 10.51 55.26
N VAL L 201 51.02 11.36 56.29
CA VAL L 201 52.20 12.16 56.58
C VAL L 201 52.81 11.71 57.90
N ILE L 202 54.09 11.40 57.87
CA ILE L 202 54.86 11.06 59.07
C ILE L 202 55.59 12.31 59.54
N THR L 203 55.44 12.64 60.81
CA THR L 203 56.16 13.74 61.43
C THR L 203 57.45 13.22 62.04
N ASN L 204 58.48 14.07 62.01
CA ASN L 204 59.82 13.70 62.46
C ASN L 204 60.30 12.43 61.76
N ALA L 205 60.31 12.50 60.43
CA ALA L 205 60.70 11.36 59.62
C ALA L 205 62.17 11.03 59.84
N ASN L 206 62.44 9.83 60.33
CA ASN L 206 63.80 9.45 60.73
C ASN L 206 64.35 8.40 59.79
N PRO L 207 65.32 8.73 58.93
CA PRO L 207 65.83 7.74 57.97
C PRO L 207 66.40 6.48 58.60
N ASP L 208 66.74 6.52 59.89
CA ASP L 208 67.32 5.35 60.54
C ASP L 208 66.28 4.36 61.04
N ASN L 209 65.02 4.50 60.63
CA ASN L 209 63.95 3.68 61.17
C ASN L 209 63.02 3.25 60.05
N THR L 210 61.95 2.54 60.44
CA THR L 210 60.91 2.10 59.54
C THR L 210 59.58 2.29 60.23
N TYR L 211 58.50 1.98 59.54
CA TYR L 211 57.16 2.12 60.09
C TYR L 211 56.25 1.03 59.54
N ASN L 212 55.43 0.45 60.39
CA ASN L 212 54.44 -0.55 60.01
C ASN L 212 53.05 0.02 60.27
N PHE L 213 52.28 0.24 59.21
CA PHE L 213 50.92 0.75 59.31
C PHE L 213 49.92 -0.41 59.29
N THR L 214 48.86 -0.28 60.08
CA THR L 214 47.85 -1.32 60.17
C THR L 214 46.45 -0.71 60.18
N LEU L 215 45.48 -1.54 59.85
CA LEU L 215 44.06 -1.16 59.84
C LEU L 215 43.30 -2.14 60.73
N VAL L 216 42.49 -1.61 61.65
CA VAL L 216 41.78 -2.43 62.62
C VAL L 216 40.30 -2.08 62.57
N ASN L 217 39.45 -3.09 62.43
CA ASN L 217 38.00 -2.86 62.34
C ASN L 217 37.34 -2.97 63.72
N THR L 218 36.01 -2.89 63.73
CA THR L 218 35.27 -2.87 64.98
C THR L 218 35.40 -4.16 65.76
N ASN L 219 35.60 -5.28 65.09
CA ASN L 219 35.81 -6.55 65.77
C ASN L 219 37.23 -6.71 66.30
N GLU L 220 38.04 -5.67 66.22
CA GLU L 220 39.42 -5.67 66.71
C GLU L 220 40.26 -6.71 65.98
N GLN L 221 40.03 -6.86 64.69
CA GLN L 221 40.82 -7.73 63.82
C GLN L 221 41.66 -6.90 62.88
N GLU L 222 42.95 -7.20 62.82
CA GLU L 222 43.81 -6.55 61.84
C GLU L 222 43.42 -7.01 60.44
N SER L 223 43.28 -6.05 59.52
CA SER L 223 42.79 -6.34 58.19
C SER L 223 43.75 -5.99 57.07
N TRP L 224 44.85 -5.30 57.36
CA TRP L 224 45.66 -4.72 56.31
C TRP L 224 46.95 -4.19 56.94
N ALA L 225 48.04 -4.25 56.17
CA ALA L 225 49.32 -3.79 56.68
C ALA L 225 50.30 -3.68 55.52
N ILE L 226 51.16 -2.65 55.59
CA ILE L 226 52.30 -2.48 54.70
C ILE L 226 53.45 -1.87 55.51
N ASP L 227 54.59 -1.67 54.83
CA ASP L 227 55.74 -0.99 55.41
C ASP L 227 56.17 0.15 54.50
N VAL L 228 56.80 1.16 55.10
CA VAL L 228 57.32 2.32 54.39
C VAL L 228 58.72 2.59 54.88
N ILE L 229 59.67 2.77 53.95
CA ILE L 229 61.08 2.91 54.28
C ILE L 229 61.52 4.31 53.87
N VAL L 230 61.80 5.16 54.86
CA VAL L 230 62.25 6.53 54.60
C VAL L 230 63.68 6.48 54.05
N PRO L 231 63.97 7.15 52.93
CA PRO L 231 65.31 7.07 52.34
C PRO L 231 66.35 7.75 53.21
N ASP L 232 67.61 7.43 52.94
CA ASP L 232 68.73 7.87 53.77
C ASP L 232 69.34 9.18 53.31
N THR L 233 68.59 9.98 52.54
CA THR L 233 69.00 11.33 52.19
C THR L 233 67.98 12.35 52.67
N HIS L 234 67.13 11.96 53.62
CA HIS L 234 66.05 12.79 54.13
C HIS L 234 66.51 13.41 55.44
N LYS L 235 66.68 14.73 55.44
CA LYS L 235 67.11 15.45 56.63
C LYS L 235 66.17 15.18 57.79
N SER L 236 66.72 14.58 58.85
CA SER L 236 65.92 14.09 59.96
C SER L 236 65.15 15.21 60.63
N GLY L 237 63.84 15.02 60.78
CA GLY L 237 62.98 15.96 61.46
C GLY L 237 61.88 16.57 60.61
N GLU L 238 61.97 16.47 59.29
CA GLU L 238 60.94 17.05 58.43
C GLU L 238 59.82 16.06 58.20
N PRO L 239 58.63 16.54 57.82
CA PRO L 239 57.54 15.63 57.48
C PRO L 239 57.86 14.85 56.21
N PHE L 240 57.16 13.74 56.05
CA PHE L 240 57.34 12.88 54.88
C PHE L 240 56.01 12.27 54.50
N SER L 241 55.59 12.47 53.25
CA SER L 241 54.29 11.98 52.82
C SER L 241 54.43 10.69 52.03
N THR L 242 53.38 9.88 52.06
CA THR L 242 53.35 8.60 51.36
C THR L 242 51.92 8.33 50.90
N SER L 243 51.79 7.44 49.91
CA SER L 243 50.52 7.06 49.33
C SER L 243 50.14 5.64 49.77
N LEU L 244 48.88 5.48 50.14
CA LEU L 244 48.35 4.21 50.62
C LEU L 244 47.13 3.81 49.80
N ASN L 245 46.94 2.49 49.67
CA ASN L 245 45.89 1.93 48.83
C ASN L 245 45.12 0.89 49.63
N PHE L 246 43.80 1.06 49.74
CA PHE L 246 42.92 0.15 50.47
C PHE L 246 41.95 -0.56 49.53
N VAL L 247 42.43 -0.99 48.36
CA VAL L 247 41.53 -1.36 47.28
C VAL L 247 40.69 -2.59 47.63
N GLY L 248 41.19 -3.47 48.48
CA GLY L 248 40.52 -4.74 48.70
C GLY L 248 39.74 -4.91 49.98
N GLN L 249 39.30 -3.82 50.59
CA GLN L 249 38.58 -3.87 51.86
C GLN L 249 37.11 -3.54 51.66
N THR L 250 36.30 -3.97 52.64
CA THR L 250 34.85 -3.79 52.62
C THR L 250 34.46 -2.58 53.44
N PRO L 251 33.51 -1.78 52.99
CA PRO L 251 33.24 -0.48 53.63
C PRO L 251 32.82 -0.64 55.08
N GLY L 252 33.25 0.29 55.91
CA GLY L 252 32.96 0.18 57.33
C GLY L 252 33.90 1.06 58.14
N HIS L 253 33.74 0.97 59.45
CA HIS L 253 34.49 1.80 60.39
C HIS L 253 35.84 1.15 60.70
N TYR L 254 36.91 1.92 60.57
CA TYR L 254 38.26 1.40 60.76
C TYR L 254 39.11 2.41 61.52
N ARG L 255 40.14 1.90 62.18
CA ARG L 255 41.14 2.69 62.88
C ARG L 255 42.49 2.41 62.23
N LEU L 256 43.15 3.46 61.76
CA LEU L 256 44.46 3.36 61.15
C LEU L 256 45.53 3.65 62.19
N LEU L 257 46.40 2.66 62.42
CA LEU L 257 47.47 2.76 63.39
C LEU L 257 48.82 2.74 62.71
N GLU L 258 49.81 3.35 63.38
CA GLU L 258 51.21 3.24 62.97
C GLU L 258 52.03 2.86 64.19
N ASN L 259 52.60 1.65 64.18
CA ASN L 259 53.49 1.18 65.24
C ASN L 259 52.91 1.43 66.62
N ASP L 260 51.78 0.76 66.90
CA ASP L 260 51.15 0.77 68.20
C ASP L 260 50.73 2.17 68.62
N THR L 261 50.11 2.90 67.69
CA THR L 261 49.60 4.23 67.97
C THR L 261 48.51 4.56 66.98
N GLN L 262 47.37 5.04 67.48
CA GLN L 262 46.29 5.46 66.60
C GLN L 262 46.67 6.74 65.89
N VAL L 263 46.64 6.71 64.56
CA VAL L 263 46.93 7.90 63.77
C VAL L 263 45.63 8.45 63.20
N ALA L 264 44.68 7.58 62.88
CA ALA L 264 43.45 8.06 62.28
C ALA L 264 42.31 7.11 62.57
N GLU L 265 41.10 7.58 62.31
CA GLU L 265 39.88 6.79 62.45
C GLU L 265 38.88 7.30 61.43
N PHE L 266 38.34 6.39 60.61
CA PHE L 266 37.49 6.85 59.53
C PHE L 266 36.55 5.73 59.07
N VAL L 267 35.55 6.12 58.28
CA VAL L 267 34.68 5.19 57.60
C VAL L 267 35.19 5.03 56.17
N LEU L 268 35.53 3.80 55.79
CA LEU L 268 36.03 3.49 54.46
C LEU L 268 34.87 3.19 53.52
N VAL L 269 34.97 3.73 52.30
CA VAL L 269 33.93 3.73 51.28
C VAL L 269 34.53 3.24 49.96
N ASP L 270 33.72 2.51 49.18
CA ASP L 270 34.15 2.01 47.87
C ASP L 270 33.37 2.63 46.71
N ASN L 271 32.45 3.55 46.99
CA ASN L 271 31.66 4.23 45.96
C ASN L 271 30.83 3.26 45.11
N SER L 272 30.35 2.19 45.76
CA SER L 272 29.32 1.37 45.15
C SER L 272 27.98 2.11 45.10
N LEU L 273 27.73 2.99 46.07
CA LEU L 273 26.53 3.82 46.12
C LEU L 273 26.95 5.19 46.61
N PRO L 274 27.55 6.00 45.73
CA PRO L 274 28.24 7.22 46.20
C PRO L 274 27.35 8.23 46.88
N GLU L 275 26.07 8.29 46.55
CA GLU L 275 25.17 9.29 47.11
C GLU L 275 24.49 8.82 48.39
N ALA L 276 25.02 7.80 49.06
CA ALA L 276 24.45 7.35 50.32
C ALA L 276 24.58 8.43 51.38
N PHE L 277 23.61 8.46 52.30
CA PHE L 277 23.57 9.45 53.37
C PHE L 277 24.28 8.97 54.63
N ALA L 278 23.98 7.76 55.09
CA ALA L 278 24.59 7.27 56.31
C ALA L 278 24.90 5.79 56.19
N LEU L 279 25.58 5.26 57.21
CA LEU L 279 25.90 3.84 57.30
C LEU L 279 25.45 3.29 58.64
N VAL L 280 24.86 2.10 58.63
CA VAL L 280 24.42 1.43 59.84
C VAL L 280 25.13 0.08 59.93
N GLU L 281 25.64 -0.23 61.12
CA GLU L 281 26.35 -1.48 61.37
C GLU L 281 25.71 -2.22 62.53
N VAL L 282 25.55 -3.53 62.38
CA VAL L 282 25.01 -4.40 63.41
C VAL L 282 25.94 -5.59 63.57
N ILE L 283 26.33 -5.89 64.80
CA ILE L 283 27.37 -6.86 65.06
C ILE L 283 26.83 -8.01 65.90
N LEU L 284 27.32 -9.21 65.61
CA LEU L 284 27.06 -10.40 66.42
C LEU L 284 28.38 -10.83 67.04
N ASN L 285 28.58 -10.47 68.30
CA ASN L 285 29.79 -10.77 69.06
C ASN L 285 29.47 -10.82 70.54
N PRO L 286 29.56 -11.99 71.18
CA PRO L 286 29.18 -12.09 72.60
C PRO L 286 30.07 -11.29 73.54
N GLU L 287 31.11 -10.62 73.05
CA GLU L 287 32.06 -9.94 73.91
C GLU L 287 31.99 -8.43 73.84
N LEU L 288 31.45 -7.87 72.75
CA LEU L 288 31.52 -6.43 72.54
C LEU L 288 30.18 -5.72 72.68
N VAL L 289 29.07 -6.41 72.46
CA VAL L 289 27.74 -5.80 72.58
C VAL L 289 27.16 -6.22 73.94
N PRO L 290 26.68 -5.28 74.74
CA PRO L 290 26.13 -5.65 76.05
C PRO L 290 24.89 -6.52 75.95
N SER L 291 24.38 -6.97 77.09
CA SER L 291 23.25 -7.89 77.09
C SER L 291 21.93 -7.22 76.79
N ALA L 292 21.84 -5.90 76.98
CA ALA L 292 20.61 -5.19 76.65
C ALA L 292 20.43 -5.03 75.16
N PHE L 293 21.49 -5.24 74.36
CA PHE L 293 21.44 -5.03 72.93
C PHE L 293 21.61 -6.29 72.10
N SER L 294 22.07 -7.39 72.70
CA SER L 294 22.37 -8.58 71.92
C SER L 294 21.08 -9.26 71.48
N LEU L 295 21.21 -10.16 70.50
CA LEU L 295 20.07 -10.81 69.89
C LEU L 295 20.13 -12.34 69.95
N LEU L 296 21.14 -12.91 70.59
CA LEU L 296 21.30 -14.36 70.66
C LEU L 296 21.74 -14.76 72.05
N GLN L 297 21.06 -15.76 72.61
CA GLN L 297 21.49 -16.40 73.85
C GLN L 297 22.17 -17.72 73.53
N ALA L 298 23.11 -18.12 74.37
CA ALA L 298 23.83 -19.37 74.20
C ALA L 298 23.57 -20.25 75.41
N SER L 299 23.06 -21.45 75.18
CA SER L 299 22.77 -22.37 76.27
C SER L 299 22.63 -23.78 75.70
N ALA L 300 23.13 -24.75 76.47
CA ALA L 300 22.99 -26.19 76.13
C ALA L 300 23.52 -26.49 74.74
N GLY L 301 24.66 -25.87 74.40
CA GLY L 301 25.24 -26.11 73.09
C GLY L 301 24.47 -25.54 71.93
N GLN L 302 23.52 -24.64 72.18
CA GLN L 302 22.70 -24.07 71.12
C GLN L 302 22.60 -22.57 71.32
N THR L 303 21.98 -21.91 70.34
CA THR L 303 21.68 -20.49 70.41
C THR L 303 20.18 -20.30 70.27
N PHE L 304 19.65 -19.31 70.98
CA PHE L 304 18.23 -19.00 70.97
C PHE L 304 18.05 -17.53 70.61
N ILE L 305 16.97 -17.24 69.89
CA ILE L 305 16.74 -15.89 69.39
C ILE L 305 16.08 -15.03 70.45
N GLN L 306 16.44 -13.76 70.48
CA GLN L 306 15.80 -12.76 71.34
C GLN L 306 15.45 -11.56 70.46
N PRO L 307 14.18 -11.31 70.19
CA PRO L 307 13.82 -10.20 69.30
C PRO L 307 14.01 -8.86 69.99
N LYS L 308 14.47 -7.87 69.22
CA LYS L 308 14.75 -6.54 69.75
C LYS L 308 14.22 -5.48 68.79
N THR L 309 14.31 -4.23 69.24
CA THR L 309 13.85 -3.09 68.45
C THR L 309 14.81 -1.93 68.69
N TYR L 310 15.55 -1.55 67.66
CA TYR L 310 16.50 -0.44 67.72
C TYR L 310 15.86 0.80 67.10
N VAL L 311 16.27 1.97 67.59
CA VAL L 311 15.64 3.24 67.26
C VAL L 311 16.70 4.24 66.84
N ILE L 312 16.44 4.97 65.76
CA ILE L 312 17.18 6.19 65.42
C ILE L 312 16.16 7.31 65.29
N ARG L 313 16.56 8.53 65.62
CA ARG L 313 15.61 9.64 65.69
C ARG L 313 16.26 10.93 65.22
N PHE L 314 15.51 11.72 64.43
CA PHE L 314 15.95 13.02 63.95
C PHE L 314 15.04 14.12 64.51
N LYS L 315 15.64 15.25 64.88
CA LYS L 315 14.88 16.38 65.41
C LYS L 315 14.68 17.43 64.32
N ASN L 316 13.55 18.14 64.35
CA ASN L 316 13.26 19.14 63.33
C ASN L 316 14.02 20.42 63.60
N ARG L 317 14.13 21.24 62.56
CA ARG L 317 14.80 22.53 62.68
C ARG L 317 13.83 23.58 63.21
N ALA L 318 14.39 24.65 63.78
CA ALA L 318 13.61 25.75 64.33
C ALA L 318 14.13 27.06 63.77
N THR L 319 13.23 27.86 63.21
CA THR L 319 13.58 29.12 62.57
C THR L 319 12.68 30.23 63.11
N ARG L 320 13.08 31.47 62.86
CA ARG L 320 12.26 32.62 63.16
C ARG L 320 11.50 33.04 61.90
N TRP L 321 10.20 33.27 62.05
CA TRP L 321 9.34 33.54 60.91
C TRP L 321 9.25 35.03 60.66
N ARG L 322 9.49 35.46 59.42
CA ARG L 322 9.48 36.86 59.04
C ARG L 322 8.44 37.09 57.95
N TYR L 323 7.43 37.90 58.27
CA TYR L 323 6.39 38.25 57.32
C TYR L 323 6.79 39.54 56.61
N ARG L 324 6.82 39.46 55.27
CA ARG L 324 7.23 40.54 54.39
C ARG L 324 6.06 40.92 53.50
N TYR L 325 6.02 42.19 53.10
CA TYR L 325 4.88 42.72 52.37
C TYR L 325 5.32 43.39 51.07
N GLU L 326 4.34 43.62 50.20
CA GLU L 326 4.51 44.38 48.97
C GLU L 326 4.12 45.84 49.16
N GLN L 327 2.94 46.07 49.72
CA GLN L 327 2.38 47.35 50.10
C GLN L 327 2.32 47.47 51.62
N PRO L 328 2.37 48.68 52.16
CA PRO L 328 2.48 48.83 53.61
C PRO L 328 1.26 48.29 54.35
N HIS L 329 1.54 47.68 55.49
CA HIS L 329 0.53 47.13 56.37
C HIS L 329 0.37 48.17 57.47
N GLY L 330 -0.87 48.31 57.94
CA GLY L 330 -1.18 49.30 58.95
C GLY L 330 -1.10 48.88 60.39
N CYS L 331 -0.35 47.84 60.72
CA CYS L 331 -0.28 47.45 62.12
C CYS L 331 0.92 48.03 62.85
N SER L 332 0.72 48.34 64.13
CA SER L 332 1.75 49.00 64.93
C SER L 332 2.17 48.19 66.15
N ALA L 333 3.20 48.69 66.84
CA ALA L 333 3.70 48.04 68.03
C ALA L 333 2.63 47.98 69.11
N ALA L 334 1.60 48.81 68.98
CA ALA L 334 0.52 48.82 69.97
C ALA L 334 -0.72 47.97 69.66
N ASN L 335 -0.74 47.29 68.52
CA ASN L 335 -1.90 46.49 68.16
C ASN L 335 -1.56 45.15 67.53
N LEU L 336 -0.31 44.71 67.70
CA LEU L 336 0.15 43.44 67.15
C LEU L 336 0.36 42.42 68.25
N PRO L 337 0.28 41.13 67.90
CA PRO L 337 0.46 40.05 68.86
C PRO L 337 1.77 40.20 69.65
N SER L 338 1.67 40.18 70.97
CA SER L 338 2.84 40.32 71.84
C SER L 338 4.08 39.51 71.44
N TYR L 339 3.88 38.38 70.80
CA TYR L 339 5.00 37.53 70.39
C TYR L 339 5.65 37.99 69.10
N PHE L 340 5.29 39.16 68.58
CA PHE L 340 5.86 39.68 67.35
C PHE L 340 6.86 40.81 67.63
N ASN L 341 7.58 41.19 66.59
CA ASN L 341 8.50 42.33 66.64
C ASN L 341 8.39 43.05 65.31
N LEU L 342 7.99 44.30 65.39
CA LEU L 342 7.86 45.11 64.24
C LEU L 342 9.23 45.46 63.75
N ILE L 343 9.57 45.10 62.53
CA ILE L 343 10.86 45.53 62.00
C ILE L 343 10.71 46.88 61.29
N ASP L 344 9.87 46.94 60.26
CA ASP L 344 9.52 48.20 59.61
C ASP L 344 8.09 48.12 59.12
N THR L 345 7.67 49.13 58.37
CA THR L 345 6.28 49.22 57.95
C THR L 345 5.87 48.12 56.98
N HIS L 346 6.82 47.38 56.42
CA HIS L 346 6.50 46.26 55.55
C HIS L 346 6.89 44.91 56.13
N THR L 347 7.37 44.85 57.37
CA THR L 347 7.97 43.60 57.84
C THR L 347 7.79 43.44 59.35
N TYR L 348 7.45 42.23 59.77
CA TYR L 348 7.58 41.92 61.19
C TYR L 348 7.89 40.44 61.37
N ALA L 349 8.62 40.14 62.44
CA ALA L 349 9.13 38.79 62.64
C ALA L 349 8.87 38.31 64.07
N THR L 350 8.84 36.99 64.23
CA THR L 350 8.69 36.41 65.55
C THR L 350 9.92 36.72 66.41
N ALA L 351 9.74 36.62 67.73
CA ALA L 351 10.82 36.92 68.66
C ALA L 351 11.62 35.70 69.06
N ARG L 352 11.05 34.51 68.96
CA ARG L 352 11.72 33.26 69.26
C ARG L 352 11.55 32.31 68.09
N PRO L 353 12.45 31.36 67.91
CA PRO L 353 12.31 30.40 66.82
C PRO L 353 11.13 29.46 67.03
N ILE L 354 10.49 29.08 65.92
CA ILE L 354 9.41 28.11 65.93
C ILE L 354 9.85 26.89 65.12
N GLY L 355 9.30 25.74 65.48
CA GLY L 355 9.74 24.47 64.88
C GLY L 355 8.92 24.12 63.65
N LEU L 356 9.63 23.64 62.62
CA LEU L 356 9.01 23.32 61.34
C LEU L 356 8.28 21.99 61.44
N ARG L 357 6.99 22.00 61.14
CA ARG L 357 6.17 20.80 61.13
C ARG L 357 5.34 20.77 59.87
N GLN L 358 4.78 19.59 59.57
CA GLN L 358 3.95 19.43 58.40
C GLN L 358 2.49 19.81 58.67
N ARG L 359 2.03 19.62 59.86
CA ARG L 359 0.68 19.97 60.17
C ARG L 359 0.82 20.67 61.47
N PRO L 360 1.34 21.91 61.41
CA PRO L 360 1.50 22.75 62.59
C PRO L 360 0.12 22.92 63.18
N ASP L 361 -0.03 22.52 64.43
CA ASP L 361 -1.32 22.58 65.13
C ASP L 361 -2.03 23.92 65.00
N SER L 362 -1.47 24.95 65.63
CA SER L 362 -2.07 26.27 65.60
C SER L 362 -1.20 27.35 64.97
N LEU L 363 -1.82 28.18 64.14
CA LEU L 363 -1.16 29.27 63.47
C LEU L 363 -1.36 30.56 64.28
N LEU L 364 -0.54 31.54 63.96
CA LEU L 364 -0.49 32.86 64.56
C LEU L 364 -1.59 33.79 64.09
N ASN L 365 -2.08 34.70 64.93
CA ASN L 365 -3.13 35.63 64.51
C ASN L 365 -2.60 37.05 64.30
N ASP L 366 -3.22 37.77 63.39
CA ASP L 366 -2.81 39.12 63.09
C ASP L 366 -3.47 40.13 64.01
N CYS L 367 -2.94 41.34 64.06
CA CYS L 367 -3.50 42.40 64.88
C CYS L 367 -4.96 42.71 64.60
N GLN L 368 -5.41 42.31 63.41
CA GLN L 368 -6.80 42.45 62.98
C GLN L 368 -7.53 41.10 63.11
N ASP L 369 -6.89 40.19 63.84
CA ASP L 369 -7.39 38.83 64.10
C ASP L 369 -7.66 38.01 62.84
N ARG L 370 -6.59 37.57 62.19
CA ARG L 370 -6.67 36.77 60.98
C ARG L 370 -5.54 35.76 60.95
N PRO L 371 -5.84 34.51 60.59
CA PRO L 371 -4.81 33.46 60.51
C PRO L 371 -3.81 33.74 59.40
N LEU L 372 -2.53 33.51 59.67
CA LEU L 372 -1.52 33.77 58.66
C LEU L 372 -0.93 32.46 58.17
N PRO L 373 -0.62 32.35 56.88
CA PRO L 373 -0.02 31.11 56.36
C PRO L 373 1.31 30.81 57.01
N ALA L 374 1.62 29.53 57.11
CA ALA L 374 2.88 29.06 57.65
C ALA L 374 3.97 29.16 56.57
N PRO L 375 5.24 29.09 56.95
CA PRO L 375 6.30 29.13 55.95
C PRO L 375 6.32 27.89 55.09
N SER L 376 7.11 27.96 54.02
CA SER L 376 7.39 26.81 53.18
C SER L 376 8.79 26.28 53.48
N ILE L 377 9.07 25.09 52.95
CA ILE L 377 10.31 24.39 53.28
C ILE L 377 11.30 24.45 52.12
N THR L 378 11.15 25.41 51.22
CA THR L 378 12.02 25.46 50.06
C THR L 378 13.24 26.34 50.26
N LEU L 379 13.20 27.30 51.19
CA LEU L 379 14.31 28.21 51.39
C LEU L 379 14.45 28.56 52.86
N ILE L 380 15.70 28.67 53.31
CA ILE L 380 16.04 29.17 54.64
C ILE L 380 17.20 30.15 54.48
N GLN L 381 17.24 31.15 55.35
CA GLN L 381 18.19 32.26 55.23
C GLN L 381 19.04 32.39 56.47
N PRO L 382 20.14 31.65 56.57
CA PRO L 382 21.08 31.85 57.67
C PRO L 382 21.92 33.09 57.47
N GLU L 383 22.20 33.78 58.57
CA GLU L 383 22.97 35.02 58.56
C GLU L 383 24.25 34.85 59.37
N THR L 384 25.37 35.14 58.73
CA THR L 384 26.68 34.95 59.34
C THR L 384 27.05 36.14 60.21
N ASP L 385 27.96 35.90 61.16
CA ASP L 385 28.40 36.91 62.09
C ASP L 385 29.65 37.64 61.58
N GLY L 386 30.11 38.61 62.37
CA GLY L 386 31.39 39.24 62.10
C GLY L 386 32.52 38.25 61.99
N SER L 387 32.58 37.30 62.93
CA SER L 387 33.56 36.22 62.92
C SER L 387 33.14 35.07 62.02
N GLN L 388 32.22 35.32 61.08
CA GLN L 388 31.69 34.29 60.19
C GLN L 388 31.15 33.10 60.97
N ARG L 389 30.31 33.41 61.96
CA ARG L 389 29.54 32.42 62.71
C ARG L 389 28.06 32.60 62.39
N ILE L 390 27.31 31.51 62.47
CA ILE L 390 25.87 31.61 62.26
C ILE L 390 25.23 32.25 63.48
N ALA L 391 24.42 33.29 63.25
CA ALA L 391 23.79 34.01 64.35
C ALA L 391 22.29 33.81 64.41
N ARG L 392 21.61 33.78 63.27
CA ARG L 392 20.17 33.67 63.22
C ARG L 392 19.77 32.87 61.98
N ILE L 393 18.55 32.33 62.00
CA ILE L 393 17.99 31.64 60.86
C ILE L 393 16.52 32.02 60.72
N PHE L 394 16.15 32.51 59.55
CA PHE L 394 14.80 32.99 59.27
C PHE L 394 14.11 32.10 58.24
N SER L 395 12.79 32.28 58.17
CA SER L 395 11.97 31.81 57.06
C SER L 395 11.08 32.96 56.62
N ASP L 396 11.12 33.28 55.34
CA ASP L 396 10.41 34.45 54.81
C ASP L 396 9.06 34.02 54.25
N ILE L 397 8.02 34.76 54.61
CA ILE L 397 6.69 34.57 54.04
C ILE L 397 6.30 35.86 53.34
N TYR L 398 6.10 35.78 52.03
CA TYR L 398 5.70 36.93 51.23
C TYR L 398 4.19 36.95 51.10
N LEU L 399 3.57 38.01 51.61
CA LEU L 399 2.12 38.13 51.61
C LEU L 399 1.67 39.07 50.50
N SER M 3 62.18 -12.20 43.97
CA SER M 3 62.34 -11.66 42.63
C SER M 3 61.61 -10.33 42.50
N THR M 4 62.35 -9.29 42.14
CA THR M 4 61.78 -7.98 41.89
C THR M 4 62.00 -7.59 40.43
N TYR M 5 61.09 -6.78 39.93
CA TYR M 5 61.14 -6.33 38.54
C TYR M 5 61.05 -4.81 38.53
N LYS M 6 62.16 -4.16 38.20
CA LYS M 6 62.26 -2.70 38.23
C LYS M 6 62.49 -2.06 36.87
N THR M 7 62.99 -2.81 35.90
CA THR M 7 63.20 -2.29 34.55
C THR M 7 62.12 -2.82 33.64
N PRO M 8 61.39 -1.96 32.93
CA PRO M 8 60.37 -2.44 32.00
C PRO M 8 60.98 -3.30 30.90
N GLY M 9 60.31 -4.39 30.57
CA GLY M 9 60.77 -5.25 29.49
C GLY M 9 60.35 -6.69 29.71
N VAL M 10 61.08 -7.58 29.05
CA VAL M 10 60.79 -9.01 29.03
C VAL M 10 61.80 -9.72 29.92
N TYR M 11 61.30 -10.59 30.80
CA TYR M 11 62.14 -11.39 31.68
C TYR M 11 61.97 -12.86 31.35
N ILE M 12 63.07 -13.62 31.39
CA ILE M 12 63.09 -15.03 30.99
C ILE M 12 63.51 -15.88 32.18
N GLU M 13 62.71 -16.90 32.47
CA GLU M 13 62.95 -17.78 33.61
C GLU M 13 62.71 -19.23 33.20
N GLU M 14 63.47 -20.15 33.79
CA GLU M 14 63.40 -21.57 33.46
C GLU M 14 63.02 -22.38 34.69
N ILE M 15 61.93 -23.15 34.58
CA ILE M 15 61.39 -23.94 35.67
C ILE M 15 61.00 -25.32 35.17
N SER M 16 60.72 -26.21 36.12
CA SER M 16 60.12 -27.52 35.86
C SER M 16 58.74 -27.56 36.50
N LYS M 17 57.71 -27.82 35.70
CA LYS M 17 56.35 -27.61 36.13
C LYS M 17 55.40 -28.51 35.34
N PHE M 18 54.23 -28.77 35.92
CA PHE M 18 53.13 -29.42 35.20
C PHE M 18 52.21 -28.38 34.59
N PRO M 19 51.62 -28.67 33.43
CA PRO M 19 50.72 -27.70 32.78
C PRO M 19 49.50 -27.41 33.63
N PRO M 20 49.01 -26.16 33.61
CA PRO M 20 47.84 -25.81 34.41
C PRO M 20 46.52 -26.06 33.68
N SER M 21 45.44 -26.07 34.46
CA SER M 21 44.11 -26.40 33.94
C SER M 21 43.05 -25.73 34.81
N ILE M 22 42.09 -25.06 34.17
CA ILE M 22 40.99 -24.41 34.88
C ILE M 22 39.67 -24.67 34.15
N ALA M 23 38.57 -24.41 34.86
CA ALA M 23 37.23 -24.58 34.31
C ALA M 23 36.23 -23.83 35.19
N GLN M 24 35.05 -23.58 34.63
CA GLN M 24 34.00 -22.85 35.34
C GLN M 24 32.74 -23.69 35.43
N VAL M 25 32.30 -23.95 36.67
CA VAL M 25 31.09 -24.72 36.95
C VAL M 25 30.31 -23.96 38.01
N GLU M 26 29.07 -24.37 38.22
CA GLU M 26 28.26 -23.77 39.28
C GLU M 26 27.49 -24.76 40.14
N THR M 27 27.08 -25.91 39.62
CA THR M 27 26.27 -26.83 40.41
C THR M 27 27.09 -27.95 41.03
N ALA M 28 28.40 -27.94 40.90
CA ALA M 28 29.26 -28.91 41.57
C ALA M 28 30.36 -28.14 42.29
N ILE M 29 30.04 -27.71 43.51
CA ILE M 29 30.98 -26.95 44.34
C ILE M 29 31.33 -27.77 45.56
N PRO M 30 32.50 -28.40 45.62
CA PRO M 30 32.84 -29.23 46.77
C PRO M 30 33.66 -28.50 47.82
N ALA M 31 33.61 -29.04 49.03
CA ALA M 31 34.42 -28.61 50.14
C ALA M 31 35.38 -29.73 50.51
N PHE M 32 36.66 -29.39 50.65
CA PHE M 32 37.70 -30.33 51.01
C PHE M 32 38.16 -30.04 52.43
N ILE M 33 37.99 -31.01 53.32
CA ILE M 33 38.32 -30.88 54.73
C ILE M 33 39.58 -31.68 54.99
N GLY M 34 40.65 -31.01 55.42
CA GLY M 34 41.85 -31.76 55.72
C GLY M 34 42.98 -30.88 56.21
N TYR M 35 44.10 -31.54 56.51
CA TYR M 35 45.28 -30.86 57.01
C TYR M 35 45.99 -30.11 55.89
N THR M 36 46.58 -28.98 56.26
CA THR M 36 47.32 -28.14 55.32
C THR M 36 48.79 -28.10 55.73
N GLN M 37 49.53 -27.18 55.11
CA GLN M 37 50.95 -27.03 55.40
C GLN M 37 51.32 -25.65 55.92
N ILE M 38 50.61 -24.60 55.50
CA ILE M 38 50.90 -23.25 55.99
C ILE M 38 49.65 -22.60 56.54
N ALA M 39 48.59 -22.53 55.73
CA ALA M 39 47.31 -21.93 56.12
C ALA M 39 47.47 -20.49 56.64
N LYS M 40 47.95 -19.63 55.75
CA LYS M 40 48.10 -18.20 56.04
C LYS M 40 47.31 -17.39 55.02
N VAL M 41 46.24 -16.74 55.46
CA VAL M 41 45.31 -16.04 54.59
C VAL M 41 45.32 -14.57 54.96
N GLY M 42 45.64 -13.72 54.00
CA GLY M 42 45.67 -12.28 54.24
C GLY M 42 46.80 -11.85 55.15
N VAL M 43 46.46 -11.31 56.32
CA VAL M 43 47.42 -10.96 57.35
C VAL M 43 47.25 -11.85 58.59
N GLU M 44 46.41 -12.88 58.50
CA GLU M 44 46.10 -13.74 59.63
C GLU M 44 46.77 -15.09 59.43
N ASN M 45 47.46 -15.56 60.46
CA ASN M 45 48.00 -16.91 60.48
C ASN M 45 47.02 -17.79 61.26
N PHE M 46 46.33 -18.68 60.54
CA PHE M 46 45.33 -19.52 61.19
C PHE M 46 45.96 -20.52 62.16
N HIS M 47 47.25 -20.82 61.97
CA HIS M 47 47.97 -21.79 62.78
C HIS M 47 48.95 -21.11 63.75
N THR M 48 48.70 -19.85 64.11
CA THR M 48 49.65 -19.10 64.91
C THR M 48 49.85 -19.74 66.29
N ASP M 49 48.76 -20.14 66.93
CA ASP M 49 48.83 -20.82 68.21
C ASP M 49 48.50 -22.29 68.03
N ALA M 50 49.02 -23.13 68.93
CA ALA M 50 48.84 -24.57 68.78
C ALA M 50 47.38 -24.95 68.91
N ASP M 51 46.72 -24.34 69.88
CA ASP M 51 45.28 -24.50 70.11
C ASP M 51 44.58 -23.23 69.60
N ASN M 52 43.27 -23.14 69.78
CA ASN M 52 42.47 -22.00 69.33
C ASN M 52 42.77 -21.66 67.88
N LEU M 53 42.85 -22.69 67.05
CA LEU M 53 43.10 -22.48 65.63
C LEU M 53 41.89 -21.78 65.00
N ILE M 54 42.17 -21.05 63.93
CA ILE M 54 41.09 -20.43 63.16
C ILE M 54 40.58 -21.46 62.18
N LEU M 55 39.32 -21.84 62.35
CA LEU M 55 38.67 -22.86 61.52
C LEU M 55 37.73 -22.11 60.58
N ARG M 56 38.15 -21.95 59.33
CA ARG M 56 37.39 -21.11 58.42
C ARG M 56 37.44 -21.66 57.00
N PRO M 57 36.32 -21.70 56.31
CA PRO M 57 36.32 -22.15 54.91
C PRO M 57 36.68 -21.05 53.93
N VAL M 58 37.70 -21.30 53.11
CA VAL M 58 38.18 -20.33 52.14
C VAL M 58 37.77 -20.77 50.73
N ARG M 59 37.41 -19.81 49.90
CA ARG M 59 36.99 -20.06 48.52
C ARG M 59 38.17 -19.88 47.58
N ILE M 60 38.49 -20.91 46.80
CA ILE M 60 39.57 -20.84 45.82
C ILE M 60 39.04 -21.31 44.48
N THR M 61 39.76 -20.91 43.42
CA THR M 61 39.37 -21.25 42.06
C THR M 61 40.45 -21.97 41.27
N SER M 62 41.68 -22.05 41.77
CA SER M 62 42.74 -22.68 40.98
C SER M 62 43.82 -23.22 41.91
N LEU M 63 44.67 -24.08 41.35
CA LEU M 63 45.83 -24.57 42.09
C LEU M 63 46.76 -23.43 42.50
N LEU M 64 46.85 -22.40 41.66
CA LEU M 64 47.75 -21.29 41.91
C LEU M 64 47.41 -20.56 43.19
N GLU M 65 46.12 -20.50 43.53
CA GLU M 65 45.70 -19.83 44.75
C GLU M 65 45.89 -20.71 45.98
N TYR M 66 45.58 -22.00 45.86
CA TYR M 66 45.89 -22.95 46.91
C TYR M 66 47.35 -22.83 47.30
N GLU M 67 48.24 -22.80 46.31
CA GLU M 67 49.65 -22.63 46.60
C GLU M 67 49.95 -21.28 47.23
N GLN M 68 49.08 -20.28 47.05
CA GLN M 68 49.33 -19.01 47.70
C GLN M 68 48.99 -19.05 49.17
N PHE M 69 47.88 -19.69 49.54
CA PHE M 69 47.46 -19.71 50.94
C PHE M 69 48.05 -20.89 51.71
N PHE M 70 47.90 -22.11 51.20
CA PHE M 70 48.24 -23.30 51.95
C PHE M 70 49.50 -24.00 51.47
N GLY M 71 50.16 -23.51 50.43
CA GLY M 71 51.41 -24.08 49.97
C GLY M 71 51.36 -25.54 49.54
N LYS M 72 52.53 -26.19 49.48
CA LYS M 72 52.69 -27.54 48.97
C LYS M 72 52.90 -28.54 50.11
N ALA M 73 52.88 -29.82 49.76
CA ALA M 73 52.95 -30.89 50.74
C ALA M 73 54.38 -31.13 51.21
N ILE M 74 54.50 -31.80 52.36
CA ILE M 74 55.78 -32.17 52.96
C ILE M 74 56.40 -33.34 52.22
N ASN M 75 57.69 -33.56 52.44
CA ASN M 75 58.45 -34.57 51.72
C ASN M 75 58.46 -35.91 52.45
N GLU M 76 58.69 -36.97 51.68
CA GLU M 76 58.64 -38.34 52.18
C GLU M 76 59.99 -38.77 52.73
N THR M 77 59.98 -39.86 53.51
CA THR M 77 61.20 -40.34 54.14
C THR M 77 61.31 -41.85 54.03
N THR M 78 60.94 -42.42 52.88
CA THR M 78 60.93 -43.87 52.75
C THR M 78 61.42 -44.38 51.39
N ILE M 79 61.91 -43.51 50.52
CA ILE M 79 62.24 -43.93 49.17
C ILE M 79 63.55 -44.71 49.15
N GLN M 80 63.50 -45.89 48.55
CA GLN M 80 64.66 -46.76 48.37
C GLN M 80 64.91 -46.94 46.88
N VAL M 81 66.18 -47.02 46.51
CA VAL M 81 66.60 -47.16 45.12
C VAL M 81 67.52 -48.35 45.04
N VAL M 82 67.37 -49.17 44.02
CA VAL M 82 68.20 -50.36 43.81
C VAL M 82 68.95 -50.18 42.49
N ILE M 83 70.26 -50.44 42.53
CA ILE M 83 71.11 -50.41 41.35
C ILE M 83 71.49 -51.85 41.01
N GLN M 84 71.22 -52.25 39.77
CA GLN M 84 71.38 -53.62 39.32
C GLN M 84 72.50 -53.69 38.29
N ASP M 85 73.60 -54.34 38.66
CA ASP M 85 74.77 -54.49 37.80
C ASP M 85 74.87 -55.92 37.30
N THR M 86 75.16 -56.08 36.02
CA THR M 86 75.54 -57.38 35.47
C THR M 86 76.90 -57.26 34.80
N THR M 87 77.80 -58.17 35.17
CA THR M 87 79.18 -58.19 34.73
C THR M 87 79.48 -59.49 34.00
N ASP M 88 80.64 -59.53 33.35
CA ASP M 88 81.04 -60.70 32.58
C ASP M 88 81.81 -61.68 33.46
N SER M 89 82.48 -62.64 32.82
CA SER M 89 83.23 -63.69 33.51
C SER M 89 84.47 -63.18 34.26
N ARG M 90 84.96 -61.99 33.93
CA ARG M 90 86.15 -61.45 34.56
C ARG M 90 85.84 -60.36 35.55
N GLY M 91 84.58 -60.05 35.77
CA GLY M 91 84.20 -58.92 36.60
C GLY M 91 84.11 -57.60 35.88
N ASN M 92 84.16 -57.59 34.55
CA ASN M 92 83.97 -56.37 33.80
C ASN M 92 82.49 -56.02 33.70
N LEU M 93 82.15 -54.78 34.02
CA LEU M 93 80.76 -54.36 33.99
C LEU M 93 80.24 -54.35 32.56
N THR M 94 79.12 -55.03 32.35
CA THR M 94 78.48 -55.07 31.04
C THR M 94 77.20 -54.27 30.97
N GLU M 95 76.46 -54.15 32.07
CA GLU M 95 75.23 -53.38 32.02
C GLU M 95 74.83 -52.95 33.44
N ARG M 96 74.18 -51.79 33.53
CA ARG M 96 73.75 -51.23 34.79
C ARG M 96 72.38 -50.59 34.65
N LYS M 97 71.51 -50.82 35.63
CA LYS M 97 70.17 -50.26 35.65
C LYS M 97 69.82 -49.79 37.06
N ALA M 98 68.76 -48.99 37.18
CA ALA M 98 68.33 -48.49 38.47
C ALA M 98 66.81 -48.42 38.54
N SER M 99 66.27 -48.63 39.74
CA SER M 99 64.83 -48.55 39.95
C SER M 99 64.55 -48.04 41.36
N ALA M 100 63.32 -47.55 41.57
CA ALA M 100 62.92 -46.95 42.84
C ALA M 100 61.66 -47.60 43.38
N ARG M 101 61.51 -47.54 44.71
CA ARG M 101 60.30 -47.98 45.39
C ARG M 101 60.08 -47.14 46.64
N ILE M 102 58.84 -47.09 47.10
CA ILE M 102 58.49 -46.44 48.35
C ILE M 102 57.79 -47.46 49.24
N THR M 103 58.26 -47.60 50.48
CA THR M 103 57.73 -48.63 51.37
C THR M 103 56.50 -48.15 52.13
N SER M 104 56.54 -46.94 52.66
CA SER M 104 55.37 -46.43 53.38
C SER M 104 55.20 -44.93 53.18
N PRO M 105 54.19 -44.50 52.42
CA PRO M 105 54.01 -43.06 52.17
C PRO M 105 53.18 -42.37 53.23
N SER M 106 53.37 -41.05 53.29
CA SER M 106 52.70 -40.24 54.31
C SER M 106 51.20 -40.18 54.04
N PRO M 107 50.38 -40.09 55.08
CA PRO M 107 48.93 -39.98 54.88
C PRO M 107 48.45 -38.60 54.45
N HIS M 108 49.30 -37.57 54.53
CA HIS M 108 48.93 -36.21 54.16
C HIS M 108 49.09 -36.03 52.65
N ASN M 109 47.99 -36.13 51.90
CA ASN M 109 48.02 -36.07 50.43
C ASN M 109 47.04 -35.03 49.91
N LEU M 110 46.95 -33.88 50.58
CA LEU M 110 45.94 -32.91 50.17
C LEU M 110 46.40 -32.09 48.97
N TYR M 111 47.70 -31.82 48.88
CA TYR M 111 48.24 -31.05 47.76
C TYR M 111 48.22 -31.85 46.45
N TYR M 112 48.39 -33.17 46.52
CA TYR M 112 48.34 -33.97 45.30
C TYR M 112 46.91 -34.18 44.83
N SER M 113 45.98 -34.26 45.78
CA SER M 113 44.58 -34.41 45.41
C SER M 113 44.08 -33.20 44.66
N MET M 114 44.57 -32.01 45.00
CA MET M 114 44.16 -30.82 44.27
C MET M 114 44.69 -30.83 42.85
N GLN M 115 45.91 -31.33 42.65
CA GLN M 115 46.41 -31.53 41.29
C GLN M 115 45.52 -32.46 40.50
N ALA M 116 45.18 -33.60 41.10
CA ALA M 116 44.32 -34.56 40.40
C ALA M 116 42.95 -33.97 40.12
N TYR M 117 42.43 -33.18 41.05
CA TYR M 117 41.13 -32.55 40.87
C TYR M 117 41.15 -31.59 39.70
N PHE M 118 42.13 -30.68 39.68
CA PHE M 118 42.14 -29.69 38.61
C PHE M 118 42.49 -30.31 37.26
N ALA M 119 43.16 -31.47 37.26
CA ALA M 119 43.43 -32.15 36.00
C ALA M 119 42.19 -32.76 35.37
N ASN M 120 41.12 -33.00 36.14
CA ASN M 120 39.92 -33.66 35.66
C ASN M 120 38.76 -32.71 35.45
N GLY M 121 38.98 -31.41 35.56
CA GLY M 121 37.91 -30.45 35.57
C GLY M 121 37.64 -29.94 36.97
N GLY M 122 36.70 -29.03 37.07
CA GLY M 122 36.39 -28.48 38.37
C GLY M 122 36.15 -27.00 38.32
N GLY M 123 36.33 -26.31 39.44
CA GLY M 123 36.12 -24.90 39.50
C GLY M 123 36.26 -24.36 40.89
N PRO M 124 35.40 -23.43 41.26
CA PRO M 124 35.38 -22.92 42.64
C PRO M 124 35.17 -24.05 43.62
N CYS M 125 36.00 -24.10 44.65
CA CYS M 125 35.84 -25.06 45.74
C CYS M 125 36.17 -24.35 47.05
N TYR M 126 35.83 -25.01 48.15
CA TYR M 126 36.14 -24.51 49.48
C TYR M 126 37.16 -25.40 50.16
N ILE M 127 38.09 -24.78 50.87
CA ILE M 127 39.13 -25.48 51.62
C ILE M 127 38.89 -25.23 53.10
N VAL M 128 38.95 -26.29 53.89
CA VAL M 128 38.88 -26.20 55.34
C VAL M 128 40.12 -26.84 55.90
N SER M 129 41.03 -26.02 56.40
CA SER M 129 42.31 -26.48 56.93
C SER M 129 42.11 -26.91 58.38
N VAL M 130 42.10 -28.22 58.59
CA VAL M 130 41.99 -28.83 59.91
C VAL M 130 43.39 -29.10 60.45
N GLY M 131 44.02 -28.10 61.04
CA GLY M 131 45.34 -28.28 61.64
C GLY M 131 46.46 -28.42 60.63
N PRO M 132 47.70 -28.34 61.08
CA PRO M 132 48.84 -28.46 60.16
C PRO M 132 49.28 -29.90 59.97
N MET M 133 49.74 -30.21 58.75
CA MET M 133 50.19 -31.56 58.47
C MET M 133 51.45 -31.90 59.24
N SER M 134 51.55 -33.16 59.67
CA SER M 134 52.60 -33.62 60.57
C SER M 134 53.33 -34.80 59.94
N ASN M 135 54.64 -34.87 60.21
CA ASN M 135 55.44 -35.97 59.68
C ASN M 135 55.05 -37.29 60.34
N THR M 136 54.77 -37.28 61.65
CA THR M 136 54.41 -38.51 62.34
C THR M 136 53.19 -39.18 61.72
N GLY M 137 52.28 -38.40 61.15
CA GLY M 137 51.15 -38.97 60.45
C GLY M 137 49.94 -39.27 61.29
N THR M 138 49.64 -38.44 62.28
CA THR M 138 48.47 -38.63 63.13
C THR M 138 47.30 -37.84 62.56
N ILE M 139 46.19 -38.52 62.33
CA ILE M 139 44.96 -37.90 61.84
C ILE M 139 43.87 -38.21 62.85
N GLN M 140 43.24 -37.16 63.38
CA GLN M 140 42.31 -37.28 64.49
C GLN M 140 40.87 -37.06 64.04
N LEU M 141 39.95 -37.85 64.60
CA LEU M 141 38.54 -37.77 64.25
C LEU M 141 37.92 -36.44 64.68
N GLU M 142 38.27 -35.97 65.88
CA GLU M 142 37.59 -34.82 66.45
C GLU M 142 37.83 -33.57 65.61
N ALA M 143 39.04 -33.43 65.09
CA ALA M 143 39.36 -32.29 64.25
C ALA M 143 38.56 -32.31 62.96
N LEU M 144 38.41 -33.49 62.36
CA LEU M 144 37.60 -33.60 61.14
C LEU M 144 36.14 -33.30 61.44
N GLN M 145 35.67 -33.70 62.62
CA GLN M 145 34.30 -33.38 63.00
C GLN M 145 34.11 -31.89 63.19
N ASN M 146 35.11 -31.20 63.73
CA ASN M 146 35.01 -29.74 63.84
C ASN M 146 34.99 -29.10 62.46
N GLY M 147 35.79 -29.62 61.54
CA GLY M 147 35.77 -29.10 60.17
C GLY M 147 34.41 -29.26 59.51
N LEU M 148 33.81 -30.45 59.63
CA LEU M 148 32.47 -30.75 59.05
C LEU M 148 31.42 -29.89 59.74
N ALA M 149 31.58 -29.62 61.03
CA ALA M 149 30.64 -28.75 61.71
C ALA M 149 30.73 -27.33 61.18
N GLU M 150 31.93 -26.90 60.82
CA GLU M 150 32.09 -25.55 60.29
C GLU M 150 31.60 -25.40 58.86
N VAL M 151 31.70 -26.45 58.03
CA VAL M 151 31.26 -26.28 56.64
C VAL M 151 29.75 -26.14 56.52
N ALA M 152 28.98 -26.35 57.60
CA ALA M 152 27.53 -26.25 57.50
C ALA M 152 27.08 -24.82 57.19
N LYS M 153 27.95 -23.84 57.35
CA LYS M 153 27.61 -22.43 57.23
C LYS M 153 27.79 -21.88 55.82
N GLU M 154 28.24 -22.69 54.86
CA GLU M 154 28.39 -22.28 53.48
C GLU M 154 27.23 -22.80 52.64
N ASP M 155 26.68 -21.93 51.79
CA ASP M 155 25.57 -22.34 50.94
C ASP M 155 25.98 -22.84 49.57
N GLU M 156 27.11 -22.38 49.05
CA GLU M 156 27.50 -22.82 47.72
C GLU M 156 27.93 -24.27 47.68
N VAL M 157 28.16 -24.90 48.83
CA VAL M 157 28.67 -26.25 48.87
C VAL M 157 27.55 -27.23 48.53
N THR M 158 27.83 -28.13 47.59
CA THR M 158 26.93 -29.21 47.26
C THR M 158 27.51 -30.61 47.48
N LEU M 159 28.83 -30.73 47.63
CA LEU M 159 29.48 -32.03 47.74
C LEU M 159 30.48 -32.01 48.88
N LEU M 160 30.61 -33.13 49.59
CA LEU M 160 31.50 -33.25 50.74
C LEU M 160 32.54 -34.34 50.48
N VAL M 161 33.82 -33.99 50.59
CA VAL M 161 34.92 -34.90 50.30
C VAL M 161 35.87 -34.93 51.49
N PHE M 162 36.29 -36.14 51.88
CA PHE M 162 37.25 -36.35 52.96
C PHE M 162 38.45 -37.11 52.41
N PRO M 163 39.42 -36.41 51.83
CA PRO M 163 40.56 -37.11 51.21
C PRO M 163 41.36 -37.96 52.19
N GLU M 164 41.62 -37.45 53.39
CA GLU M 164 42.44 -38.14 54.38
C GLU M 164 41.55 -38.82 55.41
N SER M 165 40.91 -39.92 55.00
CA SER M 165 40.08 -40.70 55.90
C SER M 165 40.34 -42.19 55.81
N GLN M 166 41.19 -42.63 54.89
CA GLN M 166 41.52 -44.04 54.79
C GLN M 166 42.49 -44.50 55.87
N SER M 167 43.09 -43.57 56.60
CA SER M 167 43.99 -43.91 57.69
C SER M 167 43.28 -44.03 59.02
N LEU M 168 41.99 -43.70 59.09
CA LEU M 168 41.24 -43.87 60.32
C LEU M 168 40.82 -45.31 60.50
N SER M 169 40.43 -45.64 61.73
CA SER M 169 39.93 -46.97 62.06
C SER M 169 38.48 -47.10 61.60
N ASP M 170 37.98 -48.33 61.64
CA ASP M 170 36.63 -48.60 61.14
C ASP M 170 35.58 -47.88 61.96
N GLU M 171 35.75 -47.84 63.28
CA GLU M 171 34.75 -47.17 64.12
C GLU M 171 34.75 -45.66 63.87
N ASN M 172 35.93 -45.05 63.84
CA ASN M 172 36.02 -43.63 63.58
C ASN M 172 35.55 -43.29 62.18
N TYR M 173 35.86 -44.16 61.21
CA TYR M 173 35.40 -43.97 59.85
C TYR M 173 33.89 -44.00 59.77
N ALA M 174 33.27 -44.99 60.41
CA ALA M 174 31.81 -45.08 60.40
C ALA M 174 31.18 -43.88 61.09
N ALA M 175 31.77 -43.42 62.20
CA ALA M 175 31.24 -42.27 62.90
C ALA M 175 31.28 -41.01 62.02
N LEU M 176 32.39 -40.80 61.33
CA LEU M 176 32.51 -39.63 60.47
C LEU M 176 31.51 -39.69 59.32
N MET M 177 31.40 -40.86 58.68
CA MET M 177 30.48 -40.98 57.56
C MET M 177 29.04 -40.80 58.01
N SER M 178 28.71 -41.27 59.22
CA SER M 178 27.37 -41.07 59.74
C SER M 178 27.09 -39.59 59.98
N ALA M 179 28.06 -38.87 60.54
CA ALA M 179 27.86 -37.43 60.75
C ALA M 179 27.66 -36.69 59.44
N ALA M 180 28.44 -37.04 58.41
CA ALA M 180 28.28 -36.39 57.12
C ALA M 180 26.90 -36.65 56.54
N LEU M 181 26.47 -37.91 56.55
CA LEU M 181 25.15 -38.24 56.02
C LEU M 181 24.05 -37.56 56.82
N GLU M 182 24.25 -37.38 58.13
CA GLU M 182 23.24 -36.70 58.93
C GLU M 182 23.14 -35.23 58.56
N GLN M 183 24.29 -34.58 58.30
CA GLN M 183 24.22 -33.19 57.84
C GLN M 183 23.48 -33.09 56.52
N CYS M 184 23.80 -33.96 55.56
CA CYS M 184 23.09 -33.91 54.28
C CYS M 184 21.60 -34.18 54.46
N ALA M 185 21.25 -35.10 55.35
CA ALA M 185 19.83 -35.36 55.62
C ALA M 185 19.13 -34.14 56.21
N ASN M 186 19.85 -33.35 57.01
CA ASN M 186 19.24 -32.20 57.63
C ASN M 186 19.09 -31.02 56.67
N LEU M 187 20.10 -30.77 55.82
CA LEU M 187 20.00 -29.61 54.94
C LEU M 187 19.27 -29.92 53.64
N GLN M 188 19.33 -31.18 53.18
CA GLN M 188 18.60 -31.63 51.99
C GLN M 188 19.06 -30.94 50.72
N ASP M 189 20.36 -30.63 50.64
CA ASP M 189 20.90 -30.04 49.43
C ASP M 189 22.32 -30.51 49.12
N ARG M 190 22.76 -31.65 49.66
CA ARG M 190 24.14 -32.07 49.54
C ARG M 190 24.24 -33.56 49.27
N PHE M 191 25.45 -33.99 48.89
CA PHE M 191 25.74 -35.37 48.57
C PHE M 191 27.16 -35.68 49.03
N THR M 192 27.40 -36.91 49.49
CA THR M 192 28.73 -37.33 49.93
C THR M 192 29.27 -38.44 49.03
N VAL M 193 30.60 -38.44 48.86
CA VAL M 193 31.31 -39.42 48.06
C VAL M 193 32.36 -40.08 48.96
N MET M 194 32.40 -41.41 48.95
CA MET M 194 33.26 -42.17 49.85
C MET M 194 34.23 -43.06 49.08
N ASP M 195 35.38 -43.33 49.70
CA ASP M 195 36.40 -44.21 49.16
C ASP M 195 36.40 -45.51 49.96
N LEU M 196 36.30 -46.63 49.27
CA LEU M 196 36.36 -47.93 49.95
C LEU M 196 37.75 -48.17 50.49
N LYS M 197 37.83 -48.62 51.74
CA LYS M 197 39.11 -49.00 52.34
C LYS M 197 39.55 -50.37 51.86
N LEU M 198 40.81 -50.49 51.49
CA LEU M 198 41.36 -51.75 51.01
C LEU M 198 42.48 -52.20 51.94
N PRO M 199 42.88 -53.48 51.90
CA PRO M 199 43.93 -53.96 52.80
C PRO M 199 45.21 -53.16 52.70
N ALA M 200 45.93 -53.04 53.82
CA ALA M 200 47.18 -52.30 53.86
C ALA M 200 48.42 -53.19 53.88
N THR M 201 48.31 -54.39 53.31
CA THR M 201 49.42 -55.33 53.26
C THR M 201 50.14 -55.21 51.92
N ARG M 202 51.27 -55.90 51.77
CA ARG M 202 52.00 -55.82 50.50
C ARG M 202 52.71 -57.12 50.07
N PRO M 203 52.60 -57.48 48.78
CA PRO M 203 51.70 -56.79 47.87
C PRO M 203 50.32 -57.41 48.01
N ILE M 204 49.35 -56.67 47.50
CA ILE M 204 47.94 -57.05 47.57
C ILE M 204 47.63 -58.52 47.31
N PRO M 205 46.91 -59.14 48.27
CA PRO M 205 46.51 -60.55 48.17
C PRO M 205 45.49 -60.70 47.04
N ALA M 206 45.52 -61.83 46.35
CA ALA M 206 44.60 -62.07 45.25
C ALA M 206 43.15 -61.94 45.68
N ASN M 207 42.36 -61.30 44.83
CA ASN M 207 40.93 -61.08 45.09
C ASN M 207 40.59 -60.53 46.47
N ALA M 208 41.25 -59.46 46.88
CA ALA M 208 40.93 -58.86 48.20
C ALA M 208 39.63 -58.05 48.27
N ILE M 209 39.21 -57.49 47.14
CA ILE M 209 38.00 -56.70 46.99
C ILE M 209 36.82 -57.39 47.67
N VAL M 210 36.76 -58.72 47.60
CA VAL M 210 35.68 -59.46 48.22
C VAL M 210 35.71 -59.32 49.73
N GLY M 211 36.92 -59.30 50.30
CA GLY M 211 37.02 -59.10 51.75
C GLY M 211 36.70 -57.67 52.15
N ALA M 212 37.20 -56.72 51.36
CA ALA M 212 36.97 -55.30 51.64
C ALA M 212 35.50 -54.95 51.58
N SER M 213 34.75 -55.51 50.63
CA SER M 213 33.34 -55.18 50.55
C SER M 213 32.56 -55.77 51.71
N ASN M 214 32.97 -56.93 52.21
CA ASN M 214 32.31 -57.51 53.37
C ASN M 214 32.64 -56.72 54.63
N ALA M 215 33.86 -56.22 54.72
CA ALA M 215 34.20 -55.33 55.82
C ALA M 215 33.39 -54.04 55.76
N PHE M 216 33.20 -53.51 54.55
CA PHE M 216 32.45 -52.26 54.40
C PHE M 216 30.99 -52.43 54.81
N ARG M 217 30.35 -53.50 54.32
CA ARG M 217 28.93 -53.67 54.62
C ARG M 217 28.70 -53.92 56.10
N ASP M 218 29.74 -54.31 56.83
CA ASP M 218 29.61 -54.60 58.29
C ASP M 218 29.67 -53.31 59.12
N LEU M 219 29.87 -52.15 58.49
CA LEU M 219 29.85 -50.89 59.23
C LEU M 219 28.41 -50.50 59.52
N SER M 220 28.21 -49.84 60.65
CA SER M 220 26.88 -49.45 61.10
C SER M 220 26.63 -47.99 60.73
N LEU M 221 25.74 -47.78 59.76
CA LEU M 221 25.38 -46.47 59.25
C LEU M 221 23.87 -46.29 59.31
N PRO M 222 23.40 -45.06 59.51
CA PRO M 222 21.94 -44.85 59.62
C PRO M 222 21.24 -45.18 58.31
N GLN M 223 20.28 -46.11 58.40
CA GLN M 223 19.62 -46.63 57.20
C GLN M 223 18.72 -45.60 56.53
N ASP M 224 18.40 -44.51 57.21
CA ASP M 224 17.51 -43.51 56.63
C ASP M 224 18.22 -42.40 55.85
N ASN M 225 19.54 -42.34 55.96
CA ASN M 225 20.31 -41.31 55.29
C ASN M 225 21.18 -41.88 54.18
N LEU M 226 21.05 -43.17 53.90
CA LEU M 226 21.91 -43.82 52.91
C LEU M 226 21.65 -43.30 51.51
N LYS M 227 20.47 -42.74 51.25
CA LYS M 227 20.18 -42.22 49.94
C LYS M 227 20.94 -40.95 49.61
N TYR M 228 21.73 -40.41 50.54
CA TYR M 228 22.48 -39.17 50.34
C TYR M 228 23.96 -39.39 50.09
N GLY M 229 24.40 -40.59 49.74
CA GLY M 229 25.82 -40.79 49.52
C GLY M 229 26.13 -41.91 48.56
N ALA M 230 27.39 -41.97 48.15
CA ALA M 230 27.86 -42.97 47.19
C ALA M 230 29.26 -43.43 47.58
N CYS M 231 29.69 -44.55 47.00
CA CYS M 231 30.98 -45.15 47.32
C CYS M 231 31.66 -45.64 46.05
N TYR M 232 32.99 -45.56 46.04
CA TYR M 232 33.77 -45.97 44.87
C TYR M 232 34.99 -46.77 45.27
N ALA M 233 35.46 -47.61 44.36
CA ALA M 233 36.65 -48.42 44.54
C ALA M 233 37.20 -48.78 43.17
N PRO M 234 38.50 -49.10 43.07
CA PRO M 234 39.60 -49.01 44.02
C PRO M 234 40.47 -47.77 43.81
N ASP M 235 41.61 -47.74 44.48
CA ASP M 235 42.54 -46.63 44.35
C ASP M 235 43.23 -46.62 42.98
N ILE M 236 43.71 -45.44 42.60
CA ILE M 236 44.20 -45.19 41.24
C ILE M 236 45.64 -44.72 41.31
N GLU M 237 46.47 -45.21 40.38
CA GLU M 237 47.82 -44.70 40.19
C GLU M 237 47.83 -43.52 39.23
N THR M 238 48.69 -42.55 39.51
CA THR M 238 48.78 -41.33 38.74
C THR M 238 50.24 -41.01 38.46
N ILE M 239 50.44 -40.02 37.59
CA ILE M 239 51.76 -39.70 37.06
C ILE M 239 52.51 -38.67 37.88
N PHE M 240 51.91 -38.11 38.92
CA PHE M 240 52.54 -37.03 39.67
C PHE M 240 53.68 -37.56 40.53
N ASN M 241 54.57 -36.66 40.91
CA ASN M 241 55.82 -37.00 41.60
C ASN M 241 55.71 -36.78 43.10
N TYR M 242 56.67 -37.36 43.82
CA TYR M 242 56.79 -37.23 45.27
C TYR M 242 57.80 -36.16 45.64
N PHE M 243 57.63 -35.57 46.82
CA PHE M 243 58.62 -34.64 47.37
C PHE M 243 59.58 -35.39 48.29
N TYR M 244 60.85 -35.03 48.22
CA TYR M 244 61.87 -35.75 48.97
C TYR M 244 63.11 -34.87 49.14
N GLN M 245 64.04 -35.36 49.97
CA GLN M 245 65.36 -34.78 50.11
C GLN M 245 66.41 -35.82 49.75
N GLU M 246 67.53 -35.36 49.20
CA GLU M 246 68.60 -36.25 48.76
C GLU M 246 69.29 -37.04 49.85
N ASP M 247 69.27 -36.54 51.08
CA ASP M 247 69.92 -37.24 52.18
C ASP M 247 69.00 -38.21 52.91
N ALA M 248 67.78 -38.40 52.42
CA ALA M 248 66.86 -39.38 52.98
C ALA M 248 66.60 -40.56 52.07
N VAL M 249 67.19 -40.58 50.87
CA VAL M 249 66.99 -41.66 49.92
C VAL M 249 68.01 -42.76 50.19
N THR M 250 67.54 -43.99 50.36
CA THR M 250 68.40 -45.10 50.73
C THR M 250 68.75 -45.92 49.50
N ILE M 251 70.01 -46.37 49.40
CA ILE M 251 70.55 -46.99 48.20
C ILE M 251 70.90 -48.44 48.48
N PHE M 252 70.61 -49.31 47.52
CA PHE M 252 70.95 -50.73 47.55
C PHE M 252 71.61 -51.11 46.23
N ARG M 253 72.37 -52.21 46.25
CA ARG M 253 72.99 -52.74 45.04
C ARG M 253 72.76 -54.24 44.94
N SER M 254 72.70 -54.73 43.70
CA SER M 254 72.61 -56.16 43.43
C SER M 254 73.37 -56.48 42.15
N VAL M 255 74.20 -57.51 42.21
CA VAL M 255 75.09 -57.87 41.11
C VAL M 255 74.72 -59.24 40.57
N ASN M 256 74.51 -59.31 39.26
CA ASN M 256 74.22 -60.56 38.56
C ASN M 256 73.02 -61.28 39.18
N GLY M 257 72.06 -60.52 39.67
CA GLY M 257 70.90 -61.09 40.31
C GLY M 257 71.13 -61.59 41.71
N GLY M 258 72.20 -61.15 42.37
CA GLY M 258 72.51 -61.63 43.70
C GLY M 258 71.65 -60.99 44.77
N ALA M 259 72.13 -61.10 46.00
CA ALA M 259 71.42 -60.52 47.13
C ALA M 259 71.44 -58.99 47.06
N GLU M 260 70.39 -58.38 47.56
CA GLU M 260 70.25 -56.93 47.56
C GLU M 260 70.82 -56.37 48.85
N GLU M 261 71.90 -55.62 48.74
CA GLU M 261 72.63 -55.14 49.92
C GLU M 261 72.56 -53.63 50.00
N GLN M 262 72.48 -53.12 51.22
CA GLN M 262 72.37 -51.68 51.46
C GLN M 262 73.75 -51.04 51.43
N ASP M 263 73.86 -49.94 50.70
CA ASP M 263 75.09 -49.17 50.60
C ASP M 263 75.17 -48.22 51.80
N THR M 264 76.34 -47.62 52.01
CA THR M 264 76.56 -46.74 53.15
C THR M 264 76.46 -45.26 52.79
N LEU M 265 76.16 -44.93 51.55
CA LEU M 265 75.98 -43.55 51.13
C LEU M 265 74.50 -43.28 50.93
N THR M 266 74.14 -42.01 51.01
CA THR M 266 72.83 -41.54 50.60
C THR M 266 72.91 -41.05 49.15
N MET M 267 71.74 -40.71 48.59
CA MET M 267 71.74 -40.09 47.27
C MET M 267 72.63 -38.87 47.25
N ALA M 268 72.60 -38.07 48.32
CA ALA M 268 73.47 -36.91 48.43
C ALA M 268 74.94 -37.30 48.37
N GLY M 269 75.26 -38.55 48.72
CA GLY M 269 76.63 -38.99 48.64
C GLY M 269 77.15 -39.18 47.23
N TYR M 270 76.26 -39.23 46.24
CA TYR M 270 76.68 -39.35 44.85
C TYR M 270 76.58 -38.04 44.10
N ASN M 271 76.18 -36.96 44.77
CA ASN M 271 76.04 -35.68 44.12
C ASN M 271 77.41 -35.16 43.72
N PRO M 272 77.63 -34.79 42.45
CA PRO M 272 78.95 -34.30 42.05
C PRO M 272 79.35 -33.02 42.77
N ALA M 273 78.39 -32.22 43.24
CA ALA M 273 78.73 -31.04 44.01
C ALA M 273 79.43 -31.41 45.31
N ASN M 274 79.26 -32.64 45.78
CA ASN M 274 79.91 -33.14 46.97
C ASN M 274 81.07 -34.07 46.68
N GLY M 275 81.48 -34.17 45.41
CA GLY M 275 82.58 -35.04 45.06
C GLY M 275 82.21 -36.49 44.84
N GLY M 276 80.93 -36.79 44.57
CA GLY M 276 80.51 -38.14 44.28
C GLY M 276 80.52 -38.43 42.79
N ASP M 277 80.11 -39.66 42.46
CA ASP M 277 80.05 -40.10 41.07
C ASP M 277 78.71 -39.68 40.49
N GLY M 278 78.71 -38.63 39.67
CA GLY M 278 77.48 -38.15 39.07
C GLY M 278 76.88 -39.08 38.04
N ILE M 279 77.68 -39.99 37.48
CA ILE M 279 77.18 -40.88 36.45
C ILE M 279 76.08 -41.77 37.00
N GLN M 280 76.21 -42.19 38.26
CA GLN M 280 75.15 -42.96 38.91
C GLN M 280 74.10 -42.05 39.52
N TYR M 281 74.49 -40.83 39.88
CA TYR M 281 73.53 -39.86 40.40
C TYR M 281 72.42 -39.58 39.39
N ALA M 282 72.80 -39.46 38.12
CA ALA M 282 71.80 -39.27 37.07
C ALA M 282 70.82 -40.43 37.00
N LEU M 283 71.32 -41.66 37.14
CA LEU M 283 70.43 -42.81 37.14
C LEU M 283 69.51 -42.79 38.35
N ILE M 284 70.02 -42.36 39.50
CA ILE M 284 69.17 -42.28 40.69
C ILE M 284 68.06 -41.28 40.48
N GLU M 285 68.37 -40.12 39.91
CA GLU M 285 67.33 -39.13 39.63
C GLU M 285 66.28 -39.71 38.69
N SER M 286 66.73 -40.29 37.58
CA SER M 286 65.79 -40.77 36.57
C SER M 286 64.96 -41.92 37.08
N ALA M 287 65.49 -42.69 38.03
CA ALA M 287 64.70 -43.77 38.64
C ALA M 287 63.67 -43.21 39.60
N ILE M 288 64.06 -42.27 40.45
CA ILE M 288 63.08 -41.71 41.39
C ILE M 288 61.95 -41.04 40.65
N ASP M 289 62.25 -40.43 39.50
CA ASP M 289 61.23 -39.68 38.77
C ASP M 289 60.06 -40.54 38.31
N GLN M 290 60.25 -41.85 38.17
CA GLN M 290 59.27 -42.73 37.53
C GLN M 290 58.30 -43.41 38.49
N LEU M 291 58.40 -43.16 39.79
CA LEU M 291 57.53 -43.84 40.74
C LEU M 291 56.10 -43.28 40.69
N PRO M 292 55.08 -44.12 40.49
CA PRO M 292 53.71 -43.62 40.43
C PRO M 292 53.20 -43.16 41.79
N LEU M 293 52.18 -42.32 41.76
CA LEU M 293 51.56 -41.77 42.97
C LEU M 293 50.17 -42.39 43.17
N ILE M 294 49.90 -42.91 44.37
CA ILE M 294 48.65 -43.59 44.65
C ILE M 294 47.69 -42.63 45.33
N LEU M 295 46.48 -42.50 44.79
CA LEU M 295 45.44 -41.63 45.32
C LEU M 295 44.11 -42.35 45.38
N PRO M 296 43.21 -41.90 46.25
CA PRO M 296 41.86 -42.46 46.27
C PRO M 296 41.02 -41.89 45.16
N PRO M 297 39.90 -42.54 44.80
CA PRO M 297 39.13 -42.12 43.63
C PRO M 297 38.43 -40.77 43.77
N SER M 298 37.98 -40.42 44.97
CA SER M 298 37.07 -39.31 45.24
C SER M 298 37.47 -37.98 44.60
N PRO M 299 38.72 -37.51 44.78
CA PRO M 299 39.16 -36.27 44.10
C PRO M 299 38.91 -36.27 42.60
N LEU M 300 39.15 -37.40 41.92
CA LEU M 300 38.91 -37.47 40.49
C LEU M 300 37.43 -37.58 40.16
N VAL M 301 36.69 -38.31 41.00
CA VAL M 301 35.26 -38.49 40.74
C VAL M 301 34.53 -37.17 40.81
N VAL M 302 34.85 -36.33 41.79
CA VAL M 302 34.14 -35.06 41.91
C VAL M 302 34.46 -34.15 40.73
N GLY M 303 35.71 -34.16 40.25
CA GLY M 303 36.04 -33.40 39.05
C GLY M 303 35.26 -33.87 37.84
N GLN M 304 35.09 -35.19 37.70
CA GLN M 304 34.30 -35.69 36.58
C GLN M 304 32.83 -35.34 36.73
N TYR M 305 32.31 -35.26 37.96
CA TYR M 305 30.96 -34.73 38.14
C TYR M 305 30.86 -33.32 37.57
N ALA M 306 31.80 -32.46 37.97
CA ALA M 306 31.78 -31.08 37.49
C ALA M 306 31.90 -31.01 35.98
N ARG M 307 32.67 -31.91 35.39
CA ARG M 307 32.84 -31.89 33.95
C ARG M 307 31.59 -32.36 33.22
N THR M 308 30.92 -33.42 33.73
CA THR M 308 29.79 -33.97 32.98
C THR M 308 28.51 -33.19 33.18
N ASP M 309 28.33 -32.50 34.31
CA ASP M 309 27.13 -31.70 34.46
C ASP M 309 27.13 -30.48 33.55
N ASN M 310 28.24 -30.19 32.90
CA ASN M 310 28.36 -29.00 32.06
C ASN M 310 28.12 -29.27 30.58
N THR M 311 28.10 -30.52 30.15
CA THR M 311 27.86 -30.84 28.75
C THR M 311 26.57 -31.59 28.51
N ARG M 312 26.09 -32.35 29.48
CA ARG M 312 24.86 -33.11 29.34
C ARG M 312 23.76 -32.66 30.28
N GLY M 313 24.08 -32.26 31.51
CA GLY M 313 23.08 -31.86 32.46
C GLY M 313 23.14 -32.68 33.74
N VAL M 314 22.58 -32.16 34.83
CA VAL M 314 22.69 -32.84 36.10
C VAL M 314 21.93 -34.16 36.12
N TRP M 315 20.94 -34.32 35.24
CA TRP M 315 20.10 -35.52 35.21
C TRP M 315 20.71 -36.65 34.40
N LYS M 316 21.89 -36.44 33.80
CA LYS M 316 22.57 -37.49 33.06
C LYS M 316 23.52 -38.24 33.99
N ALA M 317 23.60 -39.56 33.82
CA ALA M 317 24.41 -40.37 34.72
C ALA M 317 25.89 -39.99 34.60
N PRO M 318 26.58 -39.71 35.71
CA PRO M 318 28.03 -39.46 35.66
C PRO M 318 28.84 -40.74 35.65
N ALA M 319 28.72 -41.47 34.55
CA ALA M 319 29.38 -42.76 34.40
C ALA M 319 29.71 -42.96 32.92
N ASN M 320 30.54 -43.96 32.64
CA ASN M 320 31.01 -44.25 31.29
C ASN M 320 31.84 -43.08 30.74
N VAL M 321 32.68 -42.51 31.60
CA VAL M 321 33.57 -41.41 31.24
C VAL M 321 34.99 -41.79 31.65
N ALA M 322 35.97 -41.25 30.93
CA ALA M 322 37.37 -41.61 31.10
C ALA M 322 38.11 -40.61 31.97
N LEU M 323 39.12 -41.10 32.68
CA LEU M 323 39.91 -40.31 33.61
C LEU M 323 41.22 -39.86 32.96
N SER M 324 41.68 -38.68 33.34
CA SER M 324 42.92 -38.12 32.81
C SER M 324 44.03 -38.17 33.85
N SER M 325 45.26 -38.10 33.35
CA SER M 325 46.48 -38.17 34.17
C SER M 325 46.50 -39.42 35.04
N VAL M 326 46.10 -40.54 34.47
CA VAL M 326 46.01 -41.82 35.17
C VAL M 326 46.79 -42.85 34.37
N ILE M 327 47.54 -43.71 35.07
CA ILE M 327 48.22 -44.82 34.42
C ILE M 327 47.36 -46.07 34.42
N LYS M 328 47.01 -46.56 35.61
CA LYS M 328 46.26 -47.81 35.73
C LYS M 328 45.69 -47.91 37.13
N PRO M 329 44.58 -48.64 37.31
CA PRO M 329 44.10 -48.92 38.67
C PRO M 329 44.97 -49.94 39.38
N VAL M 330 44.92 -49.90 40.71
CA VAL M 330 45.77 -50.79 41.49
C VAL M 330 45.26 -52.22 41.48
N LEU M 331 43.98 -52.45 41.27
CA LEU M 331 43.44 -53.78 41.23
C LEU M 331 42.57 -53.96 40.02
N LYS M 332 42.42 -55.20 39.58
CA LYS M 332 41.59 -55.59 38.44
C LYS M 332 40.31 -56.24 38.95
N ILE M 333 39.16 -55.73 38.51
CA ILE M 333 37.86 -56.26 38.90
C ILE M 333 37.28 -57.01 37.70
N THR M 334 36.69 -58.17 37.97
CA THR M 334 36.04 -58.99 36.96
C THR M 334 34.53 -58.81 37.01
N ASN M 335 33.85 -59.41 36.03
CA ASN M 335 32.38 -59.35 35.99
C ASN M 335 31.76 -60.09 37.17
N GLU M 336 32.34 -61.22 37.58
CA GLU M 336 31.74 -62.01 38.64
C GLU M 336 31.80 -61.28 39.97
N GLN M 337 32.88 -60.53 40.20
CA GLN M 337 32.98 -59.68 41.39
C GLN M 337 32.08 -58.46 41.26
N GLN M 338 31.97 -57.92 40.05
CA GLN M 338 31.06 -56.79 39.84
C GLN M 338 29.63 -57.16 40.15
N ASN M 339 29.25 -58.42 39.93
CA ASN M 339 27.89 -58.84 40.24
C ASN M 339 27.54 -58.65 41.71
N ASN M 340 28.49 -58.89 42.60
CA ASN M 340 28.27 -58.71 44.02
C ASN M 340 28.53 -57.29 44.47
N LEU M 341 29.38 -56.56 43.76
CA LEU M 341 29.58 -55.14 44.11
C LEU M 341 28.36 -54.31 43.75
N ASN M 342 27.69 -54.63 42.63
CA ASN M 342 26.65 -53.75 42.11
C ASN M 342 25.30 -54.02 42.76
N VAL M 343 24.98 -55.27 43.05
CA VAL M 343 23.69 -55.65 43.65
C VAL M 343 23.98 -56.46 44.90
N HIS M 344 23.26 -56.16 45.98
CA HIS M 344 23.43 -56.86 47.24
C HIS M 344 22.14 -56.77 48.04
N PRO M 345 21.78 -57.82 48.78
CA PRO M 345 20.52 -57.79 49.55
C PRO M 345 20.44 -56.67 50.57
N THR M 346 21.55 -56.09 50.99
CA THR M 346 21.53 -55.02 51.97
C THR M 346 21.35 -53.64 51.34
N GLY M 347 21.40 -53.55 50.01
CA GLY M 347 21.24 -52.29 49.32
C GLY M 347 22.49 -51.45 49.21
N LYS M 348 23.55 -51.74 49.95
CA LYS M 348 24.76 -50.96 49.87
C LYS M 348 25.56 -51.38 48.63
N SER M 349 25.88 -50.40 47.78
CA SER M 349 26.41 -50.70 46.47
C SER M 349 27.74 -50.01 46.30
N ILE M 350 28.59 -50.59 45.47
CA ILE M 350 29.95 -50.14 45.26
C ILE M 350 30.16 -49.94 43.77
N ASN M 351 30.43 -48.70 43.37
CA ASN M 351 30.66 -48.39 41.98
C ASN M 351 32.13 -48.60 41.64
N ALA M 352 32.40 -49.15 40.48
CA ALA M 352 33.74 -49.60 40.13
C ALA M 352 34.43 -48.65 39.17
N ILE M 353 35.75 -48.76 39.09
CA ILE M 353 36.56 -48.03 38.12
C ILE M 353 37.44 -49.06 37.42
N ARG M 354 37.19 -49.27 36.13
CA ARG M 354 37.76 -50.41 35.42
C ARG M 354 38.44 -49.97 34.14
N ALA M 355 39.45 -50.72 33.73
CA ALA M 355 40.15 -50.44 32.48
C ALA M 355 39.61 -51.33 31.36
N PHE M 356 39.43 -50.74 30.18
CA PHE M 356 38.91 -51.43 29.02
C PHE M 356 39.88 -51.24 27.88
N THR M 357 40.24 -52.31 27.19
CA THR M 357 41.27 -52.25 26.11
C THR M 357 41.03 -51.18 25.05
N GLY M 358 41.92 -50.18 24.96
CA GLY M 358 41.84 -49.12 23.95
C GLY M 358 41.04 -47.91 24.37
N LYS M 359 40.36 -47.95 25.52
CA LYS M 359 39.45 -46.84 25.91
C LYS M 359 39.97 -46.04 27.11
N GLY M 360 41.07 -46.47 27.74
CA GLY M 360 41.51 -45.89 29.03
C GLY M 360 40.87 -46.51 30.24
N THR M 361 40.85 -45.79 31.37
CA THR M 361 40.20 -46.29 32.60
C THR M 361 38.90 -45.50 32.77
N LEU M 362 37.78 -46.17 33.03
CA LEU M 362 36.49 -45.49 33.04
C LEU M 362 35.73 -45.82 34.31
N ILE M 363 34.86 -44.88 34.70
CA ILE M 363 33.92 -45.06 35.80
C ILE M 363 32.78 -45.95 35.33
N TRP M 364 32.46 -46.97 36.13
CA TRP M 364 31.51 -48.01 35.76
C TRP M 364 30.59 -48.24 36.95
N GLY M 365 29.42 -47.64 36.92
CA GLY M 365 28.41 -47.74 37.96
C GLY M 365 27.97 -46.37 38.46
N ALA M 366 26.65 -46.23 38.64
CA ALA M 366 26.04 -44.96 38.98
C ALA M 366 24.91 -45.12 40.01
N ARG M 367 25.11 -45.93 41.04
CA ARG M 367 24.07 -46.14 42.04
C ARG M 367 24.44 -45.52 43.38
N THR M 368 23.42 -45.29 44.20
CA THR M 368 23.59 -44.78 45.55
C THR M 368 23.75 -45.94 46.55
N LEU M 369 23.91 -45.58 47.82
CA LEU M 369 23.98 -46.57 48.88
C LEU M 369 22.63 -47.18 49.23
N ALA M 370 21.58 -46.85 48.48
CA ALA M 370 20.23 -47.33 48.69
C ALA M 370 19.73 -47.99 47.42
N GLY M 371 20.57 -48.87 46.86
CA GLY M 371 20.37 -49.38 45.52
C GLY M 371 19.12 -50.22 45.32
N ASN M 372 18.47 -50.66 46.40
CA ASN M 372 17.20 -51.36 46.28
C ASN M 372 16.00 -50.44 46.35
N ASP M 373 16.21 -49.14 46.47
CA ASP M 373 15.12 -48.19 46.57
C ASP M 373 14.63 -47.85 45.17
N ASN M 374 13.32 -48.03 44.93
CA ASN M 374 12.77 -47.79 43.60
C ASN M 374 12.83 -46.33 43.19
N GLU M 375 12.92 -45.41 44.16
CA GLU M 375 12.95 -43.98 43.86
C GLU M 375 14.36 -43.39 43.87
N TRP M 376 15.21 -43.80 44.81
CA TRP M 376 16.52 -43.19 45.01
C TRP M 376 17.65 -44.13 44.63
N ARG M 377 17.42 -44.97 43.63
CA ARG M 377 18.45 -45.92 43.21
C ARG M 377 19.66 -45.21 42.61
N TYR M 378 19.45 -44.16 41.83
CA TYR M 378 20.51 -43.58 41.03
C TYR M 378 20.97 -42.22 41.54
N VAL M 379 22.22 -41.89 41.26
CA VAL M 379 22.81 -40.64 41.72
C VAL M 379 22.15 -39.43 41.06
N SER M 380 21.96 -39.51 39.76
CA SER M 380 21.51 -38.34 39.01
C SER M 380 20.11 -37.91 39.40
N VAL M 381 19.23 -38.87 39.74
CA VAL M 381 17.88 -38.52 40.14
C VAL M 381 17.91 -37.75 41.45
N ARG M 382 18.69 -38.21 42.41
CA ARG M 382 18.74 -37.55 43.70
C ARG M 382 19.36 -36.16 43.59
N ARG M 383 20.43 -36.02 42.80
CA ARG M 383 21.05 -34.71 42.65
C ARG M 383 20.10 -33.74 41.95
N PHE M 384 19.38 -34.21 40.93
CA PHE M 384 18.43 -33.36 40.25
C PHE M 384 17.31 -32.90 41.19
N PHE M 385 16.78 -33.82 42.00
CA PHE M 385 15.75 -33.44 42.96
C PHE M 385 16.27 -32.40 43.94
N ASN M 386 17.51 -32.55 44.40
CA ASN M 386 18.08 -31.55 45.29
C ASN M 386 18.11 -30.17 44.63
N MET M 387 18.59 -30.13 43.38
CA MET M 387 18.65 -28.86 42.67
C MET M 387 17.27 -28.23 42.52
N ALA M 388 16.28 -29.04 42.12
CA ALA M 388 14.96 -28.50 41.86
C ALA M 388 14.32 -27.94 43.11
N GLU M 389 14.42 -28.67 44.22
CA GLU M 389 13.79 -28.18 45.45
C GLU M 389 14.51 -26.95 45.98
N GLU M 390 15.83 -26.87 45.80
CA GLU M 390 16.52 -25.66 46.22
C GLU M 390 16.05 -24.45 45.41
N SER M 391 15.90 -24.61 44.10
CA SER M 391 15.43 -23.48 43.29
C SER M 391 14.01 -23.09 43.67
N ILE M 392 13.16 -24.07 43.98
CA ILE M 392 11.78 -23.76 44.37
C ILE M 392 11.77 -23.00 45.70
N LYS M 393 12.58 -23.42 46.67
CA LYS M 393 12.70 -22.69 47.93
C LYS M 393 13.11 -21.25 47.69
N LYS M 394 14.16 -21.05 46.89
CA LYS M 394 14.63 -19.69 46.64
C LYS M 394 13.57 -18.85 45.94
N GLY M 395 12.79 -19.47 45.06
CA GLY M 395 11.74 -18.74 44.37
C GLY M 395 10.59 -18.36 45.29
N SER M 396 10.23 -19.24 46.23
CA SER M 396 9.07 -19.01 47.07
C SER M 396 9.44 -18.47 48.44
N GLU M 397 10.65 -17.95 48.57
CA GLU M 397 10.98 -17.24 49.81
C GLU M 397 10.37 -15.84 49.91
N PRO M 398 10.40 -15.02 48.85
CA PRO M 398 9.93 -13.63 49.01
C PRO M 398 8.51 -13.49 49.53
N PHE M 399 7.67 -14.50 49.41
CA PHE M 399 6.31 -14.35 49.93
C PHE M 399 6.20 -14.51 51.46
N VAL M 400 7.26 -14.52 52.25
CA VAL M 400 7.13 -14.61 53.69
C VAL M 400 6.45 -13.34 54.22
N PHE M 401 5.54 -13.53 55.18
CA PHE M 401 4.79 -12.43 55.80
C PHE M 401 3.97 -11.66 54.77
N GLU M 402 3.32 -12.40 53.88
CA GLU M 402 2.35 -11.90 52.93
C GLU M 402 0.97 -12.49 53.22
N PRO M 403 -0.10 -11.87 52.74
CA PRO M 403 -1.43 -12.40 53.05
C PRO M 403 -1.61 -13.81 52.52
N ASN M 404 -2.14 -14.69 53.38
CA ASN M 404 -2.35 -16.09 53.07
C ASN M 404 -3.71 -16.27 52.40
N ASP M 405 -3.77 -15.90 51.12
CA ASP M 405 -5.02 -15.93 50.38
C ASP M 405 -4.76 -16.41 48.95
N ALA M 406 -5.81 -16.36 48.13
CA ALA M 406 -5.78 -17.01 46.82
C ALA M 406 -4.80 -16.33 45.87
N ASN M 407 -4.56 -15.03 46.02
CA ASN M 407 -3.72 -14.33 45.06
C ASN M 407 -2.27 -14.76 45.18
N THR M 408 -1.78 -14.86 46.42
CA THR M 408 -0.43 -15.35 46.63
C THR M 408 -0.28 -16.78 46.13
N TRP M 409 -1.31 -17.61 46.35
CA TRP M 409 -1.27 -18.98 45.88
C TRP M 409 -1.16 -19.06 44.38
N THR M 410 -1.92 -18.21 43.68
CA THR M 410 -1.83 -18.12 42.23
C THR M 410 -0.41 -17.77 41.79
N LYS M 411 0.17 -16.74 42.41
CA LYS M 411 1.51 -16.32 42.01
C LYS M 411 2.55 -17.43 42.22
N VAL M 412 2.48 -18.09 43.38
CA VAL M 412 3.43 -19.15 43.69
C VAL M 412 3.31 -20.29 42.70
N LYS M 413 2.08 -20.71 42.41
CA LYS M 413 1.87 -21.79 41.45
C LYS M 413 2.43 -21.42 40.08
N ALA M 414 2.24 -20.16 39.67
CA ALA M 414 2.77 -19.73 38.38
C ALA M 414 4.28 -19.86 38.34
N MET M 415 4.96 -19.40 39.38
CA MET M 415 6.41 -19.49 39.42
C MET M 415 6.88 -20.94 39.30
N ILE M 416 6.27 -21.83 40.10
CA ILE M 416 6.72 -23.22 40.10
C ILE M 416 6.49 -23.86 38.73
N GLU M 417 5.34 -23.59 38.13
CA GLU M 417 5.04 -24.21 36.84
C GLU M 417 5.96 -23.71 35.74
N ASN M 418 6.32 -22.43 35.78
CA ASN M 418 7.26 -21.94 34.76
C ASN M 418 8.62 -22.61 34.90
N PHE M 419 9.10 -22.77 36.13
CA PHE M 419 10.38 -23.46 36.33
C PHE M 419 10.31 -24.91 35.82
N LEU M 420 9.23 -25.61 36.15
CA LEU M 420 9.13 -27.00 35.71
C LEU M 420 8.98 -27.11 34.20
N THR M 421 8.33 -26.15 33.56
CA THR M 421 8.25 -26.16 32.10
C THR M 421 9.62 -25.99 31.47
N LEU M 422 10.41 -25.06 31.99
CA LEU M 422 11.78 -24.91 31.48
C LEU M 422 12.57 -26.19 31.68
N GLN M 423 12.35 -26.90 32.78
CA GLN M 423 13.09 -28.14 32.98
C GLN M 423 12.62 -29.22 32.01
N TRP M 424 11.31 -29.29 31.74
CA TRP M 424 10.78 -30.29 30.82
C TRP M 424 11.36 -30.11 29.43
N ARG M 425 11.37 -28.87 28.93
CA ARG M 425 11.70 -28.72 27.51
C ARG M 425 13.16 -29.00 27.19
N ALA M 426 14.02 -29.15 28.19
CA ALA M 426 15.43 -29.45 27.96
C ALA M 426 15.71 -30.95 27.97
N GLY M 427 14.71 -31.79 28.21
CA GLY M 427 14.88 -33.22 28.21
C GLY M 427 15.13 -33.87 29.55
N ALA M 428 14.85 -33.17 30.66
CA ALA M 428 15.04 -33.78 31.97
C ALA M 428 13.85 -34.63 32.39
N LEU M 429 12.65 -34.24 32.00
CA LEU M 429 11.43 -34.90 32.43
C LEU M 429 10.77 -35.62 31.27
N ALA M 430 10.07 -36.69 31.59
CA ALA M 430 9.35 -37.45 30.57
C ALA M 430 7.94 -36.91 30.39
N GLY M 431 7.37 -37.18 29.22
CA GLY M 431 6.01 -36.77 28.90
C GLY M 431 5.90 -36.07 27.57
N ALA M 432 4.72 -36.18 26.95
CA ALA M 432 4.51 -35.58 25.64
C ALA M 432 4.15 -34.10 25.73
N LYS M 433 3.57 -33.68 26.84
CA LYS M 433 3.29 -32.27 27.07
C LYS M 433 3.64 -31.93 28.51
N PRO M 434 3.62 -30.65 28.91
CA PRO M 434 3.82 -30.34 30.33
C PRO M 434 2.71 -30.84 31.23
N GLU M 435 1.60 -31.31 30.68
CA GLU M 435 0.51 -31.85 31.48
C GLU M 435 0.80 -33.26 31.96
N GLN M 436 1.66 -34.00 31.27
CA GLN M 436 2.00 -35.35 31.63
C GLN M 436 3.31 -35.46 32.37
N ALA M 437 4.03 -34.36 32.53
CA ALA M 437 5.36 -34.37 33.12
C ALA M 437 5.37 -33.99 34.59
N PHE M 438 4.44 -33.13 35.03
CA PHE M 438 4.47 -32.64 36.40
C PHE M 438 3.10 -32.10 36.77
N TYR M 439 2.88 -31.96 38.07
CA TYR M 439 1.68 -31.30 38.57
C TYR M 439 1.97 -30.59 39.89
N VAL M 440 1.18 -29.55 40.17
CA VAL M 440 1.33 -28.68 41.32
C VAL M 440 -0.03 -28.50 41.98
N LYS M 441 -0.10 -28.71 43.30
CA LYS M 441 -1.34 -28.59 44.07
C LYS M 441 -1.13 -27.68 45.27
N ILE M 442 -1.84 -26.55 45.29
CA ILE M 442 -1.84 -25.61 46.41
C ILE M 442 -3.21 -24.94 46.58
N GLY M 443 -3.88 -25.18 47.69
CA GLY M 443 -5.13 -24.47 47.92
C GLY M 443 -5.96 -25.09 49.03
N LEU M 444 -7.12 -24.50 49.22
CA LEU M 444 -8.05 -24.96 50.26
C LEU M 444 -8.60 -26.35 49.96
N ASN M 445 -8.94 -26.59 48.71
CA ASN M 445 -9.49 -27.89 48.35
C ASN M 445 -8.41 -28.84 47.86
N GLU M 446 -7.14 -28.46 48.01
CA GLU M 446 -6.05 -29.29 47.52
C GLU M 446 -5.18 -29.81 48.65
N THR M 447 -4.64 -28.94 49.51
CA THR M 447 -3.71 -29.39 50.54
C THR M 447 -3.86 -28.65 51.86
N MET M 448 -4.87 -27.79 52.02
CA MET M 448 -4.90 -26.85 53.13
C MET M 448 -6.30 -26.83 53.74
N THR M 449 -6.38 -26.33 54.97
CA THR M 449 -7.67 -26.19 55.65
C THR M 449 -7.71 -24.85 56.37
N ALA M 450 -8.85 -24.57 56.98
CA ALA M 450 -9.03 -23.33 57.73
C ALA M 450 -8.03 -23.23 58.87
N LEU M 451 -7.83 -24.33 59.59
CA LEU M 451 -6.82 -24.36 60.65
C LEU M 451 -5.46 -23.92 60.13
N ASP M 452 -5.11 -24.33 58.91
CA ASP M 452 -3.82 -23.95 58.33
C ASP M 452 -3.80 -22.48 57.96
N ILE M 453 -4.95 -21.90 57.60
CA ILE M 453 -4.99 -20.47 57.32
C ILE M 453 -4.78 -19.69 58.61
N LEU M 454 -5.40 -20.14 59.70
CA LEU M 454 -5.23 -19.45 60.97
C LEU M 454 -3.80 -19.59 61.49
N GLU M 455 -3.18 -20.77 61.28
CA GLU M 455 -1.82 -20.95 61.77
C GLU M 455 -0.82 -20.11 60.99
N GLY M 456 -1.06 -19.87 59.71
CA GLY M 456 -0.09 -19.21 58.86
C GLY M 456 0.75 -20.12 58.01
N ARG M 457 0.29 -21.35 57.75
CA ARG M 457 1.05 -22.35 57.00
C ARG M 457 0.56 -22.44 55.57
N MET M 458 1.50 -22.62 54.65
CA MET M 458 1.22 -22.87 53.24
C MET M 458 1.80 -24.21 52.85
N ILE M 459 0.97 -25.06 52.25
CA ILE M 459 1.39 -26.39 51.84
C ILE M 459 1.24 -26.56 50.33
N VAL M 460 2.33 -26.98 49.70
CA VAL M 460 2.35 -27.18 48.25
C VAL M 460 2.82 -28.60 47.95
N GLU M 461 2.16 -29.27 47.02
CA GLU M 461 2.52 -30.62 46.59
C GLU M 461 2.94 -30.63 45.13
N ILE M 462 4.11 -31.19 44.84
CA ILE M 462 4.68 -31.15 43.49
C ILE M 462 5.07 -32.57 43.07
N GLY M 463 4.51 -33.02 41.95
CA GLY M 463 4.85 -34.32 41.37
C GLY M 463 5.56 -34.18 40.04
N MET M 464 6.56 -35.06 39.82
CA MET M 464 7.47 -34.99 38.68
C MET M 464 7.84 -36.39 38.23
N ALA M 465 7.95 -36.56 36.90
CA ALA M 465 8.38 -37.81 36.29
C ALA M 465 9.76 -37.62 35.64
N VAL M 466 10.77 -38.34 36.12
CA VAL M 466 12.13 -38.22 35.65
C VAL M 466 12.47 -39.43 34.79
N VAL M 467 13.51 -39.27 33.97
CA VAL M 467 13.95 -40.30 33.01
C VAL M 467 15.06 -41.12 33.64
N ARG M 468 15.03 -42.43 33.40
CA ARG M 468 15.95 -43.36 34.06
C ARG M 468 16.76 -44.15 33.04
N PRO M 469 17.99 -44.53 33.37
CA PRO M 469 18.91 -45.06 32.36
C PRO M 469 18.72 -46.55 32.09
N ALA M 470 19.40 -47.00 31.04
CA ALA M 470 19.46 -48.40 30.65
C ALA M 470 20.82 -48.97 30.99
N GLU M 471 20.85 -50.03 31.82
CA GLU M 471 22.10 -50.59 32.29
C GLU M 471 22.53 -51.87 31.58
N PHE M 472 21.61 -52.65 31.01
CA PHE M 472 21.96 -53.97 30.50
C PHE M 472 21.53 -54.11 29.05
N ILE M 473 22.45 -54.60 28.22
CA ILE M 473 22.22 -54.79 26.80
C ILE M 473 22.47 -56.27 26.48
N ILE M 474 21.50 -56.91 25.85
CA ILE M 474 21.53 -58.34 25.61
C ILE M 474 21.49 -58.59 24.11
N LEU M 475 22.50 -59.30 23.61
CA LEU M 475 22.58 -59.63 22.19
C LEU M 475 22.35 -61.13 21.98
N LYS M 476 21.60 -61.46 20.94
CA LYS M 476 21.30 -62.85 20.63
C LYS M 476 21.65 -63.13 19.19
N PHE M 477 22.34 -64.24 18.95
CA PHE M 477 22.89 -64.55 17.64
C PHE M 477 22.28 -65.85 17.13
N SER M 478 22.29 -66.00 15.81
CA SER M 478 21.68 -67.16 15.18
C SER M 478 22.35 -67.39 13.84
N HIS M 479 22.15 -68.59 13.31
CA HIS M 479 22.54 -68.93 11.95
C HIS M 479 21.34 -68.71 11.04
N LYS M 480 21.53 -67.93 9.98
CA LYS M 480 20.41 -67.60 9.11
C LYS M 480 20.01 -68.81 8.28
N MET M 481 18.70 -69.00 8.15
CA MET M 481 18.15 -70.08 7.35
C MET M 481 18.51 -69.90 5.87
N GLN M 482 18.98 -70.98 5.26
CA GLN M 482 19.44 -70.92 3.88
C GLN M 482 19.54 -72.31 3.27
N ALA N 2 -21.39 -15.92 38.48
CA ALA N 2 -21.46 -17.27 37.95
C ALA N 2 -22.52 -17.39 36.87
N GLU N 3 -23.52 -16.52 36.93
CA GLU N 3 -24.60 -16.53 35.94
C GLU N 3 -24.58 -15.27 35.09
N TYR N 4 -23.97 -14.21 35.62
CA TYR N 4 -23.88 -12.94 34.91
C TYR N 4 -22.62 -12.92 34.07
N PRO N 5 -22.61 -12.20 32.96
CA PRO N 5 -21.36 -11.97 32.25
C PRO N 5 -20.50 -10.95 32.98
N LEU N 6 -19.20 -11.05 32.79
CA LEU N 6 -18.26 -10.24 33.55
C LEU N 6 -17.97 -8.92 32.86
N PRO N 7 -17.65 -7.86 33.63
CA PRO N 7 -17.18 -6.61 33.02
C PRO N 7 -15.68 -6.59 32.79
N LYS N 8 -15.17 -5.53 32.20
CA LYS N 8 -13.74 -5.51 31.90
C LYS N 8 -13.01 -4.29 32.44
N PHE N 9 -13.29 -3.94 33.70
CA PHE N 9 -12.58 -2.78 34.26
C PHE N 9 -12.00 -2.99 35.65
N HIS N 10 -11.86 -4.23 36.13
CA HIS N 10 -11.33 -4.48 37.48
C HIS N 10 -10.34 -5.63 37.39
N PHE N 11 -9.05 -5.31 37.38
CA PHE N 11 -8.00 -6.29 37.10
C PHE N 11 -6.73 -5.90 37.84
N GLN N 12 -5.73 -6.79 37.81
CA GLN N 12 -4.42 -6.47 38.37
C GLN N 12 -3.33 -7.27 37.67
N VAL N 13 -2.09 -6.77 37.79
CA VAL N 13 -0.95 -7.26 37.04
C VAL N 13 0.21 -7.42 38.02
N ASP N 14 0.78 -8.63 38.09
CA ASP N 14 2.04 -8.87 38.78
C ASP N 14 3.16 -8.93 37.75
N TRP N 15 4.10 -7.98 37.85
CA TRP N 15 5.19 -7.80 36.90
C TRP N 15 6.52 -7.52 37.57
N GLY N 16 6.65 -7.85 38.84
CA GLY N 16 7.88 -7.66 39.55
C GLY N 16 8.29 -6.24 39.72
N GLY N 17 7.31 -5.35 39.55
CA GLY N 17 7.53 -3.92 39.69
C GLY N 17 7.05 -3.41 41.05
N SER N 18 7.56 -2.25 41.44
CA SER N 18 7.20 -1.63 42.72
C SER N 18 5.72 -1.27 42.86
N ARG N 19 5.21 -0.44 41.95
CA ARG N 19 3.82 0.01 42.01
C ARG N 19 2.85 -0.79 41.15
N LEU N 20 1.56 -0.46 41.29
CA LEU N 20 0.49 -1.11 40.54
C LEU N 20 -0.47 -0.02 40.06
N GLY N 21 -1.56 -0.43 39.43
CA GLY N 21 -2.55 0.50 38.93
C GLY N 21 -2.34 0.84 37.47
N PHE N 22 -2.57 -0.13 36.60
CA PHE N 22 -2.40 0.07 35.16
C PHE N 22 -3.72 0.47 34.51
N THR N 23 -3.62 1.25 33.44
CA THR N 23 -4.80 1.70 32.71
C THR N 23 -5.25 0.74 31.62
N GLU N 24 -4.33 0.38 30.72
CA GLU N 24 -4.68 -0.52 29.63
C GLU N 24 -3.73 -1.70 29.45
N VAL N 25 -4.30 -2.86 29.17
CA VAL N 25 -3.57 -4.10 28.93
C VAL N 25 -4.14 -4.77 27.70
N SER N 26 -3.37 -4.86 26.61
CA SER N 26 -3.87 -5.52 25.42
C SER N 26 -2.81 -6.40 24.77
N GLY N 27 -3.27 -7.40 24.02
CA GLY N 27 -2.39 -8.23 23.23
C GLY N 27 -2.41 -9.72 23.52
N LEU N 28 -3.49 -10.26 24.09
CA LEU N 28 -3.52 -11.62 24.61
C LEU N 28 -4.15 -12.56 23.58
N ASP N 29 -3.30 -13.21 22.78
CA ASP N 29 -3.73 -14.01 21.63
C ASP N 29 -2.86 -15.26 21.52
N VAL N 30 -3.37 -16.25 20.79
CA VAL N 30 -2.64 -17.47 20.42
C VAL N 30 -3.03 -17.85 19.00
N GLU N 31 -2.09 -18.45 18.25
CA GLU N 31 -2.45 -18.87 16.90
C GLU N 31 -1.60 -20.06 16.43
N THR N 32 -2.14 -20.76 15.43
CA THR N 32 -1.49 -21.88 14.75
C THR N 32 -1.61 -21.67 13.24
N GLU N 33 -0.55 -22.02 12.51
CA GLU N 33 -0.56 -21.85 11.04
C GLU N 33 -1.24 -23.04 10.36
N VAL N 34 -1.84 -22.81 9.19
CA VAL N 34 -2.50 -23.84 8.40
C VAL N 34 -1.54 -24.30 7.31
N ILE N 35 -1.49 -25.62 7.08
CA ILE N 35 -0.79 -26.19 5.95
C ILE N 35 -1.81 -26.85 5.03
N GLU N 36 -1.64 -26.66 3.72
CA GLU N 36 -2.60 -27.10 2.72
C GLU N 36 -1.99 -28.14 1.80
N TYR N 37 -2.85 -29.02 1.28
CA TYR N 37 -2.36 -30.14 0.48
C TYR N 37 -3.47 -30.63 -0.44
N ARG N 38 -3.11 -30.97 -1.68
CA ARG N 38 -4.02 -31.65 -2.60
C ARG N 38 -3.25 -32.44 -3.64
N GLU N 39 -3.71 -33.65 -3.92
CA GLU N 39 -3.17 -34.50 -4.97
C GLU N 39 -4.09 -34.49 -6.18
N GLY N 40 -3.56 -34.91 -7.33
CA GLY N 40 -4.22 -34.66 -8.59
C GLY N 40 -5.54 -35.39 -8.79
N ASN N 41 -5.70 -36.55 -8.18
CA ASN N 41 -6.86 -37.40 -8.46
C ASN N 41 -7.95 -37.28 -7.41
N LEU N 42 -7.92 -36.26 -6.58
CA LEU N 42 -8.95 -36.12 -5.57
C LEU N 42 -10.23 -35.58 -6.19
N PRO N 43 -11.39 -36.19 -5.91
CA PRO N 43 -12.64 -35.75 -6.55
C PRO N 43 -13.10 -34.35 -6.19
N GLN N 44 -12.67 -33.81 -5.05
CA GLN N 44 -12.95 -32.43 -4.74
C GLN N 44 -11.85 -31.53 -5.28
N TYR N 45 -12.24 -30.33 -5.70
CA TYR N 45 -11.29 -29.39 -6.30
C TYR N 45 -10.93 -28.25 -5.34
N HIS N 46 -10.84 -28.55 -4.06
CA HIS N 46 -10.27 -27.66 -3.07
C HIS N 46 -9.42 -28.47 -2.10
N LYS N 47 -8.62 -27.77 -1.30
CA LYS N 47 -7.51 -28.37 -0.59
C LYS N 47 -7.88 -28.87 0.80
N LEU N 48 -7.01 -29.74 1.33
CA LEU N 48 -7.07 -30.23 2.70
C LEU N 48 -6.15 -29.40 3.58
N LYS N 49 -6.50 -29.31 4.87
CA LYS N 49 -5.86 -28.40 5.81
C LYS N 49 -5.47 -29.14 7.08
N MET N 50 -4.30 -28.81 7.62
CA MET N 50 -3.81 -29.44 8.83
C MET N 50 -2.98 -28.45 9.64
N PRO N 51 -2.83 -28.68 10.94
CA PRO N 51 -2.12 -27.70 11.80
C PRO N 51 -0.62 -27.66 11.56
N GLY N 52 -0.03 -26.52 11.92
CA GLY N 52 1.39 -26.25 11.76
C GLY N 52 2.02 -25.75 13.04
N MET N 53 2.76 -24.65 12.93
CA MET N 53 3.49 -24.07 14.05
C MET N 53 2.65 -23.02 14.78
N GLN N 54 3.06 -22.68 16.00
CA GLN N 54 2.36 -21.73 16.84
C GLN N 54 2.98 -20.34 16.76
N LYS N 55 2.18 -19.35 17.16
CA LYS N 55 2.60 -17.96 17.16
C LYS N 55 1.93 -17.22 18.32
N PHE N 56 2.70 -16.33 18.92
CA PHE N 56 2.32 -15.53 20.09
C PHE N 56 2.60 -14.07 19.80
N SER N 57 1.83 -13.19 20.44
CA SER N 57 1.94 -11.76 20.20
C SER N 57 2.64 -11.05 21.34
N ASN N 58 3.09 -9.83 21.06
CA ASN N 58 3.63 -8.96 22.10
C ASN N 58 2.48 -8.34 22.89
N ILE N 59 2.79 -7.93 24.13
CA ILE N 59 1.80 -7.42 25.06
C ILE N 59 2.11 -5.97 25.37
N THR N 60 1.08 -5.13 25.37
CA THR N 60 1.23 -3.70 25.59
C THR N 60 0.52 -3.30 26.89
N MET N 61 1.16 -2.44 27.68
CA MET N 61 0.58 -1.95 28.91
C MET N 61 0.77 -0.45 29.04
N LYS N 62 -0.25 0.24 29.52
CA LYS N 62 -0.23 1.68 29.67
C LYS N 62 -0.59 2.08 31.09
N ARG N 63 0.11 3.09 31.60
CA ARG N 63 -0.14 3.57 32.96
C ARG N 63 0.20 5.05 33.07
N GLY N 64 -0.28 5.68 34.12
CA GLY N 64 -0.03 7.09 34.36
C GLY N 64 1.26 7.36 35.11
N THR N 65 1.76 8.58 34.96
CA THR N 65 3.09 8.96 35.45
C THR N 65 3.01 9.62 36.82
N PHE N 66 3.89 9.18 37.73
CA PHE N 66 3.95 9.69 39.08
C PHE N 66 5.36 10.12 39.42
N GLN N 67 5.47 11.08 40.33
CA GLN N 67 6.78 11.54 40.79
C GLN N 67 7.48 10.45 41.60
N GLY N 68 8.73 10.18 41.24
CA GLY N 68 9.55 9.21 41.95
C GLY N 68 9.54 7.81 41.39
N ASP N 69 8.70 7.52 40.39
CA ASP N 69 8.54 6.17 39.86
C ASP N 69 9.20 6.10 38.49
N ASN N 70 10.27 5.32 38.38
CA ASN N 70 11.01 5.19 37.13
C ASN N 70 11.25 3.71 36.81
N ASP N 71 10.19 2.90 36.91
CA ASP N 71 10.33 1.45 36.87
C ASP N 71 10.40 0.88 35.45
N PHE N 72 9.66 1.45 34.50
CA PHE N 72 9.72 0.92 33.15
C PHE N 72 11.13 1.02 32.60
N TYR N 73 11.73 2.19 32.79
CA TYR N 73 13.09 2.46 32.35
C TYR N 73 14.05 1.56 33.10
N LYS N 74 13.83 1.39 34.40
CA LYS N 74 14.69 0.51 35.19
C LYS N 74 14.74 -0.89 34.59
N TRP N 75 13.59 -1.46 34.25
CA TRP N 75 13.59 -2.81 33.70
C TRP N 75 14.23 -2.84 32.33
N TRP N 76 13.87 -1.88 31.47
CA TRP N 76 14.42 -1.85 30.11
C TRP N 76 15.94 -1.73 30.13
N ASN N 77 16.48 -0.96 31.07
CA ASN N 77 17.90 -0.63 31.09
C ASN N 77 18.79 -1.73 31.66
N THR N 78 18.25 -2.92 31.94
CA THR N 78 19.08 -4.00 32.45
C THR N 78 19.64 -4.87 31.34
N VAL N 79 19.80 -4.31 30.15
CA VAL N 79 20.11 -5.08 28.96
C VAL N 79 21.61 -4.98 28.66
N ALA N 80 22.28 -6.13 28.63
CA ALA N 80 23.64 -6.25 28.13
C ALA N 80 23.55 -6.70 26.68
N LEU N 81 24.67 -7.13 26.09
CA LEU N 81 24.73 -7.48 24.67
C LEU N 81 23.54 -8.33 24.27
N ASN N 82 23.43 -9.57 24.74
CA ASN N 82 22.28 -10.41 24.45
C ASN N 82 21.67 -10.99 25.71
N THR N 83 21.99 -10.43 26.88
CA THR N 83 21.45 -10.87 28.14
C THR N 83 20.56 -9.78 28.73
N ILE N 84 19.55 -10.20 29.47
CA ILE N 84 18.59 -9.30 30.08
C ILE N 84 17.91 -10.03 31.23
N GLU N 85 17.25 -9.28 32.11
CA GLU N 85 16.52 -9.88 33.22
C GLU N 85 15.10 -10.24 32.80
N ARG N 86 14.78 -11.53 32.82
CA ARG N 86 13.47 -12.04 32.43
C ARG N 86 12.63 -12.30 33.67
N ARG N 87 11.32 -12.09 33.55
CA ARG N 87 10.41 -12.20 34.67
C ARG N 87 9.19 -13.02 34.28
N ASP N 88 8.52 -13.58 35.28
CA ASP N 88 7.25 -14.27 35.09
C ASP N 88 6.12 -13.26 35.27
N LEU N 89 5.20 -13.20 34.32
CA LEU N 89 4.11 -12.24 34.39
C LEU N 89 2.76 -12.88 34.68
N THR N 90 2.00 -12.26 35.56
CA THR N 90 0.67 -12.78 35.91
C THR N 90 -0.36 -11.67 35.76
N ILE N 91 -1.45 -11.95 35.06
CA ILE N 91 -2.53 -11.00 34.89
C ILE N 91 -3.80 -11.66 35.39
N SER N 92 -4.59 -10.94 36.20
CA SER N 92 -5.79 -11.54 36.75
C SER N 92 -6.95 -10.57 36.66
N LEU N 93 -8.13 -11.10 36.37
CA LEU N 93 -9.38 -10.33 36.30
C LEU N 93 -10.16 -10.57 37.59
N LEU N 94 -10.57 -9.53 38.27
CA LEU N 94 -11.30 -9.71 39.50
C LEU N 94 -12.76 -9.39 39.41
N ASN N 95 -13.56 -10.01 40.23
CA ASN N 95 -14.97 -9.70 40.25
C ASN N 95 -15.31 -8.82 41.46
N GLU N 96 -16.58 -8.47 41.62
CA GLU N 96 -17.05 -7.61 42.71
C GLU N 96 -16.47 -7.86 44.11
N LYS N 97 -16.19 -9.12 44.44
CA LYS N 97 -15.64 -9.49 45.75
C LYS N 97 -14.12 -9.70 45.69
N HIS N 98 -13.53 -9.15 44.63
CA HIS N 98 -12.09 -9.21 44.40
C HIS N 98 -11.46 -10.60 44.37
N GLU N 99 -12.14 -11.57 43.77
CA GLU N 99 -11.60 -12.92 43.69
C GLU N 99 -11.11 -13.16 42.27
N PRO N 100 -9.87 -13.64 42.12
CA PRO N 100 -9.30 -13.90 40.79
C PRO N 100 -10.18 -14.89 40.06
N VAL N 101 -10.64 -14.53 38.86
CA VAL N 101 -11.51 -15.42 38.13
C VAL N 101 -10.83 -15.96 36.88
N VAL N 102 -10.24 -15.09 36.08
CA VAL N 102 -9.51 -15.48 34.89
C VAL N 102 -8.06 -15.06 35.06
N VAL N 103 -7.15 -15.97 34.79
CA VAL N 103 -5.72 -15.73 34.99
C VAL N 103 -4.98 -16.02 33.69
N TRP N 104 -4.11 -15.10 33.29
CA TRP N 104 -3.20 -15.27 32.18
C TRP N 104 -1.79 -15.35 32.73
N LYS N 105 -1.08 -16.43 32.40
CA LYS N 105 0.29 -16.65 32.84
C LYS N 105 1.21 -16.51 31.64
N VAL N 106 2.16 -15.59 31.74
CA VAL N 106 3.11 -15.35 30.67
C VAL N 106 4.46 -15.95 31.07
N ASN N 107 5.21 -16.45 30.11
CA ASN N 107 6.50 -17.06 30.38
C ASN N 107 7.67 -16.31 29.73
N ARG N 108 8.70 -16.06 30.52
CA ARG N 108 9.91 -15.37 30.07
C ARG N 108 9.65 -14.06 29.34
N ALA N 109 9.23 -13.03 30.06
CA ALA N 109 8.94 -11.74 29.43
C ALA N 109 9.96 -10.64 29.73
N TRP N 110 10.47 -10.00 28.68
CA TRP N 110 11.42 -8.90 28.83
C TRP N 110 10.95 -7.73 27.97
N PRO N 111 11.17 -6.50 28.44
CA PRO N 111 10.63 -5.32 27.76
C PRO N 111 11.37 -4.96 26.47
N THR N 112 10.64 -4.90 25.36
CA THR N 112 11.25 -4.53 24.10
C THR N 112 11.10 -3.06 23.76
N LYS N 113 10.12 -2.35 24.35
CA LYS N 113 9.96 -0.96 23.98
C LYS N 113 9.33 -0.16 25.12
N VAL N 114 9.75 1.09 25.26
CA VAL N 114 9.23 2.01 26.27
C VAL N 114 8.96 3.35 25.58
N GLN N 115 7.74 3.86 25.73
CA GLN N 115 7.38 5.15 25.15
C GLN N 115 6.85 6.09 26.23
N SER N 116 7.40 7.30 26.27
CA SER N 116 6.99 8.32 27.21
C SER N 116 5.92 9.22 26.59
N THR N 117 5.42 10.13 27.41
CA THR N 117 4.32 10.98 26.97
C THR N 117 4.83 12.07 26.03
N ASP N 118 3.88 12.73 25.38
CA ASP N 118 4.14 13.90 24.56
C ASP N 118 3.66 15.14 25.31
N LEU N 119 4.26 16.28 25.00
CA LEU N 119 4.03 17.51 25.74
C LEU N 119 3.29 18.50 24.87
N LYS N 120 2.13 18.98 25.34
CA LYS N 120 1.33 19.94 24.61
C LYS N 120 1.01 21.13 25.50
N GLY N 121 1.30 22.33 25.01
CA GLY N 121 0.98 23.53 25.76
C GLY N 121 -0.50 23.74 25.97
N ASP N 122 -1.35 23.05 25.21
CA ASP N 122 -2.79 23.18 25.31
C ASP N 122 -3.48 21.89 25.71
N GLY N 123 -2.74 20.93 26.26
CA GLY N 123 -3.31 19.63 26.56
C GLY N 123 -3.80 19.52 27.99
N ASN N 124 -5.10 19.34 28.15
CA ASN N 124 -5.73 19.18 29.45
C ASN N 124 -5.84 17.72 29.86
N GLU N 125 -4.79 16.95 29.65
CA GLU N 125 -4.87 15.55 30.02
C GLU N 125 -3.69 15.11 30.85
N VAL N 126 -3.85 13.95 31.49
CA VAL N 126 -2.78 13.36 32.28
C VAL N 126 -1.71 12.82 31.35
N ALA N 127 -0.48 12.71 31.86
CA ALA N 127 0.61 12.13 31.11
C ALA N 127 0.60 10.62 31.29
N ILE N 128 0.69 9.90 30.17
CA ILE N 128 0.65 8.44 30.17
C ILE N 128 1.87 7.85 29.45
N GLU N 129 2.37 6.73 29.98
CA GLU N 129 3.51 6.04 29.41
C GLU N 129 3.13 4.60 29.09
N SER N 130 3.91 4.00 28.18
CA SER N 130 3.58 2.68 27.66
C SER N 130 4.81 1.79 27.62
N ILE N 131 4.57 0.49 27.76
CA ILE N 131 5.62 -0.51 27.62
C ILE N 131 5.12 -1.64 26.74
N GLU N 132 6.04 -2.22 25.97
CA GLU N 132 5.76 -3.34 25.07
C GLU N 132 6.72 -4.47 25.39
N VAL N 133 6.17 -5.67 25.57
CA VAL N 133 6.88 -6.81 26.14
C VAL N 133 6.78 -8.02 25.22
N ALA N 134 7.88 -8.75 25.08
CA ALA N 134 7.97 -10.02 24.38
C ALA N 134 8.13 -11.15 25.38
N HIS N 135 7.68 -12.34 24.99
CA HIS N 135 7.62 -13.47 25.90
C HIS N 135 7.72 -14.77 25.10
N GLU N 136 7.97 -15.88 25.80
CA GLU N 136 7.95 -17.19 25.19
C GLU N 136 6.93 -18.10 25.86
N GLY N 137 5.69 -17.66 25.96
CA GLY N 137 4.60 -18.55 26.28
C GLY N 137 3.45 -17.82 26.97
N LEU N 138 2.27 -18.43 26.84
CA LEU N 138 1.05 -17.88 27.42
C LEU N 138 0.07 -19.00 27.72
N THR N 139 -0.61 -18.89 28.85
CA THR N 139 -1.57 -19.91 29.29
C THR N 139 -2.76 -19.28 29.98
N ILE N 140 -3.96 -19.78 29.68
CA ILE N 140 -5.22 -19.25 30.20
C ILE N 140 -5.80 -20.23 31.22
N GLN N 141 -6.27 -19.69 32.33
CA GLN N 141 -6.93 -20.48 33.38
C GLN N 141 -8.22 -19.80 33.79
N ASN N 142 -9.35 -20.46 33.54
CA ASN N 142 -10.66 -19.99 33.95
C ASN N 142 -11.37 -21.10 34.71
N GLY N 143 -11.75 -20.82 35.94
CA GLY N 143 -12.48 -21.78 36.74
C GLY N 143 -11.67 -23.01 37.08
N ALA O 2 -3.02 -42.49 6.19
CA ALA O 2 -4.21 -41.74 6.49
C ALA O 2 -4.45 -40.85 5.33
N GLU O 3 -4.74 -39.57 5.56
CA GLU O 3 -4.99 -38.64 4.47
C GLU O 3 -4.16 -37.39 4.62
N TYR O 4 -3.34 -37.32 5.68
CA TYR O 4 -2.54 -36.15 5.84
C TYR O 4 -1.11 -36.56 5.84
N PRO O 5 -0.25 -35.77 5.22
CA PRO O 5 1.20 -36.04 5.19
C PRO O 5 1.97 -35.44 6.38
N LEU O 6 3.29 -35.59 6.42
CA LEU O 6 4.07 -35.04 7.55
C LEU O 6 4.73 -33.69 7.29
N PRO O 7 5.00 -32.91 8.36
CA PRO O 7 5.72 -31.65 8.19
C PRO O 7 7.23 -31.86 8.19
N LYS O 8 8.01 -30.77 8.09
CA LYS O 8 9.44 -30.87 7.83
C LYS O 8 10.27 -30.16 8.89
N PHE O 9 9.75 -29.96 10.11
CA PHE O 9 10.49 -29.12 11.06
C PHE O 9 10.77 -29.76 12.41
N HIS O 10 10.65 -31.08 12.55
CA HIS O 10 10.88 -31.74 13.84
C HIS O 10 11.71 -33.00 13.59
N PHE O 11 13.01 -32.92 13.86
CA PHE O 11 13.96 -33.97 13.48
C PHE O 11 15.11 -34.01 14.47
N GLN O 12 15.96 -35.03 14.35
CA GLN O 12 17.18 -35.09 15.15
C GLN O 12 18.26 -35.88 14.43
N VAL O 13 19.51 -35.65 14.85
CA VAL O 13 20.70 -36.15 14.17
C VAL O 13 21.63 -36.75 15.23
N ASP O 14 22.00 -38.01 15.06
CA ASP O 14 23.07 -38.63 15.84
C ASP O 14 24.34 -38.63 15.00
N TRP O 15 25.36 -37.92 15.49
CA TRP O 15 26.61 -37.71 14.77
C TRP O 15 27.82 -37.85 15.69
N GLY O 16 27.70 -38.20 16.95
CA GLY O 16 28.89 -38.33 17.76
C GLY O 16 29.33 -37.17 18.63
N GLY O 17 28.66 -36.03 18.42
CA GLY O 17 28.90 -34.82 19.18
C GLY O 17 27.82 -34.66 20.25
N SER O 18 28.03 -33.73 21.18
CA SER O 18 27.08 -33.49 22.26
C SER O 18 25.71 -32.97 21.82
N ARG O 19 25.63 -31.82 21.16
CA ARG O 19 24.30 -31.28 20.81
C ARG O 19 23.62 -32.07 19.73
N LEU O 20 22.30 -32.10 19.77
CA LEU O 20 21.40 -32.89 18.94
C LEU O 20 20.33 -32.02 18.24
N GLY O 21 20.66 -30.76 18.01
CA GLY O 21 19.70 -29.89 17.35
C GLY O 21 20.32 -29.05 16.25
N PHE O 22 19.81 -29.17 15.03
CA PHE O 22 20.35 -28.39 13.94
C PHE O 22 19.28 -27.53 13.33
N THR O 23 19.71 -26.58 12.53
CA THR O 23 18.75 -25.76 11.83
C THR O 23 18.56 -26.17 10.38
N GLU O 24 19.54 -26.83 9.78
CA GLU O 24 19.35 -27.25 8.39
C GLU O 24 20.12 -28.52 8.10
N VAL O 25 19.48 -29.44 7.38
CA VAL O 25 20.08 -30.69 6.93
C VAL O 25 19.65 -30.94 5.49
N SER O 26 20.59 -30.89 4.55
CA SER O 26 20.24 -31.14 3.16
C SER O 26 21.27 -32.01 2.45
N GLY O 27 20.82 -32.70 1.41
CA GLY O 27 21.72 -33.47 0.56
C GLY O 27 21.45 -34.95 0.42
N LEU O 28 20.22 -35.40 0.67
CA LEU O 28 19.91 -36.82 0.79
C LEU O 28 19.36 -37.36 -0.53
N ASP O 29 20.25 -37.94 -1.34
CA ASP O 29 19.94 -38.35 -2.71
C ASP O 29 20.63 -39.67 -3.04
N VAL O 30 20.14 -40.34 -4.08
CA VAL O 30 20.75 -41.54 -4.63
C VAL O 30 20.59 -41.50 -6.15
N GLU O 31 21.56 -42.05 -6.89
CA GLU O 31 21.41 -42.06 -8.35
C GLU O 31 22.16 -43.22 -8.99
N THR O 32 21.73 -43.56 -10.21
CA THR O 32 22.33 -44.57 -11.07
C THR O 32 22.52 -44.00 -12.46
N GLU O 33 23.65 -44.26 -13.11
CA GLU O 33 23.84 -43.75 -14.46
C GLU O 33 23.09 -44.62 -15.47
N VAL O 34 22.90 -44.05 -16.66
CA VAL O 34 22.26 -44.73 -17.78
C VAL O 34 23.33 -45.07 -18.81
N ILE O 35 23.25 -46.28 -19.37
CA ILE O 35 24.07 -46.68 -20.51
C ILE O 35 23.16 -46.90 -21.70
N GLU O 36 23.59 -46.44 -22.87
CA GLU O 36 22.78 -46.44 -24.07
C GLU O 36 23.40 -47.31 -25.15
N TYR O 37 22.55 -47.88 -26.01
CA TYR O 37 23.02 -48.83 -27.00
C TYR O 37 22.05 -48.89 -28.17
N ARG O 38 22.58 -48.98 -29.39
CA ARG O 38 21.77 -49.24 -30.57
C ARG O 38 22.60 -49.88 -31.67
N GLU O 39 22.04 -50.88 -32.33
CA GLU O 39 22.66 -51.53 -33.48
C GLU O 39 21.97 -51.06 -34.76
N GLY O 40 22.65 -51.28 -35.88
CA GLY O 40 22.28 -50.62 -37.12
C GLY O 40 20.94 -51.02 -37.68
N ASN O 41 20.50 -52.26 -37.45
CA ASN O 41 19.32 -52.79 -38.11
C ASN O 41 18.07 -52.74 -37.24
N LEU O 42 18.08 -51.97 -36.17
CA LEU O 42 16.91 -51.90 -35.31
C LEU O 42 15.85 -51.01 -35.95
N PRO O 43 14.59 -51.45 -36.02
CA PRO O 43 13.56 -50.66 -36.70
C PRO O 43 13.23 -49.33 -36.03
N GLN O 44 13.52 -49.16 -34.74
CA GLN O 44 13.37 -47.86 -34.11
C GLN O 44 14.66 -47.08 -34.23
N TYR O 45 14.52 -45.77 -34.36
CA TYR O 45 15.68 -44.89 -34.54
C TYR O 45 16.00 -44.10 -33.27
N HIS O 46 15.81 -44.71 -32.11
CA HIS O 46 16.31 -44.20 -30.85
C HIS O 46 16.85 -45.36 -30.02
N LYS O 47 17.57 -45.02 -28.95
CA LYS O 47 18.44 -45.98 -28.28
C LYS O 47 17.76 -46.72 -27.15
N LEU O 48 18.39 -47.83 -26.76
CA LEU O 48 18.01 -48.63 -25.59
C LEU O 48 18.85 -48.21 -24.39
N LYS O 49 18.28 -48.37 -23.19
CA LYS O 49 18.85 -47.86 -21.96
C LYS O 49 18.89 -48.93 -20.89
N MET O 50 19.99 -48.96 -20.12
CA MET O 50 20.14 -49.94 -19.06
C MET O 50 20.95 -49.34 -17.91
N PRO O 51 20.83 -49.90 -16.72
CA PRO O 51 21.47 -49.31 -15.54
C PRO O 51 22.99 -49.48 -15.53
N GLY O 52 23.65 -48.57 -14.80
CA GLY O 52 25.09 -48.54 -14.67
C GLY O 52 25.55 -48.48 -13.22
N MET O 53 26.44 -47.53 -12.92
CA MET O 53 27.02 -47.38 -11.59
C MET O 53 26.20 -46.41 -10.74
N GLN O 54 26.43 -46.46 -9.44
CA GLN O 54 25.71 -45.63 -8.47
C GLN O 54 26.51 -44.40 -8.09
N LYS O 55 25.80 -43.40 -7.56
CA LYS O 55 26.39 -42.15 -7.12
C LYS O 55 25.63 -41.61 -5.93
N PHE O 56 26.36 -41.08 -4.97
CA PHE O 56 25.84 -40.50 -3.73
C PHE O 56 26.35 -39.09 -3.59
N SER O 57 25.68 -38.27 -2.83
CA SER O 57 26.02 -36.87 -2.66
C SER O 57 26.59 -36.59 -1.27
N ASN O 58 27.25 -35.44 -1.15
CA ASN O 58 27.68 -34.96 0.15
C ASN O 58 26.51 -34.35 0.91
N ILE O 59 26.65 -34.32 2.24
CA ILE O 59 25.57 -33.88 3.11
C ILE O 59 26.01 -32.62 3.85
N THR O 60 25.12 -31.63 3.93
CA THR O 60 25.41 -30.35 4.55
C THR O 60 24.55 -30.16 5.79
N MET O 61 25.14 -29.65 6.86
CA MET O 61 24.40 -29.37 8.08
C MET O 61 24.78 -28.01 8.64
N LYS O 62 23.77 -27.29 9.14
CA LYS O 62 23.97 -25.95 9.67
C LYS O 62 23.41 -25.85 11.07
N ARG O 63 24.11 -25.14 11.93
CA ARG O 63 23.70 -24.96 13.32
C ARG O 63 24.20 -23.63 13.87
N GLY O 64 23.63 -23.21 14.98
CA GLY O 64 24.02 -21.97 15.61
C GLY O 64 25.18 -22.12 16.59
N THR O 65 25.86 -21.01 16.85
CA THR O 65 27.10 -21.01 17.61
C THR O 65 26.87 -20.69 19.08
N PHE O 66 27.50 -21.50 19.93
CA PHE O 66 27.40 -21.38 21.37
C PHE O 66 28.77 -21.26 22.03
N GLN O 67 28.81 -20.59 23.16
CA GLN O 67 30.05 -20.49 23.92
C GLN O 67 30.45 -21.85 24.50
N GLY O 68 31.69 -22.25 24.26
CA GLY O 68 32.22 -23.50 24.80
C GLY O 68 32.13 -24.69 23.88
N ASP O 69 31.46 -24.57 22.73
CA ASP O 69 31.22 -25.71 21.84
C ASP O 69 32.12 -25.56 20.61
N ASN O 70 33.07 -26.47 20.46
CA ASN O 70 34.00 -26.42 19.33
C ASN O 70 34.10 -27.79 18.67
N ASP O 71 32.94 -28.41 18.39
CA ASP O 71 32.89 -29.80 17.98
C ASP O 71 33.13 -30.01 16.49
N PHE O 72 32.67 -29.10 15.63
CA PHE O 72 32.90 -29.29 14.21
C PHE O 72 34.40 -29.32 13.91
N TYR O 73 35.10 -28.35 14.50
CA TYR O 73 36.54 -28.23 14.36
C TYR O 73 37.22 -29.45 14.96
N LYS O 74 36.74 -29.88 16.13
CA LYS O 74 37.30 -31.07 16.76
C LYS O 74 37.29 -32.27 15.82
N TRP O 75 36.15 -32.52 15.18
CA TRP O 75 36.07 -33.68 14.30
C TRP O 75 36.93 -33.49 13.06
N TRP O 76 36.88 -32.30 12.45
CA TRP O 76 37.67 -32.04 11.26
C TRP O 76 39.16 -32.19 11.52
N ASN O 77 39.62 -31.79 12.70
CA ASN O 77 41.04 -31.73 13.01
C ASN O 77 41.64 -33.08 13.38
N THR O 78 40.92 -34.18 13.25
CA THR O 78 41.48 -35.49 13.57
C THR O 78 42.11 -36.14 12.36
N VAL O 79 42.57 -35.36 11.39
CA VAL O 79 42.99 -35.86 10.10
C VAL O 79 44.51 -35.96 10.07
N ALA O 80 45.02 -37.16 9.82
CA ALA O 80 46.42 -37.40 9.50
C ALA O 80 46.54 -37.46 7.99
N LEU O 81 47.67 -37.91 7.48
CA LEU O 81 47.96 -37.92 6.04
C LEU O 81 46.75 -38.42 5.25
N ASN O 82 46.40 -39.71 5.35
CA ASN O 82 45.22 -40.24 4.69
C ASN O 82 44.31 -40.99 5.64
N THR O 83 44.48 -40.79 6.95
CA THR O 83 43.66 -41.42 7.95
C THR O 83 42.84 -40.36 8.68
N ILE O 84 41.65 -40.76 9.13
CA ILE O 84 40.73 -39.87 9.81
C ILE O 84 39.76 -40.73 10.61
N GLU O 85 39.05 -40.12 11.55
CA GLU O 85 38.05 -40.82 12.35
C GLU O 85 36.70 -40.82 11.64
N ARG O 86 36.22 -41.99 11.28
CA ARG O 86 34.95 -42.15 10.58
C ARG O 86 33.87 -42.55 11.57
N ARG O 87 32.65 -42.09 11.32
CA ARG O 87 31.53 -42.30 12.23
C ARG O 87 30.30 -42.77 11.46
N ASP O 88 29.39 -43.44 12.17
CA ASP O 88 28.09 -43.81 11.62
C ASP O 88 27.10 -42.69 11.90
N LEU O 89 26.39 -42.24 10.87
CA LEU O 89 25.45 -41.14 11.04
C LEU O 89 23.99 -41.58 10.95
N THR O 90 23.16 -41.08 11.85
CA THR O 90 21.74 -41.42 11.84
C THR O 90 20.92 -40.15 11.86
N ILE O 91 19.94 -40.05 10.95
CA ILE O 91 19.05 -38.90 10.90
C ILE O 91 17.63 -39.42 11.01
N SER O 92 16.81 -38.80 11.86
CA SER O 92 15.46 -39.29 12.05
C SER O 92 14.48 -38.13 12.06
N LEU O 93 13.31 -38.37 11.46
CA LEU O 93 12.21 -37.39 11.43
C LEU O 93 11.19 -37.79 12.48
N LEU O 94 11.00 -36.94 13.48
CA LEU O 94 10.22 -37.30 14.66
C LEU O 94 8.76 -36.95 14.49
N ASN O 95 7.97 -37.61 15.35
CA ASN O 95 6.51 -37.47 15.51
C ASN O 95 6.07 -36.87 16.85
N GLU O 96 4.75 -36.70 17.00
CA GLU O 96 4.18 -36.15 18.23
C GLU O 96 4.66 -36.85 19.51
N LYS O 97 4.86 -38.16 19.45
CA LYS O 97 5.27 -38.91 20.64
C LYS O 97 6.78 -38.94 20.81
N HIS O 98 7.44 -38.03 20.15
CA HIS O 98 8.91 -37.92 20.18
C HIS O 98 9.60 -39.21 19.73
N GLU O 99 9.09 -39.79 18.68
CA GLU O 99 9.61 -41.04 18.16
C GLU O 99 10.06 -40.83 16.71
N PRO O 100 10.58 -41.87 16.11
CA PRO O 100 11.05 -41.77 14.73
C PRO O 100 10.11 -42.43 13.71
N VAL O 101 9.95 -41.78 12.56
CA VAL O 101 9.11 -42.31 11.49
C VAL O 101 9.93 -42.64 10.26
N VAL O 102 10.78 -41.72 9.82
CA VAL O 102 11.65 -41.94 8.67
C VAL O 102 13.08 -41.83 9.17
N VAL O 103 13.91 -42.80 8.80
CA VAL O 103 15.29 -42.87 9.26
C VAL O 103 16.22 -42.97 8.05
N TRP O 104 17.25 -42.13 8.05
CA TRP O 104 18.32 -42.20 7.07
C TRP O 104 19.59 -42.66 7.78
N LYS O 105 20.18 -43.74 7.28
CA LYS O 105 21.42 -44.30 7.82
C LYS O 105 22.55 -44.04 6.85
N VAL O 106 23.59 -43.36 7.34
CA VAL O 106 24.72 -42.94 6.50
C VAL O 106 25.97 -43.67 6.99
N ASN O 107 26.69 -44.27 6.05
CA ASN O 107 27.79 -45.18 6.34
C ASN O 107 29.12 -44.58 5.92
N ARG O 108 30.04 -44.62 6.88
CA ARG O 108 31.43 -44.14 6.75
C ARG O 108 31.49 -42.66 6.37
N ALA O 109 31.15 -41.82 7.34
CA ALA O 109 31.18 -40.38 7.15
C ALA O 109 32.38 -39.72 7.82
N TRP O 110 33.00 -38.77 7.12
CA TRP O 110 34.04 -37.91 7.69
C TRP O 110 33.90 -36.51 7.14
N PRO O 111 34.19 -35.49 7.94
CA PRO O 111 33.95 -34.10 7.52
C PRO O 111 34.95 -33.58 6.51
N THR O 112 34.46 -33.12 5.36
CA THR O 112 35.34 -32.57 4.34
C THR O 112 35.45 -31.06 4.40
N LYS O 113 34.50 -30.36 5.01
CA LYS O 113 34.58 -28.90 5.01
C LYS O 113 33.87 -28.31 6.21
N VAL O 114 34.43 -27.23 6.74
CA VAL O 114 33.85 -26.50 7.88
C VAL O 114 33.89 -25.01 7.55
N GLN O 115 32.75 -24.34 7.66
CA GLN O 115 32.67 -22.90 7.40
C GLN O 115 32.09 -22.18 8.60
N SER O 116 32.78 -21.13 9.03
CA SER O 116 32.34 -20.31 10.14
C SER O 116 31.54 -19.12 9.65
N THR O 117 31.02 -18.35 10.61
CA THR O 117 30.15 -17.24 10.25
C THR O 117 30.96 -16.06 9.73
N ASP O 118 30.25 -15.10 9.16
CA ASP O 118 30.81 -13.84 8.72
C ASP O 118 30.38 -12.76 9.70
N LEU O 119 31.17 -11.70 9.79
CA LEU O 119 30.98 -10.67 10.80
C LEU O 119 30.54 -9.37 10.12
N LYS O 120 29.40 -8.83 10.54
CA LYS O 120 28.88 -7.59 9.99
C LYS O 120 28.57 -6.62 11.11
N GLY O 121 29.10 -5.41 11.01
CA GLY O 121 28.81 -4.39 12.00
C GLY O 121 27.36 -3.97 12.05
N ASP O 122 26.58 -4.30 11.02
CA ASP O 122 25.17 -3.93 10.94
C ASP O 122 24.26 -5.15 10.87
N GLY O 123 24.74 -6.32 11.24
CA GLY O 123 23.96 -7.53 11.10
C GLY O 123 23.21 -7.89 12.35
N ASN O 124 21.88 -7.89 12.27
CA ASN O 124 21.00 -8.23 13.38
C ASN O 124 20.63 -9.71 13.35
N GLU O 125 21.58 -10.58 13.10
CA GLU O 125 21.26 -11.98 13.06
C GLU O 125 22.19 -12.82 13.91
N VAL O 126 21.77 -14.05 14.18
CA VAL O 126 22.58 -15.00 14.94
C VAL O 126 23.72 -15.48 14.06
N ALA O 127 24.80 -15.92 14.69
CA ALA O 127 25.92 -16.49 13.98
C ALA O 127 25.69 -17.98 13.74
N ILE O 128 25.87 -18.40 12.49
CA ILE O 128 25.64 -19.79 12.09
C ILE O 128 26.88 -20.40 11.42
N GLU O 129 27.12 -21.68 11.70
CA GLU O 129 28.24 -22.41 11.14
C GLU O 129 27.74 -23.63 10.38
N SER O 130 28.58 -24.12 9.47
CA SER O 130 28.17 -25.19 8.57
C SER O 130 29.27 -26.25 8.48
N ILE O 131 28.84 -27.49 8.23
CA ILE O 131 29.75 -28.60 7.97
C ILE O 131 29.26 -29.37 6.75
N GLU O 132 30.22 -29.89 5.99
CA GLU O 132 29.97 -30.69 4.81
C GLU O 132 30.70 -32.02 4.94
N VAL O 133 29.96 -33.12 4.70
CA VAL O 133 30.40 -34.47 5.05
C VAL O 133 30.30 -35.37 3.83
N ALA O 134 31.30 -36.23 3.67
CA ALA O 134 31.36 -37.28 2.67
C ALA O 134 31.17 -38.64 3.33
N HIS O 135 30.65 -39.60 2.57
CA HIS O 135 30.27 -40.89 3.13
C HIS O 135 30.34 -41.95 2.04
N GLU O 136 30.30 -43.21 2.44
CA GLU O 136 30.23 -44.33 1.50
C GLU O 136 28.99 -45.17 1.75
N GLY O 137 27.82 -44.55 1.79
CA GLY O 137 26.57 -45.28 1.69
C GLY O 137 25.42 -44.56 2.37
N LEU O 138 24.22 -44.89 1.92
CA LEU O 138 22.99 -44.29 2.45
C LEU O 138 21.84 -45.26 2.29
N THR O 139 20.97 -45.31 3.31
CA THR O 139 19.83 -46.22 3.30
C THR O 139 18.62 -45.56 3.96
N ILE O 140 17.44 -45.76 3.37
CA ILE O 140 16.19 -45.16 3.81
C ILE O 140 15.31 -46.23 4.44
N GLN O 141 14.71 -45.91 5.59
CA GLN O 141 13.77 -46.80 6.27
C GLN O 141 12.53 -46.01 6.66
N ASN O 142 11.39 -46.39 6.08
CA ASN O 142 10.10 -45.80 6.40
C ASN O 142 9.11 -46.92 6.73
N GLY O 143 8.56 -46.89 7.93
CA GLY O 143 7.57 -47.86 8.33
C GLY O 143 8.13 -49.25 8.44
N MET P 1 -7.51 45.39 33.77
CA MET P 1 -8.89 44.93 33.92
C MET P 1 -9.56 44.77 32.57
N ILE P 2 -10.77 44.23 32.59
CA ILE P 2 -11.53 44.03 31.36
C ILE P 2 -12.38 45.25 31.02
N SER P 3 -12.72 46.08 32.01
CA SER P 3 -13.55 47.24 31.75
C SER P 3 -12.83 48.33 30.98
N ASP P 4 -11.50 48.39 31.07
CA ASP P 4 -10.78 49.50 30.46
C ASP P 4 -10.70 49.37 28.95
N ALA P 5 -10.50 48.14 28.46
CA ALA P 5 -10.48 47.93 27.02
C ALA P 5 -11.83 48.27 26.39
N MET P 6 -12.91 47.82 27.02
CA MET P 6 -14.23 48.10 26.46
C MET P 6 -14.58 49.57 26.57
N ARG P 7 -14.12 50.26 27.61
CA ARG P 7 -14.35 51.70 27.67
C ARG P 7 -13.59 52.42 26.56
N LEU P 8 -12.34 52.01 26.30
CA LEU P 8 -11.57 52.59 25.21
C LEU P 8 -12.29 52.44 23.88
N ILE P 9 -12.71 51.21 23.57
CA ILE P 9 -13.39 50.96 22.30
C ILE P 9 -14.68 51.76 22.21
N GLN P 10 -15.43 51.81 23.31
CA GLN P 10 -16.69 52.54 23.32
C GLN P 10 -16.47 54.01 23.01
N VAL P 11 -15.49 54.63 23.67
CA VAL P 11 -15.27 56.06 23.47
C VAL P 11 -14.85 56.34 22.03
N ALA P 12 -13.96 55.53 21.47
CA ALA P 12 -13.50 55.79 20.10
C ALA P 12 -14.65 55.64 19.09
N LEU P 13 -15.42 54.57 19.21
CA LEU P 13 -16.51 54.35 18.26
C LEU P 13 -17.59 55.41 18.40
N GLN P 14 -17.91 55.80 19.64
CA GLN P 14 -18.85 56.88 19.88
C GLN P 14 -18.41 58.15 19.17
N ARG P 15 -17.13 58.51 19.31
CA ARG P 15 -16.63 59.71 18.67
C ARG P 15 -16.78 59.65 17.16
N TYR P 16 -16.37 58.53 16.56
CA TYR P 16 -16.49 58.39 15.11
C TYR P 16 -17.93 58.54 14.63
N ILE P 17 -18.84 57.76 15.21
CA ILE P 17 -20.22 57.77 14.75
C ILE P 17 -20.82 59.15 14.91
N LEU P 18 -20.71 59.74 16.10
CA LEU P 18 -21.30 61.06 16.31
C LEU P 18 -20.61 62.13 15.48
N GLU P 19 -19.39 61.86 15.01
CA GLU P 19 -18.77 62.76 14.04
C GLU P 19 -19.48 62.70 12.70
N PHE P 20 -19.82 61.50 12.24
CA PHE P 20 -20.40 61.39 10.91
C PHE P 20 -21.91 61.54 10.87
N GLU P 21 -22.59 61.48 12.02
CA GLU P 21 -24.05 61.63 12.08
C GLU P 21 -24.39 62.72 13.10
N PRO P 22 -24.32 63.99 12.70
CA PRO P 22 -24.65 65.07 13.64
C PRO P 22 -26.11 65.10 14.07
N GLU P 23 -26.99 64.45 13.33
CA GLU P 23 -28.43 64.54 13.59
C GLU P 23 -28.87 63.77 14.82
N LEU P 24 -28.01 62.93 15.39
CA LEU P 24 -28.38 62.09 16.52
C LEU P 24 -28.50 62.86 17.83
N GLY P 25 -28.40 64.19 17.82
CA GLY P 25 -28.70 64.97 18.99
C GLY P 25 -27.75 64.80 20.15
N LEU P 26 -26.56 64.27 19.91
CA LEU P 26 -25.50 64.21 20.91
C LEU P 26 -25.91 63.35 22.11
N SER P 27 -26.64 62.28 21.85
CA SER P 27 -27.05 61.34 22.89
C SER P 27 -25.99 60.25 23.01
N GLN P 28 -26.32 59.18 23.73
CA GLN P 28 -25.41 58.05 23.90
C GLN P 28 -25.75 57.00 22.84
N VAL P 29 -24.91 56.89 21.82
CA VAL P 29 -25.16 55.91 20.77
C VAL P 29 -24.72 54.53 21.20
N VAL P 30 -23.62 54.43 21.95
CA VAL P 30 -23.01 53.16 22.30
C VAL P 30 -23.11 52.97 23.80
N ILE P 31 -23.59 51.79 24.21
CA ILE P 31 -23.67 51.42 25.62
C ILE P 31 -23.11 50.02 25.79
N ILE P 32 -22.64 49.72 26.99
CA ILE P 32 -22.11 48.41 27.34
C ILE P 32 -23.10 47.75 28.28
N GLU P 33 -23.65 46.62 27.84
CA GLU P 33 -24.74 45.95 28.54
C GLU P 33 -24.85 44.54 27.96
N ASN P 34 -25.69 43.72 28.58
CA ASN P 34 -25.97 42.37 28.11
C ASN P 34 -27.17 42.39 27.18
N ILE P 35 -27.02 41.81 25.99
CA ILE P 35 -28.08 41.88 25.00
C ILE P 35 -29.24 40.96 25.36
N ALA P 36 -28.94 39.78 25.92
CA ALA P 36 -29.97 38.80 26.20
C ALA P 36 -30.99 39.28 27.22
N MET P 37 -30.68 40.35 27.95
CA MET P 37 -31.59 40.88 28.96
C MET P 37 -32.64 41.80 28.37
N ALA P 38 -32.65 42.00 27.06
CA ALA P 38 -33.58 42.94 26.45
C ALA P 38 -35.01 42.43 26.52
N GLU P 39 -35.94 43.36 26.76
CA GLU P 39 -37.34 42.99 26.86
C GLU P 39 -37.89 42.44 25.54
N GLU P 40 -37.48 43.03 24.43
CA GLU P 40 -38.01 42.63 23.13
C GLU P 40 -37.64 41.21 22.77
N LEU P 41 -36.55 40.68 23.32
CA LEU P 41 -36.13 39.32 23.05
C LEU P 41 -36.58 38.34 24.12
N GLY P 42 -37.50 38.75 24.99
CA GLY P 42 -38.01 37.90 26.04
C GLY P 42 -37.43 38.13 27.41
N GLY P 43 -36.56 39.12 27.57
CA GLY P 43 -35.94 39.40 28.85
C GLY P 43 -36.80 40.31 29.71
N GLN P 44 -36.15 40.99 30.65
CA GLN P 44 -36.83 41.81 31.63
C GLN P 44 -36.46 43.29 31.58
N ASN P 45 -35.34 43.65 30.96
CA ASN P 45 -34.85 45.01 30.95
C ASN P 45 -35.53 45.79 29.83
N ASN P 46 -36.11 46.95 30.17
CA ASN P 46 -36.82 47.77 29.21
C ASN P 46 -36.07 49.04 28.82
N GLN P 47 -34.78 49.12 29.14
CA GLN P 47 -33.98 50.29 28.82
C GLN P 47 -33.04 50.09 27.64
N ILE P 48 -32.94 48.87 27.12
CA ILE P 48 -32.07 48.58 25.99
C ILE P 48 -32.94 48.62 24.75
N ASN P 49 -33.02 49.80 24.14
CA ASN P 49 -33.81 49.97 22.92
C ASN P 49 -33.35 51.25 22.25
N GLY P 50 -32.90 51.15 21.00
CA GLY P 50 -32.42 52.31 20.31
C GLY P 50 -30.96 52.58 20.64
N HIS P 51 -30.12 51.57 20.51
CA HIS P 51 -28.72 51.69 20.85
C HIS P 51 -27.91 50.75 19.98
N VAL P 52 -26.59 50.91 20.07
CA VAL P 52 -25.63 49.88 19.71
C VAL P 52 -25.05 49.35 21.01
N VAL P 53 -25.06 48.04 21.17
CA VAL P 53 -24.71 47.38 22.42
C VAL P 53 -23.49 46.50 22.20
N MET P 54 -22.55 46.59 23.13
CA MET P 54 -21.35 45.76 23.14
C MET P 54 -21.51 44.66 24.18
N SER P 55 -21.17 43.43 23.81
CA SER P 55 -21.29 42.32 24.73
C SER P 55 -20.08 41.42 24.66
N LEU P 56 -19.57 41.01 25.82
CA LEU P 56 -18.51 40.01 25.90
C LEU P 56 -19.14 38.63 25.86
N VAL P 57 -18.74 37.80 24.90
CA VAL P 57 -19.38 36.50 24.72
C VAL P 57 -18.49 35.32 25.04
N ASN P 58 -17.17 35.49 25.04
CA ASN P 58 -16.28 34.36 25.28
C ASN P 58 -14.94 34.90 25.78
N LEU P 59 -14.09 33.98 26.24
CA LEU P 59 -12.82 34.34 26.84
C LEU P 59 -11.88 33.16 26.70
N GLN P 60 -10.85 33.30 25.87
CA GLN P 60 -9.92 32.21 25.62
C GLN P 60 -8.49 32.63 25.96
N GLU P 61 -7.67 31.64 26.29
CA GLU P 61 -6.27 31.86 26.61
C GLU P 61 -5.40 31.66 25.39
N GLU P 62 -4.31 32.42 25.31
CA GLU P 62 -3.36 32.32 24.21
C GLU P 62 -2.36 31.22 24.54
N THR P 63 -2.35 30.17 23.71
CA THR P 63 -1.51 29.00 23.95
C THR P 63 -0.03 29.26 23.68
N THR P 64 0.29 30.26 22.87
CA THR P 64 1.68 30.47 22.48
C THR P 64 2.49 31.13 23.59
N LEU P 65 1.86 31.85 24.50
CA LEU P 65 2.56 32.57 25.55
C LEU P 65 2.61 31.81 26.87
N LYS P 66 2.13 30.57 26.90
CA LYS P 66 2.35 29.73 28.06
C LYS P 66 3.81 29.33 28.15
N ASN P 67 4.20 28.88 29.33
CA ASN P 67 5.57 28.42 29.59
C ASN P 67 6.58 29.55 29.42
N SER P 68 6.24 30.73 29.90
CA SER P 68 7.18 31.84 29.98
C SER P 68 7.93 31.79 31.30
N PRO P 69 9.10 32.41 31.38
CA PRO P 69 9.95 32.25 32.58
C PRO P 69 9.26 32.72 33.86
N HIS P 70 9.66 32.11 34.97
CA HIS P 70 9.07 32.42 36.27
C HIS P 70 10.04 33.15 37.20
N TYR P 71 11.11 33.74 36.66
CA TYR P 71 12.04 34.49 37.48
C TYR P 71 12.60 35.65 36.67
N ARG P 72 13.21 36.60 37.38
CA ARG P 72 13.91 37.71 36.74
C ARG P 72 15.17 38.03 37.52
N LEU P 73 16.15 38.61 36.84
CA LEU P 73 17.42 38.96 37.44
C LEU P 73 17.51 40.48 37.63
N ASP P 74 18.02 40.90 38.78
CA ASP P 74 18.17 42.32 39.07
C ASP P 74 19.24 42.48 40.15
N ASN P 75 20.26 43.29 39.84
CA ASN P 75 21.32 43.63 40.78
C ASN P 75 22.04 42.38 41.29
N GLY P 76 22.10 41.34 40.46
CA GLY P 76 22.75 40.11 40.87
C GLY P 76 21.93 39.22 41.77
N ARG P 77 20.62 39.46 41.89
CA ARG P 77 19.75 38.62 42.67
C ARG P 77 18.54 38.22 41.85
N THR P 78 17.86 37.16 42.29
CA THR P 78 16.76 36.56 41.56
C THR P 78 15.44 36.89 42.24
N ILE P 79 14.47 37.33 41.47
CA ILE P 79 13.11 37.61 41.93
C ILE P 79 12.19 36.59 41.31
N TYR P 80 11.49 35.82 42.15
CA TYR P 80 10.58 34.78 41.70
C TYR P 80 9.15 35.28 41.77
N GLN P 81 8.44 35.15 40.66
CA GLN P 81 7.04 35.55 40.51
C GLN P 81 6.41 34.70 39.42
N ASN P 82 5.10 34.43 39.57
CA ASN P 82 4.39 33.61 38.58
C ASN P 82 4.08 34.43 37.33
N PRO P 83 4.12 33.81 36.16
CA PRO P 83 3.86 34.55 34.91
C PRO P 83 2.41 34.96 34.79
N PRO P 84 2.10 35.95 33.95
CA PRO P 84 0.72 36.43 33.84
C PRO P 84 -0.11 35.55 32.91
N VAL P 85 -1.40 35.87 32.85
CA VAL P 85 -2.37 35.14 32.03
C VAL P 85 -2.78 36.03 30.88
N ASN P 86 -2.68 35.52 29.66
CA ASN P 86 -2.95 36.27 28.43
C ASN P 86 -4.23 35.76 27.78
N LEU P 87 -5.14 36.68 27.48
CA LEU P 87 -6.49 36.32 27.04
C LEU P 87 -6.84 36.99 25.73
N ASN P 88 -7.62 36.27 24.92
CA ASN P 88 -8.31 36.80 23.76
C ASN P 88 -9.77 37.07 24.12
N LEU P 89 -10.31 38.17 23.60
CA LEU P 89 -11.66 38.58 23.92
C LEU P 89 -12.54 38.56 22.67
N PHE P 90 -13.81 38.18 22.86
CA PHE P 90 -14.78 38.11 21.79
C PHE P 90 -15.92 39.07 22.09
N ILE P 91 -16.09 40.07 21.23
CA ILE P 91 -17.04 41.15 21.44
C ILE P 91 -18.06 41.16 20.32
N LEU P 92 -19.33 41.20 20.70
CA LEU P 92 -20.44 41.24 19.76
C LEU P 92 -21.08 42.62 19.79
N PHE P 93 -21.27 43.19 18.62
CA PHE P 93 -21.93 44.49 18.44
C PHE P 93 -23.31 44.24 17.87
N SER P 94 -24.34 44.65 18.61
CA SER P 94 -25.72 44.49 18.17
C SER P 94 -26.41 45.84 18.09
N ALA P 95 -27.19 46.05 17.04
CA ALA P 95 -27.93 47.28 16.84
C ALA P 95 -29.41 47.02 17.07
N LEU P 96 -30.01 47.75 18.01
CA LEU P 96 -31.41 47.53 18.37
C LEU P 96 -32.15 48.86 18.33
N HIS P 97 -33.06 49.02 17.37
CA HIS P 97 -33.85 50.24 17.23
C HIS P 97 -35.27 49.87 16.84
N ASN P 98 -36.18 50.80 17.08
CA ASN P 98 -37.55 50.65 16.62
C ASN P 98 -37.70 50.96 15.13
N GLN P 99 -36.61 51.29 14.45
CA GLN P 99 -36.60 51.58 13.02
C GLN P 99 -35.52 50.71 12.39
N TYR P 100 -35.93 49.75 11.57
CA TYR P 100 -35.02 48.72 11.10
C TYR P 100 -33.89 49.25 10.24
N GLU P 101 -34.03 50.43 9.64
CA GLU P 101 -33.00 50.93 8.73
C GLU P 101 -31.87 51.66 9.47
N THR P 102 -32.20 52.35 10.56
CA THR P 102 -31.17 52.97 11.38
C THR P 102 -30.16 51.93 11.84
N SER P 103 -30.64 50.73 12.18
CA SER P 103 -29.74 49.66 12.60
C SER P 103 -28.74 49.32 11.51
N LEU P 104 -29.19 49.25 10.26
CA LEU P 104 -28.30 48.90 9.16
C LEU P 104 -27.29 50.01 8.90
N ARG P 105 -27.73 51.26 8.96
CA ARG P 105 -26.79 52.37 8.80
C ARG P 105 -25.70 52.34 9.88
N LEU P 106 -26.10 52.13 11.13
CA LEU P 106 -25.11 52.11 12.20
C LEU P 106 -24.19 50.91 12.10
N LEU P 107 -24.69 49.76 11.65
CA LEU P 107 -23.81 48.62 11.41
C LEU P 107 -22.77 48.93 10.35
N SER P 108 -23.19 49.57 9.26
CA SER P 108 -22.24 49.94 8.21
C SER P 108 -21.16 50.84 8.77
N ARG P 109 -21.54 51.79 9.62
CA ARG P 109 -20.54 52.71 10.16
C ARG P 109 -19.60 52.02 11.14
N VAL P 110 -20.10 51.06 11.91
CA VAL P 110 -19.23 50.27 12.78
C VAL P 110 -18.19 49.52 11.95
N VAL P 111 -18.65 48.87 10.88
CA VAL P 111 -17.74 48.11 10.04
C VAL P 111 -16.67 49.01 9.45
N GLU P 112 -17.05 50.19 8.96
CA GLU P 112 -16.03 51.04 8.34
C GLU P 112 -15.10 51.68 9.38
N PHE P 113 -15.60 51.94 10.59
CA PHE P 113 -14.71 52.41 11.64
C PHE P 113 -13.62 51.39 11.92
N PHE P 114 -13.99 50.11 12.02
CA PHE P 114 -12.96 49.11 12.22
C PHE P 114 -12.13 48.88 10.96
N GLN P 115 -12.65 49.27 9.79
CA GLN P 115 -11.83 49.24 8.58
C GLN P 115 -10.74 50.30 8.62
N TRP P 116 -10.99 51.42 9.28
CA TRP P 116 -10.01 52.50 9.32
C TRP P 116 -8.91 52.24 10.35
N GLN P 117 -9.27 51.92 11.58
CA GLN P 117 -8.34 51.83 12.70
C GLN P 117 -7.94 50.39 12.94
N LYS P 118 -6.67 50.07 12.69
CA LYS P 118 -6.16 48.72 12.88
C LYS P 118 -5.48 48.51 14.23
N GLU P 119 -5.39 49.55 15.05
CA GLU P 119 -4.75 49.42 16.36
C GLU P 119 -5.38 50.42 17.31
N LEU P 120 -5.76 49.94 18.49
CA LEU P 120 -6.39 50.76 19.52
C LEU P 120 -5.42 50.90 20.67
N SER P 121 -5.12 52.14 21.04
CA SER P 121 -4.21 52.42 22.14
C SER P 121 -4.48 53.83 22.63
N PHE P 122 -4.02 54.11 23.85
CA PHE P 122 -4.17 55.45 24.39
C PHE P 122 -3.34 56.48 23.61
N THR P 123 -2.26 56.03 22.97
CA THR P 123 -1.38 56.93 22.24
C THR P 123 -1.91 57.28 20.86
N THR P 124 -2.88 56.54 20.34
CA THR P 124 -3.39 56.73 19.00
C THR P 124 -4.89 56.99 18.96
N THR P 125 -5.65 56.52 19.94
CA THR P 125 -7.08 56.75 20.02
C THR P 125 -7.40 57.28 21.41
N PRO P 126 -6.97 58.51 21.71
CA PRO P 126 -7.02 58.99 23.10
C PRO P 126 -8.44 59.19 23.65
N GLY P 127 -9.26 59.95 22.94
CA GLY P 127 -10.60 60.24 23.41
C GLY P 127 -10.64 61.01 24.72
N SER P 132 -5.58 53.86 30.04
CA SER P 132 -4.68 53.43 31.12
C SER P 132 -3.23 53.42 30.67
N ARG P 133 -3.01 53.82 29.41
CA ARG P 133 -1.68 53.94 28.83
C ARG P 133 -0.90 52.63 28.86
N ASP P 134 -1.59 51.50 29.04
CA ASP P 134 -0.97 50.19 29.01
C ASP P 134 -1.54 49.26 27.95
N LEU P 135 -2.75 49.53 27.48
CA LEU P 135 -3.44 48.62 26.58
C LEU P 135 -2.89 48.74 25.16
N ARG P 136 -3.04 47.65 24.41
CA ARG P 136 -2.78 47.65 22.97
C ARG P 136 -3.59 46.53 22.38
N ILE P 137 -4.59 46.88 21.57
CA ILE P 137 -5.63 45.94 21.16
C ILE P 137 -5.69 45.93 19.65
N LEU P 138 -5.48 44.76 19.05
CA LEU P 138 -5.57 44.60 17.61
C LEU P 138 -6.82 43.80 17.27
N PRO P 139 -7.87 44.40 16.73
CA PRO P 139 -9.10 43.67 16.46
C PRO P 139 -9.08 43.00 15.10
N ASP P 140 -9.96 42.02 14.94
CA ASP P 140 -10.26 41.45 13.63
C ASP P 140 -11.70 40.98 13.57
N LEU P 141 -12.18 40.76 12.35
CA LEU P 141 -13.58 40.49 12.06
C LEU P 141 -13.80 38.99 11.90
N TYR P 142 -14.93 38.49 12.42
CA TYR P 142 -15.26 37.07 12.34
C TYR P 142 -16.52 36.87 11.52
N SER P 143 -16.43 36.05 10.48
CA SER P 143 -17.58 35.63 9.69
C SER P 143 -17.92 34.18 10.03
N LEU P 144 -19.21 33.92 10.24
CA LEU P 144 -19.66 32.63 10.73
C LEU P 144 -20.51 31.90 9.70
N THR P 145 -20.71 30.61 9.93
CA THR P 145 -21.62 29.81 9.14
C THR P 145 -22.98 29.78 9.84
N PHE P 146 -23.93 29.04 9.27
CA PHE P 146 -25.25 29.00 9.89
C PHE P 146 -25.26 28.15 11.16
N GLU P 147 -24.44 27.10 11.21
CA GLU P 147 -24.35 26.30 12.42
C GLU P 147 -23.73 27.10 13.56
N GLN P 148 -22.74 27.94 13.25
CA GLN P 148 -22.11 28.75 14.29
C GLN P 148 -23.04 29.86 14.76
N LEU P 149 -23.80 30.46 13.85
CA LEU P 149 -24.84 31.39 14.27
C LEU P 149 -25.84 30.70 15.18
N ASN P 150 -26.20 29.46 14.84
CA ASN P 150 -27.12 28.70 15.66
C ASN P 150 -26.57 28.52 17.06
N HIS P 151 -25.31 28.09 17.17
CA HIS P 151 -24.71 27.91 18.49
C HIS P 151 -24.70 29.21 19.28
N LEU P 152 -24.23 30.30 18.64
CA LEU P 152 -24.15 31.59 19.31
C LEU P 152 -25.52 32.03 19.85
N TRP P 153 -26.50 32.14 18.97
CA TRP P 153 -27.77 32.70 19.38
C TRP P 153 -28.59 31.72 20.20
N GLY P 154 -28.29 30.42 20.15
CA GLY P 154 -28.86 29.51 21.12
C GLY P 154 -28.31 29.74 22.51
N ALA P 155 -27.02 30.06 22.60
CA ALA P 155 -26.47 30.47 23.88
C ALA P 155 -26.97 31.85 24.33
N LEU P 156 -27.50 32.65 23.40
CA LEU P 156 -27.94 34.00 23.76
C LEU P 156 -29.45 34.19 23.82
N GLY P 157 -30.25 33.15 23.66
CA GLY P 157 -31.68 33.24 23.81
C GLY P 157 -32.50 32.75 22.63
N GLY P 158 -31.94 32.76 21.42
CA GLY P 158 -32.60 32.19 20.27
C GLY P 158 -33.28 33.14 19.31
N LYS P 159 -32.89 34.41 19.29
CA LYS P 159 -33.44 35.37 18.33
C LYS P 159 -32.36 36.36 17.90
N GLN P 160 -32.29 36.59 16.59
CA GLN P 160 -31.27 37.43 16.00
C GLN P 160 -31.68 38.90 15.95
N VAL P 161 -30.67 39.76 15.90
CA VAL P 161 -30.81 41.16 15.50
C VAL P 161 -29.66 41.44 14.55
N PRO P 162 -29.63 42.56 13.84
CA PRO P 162 -28.43 42.89 13.06
C PRO P 162 -27.21 43.02 13.96
N PHE P 163 -26.15 42.30 13.62
CA PHE P 163 -25.02 42.17 14.52
C PHE P 163 -23.73 42.00 13.74
N VAL P 164 -22.61 42.05 14.47
CA VAL P 164 -21.30 41.74 13.93
C VAL P 164 -20.39 41.31 15.08
N LEU P 165 -19.39 40.48 14.77
CA LEU P 165 -18.53 39.89 15.79
C LEU P 165 -17.05 40.18 15.52
N TYR P 166 -16.36 40.61 16.57
CA TYR P 166 -14.95 40.94 16.47
C TYR P 166 -14.17 40.25 17.59
N ARG P 167 -12.88 40.06 17.35
CA ARG P 167 -11.96 39.50 18.33
C ARG P 167 -10.86 40.50 18.63
N ALA P 168 -10.60 40.72 19.91
CA ALA P 168 -9.52 41.57 20.40
C ALA P 168 -8.44 40.67 20.99
N ARG P 169 -7.19 40.86 20.56
CA ARG P 169 -6.22 39.78 20.67
C ARG P 169 -5.66 39.58 22.09
N ILE P 170 -4.94 40.55 22.63
CA ILE P 170 -4.15 40.27 23.83
C ILE P 170 -4.58 41.18 24.98
N LEU P 171 -4.88 40.57 26.11
CA LEU P 171 -5.08 41.28 27.37
C LEU P 171 -4.45 40.45 28.48
N SER P 172 -3.59 41.07 29.28
CA SER P 172 -2.77 40.36 30.24
C SER P 172 -3.18 40.71 31.66
N LEU P 173 -3.35 39.68 32.49
CA LEU P 173 -3.81 39.84 33.86
C LEU P 173 -2.84 39.15 34.81
N GLU P 174 -2.61 39.79 35.96
CA GLU P 174 -1.79 39.20 37.01
C GLU P 174 -2.00 39.98 38.30
N ALA P 175 -1.55 39.38 39.40
CA ALA P 175 -1.60 39.98 40.73
C ALA P 175 -0.28 40.68 41.04
N PRO P 176 -0.31 41.81 41.73
CA PRO P 176 0.92 42.51 42.13
C PRO P 176 1.51 41.95 43.40
N LYS P 177 2.11 40.76 43.30
CA LYS P 177 2.65 40.09 44.47
C LYS P 177 3.86 39.25 44.10
N ARG P 178 4.94 39.43 44.85
CA ARG P 178 6.16 38.67 44.67
C ARG P 178 5.99 37.26 45.22
N GLN P 179 6.86 36.36 44.79
CA GLN P 179 6.87 35.00 45.31
C GLN P 179 8.09 34.70 46.16
N ALA P 180 9.31 34.97 45.69
CA ALA P 180 10.48 34.68 46.51
C ALA P 180 11.69 35.43 45.98
N GLU P 181 12.84 35.23 46.66
CA GLU P 181 14.10 35.84 46.28
C GLU P 181 15.23 34.83 46.42
N GLY P 182 16.29 35.05 45.66
CA GLY P 182 17.46 34.20 45.73
C GLY P 182 18.70 34.90 45.21
N SER P 183 19.80 34.15 45.16
CA SER P 183 21.09 34.70 44.74
C SER P 183 21.66 33.89 43.59
N THR P 184 22.62 34.49 42.88
CA THR P 184 23.19 33.93 41.66
C THR P 184 24.55 33.27 41.94
N ILE P 185 25.17 32.79 40.86
CA ILE P 185 26.41 32.03 40.93
C ILE P 185 27.60 32.95 40.78
N THR P 186 28.57 32.85 41.69
CA THR P 186 29.77 33.68 41.62
C THR P 186 31.07 32.91 41.83
N GLU P 187 31.03 31.69 42.36
CA GLU P 187 32.24 30.91 42.58
C GLU P 187 31.93 29.44 42.31
N ILE P 188 32.89 28.69 41.74
CA ILE P 188 32.73 27.25 41.44
C ILE P 188 33.97 26.42 41.87
N TYR P 189 33.78 25.28 42.52
CA TYR P 189 34.88 24.40 42.88
C TYR P 189 34.70 23.16 42.08
N ILE P 190 35.78 22.66 41.50
CA ILE P 190 35.76 21.43 40.75
C ILE P 190 36.73 20.54 41.51
N ASN P 191 36.21 19.44 42.08
CA ASN P 191 37.02 18.54 42.89
C ASN P 191 37.82 19.29 43.95
N MET Q 1 39.79 22.91 42.51
CA MET Q 1 40.02 24.06 41.65
C MET Q 1 39.02 25.16 41.94
N LYS Q 2 39.44 26.14 42.75
CA LYS Q 2 38.58 27.28 43.12
C LYS Q 2 38.72 28.42 42.12
N ILE Q 3 37.59 28.88 41.59
CA ILE Q 3 37.59 29.94 40.59
C ILE Q 3 36.65 31.04 41.05
N LEU Q 4 37.21 32.21 41.32
CA LEU Q 4 36.45 33.37 41.79
C LEU Q 4 36.36 34.43 40.70
N TYR Q 5 35.14 34.95 40.50
CA TYR Q 5 34.86 35.94 39.47
C TYR Q 5 34.26 37.17 40.12
N LYS Q 6 34.59 38.34 39.57
CA LYS Q 6 34.07 39.60 40.10
C LYS Q 6 33.81 40.56 38.94
N LYS Q 7 32.72 41.31 39.03
CA LYS Q 7 32.40 42.25 37.97
C LYS Q 7 33.51 43.29 37.93
N ILE Q 8 33.91 43.67 36.72
CA ILE Q 8 34.99 44.66 36.55
C ILE Q 8 34.62 45.81 35.62
N LEU Q 9 33.47 45.73 34.96
CA LEU Q 9 33.10 46.78 34.03
C LEU Q 9 31.60 46.92 33.85
N ASN Q 10 31.14 48.17 33.78
CA ASN Q 10 29.75 48.47 33.55
C ASN Q 10 29.66 49.35 32.31
N LEU Q 11 28.88 48.93 31.34
CA LEU Q 11 28.70 49.68 30.10
C LEU Q 11 27.22 49.93 29.91
N GLU Q 12 26.82 51.19 29.94
CA GLU Q 12 25.40 51.50 29.81
C GLU Q 12 25.14 52.41 28.61
N LEU Q 13 23.93 52.27 28.07
CA LEU Q 13 23.50 53.00 26.87
C LEU Q 13 22.15 53.63 27.16
N TRP Q 14 22.05 54.94 26.98
CA TRP Q 14 20.86 55.70 27.32
C TRP Q 14 20.21 56.25 26.06
N HIS Q 15 18.90 56.41 26.11
CA HIS Q 15 18.14 57.00 25.01
C HIS Q 15 16.97 57.78 25.59
N ASP Q 16 16.85 59.04 25.19
CA ASP Q 16 15.79 59.90 25.68
C ASP Q 16 14.43 59.56 25.07
N PHE Q 17 14.39 58.73 24.04
CA PHE Q 17 13.13 58.24 23.52
C PHE Q 17 12.35 57.48 24.59
N TYR Q 18 13.05 56.83 25.51
CA TYR Q 18 12.44 56.11 26.62
C TYR Q 18 12.54 56.86 27.95
N LEU Q 19 13.66 57.54 28.20
CA LEU Q 19 13.91 58.12 29.51
C LEU Q 19 13.34 59.52 29.66
N GLY Q 20 13.41 60.33 28.62
CA GLY Q 20 13.07 61.73 28.75
C GLY Q 20 14.24 62.52 29.31
N GLN Q 21 13.90 63.65 29.95
CA GLN Q 21 14.90 64.49 30.61
C GLN Q 21 14.62 64.56 32.09
N PRO Q 22 15.32 63.78 32.91
CA PRO Q 22 15.19 63.95 34.37
C PRO Q 22 15.85 65.24 34.81
N ASN Q 23 15.28 65.84 35.86
CA ASN Q 23 15.79 67.12 36.34
C ASN Q 23 17.19 66.99 36.92
N THR Q 24 17.59 65.81 37.36
CA THR Q 24 18.97 65.54 37.73
C THR Q 24 19.25 64.05 37.56
N PRO Q 25 20.15 63.69 36.65
CA PRO Q 25 20.34 62.27 36.32
C PRO Q 25 20.99 61.50 37.45
N GLY Q 26 20.41 60.34 37.73
CA GLY Q 26 20.97 59.39 38.67
C GLY Q 26 21.26 58.07 38.00
N SER Q 27 20.55 57.03 38.40
CA SER Q 27 20.57 55.74 37.72
C SER Q 27 19.35 55.60 36.81
N LEU Q 28 19.35 54.54 36.03
CA LEU Q 28 18.20 54.23 35.19
C LEU Q 28 17.06 53.68 36.05
N PRO Q 29 15.83 53.68 35.52
CA PRO Q 29 14.74 53.04 36.27
C PRO Q 29 14.90 51.54 36.33
N ASN Q 30 14.03 50.88 37.09
CA ASN Q 30 14.13 49.43 37.25
C ASN Q 30 13.62 48.66 36.05
N ASN Q 31 12.83 49.30 35.18
CA ASN Q 31 12.25 48.65 34.01
C ASN Q 31 12.90 49.11 32.71
N TYR Q 32 14.15 49.55 32.76
CA TYR Q 32 14.82 50.00 31.55
C TYR Q 32 15.23 48.81 30.70
N ASP Q 33 15.19 49.01 29.38
CA ASP Q 33 15.50 47.94 28.44
C ASP Q 33 15.72 48.45 27.02
N ILE Q 34 16.81 48.05 26.39
CA ILE Q 34 17.06 48.35 25.00
C ILE Q 34 17.48 47.08 24.28
N SER Q 35 17.25 45.92 24.91
CA SER Q 35 17.71 44.65 24.38
C SER Q 35 17.18 44.35 22.98
N ARG Q 36 16.26 45.16 22.48
CA ARG Q 36 15.68 44.97 21.15
C ARG Q 36 15.97 46.15 20.22
N THR Q 37 16.83 47.07 20.63
CA THR Q 37 17.19 48.22 19.81
C THR Q 37 18.68 48.29 19.51
N LEU Q 38 19.52 47.96 20.49
CA LEU Q 38 20.96 48.07 20.34
C LEU Q 38 21.62 46.81 20.89
N ALA Q 39 22.78 46.47 20.33
CA ALA Q 39 23.50 45.28 20.77
C ALA Q 39 25.00 45.51 20.67
N LEU Q 40 25.73 44.95 21.62
CA LEU Q 40 27.19 44.99 21.63
C LEU Q 40 27.73 43.61 21.24
N VAL Q 41 28.72 43.59 20.36
CA VAL Q 41 29.23 42.34 19.82
C VAL Q 41 30.77 42.36 19.83
N PRO Q 42 31.42 41.46 20.55
CA PRO Q 42 32.89 41.44 20.52
C PRO Q 42 33.42 40.98 19.17
N THR Q 43 34.57 41.52 18.78
CA THR Q 43 35.26 41.07 17.57
C THR Q 43 36.03 39.80 17.87
N GLN Q 44 36.76 39.30 16.86
CA GLN Q 44 37.52 38.06 17.04
C GLN Q 44 38.74 38.29 17.90
N GLU Q 45 39.51 39.34 17.61
CA GLU Q 45 40.65 39.70 18.45
C GLU Q 45 40.20 39.90 19.89
N CYS Q 46 39.08 40.58 20.09
CA CYS Q 46 38.55 40.75 21.44
C CYS Q 46 38.32 39.41 22.11
N LEU Q 47 37.77 38.45 21.37
CA LEU Q 47 37.48 37.14 21.93
C LEU Q 47 38.77 36.45 22.39
N ARG Q 48 39.78 36.41 21.52
CA ARG Q 48 40.99 35.69 21.90
C ARG Q 48 41.75 36.42 23.01
N VAL Q 49 41.66 37.75 23.05
CA VAL Q 49 42.34 38.48 24.11
C VAL Q 49 41.64 38.27 25.45
N LEU Q 50 40.31 38.29 25.46
CA LEU Q 50 39.57 37.98 26.68
C LEU Q 50 39.88 36.56 27.14
N ALA Q 51 40.05 35.64 26.20
CA ALA Q 51 40.45 34.28 26.56
C ALA Q 51 41.80 34.29 27.25
N ASN Q 52 42.79 34.97 26.67
CA ASN Q 52 44.12 34.99 27.26
C ASN Q 52 44.12 35.64 28.65
N LEU Q 53 43.28 36.65 28.85
CA LEU Q 53 43.26 37.34 30.14
C LEU Q 53 42.38 36.67 31.17
N ARG Q 54 41.62 35.62 30.78
CA ARG Q 54 40.66 34.96 31.65
C ARG Q 54 39.59 35.92 32.15
N TRP Q 55 38.96 36.63 31.21
CA TRP Q 55 37.82 37.47 31.50
C TRP Q 55 36.61 36.99 30.71
N VAL Q 56 35.43 37.32 31.21
CA VAL Q 56 34.16 36.80 30.69
C VAL Q 56 33.27 37.95 30.29
N PHE Q 57 32.72 37.88 29.08
CA PHE Q 57 31.80 38.86 28.55
C PHE Q 57 30.36 38.43 28.79
N ARG Q 58 29.48 39.39 29.08
CA ARG Q 58 28.09 39.02 29.30
C ARG Q 58 27.16 40.14 28.84
N PRO Q 59 26.20 39.86 27.98
CA PRO Q 59 25.19 40.86 27.64
C PRO Q 59 24.26 41.12 28.83
N GLN Q 60 23.60 42.28 28.78
CA GLN Q 60 22.70 42.70 29.84
C GLN Q 60 21.48 43.37 29.24
N LEU Q 61 20.50 43.65 30.09
CA LEU Q 61 19.31 44.34 29.65
C LEU Q 61 19.55 45.83 29.38
N TYR Q 62 20.69 46.36 29.82
CA TYR Q 62 21.04 47.75 29.63
C TYR Q 62 22.32 47.94 28.85
N GLY Q 63 22.96 46.86 28.38
CA GLY Q 63 24.29 46.94 27.83
C GLY Q 63 25.04 45.64 28.00
N ALA Q 64 26.22 45.68 28.61
CA ALA Q 64 27.03 44.49 28.81
C ALA Q 64 27.82 44.63 30.10
N SER Q 65 28.60 43.59 30.42
CA SER Q 65 29.46 43.59 31.58
C SER Q 65 30.63 42.65 31.34
N LEU Q 66 31.71 42.89 32.09
CA LEU Q 66 32.90 42.05 32.07
C LEU Q 66 33.20 41.55 33.48
N PHE Q 67 33.60 40.29 33.57
CA PHE Q 67 33.94 39.64 34.82
C PHE Q 67 35.39 39.17 34.77
N ALA Q 68 36.15 39.50 35.80
CA ALA Q 68 37.54 39.11 35.91
C ALA Q 68 37.71 37.98 36.93
N ASN Q 69 38.75 37.19 36.73
CA ASN Q 69 39.06 36.05 37.59
C ASN Q 69 40.12 36.50 38.59
N VAL Q 70 39.77 36.51 39.87
CA VAL Q 70 40.60 37.17 40.89
C VAL Q 70 40.89 36.19 42.02
N ASN Q 71 41.72 36.67 42.96
CA ASN Q 71 42.07 35.95 44.17
C ASN Q 71 41.52 36.69 45.38
N ALA Q 72 40.94 35.96 46.32
CA ALA Q 72 40.34 36.57 47.50
C ALA Q 72 41.42 36.85 48.54
N ALA Q 73 41.77 38.12 48.71
CA ALA Q 73 42.73 38.55 49.71
C ALA Q 73 42.00 38.95 50.99
N PRO Q 74 42.71 38.97 52.13
CA PRO Q 74 42.07 39.43 53.37
C PRO Q 74 41.81 40.92 53.40
N SER Q 75 42.65 41.72 52.74
CA SER Q 75 42.52 43.17 52.81
C SER Q 75 41.20 43.68 52.24
N GLY Q 76 40.49 42.86 51.49
CA GLY Q 76 39.35 43.33 50.73
C GLY Q 76 39.68 43.74 49.31
N GLN Q 77 40.95 43.91 49.00
CA GLN Q 77 41.39 44.14 47.64
C GLN Q 77 41.41 42.83 46.87
N PHE Q 78 41.14 42.90 45.58
CA PHE Q 78 41.03 41.70 44.75
C PHE Q 78 42.08 41.73 43.66
N PRO Q 79 43.17 40.97 43.78
CA PRO Q 79 44.18 40.93 42.73
C PRO Q 79 43.87 39.91 41.65
N THR Q 80 44.34 40.22 40.45
CA THR Q 80 44.17 39.29 39.35
C THR Q 80 45.11 38.11 39.52
N ILE Q 81 44.77 37.00 38.87
CA ILE Q 81 45.59 35.78 38.98
C ILE Q 81 47.03 36.04 38.60
N PHE Q 82 47.26 36.98 37.72
CA PHE Q 82 48.60 37.40 37.38
C PHE Q 82 48.61 38.89 37.15
N PRO Q 83 49.78 39.51 37.24
CA PRO Q 83 49.84 40.97 37.00
C PRO Q 83 49.61 41.31 35.54
N ILE Q 84 48.58 42.10 35.28
CA ILE Q 84 48.30 42.63 33.94
C ILE Q 84 49.01 43.97 33.87
N ASP Q 85 50.26 43.95 33.42
CA ASP Q 85 51.10 45.14 33.44
C ASP Q 85 51.62 45.52 32.06
N ARG Q 86 50.96 45.06 30.99
CA ARG Q 86 51.25 45.48 29.63
C ARG Q 86 50.09 46.32 29.11
N VAL Q 87 50.15 46.69 27.84
CA VAL Q 87 49.13 47.48 27.20
C VAL Q 87 48.21 46.55 26.41
N TYR Q 88 46.90 46.73 26.58
CA TYR Q 88 45.92 45.88 25.92
C TYR Q 88 44.79 46.72 25.34
N ARG Q 89 44.05 46.12 24.41
CA ARG Q 89 43.09 46.85 23.59
C ARG Q 89 41.91 45.95 23.29
N LEU Q 90 40.70 46.39 23.62
CA LEU Q 90 39.48 45.60 23.44
C LEU Q 90 38.48 46.38 22.60
N THR Q 91 37.88 45.73 21.62
CA THR Q 91 37.00 46.39 20.66
C THR Q 91 35.65 45.70 20.59
N PHE Q 92 34.63 46.48 20.28
CA PHE Q 92 33.26 45.97 20.20
C PHE Q 92 32.49 46.68 19.09
N TRP Q 93 31.72 45.90 18.34
CA TRP Q 93 30.76 46.44 17.40
C TRP Q 93 29.48 46.86 18.13
N LEU Q 94 28.89 47.96 17.67
CA LEU Q 94 27.58 48.38 18.13
C LEU Q 94 26.63 48.27 16.94
N VAL Q 95 25.61 47.43 17.08
CA VAL Q 95 24.67 47.12 16.00
C VAL Q 95 23.28 47.56 16.43
N VAL Q 96 22.50 48.01 15.44
CA VAL Q 96 21.14 48.51 15.65
C VAL Q 96 20.16 47.44 15.18
N SER Q 97 19.11 47.21 15.98
CA SER Q 97 18.09 46.24 15.63
C SER Q 97 16.78 46.87 15.18
N ASP Q 98 16.45 48.05 15.69
CA ASP Q 98 15.16 48.68 15.45
C ASP Q 98 15.23 49.51 14.17
N ARG Q 99 14.32 49.20 13.26
CA ARG Q 99 14.22 50.03 12.05
C ARG Q 99 13.63 51.35 12.48
N TYR Q 100 13.59 52.32 11.59
CA TYR Q 100 13.18 53.68 11.91
C TYR Q 100 14.03 54.31 13.01
N PHE Q 101 15.17 53.71 13.33
CA PHE Q 101 16.03 54.24 14.39
C PHE Q 101 16.50 55.65 14.05
N ALA Q 102 16.91 55.88 12.82
CA ALA Q 102 17.41 57.16 12.35
C ALA Q 102 16.35 58.23 12.34
N ASN Q 103 15.13 57.96 12.78
CA ASN Q 103 14.06 58.94 12.78
C ASN Q 103 13.82 59.58 14.14
N PHE Q 104 14.15 58.89 15.23
CA PHE Q 104 13.89 59.41 16.57
C PHE Q 104 15.17 59.58 17.39
N THR Q 105 16.31 59.79 16.73
CA THR Q 105 17.59 59.71 17.43
C THR Q 105 18.44 60.98 17.29
N ASN Q 106 17.93 62.01 16.64
CA ASN Q 106 18.63 63.28 16.51
C ASN Q 106 20.04 63.10 15.95
N LEU Q 107 20.10 62.59 14.72
CA LEU Q 107 21.35 62.42 13.99
C LEU Q 107 21.42 63.40 12.83
N SER Q 108 22.57 63.45 12.18
CA SER Q 108 22.76 64.39 11.07
C SER Q 108 22.11 63.83 9.81
N LEU Q 109 21.29 64.65 9.17
CA LEU Q 109 20.54 64.25 7.99
C LEU Q 109 21.33 64.40 6.70
N ILE Q 110 22.60 64.74 6.78
CA ILE Q 110 23.44 64.93 5.61
C ILE Q 110 23.97 63.58 5.16
N ASN Q 111 23.97 63.35 3.85
CA ASN Q 111 24.29 62.05 3.30
C ASN Q 111 25.72 61.64 3.66
N SER Q 112 25.84 60.65 4.53
CA SER Q 112 27.13 60.15 4.96
C SER Q 112 27.04 58.63 4.98
N ARG Q 113 27.61 57.99 3.96
CA ARG Q 113 27.68 56.54 3.88
C ARG Q 113 29.12 56.03 3.94
N ASN Q 114 30.09 56.93 4.12
CA ASN Q 114 31.49 56.56 4.25
C ASN Q 114 32.04 56.93 5.62
N GLN Q 115 31.17 57.03 6.63
CA GLN Q 115 31.59 57.44 7.97
C GLN Q 115 30.98 56.49 8.98
N ILE Q 116 31.53 56.55 10.20
CA ILE Q 116 31.12 55.66 11.28
C ILE Q 116 31.42 56.36 12.60
N TYR Q 117 30.68 55.99 13.63
CA TYR Q 117 30.87 56.59 14.95
C TYR Q 117 31.97 55.87 15.71
N TYR Q 118 32.41 56.49 16.80
CA TYR Q 118 33.56 55.98 17.53
C TYR Q 118 33.51 56.49 18.97
N PHE Q 119 33.71 55.58 19.92
CA PHE Q 119 33.66 55.88 21.34
C PHE Q 119 34.83 55.21 22.03
N SER Q 120 35.36 55.86 23.07
CA SER Q 120 36.57 55.37 23.71
C SER Q 120 36.60 55.87 25.16
N ASN Q 121 37.59 55.39 25.90
CA ASN Q 121 37.82 55.86 27.27
C ASN Q 121 38.97 56.85 27.34
N LEU Q 122 39.33 57.44 26.21
CA LEU Q 122 40.35 58.48 26.11
C LEU Q 122 39.73 59.81 25.72
N SER Q 123 38.58 60.14 26.30
CA SER Q 123 37.84 61.33 25.92
C SER Q 123 37.64 62.30 27.08
N GLY Q 124 38.26 62.05 28.24
CA GLY Q 124 38.00 62.83 29.43
C GLY Q 124 36.53 62.85 29.79
N ASN Q 125 35.95 64.05 29.82
CA ASN Q 125 34.52 64.23 30.01
C ASN Q 125 33.98 63.48 31.23
N GLU Q 126 34.60 63.71 32.38
CA GLU Q 126 34.17 63.09 33.64
C GLU Q 126 33.40 64.13 34.45
N GLY Q 127 32.11 64.24 34.16
CA GLY Q 127 31.24 65.19 34.83
C GLY Q 127 30.41 64.53 35.92
N HIS Q 128 29.16 64.23 35.63
CA HIS Q 128 28.34 63.45 36.53
C HIS Q 128 28.35 61.97 36.17
N ALA Q 129 29.13 61.60 35.17
CA ALA Q 129 29.31 60.21 34.77
C ALA Q 129 30.66 60.09 34.08
N LEU Q 130 30.97 58.88 33.63
CA LEU Q 130 32.13 58.66 32.78
C LEU Q 130 31.62 58.52 31.35
N PHE Q 131 31.67 59.62 30.60
CA PHE Q 131 31.10 59.68 29.26
C PHE Q 131 32.13 59.27 28.22
N LEU Q 132 31.76 58.32 27.36
CA LEU Q 132 32.62 57.84 26.29
C LEU Q 132 32.54 58.71 25.04
N THR Q 133 31.89 59.85 25.13
CA THR Q 133 31.80 60.80 24.03
C THR Q 133 32.79 61.93 24.23
N GLN Q 134 32.96 62.73 23.18
CA GLN Q 134 33.82 63.91 23.28
C GLN Q 134 33.08 65.04 23.97
N PRO Q 135 33.80 65.92 24.67
CA PRO Q 135 33.12 67.02 25.37
C PRO Q 135 32.48 67.99 24.41
N LEU Q 136 31.26 68.39 24.72
CA LEU Q 136 30.52 69.32 23.88
C LEU Q 136 31.20 70.68 23.86
N SER Q 137 31.14 71.35 22.71
CA SER Q 137 31.73 72.67 22.58
C SER Q 137 30.88 73.70 23.34
N ALA Q 138 31.44 74.89 23.50
CA ALA Q 138 30.81 75.96 24.26
C ALA Q 138 30.07 76.92 23.33
N TYR Q 139 29.07 77.58 23.89
CA TYR Q 139 28.33 78.60 23.15
C TYR Q 139 29.18 79.87 23.05
N THR Q 140 29.51 80.27 21.83
CA THR Q 140 30.34 81.45 21.60
C THR Q 140 29.55 82.49 20.82
N THR Q 141 30.23 83.56 20.44
CA THR Q 141 29.64 84.62 19.65
C THR Q 141 30.22 84.60 18.24
N ASN Q 142 29.35 84.89 17.26
CA ASN Q 142 29.74 84.95 15.86
C ASN Q 142 30.22 83.61 15.32
N ASN Q 143 29.39 82.57 15.44
CA ASN Q 143 29.65 81.29 14.79
C ASN Q 143 28.39 80.80 14.09
N GLU Q 144 28.53 79.68 13.38
CA GLU Q 144 27.49 79.12 12.55
C GLU Q 144 27.05 77.79 13.12
N TYR Q 145 25.77 77.70 13.48
CA TYR Q 145 25.19 76.48 14.03
C TYR Q 145 24.07 75.99 13.14
N GLN Q 146 24.06 74.68 12.88
CA GLN Q 146 22.98 74.07 12.13
C GLN Q 146 21.83 73.70 13.06
N LEU Q 147 20.66 73.53 12.47
CA LEU Q 147 19.50 73.07 13.21
C LEU Q 147 19.76 71.69 13.78
N GLY Q 148 19.74 71.57 15.11
CA GLY Q 148 19.98 70.30 15.78
C GLY Q 148 21.21 70.28 16.67
N GLN Q 149 22.02 71.34 16.67
CA GLN Q 149 23.27 71.33 17.42
C GLN Q 149 23.02 71.47 18.93
N LEU Q 150 23.77 70.71 19.71
CA LEU Q 150 23.77 70.80 21.17
C LEU Q 150 25.06 71.45 21.63
N VAL Q 151 24.93 72.49 22.45
CA VAL Q 151 26.07 73.20 23.02
C VAL Q 151 25.85 73.35 24.52
N THR Q 152 26.82 73.96 25.19
CA THR Q 152 26.77 74.17 26.63
C THR Q 152 26.88 75.67 26.93
N HIS Q 153 26.12 76.11 27.93
CA HIS Q 153 26.15 77.51 28.32
C HIS Q 153 25.44 77.67 29.66
N ALA Q 154 26.07 78.41 30.57
CA ALA Q 154 25.49 78.80 31.84
C ALA Q 154 24.85 77.62 32.57
N ASP Q 155 25.65 76.59 32.80
CA ASP Q 155 25.25 75.41 33.56
C ASP Q 155 24.15 74.61 32.87
N LYS Q 156 23.88 74.87 31.60
CA LYS Q 156 22.78 74.23 30.89
C LYS Q 156 23.25 73.75 29.52
N THR Q 157 22.39 72.97 28.88
CA THR Q 157 22.63 72.45 27.55
C THR Q 157 21.60 73.06 26.60
N LEU Q 158 22.07 73.59 25.49
CA LEU Q 158 21.26 74.32 24.54
C LEU Q 158 21.09 73.52 23.25
N GLU Q 159 19.87 73.50 22.74
CA GLU Q 159 19.54 72.88 21.47
C GLU Q 159 19.19 73.96 20.44
N SER Q 160 19.61 73.75 19.20
CA SER Q 160 19.38 74.74 18.15
C SER Q 160 18.08 74.45 17.42
N LEU Q 161 17.32 75.52 17.14
CA LEU Q 161 16.04 75.38 16.47
C LEU Q 161 16.02 75.94 15.05
N THR Q 162 17.03 76.70 14.64
CA THR Q 162 17.06 77.26 13.30
C THR Q 162 18.49 77.61 12.93
N TYR Q 163 18.69 77.89 11.65
CA TYR Q 163 20.01 78.18 11.12
C TYR Q 163 20.42 79.61 11.46
N GLN Q 164 21.64 79.78 11.95
CA GLN Q 164 22.16 81.09 12.35
C GLN Q 164 23.53 81.29 11.73
N GLY Q 165 23.63 82.23 10.78
CA GLY Q 165 24.91 82.55 10.18
C GLY Q 165 25.83 83.38 11.04
N ASN Q 166 25.29 84.06 12.04
CA ASN Q 166 26.10 84.84 12.96
C ASN Q 166 25.38 84.88 14.31
N ALA Q 167 26.11 84.60 15.38
CA ALA Q 167 25.51 84.42 16.68
C ALA Q 167 25.33 85.77 17.38
N THR Q 168 24.76 85.72 18.58
CA THR Q 168 24.52 86.88 19.41
C THR Q 168 25.44 86.84 20.63
N ASN Q 169 25.55 87.97 21.32
CA ASN Q 169 26.29 87.97 22.58
C ASN Q 169 25.57 87.15 23.65
N ILE Q 170 24.25 87.24 23.69
CA ILE Q 170 23.45 86.46 24.63
C ILE Q 170 22.51 85.57 23.84
N PRO Q 171 22.34 84.29 24.23
CA PRO Q 171 21.42 83.39 23.53
C PRO Q 171 20.05 84.01 23.23
N ASN Q 172 19.60 83.86 21.99
CA ASN Q 172 18.28 84.32 21.58
C ASN Q 172 17.26 83.26 21.98
N PRO Q 173 16.36 83.55 22.92
CA PRO Q 173 15.50 82.50 23.49
C PRO Q 173 14.52 81.88 22.50
N SER Q 174 14.35 82.45 21.32
CA SER Q 174 13.50 81.87 20.30
C SER Q 174 14.25 80.92 19.37
N ASP Q 175 15.53 80.67 19.64
CA ASP Q 175 16.33 79.77 18.83
C ASP Q 175 16.92 78.61 19.62
N TRP Q 176 16.75 78.59 20.94
CA TRP Q 176 17.41 77.61 21.78
C TRP Q 176 16.48 77.15 22.88
N ASP Q 177 16.57 75.87 23.23
CA ASP Q 177 15.82 75.32 24.34
C ASP Q 177 16.74 75.16 25.55
N SER Q 178 16.14 74.80 26.70
CA SER Q 178 16.85 74.79 27.98
C SER Q 178 16.67 73.42 28.63
N LEU Q 179 17.69 72.57 28.52
CA LEU Q 179 17.72 71.25 29.09
C LEU Q 179 18.70 71.17 30.25
N PRO Q 180 18.62 70.13 31.08
CA PRO Q 180 19.59 69.97 32.15
C PRO Q 180 20.97 69.62 31.61
N ALA Q 181 21.97 69.78 32.47
CA ALA Q 181 23.37 69.63 32.09
C ALA Q 181 23.72 68.16 31.94
N SER Q 182 24.05 67.76 30.71
CA SER Q 182 24.50 66.41 30.43
C SER Q 182 25.17 66.42 29.07
N GLN Q 183 25.89 65.35 28.77
CA GLN Q 183 26.56 65.20 27.49
C GLN Q 183 25.83 64.17 26.64
N TYR Q 184 25.93 64.32 25.32
CA TYR Q 184 25.25 63.43 24.39
C TYR Q 184 26.18 63.13 23.22
N VAL Q 185 25.64 62.46 22.21
CA VAL Q 185 26.34 62.19 20.96
C VAL Q 185 26.14 63.37 20.03
N SER Q 186 27.19 63.72 19.29
CA SER Q 186 27.12 64.82 18.34
C SER Q 186 28.01 64.50 17.14
N GLU Q 187 28.18 65.46 16.26
CA GLU Q 187 28.98 65.28 15.06
C GLU Q 187 30.46 65.26 15.34
N LEU Q 188 30.87 65.32 16.60
CA LEU Q 188 32.27 65.23 16.95
C LEU Q 188 32.77 63.80 17.00
N ASP Q 189 31.91 62.83 16.68
CA ASP Q 189 32.27 61.42 16.74
C ASP Q 189 32.09 60.73 15.39
N HIS Q 190 31.98 61.50 14.32
CA HIS Q 190 31.67 60.98 12.99
C HIS Q 190 32.96 60.95 12.21
N LEU Q 191 33.67 59.83 12.29
CA LEU Q 191 34.94 59.66 11.62
C LEU Q 191 34.76 58.91 10.30
N PRO Q 192 35.60 59.19 9.30
CA PRO Q 192 35.48 58.48 8.02
C PRO Q 192 35.95 57.04 8.12
N ARG Q 193 35.16 56.13 7.60
CA ARG Q 193 35.49 54.71 7.63
C ARG Q 193 36.17 54.30 6.33
N GLN Q 194 37.08 53.34 6.43
CA GLN Q 194 37.88 52.91 5.29
C GLN Q 194 37.99 51.39 5.25
N GLY Q 195 38.16 50.85 4.06
CA GLY Q 195 38.36 49.44 3.87
C GLY Q 195 39.80 49.08 3.56
N THR Q 196 39.99 48.10 2.67
CA THR Q 196 41.32 47.52 2.51
C THR Q 196 42.23 48.34 1.61
N TYR Q 197 41.68 48.91 0.53
CA TYR Q 197 42.50 49.57 -0.49
C TYR Q 197 42.31 51.09 -0.40
N ARG Q 198 43.42 51.81 -0.50
CA ARG Q 198 43.41 53.26 -0.43
C ARG Q 198 44.09 53.87 -1.65
N THR Q 199 43.60 55.04 -2.06
CA THR Q 199 44.26 55.87 -3.06
C THR Q 199 44.78 57.11 -2.35
N GLN Q 200 46.10 57.19 -2.19
CA GLN Q 200 46.72 58.33 -1.53
C GLN Q 200 47.41 59.22 -2.55
N VAL Q 201 47.23 60.53 -2.41
CA VAL Q 201 47.74 61.51 -3.36
C VAL Q 201 48.82 62.34 -2.68
N ILE Q 202 49.98 62.43 -3.32
CA ILE Q 202 51.08 63.28 -2.88
C ILE Q 202 51.03 64.57 -3.68
N THR Q 203 51.06 65.69 -2.97
CA THR Q 203 51.12 67.00 -3.60
C THR Q 203 52.57 67.42 -3.75
N ASN Q 204 52.86 68.15 -4.82
CA ASN Q 204 54.22 68.57 -5.17
C ASN Q 204 55.14 67.36 -5.25
N ALA Q 205 54.75 66.41 -6.09
CA ALA Q 205 55.51 65.17 -6.24
C ALA Q 205 56.88 65.47 -6.84
N ASN Q 206 57.93 65.14 -6.08
CA ASN Q 206 59.29 65.50 -6.48
C ASN Q 206 60.08 64.26 -6.84
N PRO Q 207 60.40 64.04 -8.12
CA PRO Q 207 61.12 62.82 -8.51
C PRO Q 207 62.46 62.64 -7.84
N ASP Q 208 63.04 63.68 -7.27
CA ASP Q 208 64.34 63.58 -6.64
C ASP Q 208 64.26 63.10 -5.20
N ASN Q 209 63.12 62.60 -4.75
CA ASN Q 209 62.92 62.24 -3.35
C ASN Q 209 62.17 60.93 -3.25
N THR Q 210 61.88 60.54 -2.01
CA THR Q 210 61.10 59.35 -1.70
C THR Q 210 60.16 59.70 -0.56
N TYR Q 211 59.33 58.73 -0.17
CA TYR Q 211 58.38 58.94 0.91
C TYR Q 211 58.17 57.64 1.66
N ASN Q 212 58.11 57.74 2.99
CA ASN Q 212 57.85 56.61 3.86
C ASN Q 212 56.52 56.85 4.57
N PHE Q 213 55.52 56.01 4.29
CA PHE Q 213 54.22 56.11 4.92
C PHE Q 213 54.13 55.15 6.09
N THR Q 214 53.45 55.58 7.16
CA THR Q 214 53.32 54.77 8.36
C THR Q 214 51.89 54.84 8.89
N LEU Q 215 51.55 53.86 9.71
CA LEU Q 215 50.25 53.77 10.37
C LEU Q 215 50.48 53.66 11.87
N VAL Q 216 49.79 54.49 12.65
CA VAL Q 216 49.99 54.54 14.10
C VAL Q 216 48.64 54.40 14.79
N ASN Q 217 48.55 53.46 15.73
CA ASN Q 217 47.29 53.22 16.44
C ASN Q 217 47.22 54.03 17.73
N THR Q 218 46.16 53.79 18.50
CA THR Q 218 45.91 54.57 19.71
C THR Q 218 46.98 54.38 20.77
N ASN Q 219 47.62 53.22 20.80
CA ASN Q 219 48.70 52.97 21.74
C ASN Q 219 50.02 53.58 21.28
N GLU Q 220 50.01 54.37 20.21
CA GLU Q 220 51.19 55.03 19.67
C GLU Q 220 52.25 54.02 19.25
N GLN Q 221 51.81 52.92 18.67
CA GLN Q 221 52.71 51.90 18.12
C GLN Q 221 52.59 51.91 16.61
N GLU Q 222 53.74 51.96 15.93
CA GLU Q 222 53.76 51.83 14.49
C GLU Q 222 53.35 50.41 14.10
N SER Q 223 52.45 50.29 13.14
CA SER Q 223 51.88 49.00 12.78
C SER Q 223 52.12 48.61 11.33
N TRP Q 224 52.62 49.50 10.49
CA TRP Q 224 52.62 49.27 9.05
C TRP Q 224 53.46 50.35 8.40
N ALA Q 225 54.12 49.99 7.29
CA ALA Q 225 54.96 50.94 6.59
C ALA Q 225 55.34 50.37 5.23
N ILE Q 226 55.41 51.25 4.23
CA ILE Q 226 55.94 50.95 2.91
C ILE Q 226 56.67 52.19 2.39
N ASP Q 227 57.24 52.06 1.19
CA ASP Q 227 57.87 53.18 0.50
C ASP Q 227 57.29 53.31 -0.90
N VAL Q 228 57.33 54.53 -1.43
CA VAL Q 228 56.86 54.84 -2.77
C VAL Q 228 57.90 55.70 -3.46
N ILE Q 229 58.27 55.33 -4.69
CA ILE Q 229 59.35 55.98 -5.42
C ILE Q 229 58.76 56.65 -6.66
N VAL Q 230 58.73 57.97 -6.65
CA VAL Q 230 58.21 58.75 -7.78
C VAL Q 230 59.17 58.63 -8.96
N PRO Q 231 58.70 58.27 -10.16
CA PRO Q 231 59.61 58.08 -11.29
C PRO Q 231 60.24 59.40 -11.74
N ASP Q 232 61.32 59.27 -12.51
CA ASP Q 232 62.13 60.41 -12.90
C ASP Q 232 61.70 61.03 -14.22
N THR Q 233 60.45 60.79 -14.64
CA THR Q 233 59.89 61.48 -15.79
C THR Q 233 58.63 62.25 -15.40
N HIS Q 234 58.46 62.51 -14.11
CA HIS Q 234 57.28 63.17 -13.57
C HIS Q 234 57.61 64.64 -13.37
N LYS Q 235 56.97 65.51 -14.14
CA LYS Q 235 57.19 66.94 -14.04
C LYS Q 235 56.95 67.43 -12.62
N SER Q 236 58.00 67.96 -12.01
CA SER Q 236 57.98 68.31 -10.60
C SER Q 236 56.90 69.34 -10.29
N GLY Q 237 56.06 69.04 -9.31
CA GLY Q 237 55.02 69.94 -8.85
C GLY Q 237 53.61 69.45 -9.01
N GLU Q 238 53.38 68.42 -9.82
CA GLU Q 238 52.03 67.91 -10.02
C GLU Q 238 51.69 66.86 -8.97
N PRO Q 239 50.40 66.63 -8.73
CA PRO Q 239 50.01 65.55 -7.81
C PRO Q 239 50.38 64.19 -8.38
N PHE Q 240 50.45 63.20 -7.48
CA PHE Q 240 50.78 61.84 -7.87
C PHE Q 240 50.02 60.87 -6.99
N SER Q 241 49.26 59.97 -7.58
CA SER Q 241 48.43 59.05 -6.82
C SER Q 241 49.09 57.68 -6.73
N THR Q 242 48.77 56.97 -5.66
CA THR Q 242 49.32 55.64 -5.42
C THR Q 242 48.27 54.81 -4.70
N SER Q 243 48.44 53.49 -4.76
CA SER Q 243 47.54 52.53 -4.15
C SER Q 243 48.19 51.88 -2.93
N LEU Q 244 47.43 51.77 -1.85
CA LEU Q 244 47.90 51.22 -0.59
C LEU Q 244 46.99 50.09 -0.15
N ASN Q 245 47.58 49.11 0.55
CA ASN Q 245 46.89 47.91 0.97
C ASN Q 245 47.13 47.68 2.46
N PHE Q 246 46.04 47.56 3.23
CA PHE Q 246 46.11 47.35 4.68
C PHE Q 246 45.54 45.99 5.06
N VAL Q 247 45.84 44.95 4.27
CA VAL Q 247 45.09 43.70 4.34
C VAL Q 247 45.26 43.01 5.69
N GLY Q 248 46.39 43.21 6.36
CA GLY Q 248 46.68 42.42 7.55
C GLY Q 248 46.53 43.10 8.89
N GLN Q 249 45.71 44.15 8.97
CA GLN Q 249 45.53 44.89 10.21
C GLN Q 249 44.17 44.63 10.82
N THR Q 250 44.05 44.90 12.11
CA THR Q 250 42.84 44.68 12.89
C THR Q 250 42.05 45.96 13.02
N PRO Q 251 40.73 45.91 12.90
CA PRO Q 251 39.93 47.14 12.79
C PRO Q 251 40.10 48.03 14.02
N GLY Q 252 40.09 49.34 13.79
CA GLY Q 252 40.31 50.26 14.88
C GLY Q 252 40.73 51.63 14.36
N HIS Q 253 41.01 52.51 15.32
CA HIS Q 253 41.34 53.90 15.00
C HIS Q 253 42.84 54.02 14.70
N TYR Q 254 43.17 54.65 13.57
CA TYR Q 254 44.55 54.77 13.14
C TYR Q 254 44.81 56.16 12.57
N ARG Q 255 46.08 56.56 12.61
CA ARG Q 255 46.56 57.80 12.02
C ARG Q 255 47.58 57.44 10.96
N LEU Q 256 47.34 57.90 9.73
CA LEU Q 256 48.23 57.67 8.61
C LEU Q 256 49.16 58.87 8.45
N LEU Q 257 50.47 58.62 8.57
CA LEU Q 257 51.49 59.65 8.47
C LEU Q 257 52.34 59.43 7.24
N GLU Q 258 52.92 60.52 6.74
CA GLU Q 258 53.94 60.46 5.70
C GLU Q 258 55.12 61.33 6.14
N ASN Q 259 56.26 60.68 6.40
CA ASN Q 259 57.50 61.37 6.75
C ASN Q 259 57.27 62.44 7.81
N ASP Q 260 56.88 61.97 9.00
CA ASP Q 260 56.75 62.81 10.19
C ASP Q 260 55.71 63.91 9.98
N THR Q 261 54.56 63.53 9.42
CA THR Q 261 53.47 64.47 9.22
C THR Q 261 52.17 63.69 9.11
N GLN Q 262 51.15 64.10 9.86
CA GLN Q 262 49.85 63.46 9.77
C GLN Q 262 49.19 63.83 8.45
N VAL Q 263 48.84 62.81 7.67
CA VAL Q 263 48.14 63.03 6.41
C VAL Q 263 46.68 62.66 6.56
N ALA Q 264 46.38 61.66 7.39
CA ALA Q 264 44.99 61.23 7.52
C ALA Q 264 44.77 60.60 8.88
N GLU Q 265 43.50 60.43 9.21
CA GLU Q 265 43.07 59.77 10.44
C GLU Q 265 41.73 59.10 10.18
N PHE Q 266 41.64 57.81 10.46
CA PHE Q 266 40.42 57.09 10.08
C PHE Q 266 40.25 55.84 10.94
N VAL Q 267 39.05 55.28 10.86
CA VAL Q 267 38.75 53.98 11.45
C VAL Q 267 38.85 52.93 10.35
N LEU Q 268 39.73 51.96 10.54
CA LEU Q 268 39.94 50.88 9.58
C LEU Q 268 38.98 49.73 9.87
N VAL Q 269 38.42 49.18 8.79
CA VAL Q 269 37.35 48.19 8.80
C VAL Q 269 37.75 47.03 7.88
N ASP Q 270 37.36 45.81 8.27
CA ASP Q 270 37.62 44.62 7.46
C ASP Q 270 36.36 43.96 6.92
N ASN Q 271 35.18 44.53 7.17
CA ASN Q 271 33.90 44.02 6.67
C ASN Q 271 33.63 42.61 7.16
N SER Q 272 34.05 42.30 8.38
CA SER Q 272 33.59 41.10 9.06
C SER Q 272 32.12 41.24 9.46
N LEU Q 273 31.67 42.45 9.76
CA LEU Q 273 30.28 42.74 10.09
C LEU Q 273 29.92 44.06 9.44
N PRO Q 274 29.67 44.04 8.13
CA PRO Q 274 29.61 45.32 7.37
C PRO Q 274 28.51 46.26 7.81
N GLU Q 275 27.41 45.76 8.36
CA GLU Q 275 26.29 46.61 8.73
C GLU Q 275 26.38 47.11 10.17
N ALA Q 276 27.56 47.08 10.77
CA ALA Q 276 27.73 47.62 12.12
C ALA Q 276 27.48 49.13 12.13
N PHE Q 277 26.97 49.61 13.27
CA PHE Q 277 26.63 51.02 13.43
C PHE Q 277 27.79 51.82 14.01
N ALA Q 278 28.41 51.34 15.09
CA ALA Q 278 29.48 52.08 15.73
C ALA Q 278 30.56 51.13 16.22
N LEU Q 279 31.66 51.70 16.71
CA LEU Q 279 32.76 50.95 17.28
C LEU Q 279 33.10 51.51 18.65
N VAL Q 280 33.35 50.62 19.61
CA VAL Q 280 33.73 51.00 20.96
C VAL Q 280 35.09 50.39 21.27
N GLU Q 281 35.98 51.20 21.85
CA GLU Q 281 37.33 50.76 22.20
C GLU Q 281 37.58 51.02 23.68
N VAL Q 282 38.20 50.05 24.35
CA VAL Q 282 38.57 50.15 25.75
C VAL Q 282 40.02 49.74 25.89
N ILE Q 283 40.82 50.56 26.56
CA ILE Q 283 42.26 50.37 26.58
C ILE Q 283 42.74 50.14 28.01
N LEU Q 284 43.75 49.30 28.14
CA LEU Q 284 44.47 49.09 29.41
C LEU Q 284 45.89 49.59 29.20
N ASN Q 285 46.17 50.80 29.67
CA ASN Q 285 47.47 51.44 29.55
C ASN Q 285 47.65 52.44 30.67
N PRO Q 286 48.57 52.21 31.60
CA PRO Q 286 48.72 53.13 32.74
C PRO Q 286 49.18 54.52 32.38
N GLU Q 287 49.46 54.81 31.11
CA GLU Q 287 50.01 56.09 30.71
C GLU Q 287 49.04 56.97 29.93
N LEU Q 288 48.02 56.39 29.31
CA LEU Q 288 47.16 57.14 28.41
C LEU Q 288 45.76 57.39 28.95
N VAL Q 289 45.25 56.55 29.83
CA VAL Q 289 43.93 56.73 30.41
C VAL Q 289 44.08 57.35 31.80
N PRO Q 290 43.38 58.44 32.10
CA PRO Q 290 43.52 59.06 33.41
C PRO Q 290 43.06 58.15 34.55
N SER Q 291 43.24 58.61 35.79
CA SER Q 291 42.93 57.78 36.95
C SER Q 291 41.44 57.69 37.22
N ALA Q 292 40.64 58.63 36.72
CA ALA Q 292 39.21 58.56 36.90
C ALA Q 292 38.57 57.50 36.01
N PHE Q 293 39.29 57.01 35.00
CA PHE Q 293 38.75 56.06 34.05
C PHE Q 293 39.40 54.69 34.08
N SER Q 294 40.56 54.56 34.72
CA SER Q 294 41.28 53.29 34.68
C SER Q 294 40.57 52.25 35.54
N LEU Q 295 40.95 50.99 35.32
CA LEU Q 295 40.30 49.86 35.97
C LEU Q 295 41.25 48.97 36.75
N LEU Q 296 42.54 49.31 36.83
CA LEU Q 296 43.53 48.49 37.50
C LEU Q 296 44.48 49.37 38.29
N GLN Q 297 44.69 49.02 39.56
CA GLN Q 297 45.73 49.63 40.37
C GLN Q 297 46.94 48.71 40.44
N ALA Q 298 48.12 49.30 40.59
CA ALA Q 298 49.36 48.55 40.69
C ALA Q 298 50.00 48.85 42.02
N SER Q 299 50.25 47.81 42.81
CA SER Q 299 50.86 47.97 44.13
C SER Q 299 51.44 46.65 44.57
N ALA Q 300 52.60 46.71 45.24
CA ALA Q 300 53.24 45.54 45.84
C ALA Q 300 53.46 44.43 44.82
N GLY Q 301 53.86 44.81 43.62
CA GLY Q 301 54.11 43.82 42.59
C GLY Q 301 52.88 43.13 42.05
N GLN Q 302 51.69 43.68 42.32
CA GLN Q 302 50.44 43.06 41.89
C GLN Q 302 49.54 44.13 41.30
N THR Q 303 48.42 43.67 40.75
CA THR Q 303 47.36 44.54 40.25
C THR Q 303 46.07 44.22 40.98
N PHE Q 304 45.27 45.25 41.23
CA PHE Q 304 44.00 45.12 41.91
C PHE Q 304 42.90 45.73 41.06
N ILE Q 305 41.72 45.14 41.13
CA ILE Q 305 40.62 45.56 40.27
C ILE Q 305 39.89 46.75 40.89
N GLN Q 306 39.42 47.65 40.03
CA GLN Q 306 38.58 48.77 40.43
C GLN Q 306 37.37 48.78 39.51
N PRO Q 307 36.18 48.45 39.99
CA PRO Q 307 35.01 48.41 39.10
C PRO Q 307 34.55 49.81 38.72
N LYS Q 308 34.11 49.95 37.46
CA LYS Q 308 33.69 51.24 36.93
C LYS Q 308 32.41 51.08 36.14
N THR Q 309 31.86 52.22 35.72
CA THR Q 309 30.62 52.24 34.92
C THR Q 309 30.73 53.37 33.89
N TYR Q 310 30.80 53.00 32.63
CA TYR Q 310 30.89 53.94 31.53
C TYR Q 310 29.51 54.13 30.90
N VAL Q 311 29.26 55.31 30.36
CA VAL Q 311 27.95 55.72 29.89
C VAL Q 311 28.05 56.28 28.48
N ILE Q 312 27.13 55.86 27.61
CA ILE Q 312 26.89 56.53 26.34
C ILE Q 312 25.42 56.92 26.30
N ARG Q 313 25.09 58.02 25.62
CA ARG Q 313 23.73 58.55 25.68
C ARG Q 313 23.34 59.16 24.34
N PHE Q 314 22.11 58.90 23.92
CA PHE Q 314 21.54 59.46 22.70
C PHE Q 314 20.35 60.36 23.03
N LYS Q 315 20.24 61.47 22.32
CA LYS Q 315 19.13 62.41 22.52
C LYS Q 315 18.06 62.20 21.44
N ASN Q 316 16.80 62.42 21.78
CA ASN Q 316 15.72 62.22 20.83
C ASN Q 316 15.61 63.40 19.87
N ARG Q 317 14.93 63.17 18.75
CA ARG Q 317 14.72 64.22 17.77
C ARG Q 317 13.50 65.05 18.14
N ALA Q 318 13.45 66.27 17.61
CA ALA Q 318 12.35 67.20 17.85
C ALA Q 318 11.83 67.72 16.53
N THR Q 319 10.52 67.60 16.32
CA THR Q 319 9.88 67.99 15.08
C THR Q 319 8.69 68.89 15.39
N ARG Q 320 8.20 69.57 14.35
CA ARG Q 320 6.97 70.33 14.46
C ARG Q 320 5.81 69.48 13.94
N TRP Q 321 4.72 69.44 14.70
CA TRP Q 321 3.60 68.57 14.38
C TRP Q 321 2.58 69.31 13.53
N ARG Q 322 2.19 68.69 12.40
CA ARG Q 322 1.25 69.30 11.46
C ARG Q 322 0.04 68.40 11.31
N TYR Q 323 -1.13 68.91 11.71
CA TYR Q 323 -2.38 68.19 11.58
C TYR Q 323 -3.03 68.55 10.25
N ARG Q 324 -3.31 67.52 9.45
CA ARG Q 324 -3.87 67.62 8.12
C ARG Q 324 -5.23 66.94 8.09
N TYR Q 325 -6.11 67.42 7.22
CA TYR Q 325 -7.49 66.96 7.19
C TYR Q 325 -7.89 66.51 5.80
N GLU Q 326 -9.01 65.78 5.74
CA GLU Q 326 -9.64 65.39 4.50
C GLU Q 326 -10.75 66.35 4.12
N GLN Q 327 -11.64 66.65 5.05
CA GLN Q 327 -12.72 67.61 4.97
C GLN Q 327 -12.43 68.81 5.87
N PRO Q 328 -12.97 69.98 5.56
CA PRO Q 328 -12.59 71.19 6.30
C PRO Q 328 -13.00 71.12 7.76
N HIS Q 329 -12.13 71.65 8.60
CA HIS Q 329 -12.34 71.74 10.03
C HIS Q 329 -12.77 73.18 10.28
N GLY Q 330 -13.68 73.34 11.23
CA GLY Q 330 -14.23 74.65 11.53
C GLY Q 330 -13.54 75.48 12.58
N CYS Q 331 -12.26 75.23 12.85
CA CYS Q 331 -11.61 76.05 13.87
C CYS Q 331 -10.84 77.24 13.28
N SER Q 332 -10.83 78.32 14.03
CA SER Q 332 -10.23 79.57 13.56
C SER Q 332 -9.10 80.08 14.46
N ALA Q 333 -8.43 81.12 14.01
CA ALA Q 333 -7.34 81.72 14.75
C ALA Q 333 -7.83 82.25 16.10
N ALA Q 334 -9.15 82.44 16.22
CA ALA Q 334 -9.71 82.95 17.47
C ALA Q 334 -10.24 81.91 18.47
N ASN Q 335 -10.16 80.62 18.12
CA ASN Q 335 -10.67 79.59 19.01
C ASN Q 335 -9.79 78.35 19.11
N LEU Q 336 -8.53 78.49 18.68
CA LEU Q 336 -7.59 77.39 18.71
C LEU Q 336 -6.52 77.62 19.77
N PRO Q 337 -5.92 76.52 20.27
CA PRO Q 337 -4.89 76.60 21.30
C PRO Q 337 -3.78 77.57 20.91
N SER Q 338 -3.49 78.53 21.78
CA SER Q 338 -2.44 79.53 21.54
C SER Q 338 -1.13 79.01 20.95
N TYR Q 339 -0.78 77.76 21.26
CA TYR Q 339 0.46 77.19 20.76
C TYR Q 339 0.35 76.66 19.34
N PHE Q 340 -0.76 76.92 18.64
CA PHE Q 340 -0.96 76.46 17.28
C PHE Q 340 -0.78 77.60 16.28
N ASN Q 341 -0.73 77.22 15.01
CA ASN Q 341 -0.69 78.17 13.91
C ASN Q 341 -1.56 77.61 12.79
N LEU Q 342 -2.58 78.36 12.45
CA LEU Q 342 -3.46 77.98 11.41
C LEU Q 342 -2.75 78.14 10.10
N ILE Q 343 -2.60 77.08 9.33
CA ILE Q 343 -2.02 77.25 8.01
C ILE Q 343 -3.11 77.53 6.97
N ASP Q 344 -4.06 76.61 6.83
CA ASP Q 344 -5.23 76.84 6.01
C ASP Q 344 -6.42 76.10 6.62
N THR Q 345 -7.53 76.08 5.90
CA THR Q 345 -8.76 75.52 6.43
C THR Q 345 -8.68 74.00 6.65
N HIS Q 346 -7.67 73.34 6.12
CA HIS Q 346 -7.49 71.91 6.35
C HIS Q 346 -6.24 71.58 7.16
N THR Q 347 -5.51 72.58 7.65
CA THR Q 347 -4.19 72.29 8.21
C THR Q 347 -3.83 73.28 9.32
N TYR Q 348 -3.26 72.75 10.40
CA TYR Q 348 -2.61 73.64 11.35
C TYR Q 348 -1.45 72.92 12.03
N ALA Q 349 -0.42 73.69 12.39
CA ALA Q 349 0.82 73.11 12.89
C ALA Q 349 1.27 73.81 14.16
N THR Q 350 2.07 73.11 14.94
CA THR Q 350 2.65 73.70 16.14
C THR Q 350 3.64 74.80 15.76
N ALA Q 351 3.90 75.68 16.72
CA ALA Q 351 4.80 76.81 16.48
C ALA Q 351 6.25 76.52 16.88
N ARG Q 352 6.47 75.57 17.77
CA ARG Q 352 7.80 75.16 18.17
C ARG Q 352 7.92 73.64 18.05
N PRO Q 353 9.13 73.13 17.88
CA PRO Q 353 9.29 71.68 17.79
C PRO Q 353 9.00 70.99 19.11
N ILE Q 354 8.45 69.78 19.02
CA ILE Q 354 8.19 68.93 20.17
C ILE Q 354 9.02 67.66 20.03
N GLY Q 355 9.38 67.08 21.18
CA GLY Q 355 10.30 65.95 21.18
C GLY Q 355 9.57 64.62 21.12
N LEU Q 356 10.10 63.71 20.30
CA LEU Q 356 9.48 62.42 20.06
C LEU Q 356 9.73 61.49 21.24
N ARG Q 357 8.66 60.98 21.83
CA ARG Q 357 8.75 60.05 22.95
C ARG Q 357 7.79 58.89 22.69
N GLN Q 358 7.99 57.81 23.45
CA GLN Q 358 7.13 56.65 23.32
C GLN Q 358 5.86 56.76 24.17
N ARG Q 359 5.95 57.44 25.28
CA ARG Q 359 4.78 57.58 26.10
C ARG Q 359 4.83 59.01 26.46
N PRO Q 360 4.48 59.86 25.48
CA PRO Q 360 4.42 61.31 25.67
C PRO Q 360 3.43 61.55 26.78
N ASP Q 361 3.88 62.19 27.84
CA ASP Q 361 3.04 62.47 29.01
C ASP Q 361 1.68 63.06 28.68
N SER Q 362 1.67 64.30 28.20
CA SER Q 362 0.42 64.97 27.87
C SER Q 362 0.29 65.36 26.41
N LEU Q 363 -0.89 65.13 25.86
CA LEU Q 363 -1.21 65.46 24.50
C LEU Q 363 -1.91 66.83 24.45
N LEU Q 364 -1.95 67.39 23.26
CA LEU Q 364 -2.52 68.68 22.93
C LEU Q 364 -4.05 68.65 22.82
N ASN Q 365 -4.73 69.75 23.17
CA ASN Q 365 -6.19 69.79 23.07
C ASN Q 365 -6.66 70.64 21.91
N ASP Q 366 -7.82 70.28 21.35
CA ASP Q 366 -8.38 70.98 20.24
C ASP Q 366 -9.23 72.16 20.69
N CYS Q 367 -9.53 73.07 19.78
CA CYS Q 367 -10.36 74.22 20.08
C CYS Q 367 -11.74 73.87 20.62
N GLN Q 368 -12.15 72.64 20.38
CA GLN Q 368 -13.41 72.10 20.89
C GLN Q 368 -13.14 71.18 22.11
N ASP Q 369 -11.92 71.29 22.63
CA ASP Q 369 -11.43 70.53 23.78
C ASP Q 369 -11.50 69.02 23.59
N ARG Q 370 -10.59 68.50 22.77
CA ARG Q 370 -10.51 67.07 22.49
C ARG Q 370 -9.05 66.67 22.29
N PRO Q 371 -8.64 65.55 22.90
CA PRO Q 371 -7.26 65.06 22.77
C PRO Q 371 -6.96 64.63 21.34
N LEU Q 372 -5.78 64.97 20.84
CA LEU Q 372 -5.41 64.62 19.48
C LEU Q 372 -4.33 63.56 19.49
N PRO Q 373 -4.37 62.60 18.57
CA PRO Q 373 -3.33 61.56 18.53
C PRO Q 373 -1.95 62.16 18.26
N ALA Q 374 -0.94 61.49 18.80
CA ALA Q 374 0.44 61.89 18.59
C ALA Q 374 0.93 61.39 17.23
N PRO Q 375 2.04 61.91 16.73
CA PRO Q 375 2.56 61.44 15.45
C PRO Q 375 3.07 60.01 15.55
N SER Q 376 3.35 59.44 14.38
CA SER Q 376 4.02 58.15 14.29
C SER Q 376 5.47 58.35 13.88
N ILE Q 377 6.25 57.28 14.00
CA ILE Q 377 7.69 57.36 13.81
C ILE Q 377 8.11 56.76 12.47
N THR Q 378 7.19 56.65 11.53
CA THR Q 378 7.51 56.01 10.26
C THR Q 378 7.99 56.98 9.20
N LEU Q 379 7.63 58.27 9.30
CA LEU Q 379 7.99 59.24 8.28
C LEU Q 379 8.29 60.58 8.91
N ILE Q 380 9.29 61.27 8.36
CA ILE Q 380 9.61 62.65 8.71
C ILE Q 380 9.88 63.40 7.43
N GLN Q 381 9.56 64.69 7.42
CA GLN Q 381 9.60 65.50 6.20
C GLN Q 381 10.50 66.71 6.38
N PRO Q 382 11.79 66.56 6.14
CA PRO Q 382 12.69 67.72 6.15
C PRO Q 382 12.55 68.54 4.88
N GLU Q 383 12.65 69.85 5.03
CA GLU Q 383 12.50 70.79 3.93
C GLU Q 383 13.79 71.57 3.73
N THR Q 384 14.31 71.53 2.51
CA THR Q 384 15.58 72.15 2.19
C THR Q 384 15.40 73.64 1.89
N ASP Q 385 16.49 74.39 2.04
CA ASP Q 385 16.48 75.83 1.82
C ASP Q 385 16.86 76.18 0.38
N GLY Q 386 16.86 77.49 0.09
CA GLY Q 386 17.38 77.96 -1.18
C GLY Q 386 18.81 77.51 -1.41
N SER Q 387 19.66 77.63 -0.40
CA SER Q 387 21.04 77.16 -0.44
C SER Q 387 21.16 75.67 -0.16
N GLN Q 388 20.06 74.93 -0.29
CA GLN Q 388 20.02 73.50 0.00
C GLN Q 388 20.52 73.21 1.42
N ARG Q 389 19.96 73.96 2.37
CA ARG Q 389 20.15 73.73 3.80
C ARG Q 389 18.83 73.27 4.41
N ILE Q 390 18.93 72.48 5.48
CA ILE Q 390 17.70 72.06 6.17
C ILE Q 390 17.17 73.24 6.98
N ALA Q 391 15.88 73.54 6.80
CA ALA Q 391 15.27 74.66 7.47
C ALA Q 391 14.26 74.25 8.53
N ARG Q 392 13.45 73.22 8.26
CA ARG Q 392 12.40 72.80 9.16
C ARG Q 392 12.24 71.29 9.06
N ILE Q 393 11.63 70.69 10.08
CA ILE Q 393 11.30 69.28 10.07
C ILE Q 393 9.92 69.08 10.69
N PHE Q 394 9.04 68.43 9.94
CA PHE Q 394 7.65 68.22 10.35
C PHE Q 394 7.37 66.75 10.59
N SER Q 395 6.24 66.51 11.25
CA SER Q 395 5.60 65.21 11.32
C SER Q 395 4.13 65.40 11.01
N ASP Q 396 3.62 64.65 10.03
CA ASP Q 396 2.26 64.83 9.54
C ASP Q 396 1.33 63.84 10.24
N ILE Q 397 0.20 64.33 10.72
CA ILE Q 397 -0.85 63.50 11.28
C ILE Q 397 -2.10 63.70 10.43
N TYR Q 398 -2.56 62.63 9.79
CA TYR Q 398 -3.75 62.66 8.96
C TYR Q 398 -4.95 62.24 9.79
N LEU Q 399 -5.91 63.15 9.93
CA LEU Q 399 -7.09 62.90 10.74
C LEU Q 399 -8.28 62.55 9.87
N SER R 3 66.35 39.06 -4.67
CA SER R 3 65.79 38.44 -5.86
C SER R 3 64.42 39.01 -6.17
N THR R 4 64.27 39.55 -7.38
CA THR R 4 63.00 40.06 -7.84
C THR R 4 62.55 39.27 -9.07
N TYR R 5 61.24 39.19 -9.25
CA TYR R 5 60.65 38.46 -10.35
C TYR R 5 59.68 39.37 -11.07
N LYS R 6 60.05 39.79 -12.29
CA LYS R 6 59.28 40.74 -13.06
C LYS R 6 58.72 40.18 -14.36
N THR R 7 59.28 39.09 -14.87
CA THR R 7 58.78 38.47 -16.09
C THR R 7 58.02 37.21 -15.72
N PRO R 8 56.77 37.07 -16.15
CA PRO R 8 56.02 35.84 -15.86
C PRO R 8 56.71 34.61 -16.45
N GLY R 9 56.74 33.53 -15.70
CA GLY R 9 57.32 32.30 -16.19
C GLY R 9 57.91 31.47 -15.07
N VAL R 10 58.81 30.57 -15.46
CA VAL R 10 59.43 29.60 -14.57
C VAL R 10 60.84 30.04 -14.28
N TYR R 11 61.21 30.05 -13.00
CA TYR R 11 62.56 30.39 -12.55
C TYR R 11 63.21 29.17 -11.91
N ILE R 12 64.51 28.97 -12.16
CA ILE R 12 65.24 27.80 -11.71
C ILE R 12 66.38 28.25 -10.80
N GLU R 13 66.46 27.66 -9.61
CA GLU R 13 67.46 28.00 -8.62
C GLU R 13 68.02 26.73 -7.98
N GLU R 14 69.29 26.77 -7.61
CA GLU R 14 69.99 25.61 -7.05
C GLU R 14 70.50 25.93 -5.65
N ILE R 15 70.09 25.12 -4.67
CA ILE R 15 70.43 25.32 -3.27
C ILE R 15 70.82 23.99 -2.63
N SER R 16 71.38 24.08 -1.43
CA SER R 16 71.63 22.93 -0.56
C SER R 16 70.78 23.08 0.69
N LYS R 17 69.93 22.08 0.96
CA LYS R 17 68.88 22.24 1.94
C LYS R 17 68.48 20.88 2.50
N PHE R 18 67.89 20.87 3.70
CA PHE R 18 67.25 19.69 4.26
C PHE R 18 65.76 19.68 3.90
N PRO R 19 65.18 18.50 3.71
CA PRO R 19 63.75 18.42 3.36
C PRO R 19 62.86 18.97 4.46
N PRO R 20 61.75 19.62 4.12
CA PRO R 20 60.87 20.18 5.14
C PRO R 20 59.82 19.19 5.62
N SER R 21 59.21 19.52 6.75
CA SER R 21 58.24 18.63 7.41
C SER R 21 57.28 19.46 8.24
N ILE R 22 55.97 19.19 8.09
CA ILE R 22 54.94 19.88 8.87
C ILE R 22 53.90 18.88 9.35
N ALA R 23 53.09 19.32 10.32
CA ALA R 23 52.02 18.51 10.88
C ALA R 23 51.05 19.41 11.63
N GLN R 24 49.86 18.89 11.90
CA GLN R 24 48.82 19.65 12.59
C GLN R 24 48.37 18.90 13.83
N VAL R 25 48.51 19.56 14.99
CA VAL R 25 48.13 19.03 16.29
C VAL R 25 47.37 20.12 17.02
N GLU R 26 46.71 19.74 18.10
CA GLU R 26 46.02 20.73 18.93
C GLU R 26 46.25 20.58 20.43
N THR R 27 46.47 19.37 20.95
CA THR R 27 46.61 19.20 22.39
C THR R 27 48.06 19.14 22.86
N ALA R 28 49.02 19.34 21.97
CA ALA R 28 50.42 19.42 22.35
C ALA R 28 51.01 20.70 21.74
N ILE R 29 50.84 21.82 22.45
CA ILE R 29 51.32 23.11 21.99
C ILE R 29 52.40 23.59 22.96
N PRO R 30 53.67 23.49 22.60
CA PRO R 30 54.73 23.91 23.51
C PRO R 30 55.20 25.34 23.28
N ALA R 31 55.80 25.89 24.33
CA ALA R 31 56.47 27.17 24.30
C ALA R 31 57.96 26.96 24.50
N PHE R 32 58.77 27.56 23.65
CA PHE R 32 60.22 27.48 23.71
C PHE R 32 60.78 28.82 24.15
N ILE R 33 61.45 28.84 25.29
CA ILE R 33 62.00 30.04 25.89
C ILE R 33 63.50 30.02 25.70
N GLY R 34 64.04 30.99 24.96
CA GLY R 34 65.48 31.02 24.80
C GLY R 34 65.96 32.19 23.96
N TYR R 35 67.28 32.25 23.81
CA TYR R 35 67.91 33.31 23.05
C TYR R 35 67.71 33.11 21.55
N THR R 36 67.59 34.22 20.85
CA THR R 36 67.41 34.21 19.39
C THR R 36 68.62 34.87 18.73
N GLN R 37 68.49 35.15 17.44
CA GLN R 37 69.55 35.78 16.68
C GLN R 37 69.16 37.12 16.07
N ILE R 38 67.89 37.31 15.70
CA ILE R 38 67.45 38.58 15.14
C ILE R 38 66.25 39.13 15.90
N ALA R 39 65.20 38.33 16.01
CA ALA R 39 63.96 38.70 16.72
C ALA R 39 63.38 40.03 16.21
N LYS R 40 63.00 40.01 14.93
CA LYS R 40 62.35 41.16 14.29
C LYS R 40 61.00 40.72 13.73
N VAL R 41 59.92 41.23 14.32
CA VAL R 41 58.56 40.80 13.99
C VAL R 41 57.80 42.00 13.47
N GLY R 42 57.28 41.89 12.25
CA GLY R 42 56.53 42.98 11.65
C GLY R 42 57.38 44.18 11.31
N VAL R 43 57.11 45.32 11.94
CA VAL R 43 57.92 46.52 11.82
C VAL R 43 58.63 46.84 13.11
N GLU R 44 58.58 45.95 14.09
CA GLU R 44 59.15 46.18 15.42
C GLU R 44 60.40 45.35 15.58
N ASN R 45 61.49 45.97 16.03
CA ASN R 45 62.69 45.25 16.41
C ASN R 45 62.67 45.07 17.91
N PHE R 46 62.48 43.82 18.36
CA PHE R 46 62.39 43.56 19.79
C PHE R 46 63.71 43.79 20.49
N HIS R 47 64.82 43.75 19.76
CA HIS R 47 66.16 43.91 20.31
C HIS R 47 66.77 45.27 19.96
N THR R 48 65.92 46.28 19.69
CA THR R 48 66.43 47.56 19.22
C THR R 48 67.32 48.22 20.27
N ASP R 49 66.90 48.21 21.52
CA ASP R 49 67.69 48.76 22.60
C ASP R 49 68.26 47.62 23.45
N ALA R 50 69.38 47.89 24.11
CA ALA R 50 70.05 46.83 24.85
C ALA R 50 69.20 46.36 26.03
N ASP R 51 68.60 47.33 26.70
CA ASP R 51 67.66 47.08 27.79
C ASP R 51 66.24 47.35 27.25
N ASN R 52 65.23 47.24 28.12
CA ASN R 52 63.83 47.44 27.75
C ASN R 52 63.47 46.63 26.51
N LEU R 53 63.92 45.39 26.48
CA LEU R 53 63.61 44.51 25.36
C LEU R 53 62.11 44.21 25.35
N ILE R 54 61.60 43.93 24.16
CA ILE R 54 60.21 43.51 24.02
C ILE R 54 60.16 42.00 24.26
N LEU R 55 59.48 41.62 25.32
CA LEU R 55 59.35 40.22 25.74
C LEU R 55 57.95 39.78 25.35
N ARG R 56 57.84 39.04 24.24
CA ARG R 56 56.53 38.71 23.73
C ARG R 56 56.51 37.32 23.11
N PRO R 57 55.49 36.53 23.39
CA PRO R 57 55.38 35.20 22.77
C PRO R 57 54.75 35.24 21.38
N VAL R 58 55.46 34.71 20.40
CA VAL R 58 54.99 34.68 19.01
C VAL R 58 54.57 33.28 18.63
N ARG R 59 53.50 33.17 17.84
CA ARG R 59 52.96 31.90 17.39
C ARG R 59 53.51 31.57 16.01
N ILE R 60 54.16 30.41 15.87
CA ILE R 60 54.67 29.97 14.58
C ILE R 60 54.19 28.55 14.32
N THR R 61 54.22 28.18 13.04
CA THR R 61 53.77 26.87 12.62
C THR R 61 54.80 26.05 11.85
N SER R 62 55.92 26.65 11.45
CA SER R 62 56.89 25.92 10.64
C SER R 62 58.28 26.51 10.83
N LEU R 63 59.28 25.75 10.41
CA LEU R 63 60.65 26.25 10.40
C LEU R 63 60.80 27.47 9.51
N LEU R 64 60.03 27.51 8.42
CA LEU R 64 60.14 28.60 7.45
C LEU R 64 59.78 29.93 8.07
N GLU R 65 58.86 29.93 9.03
CA GLU R 65 58.46 31.17 9.69
C GLU R 65 59.46 31.58 10.77
N TYR R 66 59.94 30.61 11.54
CA TYR R 66 61.02 30.87 12.48
C TYR R 66 62.18 31.56 11.78
N GLU R 67 62.57 31.04 10.62
CA GLU R 67 63.62 31.68 9.85
C GLU R 67 63.23 33.06 9.37
N GLN R 68 61.93 33.36 9.27
CA GLN R 68 61.54 34.70 8.87
C GLN R 68 61.69 35.70 9.99
N PHE R 69 61.33 35.32 11.22
CA PHE R 69 61.40 36.26 12.34
C PHE R 69 62.74 36.22 13.05
N PHE R 70 63.20 35.04 13.45
CA PHE R 70 64.37 34.93 14.31
C PHE R 70 65.62 34.43 13.61
N GLY R 71 65.55 34.10 12.32
CA GLY R 71 66.72 33.68 11.58
C GLY R 71 67.43 32.44 12.09
N LYS R 72 68.68 32.24 11.68
CA LYS R 72 69.47 31.04 11.96
C LYS R 72 70.52 31.32 13.03
N ALA R 73 71.16 30.25 13.48
CA ALA R 73 72.11 30.33 14.58
C ALA R 73 73.47 30.84 14.13
N ILE R 74 74.26 31.31 15.10
CA ILE R 74 75.61 31.81 14.88
C ILE R 74 76.58 30.67 14.65
N ASN R 75 77.75 30.98 14.10
CA ASN R 75 78.73 29.97 13.73
C ASN R 75 79.72 29.69 14.85
N GLU R 76 80.32 28.50 14.78
CA GLU R 76 81.22 28.00 15.82
C GLU R 76 82.65 28.44 15.55
N THR R 77 83.49 28.34 16.58
CA THR R 77 84.88 28.78 16.47
C THR R 77 85.82 27.78 17.11
N THR R 78 85.57 26.48 16.92
CA THR R 78 86.38 25.47 17.59
C THR R 78 86.69 24.25 16.73
N ILE R 79 86.32 24.25 15.45
CA ILE R 79 86.45 23.05 14.64
C ILE R 79 87.92 22.85 14.23
N GLN R 80 88.41 21.64 14.49
CA GLN R 80 89.76 21.22 14.13
C GLN R 80 89.66 20.06 13.16
N VAL R 81 90.58 20.01 12.20
CA VAL R 81 90.61 18.98 11.18
C VAL R 81 92.00 18.38 11.18
N VAL R 82 92.09 17.06 11.07
CA VAL R 82 93.36 16.36 11.03
C VAL R 82 93.49 15.66 9.70
N ILE R 83 94.64 15.81 9.06
CA ILE R 83 94.96 15.13 7.81
C ILE R 83 96.00 14.07 8.09
N GLN R 84 95.71 12.83 7.71
CA GLN R 84 96.53 11.67 8.04
C GLN R 84 97.14 11.11 6.76
N ASP R 85 98.46 11.22 6.65
CA ASP R 85 99.21 10.74 5.49
C ASP R 85 99.99 9.50 5.86
N THR R 86 99.98 8.51 4.99
CA THR R 86 100.87 7.37 5.08
C THR R 86 101.67 7.25 3.79
N THR R 87 102.99 7.15 3.93
CA THR R 87 103.94 7.12 2.83
C THR R 87 104.74 5.83 2.88
N ASP R 88 105.47 5.57 1.80
CA ASP R 88 106.26 4.36 1.68
C ASP R 88 107.66 4.57 2.25
N SER R 89 108.57 3.64 1.94
CA SER R 89 109.94 3.67 2.43
C SER R 89 110.78 4.82 1.88
N ARG R 90 110.37 5.43 0.78
CA ARG R 90 111.13 6.50 0.16
C ARG R 90 110.52 7.87 0.39
N GLY R 91 109.43 7.94 1.14
CA GLY R 91 108.70 9.19 1.30
C GLY R 91 107.66 9.45 0.24
N ASN R 92 107.34 8.47 -0.60
CA ASN R 92 106.27 8.64 -1.57
C ASN R 92 104.91 8.45 -0.91
N LEU R 93 104.01 9.39 -1.14
CA LEU R 93 102.69 9.33 -0.53
C LEU R 93 101.91 8.15 -1.09
N THR R 94 101.40 7.31 -0.19
CA THR R 94 100.58 6.16 -0.58
C THR R 94 99.12 6.33 -0.26
N GLU R 95 98.78 7.06 0.80
CA GLU R 95 97.38 7.23 1.14
C GLU R 95 97.18 8.47 2.01
N ARG R 96 96.03 9.12 1.87
CA ARG R 96 95.71 10.33 2.62
C ARG R 96 94.25 10.31 3.03
N LYS R 97 93.99 10.70 4.27
CA LYS R 97 92.64 10.76 4.82
C LYS R 97 92.47 12.03 5.66
N ALA R 98 91.22 12.38 5.95
CA ALA R 98 90.95 13.58 6.74
C ALA R 98 89.76 13.33 7.68
N SER R 99 89.79 13.97 8.84
CA SER R 99 88.70 13.86 9.81
C SER R 99 88.56 15.17 10.57
N ALA R 100 87.39 15.35 11.19
CA ALA R 100 87.07 16.59 11.91
C ALA R 100 86.64 16.30 13.34
N ARG R 101 86.83 17.29 14.21
CA ARG R 101 86.36 17.26 15.58
C ARG R 101 86.03 18.68 16.04
N ILE R 102 85.18 18.77 17.05
CA ILE R 102 84.86 20.03 17.70
C ILE R 102 85.16 19.90 19.19
N THR R 103 85.93 20.85 19.73
CA THR R 103 86.37 20.74 21.11
C THR R 103 85.35 21.33 22.08
N SER R 104 84.81 22.50 21.76
CA SER R 104 83.81 23.09 22.65
C SER R 104 82.75 23.85 21.87
N PRO R 105 81.52 23.33 21.80
CA PRO R 105 80.47 24.00 21.03
C PRO R 105 79.71 25.04 21.82
N SER R 106 79.09 25.96 21.08
CA SER R 106 78.38 27.06 21.69
C SER R 106 77.13 26.57 22.41
N PRO R 107 76.72 27.23 23.49
CA PRO R 107 75.49 26.82 24.18
C PRO R 107 74.21 27.26 23.51
N HIS R 108 74.27 28.15 22.52
CA HIS R 108 73.08 28.64 21.82
C HIS R 108 72.70 27.67 20.71
N ASN R 109 71.71 26.80 20.98
CA ASN R 109 71.32 25.75 20.03
C ASN R 109 69.81 25.80 19.77
N LEU R 110 69.25 27.00 19.64
CA LEU R 110 67.80 27.07 19.51
C LEU R 110 67.35 26.79 18.09
N TYR R 111 68.16 27.19 17.11
CA TYR R 111 67.81 26.94 15.71
C TYR R 111 67.92 25.47 15.33
N TYR R 112 68.85 24.72 15.94
CA TYR R 112 68.96 23.31 15.63
C TYR R 112 67.86 22.51 16.33
N SER R 113 67.46 22.96 17.50
CA SER R 113 66.38 22.28 18.21
C SER R 113 65.08 22.36 17.43
N MET R 114 64.85 23.48 16.74
CA MET R 114 63.64 23.58 15.94
C MET R 114 63.67 22.63 14.74
N GLN R 115 64.84 22.43 14.15
CA GLN R 115 64.98 21.42 13.11
C GLN R 115 64.64 20.04 13.64
N ALA R 116 65.20 19.69 14.80
CA ALA R 116 64.93 18.38 15.38
C ALA R 116 63.46 18.23 15.74
N TYR R 117 62.85 19.31 16.23
CA TYR R 117 61.43 19.27 16.58
C TYR R 117 60.58 19.01 15.37
N PHE R 118 60.78 19.78 14.29
CA PHE R 118 59.92 19.61 13.13
C PHE R 118 60.20 18.29 12.41
N ALA R 119 61.39 17.71 12.60
CA ALA R 119 61.66 16.41 12.00
C ALA R 119 60.90 15.27 12.69
N ASN R 120 60.45 15.47 13.93
CA ASN R 120 59.79 14.43 14.71
C ASN R 120 58.28 14.61 14.80
N GLY R 121 57.72 15.55 14.06
CA GLY R 121 56.33 15.92 14.23
C GLY R 121 56.20 17.23 14.99
N GLY R 122 54.97 17.67 15.15
CA GLY R 122 54.76 18.91 15.86
C GLY R 122 53.69 19.75 15.22
N GLY R 123 53.72 21.05 15.45
CA GLY R 123 52.73 21.93 14.87
C GLY R 123 52.91 23.35 15.37
N PRO R 124 51.80 24.02 15.64
CA PRO R 124 51.86 25.36 16.24
C PRO R 124 52.62 25.33 17.55
N CYS R 125 53.56 26.26 17.69
CA CYS R 125 54.28 26.43 18.94
C CYS R 125 54.47 27.92 19.19
N TYR R 126 54.90 28.26 20.39
CA TYR R 126 55.19 29.63 20.76
C TYR R 126 56.67 29.80 21.02
N ILE R 127 57.21 30.93 20.57
CA ILE R 127 58.61 31.28 20.75
C ILE R 127 58.67 32.50 21.66
N VAL R 128 59.56 32.43 22.65
CA VAL R 128 59.83 33.56 23.53
C VAL R 128 61.32 33.86 23.46
N SER R 129 61.66 34.96 22.78
CA SER R 129 63.04 35.33 22.57
C SER R 129 63.53 36.10 23.79
N VAL R 130 64.35 35.44 24.59
CA VAL R 130 64.98 36.02 25.77
C VAL R 130 66.35 36.56 25.39
N GLY R 131 66.40 37.78 24.87
CA GLY R 131 67.67 38.40 24.52
C GLY R 131 68.34 37.80 23.30
N PRO R 132 69.36 38.48 22.78
CA PRO R 132 70.05 37.97 21.59
C PRO R 132 71.18 37.01 21.93
N MET R 133 71.40 36.02 21.07
CA MET R 133 72.46 35.06 21.31
C MET R 133 73.83 35.71 21.20
N SER R 134 74.76 35.26 22.04
CA SER R 134 76.07 35.87 22.18
C SER R 134 77.16 34.83 21.96
N ASN R 135 78.27 35.28 21.37
CA ASN R 135 79.38 34.36 21.13
C ASN R 135 80.04 33.94 22.43
N THR R 136 80.16 34.86 23.39
CA THR R 136 80.81 34.53 24.66
C THR R 136 80.10 33.38 25.37
N GLY R 137 78.79 33.24 25.17
CA GLY R 137 78.08 32.11 25.72
C GLY R 137 77.56 32.27 27.13
N THR R 138 77.10 33.46 27.48
CA THR R 138 76.55 33.72 28.81
C THR R 138 75.04 33.53 28.76
N ILE R 139 74.53 32.68 29.66
CA ILE R 139 73.10 32.43 29.78
C ILE R 139 72.71 32.74 31.22
N GLN R 140 71.76 33.66 31.39
CA GLN R 140 71.41 34.20 32.69
C GLN R 140 70.07 33.68 33.17
N LEU R 141 69.99 33.40 34.48
CA LEU R 141 68.76 32.87 35.07
C LEU R 141 67.63 33.89 35.03
N GLU R 142 67.93 35.16 35.32
CA GLU R 142 66.89 36.16 35.49
C GLU R 142 66.11 36.36 34.20
N ALA R 143 66.82 36.33 33.07
CA ALA R 143 66.16 36.50 31.78
C ALA R 143 65.22 35.34 31.49
N LEU R 144 65.64 34.11 31.82
CA LEU R 144 64.76 32.97 31.62
C LEU R 144 63.55 33.05 32.54
N GLN R 145 63.74 33.57 33.75
CA GLN R 145 62.61 33.75 34.65
C GLN R 145 61.64 34.79 34.12
N ASN R 146 62.14 35.85 33.49
CA ASN R 146 61.23 36.82 32.87
C ASN R 146 60.47 36.18 31.71
N GLY R 147 61.14 35.35 30.93
CA GLY R 147 60.46 34.65 29.85
C GLY R 147 59.34 33.76 30.35
N LEU R 148 59.62 32.97 31.40
CA LEU R 148 58.62 32.04 32.01
C LEU R 148 57.49 32.87 32.61
N ALA R 149 57.80 34.03 33.18
CA ALA R 149 56.74 34.86 33.73
C ALA R 149 55.84 35.39 32.62
N GLU R 150 56.40 35.66 31.45
CA GLU R 150 55.59 36.15 30.35
C GLU R 150 54.75 35.06 29.69
N VAL R 151 55.23 33.81 29.65
CA VAL R 151 54.42 32.78 29.00
C VAL R 151 53.15 32.44 29.77
N ALA R 152 52.97 32.93 30.99
CA ALA R 152 51.78 32.61 31.76
C ALA R 152 50.51 33.16 31.12
N LYS R 153 50.64 34.09 30.19
CA LYS R 153 49.52 34.81 29.60
C LYS R 153 48.96 34.14 28.35
N GLU R 154 49.53 33.02 27.92
CA GLU R 154 49.03 32.28 26.76
C GLU R 154 48.22 31.08 27.22
N ASP R 155 47.07 30.86 26.59
CA ASP R 155 46.24 29.73 26.96
C ASP R 155 46.47 28.48 26.13
N GLU R 156 46.93 28.63 24.88
CA GLU R 156 47.13 27.45 24.06
C GLU R 156 48.31 26.61 24.53
N VAL R 157 49.15 27.13 25.40
CA VAL R 157 50.36 26.42 25.81
C VAL R 157 49.99 25.30 26.77
N THR R 158 50.48 24.09 26.49
CA THR R 158 50.34 22.96 27.40
C THR R 158 51.66 22.38 27.89
N LEU R 159 52.78 22.71 27.24
CA LEU R 159 54.08 22.13 27.57
C LEU R 159 55.13 23.21 27.65
N LEU R 160 56.07 23.07 28.58
CA LEU R 160 57.13 24.05 28.80
C LEU R 160 58.49 23.41 28.57
N VAL R 161 59.29 24.00 27.68
CA VAL R 161 60.60 23.45 27.30
C VAL R 161 61.65 24.54 27.46
N PHE R 162 62.79 24.17 28.06
CA PHE R 162 63.94 25.05 28.25
C PHE R 162 65.15 24.44 27.57
N PRO R 163 65.34 24.66 26.27
CA PRO R 163 66.44 24.01 25.57
C PRO R 163 67.82 24.39 26.11
N GLU R 164 68.03 25.66 26.42
CA GLU R 164 69.33 26.15 26.88
C GLU R 164 69.32 26.29 28.40
N SER R 165 69.37 25.15 29.09
CA SER R 165 69.45 25.16 30.54
C SER R 165 70.49 24.21 31.09
N GLN R 166 71.16 23.44 30.24
CA GLN R 166 72.21 22.55 30.68
C GLN R 166 73.51 23.28 31.01
N SER R 167 73.62 24.55 30.61
CA SER R 167 74.79 25.35 30.89
C SER R 167 74.68 26.12 32.21
N LEU R 168 73.52 26.08 32.86
CA LEU R 168 73.37 26.73 34.15
C LEU R 168 73.95 25.86 35.25
N SER R 169 74.18 26.49 36.41
CA SER R 169 74.66 25.79 37.58
C SER R 169 73.51 25.03 38.26
N ASP R 170 73.86 24.18 39.21
CA ASP R 170 72.86 23.34 39.86
C ASP R 170 71.85 24.16 40.63
N GLU R 171 72.30 25.22 41.31
CA GLU R 171 71.37 26.04 42.08
C GLU R 171 70.43 26.80 41.18
N ASN R 172 70.95 27.42 40.11
CA ASN R 172 70.11 28.15 39.19
C ASN R 172 69.18 27.20 38.44
N TYR R 173 69.68 26.01 38.11
CA TYR R 173 68.85 25.00 37.46
C TYR R 173 67.68 24.59 38.34
N ALA R 174 67.97 24.31 39.61
CA ALA R 174 66.90 23.92 40.54
C ALA R 174 65.91 25.05 40.72
N ALA R 175 66.38 26.28 40.82
CA ALA R 175 65.48 27.41 40.97
C ALA R 175 64.54 27.56 39.78
N LEU R 176 65.08 27.44 38.57
CA LEU R 176 64.25 27.54 37.38
C LEU R 176 63.22 26.42 37.31
N MET R 177 63.66 25.19 37.59
CA MET R 177 62.73 24.07 37.52
C MET R 177 61.64 24.21 38.57
N SER R 178 61.99 24.74 39.75
CA SER R 178 60.99 24.95 40.79
C SER R 178 59.97 26.00 40.35
N ALA R 179 60.43 27.08 39.73
CA ALA R 179 59.49 28.10 39.25
C ALA R 179 58.55 27.53 38.19
N ALA R 180 59.07 26.73 37.27
CA ALA R 180 58.22 26.14 36.24
C ALA R 180 57.16 25.23 36.86
N LEU R 181 57.59 24.35 37.78
CA LEU R 181 56.64 23.46 38.42
C LEU R 181 55.61 24.23 39.22
N GLU R 182 56.00 25.36 39.81
CA GLU R 182 55.05 26.16 40.57
C GLU R 182 54.01 26.79 39.64
N GLN R 183 54.42 27.24 38.47
CA GLN R 183 53.44 27.77 37.52
C GLN R 183 52.45 26.67 37.10
N CYS R 184 52.96 25.49 36.77
CA CYS R 184 52.05 24.41 36.40
C CYS R 184 51.11 24.03 37.55
N ALA R 185 51.63 24.05 38.78
CA ALA R 185 50.77 23.77 39.93
C ALA R 185 49.68 24.82 40.09
N ASN R 186 49.97 26.07 39.74
CA ASN R 186 48.99 27.13 39.91
C ASN R 186 47.93 27.12 38.81
N LEU R 187 48.32 26.86 37.56
CA LEU R 187 47.33 26.90 36.49
C LEU R 187 46.61 25.58 36.29
N GLN R 188 47.27 24.46 36.61
CA GLN R 188 46.67 23.12 36.57
C GLN R 188 46.27 22.71 35.16
N ASP R 189 47.06 23.15 34.16
CA ASP R 189 46.81 22.72 32.79
C ASP R 189 48.08 22.52 31.98
N ARG R 190 49.23 22.30 32.62
CA ARG R 190 50.51 22.26 31.93
C ARG R 190 51.39 21.15 32.46
N PHE R 191 52.46 20.86 31.72
CA PHE R 191 53.41 19.82 32.05
C PHE R 191 54.80 20.29 31.63
N THR R 192 55.83 19.92 32.40
CA THR R 192 57.20 20.27 32.08
C THR R 192 58.04 19.03 31.76
N VAL R 193 59.00 19.20 30.84
CA VAL R 193 59.91 18.14 30.43
C VAL R 193 61.33 18.63 30.67
N MET R 194 62.15 17.82 31.32
CA MET R 194 63.50 18.19 31.74
C MET R 194 64.54 17.28 31.13
N ASP R 195 65.75 17.83 30.94
CA ASP R 195 66.91 17.09 30.46
C ASP R 195 67.88 16.88 31.61
N LEU R 196 68.28 15.64 31.82
CA LEU R 196 69.27 15.35 32.85
C LEU R 196 70.63 15.91 32.47
N LYS R 197 71.29 16.58 33.42
CA LYS R 197 72.64 17.08 33.19
C LYS R 197 73.66 15.95 33.34
N LEU R 198 74.59 15.89 32.40
CA LEU R 198 75.62 14.86 32.41
C LEU R 198 76.99 15.53 32.54
N PRO R 199 78.03 14.78 32.92
CA PRO R 199 79.36 15.39 33.08
C PRO R 199 79.84 16.10 31.82
N ALA R 200 80.61 17.17 32.02
CA ALA R 200 81.15 17.95 30.91
C ALA R 200 82.63 17.67 30.63
N THR R 201 83.09 16.47 30.96
CA THR R 201 84.48 16.10 30.73
C THR R 201 84.60 15.33 29.42
N ARG R 202 85.83 15.03 28.99
CA ARG R 202 86.01 14.30 27.73
C ARG R 202 87.20 13.32 27.70
N PRO R 203 86.98 12.11 27.16
CA PRO R 203 85.64 11.67 26.80
C PRO R 203 84.99 11.08 28.04
N ILE R 204 83.69 10.94 27.95
CA ILE R 204 82.84 10.43 29.03
C ILE R 204 83.41 9.26 29.81
N PRO R 205 83.48 9.42 31.15
CA PRO R 205 83.97 8.37 32.05
C PRO R 205 82.99 7.21 32.06
N ALA R 206 83.50 5.99 32.20
CA ALA R 206 82.64 4.82 32.21
C ALA R 206 81.57 4.90 33.28
N ASN R 207 80.36 4.49 32.91
CA ASN R 207 79.22 4.49 33.83
C ASN R 207 79.00 5.80 34.60
N ALA R 208 78.98 6.92 33.90
CA ALA R 208 78.73 8.21 34.58
C ALA R 208 77.28 8.48 35.01
N ILE R 209 76.33 7.88 34.29
CA ILE R 209 74.90 8.00 34.53
C ILE R 209 74.58 7.82 36.01
N VAL R 210 75.31 6.93 36.68
CA VAL R 210 75.08 6.67 38.10
C VAL R 210 75.44 7.90 38.92
N GLY R 211 76.49 8.61 38.53
CA GLY R 211 76.84 9.83 39.25
C GLY R 211 75.86 10.96 38.96
N ALA R 212 75.47 11.08 37.69
CA ALA R 212 74.54 12.13 37.28
C ALA R 212 73.18 11.97 37.95
N SER R 213 72.69 10.74 38.11
CA SER R 213 71.39 10.58 38.75
C SER R 213 71.46 10.89 40.24
N ASN R 214 72.59 10.63 40.88
CA ASN R 214 72.74 10.99 42.28
C ASN R 214 72.86 12.49 42.45
N ALA R 215 73.52 13.15 41.51
CA ALA R 215 73.56 14.61 41.53
C ALA R 215 72.16 15.20 41.32
N PHE R 216 71.37 14.58 40.43
CA PHE R 216 70.03 15.08 40.15
C PHE R 216 69.13 14.95 41.37
N ARG R 217 69.13 13.78 42.00
CA ARG R 217 68.23 13.58 43.14
C ARG R 217 68.59 14.47 44.31
N ASP R 218 69.82 15.01 44.32
CA ASP R 218 70.28 15.89 45.44
C ASP R 218 69.78 17.32 45.26
N LEU R 219 69.09 17.63 44.15
CA LEU R 219 68.52 18.96 43.98
C LEU R 219 67.27 19.11 44.83
N SER R 220 67.03 20.31 45.31
CA SER R 220 65.91 20.60 46.19
C SER R 220 64.76 21.17 45.37
N LEU R 221 63.70 20.39 45.21
CA LEU R 221 62.51 20.75 44.44
C LEU R 221 61.28 20.57 45.31
N PRO R 222 60.24 21.39 45.09
CA PRO R 222 59.04 21.28 45.92
C PRO R 222 58.35 19.93 45.73
N GLN R 223 58.18 19.20 46.84
CA GLN R 223 57.67 17.85 46.77
C GLN R 223 56.20 17.77 46.38
N ASP R 224 55.49 18.89 46.43
CA ASP R 224 54.07 18.90 46.10
C ASP R 224 53.75 19.17 44.64
N ASN R 225 54.76 19.58 43.88
CA ASN R 225 54.55 19.90 42.47
C ASN R 225 55.26 18.91 41.56
N LEU R 226 55.84 17.86 42.12
CA LEU R 226 56.62 16.91 41.33
C LEU R 226 55.74 16.13 40.37
N LYS R 227 54.44 16.03 40.64
CA LYS R 227 53.56 15.30 39.75
C LYS R 227 53.31 16.03 38.44
N TYR R 228 53.84 17.23 38.25
CA TYR R 228 53.63 18.02 37.05
C TYR R 228 54.82 18.04 36.10
N GLY R 229 55.78 17.12 36.24
CA GLY R 229 56.91 17.15 35.34
C GLY R 229 57.55 15.80 35.15
N ALA R 230 58.45 15.74 34.16
CA ALA R 230 59.13 14.50 33.80
C ALA R 230 60.58 14.82 33.42
N CYS R 231 61.41 13.77 33.38
CA CYS R 231 62.83 13.92 33.11
C CYS R 231 63.30 12.82 32.16
N TYR R 232 64.27 13.17 31.31
CA TYR R 232 64.79 12.20 30.33
C TYR R 232 66.31 12.28 30.24
N ALA R 233 66.91 11.17 29.84
CA ALA R 233 68.35 11.07 29.63
C ALA R 233 68.61 9.94 28.64
N PRO R 234 69.76 9.95 27.95
CA PRO R 234 70.80 10.97 27.82
C PRO R 234 70.68 11.78 26.55
N ASP R 235 71.71 12.56 26.24
CA ASP R 235 71.73 13.37 25.02
C ASP R 235 71.89 12.50 23.77
N ILE R 236 71.46 13.06 22.64
CA ILE R 236 71.33 12.32 21.40
C ILE R 236 72.17 12.99 20.32
N GLU R 237 72.83 12.17 19.50
CA GLU R 237 73.52 12.65 18.31
C GLU R 237 72.58 12.67 17.11
N THR R 238 72.73 13.68 16.27
CA THR R 238 71.88 13.90 15.11
C THR R 238 72.73 14.21 13.90
N ILE R 239 72.07 14.24 12.74
CA ILE R 239 72.75 14.33 11.46
C ILE R 239 72.93 15.76 10.97
N PHE R 240 72.41 16.74 11.70
CA PHE R 240 72.46 18.12 11.21
C PHE R 240 73.88 18.69 11.32
N ASN R 241 74.13 19.74 10.54
CA ASN R 241 75.46 20.31 10.39
C ASN R 241 75.65 21.55 11.26
N TYR R 242 76.92 21.94 11.41
CA TYR R 242 77.31 23.13 12.16
C TYR R 242 77.55 24.30 11.22
N PHE R 243 77.39 25.51 11.74
CA PHE R 243 77.75 26.73 11.01
C PHE R 243 79.16 27.16 11.37
N TYR R 244 79.91 27.61 10.37
CA TYR R 244 81.31 27.95 10.57
C TYR R 244 81.78 28.91 9.48
N GLN R 245 82.99 29.43 9.67
CA GLN R 245 83.71 30.20 8.65
C GLN R 245 85.02 29.50 8.33
N GLU R 246 85.46 29.62 7.09
CA GLU R 246 86.68 28.98 6.62
C GLU R 246 87.98 29.46 7.28
N ASP R 247 87.98 30.68 7.79
CA ASP R 247 89.18 31.21 8.41
C ASP R 247 89.24 30.94 9.91
N ALA R 248 88.30 30.19 10.45
CA ALA R 248 88.32 29.79 11.84
C ALA R 248 88.58 28.31 12.05
N VAL R 249 88.72 27.53 10.98
CA VAL R 249 88.95 26.10 11.07
C VAL R 249 90.44 25.84 11.17
N THR R 250 90.86 25.09 12.19
CA THR R 250 92.27 24.86 12.46
C THR R 250 92.69 23.50 11.92
N ILE R 251 93.88 23.43 11.31
CA ILE R 251 94.35 22.27 10.57
C ILE R 251 95.54 21.64 11.27
N PHE R 252 95.57 20.32 11.31
CA PHE R 252 96.68 19.52 11.84
C PHE R 252 97.06 18.44 10.84
N ARG R 253 98.28 17.95 10.94
CA ARG R 253 98.75 16.85 10.10
C ARG R 253 99.43 15.79 10.94
N SER R 254 99.34 14.54 10.46
CA SER R 254 100.05 13.42 11.09
C SER R 254 100.47 12.44 10.01
N VAL R 255 101.74 12.02 10.07
CA VAL R 255 102.33 11.18 9.04
C VAL R 255 102.71 9.83 9.64
N ASN R 256 102.24 8.76 9.01
CA ASN R 256 102.58 7.39 9.39
C ASN R 256 102.25 7.13 10.87
N GLY R 257 101.19 7.75 11.35
CA GLY R 257 100.82 7.61 12.75
C GLY R 257 101.66 8.40 13.71
N GLY R 258 102.39 9.41 13.25
CA GLY R 258 103.27 10.18 14.10
C GLY R 258 102.52 11.17 14.96
N ALA R 259 103.26 12.14 15.47
CA ALA R 259 102.69 13.18 16.29
C ALA R 259 101.79 14.09 15.46
N GLU R 260 100.76 14.61 16.09
CA GLU R 260 99.79 15.49 15.43
C GLU R 260 100.25 16.93 15.59
N GLU R 261 100.60 17.57 14.48
CA GLU R 261 101.19 18.90 14.52
C GLU R 261 100.27 19.90 13.83
N GLN R 262 100.23 21.11 14.37
CA GLN R 262 99.37 22.16 13.85
C GLN R 262 100.03 22.86 12.67
N ASP R 263 99.27 23.02 11.60
CA ASP R 263 99.73 23.70 10.40
C ASP R 263 99.55 25.22 10.59
N THR R 264 100.15 26.01 9.71
CA THR R 264 100.10 27.46 9.82
C THR R 264 99.06 28.10 8.91
N LEU R 265 98.31 27.32 8.16
CA LEU R 265 97.25 27.83 7.31
C LEU R 265 95.90 27.51 7.95
N THR R 266 94.89 28.29 7.57
CA THR R 266 93.51 27.98 7.88
C THR R 266 92.90 27.22 6.70
N MET R 267 91.66 26.77 6.89
CA MET R 267 90.94 26.16 5.76
C MET R 267 90.89 27.11 4.59
N ALA R 268 90.68 28.40 4.86
CA ALA R 268 90.70 29.41 3.80
C ALA R 268 92.03 29.44 3.08
N GLY R 269 93.10 29.01 3.73
CA GLY R 269 94.39 28.97 3.07
C GLY R 269 94.52 27.91 2.00
N TYR R 270 93.61 26.95 1.96
CA TYR R 270 93.63 25.93 0.92
C TYR R 270 92.58 26.17 -0.15
N ASN R 271 91.83 27.25 -0.04
CA ASN R 271 90.78 27.54 -1.01
C ASN R 271 91.42 27.88 -2.35
N PRO R 272 91.03 27.21 -3.44
CA PRO R 272 91.64 27.51 -4.75
C PRO R 272 91.39 28.94 -5.20
N ALA R 273 90.31 29.58 -4.74
CA ALA R 273 90.08 30.98 -5.09
C ALA R 273 91.17 31.87 -4.52
N ASN R 274 91.89 31.40 -3.50
CA ASN R 274 93.00 32.13 -2.92
C ASN R 274 94.36 31.59 -3.32
N GLY R 275 94.39 30.67 -4.29
CA GLY R 275 95.65 30.10 -4.73
C GLY R 275 96.16 28.94 -3.90
N GLY R 276 95.29 28.28 -3.15
CA GLY R 276 95.69 27.12 -2.37
C GLY R 276 95.47 25.82 -3.13
N ASP R 277 95.79 24.72 -2.47
CA ASP R 277 95.64 23.39 -3.05
C ASP R 277 94.21 22.92 -2.81
N GLY R 278 93.38 22.97 -3.85
CA GLY R 278 92.00 22.55 -3.71
C GLY R 278 91.81 21.05 -3.50
N ILE R 279 92.81 20.25 -3.86
CA ILE R 279 92.68 18.81 -3.73
C ILE R 279 92.51 18.42 -2.27
N GLN R 280 93.19 19.12 -1.38
CA GLN R 280 93.00 18.89 0.06
C GLN R 280 91.83 19.69 0.61
N TYR R 281 91.51 20.80 -0.03
CA TYR R 281 90.33 21.59 0.37
C TYR R 281 89.06 20.76 0.29
N ALA R 282 88.94 19.97 -0.78
CA ALA R 282 87.78 19.08 -0.92
C ALA R 282 87.71 18.08 0.24
N LEU R 283 88.85 17.53 0.64
CA LEU R 283 88.85 16.61 1.77
C LEU R 283 88.45 17.31 3.05
N ILE R 284 88.90 18.56 3.23
CA ILE R 284 88.53 19.31 4.43
C ILE R 284 87.03 19.54 4.47
N GLU R 285 86.43 19.91 3.34
CA GLU R 285 84.98 20.08 3.30
C GLU R 285 84.26 18.79 3.64
N SER R 286 84.66 17.69 3.00
CA SER R 286 83.96 16.42 3.19
C SER R 286 84.13 15.90 4.60
N ALA R 287 85.24 16.24 5.25
CA ALA R 287 85.44 15.85 6.64
C ALA R 287 84.58 16.68 7.57
N ILE R 288 84.54 18.00 7.38
CA ILE R 288 83.73 18.84 8.26
C ILE R 288 82.26 18.44 8.14
N ASP R 289 81.83 18.04 6.95
CA ASP R 289 80.42 17.74 6.73
C ASP R 289 79.91 16.58 7.61
N GLN R 290 80.79 15.70 8.09
CA GLN R 290 80.38 14.46 8.73
C GLN R 290 80.30 14.53 10.25
N LEU R 291 80.58 15.67 10.86
CA LEU R 291 80.56 15.78 12.31
C LEU R 291 79.13 15.76 12.86
N PRO R 292 78.80 14.86 13.79
CA PRO R 292 77.44 14.82 14.33
C PRO R 292 77.15 16.01 15.24
N LEU R 293 75.86 16.29 15.40
CA LEU R 293 75.39 17.39 16.24
C LEU R 293 74.75 16.85 17.52
N ILE R 294 75.16 17.37 18.67
CA ILE R 294 74.69 16.86 19.97
C ILE R 294 73.56 17.76 20.46
N LEU R 295 72.42 17.16 20.79
CA LEU R 295 71.27 17.87 21.31
C LEU R 295 70.69 17.16 22.53
N PRO R 296 69.97 17.90 23.37
CA PRO R 296 69.27 17.26 24.49
C PRO R 296 68.00 16.60 24.03
N PRO R 297 67.43 15.67 24.82
CA PRO R 297 66.28 14.89 24.34
C PRO R 297 64.99 15.69 24.19
N SER R 298 64.77 16.70 25.01
CA SER R 298 63.48 17.40 25.16
C SER R 298 62.83 17.84 23.84
N PRO R 299 63.56 18.55 22.95
CA PRO R 299 62.99 18.92 21.65
C PRO R 299 62.40 17.74 20.89
N LEU R 300 63.06 16.58 20.90
CA LEU R 300 62.54 15.42 20.20
C LEU R 300 61.39 14.78 20.96
N VAL R 301 61.47 14.77 22.29
CA VAL R 301 60.43 14.15 23.09
C VAL R 301 59.11 14.86 22.90
N VAL R 302 59.12 16.20 22.87
CA VAL R 302 57.86 16.92 22.73
C VAL R 302 57.24 16.68 21.35
N GLY R 303 58.09 16.59 20.32
CA GLY R 303 57.57 16.24 19.00
C GLY R 303 56.93 14.88 18.97
N GLN R 304 57.55 13.91 19.66
CA GLN R 304 56.93 12.58 19.71
C GLN R 304 55.64 12.58 20.51
N TYR R 305 55.53 13.45 21.53
CA TYR R 305 54.23 13.60 22.20
C TYR R 305 53.17 14.05 21.19
N ALA R 306 53.49 15.08 20.42
CA ALA R 306 52.54 15.59 19.45
C ALA R 306 52.19 14.53 18.42
N ARG R 307 53.15 13.70 18.04
CA ARG R 307 52.88 12.67 17.06
C ARG R 307 52.01 11.56 17.61
N THR R 308 52.25 11.13 18.86
CA THR R 308 51.52 9.97 19.36
C THR R 308 50.14 10.33 19.87
N ASP R 309 49.90 11.56 20.32
CA ASP R 309 48.55 11.90 20.74
C ASP R 309 47.59 11.99 19.56
N ASN R 310 48.09 11.93 18.33
CA ASN R 310 47.26 12.08 17.15
C ASN R 310 46.84 10.76 16.53
N THR R 311 47.44 9.64 16.91
CA THR R 311 47.08 8.34 16.37
C THR R 311 46.47 7.41 17.39
N ARG R 312 46.81 7.55 18.66
CA ARG R 312 46.29 6.70 19.71
C ARG R 312 45.43 7.43 20.73
N GLY R 313 45.77 8.66 21.07
CA GLY R 313 45.02 9.41 22.05
C GLY R 313 45.88 9.85 23.21
N VAL R 314 45.45 10.87 23.95
CA VAL R 314 46.28 11.42 25.01
C VAL R 314 46.47 10.44 26.15
N TRP R 315 45.58 9.46 26.30
CA TRP R 315 45.63 8.50 27.39
C TRP R 315 46.55 7.32 27.11
N LYS R 316 47.17 7.27 25.93
CA LYS R 316 48.10 6.21 25.59
C LYS R 316 49.52 6.64 25.97
N ALA R 317 50.32 5.72 26.49
CA ALA R 317 51.65 6.05 26.95
C ALA R 317 52.52 6.53 25.79
N PRO R 318 53.18 7.69 25.91
CA PRO R 318 54.13 8.15 24.87
C PRO R 318 55.49 7.51 25.02
N ALA R 319 55.54 6.20 24.81
CA ALA R 319 56.76 5.42 24.96
C ALA R 319 56.74 4.27 23.97
N ASN R 320 57.89 3.62 23.81
CA ASN R 320 58.06 2.54 22.84
C ASN R 320 57.86 3.04 21.41
N VAL R 321 58.39 4.23 21.13
CA VAL R 321 58.32 4.85 19.81
C VAL R 321 59.74 5.23 19.39
N ALA R 322 59.97 5.25 18.08
CA ALA R 322 61.30 5.46 17.53
C ALA R 322 61.51 6.92 17.10
N LEU R 323 62.77 7.36 17.17
CA LEU R 323 63.14 8.73 16.85
C LEU R 323 63.71 8.81 15.44
N SER R 324 63.47 9.94 14.78
CA SER R 324 63.94 10.18 13.43
C SER R 324 65.09 11.16 13.41
N SER R 325 65.85 11.11 12.31
CA SER R 325 67.05 11.95 12.11
C SER R 325 68.03 11.82 13.27
N VAL R 326 68.23 10.60 13.75
CA VAL R 326 69.11 10.31 14.87
C VAL R 326 70.09 9.24 14.45
N ILE R 327 71.35 9.39 14.85
CA ILE R 327 72.35 8.36 14.60
C ILE R 327 72.44 7.38 15.76
N LYS R 328 72.77 7.88 16.96
CA LYS R 328 72.97 7.02 18.12
C LYS R 328 72.96 7.87 19.37
N PRO R 329 72.60 7.31 20.52
CA PRO R 329 72.75 8.04 21.78
C PRO R 329 74.22 8.12 22.21
N VAL R 330 74.51 9.13 23.03
CA VAL R 330 75.89 9.34 23.44
C VAL R 330 76.34 8.33 24.48
N LEU R 331 75.44 7.74 25.24
CA LEU R 331 75.80 6.75 26.24
C LEU R 331 74.92 5.55 26.10
N LYS R 332 75.41 4.40 26.57
CA LYS R 332 74.71 3.13 26.58
C LYS R 332 74.25 2.81 27.99
N ILE R 333 72.96 2.55 28.16
CA ILE R 333 72.38 2.21 29.45
C ILE R 333 72.06 0.72 29.46
N THR R 334 72.37 0.06 30.57
CA THR R 334 72.09 -1.36 30.77
C THR R 334 70.84 -1.54 31.61
N ASN R 335 70.42 -2.80 31.74
CA ASN R 335 69.25 -3.11 32.58
C ASN R 335 69.53 -2.85 34.06
N GLU R 336 70.74 -3.12 34.53
CA GLU R 336 71.03 -2.96 35.94
C GLU R 336 71.00 -1.48 36.34
N GLN R 337 71.44 -0.60 35.44
CA GLN R 337 71.33 0.83 35.68
C GLN R 337 69.90 1.30 35.53
N GLN R 338 69.17 0.72 34.58
CA GLN R 338 67.76 1.06 34.41
C GLN R 338 66.97 0.74 35.67
N ASN R 339 67.36 -0.29 36.41
CA ASN R 339 66.65 -0.63 37.64
C ASN R 339 66.66 0.51 38.64
N ASN R 340 67.77 1.23 38.73
CA ASN R 340 67.88 2.36 39.65
C ASN R 340 67.36 3.64 39.04
N LEU R 341 67.38 3.76 37.71
CA LEU R 341 66.79 4.94 37.09
C LEU R 341 65.27 4.93 37.18
N ASN R 342 64.66 3.75 37.07
CA ASN R 342 63.21 3.68 36.94
C ASN R 342 62.51 3.69 38.28
N VAL R 343 63.07 3.05 39.30
CA VAL R 343 62.48 2.98 40.63
C VAL R 343 63.50 3.45 41.64
N HIS R 344 63.07 4.30 42.58
CA HIS R 344 63.95 4.83 43.61
C HIS R 344 63.12 5.20 44.83
N PRO R 345 63.66 5.02 46.03
CA PRO R 345 62.89 5.33 47.25
C PRO R 345 62.44 6.77 47.35
N THR R 346 63.06 7.70 46.63
CA THR R 346 62.67 9.10 46.70
C THR R 346 61.55 9.45 45.72
N GLY R 347 61.18 8.53 44.84
CA GLY R 347 60.14 8.77 43.87
C GLY R 347 60.57 9.50 42.61
N LYS R 348 61.75 10.10 42.58
CA LYS R 348 62.19 10.79 41.39
C LYS R 348 62.71 9.79 40.36
N SER R 349 62.15 9.84 39.15
CA SER R 349 62.39 8.79 38.19
C SER R 349 62.95 9.40 36.91
N ILE R 350 63.72 8.60 36.19
CA ILE R 350 64.43 9.04 35.01
C ILE R 350 64.08 8.10 33.88
N ASN R 351 63.45 8.63 32.84
CA ASN R 351 63.08 7.84 31.69
C ASN R 351 64.23 7.79 30.69
N ALA R 352 64.45 6.62 30.11
CA ALA R 352 65.65 6.38 29.31
C ALA R 352 65.35 6.42 27.81
N ILE R 353 66.41 6.59 27.03
CA ILE R 353 66.34 6.50 25.57
C ILE R 353 67.42 5.53 25.13
N ARG R 354 67.01 4.38 24.60
CA ARG R 354 67.93 3.26 24.41
C ARG R 354 67.85 2.73 22.99
N ALA R 355 68.96 2.18 22.51
CA ALA R 355 68.99 1.58 21.18
C ALA R 355 68.81 0.07 21.29
N PHE R 356 68.00 -0.47 20.37
CA PHE R 356 67.70 -1.90 20.33
C PHE R 356 68.02 -2.41 18.94
N THR R 357 68.76 -3.52 18.85
CA THR R 357 69.21 -4.06 17.54
C THR R 357 68.12 -4.23 16.49
N GLY R 358 68.19 -3.48 15.39
CA GLY R 358 67.23 -3.58 14.28
C GLY R 358 66.02 -2.68 14.40
N LYS R 359 65.83 -2.00 15.54
CA LYS R 359 64.59 -1.22 15.76
C LYS R 359 64.84 0.30 15.77
N GLY R 360 66.10 0.74 15.71
CA GLY R 360 66.43 2.17 15.93
C GLY R 360 66.63 2.53 17.38
N THR R 361 66.49 3.82 17.70
CA THR R 361 66.61 4.29 19.11
C THR R 361 65.21 4.62 19.60
N LEU R 362 64.81 4.13 20.78
CA LEU R 362 63.43 4.29 21.23
C LEU R 362 63.39 4.87 22.63
N ILE R 363 62.27 5.54 22.90
CA ILE R 363 61.95 6.05 24.24
C ILE R 363 61.48 4.88 25.11
N TRP R 364 62.05 4.76 26.30
CA TRP R 364 61.84 3.62 27.18
C TRP R 364 61.59 4.17 28.58
N GLY R 365 60.33 4.25 28.97
CA GLY R 365 59.91 4.75 30.27
C GLY R 365 58.89 5.87 30.14
N ALA R 366 57.86 5.80 30.99
CA ALA R 366 56.73 6.72 30.92
C ALA R 366 56.23 7.14 32.30
N ARG R 367 57.13 7.43 33.22
CA ARG R 367 56.74 7.82 34.57
C ARG R 367 57.01 9.29 34.85
N THR R 368 56.31 9.82 35.85
CA THR R 368 56.51 11.19 36.31
C THR R 368 57.58 11.24 37.41
N LEU R 369 57.83 12.45 37.91
CA LEU R 369 58.75 12.64 39.02
C LEU R 369 58.16 12.22 40.36
N ALA R 370 56.97 11.63 40.36
CA ALA R 370 56.28 11.18 41.57
C ALA R 370 55.95 9.70 41.43
N GLY R 371 56.95 8.92 41.03
CA GLY R 371 56.75 7.56 40.60
C GLY R 371 56.24 6.61 41.65
N ASN R 372 56.29 6.99 42.93
CA ASN R 372 55.70 6.18 43.98
C ASN R 372 54.26 6.54 44.29
N ASP R 373 53.68 7.49 43.57
CA ASP R 373 52.32 7.92 43.81
C ASP R 373 51.37 6.98 43.08
N ASN R 374 50.42 6.39 43.82
CA ASN R 374 49.51 5.43 43.22
C ASN R 374 48.58 6.06 42.18
N GLU R 375 48.36 7.37 42.25
CA GLU R 375 47.47 8.06 41.32
C GLU R 375 48.20 8.74 40.18
N TRP R 376 49.34 9.37 40.45
CA TRP R 376 50.03 10.20 39.46
C TRP R 376 51.34 9.58 39.02
N ARG R 377 51.40 8.26 38.98
CA ARG R 377 52.63 7.58 38.58
C ARG R 377 52.98 7.85 37.12
N TYR R 378 51.99 7.88 36.24
CA TYR R 378 52.25 7.88 34.81
C TYR R 378 51.92 9.22 34.15
N VAL R 379 52.62 9.50 33.05
CA VAL R 379 52.46 10.76 32.34
C VAL R 379 51.06 10.87 31.73
N SER R 380 50.61 9.81 31.08
CA SER R 380 49.38 9.88 30.29
C SER R 380 48.17 10.13 31.18
N VAL R 381 48.15 9.59 32.39
CA VAL R 381 47.02 9.80 33.28
C VAL R 381 46.93 11.26 33.67
N ARG R 382 48.06 11.87 34.02
CA ARG R 382 48.05 13.26 34.44
C ARG R 382 47.67 14.19 33.28
N ARG R 383 48.21 13.92 32.09
CA ARG R 383 47.86 14.77 30.95
C ARG R 383 46.39 14.65 30.61
N PHE R 384 45.84 13.43 30.66
CA PHE R 384 44.43 13.24 30.39
C PHE R 384 43.56 13.98 31.40
N PHE R 385 43.91 13.89 32.69
CA PHE R 385 43.16 14.62 33.70
C PHE R 385 43.20 16.11 33.46
N ASN R 386 44.36 16.64 33.06
CA ASN R 386 44.44 18.06 32.74
C ASN R 386 43.47 18.43 31.63
N MET R 387 43.48 17.64 30.55
CA MET R 387 42.58 17.91 29.43
C MET R 387 41.13 17.89 29.86
N ALA R 388 40.74 16.86 30.62
CA ALA R 388 39.34 16.71 31.00
C ALA R 388 38.87 17.86 31.87
N GLU R 389 39.67 18.25 32.85
CA GLU R 389 39.23 19.33 33.73
C GLU R 389 39.19 20.67 32.98
N GLU R 390 40.11 20.88 32.04
CA GLU R 390 40.03 22.10 31.25
C GLU R 390 38.75 22.15 30.43
N SER R 391 38.37 21.03 29.81
CA SER R 391 37.13 21.03 29.03
C SER R 391 35.93 21.24 29.92
N ILE R 392 35.94 20.67 31.13
CA ILE R 392 34.80 20.86 32.03
C ILE R 392 34.69 22.32 32.46
N LYS R 393 35.82 22.95 32.78
CA LYS R 393 35.82 24.37 33.10
C LYS R 393 35.22 25.20 31.98
N LYS R 394 35.69 24.96 30.75
CA LYS R 394 35.18 25.73 29.62
C LYS R 394 33.69 25.49 29.41
N GLY R 395 33.23 24.28 29.66
CA GLY R 395 31.82 23.99 29.51
C GLY R 395 30.96 24.66 30.57
N SER R 396 31.46 24.73 31.80
CA SER R 396 30.65 25.24 32.91
C SER R 396 30.98 26.68 33.23
N GLU R 397 31.64 27.38 32.32
CA GLU R 397 31.80 28.82 32.51
C GLU R 397 30.54 29.63 32.23
N PRO R 398 29.79 29.36 31.16
CA PRO R 398 28.66 30.24 30.82
C PRO R 398 27.63 30.41 31.94
N PHE R 399 27.55 29.50 32.88
CA PHE R 399 26.56 29.67 33.94
C PHE R 399 26.99 30.69 35.03
N VAL R 400 28.00 31.51 34.86
CA VAL R 400 28.34 32.50 35.88
C VAL R 400 27.22 33.54 35.97
N PHE R 401 26.90 33.94 37.20
CA PHE R 401 25.84 34.91 37.47
C PHE R 401 24.48 34.44 36.95
N GLU R 402 24.18 33.18 37.17
CA GLU R 402 22.90 32.57 36.92
C GLU R 402 22.28 32.11 38.25
N PRO R 403 20.97 31.89 38.28
CA PRO R 403 20.34 31.49 39.55
C PRO R 403 20.89 30.18 40.06
N ASN R 404 21.23 30.16 41.35
CA ASN R 404 21.82 28.99 42.00
C ASN R 404 20.71 28.09 42.51
N ASP R 405 20.10 27.34 41.58
CA ASP R 405 18.97 26.49 41.90
C ASP R 405 19.07 25.18 41.12
N ALA R 406 18.02 24.36 41.23
CA ALA R 406 18.07 22.99 40.73
C ALA R 406 18.17 22.92 39.21
N ASN R 407 17.62 23.90 38.51
CA ASN R 407 17.60 23.82 37.05
C ASN R 407 19.00 23.96 36.47
N THR R 408 19.76 24.93 36.97
CA THR R 408 21.14 25.08 36.53
C THR R 408 21.96 23.84 36.87
N TRP R 409 21.71 23.26 38.04
CA TRP R 409 22.44 22.06 38.44
C TRP R 409 22.16 20.91 37.49
N THR R 410 20.89 20.75 37.10
CA THR R 410 20.52 19.75 36.10
C THR R 410 21.28 19.96 34.79
N LYS R 411 21.29 21.19 34.30
CA LYS R 411 21.95 21.46 33.03
C LYS R 411 23.45 21.15 33.10
N VAL R 412 24.10 21.58 34.19
CA VAL R 412 25.53 21.36 34.34
C VAL R 412 25.84 19.88 34.38
N LYS R 413 25.08 19.12 35.17
CA LYS R 413 25.30 17.69 35.26
C LYS R 413 25.14 17.02 33.90
N ALA R 414 24.15 17.46 33.12
CA ALA R 414 23.95 16.89 31.79
C ALA R 414 25.17 17.12 30.91
N MET R 415 25.70 18.34 30.91
CA MET R 415 26.88 18.63 30.10
C MET R 415 28.05 17.74 30.49
N ILE R 416 28.33 17.64 31.78
CA ILE R 416 29.49 16.87 32.23
C ILE R 416 29.33 15.39 31.86
N GLU R 417 28.12 14.85 32.05
CA GLU R 417 27.92 13.44 31.77
C GLU R 417 28.03 13.14 30.27
N ASN R 418 27.56 14.05 29.42
CA ASN R 418 27.72 13.80 27.99
C ASN R 418 29.18 13.80 27.58
N PHE R 419 29.98 14.72 28.13
CA PHE R 419 31.41 14.72 27.84
C PHE R 419 32.08 13.42 28.30
N LEU R 420 31.76 12.99 29.52
CA LEU R 420 32.38 11.77 30.02
C LEU R 420 31.93 10.54 29.24
N THR R 421 30.69 10.50 28.76
CA THR R 421 30.25 9.40 27.91
C THR R 421 31.03 9.33 26.61
N LEU R 422 31.22 10.49 25.97
CA LEU R 422 32.04 10.50 24.77
C LEU R 422 33.46 10.04 25.05
N GLN R 423 34.00 10.36 26.22
CA GLN R 423 35.34 9.88 26.53
C GLN R 423 35.37 8.39 26.77
N TRP R 424 34.33 7.86 27.43
CA TRP R 424 34.28 6.43 27.71
C TRP R 424 34.23 5.62 26.41
N ARG R 425 33.38 6.03 25.47
CA ARG R 425 33.17 5.13 24.33
C ARG R 425 34.36 5.05 23.39
N ALA R 426 35.37 5.89 23.55
CA ALA R 426 36.56 5.84 22.72
C ALA R 426 37.67 4.98 23.31
N GLY R 427 37.46 4.42 24.49
CA GLY R 427 38.44 3.55 25.11
C GLY R 427 39.36 4.20 26.12
N ALA R 428 39.03 5.40 26.61
CA ALA R 428 39.88 6.04 27.60
C ALA R 428 39.59 5.56 29.01
N LEU R 429 38.34 5.24 29.31
CA LEU R 429 37.91 4.87 30.65
C LEU R 429 37.52 3.40 30.70
N ALA R 430 37.70 2.81 31.88
CA ALA R 430 37.34 1.42 32.08
C ALA R 430 35.89 1.31 32.54
N GLY R 431 35.31 0.14 32.32
CA GLY R 431 33.94 -0.14 32.74
C GLY R 431 33.08 -0.73 31.63
N ALA R 432 32.09 -1.51 32.02
CA ALA R 432 31.22 -2.17 31.04
C ALA R 432 30.11 -1.25 30.57
N LYS R 433 29.71 -0.28 31.38
CA LYS R 433 28.72 0.71 30.97
C LYS R 433 29.18 2.08 31.46
N PRO R 434 28.51 3.17 31.08
CA PRO R 434 28.87 4.47 31.66
C PRO R 434 28.55 4.58 33.14
N GLU R 435 27.83 3.62 33.71
CA GLU R 435 27.54 3.64 35.14
C GLU R 435 28.71 3.18 35.98
N GLN R 436 29.61 2.39 35.40
CA GLN R 436 30.77 1.88 36.11
C GLN R 436 32.03 2.66 35.82
N ALA R 437 31.97 3.63 34.92
CA ALA R 437 33.16 4.36 34.48
C ALA R 437 33.33 5.70 35.18
N PHE R 438 32.23 6.37 35.57
CA PHE R 438 32.33 7.70 36.14
C PHE R 438 31.06 8.01 36.92
N TYR R 439 31.16 9.03 37.77
CA TYR R 439 29.99 9.54 38.47
C TYR R 439 30.14 11.03 38.73
N VAL R 440 29.00 11.71 38.85
CA VAL R 440 28.91 13.16 39.02
C VAL R 440 27.94 13.46 40.16
N LYS R 441 28.37 14.29 41.12
CA LYS R 441 27.55 14.66 42.27
C LYS R 441 27.50 16.18 42.41
N ILE R 442 26.30 16.74 42.28
CA ILE R 442 26.05 18.17 42.49
C ILE R 442 24.65 18.41 43.07
N GLY R 443 24.57 18.94 44.28
CA GLY R 443 23.27 19.28 44.82
C GLY R 443 23.29 19.53 46.31
N LEU R 444 22.11 19.79 46.83
CA LEU R 444 21.95 20.07 48.27
C LEU R 444 22.26 18.85 49.12
N ASN R 445 21.82 17.69 48.70
CA ASN R 445 22.07 16.48 49.47
C ASN R 445 23.32 15.77 49.00
N GLU R 446 24.10 16.39 48.13
CA GLU R 446 25.29 15.75 47.59
C GLU R 446 26.56 16.46 48.02
N THR R 447 26.69 17.76 47.78
CA THR R 447 27.94 18.47 48.06
C THR R 447 27.74 19.88 48.58
N MET R 448 26.51 20.31 48.85
CA MET R 448 26.23 21.72 49.08
C MET R 448 25.31 21.88 50.27
N THR R 449 25.27 23.09 50.82
CA THR R 449 24.40 23.40 51.95
C THR R 449 23.77 24.76 51.73
N ALA R 450 22.90 25.14 52.66
CA ALA R 450 22.22 26.44 52.59
C ALA R 450 23.23 27.58 52.63
N LEU R 451 24.22 27.48 53.50
CA LEU R 451 25.30 28.46 53.55
C LEU R 451 25.94 28.65 52.19
N ASP R 452 26.12 27.57 51.44
CA ASP R 452 26.73 27.67 50.11
C ASP R 452 25.78 28.32 49.12
N ILE R 453 24.47 28.15 49.30
CA ILE R 453 23.52 28.82 48.43
C ILE R 453 23.56 30.33 48.69
N LEU R 454 23.65 30.72 49.96
CA LEU R 454 23.71 32.14 50.28
C LEU R 454 25.02 32.76 49.81
N GLU R 455 26.13 32.01 49.90
CA GLU R 455 27.41 32.56 49.47
C GLU R 455 27.47 32.73 47.95
N GLY R 456 26.80 31.87 47.20
CA GLY R 456 26.91 31.86 45.75
C GLY R 456 27.88 30.85 45.20
N ARG R 457 28.18 29.77 45.93
CA ARG R 457 29.14 28.77 45.53
C ARG R 457 28.45 27.52 45.00
N MET R 458 29.02 26.93 43.96
CA MET R 458 28.58 25.66 43.40
C MET R 458 29.71 24.66 43.50
N ILE R 459 29.42 23.49 44.06
CA ILE R 459 30.41 22.45 44.24
C ILE R 459 30.00 21.19 43.49
N VAL R 460 30.90 20.69 42.66
CA VAL R 460 30.65 19.49 41.86
C VAL R 460 31.77 18.49 42.13
N GLU R 461 31.41 17.22 42.29
CA GLU R 461 32.37 16.13 42.51
C GLU R 461 32.30 15.14 41.36
N ILE R 462 33.45 14.83 40.76
CA ILE R 462 33.51 13.97 39.58
C ILE R 462 34.52 12.86 39.80
N GLY R 463 34.06 11.61 39.69
CA GLY R 463 34.93 10.44 39.80
C GLY R 463 35.04 9.70 38.48
N MET R 464 36.25 9.20 38.18
CA MET R 464 36.61 8.61 36.90
C MET R 464 37.59 7.47 37.11
N ALA R 465 37.43 6.39 36.33
CA ALA R 465 38.33 5.25 36.34
C ALA R 465 39.09 5.20 35.00
N VAL R 466 40.42 5.32 35.07
CA VAL R 466 41.26 5.35 33.88
C VAL R 466 42.00 4.02 33.76
N VAL R 467 42.48 3.75 32.55
CA VAL R 467 43.17 2.49 32.23
C VAL R 467 44.67 2.69 32.35
N ARG R 468 45.36 1.69 32.89
CA ARG R 468 46.78 1.79 33.21
C ARG R 468 47.59 0.72 32.50
N PRO R 469 48.84 1.00 32.15
CA PRO R 469 49.59 0.12 31.25
C PRO R 469 50.25 -1.05 31.95
N ALA R 470 50.75 -1.96 31.14
CA ALA R 470 51.52 -3.13 31.58
C ALA R 470 52.99 -2.92 31.25
N GLU R 471 53.84 -2.96 32.27
CA GLU R 471 55.26 -2.69 32.09
C GLU R 471 56.15 -3.92 32.05
N PHE R 472 55.75 -5.03 32.65
CA PHE R 472 56.66 -6.17 32.80
C PHE R 472 56.03 -7.44 32.25
N ILE R 473 56.80 -8.15 31.44
CA ILE R 473 56.36 -9.39 30.81
C ILE R 473 57.33 -10.50 31.21
N ILE R 474 56.80 -11.59 31.75
CA ILE R 474 57.61 -12.66 32.32
C ILE R 474 57.33 -13.94 31.55
N LEU R 475 58.37 -14.54 30.99
CA LEU R 475 58.25 -15.79 30.25
C LEU R 475 58.91 -16.92 31.02
N LYS R 476 58.26 -18.08 31.02
CA LYS R 476 58.76 -19.25 31.72
C LYS R 476 58.81 -20.43 30.77
N PHE R 477 59.93 -21.14 30.77
CA PHE R 477 60.18 -22.20 29.80
C PHE R 477 60.34 -23.53 30.52
N SER R 478 60.08 -24.61 29.78
CA SER R 478 60.14 -25.93 30.36
C SER R 478 60.42 -26.93 29.25
N HIS R 479 60.84 -28.12 29.66
CA HIS R 479 60.97 -29.27 28.78
C HIS R 479 59.69 -30.08 28.83
N LYS R 480 59.09 -30.33 27.67
CA LYS R 480 57.82 -31.02 27.65
C LYS R 480 57.99 -32.49 28.00
N MET R 481 57.08 -33.01 28.82
CA MET R 481 57.08 -34.41 29.21
C MET R 481 56.86 -35.31 28.00
N GLN R 482 57.68 -36.34 27.89
CA GLN R 482 57.63 -37.23 26.74
C GLN R 482 58.37 -38.53 27.02
N ALA S 2 3.30 13.96 44.56
CA ALA S 2 3.91 12.71 44.97
C ALA S 2 2.88 11.58 45.02
N GLU S 3 1.62 11.94 45.22
CA GLU S 3 0.54 10.97 45.28
C GLU S 3 -0.42 11.12 44.10
N TYR S 4 -0.43 12.32 43.52
CA TYR S 4 -1.30 12.60 42.38
C TYR S 4 -0.58 12.27 41.09
N PRO S 5 -1.29 11.90 40.04
CA PRO S 5 -0.66 11.79 38.72
C PRO S 5 -0.41 13.17 38.14
N LEU S 6 0.59 13.26 37.28
CA LEU S 6 1.03 14.54 36.76
C LEU S 6 0.29 14.93 35.48
N PRO S 7 0.12 16.23 35.23
CA PRO S 7 -0.43 16.66 33.93
C PRO S 7 0.65 16.84 32.88
N LYS S 8 0.26 17.18 31.66
CA LYS S 8 1.26 17.29 30.60
C LYS S 8 1.24 18.62 29.87
N PHE S 9 1.15 19.71 30.62
CA PHE S 9 1.16 21.01 29.95
C PHE S 9 2.10 22.05 30.55
N HIS S 10 3.06 21.67 31.39
CA HIS S 10 3.97 22.63 32.02
C HIS S 10 5.38 22.06 31.95
N PHE S 11 6.18 22.55 31.00
CA PHE S 11 7.48 21.96 30.68
C PHE S 11 8.41 23.04 30.17
N GLN S 12 9.69 22.68 30.00
CA GLN S 12 10.66 23.59 29.39
C GLN S 12 11.77 22.81 28.70
N VAL S 13 12.45 23.49 27.77
CA VAL S 13 13.42 22.88 26.87
C VAL S 13 14.66 23.77 26.85
N ASP S 14 15.82 23.19 27.16
CA ASP S 14 17.11 23.85 26.94
C ASP S 14 17.73 23.28 25.66
N TRP S 15 17.91 24.17 24.68
CA TRP S 15 18.38 23.80 23.34
C TRP S 15 19.41 24.77 22.80
N GLY S 16 20.04 25.55 23.66
CA GLY S 16 21.07 26.48 23.26
C GLY S 16 20.58 27.58 22.39
N GLY S 17 19.27 27.80 22.42
CA GLY S 17 18.62 28.84 21.65
C GLY S 17 18.32 30.07 22.49
N SER S 18 18.12 31.20 21.83
CA SER S 18 17.84 32.47 22.53
C SER S 18 16.53 32.47 23.32
N ARG S 19 15.41 32.20 22.65
CA ARG S 19 14.10 32.22 23.30
C ARG S 19 13.59 30.85 23.78
N LEU S 20 12.46 30.87 24.47
CA LEU S 20 11.83 29.68 24.99
C LEU S 20 10.33 29.79 24.73
N GLY S 21 9.57 28.81 25.22
CA GLY S 21 8.13 28.80 25.03
C GLY S 21 7.69 27.98 23.84
N PHE S 22 7.87 26.66 23.95
CA PHE S 22 7.49 25.75 22.87
C PHE S 22 6.07 25.22 23.06
N THR S 23 5.41 24.93 21.96
CA THR S 23 4.04 24.41 21.99
C THR S 23 3.98 22.89 22.08
N GLU S 24 4.65 22.20 21.17
CA GLU S 24 4.63 20.74 21.18
C GLU S 24 6.00 20.08 21.09
N VAL S 25 6.17 19.01 21.86
CA VAL S 25 7.40 18.23 21.90
C VAL S 25 7.03 16.75 21.85
N SER S 26 7.38 16.07 20.75
CA SER S 26 7.06 14.64 20.67
C SER S 26 8.22 13.84 20.08
N GLY S 27 8.26 12.56 20.41
CA GLY S 27 9.21 11.64 19.82
C GLY S 27 10.15 10.92 20.77
N LEU S 28 9.79 10.77 22.03
CA LEU S 28 10.71 10.29 23.07
C LEU S 28 10.51 8.80 23.31
N ASP S 29 11.33 7.98 22.64
CA ASP S 29 11.17 6.53 22.60
C ASP S 29 12.54 5.86 22.64
N VAL S 30 12.53 4.56 23.01
CA VAL S 30 13.71 3.71 22.96
C VAL S 30 13.26 2.31 22.53
N GLU S 31 14.13 1.58 21.81
CA GLU S 31 13.75 0.23 21.42
C GLU S 31 14.96 -0.67 21.22
N THR S 32 14.70 -1.98 21.29
CA THR S 32 15.68 -3.04 21.06
C THR S 32 15.06 -4.06 20.11
N GLU S 33 15.88 -4.59 19.20
CA GLU S 33 15.39 -5.59 18.22
C GLU S 33 15.39 -7.00 18.82
N VAL S 34 14.48 -7.86 18.36
CA VAL S 34 14.37 -9.24 18.80
C VAL S 34 15.08 -10.12 17.78
N ILE S 35 15.83 -11.11 18.28
CA ILE S 35 16.40 -12.16 17.46
C ILE S 35 15.77 -13.48 17.85
N GLU S 36 15.44 -14.30 16.86
CA GLU S 36 14.70 -15.53 17.06
C GLU S 36 15.53 -16.75 16.66
N TYR S 37 15.26 -17.88 17.31
CA TYR S 37 16.07 -19.06 17.09
C TYR S 37 15.28 -20.31 17.46
N ARG S 38 15.42 -21.37 16.66
CA ARG S 38 14.88 -22.68 17.00
C ARG S 38 15.66 -23.78 16.30
N GLU S 39 15.94 -24.85 17.02
CA GLU S 39 16.57 -26.05 16.48
C GLU S 39 15.54 -27.15 16.30
N GLY S 40 15.90 -28.14 15.49
CA GLY S 40 14.91 -29.09 15.00
C GLY S 40 14.28 -29.98 16.04
N ASN S 41 15.00 -30.30 17.11
CA ASN S 41 14.54 -31.29 18.07
C ASN S 41 13.91 -30.68 19.31
N LEU S 42 13.55 -29.41 19.29
CA LEU S 42 12.96 -28.80 20.45
C LEU S 42 11.50 -29.21 20.58
N PRO S 43 11.05 -29.65 21.76
CA PRO S 43 9.66 -30.13 21.90
C PRO S 43 8.59 -29.08 21.69
N GLN S 44 8.90 -27.79 21.84
CA GLN S 44 7.95 -26.76 21.50
C GLN S 44 8.12 -26.36 20.04
N TYR S 45 7.01 -26.00 19.42
CA TYR S 45 7.01 -25.65 18.00
C TYR S 45 6.87 -24.14 17.78
N HIS S 46 7.46 -23.35 18.66
CA HIS S 46 7.63 -21.92 18.45
C HIS S 46 9.02 -21.51 18.94
N LYS S 47 9.43 -20.31 18.60
CA LYS S 47 10.83 -19.90 18.66
C LYS S 47 11.21 -19.26 19.99
N LEU S 48 12.52 -19.22 20.22
CA LEU S 48 13.12 -18.52 21.35
C LEU S 48 13.58 -17.13 20.91
N LYS S 49 13.59 -16.20 21.86
CA LYS S 49 13.80 -14.79 21.58
C LYS S 49 14.88 -14.21 22.50
N MET S 50 15.72 -13.34 21.95
CA MET S 50 16.79 -12.72 22.72
C MET S 50 17.05 -11.31 22.19
N PRO S 51 17.64 -10.44 23.01
CA PRO S 51 17.84 -9.04 22.61
C PRO S 51 18.90 -8.85 21.54
N GLY S 52 18.77 -7.74 20.81
CA GLY S 52 19.65 -7.38 19.72
C GLY S 52 20.18 -5.96 19.85
N MET S 53 20.07 -5.18 18.78
CA MET S 53 20.58 -3.82 18.73
C MET S 53 19.51 -2.81 19.15
N GLN S 54 19.96 -1.60 19.47
CA GLN S 54 19.08 -0.52 19.93
C GLN S 54 18.71 0.42 18.79
N LYS S 55 17.63 1.16 19.01
CA LYS S 55 17.13 2.13 18.05
C LYS S 55 16.49 3.30 18.78
N PHE S 56 16.72 4.49 18.23
CA PHE S 56 16.27 5.77 18.77
C PHE S 56 15.55 6.54 17.68
N SER S 57 14.61 7.40 18.08
CA SER S 57 13.78 8.13 17.14
C SER S 57 14.21 9.59 17.06
N ASN S 58 13.76 10.24 15.98
CA ASN S 58 13.93 11.69 15.85
C ASN S 58 12.91 12.41 16.71
N ILE S 59 13.23 13.66 17.07
CA ILE S 59 12.41 14.45 17.97
C ILE S 59 11.88 15.66 17.23
N THR S 60 10.60 15.96 17.43
CA THR S 60 9.93 17.06 16.75
C THR S 60 9.50 18.11 17.77
N MET S 61 9.69 19.38 17.42
CA MET S 61 9.29 20.48 18.28
C MET S 61 8.59 21.57 17.47
N LYS S 62 7.53 22.13 18.05
CA LYS S 62 6.74 23.15 17.38
C LYS S 62 6.60 24.37 18.26
N ARG S 63 6.68 25.55 17.63
CA ARG S 63 6.57 26.80 18.37
C ARG S 63 5.99 27.89 17.47
N GLY S 64 5.53 28.96 18.09
CA GLY S 64 4.95 30.08 17.36
C GLY S 64 5.98 31.10 16.90
N THR S 65 5.61 31.87 15.88
CA THR S 65 6.52 32.76 15.18
C THR S 65 6.44 34.19 15.72
N PHE S 66 7.61 34.78 15.97
CA PHE S 66 7.72 36.13 16.51
C PHE S 66 8.63 36.97 15.63
N GLN S 67 8.39 38.27 15.63
CA GLN S 67 9.23 39.19 14.88
C GLN S 67 10.63 39.27 15.50
N GLY S 68 11.65 39.11 14.67
CA GLY S 68 13.03 39.21 15.10
C GLY S 68 13.70 37.91 15.48
N ASP S 69 12.97 36.80 15.52
CA ASP S 69 13.50 35.53 15.98
C ASP S 69 13.68 34.61 14.78
N ASN S 70 14.93 34.28 14.47
CA ASN S 70 15.24 33.42 13.32
C ASN S 70 16.21 32.31 13.73
N ASP S 71 15.90 31.64 14.85
CA ASP S 71 16.85 30.74 15.48
C ASP S 71 16.86 29.34 14.87
N PHE S 72 15.71 28.82 14.45
CA PHE S 72 15.70 27.49 13.85
C PHE S 72 16.58 27.46 12.61
N TYR S 73 16.39 28.47 11.77
CA TYR S 73 17.16 28.62 10.54
C TYR S 73 18.62 28.82 10.88
N LYS S 74 18.91 29.64 11.89
CA LYS S 74 20.28 29.86 12.30
C LYS S 74 20.99 28.56 12.61
N TRP S 75 20.36 27.69 13.40
CA TRP S 75 21.01 26.43 13.75
C TRP S 75 21.14 25.52 12.54
N TRP S 76 20.07 25.40 11.74
CA TRP S 76 20.12 24.54 10.56
C TRP S 76 21.20 24.96 9.59
N ASN S 77 21.42 26.27 9.44
CA ASN S 77 22.31 26.81 8.43
C ASN S 77 23.79 26.74 8.80
N THR S 78 24.16 26.09 9.90
CA THR S 78 25.56 25.97 10.26
C THR S 78 26.20 24.73 9.69
N VAL S 79 25.67 24.22 8.58
CA VAL S 79 26.06 22.91 8.06
C VAL S 79 27.06 23.10 6.92
N ALA S 80 28.23 22.51 7.07
CA ALA S 80 29.21 22.36 6.00
C ALA S 80 29.03 20.96 5.41
N LEU S 81 29.97 20.52 4.59
CA LEU S 81 29.84 19.25 3.86
C LEU S 81 29.33 18.14 4.78
N ASN S 82 30.11 17.69 5.76
CA ASN S 82 29.65 16.70 6.72
C ASN S 82 29.86 17.14 8.15
N THR S 83 30.08 18.43 8.37
CA THR S 83 30.26 18.97 9.70
C THR S 83 29.10 19.90 10.04
N ILE S 84 28.78 19.97 11.32
CA ILE S 84 27.67 20.77 11.82
C ILE S 84 27.89 21.02 13.30
N GLU S 85 27.18 21.99 13.86
CA GLU S 85 27.27 22.29 15.28
C GLU S 85 26.29 21.43 16.07
N ARG S 86 26.81 20.57 16.93
CA ARG S 86 26.01 19.67 17.75
C ARG S 86 25.85 20.24 19.15
N ARG S 87 24.70 19.99 19.76
CA ARG S 87 24.36 20.55 21.06
C ARG S 87 23.81 19.47 21.98
N ASP S 88 23.90 19.72 23.28
CA ASP S 88 23.28 18.87 24.28
C ASP S 88 21.88 19.38 24.57
N LEU S 89 20.89 18.50 24.51
CA LEU S 89 19.50 18.91 24.73
C LEU S 89 18.93 18.42 26.05
N THR S 90 18.23 19.30 26.74
CA THR S 90 17.60 18.93 28.01
C THR S 90 16.13 19.29 27.98
N ILE S 91 15.27 18.35 28.36
CA ILE S 91 13.84 18.59 28.42
C ILE S 91 13.39 18.25 29.84
N SER S 92 12.58 19.13 30.44
CA SER S 92 12.16 18.89 31.81
C SER S 92 10.68 19.18 31.97
N LEU S 93 10.02 18.36 32.78
CA LEU S 93 8.60 18.52 33.10
C LEU S 93 8.49 19.16 34.48
N LEU S 94 7.74 20.23 34.61
CA LEU S 94 7.62 20.87 35.90
C LEU S 94 6.29 20.68 36.57
N ASN S 95 6.27 20.72 37.88
CA ASN S 95 5.01 20.62 38.58
C ASN S 95 4.56 21.99 39.06
N GLU S 96 3.42 22.04 39.77
CA GLU S 96 2.85 23.29 40.27
C GLU S 96 3.82 24.32 40.90
N LYS S 97 4.85 23.83 41.58
CA LYS S 97 5.84 24.70 42.23
C LYS S 97 7.11 24.86 41.39
N HIS S 98 6.96 24.56 40.10
CA HIS S 98 8.03 24.66 39.11
C HIS S 98 9.32 23.91 39.42
N GLU S 99 9.22 22.71 39.96
CA GLU S 99 10.40 21.92 40.27
C GLU S 99 10.53 20.81 39.23
N PRO S 100 11.72 20.68 38.63
CA PRO S 100 11.96 19.65 37.61
C PRO S 100 11.66 18.28 38.20
N VAL S 101 10.79 17.51 37.57
CA VAL S 101 10.45 16.21 38.11
C VAL S 101 10.96 15.09 37.21
N VAL S 102 10.69 15.18 35.91
CA VAL S 102 11.15 14.20 34.95
C VAL S 102 12.05 14.92 33.95
N VAL S 103 13.22 14.36 33.70
CA VAL S 103 14.22 14.97 32.83
C VAL S 103 14.61 13.99 31.74
N TRP S 104 14.62 14.46 30.51
CA TRP S 104 15.12 13.73 29.36
C TRP S 104 16.39 14.40 28.88
N LYS S 105 17.48 13.64 28.80
CA LYS S 105 18.77 14.13 28.35
C LYS S 105 19.07 13.53 26.99
N VAL S 106 19.28 14.39 25.99
CA VAL S 106 19.58 13.96 24.64
C VAL S 106 21.07 14.19 24.37
N ASN S 107 21.68 13.31 23.59
CA ASN S 107 23.10 13.43 23.28
C ASN S 107 23.38 13.67 21.81
N ARG S 108 24.23 14.66 21.53
CA ARG S 108 24.62 15.02 20.17
C ARG S 108 23.45 15.24 19.21
N ALA S 109 22.72 16.33 19.38
CA ALA S 109 21.57 16.60 18.51
C ALA S 109 21.78 17.75 17.52
N TRP S 110 21.53 17.47 16.24
CA TRP S 110 21.63 18.48 15.19
C TRP S 110 20.36 18.49 14.36
N PRO S 111 19.93 19.65 13.88
CA PRO S 111 18.63 19.75 13.20
C PRO S 111 18.65 19.19 11.78
N THR S 112 17.76 18.23 11.52
CA THR S 112 17.67 17.65 10.19
C THR S 112 16.60 18.30 9.32
N LYS S 113 15.60 18.96 9.91
CA LYS S 113 14.55 19.52 9.07
C LYS S 113 13.91 20.73 9.75
N VAL S 114 13.53 21.71 8.93
CA VAL S 114 12.85 22.93 9.40
C VAL S 114 11.68 23.20 8.47
N GLN S 115 10.49 23.36 9.03
CA GLN S 115 9.30 23.65 8.24
C GLN S 115 8.63 24.92 8.74
N SER S 116 8.34 25.83 7.81
CA SER S 116 7.68 27.08 8.11
C SER S 116 6.18 26.95 7.93
N THR S 117 5.47 28.02 8.26
CA THR S 117 4.02 27.98 8.23
C THR S 117 3.51 28.07 6.79
N ASP S 118 2.22 27.80 6.64
CA ASP S 118 1.52 27.97 5.38
C ASP S 118 0.62 29.20 5.50
N LEU S 119 0.32 29.82 4.36
CA LEU S 119 -0.38 31.08 4.33
C LEU S 119 -1.76 30.89 3.74
N LYS S 120 -2.79 31.29 4.49
CA LYS S 120 -4.18 31.17 4.03
C LYS S 120 -4.87 32.50 4.17
N GLY S 121 -5.49 32.96 3.08
CA GLY S 121 -6.25 34.20 3.12
C GLY S 121 -7.44 34.16 4.04
N ASP S 122 -7.89 32.98 4.44
CA ASP S 122 -9.04 32.80 5.31
C ASP S 122 -8.70 32.13 6.63
N GLY S 123 -7.42 32.11 7.01
CA GLY S 123 -7.00 31.40 8.20
C GLY S 123 -6.93 32.28 9.42
N ASN S 124 -7.78 32.00 10.40
CA ASN S 124 -7.83 32.72 11.66
C ASN S 124 -6.94 32.08 12.72
N GLU S 125 -5.74 31.69 12.35
CA GLU S 125 -4.88 31.07 13.34
C GLU S 125 -3.49 31.68 13.35
N VAL S 126 -2.77 31.39 14.42
CA VAL S 126 -1.39 31.85 14.56
C VAL S 126 -0.50 31.05 13.62
N ALA S 127 0.64 31.64 13.25
CA ALA S 127 1.61 30.96 12.42
C ALA S 127 2.55 30.15 13.31
N ILE S 128 2.73 28.87 12.94
CA ILE S 128 3.57 27.96 13.70
C ILE S 128 4.65 27.31 12.83
N GLU S 129 5.83 27.13 13.42
CA GLU S 129 6.96 26.52 12.73
C GLU S 129 7.43 25.30 13.50
N SER S 130 8.13 24.41 12.79
CA SER S 130 8.52 23.12 13.34
C SER S 130 9.97 22.81 13.02
N ILE S 131 10.60 22.05 13.91
CA ILE S 131 11.95 21.55 13.70
C ILE S 131 12.00 20.06 14.05
N GLU S 132 12.83 19.33 13.31
CA GLU S 132 13.04 17.91 13.50
C GLU S 132 14.52 17.64 13.69
N VAL S 133 14.85 16.90 14.75
CA VAL S 133 16.22 16.78 15.25
C VAL S 133 16.61 15.30 15.36
N ALA S 134 17.85 15.00 14.98
CA ALA S 134 18.48 13.70 15.14
C ALA S 134 19.53 13.76 16.23
N HIS S 135 19.78 12.63 16.88
CA HIS S 135 20.64 12.58 18.04
C HIS S 135 21.27 11.20 18.16
N GLU S 136 22.30 11.08 18.99
CA GLU S 136 22.90 9.80 19.31
C GLU S 136 22.84 9.50 20.80
N GLY S 137 21.66 9.58 21.39
CA GLY S 137 21.44 9.01 22.70
C GLY S 137 20.31 9.72 23.45
N LEU S 138 19.74 8.98 24.40
CA LEU S 138 18.63 9.50 25.20
C LEU S 138 18.63 8.79 26.56
N THR S 139 18.34 9.55 27.61
CA THR S 139 18.33 9.03 28.97
C THR S 139 17.23 9.68 29.79
N ILE S 140 16.54 8.86 30.59
CA ILE S 140 15.40 9.30 31.41
C ILE S 140 15.80 9.31 32.87
N GLN S 141 15.42 10.38 33.57
CA GLN S 141 15.66 10.53 35.00
C GLN S 141 14.39 10.96 35.70
N ASN S 142 13.85 10.11 36.57
CA ASN S 142 12.68 10.42 37.37
C ASN S 142 12.99 10.13 38.82
N GLY S 143 12.87 11.15 39.67
CA GLY S 143 13.09 10.97 41.10
C GLY S 143 14.52 10.65 41.43
N ALA T 2 24.37 -22.69 27.27
CA ALA T 2 23.10 -22.27 27.80
C ALA T 2 22.08 -22.63 26.78
N GLU T 3 21.17 -21.72 26.44
CA GLU T 3 20.14 -22.02 25.46
C GLU T 3 20.08 -20.92 24.41
N TYR T 4 20.94 -19.92 24.53
CA TYR T 4 20.91 -18.88 23.54
C TYR T 4 22.24 -18.81 22.88
N PRO T 5 22.27 -18.59 21.57
CA PRO T 5 23.52 -18.46 20.82
C PRO T 5 24.07 -17.02 20.77
N LEU T 6 25.18 -16.79 20.06
CA LEU T 6 25.75 -15.43 20.01
C LEU T 6 25.39 -14.63 18.76
N PRO T 7 25.43 -13.28 18.86
CA PRO T 7 25.19 -12.45 17.67
C PRO T 7 26.46 -12.25 16.85
N LYS T 8 26.39 -11.47 15.77
CA LYS T 8 27.47 -11.40 14.80
C LYS T 8 27.97 -9.98 14.57
N PHE T 9 27.77 -9.07 15.53
CA PHE T 9 28.10 -7.67 15.23
C PHE T 9 29.05 -6.99 16.21
N HIS T 10 29.77 -7.74 17.05
CA HIS T 10 30.68 -7.14 18.03
C HIS T 10 31.99 -7.93 18.02
N PHE T 11 33.01 -7.40 17.35
CA PHE T 11 34.24 -8.12 17.08
C PHE T 11 35.41 -7.15 17.00
N GLN T 12 36.63 -7.69 16.93
CA GLN T 12 37.81 -6.86 16.72
C GLN T 12 38.91 -7.64 16.02
N VAL T 13 39.83 -6.91 15.40
CA VAL T 13 40.86 -7.46 14.52
C VAL T 13 42.19 -6.85 14.91
N ASP T 14 43.18 -7.68 15.23
CA ASP T 14 44.56 -7.25 15.37
C ASP T 14 45.32 -7.59 14.08
N TRP T 15 45.81 -6.55 13.41
CA TRP T 15 46.45 -6.68 12.11
C TRP T 15 47.70 -5.81 11.99
N GLY T 16 48.15 -5.11 13.02
CA GLY T 16 49.35 -4.32 12.86
C GLY T 16 49.23 -2.85 12.52
N GLY T 17 48.00 -2.45 12.23
CA GLY T 17 47.66 -1.07 11.93
C GLY T 17 47.03 -0.41 13.15
N SER T 18 46.89 0.91 13.11
CA SER T 18 46.32 1.67 14.23
C SER T 18 44.84 1.35 14.53
N ARG T 19 43.93 1.56 13.60
CA ARG T 19 42.51 1.34 13.91
C ARG T 19 42.17 -0.11 14.08
N LEU T 20 41.18 -0.39 14.90
CA LEU T 20 40.74 -1.71 15.35
C LEU T 20 39.23 -1.92 15.13
N GLY T 21 38.67 -1.24 14.14
CA GLY T 21 37.26 -1.39 13.88
C GLY T 21 36.94 -1.55 12.40
N PHE T 22 36.30 -2.65 12.03
CA PHE T 22 35.96 -2.84 10.63
C PHE T 22 34.48 -3.01 10.48
N THR T 23 34.04 -2.91 9.24
CA THR T 23 32.63 -3.13 8.99
C THR T 23 32.34 -4.51 8.42
N GLU T 24 33.31 -5.17 7.79
CA GLU T 24 33.05 -6.50 7.29
C GLU T 24 34.31 -7.34 7.28
N VAL T 25 34.16 -8.60 7.70
CA VAL T 25 35.24 -9.58 7.70
C VAL T 25 34.67 -10.91 7.20
N SER T 26 35.12 -11.37 6.03
CA SER T 26 34.62 -12.64 5.53
C SER T 26 35.74 -13.49 4.92
N GLY T 27 35.52 -14.80 4.90
CA GLY T 27 36.44 -15.71 4.24
C GLY T 27 37.06 -16.80 5.07
N LEU T 28 36.45 -17.18 6.20
CA LEU T 28 37.09 -18.05 7.18
C LEU T 28 36.63 -19.50 6.98
N ASP T 29 37.44 -20.27 6.25
CA ASP T 29 37.08 -21.61 5.81
C ASP T 29 38.30 -22.52 5.87
N VAL T 30 38.04 -23.84 5.87
CA VAL T 30 39.06 -24.87 5.77
C VAL T 30 38.51 -26.01 4.92
N GLU T 31 39.38 -26.70 4.17
CA GLU T 31 38.88 -27.82 3.37
C GLU T 31 39.97 -28.86 3.13
N THR T 32 39.51 -30.08 2.81
CA THR T 32 40.34 -31.22 2.44
C THR T 32 39.77 -31.86 1.17
N GLU T 33 40.62 -32.25 0.23
CA GLU T 33 40.10 -32.90 -0.97
C GLU T 33 39.78 -34.36 -0.69
N VAL T 34 38.97 -34.94 -1.59
CA VAL T 34 38.59 -36.35 -1.54
C VAL T 34 39.34 -37.08 -2.64
N ILE T 35 39.83 -38.28 -2.32
CA ILE T 35 40.39 -39.19 -3.30
C ILE T 35 39.50 -40.44 -3.37
N GLU T 36 39.25 -40.92 -4.58
CA GLU T 36 38.31 -42.00 -4.81
C GLU T 36 39.02 -43.21 -5.40
N TYR T 37 38.47 -44.40 -5.12
CA TYR T 37 39.13 -45.63 -5.53
C TYR T 37 38.11 -46.75 -5.62
N ARG T 38 38.24 -47.60 -6.64
CA ARG T 38 37.46 -48.83 -6.74
C ARG T 38 38.19 -49.85 -7.59
N GLU T 39 38.17 -51.10 -7.14
CA GLU T 39 38.71 -52.24 -7.88
C GLU T 39 37.58 -53.05 -8.49
N GLY T 40 37.93 -53.87 -9.47
CA GLY T 40 36.92 -54.47 -10.34
C GLY T 40 35.98 -55.44 -9.66
N ASN T 41 36.44 -56.13 -8.63
CA ASN T 41 35.68 -57.23 -8.05
C ASN T 41 34.93 -56.82 -6.78
N LEU T 42 34.77 -55.54 -6.52
CA LEU T 42 34.06 -55.12 -5.33
C LEU T 42 32.55 -55.27 -5.53
N PRO T 43 31.84 -55.88 -4.58
CA PRO T 43 30.40 -56.12 -4.78
C PRO T 43 29.55 -54.86 -4.84
N GLN T 44 30.01 -53.74 -4.31
CA GLN T 44 29.30 -52.48 -4.50
C GLN T 44 29.80 -51.78 -5.76
N TYR T 45 28.88 -51.09 -6.43
CA TYR T 45 29.19 -50.42 -7.69
C TYR T 45 29.31 -48.91 -7.51
N HIS T 46 29.85 -48.47 -6.37
CA HIS T 46 30.26 -47.09 -6.17
C HIS T 46 31.58 -47.08 -5.40
N LYS T 47 32.21 -45.91 -5.35
CA LYS T 47 33.62 -45.82 -4.99
C LYS T 47 33.84 -45.59 -3.50
N LEU T 48 35.07 -45.86 -3.07
CA LEU T 48 35.56 -45.56 -1.74
C LEU T 48 36.28 -44.22 -1.72
N LYS T 49 36.25 -43.55 -0.57
CA LYS T 49 36.71 -42.19 -0.43
C LYS T 49 37.67 -42.05 0.76
N MET T 50 38.72 -41.26 0.57
CA MET T 50 39.71 -41.04 1.62
C MET T 50 40.27 -39.62 1.53
N PRO T 51 40.83 -39.11 2.63
CA PRO T 51 41.29 -37.71 2.64
C PRO T 51 42.55 -37.47 1.82
N GLY T 52 42.71 -36.22 1.40
CA GLY T 52 43.82 -35.77 0.58
C GLY T 52 44.51 -34.56 1.16
N MET T 53 44.72 -33.55 0.33
CA MET T 53 45.43 -32.33 0.71
C MET T 53 44.46 -31.26 1.22
N GLN T 54 45.02 -30.27 1.91
CA GLN T 54 44.23 -29.20 2.51
C GLN T 54 44.22 -27.95 1.62
N LYS T 55 43.23 -27.09 1.87
CA LYS T 55 43.06 -25.85 1.14
C LYS T 55 42.48 -24.79 2.06
N PHE T 56 42.98 -23.57 1.93
CA PHE T 56 42.57 -22.41 2.71
C PHE T 56 42.18 -21.30 1.77
N SER T 57 41.38 -20.36 2.21
CA SER T 57 40.86 -19.29 1.39
C SER T 57 41.50 -17.95 1.76
N ASN T 58 41.35 -16.99 0.85
CA ASN T 58 41.75 -15.63 1.12
C ASN T 58 40.70 -14.93 2.00
N ILE T 59 41.14 -13.90 2.71
CA ILE T 59 40.30 -13.20 3.67
C ILE T 59 40.08 -11.77 3.21
N THR T 60 38.84 -11.29 3.29
CA THR T 60 38.48 -9.96 2.85
C THR T 60 38.03 -9.11 4.02
N MET T 61 38.47 -7.86 4.06
CA MET T 61 38.07 -6.93 5.11
C MET T 61 37.70 -5.58 4.53
N LYS T 62 36.65 -4.98 5.07
CA LYS T 62 36.14 -3.70 4.59
C LYS T 62 36.03 -2.72 5.74
N ARG T 63 36.38 -1.46 5.47
CA ARG T 63 36.33 -0.42 6.48
C ARG T 63 36.08 0.93 5.84
N GLY T 64 35.69 1.91 6.64
CA GLY T 64 35.42 3.24 6.16
C GLY T 64 36.67 4.13 6.14
N THR T 65 36.59 5.17 5.32
CA THR T 65 37.74 6.02 5.01
C THR T 65 37.78 7.27 5.90
N PHE T 66 38.96 7.54 6.43
CA PHE T 66 39.19 8.66 7.32
C PHE T 66 40.34 9.53 6.83
N GLN T 67 40.28 10.81 7.16
CA GLN T 67 41.37 11.71 6.81
C GLN T 67 42.63 11.38 7.62
N GLY T 68 43.74 11.23 6.92
CA GLY T 68 45.02 10.97 7.56
C GLY T 68 45.42 9.51 7.67
N ASP T 69 44.53 8.59 7.32
CA ASP T 69 44.78 7.16 7.50
C ASP T 69 45.05 6.53 6.13
N ASN T 70 46.27 6.06 5.92
CA ASN T 70 46.66 5.46 4.65
C ASN T 70 47.36 4.12 4.89
N ASP T 71 46.76 3.28 5.73
CA ASP T 71 47.44 2.08 6.22
C ASP T 71 47.35 0.89 5.27
N PHE T 72 46.23 0.72 4.56
CA PHE T 72 46.14 -0.41 3.65
C PHE T 72 47.22 -0.32 2.58
N TYR T 73 47.34 0.88 2.02
CA TYR T 73 48.33 1.18 0.98
C TYR T 73 49.73 1.01 1.57
N LYS T 74 49.92 1.50 2.80
CA LYS T 74 51.22 1.36 3.44
C LYS T 74 51.67 -0.09 3.49
N TRP T 75 50.78 -0.99 3.92
CA TRP T 75 51.17 -2.39 4.02
C TRP T 75 51.38 -3.00 2.64
N TRP T 76 50.48 -2.72 1.70
CA TRP T 76 50.61 -3.28 0.36
C TRP T 76 51.91 -2.84 -0.31
N ASN T 77 52.34 -1.60 -0.07
CA ASN T 77 53.47 -1.01 -0.78
C ASN T 77 54.82 -1.45 -0.22
N THR T 78 54.88 -2.40 0.69
CA THR T 78 56.17 -2.86 1.21
C THR T 78 56.71 -4.03 0.43
N VAL T 79 56.34 -4.16 -0.84
CA VAL T 79 56.62 -5.35 -1.63
C VAL T 79 57.82 -5.09 -2.52
N ALA T 80 58.84 -5.92 -2.36
CA ALA T 80 59.98 -5.99 -3.29
C ALA T 80 59.70 -7.13 -4.25
N LEU T 81 60.70 -7.54 -5.02
CA LEU T 81 60.53 -8.56 -6.06
C LEU T 81 59.70 -9.73 -5.56
N ASN T 82 60.22 -10.54 -4.63
CA ASN T 82 59.45 -11.63 -4.05
C ASN T 82 59.45 -11.59 -2.53
N THR T 83 59.81 -10.45 -1.94
CA THR T 83 59.83 -10.28 -0.51
C THR T 83 58.77 -9.26 -0.11
N ILE T 84 58.22 -9.44 1.09
CA ILE T 84 57.17 -8.58 1.62
C ILE T 84 57.15 -8.74 3.13
N GLU T 85 56.50 -7.81 3.82
CA GLU T 85 56.37 -7.88 5.28
C GLU T 85 55.14 -8.70 5.65
N ARG T 86 55.37 -9.82 6.33
CA ARG T 86 54.31 -10.72 6.75
C ARG T 86 53.98 -10.48 8.21
N ARG T 87 52.71 -10.65 8.57
CA ARG T 87 52.23 -10.35 9.91
C ARG T 87 51.36 -11.50 10.42
N ASP T 88 51.24 -11.59 11.74
CA ASP T 88 50.33 -12.52 12.39
C ASP T 88 48.99 -11.84 12.59
N LEU T 89 47.91 -12.48 12.17
CA LEU T 89 46.59 -11.87 12.29
C LEU T 89 45.70 -12.54 13.33
N THR T 90 45.03 -11.73 14.14
CA THR T 90 44.13 -12.28 15.16
C THR T 90 42.76 -11.65 15.02
N ILE T 91 41.72 -12.48 15.01
CA ILE T 91 40.34 -12.00 14.93
C ILE T 91 39.60 -12.56 16.13
N SER T 92 38.84 -11.72 16.82
CA SER T 92 38.14 -12.18 18.01
C SER T 92 36.71 -11.67 18.02
N LEU T 93 35.80 -12.52 18.48
CA LEU T 93 34.39 -12.18 18.63
C LEU T 93 34.12 -11.88 20.10
N LEU T 94 33.73 -10.65 20.39
CA LEU T 94 33.67 -10.17 21.76
C LEU T 94 32.30 -10.40 22.36
N ASN T 95 32.32 -10.35 23.70
CA ASN T 95 31.16 -10.46 24.61
C ASN T 95 30.83 -9.19 25.40
N GLU T 96 29.77 -9.26 26.20
CA GLU T 96 29.33 -8.13 27.02
C GLU T 96 30.45 -7.50 27.87
N LYS T 97 31.37 -8.33 28.38
CA LYS T 97 32.43 -7.81 29.23
C LYS T 97 33.64 -7.37 28.44
N HIS T 98 33.44 -7.14 27.17
CA HIS T 98 34.50 -6.73 26.24
C HIS T 98 35.67 -7.72 26.21
N GLU T 99 35.34 -8.97 26.18
CA GLU T 99 36.34 -10.03 26.16
C GLU T 99 36.17 -10.88 24.92
N PRO T 100 37.01 -11.88 24.76
CA PRO T 100 36.95 -12.73 23.58
C PRO T 100 36.36 -14.11 23.86
N VAL T 101 35.54 -14.60 22.93
CA VAL T 101 34.92 -15.92 23.06
C VAL T 101 35.42 -16.86 21.98
N VAL T 102 35.41 -16.42 20.73
CA VAL T 102 35.90 -17.22 19.61
C VAL T 102 37.05 -16.46 18.98
N VAL T 103 38.16 -17.16 18.76
CA VAL T 103 39.38 -16.56 18.24
C VAL T 103 39.82 -17.31 16.99
N TRP T 104 40.12 -16.56 15.94
CA TRP T 104 40.71 -17.09 14.72
C TRP T 104 42.14 -16.57 14.62
N LYS T 105 43.10 -17.48 14.50
CA LYS T 105 44.51 -17.15 14.37
C LYS T 105 44.97 -17.46 12.96
N VAL T 106 45.49 -16.44 12.28
CA VAL T 106 45.89 -16.55 10.88
C VAL T 106 47.39 -16.36 10.78
N ASN T 107 48.05 -17.29 10.08
CA ASN T 107 49.50 -17.39 10.05
C ASN T 107 50.05 -17.03 8.68
N ARG T 108 51.04 -16.12 8.72
CA ARG T 108 51.77 -15.62 7.56
C ARG T 108 50.85 -14.96 6.55
N ALA T 109 50.36 -13.78 6.91
CA ALA T 109 49.47 -13.02 6.04
C ALA T 109 50.18 -11.84 5.38
N TRP T 110 49.90 -11.62 4.10
CA TRP T 110 50.35 -10.44 3.38
C TRP T 110 49.27 -9.99 2.41
N PRO T 111 49.10 -8.68 2.20
CA PRO T 111 47.99 -8.18 1.38
C PRO T 111 48.18 -8.39 -0.11
N THR T 112 47.22 -9.07 -0.74
CA THR T 112 47.30 -9.29 -2.18
C THR T 112 46.51 -8.27 -2.98
N LYS T 113 45.53 -7.59 -2.39
CA LYS T 113 44.74 -6.66 -3.18
C LYS T 113 44.17 -5.55 -2.31
N VAL T 114 44.10 -4.35 -2.89
CA VAL T 114 43.53 -3.17 -2.21
C VAL T 114 42.60 -2.47 -3.19
N GLN T 115 41.36 -2.23 -2.79
CA GLN T 115 40.38 -1.55 -3.63
C GLN T 115 39.83 -0.33 -2.91
N SER T 116 39.87 0.81 -3.59
CA SER T 116 39.35 2.06 -3.07
C SER T 116 37.89 2.26 -3.49
N THR T 117 37.30 3.34 -2.99
CA THR T 117 35.90 3.58 -3.24
C THR T 117 35.68 4.10 -4.65
N ASP T 118 34.42 4.11 -5.06
CA ASP T 118 33.98 4.71 -6.31
C ASP T 118 33.28 6.02 -6.00
N LEU T 119 33.28 6.94 -6.97
CA LEU T 119 32.80 8.29 -6.76
C LEU T 119 31.52 8.50 -7.57
N LYS T 120 30.44 8.90 -6.89
CA LYS T 120 29.17 9.15 -7.56
C LYS T 120 28.66 10.53 -7.18
N GLY T 121 28.33 11.33 -8.18
CA GLY T 121 27.77 12.64 -7.92
C GLY T 121 26.42 12.62 -7.22
N ASP T 122 25.75 11.46 -7.22
CA ASP T 122 24.44 11.32 -6.59
C ASP T 122 24.44 10.31 -5.46
N GLY T 123 25.60 9.95 -4.93
CA GLY T 123 25.68 8.91 -3.92
C GLY T 123 25.65 9.46 -2.52
N ASN T 124 24.61 9.10 -1.77
CA ASN T 124 24.44 9.51 -0.39
C ASN T 124 25.01 8.48 0.59
N GLU T 125 26.19 7.97 0.30
CA GLU T 125 26.75 6.98 1.18
C GLU T 125 28.19 7.30 1.57
N VAL T 126 28.66 6.64 2.61
CA VAL T 126 30.04 6.78 3.06
C VAL T 126 30.95 6.08 2.08
N ALA T 127 32.21 6.52 2.04
CA ALA T 127 33.22 5.88 1.21
C ALA T 127 33.84 4.71 1.97
N ILE T 128 33.91 3.56 1.32
CA ILE T 128 34.44 2.34 1.91
C ILE T 128 35.57 1.74 1.07
N GLU T 129 36.58 1.20 1.74
CA GLU T 129 37.71 0.57 1.09
C GLU T 129 37.85 -0.87 1.56
N SER T 130 38.53 -1.67 0.75
CA SER T 130 38.62 -3.11 0.99
C SER T 130 40.05 -3.60 0.81
N ILE T 131 40.39 -4.65 1.55
CA ILE T 131 41.67 -5.33 1.40
C ILE T 131 41.43 -6.84 1.35
N GLU T 132 42.26 -7.52 0.57
CA GLU T 132 42.22 -8.96 0.40
C GLU T 132 43.59 -9.53 0.72
N VAL T 133 43.62 -10.56 1.58
CA VAL T 133 44.83 -11.06 2.22
C VAL T 133 44.97 -12.56 1.99
N ALA T 134 46.20 -12.98 1.73
CA ALA T 134 46.59 -14.38 1.62
C ALA T 134 47.43 -14.78 2.83
N HIS T 135 47.39 -16.06 3.18
CA HIS T 135 48.01 -16.54 4.41
C HIS T 135 48.39 -18.00 4.23
N GLU T 136 49.22 -18.51 5.15
CA GLU T 136 49.57 -19.92 5.19
C GLU T 136 49.19 -20.54 6.52
N GLY T 137 47.94 -20.38 6.94
CA GLY T 137 47.39 -21.19 8.01
C GLY T 137 46.27 -20.49 8.75
N LEU T 138 45.44 -21.30 9.38
CA LEU T 138 44.28 -20.81 10.14
C LEU T 138 43.93 -21.79 11.24
N THR T 139 43.56 -21.26 12.40
CA THR T 139 43.23 -22.09 13.55
C THR T 139 42.09 -21.45 14.35
N ILE T 140 41.15 -22.28 14.81
CA ILE T 140 39.96 -21.84 15.53
C ILE T 140 40.09 -22.25 16.99
N GLN T 141 39.74 -21.33 17.90
CA GLN T 141 39.73 -21.58 19.33
C GLN T 141 38.43 -21.08 19.93
N ASN T 142 37.63 -22.01 20.45
CA ASN T 142 36.38 -21.68 21.14
C ASN T 142 36.37 -22.36 22.50
N GLY T 143 36.25 -21.58 23.55
CA GLY T 143 36.17 -22.10 24.90
C GLY T 143 37.46 -22.76 25.34
N MET U 1 -23.46 51.99 2.01
CA MET U 1 -24.21 51.51 3.16
C MET U 1 -24.98 50.24 2.84
N ILE U 2 -25.59 49.65 3.85
CA ILE U 2 -26.37 48.44 3.67
C ILE U 2 -27.83 48.76 3.35
N SER U 3 -28.32 49.93 3.74
CA SER U 3 -29.71 50.28 3.49
C SER U 3 -30.00 50.56 2.03
N ASP U 4 -29.00 50.96 1.24
CA ASP U 4 -29.26 51.37 -0.13
C ASP U 4 -29.52 50.17 -1.02
N ALA U 5 -28.79 49.08 -0.82
CA ALA U 5 -29.03 47.88 -1.61
C ALA U 5 -30.42 47.32 -1.34
N MET U 6 -30.82 47.27 -0.07
CA MET U 6 -32.14 46.73 0.24
C MET U 6 -33.24 47.66 -0.23
N ARG U 7 -33.01 48.97 -0.22
CA ARG U 7 -34.03 49.85 -0.78
C ARG U 7 -34.16 49.66 -2.29
N LEU U 8 -33.04 49.48 -2.99
CA LEU U 8 -33.08 49.21 -4.43
C LEU U 8 -33.89 47.96 -4.72
N ILE U 9 -33.58 46.86 -4.03
CA ILE U 9 -34.28 45.60 -4.26
C ILE U 9 -35.77 45.75 -3.94
N GLN U 10 -36.08 46.44 -2.84
CA GLN U 10 -37.46 46.62 -2.45
C GLN U 10 -38.25 47.36 -3.52
N VAL U 11 -37.69 48.46 -4.03
CA VAL U 11 -38.41 49.26 -5.02
C VAL U 11 -38.65 48.45 -6.29
N ALA U 12 -37.63 47.72 -6.76
CA ALA U 12 -37.80 46.97 -8.00
C ALA U 12 -38.85 45.87 -7.84
N LEU U 13 -38.79 45.11 -6.75
CA LEU U 13 -39.74 44.02 -6.57
C LEU U 13 -41.15 44.54 -6.37
N GLN U 14 -41.29 45.65 -5.62
CA GLN U 14 -42.59 46.29 -5.45
C GLN U 14 -43.19 46.65 -6.80
N ARG U 15 -42.38 47.27 -7.66
CA ARG U 15 -42.87 47.67 -8.98
C ARG U 15 -43.36 46.45 -9.77
N TYR U 16 -42.55 45.39 -9.81
CA TYR U 16 -42.94 44.20 -10.56
C TYR U 16 -44.26 43.62 -10.06
N ILE U 17 -44.33 43.37 -8.75
CA ILE U 17 -45.52 42.71 -8.19
C ILE U 17 -46.75 43.56 -8.44
N LEU U 18 -46.70 44.84 -8.08
CA LEU U 18 -47.87 45.69 -8.27
C LEU U 18 -48.19 45.91 -9.74
N GLU U 19 -47.23 45.66 -10.63
CA GLU U 19 -47.54 45.64 -12.05
C GLU U 19 -48.41 44.44 -12.41
N PHE U 20 -48.08 43.27 -11.88
CA PHE U 20 -48.81 42.07 -12.28
C PHE U 20 -50.07 41.81 -11.46
N GLU U 21 -50.25 42.47 -10.32
CA GLU U 21 -51.43 42.29 -9.48
C GLU U 21 -52.06 43.65 -9.20
N PRO U 22 -52.86 44.16 -10.13
CA PRO U 22 -53.49 45.48 -9.91
C PRO U 22 -54.51 45.49 -8.78
N GLU U 23 -55.01 44.32 -8.36
CA GLU U 23 -56.08 44.26 -7.38
C GLU U 23 -55.64 44.60 -5.97
N LEU U 24 -54.33 44.69 -5.72
CA LEU U 24 -53.83 44.92 -4.37
C LEU U 24 -54.01 46.36 -3.90
N GLY U 25 -54.72 47.19 -4.64
CA GLY U 25 -55.11 48.50 -4.14
C GLY U 25 -53.97 49.47 -3.92
N LEU U 26 -52.81 49.22 -4.52
CA LEU U 26 -51.69 50.17 -4.52
C LEU U 26 -51.19 50.43 -3.10
N SER U 27 -51.19 49.40 -2.27
CA SER U 27 -50.67 49.50 -0.92
C SER U 27 -49.19 49.15 -0.93
N GLN U 28 -48.61 48.92 0.26
CA GLN U 28 -47.21 48.55 0.38
C GLN U 28 -47.13 47.04 0.49
N VAL U 29 -46.69 46.39 -0.59
CA VAL U 29 -46.59 44.94 -0.58
C VAL U 29 -45.32 44.49 0.12
N VAL U 30 -44.24 45.23 -0.04
CA VAL U 30 -42.93 44.83 0.45
C VAL U 30 -42.49 45.81 1.53
N ILE U 31 -42.05 45.28 2.66
CA ILE U 31 -41.52 46.07 3.77
C ILE U 31 -40.22 45.44 4.24
N ILE U 32 -39.37 46.27 4.84
CA ILE U 32 -38.10 45.83 5.40
C ILE U 32 -38.21 45.88 6.91
N GLU U 33 -38.09 44.73 7.55
CA GLU U 33 -38.34 44.58 8.98
C GLU U 33 -37.75 43.24 9.41
N ASN U 34 -37.74 43.00 10.71
CA ASN U 34 -37.28 41.74 11.28
C ASN U 34 -38.46 40.80 11.44
N ILE U 35 -38.32 39.58 10.92
CA ILE U 35 -39.44 38.64 10.92
C ILE U 35 -39.67 38.08 12.32
N ALA U 36 -38.61 37.82 13.07
CA ALA U 36 -38.74 37.19 14.37
C ALA U 36 -39.53 38.02 15.36
N MET U 37 -39.73 39.31 15.09
CA MET U 37 -40.47 40.19 15.97
C MET U 37 -41.97 40.09 15.78
N ALA U 38 -42.44 39.23 14.89
CA ALA U 38 -43.86 39.17 14.59
C ALA U 38 -44.64 38.58 15.77
N GLU U 39 -45.83 39.13 16.01
CA GLU U 39 -46.66 38.66 17.11
C GLU U 39 -47.10 37.21 16.92
N GLU U 40 -47.44 36.85 15.68
CA GLU U 40 -47.94 35.51 15.42
C GLU U 40 -46.92 34.43 15.71
N LEU U 41 -45.63 34.75 15.65
CA LEU U 41 -44.58 33.78 15.92
C LEU U 41 -44.07 33.87 17.35
N GLY U 42 -44.78 34.57 18.22
CA GLY U 42 -44.39 34.70 19.61
C GLY U 42 -43.71 36.00 19.98
N GLY U 43 -43.59 36.94 19.04
CA GLY U 43 -42.94 38.21 19.31
C GLY U 43 -43.91 39.22 19.88
N GLN U 44 -43.56 40.50 19.71
CA GLN U 44 -44.30 41.59 20.31
C GLN U 44 -44.89 42.57 19.30
N ASN U 45 -44.42 42.58 18.06
CA ASN U 45 -44.86 43.54 17.06
C ASN U 45 -46.13 43.04 16.40
N ASN U 46 -47.16 43.89 16.36
CA ASN U 46 -48.45 43.53 15.79
C ASN U 46 -48.72 44.20 14.45
N GLN U 47 -47.71 44.78 13.82
CA GLN U 47 -47.87 45.45 12.54
C GLN U 47 -47.35 44.65 11.35
N ILE U 48 -46.69 43.52 11.60
CA ILE U 48 -46.15 42.69 10.54
C ILE U 48 -47.18 41.60 10.27
N ASN U 49 -48.10 41.86 9.35
CA ASN U 49 -49.12 40.88 9.00
C ASN U 49 -49.70 41.29 7.66
N GLY U 50 -49.63 40.40 6.68
CA GLY U 50 -50.14 40.71 5.37
C GLY U 50 -49.10 41.46 4.55
N HIS U 51 -47.89 40.92 4.49
CA HIS U 51 -46.80 41.56 3.77
C HIS U 51 -45.85 40.50 3.24
N VAL U 52 -44.93 40.96 2.41
CA VAL U 52 -43.68 40.26 2.13
C VAL U 52 -42.58 41.03 2.83
N VAL U 53 -41.78 40.32 3.62
CA VAL U 53 -40.79 40.93 4.50
C VAL U 53 -39.41 40.48 4.07
N MET U 54 -38.48 41.44 4.02
CA MET U 54 -37.08 41.19 3.73
C MET U 54 -36.28 41.25 5.01
N SER U 55 -35.39 40.27 5.22
CA SER U 55 -34.58 40.23 6.42
C SER U 55 -33.15 39.88 6.09
N LEU U 56 -32.21 40.60 6.71
CA LEU U 56 -30.79 40.28 6.62
C LEU U 56 -30.46 39.25 7.69
N VAL U 57 -29.92 38.10 7.28
CA VAL U 57 -29.70 37.01 8.22
C VAL U 57 -28.24 36.70 8.46
N ASN U 58 -27.33 37.11 7.59
CA ASN U 58 -25.92 36.78 7.77
C ASN U 58 -25.09 37.79 6.99
N LEU U 59 -23.77 37.74 7.22
CA LEU U 59 -22.86 38.70 6.62
C LEU U 59 -21.48 38.06 6.58
N GLN U 60 -20.99 37.76 5.38
CA GLN U 60 -19.72 37.09 5.21
C GLN U 60 -18.78 37.93 4.35
N GLU U 61 -17.49 37.75 4.55
CA GLU U 61 -16.46 38.44 3.79
C GLU U 61 -16.01 37.59 2.61
N GLU U 62 -15.64 38.26 1.52
CA GLU U 62 -15.15 37.58 0.33
C GLU U 62 -13.65 37.36 0.47
N THR U 63 -13.24 36.09 0.50
CA THR U 63 -11.85 35.74 0.73
C THR U 63 -10.94 36.01 -0.46
N THR U 64 -11.50 36.11 -1.66
CA THR U 64 -10.67 36.26 -2.85
C THR U 64 -10.15 37.68 -3.01
N LEU U 65 -10.81 38.67 -2.43
CA LEU U 65 -10.42 40.06 -2.58
C LEU U 65 -9.58 40.58 -1.42
N LYS U 66 -9.22 39.72 -0.48
CA LYS U 66 -8.24 40.10 0.53
C LYS U 66 -6.87 40.25 -0.10
N ASN U 67 -5.98 40.94 0.61
CA ASN U 67 -4.61 41.15 0.17
C ASN U 67 -4.55 41.96 -1.12
N SER U 68 -5.37 42.97 -1.22
CA SER U 68 -5.29 43.94 -2.31
C SER U 68 -4.33 45.06 -1.93
N PRO U 69 -3.78 45.78 -2.91
CA PRO U 69 -2.73 46.76 -2.61
C PRO U 69 -3.19 47.85 -1.66
N HIS U 70 -2.23 48.39 -0.90
CA HIS U 70 -2.51 49.42 0.09
C HIS U 70 -1.95 50.79 -0.30
N TYR U 71 -1.63 50.99 -1.57
CA TYR U 71 -1.15 52.29 -2.03
C TYR U 71 -1.61 52.53 -3.46
N ARG U 72 -1.52 53.79 -3.88
CA ARG U 72 -1.81 54.16 -5.25
C ARG U 72 -0.82 55.24 -5.71
N LEU U 73 -0.60 55.31 -7.01
CA LEU U 73 0.32 56.27 -7.60
C LEU U 73 -0.46 57.37 -8.30
N ASP U 74 0.00 58.61 -8.13
CA ASP U 74 -0.65 59.75 -8.76
C ASP U 74 0.36 60.89 -8.85
N ASN U 75 0.57 61.41 -10.07
CA ASN U 75 1.44 62.56 -10.30
C ASN U 75 2.86 62.31 -9.79
N GLY U 76 3.30 61.06 -9.81
CA GLY U 76 4.62 60.73 -9.33
C GLY U 76 4.77 60.67 -7.82
N ARG U 77 3.66 60.61 -7.09
CA ARG U 77 3.70 60.47 -5.64
C ARG U 77 2.78 59.33 -5.21
N THR U 78 3.01 58.85 -3.99
CA THR U 78 2.33 57.68 -3.46
C THR U 78 1.32 58.11 -2.41
N ILE U 79 0.10 57.59 -2.52
CA ILE U 79 -0.97 57.81 -1.56
C ILE U 79 -1.24 56.49 -0.85
N TYR U 80 -1.11 56.48 0.47
CA TYR U 80 -1.30 55.29 1.29
C TYR U 80 -2.67 55.34 1.93
N GLN U 81 -3.43 54.26 1.76
CA GLN U 81 -4.77 54.10 2.31
C GLN U 81 -5.05 52.60 2.46
N ASN U 82 -5.84 52.26 3.49
CA ASN U 82 -6.17 50.86 3.73
C ASN U 82 -7.21 50.36 2.74
N PRO U 83 -7.14 49.10 2.32
CA PRO U 83 -8.10 48.57 1.33
C PRO U 83 -9.49 48.42 1.93
N PRO U 84 -10.52 48.35 1.10
CA PRO U 84 -11.89 48.26 1.63
C PRO U 84 -12.25 46.82 2.02
N VAL U 85 -13.45 46.69 2.59
CA VAL U 85 -13.97 45.41 3.05
C VAL U 85 -15.12 45.01 2.14
N ASN U 86 -15.06 43.80 1.60
CA ASN U 86 -16.03 43.30 0.63
C ASN U 86 -16.88 42.22 1.28
N LEU U 87 -18.20 42.35 1.18
CA LEU U 87 -19.13 41.51 1.90
C LEU U 87 -20.15 40.86 0.98
N ASN U 88 -20.54 39.64 1.33
CA ASN U 88 -21.69 38.95 0.76
C ASN U 88 -22.86 39.07 1.73
N LEU U 89 -24.05 39.24 1.19
CA LEU U 89 -25.25 39.44 1.99
C LEU U 89 -26.23 38.29 1.78
N PHE U 90 -26.93 37.93 2.84
CA PHE U 90 -27.92 36.86 2.82
C PHE U 90 -29.27 37.43 3.21
N ILE U 91 -30.22 37.36 2.28
CA ILE U 91 -31.52 38.00 2.42
C ILE U 91 -32.61 36.93 2.36
N LEU U 92 -33.50 36.96 3.33
CA LEU U 92 -34.62 36.04 3.43
C LEU U 92 -35.91 36.78 3.12
N PHE U 93 -36.71 36.23 2.23
CA PHE U 93 -38.02 36.76 1.86
C PHE U 93 -39.08 35.86 2.47
N SER U 94 -39.91 36.44 3.34
CA SER U 94 -40.99 35.71 3.99
C SER U 94 -42.32 36.34 3.68
N ALA U 95 -43.32 35.51 3.41
CA ALA U 95 -44.68 35.97 3.10
C ALA U 95 -45.59 35.65 4.28
N LEU U 96 -46.23 36.67 4.84
CA LEU U 96 -47.07 36.49 6.01
C LEU U 96 -48.42 37.14 5.76
N HIS U 97 -49.46 36.32 5.65
CA HIS U 97 -50.82 36.80 5.42
C HIS U 97 -51.79 35.96 6.23
N ASN U 98 -52.98 36.52 6.46
CA ASN U 98 -54.06 35.77 7.09
C ASN U 98 -54.75 34.83 6.11
N GLN U 99 -54.28 34.77 4.87
CA GLN U 99 -54.83 33.89 3.84
C GLN U 99 -53.66 33.11 3.24
N TYR U 100 -53.64 31.80 3.48
CA TYR U 100 -52.45 31.01 3.17
C TYR U 100 -52.14 30.95 1.68
N GLU U 101 -53.09 31.22 0.80
CA GLU U 101 -52.85 31.09 -0.64
C GLU U 101 -52.21 32.34 -1.24
N THR U 102 -52.58 33.51 -0.73
CA THR U 102 -51.95 34.74 -1.17
C THR U 102 -50.44 34.66 -0.96
N SER U 103 -50.01 34.05 0.14
CA SER U 103 -48.58 33.90 0.40
C SER U 103 -47.91 33.09 -0.70
N LEU U 104 -48.55 32.01 -1.14
CA LEU U 104 -47.95 31.17 -2.18
C LEU U 104 -47.90 31.90 -3.52
N ARG U 105 -48.95 32.64 -3.86
CA ARG U 105 -48.93 33.42 -5.09
C ARG U 105 -47.80 34.44 -5.08
N LEU U 106 -47.64 35.16 -3.96
CA LEU U 106 -46.60 36.17 -3.90
C LEU U 106 -45.21 35.55 -3.91
N LEU U 107 -45.04 34.38 -3.29
CA LEU U 107 -43.76 33.69 -3.39
C LEU U 107 -43.44 33.31 -4.83
N SER U 108 -44.42 32.81 -5.56
CA SER U 108 -44.19 32.47 -6.96
C SER U 108 -43.75 33.70 -7.75
N ARG U 109 -44.38 34.84 -7.49
CA ARG U 109 -44.01 36.04 -8.23
C ARG U 109 -42.63 36.55 -7.85
N VAL U 110 -42.24 36.41 -6.58
CA VAL U 110 -40.88 36.76 -6.18
C VAL U 110 -39.87 35.90 -6.93
N VAL U 111 -40.11 34.60 -6.97
CA VAL U 111 -39.20 33.69 -7.66
C VAL U 111 -39.06 34.06 -9.13
N GLU U 112 -40.18 34.34 -9.79
CA GLU U 112 -40.06 34.64 -11.22
C GLU U 112 -39.46 36.03 -11.47
N PHE U 113 -39.67 36.98 -10.56
CA PHE U 113 -38.98 38.26 -10.71
C PHE U 113 -37.47 38.08 -10.67
N PHE U 114 -36.98 37.26 -9.73
CA PHE U 114 -35.55 37.02 -9.73
C PHE U 114 -35.12 36.12 -10.89
N GLN U 115 -36.06 35.38 -11.48
CA GLN U 115 -35.74 34.64 -12.70
C GLN U 115 -35.51 35.57 -13.87
N TRP U 116 -36.19 36.71 -13.89
CA TRP U 116 -36.07 37.64 -15.01
C TRP U 116 -34.80 38.49 -14.92
N GLN U 117 -34.56 39.12 -13.78
CA GLN U 117 -33.51 40.12 -13.63
C GLN U 117 -32.29 39.47 -12.99
N LYS U 118 -31.19 39.37 -13.75
CA LYS U 118 -29.96 38.78 -13.25
C LYS U 118 -28.97 39.81 -12.74
N GLU U 119 -29.28 41.10 -12.82
CA GLU U 119 -28.37 42.13 -12.34
C GLU U 119 -29.18 43.33 -11.89
N LEU U 120 -28.88 43.83 -10.69
CA LEU U 120 -29.57 44.97 -10.11
C LEU U 120 -28.60 46.14 -10.06
N SER U 121 -29.01 47.25 -10.66
CA SER U 121 -28.19 48.45 -10.67
C SER U 121 -29.09 49.64 -10.94
N PHE U 122 -28.58 50.83 -10.61
CA PHE U 122 -29.35 52.04 -10.88
C PHE U 122 -29.51 52.29 -12.37
N THR U 123 -28.61 51.76 -13.20
CA THR U 123 -28.66 51.98 -14.64
C THR U 123 -29.64 51.05 -15.33
N THR U 124 -30.07 49.98 -14.68
CA THR U 124 -30.94 48.98 -15.28
C THR U 124 -32.25 48.79 -14.54
N THR U 125 -32.28 49.05 -13.24
CA THR U 125 -33.50 48.94 -12.44
C THR U 125 -33.68 50.24 -11.66
N PRO U 126 -34.00 51.33 -12.36
CA PRO U 126 -33.94 52.66 -11.73
C PRO U 126 -34.99 52.88 -10.64
N GLY U 127 -36.26 52.65 -10.96
CA GLY U 127 -37.33 52.87 -10.01
C GLY U 127 -37.47 54.32 -9.58
N SER U 132 -27.97 54.94 -5.76
CA SER U 132 -26.75 55.67 -5.42
C SER U 132 -25.76 55.65 -6.58
N ARG U 133 -26.16 55.02 -7.68
CA ARG U 133 -25.37 54.95 -8.91
C ARG U 133 -24.00 54.33 -8.69
N ASP U 134 -23.81 53.61 -7.59
CA ASP U 134 -22.57 52.91 -7.31
C ASP U 134 -22.74 51.41 -7.14
N LEU U 135 -23.94 50.94 -6.82
CA LEU U 135 -24.17 49.56 -6.50
C LEU U 135 -24.21 48.69 -7.75
N ARG U 136 -23.89 47.41 -7.57
CA ARG U 136 -24.06 46.40 -8.61
C ARG U 136 -24.18 45.07 -7.89
N ILE U 137 -25.36 44.47 -7.97
CA ILE U 137 -25.71 43.34 -7.11
C ILE U 137 -26.16 42.18 -7.99
N LEU U 138 -25.47 41.06 -7.88
CA LEU U 138 -25.83 39.86 -8.63
C LEU U 138 -26.39 38.83 -7.66
N PRO U 139 -27.69 38.57 -7.67
CA PRO U 139 -28.28 37.63 -6.71
C PRO U 139 -28.24 36.19 -7.21
N ASP U 140 -28.37 35.27 -6.27
CA ASP U 140 -28.61 33.87 -6.60
C ASP U 140 -29.44 33.20 -5.52
N LEU U 141 -30.01 32.05 -5.87
CA LEU U 141 -30.99 31.36 -5.06
C LEU U 141 -30.32 30.24 -4.25
N TYR U 142 -30.75 30.07 -3.01
CA TYR U 142 -30.19 29.05 -2.13
C TYR U 142 -31.26 28.03 -1.76
N SER U 143 -30.97 26.75 -2.02
CA SER U 143 -31.81 25.65 -1.60
C SER U 143 -31.13 24.92 -0.44
N LEU U 144 -31.90 24.62 0.60
CA LEU U 144 -31.36 24.08 1.84
C LEU U 144 -31.86 22.66 2.08
N THR U 145 -31.18 21.98 3.00
CA THR U 145 -31.62 20.68 3.49
C THR U 145 -32.45 20.89 4.75
N PHE U 146 -32.89 19.79 5.36
CA PHE U 146 -33.71 19.92 6.56
C PHE U 146 -32.88 20.34 7.77
N GLU U 147 -31.63 19.90 7.83
CA GLU U 147 -30.76 20.32 8.92
C GLU U 147 -30.46 21.81 8.84
N GLN U 148 -30.28 22.33 7.63
CA GLN U 148 -29.99 23.75 7.47
C GLN U 148 -31.23 24.59 7.75
N LEU U 149 -32.41 24.12 7.34
CA LEU U 149 -33.64 24.79 7.77
C LEU U 149 -33.75 24.80 9.28
N ASN U 150 -33.39 23.70 9.92
CA ASN U 150 -33.42 23.63 11.37
C ASN U 150 -32.52 24.69 11.98
N HIS U 151 -31.28 24.77 11.50
CA HIS U 151 -30.36 25.78 12.03
C HIS U 151 -30.92 27.19 11.84
N LEU U 152 -31.36 27.50 10.63
CA LEU U 152 -31.88 28.82 10.31
C LEU U 152 -33.05 29.20 11.24
N TRP U 153 -34.09 28.39 11.25
CA TRP U 153 -35.28 28.77 11.99
C TRP U 153 -35.12 28.58 13.49
N GLY U 154 -34.13 27.80 13.94
CA GLY U 154 -33.78 27.81 15.34
C GLY U 154 -33.12 29.12 15.74
N ALA U 155 -32.30 29.69 14.84
CA ALA U 155 -31.78 31.02 15.09
C ALA U 155 -32.85 32.10 14.96
N LEU U 156 -33.98 31.80 14.31
CA LEU U 156 -35.01 32.81 14.09
C LEU U 156 -36.26 32.64 14.95
N GLY U 157 -36.30 31.68 15.87
CA GLY U 157 -37.41 31.53 16.79
C GLY U 157 -38.06 30.16 16.81
N GLY U 158 -37.96 29.39 15.73
CA GLY U 158 -38.43 28.03 15.73
C GLY U 158 -39.77 27.76 15.07
N LYS U 159 -40.22 28.63 14.16
CA LYS U 159 -41.46 28.39 13.43
C LYS U 159 -41.34 28.92 12.00
N GLN U 160 -41.76 28.11 11.04
CA GLN U 160 -41.65 28.43 9.63
C GLN U 160 -42.84 29.21 9.10
N VAL U 161 -42.59 29.94 8.02
CA VAL U 161 -43.62 30.49 7.15
C VAL U 161 -43.16 30.22 5.73
N PRO U 162 -43.99 30.40 4.70
CA PRO U 162 -43.48 30.29 3.32
C PRO U 162 -42.38 31.31 3.08
N PHE U 163 -41.23 30.84 2.60
CA PHE U 163 -40.05 31.70 2.53
C PHE U 163 -39.18 31.28 1.36
N VAL U 164 -38.16 32.12 1.10
CA VAL U 164 -37.13 31.81 0.12
C VAL U 164 -35.87 32.60 0.49
N LEU U 165 -34.70 32.07 0.12
CA LEU U 165 -33.43 32.65 0.53
C LEU U 165 -32.55 32.96 -0.68
N TYR U 166 -31.98 34.17 -0.68
CA TYR U 166 -31.12 34.63 -1.76
C TYR U 166 -29.83 35.20 -1.20
N ARG U 167 -28.80 35.19 -2.04
CA ARG U 167 -27.51 35.77 -1.71
C ARG U 167 -27.18 36.87 -2.70
N ALA U 168 -26.77 38.02 -2.19
CA ALA U 168 -26.31 39.16 -2.99
C ALA U 168 -24.80 39.28 -2.82
N ARG U 169 -24.07 39.36 -3.94
CA ARG U 169 -22.66 38.98 -3.90
C ARG U 169 -21.75 40.03 -3.28
N ILE U 170 -21.62 41.21 -3.87
CA ILE U 170 -20.53 42.11 -3.49
C ILE U 170 -21.10 43.43 -2.99
N LEU U 171 -20.66 43.84 -1.80
CA LEU U 171 -20.90 45.17 -1.28
C LEU U 171 -19.63 45.62 -0.56
N SER U 172 -19.12 46.80 -0.91
CA SER U 172 -17.82 47.25 -0.45
C SER U 172 -17.97 48.44 0.48
N LEU U 173 -17.27 48.38 1.61
CA LEU U 173 -17.35 49.39 2.65
C LEU U 173 -15.95 49.90 2.99
N GLU U 174 -15.84 51.20 3.23
CA GLU U 174 -14.59 51.80 3.67
C GLU U 174 -14.87 53.20 4.18
N ALA U 175 -13.88 53.75 4.89
CA ALA U 175 -13.92 55.11 5.42
C ALA U 175 -13.23 56.07 4.46
N PRO U 176 -13.75 57.28 4.33
CA PRO U 176 -13.12 58.30 3.46
C PRO U 176 -11.99 59.03 4.16
N LYS U 177 -10.86 58.35 4.35
CA LYS U 177 -9.74 58.92 5.08
C LYS U 177 -8.42 58.38 4.53
N ARG U 178 -7.51 59.29 4.25
CA ARG U 178 -6.18 58.95 3.79
C ARG U 178 -5.33 58.44 4.95
N GLN U 179 -4.24 57.76 4.61
CA GLN U 179 -3.30 57.30 5.62
C GLN U 179 -1.96 58.01 5.56
N ALA U 180 -1.32 58.10 4.39
CA ALA U 180 -0.04 58.79 4.33
C ALA U 180 0.31 59.15 2.89
N GLU U 181 1.48 59.78 2.71
CA GLU U 181 1.98 60.16 1.39
C GLU U 181 3.48 59.90 1.31
N GLY U 182 3.95 59.69 0.09
CA GLY U 182 5.36 59.47 -0.13
C GLY U 182 5.76 59.80 -1.56
N SER U 183 7.02 59.54 -1.88
CA SER U 183 7.58 59.86 -3.20
C SER U 183 8.18 58.61 -3.83
N THR U 184 8.38 58.68 -5.15
CA THR U 184 8.81 57.55 -5.95
C THR U 184 10.31 57.64 -6.27
N ILE U 185 10.78 56.68 -7.06
CA ILE U 185 12.20 56.53 -7.38
C ILE U 185 12.51 57.25 -8.68
N THR U 186 13.55 58.09 -8.65
CA THR U 186 13.97 58.83 -9.84
C THR U 186 15.47 58.79 -10.11
N GLU U 187 16.30 58.41 -9.14
CA GLU U 187 17.74 58.35 -9.35
C GLU U 187 18.30 57.17 -8.58
N ILE U 188 19.32 56.49 -9.12
CA ILE U 188 19.97 55.33 -8.47
C ILE U 188 21.52 55.40 -8.54
N TYR U 189 22.21 55.12 -7.44
CA TYR U 189 23.66 55.09 -7.45
C TYR U 189 24.04 53.67 -7.19
N ILE U 190 25.01 53.17 -7.96
CA ILE U 190 25.52 51.83 -7.77
C ILE U 190 26.98 52.06 -7.43
N ASN U 191 27.39 51.69 -6.21
CA ASN U 191 28.76 51.90 -5.75
C ASN U 191 29.20 53.34 -5.97
N MET V 1 28.20 54.98 -9.89
CA MET V 1 27.47 55.11 -11.13
C MET V 1 26.13 55.80 -10.92
N LYS V 2 26.09 57.11 -11.17
CA LYS V 2 24.86 57.90 -11.00
C LYS V 2 24.03 57.90 -12.28
N ILE V 3 22.76 57.55 -12.16
CA ILE V 3 21.86 57.45 -13.31
C ILE V 3 20.62 58.28 -13.02
N LEU V 4 20.43 59.35 -13.80
CA LEU V 4 19.29 60.24 -13.63
C LEU V 4 18.31 60.08 -14.79
N TYR V 5 17.02 59.99 -14.43
CA TYR V 5 15.95 59.78 -15.39
C TYR V 5 14.93 60.90 -15.27
N LYS V 6 14.36 61.30 -16.39
CA LYS V 6 13.36 62.37 -16.40
C LYS V 6 12.29 62.04 -17.44
N LYS V 7 11.03 62.33 -17.10
CA LYS V 7 9.95 62.07 -18.04
C LYS V 7 10.18 62.94 -19.27
N ILE V 8 9.94 62.37 -20.45
CA ILE V 8 10.14 63.10 -21.70
C ILE V 8 8.93 63.04 -22.64
N LEU V 9 7.92 62.24 -22.29
CA LEU V 9 6.77 62.12 -23.18
C LEU V 9 5.50 61.73 -22.45
N ASN V 10 4.39 62.37 -22.85
CA ASN V 10 3.09 62.06 -22.30
C ASN V 10 2.17 61.68 -23.46
N LEU V 11 1.57 60.51 -23.35
CA LEU V 11 0.66 60.03 -24.38
C LEU V 11 -0.67 59.71 -23.72
N GLU V 12 -1.71 60.43 -24.10
CA GLU V 12 -3.01 60.21 -23.49
C GLU V 12 -4.06 59.83 -24.52
N LEU V 13 -5.05 59.07 -24.06
CA LEU V 13 -6.12 58.53 -24.89
C LEU V 13 -7.44 58.84 -24.21
N TRP V 14 -8.35 59.50 -24.93
CA TRP V 14 -9.60 59.97 -24.40
C TRP V 14 -10.76 59.23 -25.05
N HIS V 15 -11.84 59.07 -24.29
CA HIS V 15 -13.06 58.46 -24.82
C HIS V 15 -14.26 59.12 -24.15
N ASP V 16 -15.20 59.59 -24.97
CA ASP V 16 -16.39 60.25 -24.46
C ASP V 16 -17.38 59.28 -23.83
N PHE V 17 -17.20 57.98 -24.02
CA PHE V 17 -18.01 57.00 -23.32
C PHE V 17 -17.88 57.14 -21.80
N TYR V 18 -16.71 57.59 -21.34
CA TYR V 18 -16.46 57.83 -19.92
C TYR V 18 -16.47 59.31 -19.55
N LEU V 19 -15.95 60.17 -20.42
CA LEU V 19 -15.75 61.57 -20.08
C LEU V 19 -16.98 62.43 -20.36
N GLY V 20 -17.68 62.18 -21.45
CA GLY V 20 -18.73 63.08 -21.87
C GLY V 20 -18.14 64.26 -22.63
N GLN V 21 -18.89 65.36 -22.61
CA GLN V 21 -18.46 66.61 -23.26
C GLN V 21 -18.31 67.69 -22.22
N PRO V 22 -17.11 67.98 -21.74
CA PRO V 22 -16.92 69.13 -20.86
C PRO V 22 -17.05 70.43 -21.65
N ASN V 23 -17.57 71.46 -20.97
CA ASN V 23 -17.79 72.74 -21.63
C ASN V 23 -16.50 73.40 -22.07
N THR V 24 -15.38 73.07 -21.44
CA THR V 24 -14.07 73.49 -21.91
C THR V 24 -13.02 72.49 -21.43
N PRO V 25 -12.37 71.79 -22.35
CA PRO V 25 -11.48 70.70 -21.95
C PRO V 25 -10.23 71.20 -21.24
N GLY V 26 -9.91 70.55 -20.14
CA GLY V 26 -8.67 70.78 -19.41
C GLY V 26 -7.86 69.52 -19.33
N SER V 27 -7.68 69.00 -18.11
CA SER V 27 -7.08 67.69 -17.90
C SER V 27 -8.17 66.66 -17.64
N LEU V 28 -7.76 65.41 -17.58
CA LEU V 28 -8.68 64.33 -17.23
C LEU V 28 -8.99 64.37 -15.74
N PRO V 29 -10.07 63.71 -15.31
CA PRO V 29 -10.33 63.61 -13.87
C PRO V 29 -9.31 62.76 -13.16
N ASN V 30 -9.38 62.72 -11.83
CA ASN V 30 -8.40 61.95 -11.06
C ASN V 30 -8.66 60.45 -11.08
N ASN V 31 -9.87 60.03 -11.47
CA ASN V 31 -10.23 58.63 -11.49
C ASN V 31 -10.36 58.08 -12.92
N TYR V 32 -9.65 58.68 -13.87
CA TYR V 32 -9.73 58.22 -15.24
C TYR V 32 -8.94 56.92 -15.40
N ASP V 33 -9.45 56.04 -16.29
CA ASP V 33 -8.83 54.74 -16.50
C ASP V 33 -9.34 54.05 -17.76
N ILE V 34 -8.43 53.58 -18.60
CA ILE V 34 -8.81 52.78 -19.76
C ILE V 34 -7.92 51.54 -19.81
N SER V 35 -7.25 51.24 -18.69
CA SER V 35 -6.29 50.15 -18.64
C SER V 35 -6.88 48.80 -19.01
N ARG V 36 -8.21 48.72 -19.18
CA ARG V 36 -8.88 47.49 -19.54
C ARG V 36 -9.60 47.60 -20.88
N THR V 37 -9.38 48.67 -21.63
CA THR V 37 -10.00 48.85 -22.94
C THR V 37 -8.98 49.01 -24.05
N LEU V 38 -7.89 49.73 -23.80
CA LEU V 38 -6.90 50.00 -24.82
C LEU V 38 -5.51 49.77 -24.24
N ALA V 39 -4.57 49.39 -25.11
CA ALA V 39 -3.20 49.14 -24.67
C ALA V 39 -2.22 49.54 -25.76
N LEU V 40 -1.07 50.07 -25.34
CA LEU V 40 0.01 50.42 -26.23
C LEU V 40 1.13 49.39 -26.10
N VAL V 41 1.66 48.94 -27.23
CA VAL V 41 2.66 47.88 -27.23
C VAL V 41 3.81 48.23 -28.17
N PRO V 42 5.04 48.36 -27.67
CA PRO V 42 6.16 48.64 -28.56
C PRO V 42 6.47 47.46 -29.48
N THR V 43 6.93 47.77 -30.69
CA THR V 43 7.40 46.75 -31.61
C THR V 43 8.82 46.34 -31.25
N GLN V 44 9.40 45.43 -32.05
CA GLN V 44 10.75 44.96 -31.77
C GLN V 44 11.79 46.03 -32.11
N GLU V 45 11.67 46.64 -33.29
CA GLU V 45 12.55 47.74 -33.65
C GLU V 45 12.48 48.85 -32.60
N CYS V 46 11.27 49.17 -32.15
CA CYS V 46 11.13 50.17 -31.09
C CYS V 46 11.91 49.76 -29.85
N LEU V 47 11.87 48.49 -29.49
CA LEU V 47 12.57 48.03 -28.29
C LEU V 47 14.08 48.22 -28.45
N ARG V 48 14.64 47.77 -29.56
CA ARG V 48 16.09 47.87 -29.70
C ARG V 48 16.54 49.33 -29.86
N VAL V 49 15.70 50.18 -30.45
CA VAL V 49 16.07 51.58 -30.60
C VAL V 49 16.01 52.29 -29.25
N LEU V 50 14.99 52.01 -28.45
CA LEU V 50 14.94 52.56 -27.09
C LEU V 50 16.13 52.08 -26.28
N ALA V 51 16.55 50.84 -26.48
CA ALA V 51 17.75 50.36 -25.81
C ALA V 51 18.97 51.17 -26.21
N ASN V 52 19.16 51.39 -27.52
CA ASN V 52 20.32 52.14 -27.97
C ASN V 52 20.30 53.57 -27.45
N LEU V 53 19.13 54.18 -27.35
CA LEU V 53 19.04 55.57 -26.90
C LEU V 53 19.05 55.72 -25.38
N ARG V 54 18.98 54.61 -24.64
CA ARG V 54 18.87 54.62 -23.18
C ARG V 54 17.61 55.36 -22.72
N TRP V 55 16.47 54.97 -23.28
CA TRP V 55 15.18 55.45 -22.84
C TRP V 55 14.34 54.29 -22.33
N VAL V 56 13.37 54.61 -21.48
CA VAL V 56 12.58 53.61 -20.76
C VAL V 56 11.10 53.83 -21.06
N PHE V 57 10.41 52.76 -21.43
CA PHE V 57 8.98 52.78 -21.70
C PHE V 57 8.20 52.36 -20.45
N ARG V 58 7.04 52.99 -20.23
CA ARG V 58 6.26 52.60 -19.07
C ARG V 58 4.77 52.76 -19.35
N PRO V 59 3.96 51.72 -19.15
CA PRO V 59 2.51 51.88 -19.26
C PRO V 59 1.97 52.72 -18.10
N GLN V 60 0.77 53.26 -18.32
CA GLN V 60 0.12 54.11 -17.34
C GLN V 60 -1.37 53.81 -17.31
N LEU V 61 -2.05 54.40 -16.33
CA LEU V 61 -3.48 54.24 -16.24
C LEU V 61 -4.24 55.02 -17.31
N TYR V 62 -3.57 55.94 -18.00
CA TYR V 62 -4.17 56.76 -19.04
C TYR V 62 -3.52 56.58 -20.40
N GLY V 63 -2.52 55.69 -20.51
CA GLY V 63 -1.70 55.62 -21.69
C GLY V 63 -0.31 55.10 -21.38
N ALA V 64 0.73 55.85 -21.75
CA ALA V 64 2.10 55.43 -21.50
C ALA V 64 2.96 56.66 -21.28
N SER V 65 4.25 56.41 -21.02
CA SER V 65 5.23 57.48 -20.83
C SER V 65 6.60 56.98 -21.21
N LEU V 66 7.48 57.93 -21.53
CA LEU V 66 8.89 57.65 -21.83
C LEU V 66 9.79 58.45 -20.90
N PHE V 67 10.86 57.82 -20.44
CA PHE V 67 11.84 58.42 -19.55
C PHE V 67 13.19 58.41 -20.23
N ALA V 68 13.86 59.56 -20.24
CA ALA V 68 15.19 59.71 -20.81
C ALA V 68 16.24 59.79 -19.72
N ASN V 69 17.45 59.38 -20.07
CA ASN V 69 18.59 59.38 -19.15
C ASN V 69 19.39 60.64 -19.42
N VAL V 70 19.47 61.54 -18.42
CA VAL V 70 19.97 62.88 -18.64
C VAL V 70 21.08 63.19 -17.63
N ASN V 71 21.68 64.37 -17.80
CA ASN V 71 22.69 64.90 -16.91
C ASN V 71 22.16 66.15 -16.22
N ALA V 72 22.40 66.26 -14.92
CA ALA V 72 21.89 67.39 -14.15
C ALA V 72 22.84 68.58 -14.31
N ALA V 73 22.40 69.59 -15.06
CA ALA V 73 23.15 70.81 -15.25
C ALA V 73 22.70 71.87 -14.24
N PRO V 74 23.53 72.88 -13.98
CA PRO V 74 23.10 73.95 -13.07
C PRO V 74 22.03 74.85 -13.65
N SER V 75 22.02 75.05 -14.97
CA SER V 75 21.09 75.98 -15.60
C SER V 75 19.63 75.58 -15.40
N GLY V 76 19.37 74.34 -15.01
CA GLY V 76 18.02 73.81 -15.01
C GLY V 76 17.65 73.08 -16.29
N GLN V 77 18.44 73.26 -17.35
CA GLN V 77 18.27 72.47 -18.55
C GLN V 77 18.86 71.09 -18.37
N PHE V 78 18.27 70.11 -19.03
CA PHE V 78 18.67 68.71 -18.86
C PHE V 78 19.16 68.14 -20.18
N PRO V 79 20.47 68.00 -20.37
CA PRO V 79 20.99 67.42 -21.61
C PRO V 79 21.07 65.91 -21.55
N THR V 80 20.92 65.31 -22.73
CA THR V 80 21.05 63.87 -22.82
C THR V 80 22.52 63.47 -22.68
N ILE V 81 22.73 62.21 -22.32
CA ILE V 81 24.09 61.71 -22.12
C ILE V 81 24.95 61.92 -23.36
N PHE V 82 24.33 61.90 -24.52
CA PHE V 82 25.01 62.20 -25.75
C PHE V 82 24.08 62.97 -26.67
N PRO V 83 24.64 63.68 -27.63
CA PRO V 83 23.76 64.43 -28.55
C PRO V 83 23.00 63.50 -29.48
N ILE V 84 21.68 63.58 -29.41
CA ILE V 84 20.79 62.85 -30.33
C ILE V 84 20.52 63.80 -31.49
N ASP V 85 21.37 63.73 -32.51
CA ASP V 85 21.31 64.67 -33.62
C ASP V 85 21.12 63.99 -34.97
N ARG V 86 20.61 62.77 -34.98
CA ARG V 86 20.22 62.08 -36.19
C ARG V 86 18.69 61.95 -36.24
N VAL V 87 18.20 61.26 -37.24
CA VAL V 87 16.77 61.03 -37.42
C VAL V 87 16.41 59.67 -36.87
N TYR V 88 15.35 59.61 -36.06
CA TYR V 88 14.93 58.36 -35.43
C TYR V 88 13.42 58.21 -35.54
N ARG V 89 12.95 56.97 -35.35
CA ARG V 89 11.57 56.61 -35.64
C ARG V 89 11.12 55.55 -34.65
N LEU V 90 10.02 55.80 -33.94
CA LEU V 90 9.51 54.90 -32.90
C LEU V 90 8.07 54.55 -33.20
N THR V 91 7.73 53.27 -33.11
CA THR V 91 6.42 52.77 -33.50
C THR V 91 5.78 51.99 -32.37
N PHE V 92 4.45 52.01 -32.33
CA PHE V 92 3.68 51.33 -31.30
C PHE V 92 2.39 50.77 -31.86
N TRP V 93 2.06 49.55 -31.45
CA TRP V 93 0.76 48.96 -31.72
C TRP V 93 -0.27 49.49 -30.73
N LEU V 94 -1.48 49.71 -31.20
CA LEU V 94 -2.62 50.03 -30.35
C LEU V 94 -3.59 48.86 -30.43
N VAL V 95 -3.84 48.21 -29.30
CA VAL V 95 -4.66 47.01 -29.24
C VAL V 95 -5.87 47.27 -28.35
N VAL V 96 -7.00 46.65 -28.72
CA VAL V 96 -8.26 46.82 -28.01
C VAL V 96 -8.51 45.58 -27.16
N SER V 97 -8.96 45.79 -25.92
CA SER V 97 -9.26 44.69 -25.02
C SER V 97 -10.76 44.46 -24.82
N ASP V 98 -11.56 45.51 -24.91
CA ASP V 98 -12.98 45.44 -24.60
C ASP V 98 -13.76 45.01 -25.84
N ARG V 99 -14.52 43.94 -25.69
CA ARG V 99 -15.40 43.54 -26.79
C ARG V 99 -16.52 44.56 -26.85
N TYR V 100 -17.35 44.50 -27.86
CA TYR V 100 -18.39 45.49 -28.11
C TYR V 100 -17.82 46.89 -28.27
N PHE V 101 -16.50 47.02 -28.46
CA PHE V 101 -15.88 48.33 -28.61
C PHE V 101 -16.44 49.07 -29.82
N ALA V 102 -16.59 48.37 -30.93
CA ALA V 102 -17.08 48.95 -32.17
C ALA V 102 -18.53 49.37 -32.09
N ASN V 103 -19.18 49.26 -30.93
CA ASN V 103 -20.58 49.64 -30.79
C ASN V 103 -20.77 51.00 -30.15
N PHE V 104 -19.82 51.45 -29.32
CA PHE V 104 -19.98 52.72 -28.62
C PHE V 104 -18.88 53.72 -28.97
N THR V 105 -18.31 53.62 -30.18
CA THR V 105 -17.10 54.38 -30.49
C THR V 105 -17.24 55.26 -31.73
N ASN V 106 -18.41 55.30 -32.35
CA ASN V 106 -18.65 56.16 -33.51
C ASN V 106 -17.62 55.94 -34.61
N LEU V 107 -17.61 54.72 -35.14
CA LEU V 107 -16.75 54.35 -36.25
C LEU V 107 -17.58 54.12 -37.50
N SER V 108 -16.91 53.91 -38.63
CA SER V 108 -17.60 53.72 -39.89
C SER V 108 -18.10 52.28 -39.98
N LEU V 109 -19.39 52.13 -40.30
CA LEU V 109 -20.04 50.83 -40.35
C LEU V 109 -19.87 50.14 -41.69
N ILE V 110 -19.08 50.71 -42.59
CA ILE V 110 -18.85 50.13 -43.91
C ILE V 110 -17.77 49.08 -43.81
N ASN V 111 -17.99 47.95 -44.50
CA ASN V 111 -17.13 46.79 -44.37
C ASN V 111 -15.71 47.13 -44.81
N SER V 112 -14.80 47.18 -43.85
CA SER V 112 -13.39 47.47 -44.10
C SER V 112 -12.56 46.52 -43.26
N ARG V 113 -12.03 45.48 -43.90
CA ARG V 113 -11.14 44.53 -43.25
C ARG V 113 -9.73 44.58 -43.83
N ASN V 114 -9.46 45.49 -44.76
CA ASN V 114 -8.14 45.68 -45.35
C ASN V 114 -7.58 47.06 -45.04
N GLN V 115 -8.03 47.67 -43.95
CA GLN V 115 -7.60 49.01 -43.60
C GLN V 115 -7.23 49.05 -42.12
N ILE V 116 -6.53 50.12 -41.74
CA ILE V 116 -6.03 50.27 -40.38
C ILE V 116 -5.86 51.76 -40.11
N TYR V 117 -5.93 52.13 -38.84
CA TYR V 117 -5.79 53.53 -38.47
C TYR V 117 -4.32 53.90 -38.30
N TYR V 118 -4.06 55.20 -38.22
CA TYR V 118 -2.68 55.68 -38.21
C TYR V 118 -2.65 57.06 -37.56
N PHE V 119 -1.70 57.25 -36.65
CA PHE V 119 -1.54 58.48 -35.89
C PHE V 119 -0.06 58.84 -35.84
N SER V 120 0.24 60.14 -35.86
CA SER V 120 1.62 60.59 -35.96
C SER V 120 1.72 61.98 -35.35
N ASN V 121 2.96 62.46 -35.25
CA ASN V 121 3.22 63.82 -34.80
C ASN V 121 3.53 64.75 -35.96
N LEU V 122 3.16 64.35 -37.16
CA LEU V 122 3.31 65.17 -38.37
C LEU V 122 1.94 65.57 -38.91
N SER V 123 1.03 65.95 -38.02
CA SER V 123 -0.34 66.26 -38.42
C SER V 123 -0.75 67.68 -38.08
N GLY V 124 0.17 68.53 -37.62
CA GLY V 124 -0.16 69.85 -37.14
C GLY V 124 -1.20 69.81 -36.04
N ASN V 125 -2.34 70.44 -36.27
CA ASN V 125 -3.49 70.38 -35.38
C ASN V 125 -3.13 70.70 -33.93
N GLU V 126 -2.50 71.84 -33.73
CA GLU V 126 -2.13 72.29 -32.39
C GLU V 126 -3.10 73.38 -31.94
N GLY V 127 -4.23 72.94 -31.39
CA GLY V 127 -5.28 73.85 -30.95
C GLY V 127 -5.23 74.07 -29.45
N HIS V 128 -6.08 73.37 -28.70
CA HIS V 128 -6.00 73.37 -27.26
C HIS V 128 -5.23 72.18 -26.74
N ALA V 129 -4.68 71.37 -27.63
CA ALA V 129 -3.83 70.25 -27.27
C ALA V 129 -2.91 69.96 -28.45
N LEU V 130 -2.09 68.93 -28.31
CA LEU V 130 -1.30 68.42 -29.41
C LEU V 130 -1.99 67.15 -29.90
N PHE V 131 -2.80 67.29 -30.95
CA PHE V 131 -3.62 66.20 -31.45
C PHE V 131 -2.87 65.40 -32.50
N LEU V 132 -2.83 64.08 -32.31
CA LEU V 132 -2.17 63.17 -33.24
C LEU V 132 -3.07 62.77 -34.40
N THR V 133 -4.22 63.41 -34.54
CA THR V 133 -5.14 63.16 -35.63
C THR V 133 -5.00 64.24 -36.69
N GLN V 134 -5.62 64.00 -37.84
CA GLN V 134 -5.62 65.00 -38.91
C GLN V 134 -6.68 66.06 -38.61
N PRO V 135 -6.46 67.29 -39.06
CA PRO V 135 -7.43 68.36 -38.78
C PRO V 135 -8.75 68.10 -39.49
N LEU V 136 -9.84 68.32 -38.76
CA LEU V 136 -11.17 68.11 -39.30
C LEU V 136 -11.46 69.10 -40.42
N SER V 137 -12.21 68.64 -41.43
CA SER V 137 -12.57 69.50 -42.53
C SER V 137 -13.62 70.53 -42.08
N ALA V 138 -13.86 71.51 -42.93
CA ALA V 138 -14.76 72.60 -42.63
C ALA V 138 -16.14 72.36 -43.23
N TYR V 139 -17.15 72.96 -42.63
CA TYR V 139 -18.51 72.89 -43.16
C TYR V 139 -18.63 73.80 -44.36
N THR V 140 -18.94 73.22 -45.52
CA THR V 140 -19.06 73.97 -46.76
C THR V 140 -20.48 73.86 -47.29
N THR V 141 -20.69 74.40 -48.48
CA THR V 141 -21.98 74.34 -49.15
C THR V 141 -21.91 73.40 -50.35
N ASN V 142 -22.99 72.67 -50.57
CA ASN V 142 -23.11 71.74 -51.69
C ASN V 142 -22.09 70.61 -51.62
N ASN V 143 -22.09 69.86 -50.52
CA ASN V 143 -21.32 68.63 -50.42
C ASN V 143 -22.17 67.52 -49.83
N GLU V 144 -21.59 66.32 -49.78
CA GLU V 144 -22.28 65.11 -49.37
C GLU V 144 -21.68 64.60 -48.08
N TYR V 145 -22.51 64.53 -47.03
CA TYR V 145 -22.07 64.06 -45.73
C TYR V 145 -22.88 62.83 -45.34
N GLN V 146 -22.19 61.81 -44.82
CA GLN V 146 -22.85 60.63 -44.31
C GLN V 146 -23.26 60.83 -42.86
N LEU V 147 -24.22 60.03 -42.43
CA LEU V 147 -24.63 60.03 -41.03
C LEU V 147 -23.47 59.64 -40.13
N GLY V 148 -23.07 60.55 -39.25
CA GLY V 148 -21.95 60.32 -38.35
C GLY V 148 -20.77 61.24 -38.54
N GLN V 149 -20.77 62.09 -39.56
CA GLN V 149 -19.61 62.92 -39.86
C GLN V 149 -19.49 64.08 -38.87
N LEU V 150 -18.26 64.36 -38.46
CA LEU V 150 -17.92 65.49 -37.61
C LEU V 150 -17.19 66.54 -38.44
N VAL V 151 -17.68 67.78 -38.39
CA VAL V 151 -17.08 68.90 -39.09
C VAL V 151 -16.94 70.07 -38.13
N THR V 152 -16.38 71.16 -38.62
CA THR V 152 -16.16 72.36 -37.83
C THR V 152 -16.88 73.54 -38.46
N HIS V 153 -17.45 74.40 -37.62
CA HIS V 153 -18.15 75.58 -38.11
C HIS V 153 -18.43 76.51 -36.96
N ALA V 154 -18.14 77.80 -37.16
CA ALA V 154 -18.48 78.87 -36.23
C ALA V 154 -18.08 78.53 -34.80
N ASP V 155 -16.80 78.23 -34.61
CA ASP V 155 -16.21 77.96 -33.30
C ASP V 155 -16.76 76.70 -32.65
N LYS V 156 -17.46 75.86 -33.40
CA LYS V 156 -18.10 74.68 -32.83
C LYS V 156 -17.83 73.46 -33.70
N THR V 157 -18.19 72.30 -33.17
CA THR V 157 -18.06 71.04 -33.87
C THR V 157 -19.45 70.49 -34.12
N LEU V 158 -19.71 70.09 -35.37
CA LEU V 158 -21.02 69.66 -35.83
C LEU V 158 -21.01 68.17 -36.11
N GLU V 159 -22.07 67.50 -35.66
CA GLU V 159 -22.29 66.09 -35.92
C GLU V 159 -23.46 65.92 -36.89
N SER V 160 -23.35 64.95 -37.79
CA SER V 160 -24.39 64.74 -38.80
C SER V 160 -25.41 63.72 -38.31
N LEU V 161 -26.69 64.01 -38.55
CA LEU V 161 -27.77 63.13 -38.13
C LEU V 161 -28.49 62.43 -39.26
N THR V 162 -28.27 62.82 -40.51
CA THR V 162 -28.94 62.17 -41.63
C THR V 162 -28.15 62.44 -42.90
N TYR V 163 -28.51 61.70 -43.95
CA TYR V 163 -27.81 61.79 -45.23
C TYR V 163 -28.25 63.03 -45.99
N GLN V 164 -27.29 63.78 -46.52
CA GLN V 164 -27.56 65.01 -47.26
C GLN V 164 -26.79 64.98 -48.58
N GLY V 165 -27.52 64.89 -49.69
CA GLY V 165 -26.90 64.91 -51.00
C GLY V 165 -26.45 66.28 -51.46
N ASN V 166 -27.00 67.34 -50.86
CA ASN V 166 -26.59 68.70 -51.19
C ASN V 166 -26.81 69.57 -49.96
N ALA V 167 -25.80 70.35 -49.60
CA ALA V 167 -25.81 71.09 -48.35
C ALA V 167 -26.55 72.41 -48.50
N THR V 168 -26.64 73.14 -47.40
CA THR V 168 -27.29 74.44 -47.33
C THR V 168 -26.24 75.52 -47.13
N ASN V 169 -26.63 76.77 -47.35
CA ASN V 169 -25.72 77.88 -47.03
C ASN V 169 -25.51 78.00 -45.54
N ILE V 170 -26.56 77.80 -44.75
CA ILE V 170 -26.47 77.83 -43.29
C ILE V 170 -26.87 76.47 -42.75
N PRO V 171 -26.14 75.93 -41.76
CA PRO V 171 -26.51 74.63 -41.17
C PRO V 171 -27.98 74.50 -40.83
N ASN V 172 -28.57 73.37 -41.24
CA ASN V 172 -29.96 73.06 -40.92
C ASN V 172 -30.01 72.46 -39.52
N PRO V 173 -30.61 73.15 -38.55
CA PRO V 173 -30.50 72.72 -37.15
C PRO V 173 -31.14 71.38 -36.85
N SER V 174 -31.93 70.81 -37.76
CA SER V 174 -32.51 69.49 -37.55
C SER V 174 -31.62 68.38 -38.10
N ASP V 175 -30.42 68.71 -38.58
CA ASP V 175 -29.50 67.72 -39.09
C ASP V 175 -28.16 67.72 -38.39
N TRP V 176 -27.92 68.65 -37.47
CA TRP V 176 -26.62 68.80 -36.85
C TRP V 176 -26.77 69.13 -35.38
N ASP V 177 -25.85 68.61 -34.58
CA ASP V 177 -25.80 68.93 -33.16
C ASP V 177 -24.68 69.93 -32.90
N SER V 178 -24.62 70.43 -31.66
CA SER V 178 -23.73 71.53 -31.29
C SER V 178 -22.89 71.13 -30.09
N LEU V 179 -21.65 70.74 -30.35
CA LEU V 179 -20.69 70.34 -29.33
C LEU V 179 -19.58 71.38 -29.19
N PRO V 180 -18.82 71.33 -28.10
CA PRO V 180 -17.69 72.25 -27.95
C PRO V 180 -16.58 71.94 -28.95
N ALA V 181 -15.68 72.90 -29.11
CA ALA V 181 -14.63 72.83 -30.12
C ALA V 181 -13.54 71.88 -29.67
N SER V 182 -13.37 70.78 -30.40
CA SER V 182 -12.31 69.82 -30.16
C SER V 182 -12.17 68.96 -31.41
N GLN V 183 -11.06 68.23 -31.48
CA GLN V 183 -10.81 67.33 -32.60
C GLN V 183 -10.98 65.88 -32.14
N TYR V 184 -11.34 65.02 -33.09
CA TYR V 184 -11.59 63.61 -32.79
C TYR V 184 -11.02 62.76 -33.91
N VAL V 185 -11.30 61.46 -33.85
CA VAL V 185 -10.94 60.52 -34.91
C VAL V 185 -12.04 60.52 -35.96
N SER V 186 -11.65 60.41 -37.22
CA SER V 186 -12.60 60.38 -38.32
C SER V 186 -12.05 59.48 -39.42
N GLU V 187 -12.72 59.47 -40.55
CA GLU V 187 -12.31 58.65 -41.69
C GLU V 187 -11.11 59.17 -42.40
N LEU V 188 -10.49 60.24 -41.91
CA LEU V 188 -9.28 60.76 -42.50
C LEU V 188 -8.04 60.01 -42.04
N ASP V 189 -8.21 58.97 -41.23
CA ASP V 189 -7.09 58.20 -40.68
C ASP V 189 -7.18 56.74 -41.05
N HIS V 190 -8.01 56.39 -42.03
CA HIS V 190 -8.29 55.01 -42.38
C HIS V 190 -7.49 54.69 -43.63
N LEU V 191 -6.27 54.21 -43.43
CA LEU V 191 -5.38 53.88 -44.53
C LEU V 191 -5.43 52.39 -44.85
N PRO V 192 -5.21 52.00 -46.10
CA PRO V 192 -5.23 50.58 -46.46
C PRO V 192 -3.99 49.86 -45.94
N ARG V 193 -4.21 48.71 -45.31
CA ARG V 193 -3.11 47.92 -44.78
C ARG V 193 -2.70 46.85 -45.78
N GLN V 194 -1.41 46.52 -45.77
CA GLN V 194 -0.84 45.59 -46.73
C GLN V 194 0.13 44.64 -46.05
N GLY V 195 0.25 43.43 -46.61
CA GLY V 195 1.19 42.45 -46.12
C GLY V 195 2.41 42.32 -47.00
N THR V 196 2.91 41.09 -47.15
CA THR V 196 4.22 40.90 -47.76
C THR V 196 4.18 40.94 -49.28
N TYR V 197 3.15 40.37 -49.90
CA TYR V 197 3.10 40.21 -51.36
C TYR V 197 2.10 41.19 -51.96
N ARG V 198 2.48 41.81 -53.06
CA ARG V 198 1.64 42.77 -53.76
C ARG V 198 1.48 42.40 -55.22
N THR V 199 0.30 42.71 -55.77
CA THR V 199 0.05 42.63 -57.20
C THR V 199 -0.09 44.05 -57.72
N GLN V 200 0.91 44.52 -58.47
CA GLN V 200 0.89 45.87 -59.02
C GLN V 200 0.62 45.81 -60.52
N VAL V 201 -0.24 46.71 -60.98
CA VAL V 201 -0.69 46.72 -62.37
C VAL V 201 -0.17 47.99 -63.04
N ILE V 202 0.50 47.83 -64.17
CA ILE V 202 0.95 48.93 -65.00
C ILE V 202 -0.07 49.14 -66.12
N THR V 203 -0.52 50.37 -66.28
CA THR V 203 -1.41 50.74 -67.37
C THR V 203 -0.59 51.22 -68.56
N ASN V 204 -1.09 50.94 -69.76
CA ASN V 204 -0.39 51.24 -71.00
C ASN V 204 1.01 50.63 -71.00
N ALA V 205 1.04 49.32 -70.80
CA ALA V 205 2.31 48.60 -70.71
C ALA V 205 3.03 48.65 -72.06
N ASN V 206 4.22 49.24 -72.07
CA ASN V 206 4.94 49.48 -73.32
C ASN V 206 6.18 48.60 -73.38
N PRO V 207 6.21 47.59 -74.25
CA PRO V 207 7.37 46.68 -74.30
C PRO V 207 8.68 47.37 -74.60
N ASP V 208 8.66 48.58 -75.15
CA ASP V 208 9.89 49.28 -75.50
C ASP V 208 10.50 50.04 -74.32
N ASN V 209 10.03 49.80 -73.10
CA ASN V 209 10.46 50.58 -71.95
C ASN V 209 10.69 49.66 -70.76
N THR V 210 11.03 50.28 -69.62
CA THR V 210 11.22 49.60 -68.36
C THR V 210 10.60 50.45 -67.27
N TYR V 211 10.64 49.96 -66.04
CA TYR V 211 10.07 50.68 -64.92
C TYR V 211 10.89 50.38 -63.66
N ASN V 212 11.14 51.41 -62.87
CA ASN V 212 11.84 51.29 -61.59
C ASN V 212 10.87 51.69 -60.49
N PHE V 213 10.53 50.73 -59.63
CA PHE V 213 9.64 50.96 -58.50
C PHE V 213 10.45 51.22 -57.24
N THR V 214 9.96 52.13 -56.40
CA THR V 214 10.66 52.49 -55.17
C THR V 214 9.67 52.61 -54.02
N LEU V 215 10.20 52.53 -52.80
CA LEU V 215 9.44 52.68 -51.57
C LEU V 215 10.08 53.78 -50.73
N VAL V 216 9.28 54.73 -50.27
CA VAL V 216 9.79 55.89 -49.54
C VAL V 216 9.02 56.01 -48.22
N ASN V 217 9.75 56.10 -47.11
CA ASN V 217 9.12 56.20 -45.80
C ASN V 217 8.93 57.65 -45.38
N THR V 218 8.47 57.85 -44.14
CA THR V 218 8.14 59.18 -43.65
C THR V 218 9.35 60.08 -43.56
N ASN V 219 10.53 59.52 -43.33
CA ASN V 219 11.76 60.32 -43.29
C ASN V 219 12.28 60.66 -44.68
N GLU V 220 11.52 60.34 -45.73
CA GLU V 220 11.89 60.62 -47.12
C GLU V 220 13.18 59.92 -47.50
N GLN V 221 13.34 58.69 -47.02
CA GLN V 221 14.48 57.84 -47.37
C GLN V 221 13.99 56.69 -48.25
N GLU V 222 14.65 56.47 -49.38
CA GLU V 222 14.36 55.32 -50.20
C GLU V 222 14.78 54.05 -49.47
N SER V 223 13.90 53.06 -49.44
CA SER V 223 14.13 51.85 -48.67
C SER V 223 14.16 50.57 -49.49
N TRP V 224 13.80 50.62 -50.76
CA TRP V 224 13.55 49.40 -51.52
C TRP V 224 13.37 49.78 -52.98
N ALA V 225 13.80 48.87 -53.87
CA ALA V 225 13.69 49.14 -55.30
C ALA V 225 13.96 47.85 -56.06
N ILE V 226 13.22 47.67 -57.16
CA ILE V 226 13.45 46.62 -58.14
C ILE V 226 13.15 47.17 -59.53
N ASP V 227 13.34 46.32 -60.54
CA ASP V 227 12.97 46.64 -61.92
C ASP V 227 12.08 45.55 -62.48
N VAL V 228 11.25 45.93 -63.46
CA VAL V 228 10.34 45.01 -64.15
C VAL V 228 10.45 45.27 -65.64
N ILE V 229 10.62 44.20 -66.42
CA ILE V 229 10.88 44.30 -67.85
C ILE V 229 9.69 43.67 -68.59
N VAL V 230 8.90 44.51 -69.25
CA VAL V 230 7.74 44.02 -70.01
C VAL V 230 8.23 43.28 -71.25
N PRO V 231 7.76 42.07 -71.52
CA PRO V 231 8.27 41.31 -72.66
C PRO V 231 7.85 41.93 -73.99
N ASP V 232 8.56 41.53 -75.05
CA ASP V 232 8.40 42.13 -76.36
C ASP V 232 7.34 41.43 -77.22
N THR V 233 6.43 40.69 -76.60
CA THR V 233 5.28 40.13 -77.31
C THR V 233 3.98 40.63 -76.70
N HIS V 234 4.04 41.72 -75.94
CA HIS V 234 2.90 42.27 -75.23
C HIS V 234 2.34 43.43 -76.06
N LYS V 235 1.13 43.24 -76.58
CA LYS V 235 0.48 44.27 -77.39
C LYS V 235 0.39 45.58 -76.62
N SER V 236 1.03 46.60 -77.16
CA SER V 236 1.19 47.88 -76.46
C SER V 236 -0.16 48.51 -76.15
N GLY V 237 -0.36 48.86 -74.88
CA GLY V 237 -1.56 49.55 -74.44
C GLY V 237 -2.39 48.79 -73.43
N GLU V 238 -2.18 47.48 -73.25
CA GLU V 238 -2.97 46.72 -72.30
C GLU V 238 -2.33 46.77 -70.92
N PRO V 239 -3.10 46.52 -69.86
CA PRO V 239 -2.52 46.45 -68.53
C PRO V 239 -1.59 45.24 -68.39
N PHE V 240 -0.72 45.31 -67.40
CA PHE V 240 0.24 44.25 -67.14
C PHE V 240 0.46 44.13 -65.64
N SER V 241 0.25 42.94 -65.09
CA SER V 241 0.36 42.75 -63.66
C SER V 241 1.69 42.11 -63.30
N THR V 242 2.16 42.39 -62.09
CA THR V 242 3.42 41.86 -61.59
C THR V 242 3.30 41.64 -60.09
N SER V 243 4.19 40.80 -59.56
CA SER V 243 4.23 40.46 -58.15
C SER V 243 5.44 41.11 -57.47
N LEU V 244 5.21 41.67 -56.29
CA LEU V 244 6.23 42.37 -55.54
C LEU V 244 6.32 41.79 -54.13
N ASN V 245 7.53 41.84 -53.58
CA ASN V 245 7.83 41.24 -52.27
C ASN V 245 8.54 42.26 -51.40
N PHE V 246 7.99 42.52 -50.21
CA PHE V 246 8.55 43.47 -49.26
C PHE V 246 9.01 42.78 -47.98
N VAL V 247 9.65 41.62 -48.12
CA VAL V 247 9.82 40.72 -46.99
C VAL V 247 10.72 41.32 -45.91
N GLY V 248 11.65 42.20 -46.29
CA GLY V 248 12.65 42.66 -45.35
C GLY V 248 12.49 44.06 -44.78
N GLN V 249 11.27 44.58 -44.77
CA GLN V 249 11.03 45.94 -44.28
C GLN V 249 10.30 45.92 -42.95
N THR V 250 10.40 47.03 -42.23
CA THR V 250 9.81 47.20 -40.90
C THR V 250 8.48 47.93 -41.01
N PRO V 251 7.47 47.51 -40.25
CA PRO V 251 6.11 48.03 -40.46
C PRO V 251 6.04 49.53 -40.27
N GLY V 252 5.21 50.17 -41.07
CA GLY V 252 5.12 51.62 -41.00
C GLY V 252 4.51 52.19 -42.27
N HIS V 253 4.45 53.51 -42.31
CA HIS V 253 3.80 54.23 -43.42
C HIS V 253 4.79 54.41 -44.56
N TYR V 254 4.37 54.04 -45.77
CA TYR V 254 5.24 54.10 -46.94
C TYR V 254 4.46 54.60 -48.15
N ARG V 255 5.21 55.17 -49.10
CA ARG V 255 4.69 55.62 -50.38
C ARG V 255 5.39 54.83 -51.48
N LEU V 256 4.62 54.14 -52.30
CA LEU V 256 5.14 53.36 -53.41
C LEU V 256 5.09 54.20 -54.68
N LEU V 257 6.27 54.42 -55.27
CA LEU V 257 6.42 55.22 -56.48
C LEU V 257 6.87 54.35 -57.64
N GLU V 258 6.53 54.79 -58.85
CA GLU V 258 7.07 54.21 -60.08
C GLU V 258 7.57 55.34 -60.96
N ASN V 259 8.89 55.39 -61.16
CA ASN V 259 9.53 56.36 -62.06
C ASN V 259 9.02 57.77 -61.81
N ASP V 260 9.31 58.28 -60.60
CA ASP V 260 9.03 59.66 -60.24
C ASP V 260 7.54 59.96 -60.29
N THR V 261 6.73 59.05 -59.75
CA THR V 261 5.29 59.24 -59.68
C THR V 261 4.73 58.38 -58.56
N GLN V 262 3.91 58.98 -57.70
CA GLN V 262 3.26 58.21 -56.64
C GLN V 262 2.20 57.31 -57.23
N VAL V 263 2.31 56.01 -56.98
CA VAL V 263 1.33 55.06 -57.44
C VAL V 263 0.46 54.61 -56.26
N ALA V 264 1.05 54.54 -55.07
CA ALA V 264 0.27 54.05 -53.93
C ALA V 264 0.83 54.63 -52.64
N GLU V 265 0.05 54.48 -51.58
CA GLU V 265 0.45 54.89 -50.24
C GLU V 265 -0.25 53.97 -49.24
N PHE V 266 0.51 53.35 -48.35
CA PHE V 266 -0.09 52.35 -47.49
C PHE V 266 0.74 52.17 -46.22
N VAL V 267 0.14 51.49 -45.25
CA VAL V 267 0.83 51.05 -44.05
C VAL V 267 1.23 49.59 -44.24
N LEU V 268 2.53 49.32 -44.17
CA LEU V 268 3.06 47.97 -44.32
C LEU V 268 3.08 47.25 -42.98
N VAL V 269 2.70 45.98 -43.02
CA VAL V 269 2.47 45.13 -41.86
C VAL V 269 3.20 43.80 -42.07
N ASP V 270 3.73 43.23 -40.98
CA ASP V 270 4.42 41.95 -41.02
C ASP V 270 3.69 40.84 -40.25
N ASN V 271 2.53 41.14 -39.68
CA ASN V 271 1.72 40.15 -38.94
C ASN V 271 2.47 39.56 -37.75
N SER V 272 3.30 40.38 -37.12
CA SER V 272 3.84 40.03 -35.81
C SER V 272 2.75 40.09 -34.74
N LEU V 273 1.77 40.98 -34.91
CA LEU V 273 0.62 41.09 -34.01
C LEU V 273 -0.60 41.35 -34.86
N PRO V 274 -1.14 40.31 -35.51
CA PRO V 274 -2.13 40.53 -36.57
C PRO V 274 -3.41 41.21 -36.12
N GLU V 275 -3.81 41.05 -34.87
CA GLU V 275 -5.07 41.61 -34.38
C GLU V 275 -4.91 43.03 -33.83
N ALA V 276 -3.83 43.72 -34.16
CA ALA V 276 -3.66 45.09 -33.71
C ALA V 276 -4.73 46.00 -34.32
N PHE V 277 -5.11 47.04 -33.56
CA PHE V 277 -6.15 47.97 -33.97
C PHE V 277 -5.58 49.16 -34.74
N ALA V 278 -4.54 49.80 -34.20
CA ALA V 278 -3.98 50.98 -34.85
C ALA V 278 -2.47 50.99 -34.72
N LEU V 279 -1.85 51.95 -35.38
CA LEU V 279 -0.40 52.16 -35.32
C LEU V 279 -0.11 53.60 -34.96
N VAL V 280 0.86 53.83 -34.09
CA VAL V 280 1.28 55.15 -33.68
C VAL V 280 2.77 55.30 -34.00
N GLU V 281 3.12 56.44 -34.60
CA GLU V 281 4.50 56.73 -34.98
C GLU V 281 4.94 58.06 -34.37
N VAL V 282 6.16 58.09 -33.84
CA VAL V 282 6.76 59.28 -33.25
C VAL V 282 8.15 59.45 -33.84
N ILE V 283 8.45 60.64 -34.34
CA ILE V 283 9.66 60.86 -35.11
C ILE V 283 10.54 61.89 -34.41
N LEU V 284 11.85 61.69 -34.51
CA LEU V 284 12.85 62.66 -34.07
C LEU V 284 13.59 63.14 -35.31
N ASN V 285 13.22 64.31 -35.81
CA ASN V 285 13.80 64.91 -36.99
C ASN V 285 13.64 66.41 -36.94
N PRO V 286 14.74 67.17 -36.81
CA PRO V 286 14.62 68.63 -36.67
C PRO V 286 14.05 69.34 -37.89
N GLU V 287 13.75 68.63 -38.97
CA GLU V 287 13.30 69.25 -40.20
C GLU V 287 11.84 69.01 -40.54
N LEU V 288 11.23 67.95 -40.00
CA LEU V 288 9.89 67.56 -40.42
C LEU V 288 8.83 67.81 -39.37
N VAL V 289 9.17 67.83 -38.09
CA VAL V 289 8.21 68.07 -37.02
C VAL V 289 8.33 69.53 -36.59
N PRO V 290 7.24 70.28 -36.53
CA PRO V 290 7.33 71.69 -36.13
C PRO V 290 7.81 71.87 -34.70
N SER V 291 8.01 73.12 -34.29
CA SER V 291 8.57 73.39 -32.97
C SER V 291 7.56 73.20 -31.85
N ALA V 292 6.26 73.25 -32.16
CA ALA V 292 5.26 73.02 -31.13
C ALA V 292 5.16 71.54 -30.75
N PHE V 293 5.73 70.64 -31.56
CA PHE V 293 5.62 69.21 -31.32
C PHE V 293 6.93 68.53 -31.00
N SER V 294 8.07 69.18 -31.25
CA SER V 294 9.35 68.51 -31.06
C SER V 294 9.66 68.35 -29.58
N LEU V 295 10.63 67.48 -29.29
CA LEU V 295 10.97 67.11 -27.93
C LEU V 295 12.43 67.35 -27.58
N LEU V 296 13.22 67.91 -28.49
CA LEU V 296 14.65 68.11 -28.26
C LEU V 296 15.06 69.47 -28.80
N GLN V 297 15.77 70.24 -27.98
CA GLN V 297 16.42 71.47 -28.42
C GLN V 297 17.90 71.21 -28.65
N ALA V 298 18.49 71.95 -29.57
CA ALA V 298 19.91 71.83 -29.88
C ALA V 298 20.58 73.16 -29.61
N SER V 299 21.59 73.15 -28.75
CA SER V 299 22.31 74.37 -28.40
C SER V 299 23.66 74.01 -27.80
N ALA V 300 24.68 74.80 -28.13
CA ALA V 300 26.02 74.66 -27.55
C ALA V 300 26.56 73.25 -27.74
N GLY V 301 26.34 72.68 -28.91
CA GLY V 301 26.83 71.35 -29.18
C GLY V 301 26.15 70.24 -28.41
N GLN V 302 24.99 70.51 -27.81
CA GLN V 302 24.29 69.53 -27.00
C GLN V 302 22.82 69.55 -27.35
N THR V 303 22.08 68.61 -26.78
CA THR V 303 20.63 68.54 -26.89
C THR V 303 20.02 68.59 -25.50
N PHE V 304 18.89 69.26 -25.39
CA PHE V 304 18.17 69.40 -24.13
C PHE V 304 16.74 68.91 -24.30
N ILE V 305 16.21 68.32 -23.24
CA ILE V 305 14.89 67.70 -23.31
C ILE V 305 13.80 68.74 -23.10
N GLN V 306 12.69 68.56 -23.80
CA GLN V 306 11.49 69.37 -23.61
C GLN V 306 10.31 68.42 -23.45
N PRO V 307 9.72 68.30 -22.27
CA PRO V 307 8.62 67.35 -22.08
C PRO V 307 7.34 67.85 -22.75
N LYS V 308 6.59 66.90 -23.32
CA LYS V 308 5.37 67.22 -24.04
C LYS V 308 4.27 66.24 -23.66
N THR V 309 3.07 66.51 -24.16
CA THR V 309 1.90 65.66 -23.92
C THR V 309 1.06 65.63 -25.18
N TYR V 310 0.99 64.46 -25.80
CA TYR V 310 0.20 64.25 -27.01
C TYR V 310 -1.13 63.59 -26.65
N VAL V 311 -2.16 63.88 -27.44
CA VAL V 311 -3.53 63.48 -27.13
C VAL V 311 -4.15 62.81 -28.34
N ILE V 312 -4.84 61.69 -28.11
CA ILE V 312 -5.76 61.11 -29.08
C ILE V 312 -7.12 60.99 -28.40
N ARG V 313 -8.19 61.11 -29.17
CA ARG V 313 -9.53 61.18 -28.59
C ARG V 313 -10.55 60.47 -29.48
N PHE V 314 -11.46 59.72 -28.86
CA PHE V 314 -12.54 59.03 -29.54
C PHE V 314 -13.88 59.58 -29.07
N LYS V 315 -14.82 59.72 -30.01
CA LYS V 315 -16.15 60.22 -29.69
C LYS V 315 -17.13 59.04 -29.60
N ASN V 316 -18.14 59.15 -28.74
CA ASN V 316 -19.10 58.07 -28.56
C ASN V 316 -20.14 58.07 -29.68
N ARG V 317 -20.81 56.94 -29.84
CA ARG V 317 -21.85 56.81 -30.83
C ARG V 317 -23.18 57.35 -30.30
N ALA V 318 -24.07 57.70 -31.21
CA ALA V 318 -25.39 58.21 -30.87
C ALA V 318 -26.45 57.44 -31.62
N THR V 319 -27.43 56.91 -30.90
CA THR V 319 -28.48 56.09 -31.47
C THR V 319 -29.83 56.62 -31.01
N ARG V 320 -30.89 56.16 -31.69
CA ARG V 320 -32.25 56.44 -31.27
C ARG V 320 -32.78 55.26 -30.46
N TRP V 321 -33.38 55.56 -29.31
CA TRP V 321 -33.80 54.53 -28.38
C TRP V 321 -35.24 54.13 -28.66
N ARG V 322 -35.48 52.82 -28.79
CA ARG V 322 -36.79 52.29 -29.11
C ARG V 322 -37.24 51.34 -28.00
N TYR V 323 -38.32 51.69 -27.31
CA TYR V 323 -38.89 50.86 -26.27
C TYR V 323 -39.95 49.96 -26.87
N ARG V 324 -39.77 48.65 -26.66
CA ARG V 324 -40.61 47.58 -27.19
C ARG V 324 -41.25 46.84 -26.03
N TYR V 325 -42.45 46.30 -26.27
CA TYR V 325 -43.22 45.68 -25.21
C TYR V 325 -43.64 44.27 -25.60
N GLU V 326 -44.08 43.52 -24.58
CA GLU V 326 -44.67 42.20 -24.74
C GLU V 326 -46.18 42.28 -24.81
N GLN V 327 -46.78 42.96 -23.85
CA GLN V 327 -48.20 43.25 -23.73
C GLN V 327 -48.44 44.75 -23.96
N PRO V 328 -49.63 45.13 -24.44
CA PRO V 328 -49.85 46.52 -24.82
C PRO V 328 -49.73 47.48 -23.65
N HIS V 329 -49.16 48.63 -23.94
CA HIS V 329 -48.99 49.71 -22.98
C HIS V 329 -50.10 50.69 -23.30
N GLY V 330 -50.64 51.31 -22.26
CA GLY V 330 -51.75 52.23 -22.40
C GLY V 330 -51.44 53.69 -22.61
N CYS V 331 -50.24 54.02 -23.09
CA CYS V 331 -49.95 55.44 -23.28
C CYS V 331 -50.22 55.92 -24.71
N SER V 332 -50.65 57.16 -24.82
CA SER V 332 -51.05 57.72 -26.11
C SER V 332 -50.26 58.96 -26.50
N ALA V 333 -50.48 59.44 -27.71
CA ALA V 333 -49.80 60.61 -28.22
C ALA V 333 -50.12 61.84 -27.38
N ALA V 334 -51.22 61.75 -26.61
CA ALA V 334 -51.61 62.88 -25.76
C ALA V 334 -51.13 62.85 -24.29
N ASN V 335 -50.40 61.81 -23.90
CA ASN V 335 -49.95 61.70 -22.51
C ASN V 335 -48.52 61.20 -22.37
N LEU V 336 -47.76 61.25 -23.45
CA LEU V 336 -46.37 60.79 -23.45
C LEU V 336 -45.42 61.96 -23.56
N PRO V 337 -44.18 61.79 -23.07
CA PRO V 337 -43.17 62.83 -23.11
C PRO V 337 -43.00 63.40 -24.52
N SER V 338 -43.10 64.72 -24.65
CA SER V 338 -42.96 65.39 -25.94
C SER V 338 -41.80 64.93 -26.83
N TYR V 339 -40.73 64.46 -26.22
CA TYR V 339 -39.57 63.99 -26.98
C TYR V 339 -39.73 62.57 -27.51
N PHE V 340 -40.91 61.98 -27.39
CA PHE V 340 -41.15 60.63 -27.87
C PHE V 340 -41.96 60.63 -29.17
N ASN V 341 -42.04 59.45 -29.78
CA ASN V 341 -42.86 59.23 -30.96
C ASN V 341 -43.49 57.86 -30.84
N LEU V 342 -44.79 57.86 -30.80
CA LEU V 342 -45.52 56.64 -30.71
C LEU V 342 -45.42 55.93 -32.03
N ILE V 343 -44.89 54.71 -32.04
CA ILE V 343 -44.90 53.96 -33.29
C ILE V 343 -46.17 53.13 -33.39
N ASP V 344 -46.39 52.23 -32.44
CA ASP V 344 -47.65 51.49 -32.35
C ASP V 344 -47.94 51.23 -30.88
N THR V 345 -48.98 50.42 -30.64
CA THR V 345 -49.44 50.19 -29.27
C THR V 345 -48.43 49.43 -28.42
N HIS V 346 -47.41 48.83 -29.02
CA HIS V 346 -46.37 48.15 -28.26
C HIS V 346 -45.01 48.84 -28.35
N THR V 347 -44.90 49.98 -29.00
CA THR V 347 -43.58 50.52 -29.32
C THR V 347 -43.59 52.05 -29.36
N TYR V 348 -42.56 52.65 -28.77
CA TYR V 348 -42.34 54.06 -29.05
C TYR V 348 -40.85 54.37 -28.98
N ALA V 349 -40.42 55.36 -29.77
CA ALA V 349 -39.00 55.64 -29.91
C ALA V 349 -38.73 57.13 -29.77
N THR V 350 -37.49 57.46 -29.42
CA THR V 350 -37.08 58.84 -29.34
C THR V 350 -37.08 59.47 -30.74
N ALA V 351 -37.13 60.80 -30.76
CA ALA V 351 -37.18 61.54 -32.03
C ALA V 351 -35.80 61.97 -32.52
N ARG V 352 -34.83 62.08 -31.63
CA ARG V 352 -33.47 62.43 -31.98
C ARG V 352 -32.52 61.42 -31.35
N PRO V 353 -31.34 61.23 -31.92
CA PRO V 353 -30.38 60.29 -31.33
C PRO V 353 -29.84 60.78 -30.00
N ILE V 354 -29.58 59.83 -29.10
CA ILE V 354 -28.97 60.11 -27.82
C ILE V 354 -27.63 59.39 -27.76
N GLY V 355 -26.70 59.95 -26.98
CA GLY V 355 -25.33 59.46 -26.95
C GLY V 355 -25.13 58.41 -25.88
N LEU V 356 -24.41 57.35 -26.24
CA LEU V 356 -24.18 56.22 -25.35
C LEU V 356 -23.12 56.59 -24.31
N ARG V 357 -23.48 56.47 -23.04
CA ARG V 357 -22.58 56.73 -21.93
C ARG V 357 -22.69 55.60 -20.92
N GLN V 358 -21.71 55.53 -20.02
CA GLN V 358 -21.71 54.51 -18.98
C GLN V 358 -22.52 54.93 -17.76
N ARG V 359 -22.56 56.21 -17.48
CA ARG V 359 -23.30 56.66 -16.35
C ARG V 359 -24.03 57.82 -16.88
N PRO V 360 -25.05 57.55 -17.71
CA PRO V 360 -25.90 58.58 -18.30
C PRO V 360 -26.50 59.34 -17.13
N ASP V 361 -26.25 60.64 -17.09
CA ASP V 361 -26.73 61.50 -16.00
C ASP V 361 -28.21 61.32 -15.68
N SER V 362 -29.08 61.74 -16.60
CA SER V 362 -30.52 61.63 -16.39
C SER V 362 -31.24 60.76 -17.41
N LEU V 363 -32.15 59.93 -16.90
CA LEU V 363 -32.95 59.05 -17.70
C LEU V 363 -34.30 59.72 -18.01
N LEU V 364 -34.98 59.17 -19.00
CA LEU V 364 -36.26 59.61 -19.51
C LEU V 364 -37.44 59.18 -18.63
N ASN V 365 -38.51 59.97 -18.57
CA ASN V 365 -39.67 59.60 -17.76
C ASN V 365 -40.85 59.15 -18.62
N ASP V 366 -41.66 58.25 -18.07
CA ASP V 366 -42.81 57.74 -18.78
C ASP V 366 -44.03 58.62 -18.59
N CYS V 367 -45.03 58.44 -19.42
CA CYS V 367 -46.27 59.21 -19.32
C CYS V 367 -46.97 59.10 -17.97
N GLN V 368 -46.62 58.04 -17.24
CA GLN V 368 -47.12 57.81 -15.89
C GLN V 368 -46.06 58.19 -14.85
N ASP V 369 -45.05 58.93 -15.32
CA ASP V 369 -43.93 59.42 -14.53
C ASP V 369 -43.13 58.32 -13.83
N ARG V 370 -42.36 57.57 -14.62
CA ARG V 370 -41.53 56.49 -14.12
C ARG V 370 -40.23 56.42 -14.92
N PRO V 371 -39.09 56.26 -14.22
CA PRO V 371 -37.78 56.17 -14.88
C PRO V 371 -37.69 54.89 -15.73
N LEU V 372 -37.12 55.00 -16.92
CA LEU V 372 -37.00 53.84 -17.78
C LEU V 372 -35.54 53.43 -17.90
N PRO V 373 -35.25 52.13 -17.94
CA PRO V 373 -33.86 51.68 -18.08
C PRO V 373 -33.24 52.16 -19.38
N ALA V 374 -31.93 52.38 -19.33
CA ALA V 374 -31.16 52.78 -20.49
C ALA V 374 -30.85 51.56 -21.35
N PRO V 375 -30.45 51.76 -22.60
CA PRO V 375 -30.11 50.61 -23.46
C PRO V 375 -28.86 49.92 -22.98
N SER V 376 -28.61 48.75 -23.57
CA SER V 376 -27.37 48.01 -23.37
C SER V 376 -26.49 48.17 -24.61
N ILE V 377 -25.23 47.76 -24.46
CA ILE V 377 -24.23 47.99 -25.49
C ILE V 377 -23.91 46.71 -26.26
N THR V 378 -24.80 45.72 -26.21
CA THR V 378 -24.52 44.45 -26.86
C THR V 378 -25.01 44.38 -28.29
N LEU V 379 -26.01 45.17 -28.67
CA LEU V 379 -26.58 45.10 -30.00
C LEU V 379 -26.98 46.49 -30.49
N ILE V 380 -26.76 46.74 -31.79
CA ILE V 380 -27.24 47.93 -32.46
C ILE V 380 -27.82 47.50 -33.79
N GLN V 381 -28.82 48.24 -34.26
CA GLN V 381 -29.60 47.84 -35.44
C GLN V 381 -29.57 48.94 -36.49
N PRO V 382 -28.56 48.95 -37.35
CA PRO V 382 -28.56 49.88 -38.48
C PRO V 382 -29.49 49.42 -39.59
N GLU V 383 -30.14 50.39 -40.22
CA GLU V 383 -31.10 50.11 -41.28
C GLU V 383 -30.63 50.74 -42.59
N THR V 384 -30.54 49.92 -43.63
CA THR V 384 -30.02 50.35 -44.91
C THR V 384 -31.11 51.02 -45.74
N ASP V 385 -30.68 51.85 -46.69
CA ASP V 385 -31.60 52.58 -47.55
C ASP V 385 -31.89 51.82 -48.84
N GLY V 386 -32.75 52.42 -49.68
CA GLY V 386 -32.96 51.88 -51.02
C GLY V 386 -31.67 51.75 -51.79
N SER V 387 -30.82 52.77 -51.76
CA SER V 387 -29.51 52.74 -52.38
C SER V 387 -28.46 52.06 -51.52
N GLN V 388 -28.90 51.25 -50.56
CA GLN V 388 -28.01 50.55 -49.62
C GLN V 388 -27.08 51.54 -48.91
N ARG V 389 -27.69 52.60 -48.37
CA ARG V 389 -27.03 53.56 -47.50
C ARG V 389 -27.61 53.44 -46.10
N ILE V 390 -26.79 53.76 -45.11
CA ILE V 390 -27.28 53.75 -43.73
C ILE V 390 -28.17 54.95 -43.50
N ALA V 391 -29.38 54.73 -42.99
CA ALA V 391 -30.33 55.81 -42.78
C ALA V 391 -30.58 56.11 -41.31
N ARG V 392 -30.66 55.08 -40.46
CA ARG V 392 -30.97 55.24 -39.05
C ARG V 392 -30.23 54.19 -38.26
N ILE V 393 -30.07 54.45 -36.96
CA ILE V 393 -29.50 53.47 -36.04
C ILE V 393 -30.27 53.50 -34.73
N PHE V 394 -30.76 52.35 -34.31
CA PHE V 394 -31.59 52.21 -33.12
C PHE V 394 -30.86 51.41 -32.05
N SER V 395 -31.41 51.50 -30.84
CA SER V 395 -31.11 50.58 -29.74
C SER V 395 -32.43 50.15 -29.14
N ASP V 396 -32.64 48.83 -29.05
CA ASP V 396 -33.91 48.27 -28.60
C ASP V 396 -33.85 47.96 -27.12
N ILE V 397 -34.89 48.38 -26.39
CA ILE V 397 -35.04 48.03 -24.98
C ILE V 397 -36.34 47.25 -24.85
N TYR V 398 -36.22 46.00 -24.41
CA TYR V 398 -37.38 45.13 -24.22
C TYR V 398 -37.82 45.22 -22.77
N LEU V 399 -39.05 45.69 -22.56
CA LEU V 399 -39.59 45.87 -21.23
C LEU V 399 -40.53 44.74 -20.86
N SER W 3 26.38 35.82 -63.01
CA SER W 3 26.01 34.41 -63.08
C SER W 3 24.53 34.23 -62.73
N THR W 4 23.78 33.65 -63.65
CA THR W 4 22.39 33.33 -63.42
C THR W 4 22.19 31.82 -63.49
N TYR W 5 21.18 31.35 -62.77
CA TYR W 5 20.88 29.93 -62.70
C TYR W 5 19.40 29.75 -63.03
N LYS W 6 19.12 29.19 -64.21
CA LYS W 6 17.76 29.03 -64.70
C LYS W 6 17.31 27.60 -64.87
N THR W 7 18.25 26.65 -64.96
CA THR W 7 17.91 25.24 -65.08
C THR W 7 18.17 24.56 -63.76
N PRO W 8 17.19 23.87 -63.18
CA PRO W 8 17.42 23.15 -61.93
C PRO W 8 18.50 22.09 -62.08
N GLY W 9 19.37 21.99 -61.09
CA GLY W 9 20.40 20.97 -61.12
C GLY W 9 21.64 21.41 -60.36
N VAL W 10 22.75 20.76 -60.69
CA VAL W 10 24.03 20.96 -60.03
C VAL W 10 24.94 21.77 -60.94
N TYR W 11 25.55 22.81 -60.38
CA TYR W 11 26.50 23.66 -61.09
C TYR W 11 27.88 23.52 -60.47
N ILE W 12 28.92 23.49 -61.32
CA ILE W 12 30.29 23.26 -60.89
C ILE W 12 31.14 24.47 -61.25
N GLU W 13 31.86 25.01 -60.27
CA GLU W 13 32.69 26.19 -60.45
C GLU W 13 34.04 25.99 -59.76
N GLU W 14 35.09 26.58 -60.32
CA GLU W 14 36.44 26.43 -59.81
C GLU W 14 37.02 27.79 -59.43
N ILE W 15 37.45 27.93 -58.17
CA ILE W 15 37.96 29.17 -57.63
C ILE W 15 39.21 28.90 -56.79
N SER W 16 39.91 29.98 -56.45
CA SER W 16 41.00 29.96 -55.49
C SER W 16 40.60 30.80 -54.27
N LYS W 17 40.61 30.18 -53.10
CA LYS W 17 39.98 30.78 -51.93
C LYS W 17 40.63 30.25 -50.66
N PHE W 18 40.50 31.01 -49.57
CA PHE W 18 40.86 30.54 -48.23
C PHE W 18 39.63 29.94 -47.54
N PRO W 19 39.82 28.92 -46.70
CA PRO W 19 38.69 28.30 -46.01
C PRO W 19 37.99 29.27 -45.08
N PRO W 20 36.66 29.17 -44.95
CA PRO W 20 35.93 30.08 -44.08
C PRO W 20 35.84 29.59 -42.64
N SER W 21 35.48 30.50 -41.74
CA SER W 21 35.44 30.22 -40.31
C SER W 21 34.44 31.14 -39.64
N ILE W 22 33.57 30.58 -38.80
CA ILE W 22 32.57 31.35 -38.05
C ILE W 22 32.50 30.86 -36.62
N ALA W 23 31.88 31.67 -35.75
CA ALA W 23 31.69 31.35 -34.35
C ALA W 23 30.63 32.25 -33.76
N GLN W 24 30.08 31.86 -32.62
CA GLN W 24 29.03 32.62 -31.95
C GLN W 24 29.46 32.98 -30.54
N VAL W 25 29.49 34.29 -30.26
CA VAL W 25 29.85 34.83 -28.96
C VAL W 25 28.82 35.90 -28.61
N GLU W 26 28.84 36.32 -27.35
CA GLU W 26 27.95 37.41 -26.93
C GLU W 26 28.62 38.49 -26.08
N THR W 27 29.64 38.17 -25.29
CA THR W 27 30.22 39.17 -24.41
C THR W 27 31.49 39.80 -24.97
N ALA W 28 31.86 39.48 -26.20
CA ALA W 28 32.99 40.13 -26.86
C ALA W 28 32.52 40.60 -28.24
N ILE W 29 31.92 41.78 -28.26
CA ILE W 29 31.41 42.37 -29.50
C ILE W 29 32.21 43.63 -29.81
N PRO W 30 33.13 43.58 -30.75
CA PRO W 30 33.95 44.76 -31.04
C PRO W 30 33.40 45.60 -32.20
N ALA W 31 33.82 46.85 -32.20
CA ALA W 31 33.56 47.78 -33.29
C ALA W 31 34.88 48.15 -33.96
N PHE W 32 34.91 48.06 -35.28
CA PHE W 32 36.09 48.38 -36.07
C PHE W 32 35.84 49.67 -36.83
N ILE W 33 36.64 50.68 -36.55
CA ILE W 33 36.52 52.00 -37.13
C ILE W 33 37.62 52.18 -38.16
N GLY W 34 37.26 52.37 -39.42
CA GLY W 34 38.30 52.58 -40.41
C GLY W 34 37.75 52.79 -41.81
N TYR W 35 38.68 53.01 -42.73
CA TYR W 35 38.34 53.26 -44.12
C TYR W 35 37.91 51.97 -44.81
N THR W 36 36.97 52.11 -45.73
CA THR W 36 36.46 50.98 -46.50
C THR W 36 36.81 51.17 -47.98
N GLN W 37 36.20 50.35 -48.82
CA GLN W 37 36.44 50.42 -50.26
C GLN W 37 35.19 50.71 -51.08
N ILE W 38 34.02 50.27 -50.63
CA ILE W 38 32.78 50.55 -51.35
C ILE W 38 31.75 51.20 -50.44
N ALA W 39 31.44 50.54 -49.32
CA ALA W 39 30.47 51.03 -48.33
C ALA W 39 29.11 51.35 -48.97
N LYS W 40 28.49 50.30 -49.51
CA LYS W 40 27.14 50.39 -50.09
C LYS W 40 26.22 49.41 -49.39
N VAL W 41 25.26 49.92 -48.63
CA VAL W 41 24.38 49.11 -47.79
C VAL W 41 22.96 49.29 -48.26
N GLY W 42 22.30 48.21 -48.64
CA GLY W 42 20.93 48.27 -49.10
C GLY W 42 20.78 48.96 -50.44
N VAL W 43 20.07 50.08 -50.46
CA VAL W 43 19.94 50.92 -51.64
C VAL W 43 20.65 52.26 -51.45
N GLU W 44 21.39 52.41 -50.36
CA GLU W 44 22.05 53.67 -50.02
C GLU W 44 23.54 53.55 -50.25
N ASN W 45 24.12 54.52 -50.95
CA ASN W 45 25.55 54.62 -51.09
C ASN W 45 26.05 55.62 -50.07
N PHE W 46 26.75 55.13 -49.05
CA PHE W 46 27.23 56.01 -47.98
C PHE W 46 28.29 56.98 -48.47
N HIS W 47 28.96 56.66 -49.58
CA HIS W 47 30.03 57.47 -50.14
C HIS W 47 29.60 58.20 -51.41
N THR W 48 28.29 58.43 -51.57
CA THR W 48 27.80 59.01 -52.83
C THR W 48 28.36 60.39 -53.07
N ASP W 49 28.38 61.23 -52.03
CA ASP W 49 28.96 62.56 -52.13
C ASP W 49 30.28 62.61 -51.38
N ALA W 50 31.16 63.52 -51.80
CA ALA W 50 32.49 63.56 -51.21
C ALA W 50 32.44 63.96 -49.74
N ASP W 51 31.58 64.92 -49.45
CA ASP W 51 31.30 65.38 -48.09
C ASP W 51 29.92 64.82 -47.70
N ASN W 52 29.45 65.18 -46.50
CA ASN W 52 28.17 64.71 -45.98
C ASN W 52 28.03 63.20 -46.10
N LEU W 53 29.10 62.50 -45.77
CA LEU W 53 29.08 61.04 -45.81
C LEU W 53 28.11 60.51 -44.76
N ILE W 54 27.57 59.33 -45.02
CA ILE W 54 26.72 58.65 -44.05
C ILE W 54 27.63 57.88 -43.12
N LEU W 55 27.62 58.27 -41.85
CA LEU W 55 28.45 57.68 -40.82
C LEU W 55 27.55 56.80 -39.97
N ARG W 56 27.60 55.49 -40.21
CA ARG W 56 26.66 54.61 -39.56
C ARG W 56 27.30 53.27 -39.22
N PRO W 57 27.06 52.76 -38.02
CA PRO W 57 27.59 51.43 -37.65
C PRO W 57 26.72 50.29 -38.14
N VAL W 58 27.31 49.37 -38.90
CA VAL W 58 26.60 48.22 -39.45
C VAL W 58 27.01 46.96 -38.71
N ARG W 59 26.04 46.07 -38.48
CA ARG W 59 26.26 44.81 -37.78
C ARG W 59 26.50 43.69 -38.79
N ILE W 60 27.64 43.00 -38.68
CA ILE W 60 27.95 41.88 -39.55
C ILE W 60 28.35 40.69 -38.69
N THR W 61 28.25 39.50 -39.30
CA THR W 61 28.56 38.26 -38.62
C THR W 61 29.62 37.41 -39.30
N SER W 62 30.02 37.74 -40.53
CA SER W 62 30.98 36.90 -41.23
C SER W 62 31.74 37.72 -42.26
N LEU W 63 32.85 37.15 -42.73
CA LEU W 63 33.59 37.77 -43.83
C LEU W 63 32.74 37.90 -45.08
N LEU W 64 31.85 36.94 -45.31
CA LEU W 64 31.03 36.92 -46.51
C LEU W 64 30.14 38.15 -46.61
N GLU W 65 29.69 38.66 -45.47
CA GLU W 65 28.83 39.83 -45.45
C GLU W 65 29.64 41.12 -45.60
N TYR W 66 30.79 41.19 -44.92
CA TYR W 66 31.71 42.30 -45.15
C TYR W 66 32.00 42.47 -46.62
N GLU W 67 32.29 41.35 -47.30
CA GLU W 67 32.52 41.43 -48.74
C GLU W 67 31.27 41.85 -49.49
N GLN W 68 30.08 41.66 -48.92
CA GLN W 68 28.88 42.12 -49.61
C GLN W 68 28.72 43.62 -49.53
N PHE W 69 28.99 44.22 -48.37
CA PHE W 69 28.78 45.65 -48.20
C PHE W 69 30.02 46.46 -48.56
N PHE W 70 31.17 46.13 -48.00
CA PHE W 70 32.35 46.96 -48.13
C PHE W 70 33.42 46.40 -49.05
N GLY W 71 33.21 45.22 -49.63
CA GLY W 71 34.16 44.66 -50.58
C GLY W 71 35.57 44.41 -50.06
N LYS W 72 36.53 44.27 -50.98
CA LYS W 72 37.91 43.91 -50.67
C LYS W 72 38.84 45.12 -50.79
N ALA W 73 40.08 44.92 -50.37
CA ALA W 73 41.05 46.01 -50.31
C ALA W 73 41.66 46.29 -51.67
N ILE W 74 42.24 47.48 -51.80
CA ILE W 74 42.93 47.94 -53.00
C ILE W 74 44.27 47.26 -53.15
N ASN W 75 44.84 47.32 -54.35
CA ASN W 75 46.08 46.62 -54.67
C ASN W 75 47.30 47.50 -54.44
N GLU W 76 48.44 46.84 -54.23
CA GLU W 76 49.70 47.49 -53.89
C GLU W 76 50.46 47.90 -55.15
N THR W 77 51.44 48.80 -54.98
CA THR W 77 52.20 49.29 -56.11
C THR W 77 53.68 49.36 -55.78
N THR W 78 54.20 48.35 -55.08
CA THR W 78 55.60 48.40 -54.64
C THR W 78 56.32 47.05 -54.75
N ILE W 79 55.70 46.02 -55.30
CA ILE W 79 56.29 44.70 -55.26
C ILE W 79 57.43 44.59 -56.29
N GLN W 80 58.58 44.14 -55.82
CA GLN W 80 59.76 43.91 -56.64
C GLN W 80 60.11 42.43 -56.58
N VAL W 81 60.58 41.89 -57.70
CA VAL W 81 60.94 40.48 -57.82
C VAL W 81 62.35 40.42 -58.35
N VAL W 82 63.16 39.53 -57.80
CA VAL W 82 64.55 39.34 -58.23
C VAL W 82 64.69 37.93 -58.77
N ILE W 83 65.32 37.81 -59.94
CA ILE W 83 65.63 36.53 -60.56
C ILE W 83 67.13 36.30 -60.46
N GLN W 84 67.53 35.18 -59.90
CA GLN W 84 68.92 34.87 -59.59
C GLN W 84 69.38 33.71 -60.46
N ASP W 85 70.29 33.99 -61.39
CA ASP W 85 70.84 32.99 -62.30
C ASP W 85 72.27 32.67 -61.92
N THR W 86 72.61 31.38 -61.93
CA THR W 86 73.99 30.94 -61.84
C THR W 86 74.32 30.08 -63.05
N THR W 87 75.42 30.42 -63.71
CA THR W 87 75.87 29.80 -64.95
C THR W 87 77.25 29.20 -64.74
N ASP W 88 77.68 28.39 -65.72
CA ASP W 88 78.96 27.72 -65.65
C ASP W 88 80.06 28.59 -66.26
N SER W 89 81.22 27.99 -66.53
CA SER W 89 82.38 28.68 -67.06
C SER W 89 82.20 29.17 -68.50
N ARG W 90 81.22 28.64 -69.24
CA ARG W 90 81.01 29.03 -70.62
C ARG W 90 79.80 29.91 -70.81
N GLY W 91 79.13 30.28 -69.73
CA GLY W 91 77.88 31.01 -69.82
C GLY W 91 76.65 30.16 -69.97
N ASN W 92 76.76 28.84 -69.78
CA ASN W 92 75.58 27.98 -69.82
C ASN W 92 74.83 28.06 -68.49
N LEU W 93 73.53 28.27 -68.57
CA LEU W 93 72.72 28.39 -67.37
C LEU W 93 72.67 27.06 -66.63
N THR W 94 73.01 27.08 -65.34
CA THR W 94 72.96 25.90 -64.51
C THR W 94 71.83 25.92 -63.50
N GLU W 95 71.43 27.09 -63.02
CA GLU W 95 70.34 27.13 -62.06
C GLU W 95 69.70 28.52 -62.04
N ARG W 96 68.40 28.56 -61.75
CA ARG W 96 67.65 29.81 -61.72
C ARG W 96 66.65 29.78 -60.57
N LYS W 97 66.55 30.89 -59.85
CA LYS W 97 65.63 31.03 -58.74
C LYS W 97 64.98 32.42 -58.77
N ALA W 98 63.90 32.59 -58.02
CA ALA W 98 63.20 33.86 -57.97
C ALA W 98 62.69 34.13 -56.56
N SER W 99 62.64 35.42 -56.19
CA SER W 99 62.13 35.82 -54.88
C SER W 99 61.46 37.18 -55.00
N ALA W 100 60.63 37.50 -54.01
CA ALA W 100 59.84 38.73 -54.01
C ALA W 100 60.06 39.53 -52.73
N ARG W 101 59.86 40.85 -52.82
CA ARG W 101 59.88 41.74 -51.67
C ARG W 101 58.92 42.90 -51.92
N ILE W 102 58.48 43.52 -50.83
CA ILE W 102 57.67 44.72 -50.89
C ILE W 102 58.37 45.82 -50.10
N THR W 103 58.55 46.98 -50.72
CA THR W 103 59.32 48.06 -50.08
C THR W 103 58.44 48.92 -49.18
N SER W 104 57.26 49.29 -49.64
CA SER W 104 56.39 50.11 -48.80
C SER W 104 54.92 49.76 -49.01
N PRO W 105 54.27 49.10 -48.05
CA PRO W 105 52.87 48.71 -48.22
C PRO W 105 51.89 49.79 -47.81
N SER W 106 50.67 49.67 -48.36
CA SER W 106 49.64 50.65 -48.11
C SER W 106 49.17 50.61 -46.66
N PRO W 107 48.77 51.74 -46.09
CA PRO W 107 48.26 51.73 -44.71
C PRO W 107 46.83 51.21 -44.57
N HIS W 108 46.09 51.04 -45.66
CA HIS W 108 44.71 50.56 -45.62
C HIS W 108 44.70 49.05 -45.57
N ASN W 109 44.53 48.48 -44.37
CA ASN W 109 44.59 47.02 -44.17
C ASN W 109 43.35 46.53 -43.44
N LEU W 110 42.17 47.05 -43.78
CA LEU W 110 40.99 46.68 -43.02
C LEU W 110 40.43 45.34 -43.48
N TYR W 111 40.55 45.03 -44.76
CA TYR W 111 40.06 43.76 -45.29
C TYR W 111 40.91 42.58 -44.83
N TYR W 112 42.22 42.78 -44.65
CA TYR W 112 43.06 41.69 -44.18
C TYR W 112 42.87 41.46 -42.68
N SER W 113 42.62 42.52 -41.94
CA SER W 113 42.38 42.38 -40.51
C SER W 113 41.13 41.57 -40.24
N MET W 114 40.12 41.70 -41.09
CA MET W 114 38.91 40.89 -40.91
C MET W 114 39.18 39.42 -41.17
N GLN W 115 40.03 39.10 -42.14
CA GLN W 115 40.46 37.72 -42.33
C GLN W 115 41.15 37.19 -41.10
N ALA W 116 42.10 37.96 -40.57
CA ALA W 116 42.82 37.51 -39.37
C ALA W 116 41.88 37.35 -38.19
N TYR W 117 40.91 38.26 -38.07
CA TYR W 117 39.94 38.18 -36.98
C TYR W 117 39.12 36.92 -37.06
N PHE W 118 38.54 36.65 -38.24
CA PHE W 118 37.67 35.48 -38.33
C PHE W 118 38.47 34.19 -38.27
N ALA W 119 39.77 34.22 -38.58
CA ALA W 119 40.58 33.01 -38.44
C ALA W 119 40.86 32.66 -36.98
N ASN W 120 40.72 33.60 -36.06
CA ASN W 120 41.05 33.37 -34.65
C ASN W 120 39.81 33.22 -33.78
N GLY W 121 38.63 33.14 -34.36
CA GLY W 121 37.40 33.19 -33.61
C GLY W 121 36.73 34.55 -33.73
N GLY W 122 35.58 34.67 -33.11
CA GLY W 122 34.87 35.93 -33.19
C GLY W 122 33.39 35.73 -33.35
N GLY W 123 32.71 36.73 -33.89
CA GLY W 123 31.29 36.64 -34.10
C GLY W 123 30.71 37.93 -34.63
N PRO W 124 29.55 38.30 -34.12
CA PRO W 124 28.96 39.60 -34.48
C PRO W 124 29.91 40.73 -34.13
N CYS W 125 30.12 41.63 -35.08
CA CYS W 125 30.90 42.83 -34.85
C CYS W 125 30.23 43.99 -35.57
N TYR W 126 30.68 45.20 -35.26
CA TYR W 126 30.19 46.41 -35.93
C TYR W 126 31.29 47.03 -36.76
N ILE W 127 30.91 47.53 -37.93
CA ILE W 127 31.83 48.20 -38.84
C ILE W 127 31.41 49.65 -38.94
N VAL W 128 32.38 50.54 -38.85
CA VAL W 128 32.16 51.97 -39.05
C VAL W 128 33.09 52.43 -40.15
N SER W 129 32.54 52.70 -41.32
CA SER W 129 33.31 53.08 -42.48
C SER W 129 33.55 54.58 -42.43
N VAL W 130 34.78 54.94 -42.10
CA VAL W 130 35.23 56.32 -42.06
C VAL W 130 35.86 56.69 -43.40
N GLY W 131 35.04 57.08 -44.37
CA GLY W 131 35.55 57.49 -45.67
C GLY W 131 36.09 56.35 -46.51
N PRO W 132 36.33 56.62 -47.80
CA PRO W 132 36.85 55.56 -48.68
C PRO W 132 38.37 55.48 -48.67
N MET W 133 38.88 54.26 -48.82
CA MET W 133 40.32 54.07 -48.82
C MET W 133 40.95 54.70 -50.06
N SER W 134 42.15 55.25 -49.88
CA SER W 134 42.83 56.04 -50.90
C SER W 134 44.21 55.46 -51.17
N ASN W 135 44.64 55.54 -52.43
CA ASN W 135 45.96 55.05 -52.79
C ASN W 135 47.07 55.90 -52.17
N THR W 136 46.86 57.22 -52.14
CA THR W 136 47.89 58.10 -51.58
C THR W 136 48.22 57.75 -50.13
N GLY W 137 47.25 57.23 -49.39
CA GLY W 137 47.53 56.77 -48.04
C GLY W 137 47.40 57.80 -46.96
N THR W 138 46.45 58.72 -47.07
CA THR W 138 46.23 59.74 -46.06
C THR W 138 45.18 59.25 -45.07
N ILE W 139 45.52 59.27 -43.78
CA ILE W 139 44.61 58.89 -42.71
C ILE W 139 44.51 60.06 -41.76
N GLN W 140 43.30 60.55 -41.54
CA GLN W 140 43.06 61.79 -40.82
C GLN W 140 42.46 61.52 -39.44
N LEU W 141 42.91 62.30 -38.45
CA LEU W 141 42.45 62.15 -37.08
C LEU W 141 40.98 62.51 -36.93
N GLU W 142 40.54 63.58 -37.59
CA GLU W 142 39.20 64.10 -37.37
C GLU W 142 38.14 63.10 -37.79
N ALA W 143 38.40 62.39 -38.88
CA ALA W 143 37.46 61.39 -39.36
C ALA W 143 37.35 60.23 -38.38
N LEU W 144 38.47 59.80 -37.80
CA LEU W 144 38.43 58.74 -36.81
C LEU W 144 37.70 59.20 -35.55
N GLN W 145 37.86 60.47 -35.20
CA GLN W 145 37.13 61.01 -34.05
C GLN W 145 35.63 61.04 -34.32
N ASN W 146 35.23 61.35 -35.54
CA ASN W 146 33.80 61.29 -35.86
C ASN W 146 33.28 59.86 -35.79
N GLY W 147 34.08 58.90 -36.25
CA GLY W 147 33.68 57.51 -36.13
C GLY W 147 33.48 57.08 -34.70
N LEU W 148 34.44 57.42 -33.82
CA LEU W 148 34.38 57.07 -32.38
C LEU W 148 33.20 57.79 -31.73
N ALA W 149 32.90 59.01 -32.18
CA ALA W 149 31.75 59.71 -31.63
C ALA W 149 30.46 59.00 -32.02
N GLU W 150 30.42 58.43 -33.21
CA GLU W 150 29.21 57.73 -33.64
C GLU W 150 29.04 56.37 -32.98
N VAL W 151 30.13 55.67 -32.65
CA VAL W 151 29.94 54.35 -32.03
C VAL W 151 29.38 54.42 -30.62
N ALA W 152 29.29 55.62 -30.02
CA ALA W 152 28.77 55.71 -28.67
C ALA W 152 27.30 55.30 -28.57
N LYS W 153 26.60 55.22 -29.70
CA LYS W 153 25.17 54.98 -29.73
C LYS W 153 24.80 53.50 -29.82
N GLU W 154 25.78 52.59 -29.85
CA GLU W 154 25.53 51.17 -29.87
C GLU W 154 25.74 50.56 -28.49
N ASP W 155 24.82 49.71 -28.07
CA ASP W 155 24.96 49.09 -26.75
C ASP W 155 25.65 47.74 -26.78
N GLU W 156 25.58 47.01 -27.89
CA GLU W 156 26.21 45.69 -27.90
C GLU W 156 27.72 45.77 -27.92
N VAL W 157 28.30 46.95 -28.16
CA VAL W 157 29.74 47.08 -28.28
C VAL W 157 30.38 47.01 -26.89
N THR W 158 31.39 46.15 -26.75
CA THR W 158 32.19 46.09 -25.53
C THR W 158 33.66 46.38 -25.74
N LEU W 159 34.16 46.36 -26.98
CA LEU W 159 35.58 46.53 -27.27
C LEU W 159 35.76 47.50 -28.42
N LEU W 160 36.81 48.32 -28.34
CA LEU W 160 37.10 49.34 -29.35
C LEU W 160 38.45 49.06 -29.99
N VAL W 161 38.49 48.95 -31.31
CA VAL W 161 39.70 48.61 -32.06
C VAL W 161 39.91 49.65 -33.15
N PHE W 162 41.15 50.12 -33.30
CA PHE W 162 41.56 51.07 -34.33
C PHE W 162 42.67 50.46 -35.16
N PRO W 163 42.33 49.66 -36.18
CA PRO W 163 43.37 48.98 -36.95
C PRO W 163 44.34 49.93 -37.64
N GLU W 164 43.84 51.01 -38.23
CA GLU W 164 44.66 51.95 -38.99
C GLU W 164 44.98 53.17 -38.13
N SER W 165 45.87 52.98 -37.17
CA SER W 165 46.31 54.07 -36.32
C SER W 165 47.81 54.13 -36.14
N GLN W 166 48.55 53.16 -36.67
CA GLN W 166 50.00 53.17 -36.58
C GLN W 166 50.63 54.15 -37.55
N SER W 167 49.87 54.68 -38.50
CA SER W 167 50.37 55.66 -39.44
C SER W 167 50.18 57.09 -38.97
N LEU W 168 49.49 57.30 -37.85
CA LEU W 168 49.34 58.63 -37.31
C LEU W 168 50.59 59.05 -36.53
N SER W 169 50.70 60.35 -36.29
CA SER W 169 51.79 60.89 -35.51
C SER W 169 51.53 60.67 -34.03
N ASP W 170 52.57 60.92 -33.21
CA ASP W 170 52.47 60.66 -31.78
C ASP W 170 51.42 61.52 -31.12
N GLU W 171 51.32 62.79 -31.52
CA GLU W 171 50.34 63.68 -30.90
C GLU W 171 48.92 63.27 -31.27
N ASN W 172 48.68 62.98 -32.54
CA ASN W 172 47.36 62.55 -32.97
C ASN W 172 47.00 61.19 -32.39
N TYR W 173 48.00 60.31 -32.28
CA TYR W 173 47.79 59.01 -31.66
C TYR W 173 47.38 59.15 -30.20
N ALA W 174 48.10 59.99 -29.45
CA ALA W 174 47.76 60.20 -28.05
C ALA W 174 46.39 60.82 -27.90
N ALA W 175 46.04 61.76 -28.77
CA ALA W 175 44.73 62.39 -28.70
C ALA W 175 43.62 61.39 -28.94
N LEU W 176 43.78 60.52 -29.93
CA LEU W 176 42.76 59.51 -30.21
C LEU W 176 42.62 58.54 -29.06
N MET W 177 43.75 58.06 -28.53
CA MET W 177 43.68 57.11 -27.44
C MET W 177 43.05 57.73 -26.21
N SER W 178 43.32 59.02 -25.96
CA SER W 178 42.70 59.71 -24.84
C SER W 178 41.20 59.81 -25.01
N ALA W 179 40.74 60.13 -26.23
CA ALA W 179 39.30 60.20 -26.47
C ALA W 179 38.63 58.84 -26.26
N ALA W 180 39.26 57.76 -26.73
CA ALA W 180 38.69 56.44 -26.54
C ALA W 180 38.58 56.10 -25.05
N LEU W 181 39.66 56.33 -24.31
CA LEU W 181 39.64 56.03 -22.88
C LEU W 181 38.62 56.89 -22.16
N GLU W 182 38.40 58.12 -22.62
CA GLU W 182 37.41 58.97 -21.98
C GLU W 182 36.00 58.44 -22.23
N GLN W 183 35.73 57.95 -23.44
CA GLN W 183 34.42 57.34 -23.68
C GLN W 183 34.20 56.13 -22.79
N CYS W 184 35.19 55.25 -22.68
CA CYS W 184 35.04 54.09 -21.81
C CYS W 184 34.85 54.51 -20.35
N ALA W 185 35.56 55.55 -19.92
CA ALA W 185 35.38 56.04 -18.56
C ALA W 185 33.97 56.58 -18.33
N ASN W 186 33.37 57.17 -19.36
CA ASN W 186 32.04 57.72 -19.21
C ASN W 186 30.94 56.66 -19.22
N LEU W 187 31.06 55.66 -20.10
CA LEU W 187 29.99 54.67 -20.17
C LEU W 187 30.17 53.53 -19.18
N GLN W 188 31.42 53.22 -18.82
CA GLN W 188 31.74 52.21 -17.79
C GLN W 188 31.29 50.81 -18.21
N ASP W 189 31.38 50.52 -19.51
CA ASP W 189 31.07 49.18 -19.98
C ASP W 189 31.95 48.72 -21.14
N ARG W 190 33.12 49.32 -21.33
CA ARG W 190 33.94 49.07 -22.51
C ARG W 190 35.41 48.97 -22.15
N PHE W 191 36.19 48.47 -23.11
CA PHE W 191 37.62 48.27 -22.95
C PHE W 191 38.29 48.56 -24.29
N THR W 192 39.50 49.13 -24.26
CA THR W 192 40.25 49.43 -25.47
C THR W 192 41.53 48.60 -25.54
N VAL W 193 41.92 48.23 -26.76
CA VAL W 193 43.14 47.47 -27.03
C VAL W 193 43.99 48.27 -27.99
N MET W 194 45.28 48.43 -27.68
CA MET W 194 46.19 49.27 -28.43
C MET W 194 47.37 48.49 -28.98
N ASP W 195 47.91 48.96 -30.10
CA ASP W 195 49.10 48.40 -30.72
C ASP W 195 50.27 49.34 -30.50
N LEU W 196 51.37 48.81 -29.98
CA LEU W 196 52.57 49.62 -29.80
C LEU W 196 53.17 49.99 -31.15
N LYS W 197 53.53 51.26 -31.32
CA LYS W 197 54.21 51.71 -32.52
C LYS W 197 55.69 51.33 -32.47
N LEU W 198 56.19 50.80 -33.58
CA LEU W 198 57.59 50.40 -33.67
C LEU W 198 58.27 51.21 -34.77
N PRO W 199 59.61 51.27 -34.79
CA PRO W 199 60.30 52.07 -35.81
C PRO W 199 59.92 51.68 -37.23
N ALA W 200 59.93 52.67 -38.11
CA ALA W 200 59.59 52.45 -39.52
C ALA W 200 60.80 52.40 -40.45
N THR W 201 61.95 51.98 -39.91
CA THR W 201 63.16 51.90 -40.71
C THR W 201 63.36 50.46 -41.19
N ARG W 202 64.36 50.23 -42.04
CA ARG W 202 64.59 48.87 -42.55
C ARG W 202 66.06 48.50 -42.79
N PRO W 203 66.47 47.29 -42.36
CA PRO W 203 65.62 46.45 -41.55
C PRO W 203 65.80 46.85 -40.09
N ILE W 204 64.86 46.41 -39.29
CA ILE W 204 64.79 46.71 -37.86
C ILE W 204 66.13 46.69 -37.13
N PRO W 205 66.45 47.80 -36.43
CA PRO W 205 67.69 47.92 -35.65
C PRO W 205 67.61 46.98 -34.45
N ALA W 206 68.76 46.44 -34.06
CA ALA W 206 68.80 45.51 -32.94
C ALA W 206 68.22 46.13 -31.67
N ASN W 207 67.44 45.33 -30.96
CA ASN W 207 66.82 45.76 -29.70
C ASN W 207 66.08 47.10 -29.77
N ALA W 208 65.22 47.29 -30.76
CA ALA W 208 64.46 48.55 -30.85
C ALA W 208 63.30 48.70 -29.84
N ILE W 209 62.73 47.58 -29.40
CA ILE W 209 61.64 47.51 -28.45
C ILE W 209 61.90 48.43 -27.26
N VAL W 210 63.15 48.54 -26.84
CA VAL W 210 63.51 49.38 -25.71
C VAL W 210 63.27 50.85 -26.04
N GLY W 211 63.56 51.24 -27.28
CA GLY W 211 63.29 52.62 -27.68
C GLY W 211 61.81 52.89 -27.84
N ALA W 212 61.10 51.93 -28.44
CA ALA W 212 59.66 52.07 -28.66
C ALA W 212 58.90 52.18 -27.35
N SER W 213 59.29 51.41 -26.32
CA SER W 213 58.57 51.50 -25.06
C SER W 213 58.83 52.82 -24.35
N ASN W 214 60.02 53.39 -24.51
CA ASN W 214 60.29 54.69 -23.93
C ASN W 214 59.54 55.79 -24.67
N ALA W 215 59.41 55.65 -25.98
CA ALA W 215 58.58 56.58 -26.74
C ALA W 215 57.12 56.48 -26.31
N PHE W 216 56.64 55.25 -26.07
CA PHE W 216 55.25 55.06 -25.67
C PHE W 216 54.96 55.69 -24.32
N ARG W 217 55.83 55.43 -23.34
CA ARG W 217 55.56 55.95 -22.00
C ARG W 217 55.63 57.46 -21.95
N ASP W 218 56.24 58.08 -22.97
CA ASP W 218 56.38 59.57 -23.01
C ASP W 218 55.10 60.22 -23.55
N LEU W 219 54.09 59.43 -23.96
CA LEU W 219 52.83 60.01 -24.41
C LEU W 219 52.03 60.46 -23.20
N SER W 220 51.25 61.53 -23.39
CA SER W 220 50.46 62.11 -22.31
C SER W 220 49.03 61.60 -22.40
N LEU W 221 48.63 60.75 -21.46
CA LEU W 221 47.32 60.14 -21.39
C LEU W 221 46.71 60.40 -20.03
N PRO W 222 45.38 60.51 -19.94
CA PRO W 222 44.75 60.80 -18.64
C PRO W 222 44.97 59.67 -17.67
N GLN W 223 45.56 59.99 -16.51
CA GLN W 223 45.95 58.97 -15.55
C GLN W 223 44.77 58.32 -14.86
N ASP W 224 43.58 58.89 -14.97
CA ASP W 224 42.41 58.33 -14.30
C ASP W 224 41.62 57.34 -15.15
N ASN W 225 41.94 57.25 -16.43
CA ASN W 225 41.22 56.36 -17.33
C ASN W 225 42.10 55.21 -17.81
N LEU W 226 43.31 55.10 -17.29
CA LEU W 226 44.25 54.10 -17.76
C LEU W 226 43.79 52.69 -17.41
N LYS W 227 42.93 52.54 -16.40
CA LYS W 227 42.44 51.22 -16.04
C LYS W 227 41.48 50.64 -17.06
N TYR W 228 41.13 51.38 -18.11
CA TYR W 228 40.18 50.93 -19.12
C TYR W 228 40.83 50.50 -20.43
N GLY W 229 42.13 50.24 -20.46
CA GLY W 229 42.74 49.85 -21.71
C GLY W 229 43.98 49.00 -21.52
N ALA W 230 44.43 48.42 -22.63
CA ALA W 230 45.58 47.53 -22.65
C ALA W 230 46.41 47.76 -23.91
N CYS W 231 47.64 47.26 -23.91
CA CYS W 231 48.56 47.48 -25.02
C CYS W 231 49.32 46.18 -25.32
N TYR W 232 49.62 45.97 -26.61
CA TYR W 232 50.33 44.75 -27.01
C TYR W 232 51.42 45.09 -28.04
N ALA W 233 52.43 44.21 -28.08
CA ALA W 233 53.53 44.32 -29.02
C ALA W 233 54.13 42.94 -29.21
N PRO W 234 54.81 42.68 -30.34
CA PRO W 234 54.98 43.46 -31.57
C PRO W 234 54.07 42.98 -32.69
N ASP W 235 54.31 43.47 -33.90
CA ASP W 235 53.53 43.08 -35.07
C ASP W 235 53.82 41.64 -35.48
N ILE W 236 52.87 41.05 -36.19
CA ILE W 236 52.87 39.63 -36.49
C ILE W 236 52.84 39.43 -38.00
N GLU W 237 53.60 38.45 -38.49
CA GLU W 237 53.53 38.02 -39.87
C GLU W 237 52.47 36.92 -40.04
N THR W 238 51.78 36.97 -41.17
CA THR W 238 50.69 36.05 -41.46
C THR W 238 50.83 35.53 -42.88
N ILE W 239 50.00 34.53 -43.20
CA ILE W 239 50.12 33.78 -44.44
C ILE W 239 49.29 34.36 -45.58
N PHE W 240 48.51 35.40 -45.33
CA PHE W 240 47.61 35.92 -46.35
C PHE W 240 48.38 36.66 -47.43
N ASN W 241 47.75 36.81 -48.60
CA ASN W 241 48.38 37.34 -49.79
C ASN W 241 48.03 38.81 -50.01
N TYR W 242 48.81 39.45 -50.88
CA TYR W 242 48.61 40.84 -51.27
C TYR W 242 47.85 40.94 -52.59
N PHE W 243 47.15 42.04 -52.79
CA PHE W 243 46.52 42.34 -54.07
C PHE W 243 47.44 43.20 -54.93
N TYR W 244 47.48 42.91 -56.23
CA TYR W 244 48.40 43.58 -57.12
C TYR W 244 47.90 43.47 -58.56
N GLN W 245 48.57 44.20 -59.45
CA GLN W 245 48.40 44.09 -60.89
C GLN W 245 49.72 43.70 -61.52
N GLU W 246 49.65 42.96 -62.62
CA GLU W 246 50.83 42.47 -63.31
C GLU W 246 51.72 43.55 -63.95
N ASP W 247 51.14 44.70 -64.26
CA ASP W 247 51.91 45.77 -64.87
C ASP W 247 52.51 46.72 -63.87
N ALA W 248 52.38 46.44 -62.57
CA ALA W 248 53.00 47.24 -61.53
C ALA W 248 54.13 46.53 -60.81
N VAL W 249 54.41 45.28 -61.16
CA VAL W 249 55.45 44.49 -60.50
C VAL W 249 56.77 44.74 -61.22
N THR W 250 57.80 45.11 -60.46
CA THR W 250 59.09 45.50 -61.04
C THR W 250 60.06 44.33 -60.94
N ILE W 251 60.85 44.10 -61.99
CA ILE W 251 61.69 42.93 -62.13
C ILE W 251 63.16 43.33 -62.11
N PHE W 252 63.98 42.52 -61.43
CA PHE W 252 65.42 42.67 -61.37
C PHE W 252 66.09 41.33 -61.66
N ARG W 253 67.34 41.37 -62.09
CA ARG W 253 68.12 40.16 -62.33
C ARG W 253 69.49 40.28 -61.68
N SER W 254 70.03 39.12 -61.29
CA SER W 254 71.39 39.04 -60.76
C SER W 254 72.01 37.71 -61.17
N VAL W 255 73.23 37.78 -61.69
CA VAL W 255 73.91 36.61 -62.25
C VAL W 255 75.15 36.30 -61.43
N ASN W 256 75.26 35.05 -60.99
CA ASN W 256 76.42 34.55 -60.25
C ASN W 256 76.71 35.42 -59.02
N GLY W 257 75.67 35.94 -58.41
CA GLY W 257 75.84 36.80 -57.26
C GLY W 257 76.28 38.21 -57.58
N GLY W 258 76.12 38.65 -58.82
CA GLY W 258 76.56 39.97 -59.22
C GLY W 258 75.63 41.06 -58.75
N ALA W 259 75.77 42.22 -59.39
CA ALA W 259 74.93 43.36 -59.07
C ALA W 259 73.49 43.11 -59.49
N GLU W 260 72.56 43.67 -58.75
CA GLU W 260 71.14 43.52 -59.02
C GLU W 260 70.68 44.64 -59.93
N GLU W 261 70.27 44.29 -61.14
CA GLU W 261 69.95 45.29 -62.16
C GLU W 261 68.48 45.20 -62.53
N GLN W 262 67.88 46.35 -62.79
CA GLN W 262 66.46 46.43 -63.12
C GLN W 262 66.24 46.13 -64.60
N ASP W 263 65.28 45.26 -64.87
CA ASP W 263 64.91 44.90 -66.23
C ASP W 263 63.94 45.95 -66.78
N THR W 264 63.69 45.92 -68.08
CA THR W 264 62.83 46.91 -68.73
C THR W 264 61.42 46.40 -68.98
N LEU W 265 61.10 45.18 -68.59
CA LEU W 265 59.76 44.62 -68.71
C LEU W 265 59.09 44.61 -67.35
N THR W 266 57.77 44.59 -67.37
CA THR W 266 56.97 44.30 -66.18
C THR W 266 56.64 42.82 -66.15
N MET W 267 56.01 42.39 -65.04
CA MET W 267 55.52 41.02 -64.98
C MET W 267 54.61 40.72 -66.16
N ALA W 268 53.76 41.69 -66.52
CA ALA W 268 52.90 41.54 -67.69
C ALA W 268 53.71 41.32 -68.96
N GLY W 269 54.96 41.77 -68.98
CA GLY W 269 55.78 41.54 -70.15
C GLY W 269 56.21 40.10 -70.35
N TYR W 270 56.08 39.26 -69.33
CA TYR W 270 56.42 37.86 -69.45
C TYR W 270 55.19 36.97 -69.59
N ASN W 271 54.01 37.56 -69.62
CA ASN W 271 52.78 36.79 -69.73
C ASN W 271 52.71 36.14 -71.10
N PRO W 272 52.52 34.82 -71.19
CA PRO W 272 52.46 34.18 -72.51
C PRO W 272 51.30 34.68 -73.36
N ALA W 273 50.23 35.18 -72.74
CA ALA W 273 49.14 35.74 -73.53
C ALA W 273 49.60 36.97 -74.31
N ASN W 274 50.69 37.60 -73.89
CA ASN W 274 51.27 38.74 -74.57
C ASN W 274 52.51 38.40 -75.36
N GLY W 275 52.82 37.11 -75.51
CA GLY W 275 54.00 36.71 -76.25
C GLY W 275 55.29 36.71 -75.47
N GLY W 276 55.22 36.67 -74.14
CA GLY W 276 56.41 36.60 -73.32
C GLY W 276 56.80 35.18 -72.99
N ASP W 277 57.88 35.06 -72.22
CA ASP W 277 58.39 33.76 -71.80
C ASP W 277 57.65 33.33 -70.55
N GLY W 278 56.70 32.39 -70.70
CA GLY W 278 55.92 31.91 -69.56
C GLY W 278 56.72 31.09 -68.56
N ILE W 279 57.87 30.55 -68.98
CA ILE W 279 58.65 29.71 -68.08
C ILE W 279 59.14 30.51 -66.88
N GLN W 280 59.49 31.78 -67.11
CA GLN W 280 59.86 32.66 -66.01
C GLN W 280 58.64 33.31 -65.37
N TYR W 281 57.56 33.46 -66.13
CA TYR W 281 56.32 33.99 -65.57
C TYR W 281 55.81 33.12 -64.43
N ALA W 282 55.90 31.80 -64.59
CA ALA W 282 55.50 30.89 -63.53
C ALA W 282 56.34 31.10 -62.27
N LEU W 283 57.65 31.31 -62.43
CA LEU W 283 58.48 31.58 -61.28
C LEU W 283 58.11 32.89 -60.62
N ILE W 284 57.76 33.90 -61.42
CA ILE W 284 57.35 35.18 -60.84
C ILE W 284 56.09 35.02 -60.02
N GLU W 285 55.12 34.28 -60.54
CA GLU W 285 53.89 34.03 -59.77
C GLU W 285 54.20 33.32 -58.47
N SER W 286 54.98 32.24 -58.54
CA SER W 286 55.24 31.43 -57.36
C SER W 286 56.06 32.19 -56.33
N ALA W 287 56.88 33.14 -56.78
CA ALA W 287 57.63 33.98 -55.86
C ALA W 287 56.74 35.00 -55.19
N ILE W 288 55.88 35.67 -55.95
CA ILE W 288 54.99 36.67 -55.35
C ILE W 288 54.08 36.02 -54.34
N ASP W 289 53.66 34.77 -54.59
CA ASP W 289 52.71 34.11 -53.70
C ASP W 289 53.23 33.93 -52.29
N GLN W 290 54.55 33.93 -52.07
CA GLN W 290 55.14 33.54 -50.80
C GLN W 290 55.45 34.70 -49.86
N LEU W 291 55.14 35.93 -50.24
CA LEU W 291 55.46 37.07 -49.39
C LEU W 291 54.52 37.16 -48.19
N PRO W 292 55.05 37.21 -46.97
CA PRO W 292 54.18 37.29 -45.79
C PRO W 292 53.50 38.65 -45.66
N LEU W 293 52.40 38.65 -44.92
CA LEU W 293 51.61 39.86 -44.69
C LEU W 293 51.79 40.34 -43.24
N ILE W 294 52.10 41.61 -43.05
CA ILE W 294 52.37 42.15 -41.72
C ILE W 294 51.12 42.84 -41.19
N LEU W 295 50.70 42.45 -39.99
CA LEU W 295 49.53 43.02 -39.34
C LEU W 295 49.83 43.36 -37.89
N PRO W 296 49.08 44.30 -37.31
CA PRO W 296 49.22 44.58 -35.88
C PRO W 296 48.52 43.53 -35.05
N PRO W 297 48.83 43.41 -33.75
CA PRO W 297 48.29 42.32 -32.94
C PRO W 297 46.79 42.40 -32.67
N SER W 298 46.25 43.60 -32.54
CA SER W 298 44.90 43.86 -32.03
C SER W 298 43.79 43.02 -32.67
N PRO W 299 43.69 42.96 -34.02
CA PRO W 299 42.69 42.09 -34.65
C PRO W 299 42.73 40.64 -34.15
N LEU W 300 43.92 40.08 -33.95
CA LEU W 300 44.02 38.71 -33.48
C LEU W 300 43.73 38.62 -31.98
N VAL W 301 44.14 39.62 -31.22
CA VAL W 301 43.93 39.60 -29.78
C VAL W 301 42.45 39.61 -29.46
N VAL W 302 41.67 40.43 -30.16
CA VAL W 302 40.24 40.50 -29.86
C VAL W 302 39.55 39.18 -30.20
N GLY W 303 39.97 38.54 -31.29
CA GLY W 303 39.42 37.23 -31.62
C GLY W 303 39.73 36.20 -30.55
N GLN W 304 40.96 36.25 -30.00
CA GLN W 304 41.28 35.32 -28.93
C GLN W 304 40.51 35.63 -27.66
N TYR W 305 40.19 36.90 -27.40
CA TYR W 305 39.28 37.21 -26.29
C TYR W 305 37.95 36.50 -26.49
N ALA W 306 37.37 36.64 -27.68
CA ALA W 306 36.09 36.02 -27.95
C ALA W 306 36.17 34.52 -27.83
N ARG W 307 37.29 33.93 -28.22
CA ARG W 307 37.43 32.49 -28.13
C ARG W 307 37.57 32.01 -26.69
N THR W 308 38.34 32.72 -25.87
CA THR W 308 38.60 32.22 -24.52
C THR W 308 37.47 32.51 -23.55
N ASP W 309 36.68 33.55 -23.77
CA ASP W 309 35.56 33.78 -22.87
C ASP W 309 34.46 32.75 -23.05
N ASN W 310 34.55 31.90 -24.07
CA ASN W 310 33.52 30.92 -24.36
C ASN W 310 33.80 29.53 -23.81
N THR W 311 35.03 29.27 -23.38
CA THR W 311 35.37 27.96 -22.83
C THR W 311 35.73 28.00 -21.36
N ARG W 312 36.25 29.11 -20.86
CA ARG W 312 36.63 29.24 -19.47
C ARG W 312 35.81 30.27 -18.71
N GLY W 313 35.43 31.38 -19.33
CA GLY W 313 34.69 32.41 -18.65
C GLY W 313 35.39 33.75 -18.70
N VAL W 314 34.65 34.84 -18.50
CA VAL W 314 35.25 36.17 -18.64
C VAL W 314 36.28 36.44 -17.56
N TRP W 315 36.21 35.74 -16.43
CA TRP W 315 37.11 35.96 -15.31
C TRP W 315 38.43 35.22 -15.43
N LYS W 316 38.62 34.44 -16.49
CA LYS W 316 39.87 33.73 -16.73
C LYS W 316 40.79 34.61 -17.58
N ALA W 317 42.08 34.59 -17.27
CA ALA W 317 43.02 35.45 -17.98
C ALA W 317 43.10 35.07 -19.45
N PRO W 318 42.95 36.04 -20.37
CA PRO W 318 43.13 35.75 -21.81
C PRO W 318 44.59 35.78 -22.22
N ALA W 319 45.34 34.80 -21.71
CA ALA W 319 46.77 34.71 -21.97
C ALA W 319 47.17 33.24 -21.96
N ASN W 320 48.38 32.97 -22.45
CA ASN W 320 48.89 31.60 -22.57
C ASN W 320 48.06 30.81 -23.58
N VAL W 321 47.69 31.46 -24.69
CA VAL W 321 46.93 30.85 -25.76
C VAL W 321 47.67 31.10 -27.07
N ALA W 322 47.49 30.18 -28.02
CA ALA W 322 48.23 30.20 -29.28
C ALA W 322 47.42 30.83 -30.40
N LEU W 323 48.13 31.44 -31.34
CA LEU W 323 47.53 32.14 -32.47
C LEU W 323 47.54 31.27 -33.72
N SER W 324 46.51 31.45 -34.55
CA SER W 324 46.38 30.68 -35.78
C SER W 324 46.66 31.54 -37.00
N SER W 325 46.99 30.87 -38.10
CA SER W 325 47.35 31.51 -39.37
C SER W 325 48.48 32.52 -39.20
N VAL W 326 49.48 32.14 -38.40
CA VAL W 326 50.63 32.99 -38.10
C VAL W 326 51.89 32.23 -38.42
N ILE W 327 52.87 32.91 -39.01
CA ILE W 327 54.18 32.30 -39.25
C ILE W 327 55.13 32.57 -38.09
N LYS W 328 55.40 33.84 -37.81
CA LYS W 328 56.37 34.22 -36.79
C LYS W 328 56.20 35.69 -36.46
N PRO W 329 56.56 36.11 -35.24
CA PRO W 329 56.59 37.55 -34.93
C PRO W 329 57.76 38.24 -35.61
N VAL W 330 57.61 39.56 -35.80
CA VAL W 330 58.65 40.30 -36.49
C VAL W 330 59.87 40.54 -35.61
N LEU W 331 59.73 40.54 -34.31
CA LEU W 331 60.85 40.75 -33.42
C LEU W 331 60.86 39.69 -32.34
N LYS W 332 62.03 39.43 -31.78
CA LYS W 332 62.24 38.48 -30.70
C LYS W 332 62.46 39.24 -29.39
N ILE W 333 61.67 38.91 -28.38
CA ILE W 333 61.77 39.53 -27.06
C ILE W 333 62.42 38.54 -26.10
N THR W 334 63.33 39.02 -25.27
CA THR W 334 64.00 38.21 -24.26
C THR W 334 63.39 38.45 -22.89
N ASN W 335 63.84 37.66 -21.92
CA ASN W 335 63.36 37.83 -20.54
C ASN W 335 63.80 39.16 -19.94
N GLU W 336 65.02 39.62 -20.26
CA GLU W 336 65.51 40.84 -19.65
C GLU W 336 64.73 42.04 -20.14
N GLN W 337 64.31 42.03 -21.40
CA GLN W 337 63.44 43.08 -21.93
C GLN W 337 62.04 42.95 -21.39
N GLN W 338 61.57 41.71 -21.22
CA GLN W 338 60.24 41.49 -20.65
C GLN W 338 60.16 42.04 -19.24
N ASN W 339 61.27 42.04 -18.50
CA ASN W 339 61.26 42.58 -17.14
C ASN W 339 60.86 44.05 -17.12
N ASN W 340 61.30 44.82 -18.11
CA ASN W 340 60.97 46.23 -18.19
C ASN W 340 59.65 46.46 -18.90
N LEU W 341 59.25 45.55 -19.78
CA LEU W 341 57.93 45.69 -20.41
C LEU W 341 56.80 45.42 -19.43
N ASN W 342 57.00 44.46 -18.52
CA ASN W 342 55.91 44.00 -17.68
C ASN W 342 55.72 44.85 -16.44
N VAL W 343 56.80 45.34 -15.84
CA VAL W 343 56.74 46.15 -14.63
C VAL W 343 57.51 47.43 -14.89
N HIS W 344 56.94 48.56 -14.47
CA HIS W 344 57.57 49.86 -14.66
C HIS W 344 57.04 50.82 -13.60
N PRO W 345 57.89 51.72 -13.10
CA PRO W 345 57.43 52.65 -12.05
C PRO W 345 56.27 53.52 -12.44
N THR W 346 56.01 53.71 -13.73
CA THR W 346 54.90 54.55 -14.17
C THR W 346 53.58 53.80 -14.26
N GLY W 347 53.61 52.48 -14.11
CA GLY W 347 52.42 51.67 -14.19
C GLY W 347 51.97 51.28 -15.59
N LYS W 348 52.51 51.90 -16.63
CA LYS W 348 52.12 51.55 -17.98
C LYS W 348 52.83 50.27 -18.41
N SER W 349 52.06 49.27 -18.83
CA SER W 349 52.60 47.95 -19.03
C SER W 349 52.33 47.50 -20.46
N ILE W 350 53.20 46.64 -20.96
CA ILE W 350 53.17 46.19 -22.33
C ILE W 350 53.15 44.67 -22.33
N ASN W 351 52.08 44.09 -22.86
CA ASN W 351 51.95 42.65 -22.93
C ASN W 351 52.61 42.14 -24.21
N ALA W 352 53.30 41.02 -24.11
CA ALA W 352 54.14 40.54 -25.20
C ALA W 352 53.49 39.38 -25.95
N ILE W 353 53.99 39.13 -27.15
CA ILE W 353 53.61 37.98 -27.96
C ILE W 353 54.89 37.29 -28.39
N ARG W 354 55.11 36.08 -27.88
CA ARG W 354 56.42 35.43 -27.97
C ARG W 354 56.28 34.03 -28.52
N ALA W 355 57.33 33.57 -29.21
CA ALA W 355 57.36 32.21 -29.73
C ALA W 355 58.13 31.29 -28.78
N PHE W 356 57.60 30.10 -28.58
CA PHE W 356 58.20 29.10 -27.69
C PHE W 356 58.37 27.82 -28.47
N THR W 357 59.56 27.22 -28.40
CA THR W 357 59.88 26.01 -29.21
C THR W 357 58.86 24.86 -29.10
N GLY W 358 58.18 24.54 -30.20
CA GLY W 358 57.21 23.43 -30.24
C GLY W 358 55.79 23.81 -29.88
N LYS W 359 55.55 25.04 -29.43
CA LYS W 359 54.20 25.43 -28.94
C LYS W 359 53.50 26.44 -29.85
N GLY W 360 54.18 26.95 -30.88
CA GLY W 360 53.66 28.08 -31.68
C GLY W 360 53.98 29.44 -31.10
N THR W 361 53.20 30.46 -31.48
CA THR W 361 53.39 31.83 -30.93
C THR W 361 52.26 32.09 -29.96
N LEU W 362 52.56 32.58 -28.75
CA LEU W 362 51.53 32.70 -27.71
C LEU W 362 51.53 34.10 -27.12
N ILE W 363 50.36 34.48 -26.62
CA ILE W 363 50.17 35.72 -25.87
C ILE W 363 50.73 35.53 -24.47
N TRP W 364 51.55 36.48 -24.02
CA TRP W 364 52.29 36.37 -22.77
C TRP W 364 52.16 37.70 -22.05
N GLY W 365 51.24 37.76 -21.09
CA GLY W 365 50.97 38.94 -20.30
C GLY W 365 49.51 39.33 -20.33
N ALA W 366 48.98 39.69 -19.15
CA ALA W 366 47.56 39.96 -18.98
C ALA W 366 47.31 41.14 -18.04
N ARG W 367 48.07 42.23 -18.18
CA ARG W 367 47.89 43.37 -17.32
C ARG W 367 47.31 44.57 -18.06
N THR W 368 46.73 45.49 -17.30
CA THR W 368 46.21 46.74 -17.83
C THR W 368 47.28 47.83 -17.83
N LEU W 369 46.89 49.01 -18.30
CA LEU W 369 47.78 50.17 -18.27
C LEU W 369 47.94 50.78 -16.89
N ALA W 370 47.37 50.14 -15.86
CA ALA W 370 47.43 50.61 -14.49
C ALA W 370 48.01 49.50 -13.61
N GLY W 371 49.14 48.94 -14.07
CA GLY W 371 49.66 47.71 -13.51
C GLY W 371 50.11 47.80 -12.07
N ASN W 372 50.27 49.00 -11.53
CA ASN W 372 50.58 49.15 -10.11
C ASN W 372 49.35 49.27 -9.23
N ASP W 373 48.15 49.21 -9.82
CA ASP W 373 46.93 49.35 -9.05
C ASP W 373 46.56 48.00 -8.44
N ASN W 374 46.38 47.97 -7.12
CA ASN W 374 46.09 46.72 -6.43
C ASN W 374 44.74 46.13 -6.82
N GLU W 375 43.82 46.95 -7.31
CA GLU W 375 42.49 46.50 -7.69
C GLU W 375 42.33 46.23 -9.18
N TRP W 376 42.90 47.09 -10.03
CA TRP W 376 42.68 47.02 -11.47
C TRP W 376 43.93 46.60 -12.23
N ARG W 377 44.74 45.75 -11.61
CA ARG W 377 45.98 45.30 -12.25
C ARG W 377 45.69 44.46 -13.49
N TYR W 378 44.68 43.60 -13.44
CA TYR W 378 44.50 42.58 -14.47
C TYR W 378 43.29 42.87 -15.36
N VAL W 379 43.37 42.37 -16.59
CA VAL W 379 42.30 42.60 -17.58
C VAL W 379 41.02 41.90 -17.16
N SER W 380 41.12 40.64 -16.74
CA SER W 380 39.93 39.83 -16.51
C SER W 380 39.10 40.38 -15.36
N VAL W 381 39.73 40.94 -14.33
CA VAL W 381 38.98 41.49 -13.21
C VAL W 381 38.15 42.68 -13.67
N ARG W 382 38.74 43.57 -14.45
CA ARG W 382 38.03 44.74 -14.90
C ARG W 382 36.89 44.38 -15.85
N ARG W 383 37.14 43.45 -16.76
CA ARG W 383 36.07 43.05 -17.68
C ARG W 383 34.92 42.39 -16.94
N PHE W 384 35.23 41.55 -15.96
CA PHE W 384 34.20 40.91 -15.16
C PHE W 384 33.37 41.93 -14.40
N PHE W 385 34.03 42.91 -13.78
CA PHE W 385 33.30 43.96 -13.07
C PHE W 385 32.38 44.72 -14.01
N ASN W 386 32.85 45.02 -15.22
CA ASN W 386 32.00 45.69 -16.19
C ASN W 386 30.75 44.87 -16.47
N MET W 387 30.93 43.57 -16.73
CA MET W 387 29.79 42.70 -17.01
C MET W 387 28.80 42.69 -15.86
N ALA W 388 29.31 42.53 -14.64
CA ALA W 388 28.44 42.39 -13.48
C ALA W 388 27.63 43.66 -13.25
N GLU W 389 28.28 44.82 -13.33
CA GLU W 389 27.53 46.06 -13.08
C GLU W 389 26.52 46.32 -14.19
N GLU W 390 26.84 45.96 -15.42
CA GLU W 390 25.86 46.12 -16.49
C GLU W 390 24.63 45.25 -16.24
N SER W 391 24.84 44.01 -15.81
CA SER W 391 23.69 43.15 -15.54
C SER W 391 22.87 43.68 -14.38
N ILE W 392 23.54 44.22 -13.36
CA ILE W 392 22.81 44.76 -12.21
C ILE W 392 21.98 45.97 -12.61
N LYS W 393 22.55 46.85 -13.43
CA LYS W 393 21.79 47.99 -13.97
C LYS W 393 20.55 47.53 -14.71
N LYS W 394 20.73 46.56 -15.62
CA LYS W 394 19.58 46.10 -16.40
C LYS W 394 18.53 45.46 -15.50
N GLY W 395 18.96 44.78 -14.44
CA GLY W 395 18.01 44.17 -13.53
C GLY W 395 17.25 45.19 -12.70
N SER W 396 17.92 46.27 -12.29
CA SER W 396 17.29 47.22 -11.39
C SER W 396 16.78 48.45 -12.13
N GLU W 397 16.63 48.36 -13.43
CA GLU W 397 15.95 49.44 -14.15
C GLU W 397 14.43 49.45 -13.97
N PRO W 398 13.74 48.32 -14.04
CA PRO W 398 12.27 48.36 -14.00
C PRO W 398 11.69 49.07 -12.78
N PHE W 399 12.41 49.19 -11.70
CA PHE W 399 11.83 49.87 -10.54
C PHE W 399 11.85 51.41 -10.65
N VAL W 400 12.10 52.03 -11.79
CA VAL W 400 12.04 53.48 -11.88
C VAL W 400 10.60 53.95 -11.67
N PHE W 401 10.45 55.05 -10.93
CA PHE W 401 9.13 55.63 -10.63
C PHE W 401 8.24 54.64 -9.88
N GLU W 402 8.82 53.95 -8.91
CA GLU W 402 8.13 53.09 -7.97
C GLU W 402 8.27 53.65 -6.56
N PRO W 403 7.41 53.25 -5.63
CA PRO W 403 7.50 53.80 -4.27
C PRO W 403 8.84 53.49 -3.63
N ASN W 404 9.45 54.51 -3.03
CA ASN W 404 10.77 54.39 -2.40
C ASN W 404 10.58 53.95 -0.95
N ASP W 405 10.31 52.66 -0.77
CA ASP W 405 10.04 52.11 0.54
C ASP W 405 10.68 50.74 0.67
N ALA W 406 10.39 50.07 1.79
CA ALA W 406 11.10 48.86 2.15
C ALA W 406 10.82 47.69 1.21
N ASN W 407 9.63 47.66 0.61
CA ASN W 407 9.27 46.51 -0.23
C ASN W 407 10.10 46.48 -1.50
N THR W 408 10.25 47.63 -2.15
CA THR W 408 11.09 47.71 -3.32
C THR W 408 12.53 47.36 -2.98
N TRP W 409 13.01 47.82 -1.83
CA TRP W 409 14.37 47.53 -1.41
C TRP W 409 14.58 46.04 -1.23
N THR W 410 13.61 45.36 -0.62
CA THR W 410 13.64 43.91 -0.50
C THR W 410 13.76 43.23 -1.86
N LYS W 411 12.90 43.64 -2.80
CA LYS W 411 12.91 43.01 -4.11
C LYS W 411 14.26 43.20 -4.83
N VAL W 412 14.78 44.43 -4.77
CA VAL W 412 16.05 44.73 -5.44
C VAL W 412 17.17 43.90 -4.84
N LYS W 413 17.24 43.84 -3.52
CA LYS W 413 18.28 43.06 -2.86
C LYS W 413 18.19 41.60 -3.26
N ALA W 414 16.97 41.06 -3.34
CA ALA W 414 16.80 39.67 -3.74
C ALA W 414 17.36 39.43 -5.13
N MET W 415 17.04 40.31 -6.09
CA MET W 415 17.55 40.14 -7.44
C MET W 415 19.08 40.14 -7.47
N ILE W 416 19.70 41.11 -6.79
CA ILE W 416 21.15 41.22 -6.83
C ILE W 416 21.80 39.98 -6.21
N GLU W 417 21.25 39.52 -5.08
CA GLU W 417 21.85 38.37 -4.41
C GLU W 417 21.72 37.10 -5.23
N ASN W 418 20.59 36.93 -5.94
CA ASN W 418 20.47 35.74 -6.78
C ASN W 418 21.50 35.76 -7.91
N PHE W 419 21.70 36.92 -8.53
CA PHE W 419 22.71 37.02 -9.58
C PHE W 419 24.11 36.70 -9.04
N LEU W 420 24.45 37.27 -7.88
CA LEU W 420 25.78 37.01 -7.32
C LEU W 420 25.95 35.56 -6.90
N THR W 421 24.89 34.90 -6.43
CA THR W 421 24.99 33.48 -6.10
C THR W 421 25.27 32.65 -7.35
N LEU W 422 24.57 32.94 -8.45
CA LEU W 422 24.86 32.23 -9.69
C LEU W 422 26.29 32.46 -10.13
N GLN W 423 26.83 33.66 -9.90
CA GLN W 423 28.22 33.89 -10.29
C GLN W 423 29.18 33.14 -9.39
N TRP W 424 28.88 33.07 -8.10
CA TRP W 424 29.75 32.36 -7.17
C TRP W 424 29.85 30.88 -7.51
N ARG W 425 28.71 30.24 -7.79
CA ARG W 425 28.77 28.79 -7.90
C ARG W 425 29.48 28.30 -9.15
N ALA W 426 29.79 29.18 -10.09
CA ALA W 426 30.51 28.78 -11.29
C ALA W 426 32.02 28.93 -11.16
N GLY W 427 32.51 29.42 -10.03
CA GLY W 427 33.93 29.56 -9.80
C GLY W 427 34.52 30.92 -10.08
N ALA W 428 33.69 31.96 -10.20
CA ALA W 428 34.23 33.29 -10.44
C ALA W 428 34.67 33.98 -9.15
N LEU W 429 33.97 33.72 -8.05
CA LEU W 429 34.23 34.40 -6.79
C LEU W 429 34.81 33.44 -5.77
N ALA W 430 35.60 33.97 -4.86
CA ALA W 430 36.20 33.17 -3.80
C ALA W 430 35.29 33.12 -2.58
N GLY W 431 35.47 32.09 -1.77
CA GLY W 431 34.70 31.93 -0.55
C GLY W 431 34.10 30.54 -0.41
N ALA W 432 33.91 30.11 0.85
CA ALA W 432 33.37 28.78 1.10
C ALA W 432 31.85 28.76 1.02
N LYS W 433 31.19 29.88 1.27
CA LYS W 433 29.75 29.98 1.11
C LYS W 433 29.42 31.30 0.43
N PRO W 434 28.17 31.55 0.05
CA PRO W 434 27.83 32.87 -0.47
C PRO W 434 27.92 33.98 0.56
N GLU W 435 28.08 33.64 1.84
CA GLU W 435 28.23 34.66 2.87
C GLU W 435 29.62 35.25 2.91
N GLN W 436 30.62 34.54 2.41
CA GLN W 436 31.98 35.00 2.40
C GLN W 436 32.41 35.56 1.06
N ALA W 437 31.56 35.48 0.06
CA ALA W 437 31.92 35.87 -1.30
C ALA W 437 31.44 37.27 -1.67
N PHE W 438 30.32 37.73 -1.10
CA PHE W 438 29.76 39.02 -1.49
C PHE W 438 28.83 39.52 -0.40
N TYR W 439 28.53 40.80 -0.46
CA TYR W 439 27.52 41.39 0.42
C TYR W 439 26.82 42.55 -0.29
N VAL W 440 25.58 42.81 0.13
CA VAL W 440 24.71 43.83 -0.44
C VAL W 440 24.09 44.65 0.68
N LYS W 441 24.18 45.98 0.58
CA LYS W 441 23.65 46.90 1.59
C LYS W 441 22.75 47.94 0.94
N ILE W 442 21.47 47.93 1.30
CA ILE W 442 20.49 48.92 0.85
C ILE W 442 19.45 49.20 1.94
N GLY W 443 19.39 50.41 2.45
CA GLY W 443 18.34 50.73 3.40
C GLY W 443 18.61 52.01 4.16
N LEU W 444 17.70 52.30 5.07
CA LEU W 444 17.78 53.51 5.89
C LEU W 444 18.98 53.45 6.85
N ASN W 445 19.20 52.30 7.45
CA ASN W 445 20.31 52.18 8.39
C ASN W 445 21.56 51.65 7.71
N GLU W 446 21.56 51.58 6.38
CA GLU W 446 22.70 51.04 5.65
C GLU W 446 23.37 52.09 4.79
N THR W 447 22.63 52.76 3.89
CA THR W 447 23.25 53.68 2.95
C THR W 447 22.40 54.92 2.67
N MET W 448 21.28 55.12 3.36
CA MET W 448 20.29 56.10 2.95
C MET W 448 19.82 56.89 4.17
N THR W 449 19.22 58.05 3.89
CA THR W 449 18.68 58.89 4.96
C THR W 449 17.33 59.44 4.51
N ALA W 450 16.69 60.18 5.41
CA ALA W 450 15.40 60.79 5.12
C ALA W 450 15.50 61.76 3.95
N LEU W 451 16.56 62.57 3.93
CA LEU W 451 16.80 63.46 2.80
C LEU W 451 16.83 62.71 1.49
N ASP W 452 17.40 61.51 1.47
CA ASP W 452 17.45 60.71 0.25
C ASP W 452 16.08 60.17 -0.12
N ILE W 453 15.23 59.91 0.87
CA ILE W 453 13.87 59.46 0.58
C ILE W 453 13.09 60.61 -0.06
N LEU W 454 13.26 61.82 0.47
CA LEU W 454 12.56 62.97 -0.10
C LEU W 454 13.07 63.30 -1.49
N GLU W 455 14.37 63.14 -1.74
CA GLU W 455 14.91 63.45 -3.06
C GLU W 455 14.45 62.44 -4.11
N GLY W 456 14.25 61.19 -3.71
CA GLY W 456 13.97 60.13 -4.66
C GLY W 456 15.15 59.30 -5.08
N ARG W 457 16.20 59.24 -4.26
CA ARG W 457 17.42 58.52 -4.58
C ARG W 457 17.49 57.20 -3.84
N MET W 458 17.99 56.18 -4.53
CA MET W 458 18.25 54.86 -3.95
C MET W 458 19.74 54.57 -4.06
N ILE W 459 20.35 54.18 -2.94
CA ILE W 459 21.77 53.88 -2.91
C ILE W 459 21.99 52.44 -2.47
N VAL W 460 22.76 51.71 -3.27
CA VAL W 460 23.07 50.31 -2.99
C VAL W 460 24.57 50.13 -3.01
N GLU W 461 25.10 49.38 -2.03
CA GLU W 461 26.52 49.08 -1.93
C GLU W 461 26.75 47.58 -2.08
N ILE W 462 27.65 47.19 -2.98
CA ILE W 462 27.88 45.78 -3.31
C ILE W 462 29.37 45.47 -3.21
N GLY W 463 29.73 44.51 -2.37
CA GLY W 463 31.11 44.05 -2.24
C GLY W 463 31.28 42.63 -2.72
N MET W 464 32.42 42.36 -3.39
CA MET W 464 32.70 41.12 -4.08
C MET W 464 34.18 40.78 -3.97
N ALA W 465 34.48 39.48 -3.80
CA ALA W 465 35.84 38.97 -3.77
C ALA W 465 36.09 38.11 -5.01
N VAL W 466 37.05 38.54 -5.85
CA VAL W 466 37.36 37.85 -7.08
C VAL W 466 38.67 37.10 -6.93
N VAL W 467 38.88 36.14 -7.82
CA VAL W 467 40.06 35.25 -7.79
C VAL W 467 41.12 35.81 -8.73
N ARG W 468 42.38 35.74 -8.31
CA ARG W 468 43.49 36.36 -9.03
C ARG W 468 44.55 35.34 -9.40
N PRO W 469 45.24 35.53 -10.52
CA PRO W 469 46.09 34.47 -11.08
C PRO W 469 47.47 34.41 -10.45
N ALA W 470 48.18 33.34 -10.79
CA ALA W 470 49.56 33.12 -10.39
C ALA W 470 50.48 33.33 -11.58
N GLU W 471 51.43 34.26 -11.46
CA GLU W 471 52.29 34.61 -12.57
C GLU W 471 53.69 34.00 -12.51
N PHE W 472 54.21 33.67 -11.33
CA PHE W 472 55.60 33.27 -11.21
C PHE W 472 55.73 31.93 -10.52
N ILE W 473 56.52 31.04 -11.11
CA ILE W 473 56.74 29.70 -10.60
C ILE W 473 58.25 29.52 -10.38
N ILE W 474 58.63 29.12 -9.18
CA ILE W 474 60.02 29.05 -8.77
C ILE W 474 60.36 27.62 -8.41
N LEU W 475 61.36 27.05 -9.09
CA LEU W 475 61.81 25.69 -8.83
C LEU W 475 63.18 25.70 -8.18
N LYS W 476 63.36 24.83 -7.20
CA LYS W 476 64.63 24.72 -6.47
C LYS W 476 65.10 23.29 -6.48
N PHE W 477 66.37 23.09 -6.80
CA PHE W 477 66.93 21.76 -7.00
C PHE W 477 68.03 21.51 -5.99
N SER W 478 68.27 20.23 -5.73
CA SER W 478 69.25 19.83 -4.73
C SER W 478 69.76 18.44 -5.07
N HIS W 479 70.89 18.10 -4.47
CA HIS W 479 71.43 16.74 -4.50
C HIS W 479 70.94 15.99 -3.27
N LYS W 480 70.33 14.83 -3.49
CA LYS W 480 69.75 14.10 -2.38
C LYS W 480 70.85 13.47 -1.52
N MET W 481 70.67 13.57 -0.21
CA MET W 481 71.59 12.98 0.74
C MET W 481 71.63 11.46 0.60
N GLN W 482 72.84 10.91 0.56
CA GLN W 482 73.02 9.49 0.34
C GLN W 482 74.42 9.04 0.73
N ALA X 2 6.17 42.75 18.06
CA ALA X 2 7.48 42.41 18.58
C ALA X 2 7.37 41.50 19.81
N GLU X 3 6.25 41.59 20.51
CA GLU X 3 6.02 40.79 21.69
C GLU X 3 4.87 39.79 21.48
N TYR X 4 4.01 40.10 20.52
CA TYR X 4 2.87 39.24 20.21
C TYR X 4 3.28 38.23 19.15
N PRO X 5 2.67 37.05 19.13
CA PRO X 5 2.87 36.14 18.01
C PRO X 5 2.09 36.63 16.79
N LEU X 6 2.57 36.26 15.62
CA LEU X 6 2.02 36.78 14.38
C LEU X 6 0.88 35.90 13.85
N PRO X 7 -0.08 36.50 13.13
CA PRO X 7 -1.10 35.68 12.46
C PRO X 7 -0.65 35.24 11.07
N LYS X 8 -1.48 34.46 10.39
CA LYS X 8 -1.07 33.96 9.09
C LYS X 8 -2.06 34.24 7.98
N PHE X 9 -2.58 35.47 7.92
CA PHE X 9 -3.50 35.78 6.86
C PHE X 9 -3.25 37.10 6.11
N HIS X 10 -2.06 37.70 6.24
CA HIS X 10 -1.77 38.97 5.59
C HIS X 10 -0.37 38.89 4.97
N PHE X 11 -0.31 38.65 3.66
CA PHE X 11 0.95 38.34 2.98
C PHE X 11 0.89 38.85 1.55
N GLN X 12 2.04 38.78 0.86
CA GLN X 12 2.07 39.10 -0.56
C GLN X 12 3.20 38.36 -1.27
N VAL X 13 3.06 38.23 -2.59
CA VAL X 13 3.92 37.40 -3.42
C VAL X 13 4.34 38.21 -4.63
N ASP X 14 5.65 38.35 -4.86
CA ASP X 14 6.19 38.88 -6.10
C ASP X 14 6.65 37.71 -6.97
N TRP X 15 6.01 37.57 -8.13
CA TRP X 15 6.23 36.44 -9.04
C TRP X 15 6.30 36.89 -10.50
N GLY X 16 6.55 38.16 -10.75
CA GLY X 16 6.67 38.66 -12.10
C GLY X 16 5.43 38.60 -12.90
N GLY X 17 4.30 38.46 -12.19
CA GLY X 17 2.99 38.40 -12.80
C GLY X 17 2.26 39.74 -12.73
N SER X 18 1.27 39.91 -13.59
CA SER X 18 0.49 41.15 -13.63
C SER X 18 -0.30 41.46 -12.37
N ARG X 19 -1.17 40.53 -11.95
CA ARG X 19 -2.00 40.75 -10.77
C ARG X 19 -1.46 40.13 -9.47
N LEU X 20 -2.16 40.41 -8.38
CA LEU X 20 -1.80 39.90 -7.07
C LEU X 20 -3.07 39.44 -6.37
N GLY X 21 -2.95 39.02 -5.11
CA GLY X 21 -4.09 38.56 -4.34
C GLY X 21 -4.25 37.06 -4.38
N PHE X 22 -3.32 36.34 -3.76
CA PHE X 22 -3.35 34.89 -3.72
C PHE X 22 -4.07 34.39 -2.48
N THR X 23 -4.71 33.22 -2.60
CA THR X 23 -5.43 32.62 -1.50
C THR X 23 -4.56 31.73 -0.62
N GLU X 24 -3.88 30.77 -1.23
CA GLU X 24 -3.04 29.85 -0.47
C GLU X 24 -1.63 29.67 -1.01
N VAL X 25 -0.67 29.61 -0.11
CA VAL X 25 0.74 29.42 -0.43
C VAL X 25 1.32 28.38 0.52
N SER X 26 1.70 27.21 -0.01
CA SER X 26 2.27 26.18 0.85
C SER X 26 3.47 25.50 0.20
N GLY X 27 4.34 24.94 1.04
CA GLY X 27 5.46 24.16 0.56
C GLY X 27 6.85 24.62 0.94
N LEU X 28 7.01 25.39 2.02
CA LEU X 28 8.25 26.06 2.33
C LEU X 28 9.05 25.25 3.36
N ASP X 29 9.98 24.43 2.86
CA ASP X 29 10.70 23.46 3.68
C ASP X 29 12.15 23.37 3.23
N VAL X 30 13.01 22.84 4.10
CA VAL X 30 14.40 22.52 3.80
C VAL X 30 14.76 21.23 4.52
N GLU X 31 15.66 20.43 3.92
CA GLU X 31 16.05 19.20 4.60
C GLU X 31 17.47 18.76 4.21
N THR X 32 18.06 17.93 5.07
CA THR X 32 19.37 17.31 4.89
C THR X 32 19.24 15.82 5.21
N GLU X 33 19.94 15.00 4.42
CA GLU X 33 19.88 13.53 4.64
C GLU X 33 20.87 13.09 5.72
N VAL X 34 20.56 12.01 6.42
CA VAL X 34 21.41 11.44 7.46
C VAL X 34 22.21 10.30 6.86
N ILE X 35 23.50 10.22 7.21
CA ILE X 35 24.33 9.07 6.90
C ILE X 35 24.73 8.40 8.20
N GLU X 36 24.70 7.07 8.21
CA GLU X 36 24.91 6.28 9.41
C GLU X 36 26.15 5.41 9.28
N TYR X 37 26.78 5.12 10.41
CA TYR X 37 28.04 4.39 10.40
C TYR X 37 28.27 3.71 11.74
N ARG X 38 28.79 2.48 11.70
CA ARG X 38 29.24 1.79 12.91
C ARG X 38 30.29 0.75 12.57
N GLU X 39 31.33 0.68 13.39
CA GLU X 39 32.38 -0.33 13.28
C GLU X 39 32.19 -1.39 14.36
N GLY X 40 32.83 -2.54 14.17
CA GLY X 40 32.50 -3.72 14.93
C GLY X 40 32.82 -3.64 16.41
N ASN X 41 33.84 -2.87 16.79
CA ASN X 41 34.34 -2.89 18.16
C ASN X 41 33.83 -1.72 18.99
N LEU X 42 32.80 -1.03 18.54
CA LEU X 42 32.30 0.10 19.31
C LEU X 42 31.46 -0.39 20.48
N PRO X 43 31.69 0.12 21.69
CA PRO X 43 30.95 -0.39 22.86
C PRO X 43 29.46 -0.12 22.85
N GLN X 44 28.98 0.86 22.10
CA GLN X 44 27.55 1.04 21.94
C GLN X 44 27.05 0.25 20.74
N TYR X 45 25.82 -0.25 20.85
CA TYR X 45 25.25 -1.08 19.80
C TYR X 45 24.19 -0.34 18.99
N HIS X 46 24.42 0.95 18.76
CA HIS X 46 23.65 1.74 17.80
C HIS X 46 24.60 2.67 17.05
N LYS X 47 24.10 3.25 15.97
CA LYS X 47 24.95 3.86 14.97
C LYS X 47 25.22 5.34 15.22
N LEU X 48 26.26 5.84 14.55
CA LEU X 48 26.61 7.25 14.51
C LEU X 48 26.03 7.90 13.26
N LYS X 49 25.73 9.19 13.35
CA LYS X 49 24.99 9.93 12.33
C LYS X 49 25.71 11.21 11.94
N MET X 50 25.69 11.52 10.66
CA MET X 50 26.34 12.73 10.16
C MET X 50 25.58 13.28 8.96
N PRO X 51 25.75 14.57 8.66
CA PRO X 51 24.96 15.19 7.59
C PRO X 51 25.38 14.75 6.19
N GLY X 52 24.42 14.87 5.26
CA GLY X 52 24.59 14.48 3.87
C GLY X 52 24.20 15.59 2.91
N MET X 53 23.37 15.25 1.92
CA MET X 53 22.95 16.18 0.89
C MET X 53 21.64 16.89 1.28
N GLN X 54 21.36 17.99 0.59
CA GLN X 54 20.18 18.81 0.85
C GLN X 54 19.04 18.47 -0.10
N LYS X 55 17.84 18.85 0.31
CA LYS X 55 16.62 18.62 -0.47
C LYS X 55 15.65 19.77 -0.23
N PHE X 56 14.96 20.15 -1.31
CA PHE X 56 14.02 21.26 -1.36
C PHE X 56 12.72 20.77 -1.98
N SER X 57 11.61 21.40 -1.61
CA SER X 57 10.30 20.97 -2.05
C SER X 57 9.73 21.91 -3.11
N ASN X 58 8.73 21.43 -3.82
CA ASN X 58 7.97 22.27 -4.73
C ASN X 58 6.99 23.14 -3.96
N ILE X 59 6.60 24.25 -4.57
CA ILE X 59 5.75 25.25 -3.93
C ILE X 59 4.43 25.34 -4.68
N THR X 60 3.33 25.38 -3.94
CA THR X 60 2.00 25.42 -4.51
C THR X 60 1.31 26.74 -4.17
N MET X 61 0.62 27.32 -5.13
CA MET X 61 -0.11 28.56 -4.93
C MET X 61 -1.49 28.48 -5.55
N LYS X 62 -2.48 29.02 -4.85
CA LYS X 62 -3.87 28.98 -5.29
C LYS X 62 -4.45 30.38 -5.29
N ARG X 63 -5.25 30.67 -6.32
CA ARG X 63 -5.88 31.98 -6.45
C ARG X 63 -7.20 31.87 -7.20
N GLY X 64 -8.02 32.90 -7.10
CA GLY X 64 -9.31 32.93 -7.76
C GLY X 64 -9.25 33.44 -9.18
N THR X 65 -10.26 33.09 -9.97
CA THR X 65 -10.27 33.33 -11.40
C THR X 65 -11.03 34.61 -11.75
N PHE X 66 -10.42 35.43 -12.61
CA PHE X 66 -10.99 36.70 -13.04
C PHE X 66 -11.02 36.77 -14.55
N GLN X 67 -11.97 37.53 -15.07
CA GLN X 67 -12.06 37.74 -16.50
C GLN X 67 -10.89 38.56 -17.02
N GLY X 68 -10.23 38.07 -18.06
CA GLY X 68 -9.12 38.76 -18.69
C GLY X 68 -7.75 38.38 -18.20
N ASP X 69 -7.64 37.55 -17.17
CA ASP X 69 -6.36 37.22 -16.55
C ASP X 69 -6.00 35.78 -16.93
N ASN X 70 -4.93 35.63 -17.71
CA ASN X 70 -4.51 34.30 -18.16
C ASN X 70 -3.00 34.13 -17.93
N ASP X 71 -2.55 34.48 -16.73
CA ASP X 71 -1.12 34.59 -16.45
C ASP X 71 -0.45 33.26 -16.13
N PHE X 72 -1.14 32.36 -15.41
CA PHE X 72 -0.51 31.08 -15.09
C PHE X 72 -0.16 30.33 -16.36
N TYR X 73 -1.12 30.29 -17.28
CA TYR X 73 -0.96 29.64 -18.57
C TYR X 73 0.13 30.35 -19.35
N LYS X 74 0.14 31.68 -19.33
CA LYS X 74 1.16 32.43 -20.03
C LYS X 74 2.56 32.01 -19.60
N TRP X 75 2.79 31.90 -18.30
CA TRP X 75 4.13 31.52 -17.84
C TRP X 75 4.44 30.08 -18.18
N TRP X 76 3.49 29.17 -17.97
CA TRP X 76 3.71 27.76 -18.27
C TRP X 76 4.03 27.55 -19.74
N ASN X 77 3.39 28.30 -20.63
CA ASN X 77 3.48 28.08 -22.06
C ASN X 77 4.75 28.65 -22.70
N THR X 78 5.70 29.13 -21.91
CA THR X 78 6.94 29.65 -22.49
C THR X 78 8.01 28.59 -22.60
N VAL X 79 7.61 27.32 -22.68
CA VAL X 79 8.53 26.20 -22.57
C VAL X 79 8.89 25.69 -23.97
N ALA X 80 10.17 25.69 -24.29
CA ALA X 80 10.72 25.03 -25.45
C ALA X 80 11.24 23.66 -25.01
N LEU X 81 12.01 22.98 -25.84
CA LEU X 81 12.46 21.62 -25.57
C LEU X 81 12.97 21.49 -24.13
N ASN X 82 14.09 22.11 -23.77
CA ASN X 82 14.58 22.10 -22.40
C ASN X 82 14.86 23.50 -21.88
N THR X 83 14.33 24.53 -22.53
CA THR X 83 14.51 25.90 -22.11
C THR X 83 13.16 26.47 -21.67
N ILE X 84 13.21 27.39 -20.73
CA ILE X 84 12.03 28.02 -20.17
C ILE X 84 12.45 29.34 -19.52
N GLU X 85 11.48 30.20 -19.25
CA GLU X 85 11.76 31.48 -18.59
C GLU X 85 11.72 31.31 -17.07
N ARG X 86 12.86 31.52 -16.42
CA ARG X 86 12.99 31.38 -14.98
C ARG X 86 12.91 32.76 -14.32
N ARG X 87 12.34 32.80 -13.12
CA ARG X 87 12.10 34.04 -12.41
C ARG X 87 12.55 33.93 -10.97
N ASP X 88 12.83 35.08 -10.35
CA ASP X 88 13.12 35.15 -8.93
C ASP X 88 11.83 35.37 -8.17
N LEU X 89 11.56 34.55 -7.16
CA LEU X 89 10.33 34.67 -6.40
C LEU X 89 10.53 35.21 -4.99
N THR X 90 9.66 36.13 -4.59
CA THR X 90 9.74 36.71 -3.25
C THR X 90 8.40 36.59 -2.55
N ILE X 91 8.40 36.07 -1.32
CA ILE X 91 7.18 35.95 -0.53
C ILE X 91 7.42 36.70 0.77
N SER X 92 6.45 37.53 1.18
CA SER X 92 6.63 38.31 2.39
C SER X 92 5.37 38.27 3.23
N LEU X 93 5.56 38.21 4.55
CA LEU X 93 4.47 38.23 5.53
C LEU X 93 4.38 39.64 6.12
N LEU X 94 3.22 40.24 6.10
CA LEU X 94 3.09 41.59 6.64
C LEU X 94 2.36 41.66 7.94
N ASN X 95 2.67 42.66 8.73
CA ASN X 95 1.96 42.84 9.97
C ASN X 95 0.93 43.96 9.85
N GLU X 96 0.22 44.27 10.94
CA GLU X 96 -0.81 45.30 10.96
C GLU X 96 -0.52 46.62 10.24
N LYS X 97 0.74 47.06 10.26
CA LYS X 97 1.15 48.31 9.62
C LYS X 97 1.81 48.06 8.26
N HIS X 98 1.54 46.88 7.72
CA HIS X 98 2.02 46.44 6.42
C HIS X 98 3.53 46.49 6.20
N GLU X 99 4.31 46.12 7.21
CA GLU X 99 5.76 46.12 7.08
C GLU X 99 6.23 44.68 6.93
N PRO X 100 7.06 44.42 5.91
CA PRO X 100 7.57 43.06 5.67
C PRO X 100 8.31 42.58 6.90
N VAL X 101 7.92 41.42 7.44
CA VAL X 101 8.58 40.94 8.64
C VAL X 101 9.38 39.68 8.35
N VAL X 102 8.78 38.71 7.67
CA VAL X 102 9.45 37.48 7.31
C VAL X 102 9.46 37.38 5.79
N VAL X 103 10.61 37.10 5.22
CA VAL X 103 10.78 37.07 3.77
C VAL X 103 11.37 35.72 3.37
N TRP X 104 10.77 35.10 2.36
CA TRP X 104 11.27 33.90 1.73
C TRP X 104 11.72 34.24 0.33
N LYS X 105 12.98 33.95 0.01
CA LYS X 105 13.55 34.21 -1.30
C LYS X 105 13.77 32.88 -2.01
N VAL X 106 13.16 32.73 -3.18
CA VAL X 106 13.29 31.52 -3.97
C VAL X 106 14.22 31.80 -5.15
N ASN X 107 14.99 30.80 -5.55
CA ASN X 107 15.92 30.96 -6.66
C ASN X 107 15.59 30.06 -7.85
N ARG X 108 15.59 30.66 -9.04
CA ARG X 108 15.32 29.97 -10.29
C ARG X 108 14.04 29.13 -10.27
N ALA X 109 12.88 29.78 -10.29
CA ALA X 109 11.62 29.04 -10.26
C ALA X 109 10.84 29.06 -11.58
N TRP X 110 10.46 27.88 -12.05
CA TRP X 110 9.67 27.76 -13.27
C TRP X 110 8.48 26.85 -13.02
N PRO X 111 7.34 27.13 -13.64
CA PRO X 111 6.10 26.40 -13.33
C PRO X 111 6.07 24.99 -13.91
N THR X 112 5.88 24.00 -13.04
CA THR X 112 5.80 22.62 -13.50
C THR X 112 4.38 22.13 -13.71
N LYS X 113 3.38 22.77 -13.08
CA LYS X 113 2.03 22.26 -13.25
C LYS X 113 1.00 23.37 -13.06
N VAL X 114 -0.09 23.30 -13.83
CA VAL X 114 -1.19 24.25 -13.75
C VAL X 114 -2.50 23.47 -13.75
N GLN X 115 -3.35 23.72 -12.77
CA GLN X 115 -4.64 23.06 -12.67
C GLN X 115 -5.76 24.07 -12.61
N SER X 116 -6.76 23.89 -13.47
CA SER X 116 -7.92 24.75 -13.52
C SER X 116 -9.05 24.19 -12.66
N THR X 117 -10.13 24.95 -12.57
CA THR X 117 -11.22 24.59 -11.69
C THR X 117 -12.04 23.46 -12.30
N ASP X 118 -12.90 22.88 -11.47
CA ASP X 118 -13.88 21.89 -11.90
C ASP X 118 -15.26 22.55 -11.92
N LEU X 119 -16.15 22.02 -12.74
CA LEU X 119 -17.44 22.63 -12.98
C LEU X 119 -18.54 21.76 -12.40
N LYS X 120 -19.36 22.34 -11.53
CA LYS X 120 -20.47 21.62 -10.90
C LYS X 120 -21.75 22.40 -11.08
N GLY X 121 -22.78 21.73 -11.60
CA GLY X 121 -24.08 22.37 -11.74
C GLY X 121 -24.72 22.76 -10.44
N ASP X 122 -24.25 22.22 -9.32
CA ASP X 122 -24.80 22.51 -8.01
C ASP X 122 -23.79 23.15 -7.07
N GLY X 123 -22.70 23.70 -7.60
CA GLY X 123 -21.65 24.24 -6.76
C GLY X 123 -21.79 25.73 -6.51
N ASN X 124 -22.01 26.09 -5.25
CA ASN X 124 -22.14 27.47 -4.83
C ASN X 124 -20.80 28.06 -4.39
N GLU X 125 -19.75 27.80 -5.15
CA GLU X 125 -18.46 28.34 -4.75
C GLU X 125 -17.76 29.05 -5.89
N VAL X 126 -16.76 29.83 -5.54
CA VAL X 126 -15.94 30.53 -6.52
C VAL X 126 -15.04 29.52 -7.23
N ALA X 127 -14.62 29.87 -8.44
CA ALA X 127 -13.69 29.04 -9.19
C ALA X 127 -12.26 29.40 -8.79
N ILE X 128 -11.47 28.37 -8.49
CA ILE X 128 -10.09 28.56 -8.06
C ILE X 128 -9.12 27.75 -8.93
N GLU X 129 -7.96 28.33 -9.18
CA GLU X 129 -6.92 27.69 -9.99
C GLU X 129 -5.63 27.59 -9.17
N SER X 130 -4.76 26.66 -9.58
CA SER X 130 -3.57 26.35 -8.82
C SER X 130 -2.36 26.24 -9.75
N ILE X 131 -1.19 26.57 -9.19
CA ILE X 131 0.08 26.40 -9.88
C ILE X 131 1.08 25.75 -8.94
N GLU X 132 1.95 24.92 -9.52
CA GLU X 132 3.00 24.21 -8.80
C GLU X 132 4.34 24.52 -9.46
N VAL X 133 5.31 24.92 -8.64
CA VAL X 133 6.56 25.52 -9.09
C VAL X 133 7.75 24.77 -8.51
N ALA X 134 8.77 24.57 -9.34
CA ALA X 134 10.06 24.01 -8.96
C ALA X 134 11.13 25.10 -8.96
N HIS X 135 12.15 24.93 -8.14
CA HIS X 135 13.15 25.97 -7.94
C HIS X 135 14.47 25.32 -7.54
N GLU X 136 15.55 26.10 -7.59
CA GLU X 136 16.85 25.67 -7.11
C GLU X 136 17.37 26.58 -6.01
N GLY X 137 16.58 26.80 -4.97
CA GLY X 137 17.10 27.38 -3.75
C GLY X 137 16.02 28.13 -2.98
N LEU X 138 16.27 28.25 -1.68
CA LEU X 138 15.34 28.93 -0.77
C LEU X 138 16.12 29.49 0.42
N THR X 139 15.73 30.70 0.85
CA THR X 139 16.39 31.38 1.95
C THR X 139 15.39 32.15 2.78
N ILE X 140 15.55 32.08 4.11
CA ILE X 140 14.64 32.71 5.07
C ILE X 140 15.32 33.90 5.71
N GLN X 141 14.59 35.01 5.83
CA GLN X 141 15.08 36.23 6.48
C GLN X 141 14.03 36.73 7.46
N ASN X 142 14.35 36.72 8.74
CA ASN X 142 13.50 37.25 9.80
C ASN X 142 14.29 38.23 10.64
N GLY X 143 13.82 39.47 10.71
CA GLY X 143 14.47 40.48 11.53
C GLY X 143 15.85 40.84 11.03
N ALA Y 2 39.23 11.57 13.43
CA ALA Y 2 38.14 11.94 14.30
C ALA Y 2 37.31 10.72 14.48
N GLU Y 3 35.99 10.85 14.37
CA GLU Y 3 35.12 9.71 14.54
C GLU Y 3 34.14 9.58 13.38
N TYR Y 4 34.24 10.50 12.41
CA TYR Y 4 33.34 10.41 11.30
C TYR Y 4 34.14 10.25 10.06
N PRO Y 5 33.68 9.42 9.13
CA PRO Y 5 34.36 9.22 7.84
C PRO Y 5 33.93 10.20 6.75
N LEU Y 6 34.44 10.08 5.53
CA LEU Y 6 34.06 11.01 4.45
C LEU Y 6 32.98 10.50 3.50
N PRO Y 7 32.25 11.43 2.85
CA PRO Y 7 31.26 11.00 1.85
C PRO Y 7 31.89 10.81 0.47
N LYS Y 8 31.09 10.48 -0.54
CA LYS Y 8 31.62 10.03 -1.82
C LYS Y 8 31.10 10.87 -2.99
N PHE Y 9 30.66 12.11 -2.75
CA PHE Y 9 30.02 12.84 -3.84
C PHE Y 9 30.61 14.21 -4.16
N HIS Y 10 31.82 14.53 -3.72
CA HIS Y 10 32.42 15.84 -3.96
C HIS Y 10 33.88 15.62 -4.36
N PHE Y 11 34.16 15.68 -5.66
CA PHE Y 11 35.46 15.30 -6.21
C PHE Y 11 35.76 16.13 -7.46
N GLN Y 12 36.98 15.99 -7.97
CA GLN Y 12 37.34 16.62 -9.24
C GLN Y 12 38.46 15.85 -9.93
N VAL Y 13 38.57 16.07 -11.24
CA VAL Y 13 39.44 15.29 -12.12
C VAL Y 13 40.20 16.26 -13.01
N ASP Y 14 41.53 16.19 -12.99
CA ASP Y 14 42.37 16.87 -13.96
C ASP Y 14 42.80 15.87 -15.03
N TRP Y 15 42.38 16.13 -16.27
CA TRP Y 15 42.60 15.23 -17.38
C TRP Y 15 43.01 15.96 -18.65
N GLY Y 16 43.21 17.27 -18.65
CA GLY Y 16 43.63 17.91 -19.89
C GLY Y 16 42.58 18.55 -20.76
N GLY Y 17 41.32 18.31 -20.40
CA GLY Y 17 40.17 18.89 -21.09
C GLY Y 17 39.63 20.07 -20.30
N SER Y 18 38.73 20.83 -20.91
CA SER Y 18 38.15 22.02 -20.27
C SER Y 18 37.29 21.71 -19.03
N ARG Y 19 36.22 20.94 -19.15
CA ARG Y 19 35.35 20.72 -17.98
C ARG Y 19 35.99 19.86 -16.94
N LEU Y 20 35.63 20.08 -15.69
CA LEU Y 20 36.18 19.48 -14.47
C LEU Y 20 35.10 18.85 -13.59
N GLY Y 21 34.00 18.42 -14.20
CA GLY Y 21 32.95 17.80 -13.42
C GLY Y 21 32.40 16.53 -14.05
N PHE Y 22 32.46 15.42 -13.33
CA PHE Y 22 31.95 14.19 -13.87
C PHE Y 22 30.87 13.64 -12.99
N THR Y 23 30.15 12.67 -13.53
CA THR Y 23 29.14 12.03 -12.71
C THR Y 23 29.57 10.68 -12.18
N GLU Y 24 30.54 10.02 -12.82
CA GLU Y 24 30.99 8.74 -12.28
C GLU Y 24 32.44 8.49 -12.62
N VAL Y 25 33.18 7.99 -11.64
CA VAL Y 25 34.58 7.61 -11.79
C VAL Y 25 34.80 6.28 -11.07
N SER Y 26 35.10 5.22 -11.82
CA SER Y 26 35.34 3.93 -11.17
C SER Y 26 36.52 3.20 -11.80
N GLY Y 27 37.12 2.31 -11.01
CA GLY Y 27 38.18 1.45 -11.51
C GLY Y 27 39.53 1.53 -10.81
N LEU Y 28 39.58 1.99 -9.57
CA LEU Y 28 40.84 2.32 -8.91
C LEU Y 28 41.29 1.18 -8.02
N ASP Y 29 42.17 0.32 -8.56
CA ASP Y 29 42.57 -0.93 -7.92
C ASP Y 29 44.05 -1.20 -8.17
N VAL Y 30 44.63 -2.06 -7.34
CA VAL Y 30 45.99 -2.56 -7.49
C VAL Y 30 46.01 -4.04 -7.09
N GLU Y 31 46.88 -4.84 -7.73
CA GLU Y 31 46.95 -6.24 -7.34
C GLU Y 31 48.33 -6.84 -7.62
N THR Y 32 48.61 -7.94 -6.91
CA THR Y 32 49.82 -8.74 -7.06
C THR Y 32 49.42 -10.22 -7.15
N GLU Y 33 50.05 -10.97 -8.06
CA GLU Y 33 49.72 -12.39 -8.13
C GLU Y 33 50.40 -13.17 -7.03
N VAL Y 34 49.90 -14.38 -6.79
CA VAL Y 34 50.44 -15.32 -5.81
C VAL Y 34 51.16 -16.44 -6.56
N ILE Y 35 52.32 -16.84 -6.05
CA ILE Y 35 53.03 -18.01 -6.53
C ILE Y 35 53.06 -19.03 -5.40
N GLU Y 36 52.83 -20.30 -5.74
CA GLU Y 36 52.68 -21.37 -4.76
C GLU Y 36 53.78 -22.41 -4.93
N TYR Y 37 54.14 -23.06 -3.82
CA TYR Y 37 55.26 -24.00 -3.83
C TYR Y 37 55.12 -25.00 -2.70
N ARG Y 38 55.44 -26.26 -2.97
CA ARG Y 38 55.54 -27.28 -1.93
C ARG Y 38 56.48 -28.39 -2.37
N GLU Y 39 57.32 -28.85 -1.44
CA GLU Y 39 58.20 -29.99 -1.65
C GLU Y 39 57.65 -31.21 -0.91
N GLY Y 40 58.14 -32.38 -1.31
CA GLY Y 40 57.50 -33.62 -0.92
C GLY Y 40 57.53 -33.94 0.55
N ASN Y 41 58.57 -33.50 1.26
CA ASN Y 41 58.78 -33.91 2.64
C ASN Y 41 58.30 -32.89 3.65
N LEU Y 42 57.50 -31.93 3.26
CA LEU Y 42 57.02 -30.93 4.20
C LEU Y 42 55.92 -31.51 5.07
N PRO Y 43 55.98 -31.34 6.39
CA PRO Y 43 54.97 -31.95 7.26
C PRO Y 43 53.56 -31.41 7.10
N GLN Y 44 53.40 -30.21 6.57
CA GLN Y 44 52.07 -29.72 6.25
C GLN Y 44 51.70 -30.11 4.82
N TYR Y 45 50.41 -30.38 4.61
CA TYR Y 45 49.92 -30.83 3.32
C TYR Y 45 49.17 -29.72 2.58
N HIS Y 46 49.62 -28.48 2.73
CA HIS Y 46 49.18 -27.37 1.90
C HIS Y 46 50.38 -26.49 1.56
N LYS Y 47 50.19 -25.59 0.62
CA LYS Y 47 51.30 -24.94 -0.07
C LYS Y 47 51.74 -23.64 0.59
N LEU Y 48 52.94 -23.21 0.23
CA LEU Y 48 53.51 -21.92 0.61
C LEU Y 48 53.27 -20.91 -0.50
N LYS Y 49 53.16 -19.64 -0.12
CA LYS Y 49 52.75 -18.57 -1.02
C LYS Y 49 53.71 -17.39 -0.95
N MET Y 50 53.99 -16.79 -2.10
CA MET Y 50 54.90 -15.65 -2.16
C MET Y 50 54.47 -14.71 -3.29
N PRO Y 51 54.88 -13.45 -3.22
CA PRO Y 51 54.42 -12.45 -4.19
C PRO Y 51 55.01 -12.64 -5.59
N GLY Y 52 54.29 -12.12 -6.58
CA GLY Y 52 54.66 -12.21 -7.98
C GLY Y 52 54.63 -10.85 -8.67
N MET Y 53 53.97 -10.80 -9.82
CA MET Y 53 53.89 -9.60 -10.63
C MET Y 53 52.66 -8.76 -10.28
N GLN Y 54 52.69 -7.50 -10.70
CA GLN Y 54 51.62 -6.55 -10.41
C GLN Y 54 50.64 -6.44 -11.57
N LYS Y 55 49.44 -5.93 -11.26
CA LYS Y 55 48.38 -5.73 -12.24
C LYS Y 55 47.56 -4.52 -11.87
N PHE Y 56 47.19 -3.74 -12.87
CA PHE Y 56 46.40 -2.52 -12.74
C PHE Y 56 45.20 -2.62 -13.64
N SER Y 57 44.16 -1.88 -13.36
CA SER Y 57 42.91 -1.93 -14.10
C SER Y 57 42.70 -0.68 -14.94
N ASN Y 58 41.79 -0.78 -15.90
CA ASN Y 58 41.36 0.37 -16.67
C ASN Y 58 40.39 1.22 -15.86
N ILE Y 59 40.30 2.50 -16.21
CA ILE Y 59 39.50 3.46 -15.47
C ILE Y 59 38.37 3.97 -16.35
N THR Y 60 37.16 4.05 -15.80
CA THR Y 60 35.98 4.47 -16.52
C THR Y 60 35.46 5.78 -15.96
N MET Y 61 35.06 6.69 -16.85
CA MET Y 61 34.49 7.97 -16.44
C MET Y 61 33.25 8.30 -17.26
N LYS Y 62 32.25 8.85 -16.59
CA LYS Y 62 30.98 9.18 -17.24
C LYS Y 62 30.62 10.63 -16.97
N ARG Y 63 30.08 11.29 -17.98
CA ARG Y 63 29.69 12.68 -17.87
C ARG Y 63 28.53 13.00 -18.80
N GLY Y 64 27.88 14.13 -18.57
CA GLY Y 64 26.76 14.54 -19.38
C GLY Y 64 27.17 15.36 -20.60
N THR Y 65 26.29 15.39 -21.60
CA THR Y 65 26.59 15.95 -22.91
C THR Y 65 26.12 17.39 -23.02
N PHE Y 66 27.01 18.23 -23.55
CA PHE Y 66 26.75 19.64 -23.72
C PHE Y 66 26.99 20.08 -25.16
N GLN Y 67 26.27 21.12 -25.59
CA GLN Y 67 26.49 21.67 -26.91
C GLN Y 67 27.85 22.34 -27.01
N GLY Y 68 28.62 21.99 -28.03
CA GLY Y 68 29.91 22.58 -28.29
C GLY Y 68 31.10 21.83 -27.72
N ASP Y 69 30.87 20.79 -26.92
CA ASP Y 69 31.96 20.08 -26.24
C ASP Y 69 32.16 18.73 -26.92
N ASN Y 70 33.32 18.55 -27.54
CA ASN Y 70 33.62 17.31 -28.25
C ASN Y 70 35.01 16.81 -27.84
N ASP Y 71 35.28 16.77 -26.54
CA ASP Y 71 36.63 16.54 -26.04
C ASP Y 71 37.00 15.07 -25.97
N PHE Y 72 36.07 14.18 -25.62
CA PHE Y 72 36.42 12.77 -25.55
C PHE Y 72 36.90 12.27 -26.91
N TYR Y 73 36.14 12.63 -27.93
CA TYR Y 73 36.45 12.27 -29.31
C TYR Y 73 37.76 12.91 -29.72
N LYS Y 74 37.96 14.19 -29.34
CA LYS Y 74 39.20 14.87 -29.66
C LYS Y 74 40.41 14.08 -29.16
N TRP Y 75 40.37 13.65 -27.91
CA TRP Y 75 41.52 12.93 -27.36
C TRP Y 75 41.67 11.56 -28.02
N TRP Y 76 40.57 10.84 -28.20
CA TRP Y 76 40.64 9.51 -28.81
C TRP Y 76 41.20 9.58 -30.23
N ASN Y 77 40.86 10.63 -30.97
CA ASN Y 77 41.19 10.72 -32.39
C ASN Y 77 42.63 11.17 -32.65
N THR Y 78 43.48 11.27 -31.64
CA THR Y 78 44.87 11.66 -31.87
C THR Y 78 45.76 10.46 -32.08
N VAL Y 79 45.21 9.35 -32.56
CA VAL Y 79 45.92 8.08 -32.60
C VAL Y 79 46.44 7.85 -34.01
N ALA Y 80 47.75 7.67 -34.12
CA ALA Y 80 48.41 7.19 -35.33
C ALA Y 80 48.62 5.69 -35.17
N LEU Y 81 49.42 5.09 -36.03
CA LEU Y 81 49.61 3.63 -36.05
C LEU Y 81 49.81 3.09 -34.63
N ASN Y 82 50.92 3.39 -33.97
CA ASN Y 82 51.13 2.96 -32.59
C ASN Y 82 51.52 4.13 -31.70
N THR Y 83 51.28 5.36 -32.13
CA THR Y 83 51.57 6.54 -31.35
C THR Y 83 50.27 7.25 -30.99
N ILE Y 84 50.27 7.90 -29.84
CA ILE Y 84 49.11 8.60 -29.31
C ILE Y 84 49.59 9.62 -28.30
N GLU Y 85 48.73 10.58 -27.95
CA GLU Y 85 49.05 11.58 -26.95
C GLU Y 85 48.71 11.08 -25.56
N ARG Y 86 49.71 10.93 -24.72
CA ARG Y 86 49.55 10.44 -23.36
C ARG Y 86 49.55 11.62 -22.39
N ARG Y 87 48.77 11.49 -21.32
CA ARG Y 87 48.59 12.57 -20.35
C ARG Y 87 48.73 12.04 -18.93
N ASP Y 88 49.05 12.95 -18.01
CA ASP Y 88 49.08 12.64 -16.58
C ASP Y 88 47.70 12.92 -16.00
N LEU Y 89 47.15 11.96 -15.27
CA LEU Y 89 45.81 12.13 -14.71
C LEU Y 89 45.81 12.30 -13.20
N THR Y 90 45.03 13.25 -12.71
CA THR Y 90 44.94 13.47 -11.27
C THR Y 90 43.49 13.46 -10.83
N ILE Y 91 43.18 12.70 -9.79
CA ILE Y 91 41.83 12.63 -9.25
C ILE Y 91 41.91 13.00 -7.77
N SER Y 92 41.02 13.88 -7.32
CA SER Y 92 41.08 14.32 -5.93
C SER Y 92 39.69 14.33 -5.32
N LEU Y 93 39.61 13.94 -4.05
CA LEU Y 93 38.38 13.95 -3.28
C LEU Y 93 38.39 15.17 -2.38
N LEU Y 94 37.44 16.07 -2.59
CA LEU Y 94 37.48 17.39 -1.96
C LEU Y 94 36.72 17.38 -0.65
N ASN Y 95 37.07 18.42 0.14
CA ASN Y 95 36.50 18.78 1.44
C ASN Y 95 35.70 20.08 1.48
N GLU Y 96 35.14 20.39 2.65
CA GLU Y 96 34.37 21.63 2.83
C GLU Y 96 35.08 22.90 2.36
N LYS Y 97 36.40 22.97 2.53
CA LYS Y 97 37.14 24.17 2.14
C LYS Y 97 37.59 24.12 0.70
N HIS Y 98 36.96 23.27 -0.06
CA HIS Y 98 37.28 23.07 -1.50
C HIS Y 98 38.75 22.69 -1.71
N GLU Y 99 39.23 21.80 -0.89
CA GLU Y 99 40.61 21.36 -0.96
C GLU Y 99 40.64 19.86 -1.19
N PRO Y 100 41.83 19.30 -1.30
CA PRO Y 100 41.97 17.87 -1.54
C PRO Y 100 42.41 17.08 -0.30
N VAL Y 101 41.83 15.90 -0.12
CA VAL Y 101 42.17 15.03 1.00
C VAL Y 101 42.81 13.74 0.53
N VAL Y 102 42.21 13.08 -0.46
CA VAL Y 102 42.76 11.86 -1.04
C VAL Y 102 43.03 12.13 -2.50
N VAL Y 103 44.22 11.77 -2.96
CA VAL Y 103 44.65 12.03 -4.32
C VAL Y 103 45.11 10.72 -4.96
N TRP Y 104 44.61 10.47 -6.16
CA TRP Y 104 45.05 9.36 -7.01
C TRP Y 104 45.81 9.94 -8.19
N LYS Y 105 47.04 9.48 -8.37
CA LYS Y 105 47.89 9.91 -9.49
C LYS Y 105 48.05 8.77 -10.47
N VAL Y 106 47.66 9.01 -11.71
CA VAL Y 106 47.66 7.99 -12.76
C VAL Y 106 48.67 8.38 -13.82
N ASN Y 107 49.53 7.42 -14.18
CA ASN Y 107 50.69 7.65 -15.02
C ASN Y 107 50.53 6.99 -16.38
N ARG Y 108 50.76 7.80 -17.41
CA ARG Y 108 50.71 7.42 -18.83
C ARG Y 108 49.35 6.87 -19.22
N ALA Y 109 48.38 7.77 -19.30
CA ALA Y 109 47.02 7.39 -19.68
C ALA Y 109 46.70 7.81 -21.12
N TRP Y 110 46.01 6.92 -21.84
CA TRP Y 110 45.46 7.23 -23.16
C TRP Y 110 44.12 6.54 -23.32
N PRO Y 111 43.17 7.17 -24.01
CA PRO Y 111 41.80 6.62 -24.09
C PRO Y 111 41.67 5.43 -25.01
N THR Y 112 41.18 4.31 -24.46
CA THR Y 112 40.99 3.12 -25.28
C THR Y 112 39.57 2.98 -25.81
N LYS Y 113 38.58 3.63 -25.20
CA LYS Y 113 37.21 3.44 -25.68
C LYS Y 113 36.35 4.66 -25.37
N VAL Y 114 35.44 4.97 -26.29
CA VAL Y 114 34.49 6.08 -26.13
C VAL Y 114 33.11 5.59 -26.53
N GLN Y 115 32.13 5.76 -25.64
CA GLN Y 115 30.76 5.35 -25.92
C GLN Y 115 29.81 6.52 -25.77
N SER Y 116 28.98 6.73 -26.79
CA SER Y 116 27.99 7.79 -26.79
C SER Y 116 26.65 7.28 -26.26
N THR Y 117 25.69 8.19 -26.15
CA THR Y 117 24.42 7.85 -25.57
C THR Y 117 23.57 7.07 -26.56
N ASP Y 118 22.49 6.49 -26.06
CA ASP Y 118 21.47 5.83 -26.86
C ASP Y 118 20.25 6.73 -26.92
N LEU Y 119 19.46 6.59 -27.97
CA LEU Y 119 18.34 7.48 -28.24
C LEU Y 119 17.03 6.72 -28.07
N LYS Y 120 16.15 7.23 -27.21
CA LYS Y 120 14.86 6.61 -26.97
C LYS Y 120 13.76 7.65 -27.13
N GLY Y 121 12.76 7.33 -27.95
CA GLY Y 121 11.63 8.22 -28.12
C GLY Y 121 10.80 8.42 -26.86
N ASP Y 122 10.97 7.56 -25.86
CA ASP Y 122 10.23 7.64 -24.61
C ASP Y 122 11.12 7.85 -23.41
N GLY Y 123 12.36 8.28 -23.61
CA GLY Y 123 13.30 8.40 -22.51
C GLY Y 123 13.34 9.78 -21.91
N ASN Y 124 12.95 9.88 -20.64
CA ASN Y 124 12.94 11.14 -19.91
C ASN Y 124 14.25 11.35 -19.14
N GLU Y 125 15.37 11.07 -19.77
CA GLU Y 125 16.62 11.24 -19.06
C GLU Y 125 17.63 12.04 -19.86
N VAL Y 126 18.65 12.51 -19.18
CA VAL Y 126 19.74 13.25 -19.81
C VAL Y 126 20.59 12.28 -20.61
N ALA Y 127 21.28 12.80 -21.62
CA ALA Y 127 22.20 12.01 -22.41
C ALA Y 127 23.57 11.98 -21.73
N ILE Y 128 24.12 10.79 -21.58
CA ILE Y 128 25.41 10.59 -20.92
C ILE Y 128 26.40 9.83 -21.81
N GLU Y 129 27.67 10.22 -21.74
CA GLU Y 129 28.72 9.60 -22.50
C GLU Y 129 29.81 9.07 -21.56
N SER Y 130 30.59 8.12 -22.06
CA SER Y 130 31.56 7.41 -21.24
C SER Y 130 32.89 7.29 -21.97
N ILE Y 131 33.96 7.25 -21.18
CA ILE Y 131 35.31 7.01 -21.69
C ILE Y 131 35.99 5.97 -20.82
N GLU Y 132 36.83 5.15 -21.45
CA GLU Y 132 37.60 4.12 -20.79
C GLU Y 132 39.07 4.30 -21.13
N VAL Y 133 39.92 4.29 -20.11
CA VAL Y 133 41.31 4.74 -20.21
C VAL Y 133 42.24 3.66 -19.65
N ALA Y 134 43.36 3.47 -20.34
CA ALA Y 134 44.45 2.60 -19.93
C ALA Y 134 45.65 3.44 -19.50
N HIS Y 135 46.47 2.88 -18.62
CA HIS Y 135 47.54 3.64 -18.00
C HIS Y 135 48.66 2.68 -17.59
N GLU Y 136 49.83 3.23 -17.27
CA GLU Y 136 50.94 2.45 -16.74
C GLU Y 136 51.37 2.97 -15.37
N GLY Y 137 50.43 3.11 -14.45
CA GLY Y 137 50.78 3.27 -13.05
C GLY Y 137 49.70 4.02 -12.27
N LEU Y 138 49.71 3.79 -10.97
CA LEU Y 138 48.74 4.41 -10.07
C LEU Y 138 49.35 4.53 -8.68
N THR Y 139 49.06 5.66 -8.02
CA THR Y 139 49.60 5.92 -6.68
C THR Y 139 48.58 6.67 -5.84
N ILE Y 140 48.47 6.27 -4.56
CA ILE Y 140 47.50 6.82 -3.62
C ILE Y 140 48.22 7.69 -2.60
N GLN Y 141 47.65 8.87 -2.32
CA GLN Y 141 48.18 9.77 -1.30
C GLN Y 141 47.04 10.24 -0.40
N ASN Y 142 47.12 9.87 0.88
CA ASN Y 142 46.16 10.31 1.89
C ASN Y 142 46.92 10.90 3.07
N GLY Y 143 46.64 12.15 3.38
CA GLY Y 143 47.25 12.80 4.52
C GLY Y 143 48.74 13.00 4.35
N MET Z 1 -47.98 28.85 -11.06
CA MET Z 1 -47.96 29.25 -9.66
C MET Z 1 -47.90 28.03 -8.74
N ILE Z 2 -47.74 28.29 -7.45
CA ILE Z 2 -47.67 27.22 -6.47
C ILE Z 2 -49.05 26.86 -5.94
N SER Z 3 -50.02 27.77 -6.01
CA SER Z 3 -51.35 27.50 -5.50
C SER Z 3 -52.13 26.51 -6.35
N ASP Z 4 -51.80 26.41 -7.65
CA ASP Z 4 -52.61 25.58 -8.53
C ASP Z 4 -52.35 24.10 -8.30
N ALA Z 5 -51.09 23.73 -8.08
CA ALA Z 5 -50.77 22.34 -7.79
C ALA Z 5 -51.43 21.87 -6.50
N MET Z 6 -51.37 22.70 -5.46
CA MET Z 6 -51.97 22.30 -4.19
C MET Z 6 -53.49 22.28 -4.28
N ARG Z 7 -54.09 23.16 -5.08
CA ARG Z 7 -55.53 23.07 -5.26
C ARG Z 7 -55.92 21.80 -6.01
N LEU Z 8 -55.15 21.41 -7.02
CA LEU Z 8 -55.40 20.16 -7.73
C LEU Z 8 -55.36 18.98 -6.78
N ILE Z 9 -54.29 18.87 -5.99
CA ILE Z 9 -54.15 17.75 -5.06
C ILE Z 9 -55.28 17.76 -4.05
N GLN Z 10 -55.64 18.94 -3.54
CA GLN Z 10 -56.70 19.03 -2.54
C GLN Z 10 -58.01 18.52 -3.10
N VAL Z 11 -58.37 18.96 -4.31
CA VAL Z 11 -59.65 18.56 -4.88
C VAL Z 11 -59.69 17.05 -5.10
N ALA Z 12 -58.62 16.47 -5.63
CA ALA Z 12 -58.63 15.03 -5.90
C ALA Z 12 -58.75 14.23 -4.61
N LEU Z 13 -57.96 14.58 -3.60
CA LEU Z 13 -58.00 13.82 -2.35
C LEU Z 13 -59.33 13.98 -1.64
N GLN Z 14 -59.89 15.20 -1.66
CA GLN Z 14 -61.21 15.44 -1.10
C GLN Z 14 -62.24 14.53 -1.74
N ARG Z 15 -62.22 14.45 -3.08
CA ARG Z 15 -63.17 13.61 -3.78
C ARG Z 15 -63.04 12.15 -3.35
N TYR Z 16 -61.82 11.63 -3.33
CA TYR Z 16 -61.61 10.23 -2.94
C TYR Z 16 -62.14 9.96 -1.54
N ILE Z 17 -61.69 10.76 -0.56
CA ILE Z 17 -62.07 10.50 0.83
C ILE Z 17 -63.58 10.57 0.99
N LEU Z 18 -64.19 11.66 0.52
CA LEU Z 18 -65.64 11.78 0.69
C LEU Z 18 -66.40 10.75 -0.12
N GLU Z 19 -65.76 10.14 -1.12
CA GLU Z 19 -66.36 9.00 -1.80
C GLU Z 19 -66.42 7.79 -0.87
N PHE Z 20 -65.33 7.53 -0.15
CA PHE Z 20 -65.29 6.31 0.66
C PHE Z 20 -65.88 6.47 2.05
N GLU Z 21 -66.10 7.71 2.53
CA GLU Z 21 -66.67 7.96 3.84
C GLU Z 21 -67.88 8.87 3.70
N PRO Z 22 -69.04 8.33 3.36
CA PRO Z 22 -70.24 9.17 3.20
C PRO Z 22 -70.71 9.79 4.51
N GLU Z 23 -70.30 9.27 5.65
CA GLU Z 23 -70.82 9.71 6.94
C GLU Z 23 -70.31 11.08 7.36
N LEU Z 24 -69.30 11.62 6.67
CA LEU Z 24 -68.69 12.88 7.07
C LEU Z 24 -69.55 14.10 6.74
N GLY Z 25 -70.79 13.90 6.29
CA GLY Z 25 -71.71 15.00 6.17
C GLY Z 25 -71.36 16.03 5.11
N LEU Z 26 -70.49 15.69 4.17
CA LEU Z 26 -70.20 16.53 3.01
C LEU Z 26 -69.59 17.88 3.43
N SER Z 27 -68.76 17.85 4.47
CA SER Z 27 -68.06 19.03 4.93
C SER Z 27 -66.72 19.14 4.21
N GLN Z 28 -65.84 20.02 4.69
CA GLN Z 28 -64.51 20.18 4.11
C GLN Z 28 -63.54 19.33 4.89
N VAL Z 29 -63.11 18.21 4.30
CA VAL Z 29 -62.18 17.33 4.98
C VAL Z 29 -60.75 17.86 4.87
N VAL Z 30 -60.40 18.45 3.74
CA VAL Z 30 -59.03 18.86 3.45
C VAL Z 30 -58.99 20.37 3.34
N ILE Z 31 -58.04 20.99 4.04
CA ILE Z 31 -57.81 22.42 3.99
C ILE Z 31 -56.32 22.67 3.79
N ILE Z 32 -55.99 23.83 3.23
CA ILE Z 32 -54.62 24.25 3.03
C ILE Z 32 -54.34 25.39 3.99
N GLU Z 33 -53.39 25.17 4.90
CA GLU Z 33 -53.11 26.10 5.99
C GLU Z 33 -51.77 25.70 6.58
N ASN Z 34 -51.27 26.53 7.49
CA ASN Z 34 -50.03 26.27 8.20
C ASN Z 34 -50.32 25.52 9.50
N ILE Z 35 -49.63 24.41 9.72
CA ILE Z 35 -49.93 23.57 10.88
C ILE Z 35 -49.41 24.20 12.16
N ALA Z 36 -48.25 24.84 12.10
CA ALA Z 36 -47.63 25.39 13.30
C ALA Z 36 -48.46 26.47 13.96
N MET Z 37 -49.45 27.03 13.25
CA MET Z 37 -50.29 28.08 13.80
C MET Z 37 -51.43 27.55 14.64
N ALA Z 38 -51.52 26.23 14.82
CA ALA Z 38 -52.65 25.65 15.53
C ALA Z 38 -52.58 25.99 17.02
N GLU Z 39 -53.75 26.24 17.61
CA GLU Z 39 -53.81 26.58 19.03
C GLU Z 39 -53.35 25.44 19.90
N GLU Z 40 -53.72 24.21 19.55
CA GLU Z 40 -53.39 23.05 20.38
C GLU Z 40 -51.89 22.82 20.49
N LEU Z 41 -51.12 23.27 19.50
CA LEU Z 41 -49.68 23.10 19.52
C LEU Z 41 -48.96 24.34 20.03
N GLY Z 42 -49.68 25.28 20.64
CA GLY Z 42 -49.09 26.47 21.18
C GLY Z 42 -49.23 27.72 20.34
N GLY Z 43 -49.94 27.64 19.21
CA GLY Z 43 -50.13 28.78 18.34
C GLY Z 43 -51.30 29.63 18.76
N GLN Z 44 -51.84 30.38 17.79
CA GLN Z 44 -52.89 31.34 18.05
C GLN Z 44 -54.18 31.07 17.30
N ASN Z 45 -54.16 30.26 16.24
CA ASN Z 45 -55.32 30.01 15.41
C ASN Z 45 -56.18 28.92 16.04
N ASN Z 46 -57.48 29.19 16.20
CA ASN Z 46 -58.39 28.25 16.82
C ASN Z 46 -59.36 27.61 15.82
N GLN Z 47 -59.09 27.73 14.53
CA GLN Z 47 -59.96 27.16 13.50
C GLN Z 47 -59.40 25.89 12.88
N ILE Z 48 -58.17 25.52 13.19
CA ILE Z 48 -57.55 24.32 12.65
C ILE Z 48 -57.76 23.21 13.67
N ASN Z 49 -58.86 22.49 13.53
CA ASN Z 49 -59.16 21.38 14.43
C ASN Z 49 -60.20 20.50 13.76
N GLY Z 50 -59.88 19.23 13.57
CA GLY Z 50 -60.80 18.34 12.92
C GLY Z 50 -60.67 18.42 11.41
N HIS Z 51 -59.45 18.30 10.92
CA HIS Z 51 -59.18 18.42 9.49
C HIS Z 51 -57.98 17.56 9.13
N VAL Z 52 -57.76 17.45 7.83
CA VAL Z 52 -56.47 17.07 7.26
C VAL Z 52 -55.89 18.33 6.64
N VAL Z 53 -54.66 18.65 6.99
CA VAL Z 53 -54.03 19.90 6.61
C VAL Z 53 -52.82 19.62 5.74
N MET Z 54 -52.70 20.38 4.66
CA MET Z 54 -51.56 20.32 3.76
C MET Z 54 -50.63 21.50 4.03
N SER Z 55 -49.33 21.24 4.11
CA SER Z 55 -48.37 22.30 4.37
C SER Z 55 -47.16 22.15 3.48
N LEU Z 56 -46.70 23.27 2.92
CA LEU Z 56 -45.46 23.32 2.17
C LEU Z 56 -44.31 23.55 3.14
N VAL Z 57 -43.34 22.63 3.16
CA VAL Z 57 -42.27 22.70 4.16
C VAL Z 57 -40.91 23.02 3.58
N ASN Z 58 -40.68 22.82 2.28
CA ASN Z 58 -39.36 23.07 1.71
C ASN Z 58 -39.53 23.30 0.21
N LEU Z 59 -38.44 23.74 -0.42
CA LEU Z 59 -38.46 24.11 -1.83
C LEU Z 59 -37.06 23.98 -2.37
N GLN Z 60 -36.82 23.00 -3.24
CA GLN Z 60 -35.49 22.75 -3.78
C GLN Z 60 -35.51 22.83 -5.30
N GLU Z 61 -34.35 23.16 -5.87
CA GLU Z 61 -34.19 23.25 -7.31
C GLU Z 61 -33.65 21.94 -7.87
N GLU Z 62 -34.06 21.63 -9.09
CA GLU Z 62 -33.60 20.42 -9.78
C GLU Z 62 -32.29 20.73 -10.49
N THR Z 63 -31.23 20.04 -10.07
CA THR Z 63 -29.89 20.31 -10.58
C THR Z 63 -29.67 19.79 -12.00
N THR Z 64 -30.48 18.83 -12.45
CA THR Z 64 -30.25 18.23 -13.76
C THR Z 64 -30.73 19.12 -14.90
N LEU Z 65 -31.67 20.02 -14.65
CA LEU Z 65 -32.23 20.87 -15.69
C LEU Z 65 -31.59 22.25 -15.75
N LYS Z 66 -30.55 22.49 -14.95
CA LYS Z 66 -29.77 23.70 -15.13
C LYS Z 66 -28.97 23.63 -16.42
N ASN Z 67 -28.51 24.79 -16.87
CA ASN Z 67 -27.70 24.90 -18.08
C ASN Z 67 -28.48 24.46 -19.33
N SER Z 68 -29.73 24.83 -19.40
CA SER Z 68 -30.52 24.65 -20.60
C SER Z 68 -30.36 25.85 -21.53
N PRO Z 69 -30.62 25.69 -22.83
CA PRO Z 69 -30.31 26.76 -23.78
C PRO Z 69 -31.05 28.05 -23.48
N HIS Z 70 -30.43 29.17 -23.87
CA HIS Z 70 -30.99 30.50 -23.63
C HIS Z 70 -31.48 31.19 -24.90
N TYR Z 71 -31.69 30.43 -25.98
CA TYR Z 71 -32.20 31.01 -27.21
C TYR Z 71 -33.08 30.00 -27.92
N ARG Z 72 -33.87 30.49 -28.87
CA ARG Z 72 -34.69 29.63 -29.73
C ARG Z 72 -34.68 30.18 -31.15
N LEU Z 73 -34.90 29.30 -32.11
CA LEU Z 73 -34.91 29.68 -33.52
C LEU Z 73 -36.34 29.67 -34.04
N ASP Z 74 -36.68 30.68 -34.85
CA ASP Z 74 -38.01 30.78 -35.43
C ASP Z 74 -37.95 31.65 -36.67
N ASN Z 75 -38.41 31.11 -37.80
CA ASN Z 75 -38.48 31.85 -39.06
C ASN Z 75 -37.13 32.40 -39.49
N GLY Z 76 -36.05 31.70 -39.12
CA GLY Z 76 -34.72 32.15 -39.47
C GLY Z 76 -34.17 33.27 -38.60
N ARG Z 77 -34.79 33.53 -37.44
CA ARG Z 77 -34.29 34.53 -36.52
C ARG Z 77 -34.20 33.94 -35.12
N THR Z 78 -33.42 34.60 -34.27
CA THR Z 78 -33.11 34.11 -32.94
C THR Z 78 -33.86 34.93 -31.90
N ILE Z 79 -34.51 34.25 -30.96
CA ILE Z 79 -35.20 34.87 -29.84
C ILE Z 79 -34.44 34.51 -28.58
N TYR Z 80 -33.98 35.52 -27.84
CA TYR Z 80 -33.21 35.34 -26.63
C TYR Z 80 -34.11 35.54 -25.43
N GLN Z 81 -34.11 34.56 -24.52
CA GLN Z 81 -34.88 34.58 -23.28
C GLN Z 81 -34.17 33.69 -22.26
N ASN Z 82 -34.31 34.06 -20.98
CA ASN Z 82 -33.66 33.29 -19.92
C ASN Z 82 -34.43 32.01 -19.64
N PRO Z 83 -33.75 30.92 -19.30
CA PRO Z 83 -34.44 29.64 -19.05
C PRO Z 83 -35.24 29.68 -17.76
N PRO Z 84 -36.21 28.79 -17.60
CA PRO Z 84 -37.06 28.82 -16.40
C PRO Z 84 -36.38 28.14 -15.22
N VAL Z 85 -37.06 28.21 -14.07
CA VAL Z 85 -36.59 27.63 -12.82
C VAL Z 85 -37.48 26.44 -12.47
N ASN Z 86 -36.86 25.30 -12.23
CA ASN Z 86 -37.57 24.04 -11.97
C ASN Z 86 -37.40 23.64 -10.51
N LEU Z 87 -38.52 23.37 -9.84
CA LEU Z 87 -38.53 23.18 -8.40
C LEU Z 87 -39.18 21.86 -8.02
N ASN Z 88 -38.67 21.26 -6.95
CA ASN Z 88 -39.28 20.15 -6.24
C ASN Z 88 -39.98 20.68 -5.00
N LEU Z 89 -41.15 20.11 -4.70
CA LEU Z 89 -41.96 20.57 -3.58
C LEU Z 89 -42.10 19.48 -2.54
N PHE Z 90 -42.13 19.89 -1.27
CA PHE Z 90 -42.25 18.98 -0.13
C PHE Z 90 -43.53 19.32 0.62
N ILE Z 91 -44.46 18.37 0.66
CA ILE Z 91 -45.79 18.59 1.22
C ILE Z 91 -46.00 17.64 2.38
N LEU Z 92 -46.44 18.18 3.51
CA LEU Z 92 -46.72 17.43 4.71
C LEU Z 92 -48.23 17.37 4.93
N PHE Z 93 -48.75 16.17 5.15
CA PHE Z 93 -50.16 15.94 5.45
C PHE Z 93 -50.28 15.60 6.92
N SER Z 94 -51.02 16.43 7.66
CA SER Z 94 -51.24 16.21 9.09
C SER Z 94 -52.72 16.07 9.38
N ALA Z 95 -53.07 15.13 10.25
CA ALA Z 95 -54.45 14.89 10.65
C ALA Z 95 -54.64 15.36 12.08
N LEU Z 96 -55.58 16.28 12.28
CA LEU Z 96 -55.80 16.86 13.60
C LEU Z 96 -57.29 16.77 13.94
N HIS Z 97 -57.63 15.94 14.92
CA HIS Z 97 -59.00 15.78 15.36
C HIS Z 97 -59.04 15.63 16.87
N ASN Z 98 -60.21 15.89 17.45
CA ASN Z 98 -60.43 15.64 18.87
C ASN Z 98 -60.66 14.17 19.17
N GLN Z 99 -60.60 13.31 18.17
CA GLN Z 99 -60.77 11.86 18.32
C GLN Z 99 -59.58 11.19 17.64
N TYR Z 100 -58.73 10.55 18.43
CA TYR Z 100 -57.44 10.09 17.93
C TYR Z 100 -57.56 9.02 16.86
N GLU Z 101 -58.69 8.31 16.76
CA GLU Z 101 -58.80 7.21 15.81
C GLU Z 101 -59.22 7.69 14.42
N THR Z 102 -60.05 8.73 14.36
CA THR Z 102 -60.41 9.31 13.08
C THR Z 102 -59.16 9.74 12.33
N SER Z 103 -58.17 10.29 13.05
CA SER Z 103 -56.93 10.70 12.43
C SER Z 103 -56.23 9.53 11.75
N LEU Z 104 -56.20 8.37 12.42
CA LEU Z 104 -55.53 7.21 11.86
C LEU Z 104 -56.27 6.68 10.64
N ARG Z 105 -57.61 6.66 10.69
CA ARG Z 105 -58.38 6.23 9.53
C ARG Z 105 -58.11 7.13 8.33
N LEU Z 106 -58.12 8.45 8.55
CA LEU Z 106 -57.89 9.36 7.44
C LEU Z 106 -56.47 9.28 6.91
N LEU Z 107 -55.49 9.04 7.78
CA LEU Z 107 -54.13 8.82 7.30
C LEU Z 107 -54.05 7.59 6.40
N SER Z 108 -54.70 6.49 6.82
CA SER Z 108 -54.70 5.29 5.99
C SER Z 108 -55.29 5.57 4.63
N ARG Z 109 -56.37 6.35 4.59
CA ARG Z 109 -57.00 6.63 3.29
C ARG Z 109 -56.14 7.54 2.43
N VAL Z 110 -55.42 8.49 3.03
CA VAL Z 110 -54.49 9.31 2.27
C VAL Z 110 -53.41 8.44 1.64
N VAL Z 111 -52.84 7.53 2.43
CA VAL Z 111 -51.79 6.65 1.92
C VAL Z 111 -52.29 5.82 0.76
N GLU Z 112 -53.49 5.25 0.88
CA GLU Z 112 -53.96 4.40 -0.21
C GLU Z 112 -54.38 5.21 -1.43
N PHE Z 113 -54.87 6.44 -1.25
CA PHE Z 113 -55.13 7.29 -2.40
C PHE Z 113 -53.86 7.54 -3.20
N PHE Z 114 -52.76 7.84 -2.51
CA PHE Z 114 -51.52 8.01 -3.25
C PHE Z 114 -50.97 6.68 -3.76
N GLN Z 115 -51.41 5.56 -3.17
CA GLN Z 115 -51.05 4.25 -3.74
C GLN Z 115 -51.75 4.01 -5.07
N TRP Z 116 -52.94 4.56 -5.24
CA TRP Z 116 -53.69 4.33 -6.48
C TRP Z 116 -53.19 5.22 -7.62
N GLN Z 117 -53.08 6.52 -7.40
CA GLN Z 117 -52.82 7.50 -8.45
C GLN Z 117 -51.34 7.84 -8.47
N LYS Z 118 -50.65 7.46 -9.55
CA LYS Z 118 -49.23 7.73 -9.69
C LYS Z 118 -48.94 8.99 -10.50
N GLU Z 119 -49.96 9.66 -11.02
CA GLU Z 119 -49.75 10.87 -11.80
C GLU Z 119 -50.95 11.78 -11.65
N LEU Z 120 -50.70 13.04 -11.35
CA LEU Z 120 -51.74 14.04 -11.16
C LEU Z 120 -51.68 15.03 -12.32
N SER Z 121 -52.80 15.20 -13.00
CA SER Z 121 -52.89 16.12 -14.12
C SER Z 121 -54.35 16.46 -14.34
N PHE Z 122 -54.57 17.56 -15.06
CA PHE Z 122 -55.94 17.95 -15.38
C PHE Z 122 -56.61 16.96 -16.30
N THR Z 123 -55.83 16.22 -17.09
CA THR Z 123 -56.37 15.27 -18.05
C THR Z 123 -56.77 13.95 -17.41
N THR Z 124 -56.29 13.67 -16.21
CA THR Z 124 -56.53 12.40 -15.54
C THR Z 124 -57.21 12.53 -14.18
N THR Z 125 -57.05 13.67 -13.51
CA THR Z 125 -57.69 13.92 -12.22
C THR Z 125 -58.40 15.27 -12.31
N PRO Z 126 -59.46 15.36 -13.10
CA PRO Z 126 -60.04 16.68 -13.42
C PRO Z 126 -60.67 17.40 -12.23
N GLY Z 127 -61.59 16.73 -11.54
CA GLY Z 127 -62.29 17.34 -10.43
C GLY Z 127 -63.13 18.55 -10.83
N SER Z 132 -55.24 23.91 -14.57
CA SER Z 132 -54.65 24.89 -15.48
C SER Z 132 -54.18 24.24 -16.77
N ARG Z 133 -54.40 22.93 -16.88
CA ARG Z 133 -54.09 22.14 -18.07
C ARG Z 133 -52.62 22.22 -18.46
N ASP Z 134 -51.76 22.63 -17.53
CA ASP Z 134 -50.32 22.68 -17.74
C ASP Z 134 -49.52 21.82 -16.78
N LEU Z 135 -50.09 21.49 -15.62
CA LEU Z 135 -49.36 20.82 -14.58
C LEU Z 135 -49.21 19.33 -14.87
N ARG Z 136 -48.16 18.74 -14.31
CA ARG Z 136 -47.98 17.29 -14.32
C ARG Z 136 -47.10 16.96 -13.13
N ILE Z 137 -47.66 16.27 -12.15
CA ILE Z 137 -47.03 16.13 -10.84
C ILE Z 137 -46.93 14.65 -10.51
N LEU Z 138 -45.72 14.17 -10.31
CA LEU Z 138 -45.48 12.79 -9.92
C LEU Z 138 -45.05 12.73 -8.47
N PRO Z 139 -45.89 12.27 -7.55
CA PRO Z 139 -45.52 12.27 -6.13
C PRO Z 139 -44.78 11.01 -5.73
N ASP Z 140 -44.08 11.10 -4.60
CA ASP Z 140 -43.53 9.92 -3.95
C ASP Z 140 -43.49 10.12 -2.44
N LEU Z 141 -43.34 9.01 -1.72
CA LEU Z 141 -43.45 8.97 -0.27
C LEU Z 141 -42.08 9.01 0.38
N TYR Z 142 -41.97 9.75 1.48
CA TYR Z 142 -40.71 9.89 2.20
C TYR Z 142 -40.82 9.28 3.59
N SER Z 143 -39.93 8.35 3.91
CA SER Z 143 -39.81 7.78 5.24
C SER Z 143 -38.55 8.34 5.90
N LEU Z 144 -38.68 8.76 7.16
CA LEU Z 144 -37.62 9.46 7.87
C LEU Z 144 -37.10 8.64 9.04
N THR Z 145 -35.94 9.06 9.53
CA THR Z 145 -35.38 8.51 10.75
C THR Z 145 -35.79 9.39 11.93
N PHE Z 146 -35.32 9.06 13.12
CA PHE Z 146 -35.71 9.86 14.29
C PHE Z 146 -35.00 11.20 14.31
N GLU Z 147 -33.77 11.26 13.81
CA GLU Z 147 -33.06 12.53 13.74
C GLU Z 147 -33.73 13.47 12.74
N GLN Z 148 -34.22 12.93 11.63
CA GLN Z 148 -34.88 13.77 10.64
C GLN Z 148 -36.25 14.23 11.12
N LEU Z 149 -36.97 13.37 11.84
CA LEU Z 149 -38.19 13.82 12.50
C LEU Z 149 -37.89 14.94 13.48
N ASN Z 150 -36.79 14.80 14.21
CA ASN Z 150 -36.38 15.83 15.16
C ASN Z 150 -36.16 17.16 14.44
N HIS Z 151 -35.40 17.13 13.35
CA HIS Z 151 -35.15 18.36 12.61
C HIS Z 151 -36.45 18.98 12.11
N LEU Z 152 -37.30 18.16 11.48
CA LEU Z 152 -38.55 18.65 10.93
C LEU Z 152 -39.42 19.32 12.01
N TRP Z 153 -39.74 18.58 13.06
CA TRP Z 153 -40.67 19.11 14.04
C TRP Z 153 -40.03 20.14 14.95
N GLY Z 154 -38.70 20.21 15.03
CA GLY Z 154 -38.07 21.35 15.65
C GLY Z 154 -38.23 22.60 14.83
N ALA Z 155 -38.18 22.47 13.51
CA ALA Z 155 -38.50 23.61 12.66
C ALA Z 155 -39.99 23.95 12.68
N LEU Z 156 -40.84 23.02 13.12
CA LEU Z 156 -42.28 23.26 13.11
C LEU Z 156 -42.91 23.52 14.46
N GLY Z 157 -42.13 23.60 15.53
CA GLY Z 157 -42.64 23.95 16.85
C GLY Z 157 -42.32 22.95 17.96
N GLY Z 158 -42.08 21.69 17.62
CA GLY Z 158 -41.65 20.73 18.61
C GLY Z 158 -42.68 19.76 19.15
N LYS Z 159 -43.78 19.53 18.44
CA LYS Z 159 -44.78 18.56 18.86
C LYS Z 159 -45.37 17.86 17.65
N GLN Z 160 -45.48 16.54 17.73
CA GLN Z 160 -45.95 15.71 16.64
C GLN Z 160 -47.46 15.55 16.63
N VAL Z 161 -47.99 15.24 15.45
CA VAL Z 161 -49.34 14.71 15.26
C VAL Z 161 -49.20 13.59 14.26
N PRO Z 162 -50.21 12.75 14.05
CA PRO Z 162 -50.12 11.77 12.95
C PRO Z 162 -49.96 12.46 11.61
N PHE Z 163 -48.93 12.07 10.87
CA PHE Z 163 -48.55 12.82 9.67
C PHE Z 163 -47.96 11.88 8.63
N VAL Z 164 -47.74 12.43 7.44
CA VAL Z 164 -47.04 11.74 6.37
C VAL Z 164 -46.44 12.79 5.43
N LEU Z 165 -45.33 12.44 4.77
CA LEU Z 165 -44.60 13.40 3.95
C LEU Z 165 -44.43 12.90 2.51
N TYR Z 166 -44.71 13.77 1.56
CA TYR Z 166 -44.61 13.44 0.15
C TYR Z 166 -43.81 14.51 -0.59
N ARG Z 167 -43.24 14.11 -1.72
CA ARG Z 167 -42.51 15.01 -2.60
C ARG Z 167 -43.17 15.03 -3.96
N ALA Z 168 -43.40 16.23 -4.49
CA ALA Z 168 -43.93 16.44 -5.83
C ALA Z 168 -42.81 16.98 -6.72
N ARG Z 169 -42.59 16.36 -7.87
CA ARG Z 169 -41.29 16.47 -8.52
C ARG Z 169 -41.04 17.80 -9.22
N ILE Z 170 -41.80 18.11 -10.27
CA ILE Z 170 -41.40 19.21 -11.15
C ILE Z 170 -42.47 20.29 -11.18
N LEU Z 171 -42.06 21.52 -10.92
CA LEU Z 171 -42.89 22.70 -11.15
C LEU Z 171 -42.00 23.80 -11.70
N SER Z 172 -42.40 24.39 -12.82
CA SER Z 172 -41.55 25.31 -13.57
C SER Z 172 -42.11 26.72 -13.52
N LEU Z 173 -41.24 27.68 -13.21
CA LEU Z 173 -41.62 29.08 -13.05
C LEU Z 173 -40.76 29.96 -13.94
N GLU Z 174 -41.38 30.97 -14.53
CA GLU Z 174 -40.66 31.96 -15.32
C GLU Z 174 -41.56 33.16 -15.57
N ALA Z 175 -40.94 34.25 -16.01
CA ALA Z 175 -41.62 35.49 -16.35
C ALA Z 175 -41.93 35.53 -17.85
N PRO Z 176 -43.07 36.08 -18.24
CA PRO Z 176 -43.42 36.20 -19.66
C PRO Z 176 -42.80 37.45 -20.30
N LYS Z 177 -41.49 37.40 -20.52
CA LYS Z 177 -40.77 38.56 -21.04
C LYS Z 177 -39.60 38.11 -21.90
N ARG Z 178 -39.51 38.68 -23.09
CA ARG Z 178 -38.42 38.41 -24.01
C ARG Z 178 -37.17 39.15 -23.56
N GLN Z 179 -36.02 38.71 -24.06
CA GLN Z 179 -34.77 39.38 -23.79
C GLN Z 179 -34.18 40.08 -25.00
N ALA Z 180 -34.06 39.41 -26.15
CA ALA Z 180 -33.50 40.08 -27.32
C ALA Z 180 -33.83 39.31 -28.59
N GLU Z 181 -33.36 39.84 -29.73
CA GLU Z 181 -33.55 39.20 -31.03
C GLU Z 181 -32.27 39.31 -31.85
N GLY Z 182 -32.11 38.38 -32.78
CA GLY Z 182 -30.97 38.38 -33.66
C GLY Z 182 -31.24 37.62 -34.94
N SER Z 183 -30.20 37.50 -35.77
CA SER Z 183 -30.32 36.84 -37.07
C SER Z 183 -29.30 35.72 -37.19
N THR Z 184 -29.54 34.82 -38.15
CA THR Z 184 -28.75 33.61 -38.33
C THR Z 184 -27.75 33.76 -39.48
N ILE Z 185 -27.03 32.67 -39.75
CA ILE Z 185 -25.95 32.66 -40.73
C ILE Z 185 -26.48 32.22 -42.08
N THR Z 186 -26.18 32.99 -43.12
CA THR Z 186 -26.60 32.66 -44.47
C THR Z 186 -25.51 32.77 -45.53
N GLU Z 187 -24.40 33.44 -45.25
CA GLU Z 187 -23.32 33.58 -46.22
C GLU Z 187 -21.99 33.53 -45.48
N ILE Z 188 -20.96 32.92 -46.09
CA ILE Z 188 -19.60 32.83 -45.50
C ILE Z 188 -18.48 33.17 -46.51
N TYR Z 189 -17.49 33.98 -46.12
CA TYR Z 189 -16.37 34.27 -46.99
C TYR Z 189 -15.18 33.66 -46.35
N ILE Z 190 -14.35 32.99 -47.14
CA ILE Z 190 -13.12 32.40 -46.65
C ILE Z 190 -12.05 33.12 -47.45
N ASN Z 191 -11.20 33.89 -46.77
CA ASN Z 191 -10.15 34.67 -47.41
C ASN Z 191 -10.72 35.51 -48.56
N MET AA 1 -13.49 33.39 -51.17
CA MET AA 1 -14.46 32.38 -51.55
C MET AA 1 -15.82 32.68 -50.95
N LYS AA 2 -16.70 33.30 -51.76
CA LYS AA 2 -18.06 33.65 -51.32
C LYS AA 2 -19.04 32.50 -51.60
N ILE AA 3 -19.76 32.08 -50.57
CA ILE AA 3 -20.70 30.97 -50.67
C ILE AA 3 -22.06 31.43 -50.17
N LEU AA 4 -23.04 31.47 -51.07
CA LEU AA 4 -24.39 31.91 -50.74
C LEU AA 4 -25.35 30.73 -50.76
N TYR AA 5 -26.19 30.64 -49.72
CA TYR AA 5 -27.14 29.55 -49.55
C TYR AA 5 -28.54 30.12 -49.43
N LYS AA 6 -29.51 29.40 -49.97
CA LYS AA 6 -30.90 29.84 -49.91
C LYS AA 6 -31.81 28.63 -49.73
N LYS AA 7 -32.85 28.78 -48.92
CA LYS AA 7 -33.76 27.68 -48.69
C LYS AA 7 -34.43 27.36 -50.02
N ILE AA 8 -34.59 26.06 -50.31
CA ILE AA 8 -35.20 25.63 -51.56
C ILE AA 8 -36.34 24.62 -51.37
N LEU AA 9 -36.55 24.16 -50.14
CA LEU AA 9 -37.59 23.16 -49.91
C LEU AA 9 -38.14 23.18 -48.51
N ASN AA 10 -39.46 23.04 -48.41
CA ASN AA 10 -40.13 22.96 -47.13
C ASN AA 10 -40.91 21.66 -47.08
N LEU AA 11 -40.66 20.86 -46.05
CA LEU AA 11 -41.34 19.59 -45.88
C LEU AA 11 -41.99 19.58 -44.51
N GLU AA 12 -43.32 19.51 -44.49
CA GLU AA 12 -44.01 19.55 -43.21
C GLU AA 12 -44.86 18.31 -43.00
N LEU AA 13 -45.04 17.95 -41.73
CA LEU AA 13 -45.77 16.76 -41.32
C LEU AA 13 -46.78 17.16 -40.26
N TRP AA 14 -48.05 16.84 -40.49
CA TRP AA 14 -49.14 17.25 -39.64
C TRP AA 14 -49.76 16.04 -38.95
N HIS AA 15 -50.30 16.26 -37.76
CA HIS AA 15 -51.01 15.22 -37.03
C HIS AA 15 -52.13 15.86 -36.23
N ASP AA 16 -53.35 15.33 -36.40
CA ASP AA 16 -54.50 15.86 -35.70
C ASP AA 16 -54.52 15.50 -34.23
N PHE AA 17 -53.67 14.58 -33.79
CA PHE AA 17 -53.52 14.31 -32.36
C PHE AA 17 -53.10 15.56 -31.60
N TYR AA 18 -52.35 16.45 -32.25
CA TYR AA 18 -51.92 17.72 -31.66
C TYR AA 18 -52.70 18.92 -32.18
N LEU AA 19 -53.05 18.92 -33.47
CA LEU AA 19 -53.63 20.11 -34.10
C LEU AA 19 -55.14 20.16 -33.96
N GLY AA 20 -55.82 19.03 -34.08
CA GLY AA 20 -57.26 19.05 -34.15
C GLY AA 20 -57.71 19.34 -35.57
N GLN AA 21 -58.94 19.88 -35.67
CA GLN AA 21 -59.51 20.28 -36.95
C GLN AA 21 -59.75 21.77 -36.97
N PRO AA 22 -58.87 22.58 -37.55
CA PRO AA 22 -59.18 24.00 -37.72
C PRO AA 22 -60.25 24.19 -38.78
N ASN AA 23 -61.07 25.23 -38.57
CA ASN AA 23 -62.17 25.48 -39.49
C ASN AA 23 -61.69 25.87 -40.89
N THR AA 24 -60.48 26.38 -41.01
CA THR AA 24 -59.85 26.58 -42.31
C THR AA 24 -58.34 26.55 -42.14
N PRO AA 25 -57.67 25.57 -42.74
CA PRO AA 25 -56.24 25.38 -42.48
C PRO AA 25 -55.39 26.50 -43.06
N GLY AA 26 -54.47 27.00 -42.25
CA GLY AA 26 -53.47 27.96 -42.68
C GLY AA 26 -52.08 27.41 -42.47
N SER AA 27 -51.32 28.04 -41.59
CA SER AA 27 -50.04 27.50 -41.15
C SER AA 27 -50.19 26.81 -39.80
N LEU AA 28 -49.12 26.16 -39.37
CA LEU AA 28 -49.10 25.54 -38.05
C LEU AA 28 -48.96 26.60 -36.97
N PRO AA 29 -49.28 26.27 -35.72
CA PRO AA 29 -49.04 27.23 -34.64
C PRO AA 29 -47.56 27.46 -34.39
N ASN AA 30 -47.24 28.40 -33.51
CA ASN AA 30 -45.84 28.71 -33.24
C ASN AA 30 -45.17 27.69 -32.34
N ASN AA 31 -45.94 26.88 -31.63
CA ASN AA 31 -45.40 25.89 -30.70
C ASN AA 31 -45.55 24.46 -31.21
N TYR AA 32 -45.61 24.29 -32.53
CA TYR AA 32 -45.77 22.95 -33.08
C TYR AA 32 -44.45 22.19 -32.99
N ASP AA 33 -44.55 20.88 -32.79
CA ASP AA 33 -43.37 20.04 -32.63
C ASP AA 33 -43.70 18.55 -32.73
N ILE AA 34 -42.95 17.83 -33.56
CA ILE AA 34 -43.07 16.38 -33.63
C ILE AA 34 -41.67 15.76 -33.56
N SER AA 35 -40.68 16.56 -33.14
CA SER AA 35 -39.30 16.13 -33.14
C SER AA 35 -39.05 14.87 -32.30
N ARG AA 36 -40.06 14.40 -31.57
CA ARG AA 36 -39.95 13.20 -30.75
C ARG AA 36 -40.92 12.11 -31.18
N THR AA 37 -41.58 12.27 -32.32
CA THR AA 37 -42.51 11.28 -32.84
C THR AA 37 -42.13 10.77 -34.21
N LEU AA 38 -41.64 11.65 -35.09
CA LEU AA 38 -41.32 11.29 -36.46
C LEU AA 38 -39.97 11.89 -36.83
N ALA AA 39 -39.26 11.21 -37.73
CA ALA AA 39 -37.96 11.68 -38.16
C ALA AA 39 -37.74 11.34 -39.63
N LEU AA 40 -37.05 12.24 -40.33
CA LEU AA 40 -36.67 12.05 -41.72
C LEU AA 40 -35.17 11.74 -41.79
N VAL AA 41 -34.81 10.74 -42.58
CA VAL AA 41 -33.42 10.28 -42.64
C VAL AA 41 -32.99 10.07 -44.09
N PRO AA 42 -32.00 10.79 -44.59
CA PRO AA 42 -31.56 10.55 -45.97
C PRO AA 42 -30.86 9.21 -46.11
N THR AA 43 -31.02 8.60 -47.28
CA THR AA 43 -30.30 7.37 -47.61
C THR AA 43 -28.88 7.70 -48.04
N GLN AA 44 -28.12 6.67 -48.42
CA GLN AA 44 -26.74 6.87 -48.83
C GLN AA 44 -26.67 7.52 -50.21
N GLU AA 45 -27.43 7.00 -51.16
CA GLU AA 45 -27.50 7.62 -52.48
C GLU AA 45 -27.93 9.08 -52.36
N CYS AA 46 -28.91 9.36 -51.52
CA CYS AA 46 -29.33 10.73 -51.30
C CYS AA 46 -28.17 11.58 -50.81
N LEU AA 47 -27.35 11.05 -49.91
CA LEU AA 47 -26.23 11.81 -49.38
C LEU AA 47 -25.24 12.15 -50.49
N ARG AA 48 -24.84 11.15 -51.28
CA ARG AA 48 -23.83 11.45 -52.30
C ARG AA 48 -24.39 12.33 -53.41
N VAL AA 49 -25.68 12.24 -53.69
CA VAL AA 49 -26.27 13.09 -54.72
C VAL AA 49 -26.36 14.53 -54.22
N LEU AA 50 -26.77 14.73 -52.97
CA LEU AA 50 -26.77 16.07 -52.39
C LEU AA 50 -25.37 16.65 -52.38
N ALA AA 51 -24.37 15.81 -52.12
CA ALA AA 51 -22.99 16.27 -52.19
C ALA AA 51 -22.65 16.76 -53.59
N ASN AA 52 -22.98 15.96 -54.61
CA ASN AA 52 -22.65 16.36 -55.98
C ASN AA 52 -23.37 17.64 -56.38
N LEU AA 53 -24.60 17.84 -55.91
CA LEU AA 53 -25.36 19.02 -56.29
C LEU AA 53 -25.04 20.24 -55.45
N ARG AA 54 -24.24 20.09 -54.39
CA ARG AA 54 -23.94 21.16 -53.44
C ARG AA 54 -25.21 21.68 -52.77
N TRP AA 55 -26.01 20.77 -52.22
CA TRP AA 55 -27.16 21.12 -51.42
C TRP AA 55 -26.98 20.57 -50.00
N VAL AA 56 -27.68 21.19 -49.06
CA VAL AA 56 -27.51 20.93 -47.64
C VAL AA 56 -28.84 20.51 -47.04
N PHE AA 57 -28.83 19.41 -46.29
CA PHE AA 57 -30.01 18.91 -45.60
C PHE AA 57 -30.02 19.40 -44.15
N ARG AA 58 -31.22 19.70 -43.63
CA ARG AA 58 -31.29 20.14 -42.26
C ARG AA 58 -32.59 19.71 -41.60
N PRO AA 59 -32.54 19.02 -40.47
CA PRO AA 59 -33.76 18.71 -39.73
C PRO AA 59 -34.37 19.98 -39.12
N GLN AA 60 -35.66 19.89 -38.81
CA GLN AA 60 -36.39 21.01 -38.25
C GLN AA 60 -37.34 20.52 -37.18
N LEU AA 61 -37.95 21.46 -36.47
CA LEU AA 61 -38.93 21.11 -35.45
C LEU AA 61 -40.25 20.63 -36.04
N TYR AA 62 -40.46 20.84 -37.34
CA TYR AA 62 -41.68 20.44 -38.02
C TYR AA 62 -41.43 19.46 -39.15
N GLY AA 63 -40.19 19.05 -39.38
CA GLY AA 63 -39.83 18.31 -40.58
C GLY AA 63 -38.38 18.52 -40.95
N ALA AA 64 -38.13 18.95 -42.20
CA ALA AA 64 -36.77 19.17 -42.66
C ALA AA 64 -36.78 20.31 -43.68
N SER AA 65 -35.58 20.63 -44.17
CA SER AA 65 -35.41 21.66 -45.19
C SER AA 65 -34.17 21.37 -46.00
N LEU AA 66 -34.14 21.92 -47.21
CA LEU AA 66 -32.98 21.83 -48.10
C LEU AA 66 -32.53 23.23 -48.50
N PHE AA 67 -31.21 23.42 -48.54
CA PHE AA 67 -30.59 24.68 -48.90
C PHE AA 67 -29.71 24.48 -50.13
N ALA AA 68 -29.88 25.34 -51.12
CA ALA AA 68 -29.12 25.30 -52.35
C ALA AA 68 -28.07 26.40 -52.37
N ASN AA 69 -27.00 26.15 -53.10
CA ASN AA 69 -25.88 27.09 -53.24
C ASN AA 69 -26.08 27.87 -54.53
N VAL AA 70 -26.29 29.18 -54.43
CA VAL AA 70 -26.75 29.98 -55.55
C VAL AA 70 -25.82 31.18 -55.77
N ASN AA 71 -26.11 31.92 -56.84
CA ASN AA 71 -25.40 33.15 -57.18
C ASN AA 71 -26.37 34.32 -57.06
N ALA AA 72 -25.90 35.42 -56.48
CA ALA AA 72 -26.75 36.59 -56.28
C ALA AA 72 -26.78 37.42 -57.56
N ALA AA 73 -27.90 37.40 -58.26
CA ALA AA 73 -28.11 38.18 -59.45
C ALA AA 73 -28.80 39.50 -59.10
N PRO AA 74 -28.70 40.51 -59.97
CA PRO AA 74 -29.41 41.77 -59.69
C PRO AA 74 -30.90 41.66 -59.86
N SER AA 75 -31.39 40.80 -60.76
CA SER AA 75 -32.80 40.71 -61.05
C SER AA 75 -33.63 40.28 -59.84
N GLY AA 76 -33.00 39.73 -58.82
CA GLY AA 76 -33.72 39.10 -57.74
C GLY AA 76 -33.90 37.61 -57.91
N GLN AA 77 -33.69 37.10 -59.13
CA GLN AA 77 -33.68 35.67 -59.36
C GLN AA 77 -32.36 35.08 -58.90
N PHE AA 78 -32.41 33.84 -58.44
CA PHE AA 78 -31.24 33.18 -57.87
C PHE AA 78 -30.88 31.95 -58.68
N PRO AA 79 -29.85 32.01 -59.52
CA PRO AA 79 -29.44 30.84 -60.30
C PRO AA 79 -28.48 29.94 -59.54
N THR AA 80 -28.55 28.65 -59.86
CA THR AA 80 -27.63 27.71 -59.25
C THR AA 80 -26.25 27.89 -59.86
N ILE AA 81 -25.24 27.42 -59.12
CA ILE AA 81 -23.85 27.56 -59.58
C ILE AA 81 -23.64 26.96 -60.96
N PHE AA 82 -24.42 25.94 -61.28
CA PHE AA 82 -24.40 25.37 -62.60
C PHE AA 82 -25.80 24.96 -62.98
N PRO AA 83 -26.07 24.81 -64.27
CA PRO AA 83 -27.42 24.40 -64.68
C PRO AA 83 -27.70 22.95 -64.31
N ILE AA 84 -28.74 22.76 -63.52
CA ILE AA 84 -29.22 21.42 -63.16
C ILE AA 84 -30.30 21.07 -64.19
N ASP AA 85 -29.88 20.47 -65.29
CA ASP AA 85 -30.78 20.22 -66.41
C ASP AA 85 -30.88 18.74 -66.77
N ARG AA 86 -30.55 17.85 -65.84
CA ARG AA 86 -30.78 16.42 -66.00
C ARG AA 86 -31.87 15.98 -65.04
N VAL AA 87 -32.11 14.68 -64.99
CA VAL AA 87 -33.12 14.08 -64.13
C VAL AA 87 -32.44 13.56 -62.87
N TYR AA 88 -33.00 13.90 -61.70
CA TYR AA 88 -32.42 13.48 -60.44
C TYR AA 88 -33.51 12.97 -59.50
N ARG AA 89 -33.08 12.23 -58.47
CA ARG AA 89 -34.00 11.48 -57.63
C ARG AA 89 -33.45 11.45 -56.20
N LEU AA 90 -34.26 11.90 -55.24
CA LEU AA 90 -33.84 11.99 -53.84
C LEU AA 90 -34.81 11.23 -52.97
N THR AA 91 -34.28 10.42 -52.05
CA THR AA 91 -35.10 9.52 -51.24
C THR AA 91 -34.83 9.73 -49.76
N PHE AA 92 -35.84 9.48 -48.95
CA PHE AA 92 -35.75 9.66 -47.50
C PHE AA 92 -36.56 8.59 -46.78
N TRP AA 93 -35.99 8.05 -45.70
CA TRP AA 93 -36.71 7.20 -44.78
C TRP AA 93 -37.54 8.04 -43.81
N LEU AA 94 -38.72 7.55 -43.48
CA LEU AA 94 -39.55 8.13 -42.43
C LEU AA 94 -39.63 7.12 -41.30
N VAL AA 95 -39.12 7.50 -40.13
CA VAL AA 95 -39.03 6.61 -38.98
C VAL AA 95 -39.88 7.17 -37.84
N VAL AA 96 -40.46 6.26 -37.06
CA VAL AA 96 -41.33 6.60 -35.94
C VAL AA 96 -40.58 6.40 -34.65
N SER AA 97 -40.71 7.36 -33.73
CA SER AA 97 -40.05 7.28 -32.44
C SER AA 97 -41.01 6.95 -31.29
N ASP AA 98 -42.26 7.36 -31.39
CA ASP AA 98 -43.22 7.23 -30.31
C ASP AA 98 -43.89 5.86 -30.37
N ARG AA 99 -43.80 5.14 -29.27
CA ARG AA 99 -44.53 3.86 -29.19
C ARG AA 99 -45.99 4.22 -29.08
N TYR AA 100 -46.87 3.23 -29.16
CA TYR AA 100 -48.31 3.43 -29.19
C TYR AA 100 -48.75 4.32 -30.35
N PHE AA 101 -47.86 4.55 -31.32
CA PHE AA 101 -48.20 5.40 -32.46
C PHE AA 101 -49.38 4.84 -33.24
N ALA AA 102 -49.39 3.55 -33.47
CA ALA AA 102 -50.43 2.86 -34.22
C ALA AA 102 -51.76 2.86 -33.51
N ASN AA 103 -51.88 3.51 -32.35
CA ASN AA 103 -53.13 3.54 -31.61
C ASN AA 103 -53.91 4.84 -31.79
N PHE AA 104 -53.24 5.95 -32.10
CA PHE AA 104 -53.91 7.24 -32.22
C PHE AA 104 -53.76 7.84 -33.62
N THR AA 105 -53.59 7.01 -34.66
CA THR AA 105 -53.19 7.52 -35.95
C THR AA 105 -54.15 7.12 -37.08
N ASN AA 106 -55.23 6.41 -36.76
CA ASN AA 106 -56.23 6.05 -37.77
C ASN AA 106 -55.60 5.31 -38.95
N LEU AA 107 -55.02 4.16 -38.66
CA LEU AA 107 -54.44 3.28 -39.67
C LEU AA 107 -55.27 2.02 -39.81
N SER AA 108 -54.94 1.20 -40.80
CA SER AA 108 -55.69 -0.02 -41.05
C SER AA 108 -55.26 -1.11 -40.07
N LEU AA 109 -56.22 -1.71 -39.40
CA LEU AA 109 -55.97 -2.72 -38.38
C LEU AA 109 -55.80 -4.12 -38.95
N ILE AA 110 -55.76 -4.26 -40.26
CA ILE AA 110 -55.61 -5.55 -40.91
C ILE AA 110 -54.13 -5.90 -40.96
N ASN AA 111 -53.82 -7.16 -40.68
CA ASN AA 111 -52.44 -7.60 -40.54
C ASN AA 111 -51.67 -7.41 -41.83
N SER AA 112 -50.75 -6.44 -41.83
CA SER AA 112 -49.93 -6.14 -42.98
C SER AA 112 -48.51 -5.93 -42.49
N ARG AA 113 -47.66 -6.93 -42.68
CA ARG AA 113 -46.25 -6.85 -42.34
C ARG AA 113 -45.36 -6.94 -43.57
N ASN AA 114 -45.93 -7.00 -44.76
CA ASN AA 114 -45.19 -7.03 -46.01
C ASN AA 114 -45.49 -5.80 -46.87
N GLN AA 115 -45.91 -4.71 -46.25
CA GLN AA 115 -46.28 -3.51 -46.97
C GLN AA 115 -45.63 -2.31 -46.32
N ILE AA 116 -45.61 -1.19 -47.05
CA ILE AA 116 -44.96 0.04 -46.61
C ILE AA 116 -45.64 1.21 -47.31
N TYR AA 117 -45.57 2.37 -46.68
CA TYR AA 117 -46.19 3.56 -47.24
C TYR AA 117 -45.24 4.24 -48.22
N TYR AA 118 -45.79 5.18 -49.00
CA TYR AA 118 -45.02 5.79 -50.07
C TYR AA 118 -45.63 7.15 -50.41
N PHE AA 119 -44.77 8.16 -50.51
CA PHE AA 119 -45.18 9.53 -50.79
C PHE AA 119 -44.24 10.13 -51.83
N SER AA 120 -44.79 10.99 -52.68
CA SER AA 120 -44.02 11.51 -53.81
C SER AA 120 -44.60 12.87 -54.21
N ASN AA 121 -43.91 13.52 -55.15
CA ASN AA 121 -44.40 14.77 -55.73
C ASN AA 121 -45.01 14.56 -57.09
N LEU AA 122 -45.38 13.32 -57.41
CA LEU AA 122 -46.08 12.97 -58.65
C LEU AA 122 -47.49 12.51 -58.35
N SER AA 123 -48.18 13.21 -57.44
CA SER AA 123 -49.51 12.79 -57.02
C SER AA 123 -50.58 13.85 -57.28
N GLY AA 124 -50.25 14.92 -58.00
CA GLY AA 124 -51.15 16.04 -58.18
C GLY AA 124 -51.63 16.60 -56.85
N ASN AA 125 -52.94 16.57 -56.63
CA ASN AA 125 -53.54 16.94 -55.36
C ASN AA 125 -53.06 18.30 -54.85
N GLU AA 126 -53.20 19.32 -55.70
CA GLU AA 126 -52.82 20.69 -55.34
C GLU AA 126 -54.09 21.47 -55.03
N GLY AA 127 -54.55 21.36 -53.78
CA GLY AA 127 -55.76 22.03 -53.34
C GLY AA 127 -55.45 23.29 -52.56
N HIS AA 128 -55.50 23.22 -51.24
CA HIS AA 128 -55.05 24.32 -50.40
C HIS AA 128 -53.62 24.13 -49.95
N ALA AA 129 -52.96 23.08 -50.41
CA ALA AA 129 -51.56 22.84 -50.14
C ALA AA 129 -51.00 21.98 -51.27
N LEU AA 130 -49.73 21.63 -51.16
CA LEU AA 130 -49.12 20.66 -52.05
C LEU AA 130 -49.03 19.34 -51.28
N PHE AA 131 -50.01 18.47 -51.50
CA PHE AA 131 -50.13 17.23 -50.75
C PHE AA 131 -49.36 16.11 -51.43
N LEU AA 132 -48.50 15.43 -50.68
CA LEU AA 132 -47.71 14.31 -51.18
C LEU AA 132 -48.47 12.99 -51.13
N THR AA 133 -49.76 13.04 -50.84
CA THR AA 133 -50.61 11.86 -50.82
C THR AA 133 -51.42 11.78 -52.11
N GLN AA 134 -52.06 10.63 -52.32
CA GLN AA 134 -52.93 10.46 -53.47
C GLN AA 134 -54.28 11.11 -53.19
N PRO AA 135 -54.97 11.59 -54.23
CA PRO AA 135 -56.26 12.25 -54.01
C PRO AA 135 -57.30 11.27 -53.50
N LEU AA 136 -58.06 11.71 -52.51
CA LEU AA 136 -59.10 10.88 -51.93
C LEU AA 136 -60.20 10.60 -52.94
N SER AA 137 -60.77 9.39 -52.86
CA SER AA 137 -61.85 9.03 -53.76
C SER AA 137 -63.14 9.77 -53.37
N ALA AA 138 -64.13 9.70 -54.25
CA ALA AA 138 -65.38 10.41 -54.08
C ALA AA 138 -66.44 9.50 -53.48
N TYR AA 139 -67.41 10.10 -52.81
CA TYR AA 139 -68.54 9.36 -52.27
C TYR AA 139 -69.49 9.00 -53.40
N THR AA 140 -69.69 7.71 -53.62
CA THR AA 140 -70.56 7.22 -54.69
C THR AA 140 -71.72 6.44 -54.08
N THR AA 141 -72.52 5.84 -54.96
CA THR AA 141 -73.64 5.02 -54.56
C THR AA 141 -73.35 3.56 -54.87
N ASN AA 142 -73.81 2.69 -53.95
CA ASN AA 142 -73.65 1.24 -54.09
C ASN AA 142 -72.19 0.81 -54.10
N ASN AA 143 -71.45 1.17 -53.05
CA ASN AA 143 -70.11 0.64 -52.82
C ASN AA 143 -69.95 0.20 -51.38
N GLU AA 144 -68.79 -0.38 -51.09
CA GLU AA 144 -68.50 -1.00 -49.81
C GLU AA 144 -67.39 -0.21 -49.12
N TYR AA 145 -67.71 0.33 -47.95
CA TYR AA 145 -66.75 1.10 -47.17
C TYR AA 145 -66.54 0.45 -45.82
N GLN AA 146 -65.28 0.35 -45.41
CA GLN AA 146 -64.95 -0.16 -44.09
C GLN AA 146 -64.99 0.96 -43.06
N LEU AA 147 -65.13 0.57 -41.80
CA LEU AA 147 -65.08 1.51 -40.70
C LEU AA 147 -63.72 2.20 -40.66
N GLY AA 148 -63.71 3.52 -40.83
CA GLY AA 148 -62.49 4.30 -40.84
C GLY AA 148 -62.18 4.99 -42.15
N GLN AA 149 -62.95 4.76 -43.20
CA GLN AA 149 -62.63 5.32 -44.50
C GLN AA 149 -62.96 6.82 -44.57
N LEU AA 150 -62.07 7.57 -45.20
CA LEU AA 150 -62.27 8.99 -45.47
C LEU AA 150 -62.55 9.19 -46.95
N VAL AA 151 -63.63 9.89 -47.25
CA VAL AA 151 -64.02 10.20 -48.62
C VAL AA 151 -64.35 11.70 -48.72
N THR AA 152 -64.69 12.14 -49.92
CA THR AA 152 -65.02 13.53 -50.17
C THR AA 152 -66.44 13.63 -50.72
N HIS AA 153 -67.15 14.67 -50.30
CA HIS AA 153 -68.51 14.88 -50.78
C HIS AA 153 -68.97 16.27 -50.38
N ALA AA 154 -69.56 16.99 -51.34
CA ALA AA 154 -70.19 18.29 -51.12
C ALA AA 154 -69.31 19.23 -50.31
N ASP AA 155 -68.11 19.47 -50.82
CA ASP AA 155 -67.15 20.41 -50.24
C ASP AA 155 -66.66 19.98 -48.87
N LYS AA 156 -66.88 18.74 -48.46
CA LYS AA 156 -66.54 18.28 -47.13
C LYS AA 156 -65.84 16.93 -47.21
N THR AA 157 -65.29 16.52 -46.07
CA THR AA 157 -64.64 15.23 -45.94
C THR AA 157 -65.45 14.38 -44.97
N LEU AA 158 -65.74 13.15 -45.37
CA LEU AA 158 -66.60 12.24 -44.63
C LEU AA 158 -65.79 11.10 -44.04
N GLU AA 159 -66.09 10.78 -42.79
CA GLU AA 159 -65.49 9.65 -42.09
C GLU AA 159 -66.55 8.56 -41.88
N SER AA 160 -66.14 7.30 -42.01
CA SER AA 160 -67.07 6.19 -41.89
C SER AA 160 -67.12 5.69 -40.45
N LEU AA 161 -68.34 5.40 -39.97
CA LEU AA 161 -68.52 4.93 -38.61
C LEU AA 161 -68.95 3.48 -38.50
N THR AA 162 -69.36 2.84 -39.60
CA THR AA 162 -69.78 1.45 -39.54
C THR AA 162 -69.68 0.84 -40.93
N TYR AA 163 -69.79 -0.48 -40.98
CA TYR AA 163 -69.65 -1.23 -42.23
C TYR AA 163 -70.93 -1.12 -43.06
N GLN AA 164 -70.77 -0.82 -44.35
CA GLN AA 164 -71.90 -0.66 -45.26
C GLN AA 164 -71.64 -1.50 -46.51
N GLY AA 165 -72.45 -2.55 -46.71
CA GLY AA 165 -72.34 -3.36 -47.90
C GLY AA 165 -72.93 -2.75 -49.15
N ASN AA 166 -73.80 -1.76 -48.99
CA ASN AA 166 -74.38 -1.06 -50.13
C ASN AA 166 -74.73 0.35 -49.68
N ALA AA 167 -74.33 1.33 -50.48
CA ALA AA 167 -74.44 2.72 -50.09
C ALA AA 167 -75.82 3.27 -50.40
N THR AA 168 -76.03 4.54 -50.05
CA THR AA 168 -77.27 5.25 -50.28
C THR AA 168 -77.05 6.32 -51.35
N ASN AA 169 -78.14 6.86 -51.89
CA ASN AA 169 -78.02 7.98 -52.80
C ASN AA 169 -77.53 9.22 -52.08
N ILE AA 170 -78.01 9.45 -50.86
CA ILE AA 170 -77.57 10.58 -50.05
C ILE AA 170 -76.92 10.04 -48.77
N PRO AA 171 -75.78 10.59 -48.34
CA PRO AA 171 -75.14 10.15 -47.10
C PRO AA 171 -76.10 9.98 -45.93
N ASN AA 172 -75.99 8.85 -45.24
CA ASN AA 172 -76.78 8.58 -44.04
C ASN AA 172 -76.10 9.24 -42.86
N PRO AA 173 -76.70 10.25 -42.25
CA PRO AA 173 -75.99 11.06 -41.24
C PRO AA 173 -75.61 10.30 -39.98
N SER AA 174 -76.12 9.10 -39.78
CA SER AA 174 -75.73 8.29 -38.63
C SER AA 174 -74.54 7.38 -38.93
N ASP AA 175 -73.95 7.49 -40.12
CA ASP AA 175 -72.80 6.69 -40.49
C ASP AA 175 -71.58 7.52 -40.86
N TRP AA 176 -71.71 8.84 -40.92
CA TRP AA 176 -70.65 9.69 -41.42
C TRP AA 176 -70.56 10.96 -40.60
N ASP AA 177 -69.34 11.44 -40.41
CA ASP AA 177 -69.11 12.71 -39.73
C ASP AA 177 -68.78 13.78 -40.76
N SER AA 178 -68.69 15.03 -40.29
CA SER AA 178 -68.57 16.20 -41.18
C SER AA 178 -67.37 17.03 -40.75
N LEU AA 179 -66.26 16.87 -41.46
CA LEU AA 179 -65.02 17.59 -41.22
C LEU AA 179 -64.75 18.60 -42.32
N PRO AA 180 -63.85 19.55 -42.10
CA PRO AA 180 -63.49 20.49 -43.17
C PRO AA 180 -62.73 19.79 -44.29
N ALA AA 181 -62.64 20.49 -45.42
CA ALA AA 181 -62.07 19.92 -46.64
C ALA AA 181 -60.56 19.91 -46.54
N SER AA 182 -59.98 18.70 -46.54
CA SER AA 182 -58.54 18.52 -46.54
C SER AA 182 -58.26 17.08 -46.95
N GLN AA 183 -57.01 16.81 -47.29
CA GLN AA 183 -56.58 15.48 -47.66
C GLN AA 183 -55.74 14.87 -46.54
N TYR AA 184 -55.76 13.54 -46.45
CA TYR AA 184 -55.04 12.83 -45.41
C TYR AA 184 -54.40 11.58 -46.01
N VAL AA 185 -53.84 10.75 -45.13
CA VAL AA 185 -53.29 9.45 -45.51
C VAL AA 185 -54.40 8.42 -45.49
N SER AA 186 -54.38 7.50 -46.45
CA SER AA 186 -55.38 6.45 -46.53
C SER AA 186 -54.72 5.19 -47.08
N GLU AA 187 -55.53 4.18 -47.35
CA GLU AA 187 -55.04 2.91 -47.86
C GLU AA 187 -54.61 2.98 -49.30
N LEU AA 188 -54.65 4.15 -49.92
CA LEU AA 188 -54.18 4.31 -51.29
C LEU AA 188 -52.68 4.45 -51.37
N ASP AA 189 -51.97 4.37 -50.24
CA ASP AA 189 -50.52 4.55 -50.20
C ASP AA 189 -49.83 3.33 -49.62
N HIS AA 190 -50.52 2.20 -49.54
CA HIS AA 190 -50.01 1.01 -48.88
C HIS AA 190 -49.54 0.05 -49.96
N LEU AA 191 -48.28 0.17 -50.33
CA LEU AA 191 -47.70 -0.66 -51.38
C LEU AA 191 -46.94 -1.83 -50.78
N PRO AA 192 -46.89 -2.97 -51.48
CA PRO AA 192 -46.15 -4.12 -50.96
C PRO AA 192 -44.65 -3.92 -51.03
N ARG AA 193 -43.96 -4.22 -49.92
CA ARG AA 193 -42.53 -4.07 -49.86
C ARG AA 193 -41.84 -5.39 -50.18
N GLN AA 194 -40.66 -5.31 -50.78
CA GLN AA 194 -39.93 -6.48 -51.24
C GLN AA 194 -38.45 -6.35 -50.92
N GLY AA 195 -37.80 -7.49 -50.73
CA GLY AA 195 -36.38 -7.53 -50.50
C GLY AA 195 -35.60 -8.00 -51.71
N THR AA 196 -34.54 -8.78 -51.48
CA THR AA 196 -33.59 -9.05 -52.55
C THR AA 196 -34.05 -10.18 -53.47
N TYR AA 197 -34.66 -11.23 -52.93
CA TYR AA 197 -34.99 -12.42 -53.72
C TYR AA 197 -36.50 -12.48 -53.97
N ARG AA 198 -36.87 -12.83 -55.20
CA ARG AA 198 -38.26 -12.93 -55.60
C ARG AA 198 -38.55 -14.30 -56.20
N THR AA 199 -39.78 -14.78 -55.98
CA THR AA 199 -40.30 -15.95 -56.67
C THR AA 199 -41.39 -15.48 -57.63
N GLN AA 200 -41.10 -15.51 -58.92
CA GLN AA 200 -42.05 -15.09 -59.93
C GLN AA 200 -42.62 -16.30 -60.65
N VAL AA 201 -43.94 -16.28 -60.87
CA VAL AA 201 -44.66 -17.40 -61.46
C VAL AA 201 -45.19 -17.00 -62.82
N ILE AA 202 -44.89 -17.80 -63.84
CA ILE AA 202 -45.41 -17.63 -65.18
C ILE AA 202 -46.61 -18.55 -65.34
N THR AA 203 -47.72 -18.00 -65.80
CA THR AA 203 -48.90 -18.78 -66.12
C THR AA 203 -48.88 -19.18 -67.58
N ASN AA 204 -49.42 -20.37 -67.87
CA ASN AA 204 -49.39 -20.95 -69.21
C ASN AA 204 -47.96 -21.01 -69.74
N ALA AA 205 -47.10 -21.68 -68.97
CA ALA AA 205 -45.70 -21.78 -69.32
C ALA AA 205 -45.53 -22.60 -70.60
N ASN AA 206 -44.98 -21.97 -71.63
CA ASN AA 206 -44.90 -22.59 -72.95
C ASN AA 206 -43.46 -22.91 -73.30
N PRO AA 207 -43.06 -24.19 -73.32
CA PRO AA 207 -41.66 -24.53 -73.59
C PRO AA 207 -41.14 -24.03 -74.93
N ASP AA 208 -42.02 -23.69 -75.87
CA ASP AA 208 -41.59 -23.24 -77.18
C ASP AA 208 -41.26 -21.75 -77.22
N ASN AA 209 -41.14 -21.09 -76.07
CA ASN AA 209 -40.97 -19.65 -76.03
C ASN AA 209 -39.94 -19.28 -74.97
N THR AA 210 -39.74 -17.97 -74.80
CA THR AA 210 -38.86 -17.42 -73.79
C THR AA 210 -39.54 -16.21 -73.19
N TYR AA 211 -38.90 -15.59 -72.21
CA TYR AA 211 -39.45 -14.42 -71.55
C TYR AA 211 -38.32 -13.49 -71.13
N ASN AA 212 -38.52 -12.20 -71.32
CA ASN AA 212 -37.59 -11.17 -70.91
C ASN AA 212 -38.25 -10.30 -69.84
N PHE AA 213 -37.73 -10.35 -68.62
CA PHE AA 213 -38.24 -9.56 -67.51
C PHE AA 213 -37.43 -8.27 -67.37
N THR AA 214 -38.12 -7.18 -67.02
CA THR AA 214 -37.48 -5.89 -66.88
C THR AA 214 -38.00 -5.17 -65.65
N LEU AA 215 -37.22 -4.20 -65.18
CA LEU AA 215 -37.56 -3.35 -64.04
C LEU AA 215 -37.49 -1.89 -64.48
N VAL AA 216 -38.54 -1.13 -64.20
CA VAL AA 216 -38.64 0.26 -64.65
C VAL AA 216 -38.94 1.14 -63.45
N ASN AA 217 -38.15 2.19 -63.26
CA ASN AA 217 -38.34 3.09 -62.13
C ASN AA 217 -39.22 4.28 -62.50
N THR AA 218 -39.36 5.22 -61.56
CA THR AA 218 -40.27 6.34 -61.74
C THR AA 218 -39.85 7.25 -62.89
N ASN AA 219 -38.56 7.34 -63.17
CA ASN AA 219 -38.09 8.13 -64.30
C ASN AA 219 -38.25 7.43 -65.63
N GLU AA 220 -38.93 6.28 -65.65
CA GLU AA 220 -39.18 5.50 -66.87
C GLU AA 220 -37.88 5.06 -67.52
N GLN AA 221 -36.91 4.69 -66.71
CA GLN AA 221 -35.64 4.13 -67.17
C GLN AA 221 -35.56 2.66 -66.82
N GLU AA 222 -35.24 1.83 -67.81
CA GLU AA 222 -34.99 0.42 -67.54
C GLU AA 222 -33.73 0.28 -66.71
N SER AA 223 -33.81 -0.53 -65.64
CA SER AA 223 -32.72 -0.66 -64.70
C SER AA 223 -32.16 -2.06 -64.56
N TRP AA 224 -32.81 -3.07 -65.15
CA TRP AA 224 -32.48 -4.45 -64.84
C TRP AA 224 -33.22 -5.35 -65.81
N ALA AA 225 -32.60 -6.48 -66.15
CA ALA AA 225 -33.22 -7.40 -67.09
C ALA AA 225 -32.46 -8.72 -67.06
N ILE AA 226 -33.21 -9.82 -67.20
CA ILE AA 226 -32.68 -11.16 -67.40
C ILE AA 226 -33.61 -11.92 -68.34
N ASP AA 227 -33.23 -13.17 -68.64
CA ASP AA 227 -34.06 -14.07 -69.42
C ASP AA 227 -34.25 -15.38 -68.67
N VAL AA 228 -35.37 -16.05 -68.95
CA VAL AA 228 -35.70 -17.34 -68.36
C VAL AA 228 -36.17 -18.27 -69.46
N ILE AA 229 -35.61 -19.49 -69.50
CA ILE AA 229 -35.87 -20.43 -70.58
C ILE AA 229 -36.59 -21.64 -69.99
N VAL AA 230 -37.87 -21.79 -70.33
CA VAL AA 230 -38.67 -22.92 -69.85
C VAL AA 230 -38.19 -24.19 -70.53
N PRO AA 231 -37.90 -25.26 -69.79
CA PRO AA 231 -37.37 -26.48 -70.41
C PRO AA 231 -38.41 -27.17 -71.28
N ASP AA 232 -37.92 -28.06 -72.14
CA ASP AA 232 -38.74 -28.70 -73.15
C ASP AA 232 -39.36 -30.01 -72.69
N THR AA 233 -39.46 -30.22 -71.37
CA THR AA 233 -40.19 -31.35 -70.82
C THR AA 233 -41.32 -30.88 -69.91
N HIS AA 234 -41.71 -29.62 -70.05
CA HIS AA 234 -42.73 -29.00 -69.21
C HIS AA 234 -44.05 -29.02 -69.96
N LYS AA 235 -45.00 -29.79 -69.45
CA LYS AA 235 -46.32 -29.90 -70.07
C LYS AA 235 -46.96 -28.53 -70.21
N SER AA 236 -47.21 -28.14 -71.46
CA SER AA 236 -47.66 -26.78 -71.77
C SER AA 236 -48.97 -26.45 -71.09
N GLY AA 237 -49.00 -25.33 -70.37
CA GLY AA 237 -50.20 -24.84 -69.73
C GLY AA 237 -50.12 -24.74 -68.22
N GLU AA 238 -49.15 -25.39 -67.58
CA GLU AA 238 -49.03 -25.33 -66.13
C GLU AA 238 -48.21 -24.13 -65.70
N PRO AA 239 -48.37 -23.67 -64.46
CA PRO AA 239 -47.53 -22.59 -63.95
C PRO AA 239 -46.08 -23.04 -63.82
N PHE AA 240 -45.19 -22.05 -63.78
CA PHE AA 240 -43.76 -22.32 -63.66
C PHE AA 240 -43.12 -21.22 -62.83
N SER AA 241 -42.44 -21.60 -61.75
CA SER AA 241 -41.85 -20.62 -60.85
C SER AA 241 -40.37 -20.46 -61.12
N THR AA 242 -39.86 -19.28 -60.80
CA THR AA 242 -38.45 -18.96 -60.99
C THR AA 242 -38.01 -18.00 -59.90
N SER AA 243 -36.70 -17.93 -59.69
CA SER AA 243 -36.09 -17.09 -58.67
C SER AA 243 -35.37 -15.91 -59.31
N LEU AA 244 -35.56 -14.73 -58.75
CA LEU AA 244 -34.99 -13.49 -59.26
C LEU AA 244 -34.21 -12.79 -58.16
N ASN AA 245 -33.16 -12.07 -58.58
CA ASN AA 245 -32.23 -11.41 -57.66
C ASN AA 245 -32.06 -9.96 -58.08
N PHE AA 246 -32.33 -9.03 -57.16
CA PHE AA 246 -32.20 -7.60 -57.40
C PHE AA 246 -31.10 -6.98 -56.55
N VAL AA 247 -29.97 -7.67 -56.42
CA VAL AA 247 -29.00 -7.35 -55.38
C VAL AA 247 -28.39 -5.96 -55.58
N GLY AA 248 -28.30 -5.49 -56.82
CA GLY AA 248 -27.55 -4.27 -57.08
C GLY AA 248 -28.34 -3.01 -57.36
N GLN AA 249 -29.58 -2.94 -56.88
CA GLN AA 249 -30.44 -1.79 -57.12
C GLN AA 249 -30.62 -0.97 -55.86
N THR AA 250 -31.02 0.30 -56.05
CA THR AA 250 -31.21 1.26 -54.97
C THR AA 250 -32.67 1.34 -54.60
N PRO AA 251 -33.00 1.42 -53.31
CA PRO AA 251 -34.39 1.29 -52.88
C PRO AA 251 -35.29 2.36 -53.48
N GLY AA 252 -36.51 1.98 -53.80
CA GLY AA 252 -37.41 2.91 -54.45
C GLY AA 252 -38.55 2.18 -55.13
N HIS AA 253 -39.39 2.96 -55.79
CA HIS AA 253 -40.59 2.45 -56.44
C HIS AA 253 -40.26 1.92 -57.84
N TYR AA 254 -40.68 0.70 -58.13
CA TYR AA 254 -40.36 0.06 -59.40
C TYR AA 254 -41.57 -0.70 -59.92
N ARG AA 255 -41.59 -0.89 -61.24
CA ARG AA 255 -42.59 -1.68 -61.94
C ARG AA 255 -41.88 -2.83 -62.63
N LEU AA 256 -42.29 -4.06 -62.31
CA LEU AA 256 -41.73 -5.25 -62.91
C LEU AA 256 -42.60 -5.69 -64.08
N LEU AA 257 -41.99 -5.73 -65.27
CA LEU AA 257 -42.67 -6.10 -66.50
C LEU AA 257 -42.12 -7.40 -67.04
N GLU AA 258 -42.96 -8.10 -67.81
CA GLU AA 258 -42.53 -9.27 -68.58
C GLU AA 258 -43.05 -9.10 -70.00
N ASN AA 259 -42.12 -8.93 -70.95
CA ASN AA 259 -42.45 -8.84 -72.38
C ASN AA 259 -43.61 -7.89 -72.63
N ASP AA 260 -43.37 -6.61 -72.34
CA ASP AA 260 -44.29 -5.54 -72.64
C ASP AA 260 -45.62 -5.72 -71.93
N THR AA 261 -45.55 -6.06 -70.64
CA THR AA 261 -46.75 -6.21 -69.82
C THR AA 261 -46.37 -6.04 -68.36
N GLN AA 262 -47.12 -5.21 -67.64
CA GLN AA 262 -46.88 -5.04 -66.22
C GLN AA 262 -47.32 -6.29 -65.47
N VAL AA 263 -46.39 -6.88 -64.72
CA VAL AA 263 -46.71 -8.06 -63.91
C VAL AA 263 -46.79 -7.65 -62.45
N ALA AA 264 -45.99 -6.67 -62.05
CA ALA AA 264 -45.99 -6.30 -60.63
C ALA AA 264 -45.56 -4.85 -60.47
N GLU AA 265 -45.79 -4.33 -59.28
CA GLU AA 265 -45.37 -2.98 -58.90
C GLU AA 265 -45.10 -2.97 -57.41
N PHE AA 266 -43.91 -2.52 -57.01
CA PHE AA 266 -43.55 -2.64 -55.61
C PHE AA 266 -42.47 -1.62 -55.24
N VAL AA 267 -42.27 -1.46 -53.94
CA VAL AA 267 -41.16 -0.68 -53.40
C VAL AA 267 -40.05 -1.65 -53.02
N LEU AA 268 -38.88 -1.47 -53.63
CA LEU AA 268 -37.72 -2.32 -53.36
C LEU AA 268 -36.93 -1.76 -52.19
N VAL AA 269 -36.48 -2.68 -51.32
CA VAL AA 269 -35.84 -2.40 -50.04
C VAL AA 269 -34.56 -3.22 -49.94
N ASP AA 270 -33.53 -2.64 -49.30
CA ASP AA 270 -32.26 -3.33 -49.09
C ASP AA 270 -31.96 -3.61 -47.62
N ASN AA 271 -32.87 -3.26 -46.72
CA ASN AA 271 -32.70 -3.50 -45.28
C ASN AA 271 -31.47 -2.82 -44.70
N SER AA 272 -31.15 -1.64 -45.25
CA SER AA 272 -30.18 -0.76 -44.58
C SER AA 272 -30.76 -0.17 -43.30
N LEU AA 273 -32.08 0.03 -43.26
CA LEU AA 273 -32.78 0.53 -42.07
C LEU AA 273 -34.10 -0.22 -41.99
N PRO AA 274 -34.06 -1.48 -41.52
CA PRO AA 274 -35.23 -2.36 -41.68
C PRO AA 274 -36.49 -1.88 -40.98
N GLU AA 275 -36.37 -1.13 -39.89
CA GLU AA 275 -37.53 -0.70 -39.12
C GLU AA 275 -38.09 0.63 -39.60
N ALA AA 276 -37.77 1.06 -40.81
CA ALA AA 276 -38.33 2.30 -41.35
C ALA AA 276 -39.84 2.17 -41.52
N PHE AA 277 -40.54 3.30 -41.36
CA PHE AA 277 -41.99 3.35 -41.46
C PHE AA 277 -42.46 3.66 -42.88
N ALA AA 278 -41.90 4.68 -43.50
CA ALA AA 278 -42.35 5.07 -44.84
C ALA AA 278 -41.16 5.51 -45.68
N LEU AA 279 -41.43 5.76 -46.96
CA LEU AA 279 -40.43 6.26 -47.90
C LEU AA 279 -40.97 7.49 -48.60
N VAL AA 280 -40.12 8.50 -48.76
CA VAL AA 280 -40.48 9.73 -49.46
C VAL AA 280 -39.52 9.92 -50.63
N GLU AA 281 -40.07 10.26 -51.78
CA GLU AA 281 -39.29 10.47 -53.00
C GLU AA 281 -39.58 11.85 -53.57
N VAL AA 282 -38.52 12.54 -53.99
CA VAL AA 282 -38.61 13.85 -54.61
C VAL AA 282 -37.81 13.83 -55.90
N ILE AA 283 -38.41 14.28 -56.99
CA ILE AA 283 -37.82 14.12 -58.31
C ILE AA 283 -37.57 15.47 -58.94
N LEU AA 284 -36.48 15.57 -59.69
CA LEU AA 284 -36.17 16.73 -60.53
C LEU AA 284 -36.21 16.27 -61.98
N ASN AA 285 -37.32 16.55 -62.65
CA ASN AA 285 -37.55 16.17 -64.04
C ASN AA 285 -38.54 17.12 -64.68
N PRO AA 286 -38.12 17.93 -65.65
CA PRO AA 286 -39.03 18.93 -66.24
C PRO AA 286 -40.21 18.33 -66.99
N GLU AA 287 -40.31 17.01 -67.11
CA GLU AA 287 -41.35 16.39 -67.91
C GLU AA 287 -42.40 15.66 -67.10
N LEU AA 288 -42.10 15.26 -65.87
CA LEU AA 288 -43.01 14.41 -65.11
C LEU AA 288 -43.69 15.10 -63.95
N VAL AA 289 -43.09 16.15 -63.39
CA VAL AA 289 -43.69 16.88 -62.28
C VAL AA 289 -44.34 18.15 -62.83
N PRO AA 290 -45.60 18.42 -62.51
CA PRO AA 290 -46.25 19.62 -63.04
C PRO AA 290 -45.61 20.91 -62.56
N SER AA 291 -46.08 22.04 -63.06
CA SER AA 291 -45.46 23.32 -62.73
C SER AA 291 -45.82 23.82 -61.35
N ALA AA 292 -46.92 23.32 -60.77
CA ALA AA 292 -47.27 23.72 -59.41
C ALA AA 292 -46.38 23.06 -58.38
N PHE AA 293 -45.64 22.02 -58.75
CA PHE AA 293 -44.82 21.27 -57.81
C PHE AA 293 -43.32 21.38 -58.06
N SER AA 294 -42.90 21.86 -59.23
CA SER AA 294 -41.49 21.86 -59.56
C SER AA 294 -40.76 22.93 -58.76
N LEU AA 295 -39.43 22.82 -58.72
CA LEU AA 295 -38.59 23.68 -57.91
C LEU AA 295 -37.52 24.42 -58.71
N LEU AA 296 -37.48 24.27 -60.02
CA LEU AA 296 -36.46 24.89 -60.85
C LEU AA 296 -37.09 25.43 -62.13
N GLN AA 297 -36.78 26.69 -62.45
CA GLN AA 297 -37.12 27.27 -63.73
C GLN AA 297 -35.91 27.27 -64.65
N ALA AA 298 -36.14 27.17 -65.95
CA ALA AA 298 -35.07 27.18 -66.93
C ALA AA 298 -35.27 28.38 -67.85
N SER AA 299 -34.26 29.23 -67.94
CA SER AA 299 -34.34 30.41 -68.78
C SER AA 299 -32.93 30.94 -69.04
N ALA AA 300 -32.72 31.42 -70.27
CA ALA AA 300 -31.46 32.05 -70.67
C ALA AA 300 -30.25 31.16 -70.39
N GLY AA 301 -30.41 29.87 -70.67
CA GLY AA 301 -29.31 28.94 -70.45
C GLY AA 301 -28.98 28.67 -69.01
N GLN AA 302 -29.86 29.04 -68.08
CA GLN AA 302 -29.60 28.87 -66.66
C GLN AA 302 -30.84 28.29 -65.99
N THR AA 303 -30.69 27.96 -64.72
CA THR AA 303 -31.79 27.52 -63.88
C THR AA 303 -31.91 28.45 -62.68
N PHE AA 304 -33.14 28.69 -62.25
CA PHE AA 304 -33.44 29.56 -61.14
C PHE AA 304 -34.28 28.81 -60.12
N ILE AA 305 -34.06 29.11 -58.84
CA ILE AA 305 -34.71 28.38 -57.77
C ILE AA 305 -36.10 28.94 -57.51
N GLN AA 306 -37.03 28.07 -57.17
CA GLN AA 306 -38.38 28.44 -56.74
C GLN AA 306 -38.67 27.71 -55.44
N PRO AA 307 -38.73 28.39 -54.31
CA PRO AA 307 -38.97 27.67 -53.04
C PRO AA 307 -40.41 27.20 -52.92
N LYS AA 308 -40.58 26.01 -52.34
CA LYS AA 308 -41.90 25.40 -52.20
C LYS AA 308 -42.06 24.82 -50.81
N THR AA 309 -43.26 24.35 -50.52
CA THR AA 309 -43.59 23.75 -49.22
C THR AA 309 -44.55 22.59 -49.47
N TYR AA 310 -44.09 21.38 -49.22
CA TYR AA 310 -44.88 20.17 -49.36
C TYR AA 310 -45.41 19.73 -48.00
N VAL AA 311 -46.58 19.09 -48.01
CA VAL AA 311 -47.31 18.76 -46.79
C VAL AA 311 -47.71 17.29 -46.80
N ILE AA 312 -47.51 16.62 -45.67
CA ILE AA 312 -48.13 15.32 -45.41
C ILE AA 312 -48.91 15.45 -44.11
N ARG AA 313 -50.01 14.71 -43.99
CA ARG AA 313 -50.92 14.89 -42.86
C ARG AA 313 -51.51 13.56 -42.43
N PHE AA 314 -51.59 13.35 -41.11
CA PHE AA 314 -52.20 12.16 -40.52
C PHE AA 314 -53.42 12.55 -39.69
N LYS AA 315 -54.47 11.74 -39.77
CA LYS AA 315 -55.70 11.98 -39.02
C LYS AA 315 -55.73 11.10 -37.77
N ASN AA 316 -56.33 11.59 -36.69
CA ASN AA 316 -56.38 10.83 -35.45
C ASN AA 316 -57.47 9.76 -35.51
N ARG AA 317 -57.36 8.78 -34.61
CA ARG AA 317 -58.34 7.72 -34.53
C ARG AA 317 -59.52 8.17 -33.67
N ALA AA 318 -60.66 7.50 -33.86
CA ALA AA 318 -61.88 7.79 -33.12
C ALA AA 318 -62.43 6.50 -32.54
N THR AA 319 -62.68 6.50 -31.23
CA THR AA 319 -63.15 5.32 -30.52
C THR AA 319 -64.37 5.69 -29.69
N ARG AA 320 -65.09 4.66 -29.23
CA ARG AA 320 -66.17 4.85 -28.30
C ARG AA 320 -65.66 4.60 -26.88
N TRP AA 321 -66.01 5.50 -25.97
CA TRP AA 321 -65.47 5.46 -24.62
C TRP AA 321 -66.40 4.68 -23.71
N ARG AA 322 -65.85 3.70 -22.98
CA ARG AA 322 -66.62 2.84 -22.10
C ARG AA 322 -66.10 2.97 -20.67
N TYR AA 323 -66.96 3.46 -19.78
CA TYR AA 323 -66.62 3.60 -18.37
C TYR AA 323 -67.06 2.34 -17.64
N ARG AA 324 -66.10 1.72 -16.95
CA ARG AA 324 -66.26 0.48 -16.22
C ARG AA 324 -66.00 0.73 -14.74
N TYR AA 325 -66.65 -0.06 -13.89
CA TYR AA 325 -66.60 0.17 -12.46
C TYR AA 325 -66.19 -1.10 -11.72
N GLU AA 326 -65.82 -0.90 -10.45
CA GLU AA 326 -65.52 -1.99 -9.52
C GLU AA 326 -66.74 -2.33 -8.67
N GLN AA 327 -67.35 -1.31 -8.07
CA GLN AA 327 -68.57 -1.36 -7.30
C GLN AA 327 -69.70 -0.65 -8.06
N PRO AA 328 -70.95 -1.03 -7.82
CA PRO AA 328 -72.05 -0.49 -8.64
C PRO AA 328 -72.21 1.01 -8.47
N HIS AA 329 -72.53 1.64 -9.58
CA HIS AA 329 -72.78 3.07 -9.65
C HIS AA 329 -74.29 3.21 -9.68
N GLY AA 330 -74.78 4.25 -9.03
CA GLY AA 330 -76.21 4.47 -8.91
C GLY AA 330 -76.88 5.30 -9.97
N CYS AA 331 -76.30 5.42 -11.16
CA CYS AA 331 -76.96 6.22 -12.18
C CYS AA 331 -77.83 5.41 -13.12
N SER AA 332 -78.93 6.00 -13.57
CA SER AA 332 -79.90 5.31 -14.40
C SER AA 332 -80.12 5.97 -15.75
N ALA AA 333 -80.90 5.31 -16.60
CA ALA AA 333 -81.21 5.82 -17.92
C ALA AA 333 -81.96 7.14 -17.83
N ALA AA 334 -82.53 7.42 -16.65
CA ALA AA 334 -83.27 8.67 -16.48
C ALA AA 334 -82.50 9.85 -15.85
N ASN AA 335 -81.22 9.66 -15.53
CA ASN AA 335 -80.45 10.73 -14.91
C ASN AA 335 -79.03 10.84 -15.42
N LEU AA 336 -78.76 10.23 -16.57
CA LEU AA 336 -77.43 10.26 -17.18
C LEU AA 336 -77.42 11.12 -18.42
N PRO AA 337 -76.24 11.66 -18.78
CA PRO AA 337 -76.10 12.51 -19.96
C PRO AA 337 -76.68 11.85 -21.21
N SER AA 338 -77.57 12.56 -21.90
CA SER AA 338 -78.20 12.04 -23.12
C SER AA 338 -77.28 11.35 -24.12
N TYR AA 339 -76.02 11.75 -24.16
CA TYR AA 339 -75.06 11.15 -25.09
C TYR AA 339 -74.49 9.83 -24.59
N PHE AA 340 -75.01 9.28 -23.50
CA PHE AA 340 -74.52 8.02 -22.96
C PHE AA 340 -75.49 6.88 -23.26
N ASN AA 341 -75.02 5.67 -22.99
CA ASN AA 341 -75.84 4.46 -23.10
C ASN AA 341 -75.47 3.55 -21.94
N LEU AA 342 -76.45 3.28 -21.12
CA LEU AA 342 -76.27 2.43 -20.01
C LEU AA 342 -76.12 1.02 -20.50
N ILE AA 343 -75.01 0.36 -20.22
CA ILE AA 343 -74.90 -1.03 -20.59
C ILE AA 343 -75.41 -1.93 -19.46
N ASP AA 344 -74.80 -1.83 -18.28
CA ASP AA 344 -75.29 -2.50 -17.09
C ASP AA 344 -74.98 -1.64 -15.88
N THR AA 345 -75.23 -2.19 -14.70
CA THR AA 345 -75.08 -1.41 -13.46
C THR AA 345 -73.63 -1.04 -13.17
N HIS AA 346 -72.66 -1.63 -13.85
CA HIS AA 346 -71.27 -1.26 -13.67
C HIS AA 346 -70.66 -0.60 -14.90
N THR AA 347 -71.43 -0.34 -15.95
CA THR AA 347 -70.81 0.06 -17.21
C THR AA 347 -71.73 0.98 -18.00
N TYR AA 348 -71.15 2.03 -18.59
CA TYR AA 348 -71.88 2.76 -19.61
C TYR AA 348 -70.91 3.34 -20.63
N ALA AA 349 -71.37 3.46 -21.86
CA ALA AA 349 -70.50 3.85 -22.97
C ALA AA 349 -71.13 4.95 -23.81
N THR AA 350 -70.28 5.69 -24.51
CA THR AA 350 -70.76 6.72 -25.42
C THR AA 350 -71.50 6.07 -26.59
N ALA AA 351 -72.34 6.87 -27.26
CA ALA AA 351 -73.14 6.38 -28.36
C ALA AA 351 -72.48 6.59 -29.72
N ARG AA 352 -71.57 7.54 -29.83
CA ARG AA 352 -70.82 7.80 -31.05
C ARG AA 352 -69.33 7.86 -30.72
N PRO AA 353 -68.48 7.57 -31.69
CA PRO AA 353 -67.04 7.63 -31.43
C PRO AA 353 -66.56 9.05 -31.20
N ILE AA 354 -65.56 9.18 -30.33
CA ILE AA 354 -64.91 10.45 -30.05
C ILE AA 354 -63.45 10.35 -30.46
N GLY AA 355 -62.87 11.49 -30.84
CA GLY AA 355 -61.52 11.51 -31.40
C GLY AA 355 -60.46 11.70 -30.32
N LEU AA 356 -59.38 10.93 -30.45
CA LEU AA 356 -58.31 10.93 -29.46
C LEU AA 356 -57.44 12.17 -29.66
N ARG AA 357 -57.31 12.97 -28.60
CA ARG AA 357 -56.47 14.15 -28.61
C ARG AA 357 -55.63 14.18 -27.35
N GLN AA 358 -54.60 15.02 -27.36
CA GLN AA 358 -53.73 15.16 -26.21
C GLN AA 358 -54.26 16.16 -25.19
N ARG AA 359 -54.97 17.16 -25.64
CA ARG AA 359 -55.50 18.12 -24.73
C ARG AA 359 -56.88 18.29 -25.22
N PRO AA 360 -57.72 17.27 -24.95
CA PRO AA 360 -59.14 17.30 -25.33
C PRO AA 360 -59.73 18.50 -24.64
N ASP AA 361 -60.30 19.40 -25.42
CA ASP AA 361 -60.88 20.64 -24.91
C ASP AA 361 -61.81 20.44 -23.72
N SER AA 362 -62.97 19.82 -23.97
CA SER AA 362 -63.94 19.60 -22.92
C SER AA 362 -64.26 18.12 -22.65
N LEU AA 363 -64.33 17.78 -21.37
CA LEU AA 363 -64.64 16.45 -20.92
C LEU AA 363 -66.14 16.34 -20.64
N LEU AA 364 -66.60 15.11 -20.55
CA LEU AA 364 -67.97 14.71 -20.30
C LEU AA 364 -68.38 14.83 -18.83
N ASN AA 365 -69.65 15.14 -18.55
CA ASN AA 365 -70.10 15.25 -17.16
C ASN AA 365 -70.97 14.07 -16.75
N ASP AA 366 -70.91 13.73 -15.46
CA ASP AA 366 -71.67 12.63 -14.94
C ASP AA 366 -73.06 13.05 -14.52
N CYS AA 367 -73.96 12.09 -14.34
CA CYS AA 367 -75.32 12.37 -13.92
C CYS AA 367 -75.43 13.14 -12.61
N GLN AA 368 -74.35 13.10 -11.83
CA GLN AA 368 -74.23 13.86 -10.59
C GLN AA 368 -73.37 15.11 -10.80
N ASP AA 369 -73.17 15.44 -12.07
CA ASP AA 369 -72.38 16.60 -12.53
C ASP AA 369 -70.94 16.61 -12.02
N ARG AA 370 -70.12 15.73 -12.59
CA ARG AA 370 -68.72 15.61 -12.24
C ARG AA 370 -67.90 15.26 -13.47
N PRO AA 371 -66.75 15.94 -13.65
CA PRO AA 371 -65.87 15.67 -14.80
C PRO AA 371 -65.28 14.27 -14.73
N LEU AA 372 -65.22 13.56 -15.85
CA LEU AA 372 -64.67 12.23 -15.87
C LEU AA 372 -63.35 12.20 -16.61
N PRO AA 373 -62.38 11.42 -16.14
CA PRO AA 373 -61.09 11.35 -16.85
C PRO AA 373 -61.24 10.82 -18.26
N ALA AA 374 -60.35 11.28 -19.13
CA ALA AA 374 -60.31 10.84 -20.51
C ALA AA 374 -59.60 9.50 -20.60
N PRO AA 375 -59.74 8.78 -21.72
CA PRO AA 375 -59.03 7.50 -21.86
C PRO AA 375 -57.54 7.70 -21.97
N SER AA 376 -56.82 6.58 -21.88
CA SER AA 376 -55.39 6.55 -22.14
C SER AA 376 -55.14 5.93 -23.52
N ILE AA 377 -53.90 6.05 -23.97
CA ILE AA 377 -53.53 5.65 -25.33
C ILE AA 377 -52.75 4.34 -25.33
N THR AA 378 -52.84 3.56 -24.26
CA THR AA 378 -52.04 2.35 -24.18
C THR AA 378 -52.76 1.12 -24.72
N LEU AA 379 -54.08 1.12 -24.75
CA LEU AA 379 -54.84 -0.05 -25.19
C LEU AA 379 -56.09 0.37 -25.95
N ILE AA 380 -56.41 -0.39 -26.99
CA ILE AA 380 -57.66 -0.26 -27.73
C ILE AA 380 -58.20 -1.66 -27.96
N GLN AA 381 -59.53 -1.76 -28.02
CA GLN AA 381 -60.20 -3.07 -28.07
C GLN AA 381 -61.11 -3.16 -29.28
N PRO AA 382 -60.57 -3.56 -30.43
CA PRO AA 382 -61.42 -3.82 -31.59
C PRO AA 382 -62.15 -5.14 -31.46
N GLU AA 383 -63.39 -5.17 -31.95
CA GLU AA 383 -64.24 -6.34 -31.88
C GLU AA 383 -64.60 -6.81 -33.28
N THR AA 384 -64.32 -8.08 -33.55
CA THR AA 384 -64.52 -8.65 -34.87
C THR AA 384 -65.97 -9.10 -35.05
N ASP AA 385 -66.39 -9.20 -36.31
CA ASP AA 385 -67.74 -9.58 -36.66
C ASP AA 385 -67.86 -11.09 -36.88
N GLY AA 386 -69.09 -11.53 -37.17
CA GLY AA 386 -69.29 -12.90 -37.59
C GLY AA 386 -68.44 -13.29 -38.77
N SER AA 387 -68.38 -12.42 -39.78
CA SER AA 387 -67.53 -12.61 -40.95
C SER AA 387 -66.10 -12.17 -40.71
N GLN AA 388 -65.70 -12.06 -39.44
CA GLN AA 388 -64.36 -11.59 -39.07
C GLN AA 388 -64.05 -10.24 -39.69
N ARG AA 389 -64.99 -9.31 -39.53
CA ARG AA 389 -64.82 -7.91 -39.90
C ARG AA 389 -64.81 -7.06 -38.63
N ILE AA 390 -64.11 -5.94 -38.68
CA ILE AA 390 -64.11 -5.03 -37.53
C ILE AA 390 -65.45 -4.30 -37.48
N ALA AA 391 -66.10 -4.34 -36.31
CA ALA AA 391 -67.40 -3.71 -36.15
C ALA AA 391 -67.37 -2.49 -35.26
N ARG AA 392 -66.61 -2.51 -34.17
CA ARG AA 392 -66.57 -1.42 -33.22
C ARG AA 392 -65.17 -1.33 -32.63
N ILE AA 393 -64.85 -0.16 -32.07
CA ILE AA 393 -63.59 0.04 -31.36
C ILE AA 393 -63.86 0.86 -30.11
N PHE AA 394 -63.44 0.35 -28.97
CA PHE AA 394 -63.67 0.97 -27.67
C PHE AA 394 -62.35 1.42 -27.05
N SER AA 395 -62.51 2.26 -26.03
CA SER AA 395 -61.45 2.57 -25.07
C SER AA 395 -62.04 2.45 -23.68
N ASP AA 396 -61.40 1.65 -22.83
CA ASP AA 396 -61.93 1.34 -21.50
C ASP AA 396 -61.30 2.28 -20.47
N ILE AA 397 -62.14 2.85 -19.62
CA ILE AA 397 -61.68 3.64 -18.48
C ILE AA 397 -62.18 2.97 -17.22
N TYR AA 398 -61.23 2.53 -16.38
CA TYR AA 398 -61.55 1.88 -15.12
C TYR AA 398 -61.56 2.91 -14.01
N LEU AA 399 -62.71 3.08 -13.37
CA LEU AA 399 -62.88 4.08 -12.33
C LEU AA 399 -62.82 3.43 -10.95
N SER BA 3 -17.75 -18.67 -72.70
CA SER BA 3 -17.22 -19.69 -71.80
C SER BA 3 -18.15 -19.87 -70.60
N THR BA 4 -18.62 -21.09 -70.41
CA THR BA 4 -19.45 -21.44 -69.26
C THR BA 4 -18.72 -22.48 -68.41
N TYR BA 5 -19.02 -22.46 -67.13
CA TYR BA 5 -18.40 -23.37 -66.18
C TYR BA 5 -19.51 -24.05 -65.39
N LYS BA 6 -19.70 -25.35 -65.65
CA LYS BA 6 -20.78 -26.12 -65.04
C LYS BA 6 -20.31 -27.24 -64.14
N THR BA 7 -19.08 -27.70 -64.29
CA THR BA 7 -18.54 -28.75 -63.43
C THR BA 7 -17.58 -28.12 -62.43
N PRO BA 8 -17.77 -28.35 -61.13
CA PRO BA 8 -16.84 -27.81 -60.14
C PRO BA 8 -15.43 -28.35 -60.35
N GLY BA 9 -14.44 -27.49 -60.23
CA GLY BA 9 -13.06 -27.91 -60.34
C GLY BA 9 -12.18 -26.79 -60.86
N VAL BA 10 -11.03 -27.19 -61.41
CA VAL BA 10 -9.99 -26.29 -61.88
C VAL BA 10 -10.02 -26.25 -63.39
N TYR BA 11 -10.02 -25.05 -63.96
CA TYR BA 11 -9.98 -24.85 -65.40
C TYR BA 11 -8.69 -24.16 -65.80
N ILE BA 12 -8.11 -24.57 -66.93
CA ILE BA 12 -6.81 -24.09 -67.38
C ILE BA 12 -6.96 -23.41 -68.73
N GLU BA 13 -6.47 -22.18 -68.84
CA GLU BA 13 -6.58 -21.39 -70.06
C GLU BA 13 -5.25 -20.70 -70.34
N GLU BA 14 -4.95 -20.51 -71.63
CA GLU BA 14 -3.69 -19.92 -72.06
C GLU BA 14 -3.95 -18.66 -72.88
N ILE BA 15 -3.37 -17.54 -72.44
CA ILE BA 15 -3.56 -16.24 -73.05
C ILE BA 15 -2.23 -15.51 -73.16
N SER BA 16 -2.24 -14.42 -73.93
CA SER BA 16 -1.14 -13.46 -73.99
C SER BA 16 -1.61 -12.13 -73.44
N LYS BA 17 -0.93 -11.63 -72.41
CA LYS BA 17 -1.45 -10.54 -71.62
C LYS BA 17 -0.31 -9.77 -70.96
N PHE BA 18 -0.57 -8.51 -70.61
CA PHE BA 18 0.34 -7.73 -69.77
C PHE BA 18 -0.06 -7.85 -68.31
N PRO BA 19 0.91 -7.83 -67.39
CA PRO BA 19 0.60 -7.96 -65.96
C PRO BA 19 -0.26 -6.81 -65.47
N PRO BA 20 -1.18 -7.07 -64.53
CA PRO BA 20 -2.04 -6.01 -64.02
C PRO BA 20 -1.43 -5.26 -62.84
N SER BA 21 -2.01 -4.10 -62.54
CA SER BA 21 -1.49 -3.21 -61.50
C SER BA 21 -2.62 -2.37 -60.95
N ILE BA 22 -2.73 -2.29 -59.62
CA ILE BA 22 -3.74 -1.46 -58.96
C ILE BA 22 -3.13 -0.72 -57.78
N ALA BA 23 -3.85 0.29 -57.30
CA ALA BA 23 -3.43 1.10 -56.16
C ALA BA 23 -4.62 1.87 -55.62
N GLN BA 24 -4.49 2.35 -54.38
CA GLN BA 24 -5.56 3.09 -53.73
C GLN BA 24 -5.07 4.47 -53.32
N VAL BA 25 -5.75 5.50 -53.83
CA VAL BA 25 -5.44 6.90 -53.54
C VAL BA 25 -6.76 7.60 -53.23
N GLU BA 26 -6.67 8.80 -52.70
CA GLU BA 26 -7.88 9.60 -52.46
C GLU BA 26 -7.78 11.06 -52.89
N THR BA 27 -6.60 11.67 -52.86
CA THR BA 27 -6.50 13.09 -53.19
C THR BA 27 -6.07 13.35 -54.63
N ALA BA 28 -5.91 12.31 -55.43
CA ALA BA 28 -5.61 12.48 -56.86
C ALA BA 28 -6.61 11.64 -57.64
N ILE BA 29 -7.78 12.23 -57.91
CA ILE BA 29 -8.84 11.57 -58.65
C ILE BA 29 -9.06 12.30 -59.96
N PRO BA 30 -8.58 11.78 -61.09
CA PRO BA 30 -8.73 12.48 -62.36
C PRO BA 30 -9.94 12.02 -63.15
N ALA BA 31 -10.37 12.90 -64.05
CA ALA BA 31 -11.40 12.61 -65.03
C ALA BA 31 -10.78 12.63 -66.42
N PHE BA 32 -11.06 11.60 -67.21
CA PHE BA 32 -10.56 11.47 -68.56
C PHE BA 32 -11.72 11.66 -69.53
N ILE BA 33 -11.62 12.69 -70.37
CA ILE BA 33 -12.65 13.06 -71.32
C ILE BA 33 -12.19 12.65 -72.70
N GLY BA 34 -12.91 11.74 -73.35
CA GLY BA 34 -12.51 11.37 -74.70
C GLY BA 34 -13.42 10.34 -75.32
N TYR BA 35 -13.08 9.99 -76.56
CA TYR BA 35 -13.86 9.03 -77.32
C TYR BA 35 -13.61 7.62 -76.83
N THR BA 36 -14.66 6.80 -76.89
CA THR BA 36 -14.59 5.40 -76.48
C THR BA 36 -14.83 4.50 -77.69
N GLN BA 37 -15.04 3.21 -77.42
CA GLN BA 37 -15.27 2.24 -78.47
C GLN BA 37 -16.62 1.54 -78.36
N ILE BA 38 -17.14 1.33 -77.16
CA ILE BA 38 -18.44 0.69 -76.98
C ILE BA 38 -19.36 1.55 -76.13
N ALA BA 39 -18.91 1.90 -74.92
CA ALA BA 39 -19.67 2.73 -73.99
C ALA BA 39 -21.07 2.15 -73.71
N LYS BA 40 -21.07 0.95 -73.13
CA LYS BA 40 -22.31 0.27 -72.72
C LYS BA 40 -22.25 -0.03 -71.23
N VAL BA 41 -23.08 0.65 -70.44
CA VAL BA 41 -23.04 0.57 -68.98
C VAL BA 41 -24.37 0.01 -68.50
N GLY BA 42 -24.32 -1.09 -67.77
CA GLY BA 42 -25.54 -1.71 -67.26
C GLY BA 42 -26.41 -2.31 -68.33
N VAL BA 43 -27.62 -1.78 -68.50
CA VAL BA 43 -28.53 -2.16 -69.57
C VAL BA 43 -28.73 -1.02 -70.56
N GLU BA 44 -27.96 0.06 -70.43
CA GLU BA 44 -28.11 1.24 -71.26
C GLU BA 44 -26.96 1.33 -72.24
N ASN BA 45 -27.28 1.54 -73.51
CA ASN BA 45 -26.28 1.82 -74.52
C ASN BA 45 -26.22 3.33 -74.71
N PHE BA 46 -25.12 3.94 -74.26
CA PHE BA 46 -24.99 5.39 -74.35
C PHE BA 46 -24.88 5.87 -75.78
N HIS BA 47 -24.48 4.99 -76.70
CA HIS BA 47 -24.28 5.33 -78.10
C HIS BA 47 -25.38 4.73 -78.99
N THR BA 48 -26.56 4.47 -78.42
CA THR BA 48 -27.60 3.78 -79.17
C THR BA 48 -28.06 4.60 -80.38
N ASP BA 49 -28.26 5.90 -80.18
CA ASP BA 49 -28.63 6.79 -81.26
C ASP BA 49 -27.45 7.67 -81.64
N ALA BA 50 -27.43 8.13 -82.89
CA ALA BA 50 -26.28 8.89 -83.36
C ALA BA 50 -26.17 10.22 -82.63
N ASP BA 51 -27.31 10.85 -82.43
CA ASP BA 51 -27.43 12.09 -81.66
C ASP BA 51 -28.05 11.73 -80.30
N ASN BA 52 -28.29 12.74 -79.46
CA ASN BA 52 -28.86 12.55 -78.13
C ASN BA 52 -28.11 11.48 -77.35
N LEU BA 53 -26.79 11.53 -77.44
CA LEU BA 53 -25.96 10.58 -76.71
C LEU BA 53 -26.11 10.82 -75.21
N ILE BA 54 -25.90 9.75 -74.44
CA ILE BA 54 -25.89 9.86 -72.99
C ILE BA 54 -24.49 10.28 -72.58
N LEU BA 55 -24.39 11.47 -72.00
CA LEU BA 55 -23.13 12.06 -71.57
C LEU BA 55 -23.07 11.94 -70.06
N ARG BA 56 -22.32 10.95 -69.56
CA ARG BA 56 -22.36 10.68 -68.15
C ARG BA 56 -20.99 10.23 -67.64
N PRO BA 57 -20.55 10.74 -66.51
CA PRO BA 57 -19.27 10.30 -65.93
C PRO BA 57 -19.39 9.03 -65.11
N VAL BA 58 -18.60 8.02 -65.47
CA VAL BA 58 -18.61 6.73 -64.79
C VAL BA 58 -17.36 6.59 -63.93
N ARG BA 59 -17.51 5.98 -62.77
CA ARG BA 59 -16.42 5.76 -61.82
C ARG BA 59 -15.84 4.37 -62.02
N ILE BA 60 -14.54 4.27 -62.28
CA ILE BA 60 -13.87 2.99 -62.43
C ILE BA 60 -12.64 2.97 -61.55
N THR BA 61 -12.18 1.75 -61.25
CA THR BA 61 -11.03 1.55 -60.39
C THR BA 61 -9.90 0.74 -61.02
N SER BA 62 -10.12 0.12 -62.18
CA SER BA 62 -9.07 -0.71 -62.75
C SER BA 62 -9.25 -0.80 -64.26
N LEU BA 63 -8.20 -1.27 -64.93
CA LEU BA 63 -8.29 -1.52 -66.37
C LEU BA 63 -9.34 -2.57 -66.69
N LEU BA 64 -9.52 -3.54 -65.79
CA LEU BA 64 -10.46 -4.63 -66.02
C LEU BA 64 -11.88 -4.13 -66.16
N GLU BA 65 -12.22 -3.06 -65.45
CA GLU BA 65 -13.56 -2.50 -65.53
C GLU BA 65 -13.75 -1.63 -66.76
N TYR BA 66 -12.74 -0.82 -67.09
CA TYR BA 66 -12.74 -0.08 -68.34
C TYR BA 66 -13.01 -1.02 -69.50
N GLU BA 67 -12.32 -2.16 -69.53
CA GLU BA 67 -12.57 -3.14 -70.57
C GLU BA 67 -13.97 -3.72 -70.49
N GLN BA 68 -14.62 -3.67 -69.33
CA GLN BA 68 -15.98 -4.16 -69.26
C GLN BA 68 -16.97 -3.20 -69.87
N PHE BA 69 -16.81 -1.90 -69.63
CA PHE BA 69 -17.77 -0.93 -70.14
C PHE BA 69 -17.39 -0.41 -71.53
N PHE BA 70 -16.17 0.06 -71.71
CA PHE BA 70 -15.79 0.76 -72.94
C PHE BA 70 -14.89 -0.05 -73.85
N GLY BA 71 -14.50 -1.27 -73.48
CA GLY BA 71 -13.71 -2.11 -74.35
C GLY BA 71 -12.35 -1.57 -74.76
N LYS BA 72 -11.78 -2.13 -75.83
CA LYS BA 72 -10.43 -1.82 -76.30
C LYS BA 72 -10.47 -0.95 -77.54
N ALA BA 73 -9.29 -0.47 -77.94
CA ALA BA 73 -9.17 0.47 -79.04
C ALA BA 73 -9.24 -0.24 -80.40
N ILE BA 74 -9.53 0.55 -81.43
CA ILE BA 74 -9.60 0.08 -82.81
C ILE BA 74 -8.21 -0.15 -83.38
N ASN BA 75 -8.13 -0.88 -84.48
CA ASN BA 75 -6.86 -1.27 -85.07
C ASN BA 75 -6.38 -0.28 -86.12
N GLU BA 76 -5.07 -0.28 -86.35
CA GLU BA 76 -4.41 0.66 -87.24
C GLU BA 76 -4.40 0.15 -88.67
N THR BA 77 -4.13 1.05 -89.62
CA THR BA 77 -4.15 0.70 -91.03
C THR BA 77 -2.96 1.31 -91.76
N THR BA 78 -1.78 1.32 -91.13
CA THR BA 78 -0.64 1.98 -91.74
C THR BA 78 0.69 1.23 -91.55
N ILE BA 79 0.67 0.03 -90.98
CA ILE BA 79 1.91 -0.65 -90.64
C ILE BA 79 2.57 -1.23 -91.90
N GLN BA 80 3.84 -0.90 -92.09
CA GLN BA 80 4.66 -1.40 -93.18
C GLN BA 80 5.81 -2.19 -92.61
N VAL BA 81 6.19 -3.27 -93.30
CA VAL BA 81 7.26 -4.15 -92.87
C VAL BA 81 8.23 -4.28 -94.02
N VAL BA 82 9.52 -4.25 -93.73
CA VAL BA 82 10.57 -4.38 -94.74
C VAL BA 82 11.37 -5.62 -94.44
N ILE BA 83 11.60 -6.44 -95.46
CA ILE BA 83 12.43 -7.64 -95.36
C ILE BA 83 13.74 -7.37 -96.11
N GLN BA 84 14.86 -7.56 -95.42
CA GLN BA 84 16.18 -7.22 -95.94
C GLN BA 84 16.99 -8.49 -96.15
N ASP BA 85 17.27 -8.80 -97.41
CA ASP BA 85 18.03 -9.99 -97.80
C ASP BA 85 19.41 -9.59 -98.26
N THR BA 86 20.42 -10.33 -97.82
CA THR BA 86 21.76 -10.23 -98.38
C THR BA 86 22.19 -11.60 -98.87
N THR BA 87 22.66 -11.63 -100.12
CA THR BA 87 23.05 -12.84 -100.82
C THR BA 87 24.51 -12.76 -101.24
N ASP BA 88 25.04 -13.90 -101.68
CA ASP BA 88 26.44 -13.98 -102.07
C ASP BA 88 26.60 -13.64 -103.56
N SER BA 89 27.77 -13.97 -104.11
CA SER BA 89 28.11 -13.67 -105.50
C SER BA 89 27.29 -14.47 -106.52
N ARG BA 90 26.67 -15.57 -106.11
CA ARG BA 90 25.91 -16.41 -107.01
C ARG BA 90 24.42 -16.26 -106.84
N GLY BA 91 23.98 -15.38 -105.96
CA GLY BA 91 22.57 -15.27 -105.63
C GLY BA 91 22.09 -16.19 -104.55
N ASN BA 92 23.00 -16.84 -103.83
CA ASN BA 92 22.59 -17.68 -102.70
C ASN BA 92 22.33 -16.81 -101.48
N LEU BA 93 21.19 -17.03 -100.84
CA LEU BA 93 20.83 -16.23 -99.68
C LEU BA 93 21.77 -16.53 -98.52
N THR BA 94 22.35 -15.48 -97.96
CA THR BA 94 23.24 -15.61 -96.81
C THR BA 94 22.63 -15.10 -95.52
N GLU BA 95 21.76 -14.10 -95.58
CA GLU BA 95 21.17 -13.59 -94.35
C GLU BA 95 19.87 -12.85 -94.67
N ARG BA 96 18.93 -12.90 -93.72
CA ARG BA 96 17.63 -12.27 -93.87
C ARG BA 96 17.19 -11.64 -92.56
N LYS BA 97 16.64 -10.44 -92.63
CA LYS BA 97 16.16 -9.72 -91.46
C LYS BA 97 14.83 -9.02 -91.79
N ALA BA 98 14.11 -8.59 -90.76
CA ALA BA 98 12.84 -7.92 -90.96
C ALA BA 98 12.67 -6.80 -89.93
N SER BA 99 11.97 -5.74 -90.33
CA SER BA 99 11.69 -4.63 -89.43
C SER BA 99 10.35 -4.00 -89.78
N ALA BA 100 9.79 -3.25 -88.84
CA ALA BA 100 8.46 -2.66 -88.99
C ALA BA 100 8.51 -1.15 -88.75
N ARG BA 101 7.55 -0.44 -89.36
CA ARG BA 101 7.34 0.98 -89.13
C ARG BA 101 5.87 1.31 -89.28
N ILE BA 102 5.45 2.41 -88.67
CA ILE BA 102 4.11 2.94 -88.83
C ILE BA 102 4.21 4.38 -89.33
N THR BA 103 3.50 4.69 -90.41
CA THR BA 103 3.62 6.00 -91.03
C THR BA 103 2.69 7.03 -90.40
N SER BA 104 1.44 6.65 -90.14
CA SER BA 104 0.52 7.59 -89.52
C SER BA 104 -0.45 6.89 -88.58
N PRO BA 105 -0.30 7.06 -87.27
CA PRO BA 105 -1.19 6.36 -86.32
C PRO BA 105 -2.47 7.13 -86.03
N SER BA 106 -3.46 6.37 -85.56
CA SER BA 106 -4.77 6.94 -85.30
C SER BA 106 -4.72 7.89 -84.09
N PRO BA 107 -5.54 8.93 -84.08
CA PRO BA 107 -5.56 9.84 -82.92
C PRO BA 107 -6.30 9.31 -81.71
N HIS BA 108 -7.05 8.22 -81.84
CA HIS BA 108 -7.82 7.64 -80.74
C HIS BA 108 -6.92 6.73 -79.91
N ASN BA 109 -6.39 7.23 -78.79
CA ASN BA 109 -5.43 6.48 -77.97
C ASN BA 109 -5.89 6.44 -76.51
N LEU BA 110 -7.19 6.25 -76.28
CA LEU BA 110 -7.67 6.32 -74.91
C LEU BA 110 -7.44 5.01 -74.17
N TYR BA 111 -7.50 3.89 -74.87
CA TYR BA 111 -7.27 2.59 -74.24
C TYR BA 111 -5.80 2.38 -73.88
N TYR BA 112 -4.87 2.93 -74.66
CA TYR BA 112 -3.46 2.78 -74.32
C TYR BA 112 -3.07 3.71 -73.18
N SER BA 113 -3.70 4.88 -73.12
CA SER BA 113 -3.41 5.81 -72.03
C SER BA 113 -3.81 5.21 -70.70
N MET BA 114 -4.89 4.44 -70.66
CA MET BA 114 -5.28 3.80 -69.41
C MET BA 114 -4.28 2.75 -68.98
N GLN BA 115 -3.71 2.01 -69.93
CA GLN BA 115 -2.62 1.10 -69.60
C GLN BA 115 -1.45 1.83 -68.99
N ALA BA 116 -1.03 2.93 -69.64
CA ALA BA 116 0.10 3.70 -69.12
C ALA BA 116 -0.22 4.28 -67.75
N TYR BA 117 -1.46 4.71 -67.54
CA TYR BA 117 -1.86 5.27 -66.26
C TYR BA 117 -1.76 4.22 -65.16
N PHE BA 118 -2.36 3.05 -65.38
CA PHE BA 118 -2.36 2.05 -64.32
C PHE BA 118 -0.98 1.46 -64.11
N ALA BA 119 -0.09 1.55 -65.11
CA ALA BA 119 1.28 1.08 -64.90
C ALA BA 119 2.09 1.99 -63.99
N ASN BA 120 1.68 3.26 -63.83
CA ASN BA 120 2.43 4.23 -63.05
C ASN BA 120 1.82 4.52 -61.69
N GLY BA 121 0.81 3.76 -61.28
CA GLY BA 121 0.04 4.08 -60.11
C GLY BA 121 -1.30 4.69 -60.47
N GLY BA 122 -2.08 4.98 -59.45
CA GLY BA 122 -3.39 5.55 -59.71
C GLY BA 122 -4.45 4.97 -58.82
N GLY BA 123 -5.70 5.03 -59.24
CA GLY BA 123 -6.78 4.51 -58.46
C GLY BA 123 -8.12 4.80 -59.09
N PRO BA 124 -9.10 5.15 -58.27
CA PRO BA 124 -10.40 5.56 -58.79
C PRO BA 124 -10.26 6.75 -59.73
N CYS BA 125 -10.88 6.64 -60.90
CA CYS BA 125 -10.93 7.75 -61.85
C CYS BA 125 -12.32 7.78 -62.47
N TYR BA 126 -12.60 8.88 -63.17
CA TYR BA 126 -13.86 9.03 -63.89
C TYR BA 126 -13.61 9.04 -65.38
N ILE BA 127 -14.50 8.39 -66.12
CA ILE BA 127 -14.45 8.33 -67.58
C ILE BA 127 -15.65 9.08 -68.13
N VAL BA 128 -15.41 9.93 -69.12
CA VAL BA 128 -16.47 10.62 -69.83
C VAL BA 128 -16.32 10.30 -71.30
N SER BA 129 -17.21 9.47 -71.81
CA SER BA 129 -17.16 9.02 -73.18
C SER BA 129 -17.84 10.05 -74.07
N VAL BA 130 -17.03 10.80 -74.80
CA VAL BA 130 -17.49 11.80 -75.75
C VAL BA 130 -17.58 11.17 -77.14
N GLY BA 131 -18.69 10.50 -77.43
CA GLY BA 131 -18.89 9.90 -78.74
C GLY BA 131 -18.04 8.68 -79.00
N PRO BA 132 -18.35 7.94 -80.06
CA PRO BA 132 -17.58 6.74 -80.38
C PRO BA 132 -16.37 7.03 -81.25
N MET BA 133 -15.29 6.27 -81.03
CA MET BA 133 -14.08 6.47 -81.81
C MET BA 133 -14.30 6.09 -83.26
N SER BA 134 -13.66 6.83 -84.17
CA SER BA 134 -13.88 6.72 -85.60
C SER BA 134 -12.55 6.47 -86.31
N ASN BA 135 -12.62 5.67 -87.38
CA ASN BA 135 -11.41 5.38 -88.15
C ASN BA 135 -10.90 6.63 -88.88
N THR BA 136 -11.83 7.44 -89.41
CA THR BA 136 -11.42 8.63 -90.14
C THR BA 136 -10.57 9.57 -89.28
N GLY BA 137 -10.80 9.58 -87.97
CA GLY BA 137 -9.96 10.35 -87.07
C GLY BA 137 -10.38 11.79 -86.87
N THR BA 138 -11.68 12.06 -86.83
CA THR BA 138 -12.18 13.41 -86.60
C THR BA 138 -12.43 13.61 -85.11
N ILE BA 139 -11.83 14.66 -84.55
CA ILE BA 139 -12.01 15.02 -83.14
C ILE BA 139 -12.53 16.44 -83.11
N GLN BA 140 -13.69 16.63 -82.48
CA GLN BA 140 -14.41 17.90 -82.53
C GLN BA 140 -14.34 18.62 -81.19
N LEU BA 141 -14.19 19.95 -81.26
CA LEU BA 141 -14.08 20.78 -80.06
C LEU BA 141 -15.38 20.77 -79.25
N GLU BA 142 -16.52 20.86 -79.94
CA GLU BA 142 -17.79 21.06 -79.26
C GLU BA 142 -18.12 19.87 -78.36
N ALA BA 143 -17.80 18.68 -78.82
CA ALA BA 143 -18.05 17.49 -78.03
C ALA BA 143 -17.19 17.47 -76.77
N LEU BA 144 -15.93 17.88 -76.89
CA LEU BA 144 -15.07 17.94 -75.71
C LEU BA 144 -15.57 19.01 -74.74
N GLN BA 145 -16.10 20.11 -75.27
CA GLN BA 145 -16.67 21.13 -74.40
C GLN BA 145 -17.90 20.63 -73.67
N ASN BA 146 -18.72 19.81 -74.33
CA ASN BA 146 -19.86 19.22 -73.63
C ASN BA 146 -19.40 18.26 -72.55
N GLY BA 147 -18.35 17.49 -72.82
CA GLY BA 147 -17.79 16.62 -71.79
C GLY BA 147 -17.30 17.37 -70.57
N LEU BA 148 -16.54 18.45 -70.80
CA LEU BA 148 -15.99 19.30 -69.70
C LEU BA 148 -17.15 19.96 -68.96
N ALA BA 149 -18.22 20.33 -69.67
CA ALA BA 149 -19.36 20.92 -69.00
C ALA BA 149 -20.04 19.90 -68.10
N GLU BA 150 -20.05 18.64 -68.50
CA GLU BA 150 -20.67 17.61 -67.68
C GLU BA 150 -19.82 17.22 -66.48
N VAL BA 151 -18.49 17.27 -66.58
CA VAL BA 151 -17.69 16.85 -65.41
C VAL BA 151 -17.79 17.83 -64.25
N ALA BA 152 -18.40 19.01 -64.43
CA ALA BA 152 -18.49 19.97 -63.35
C ALA BA 152 -19.35 19.45 -62.19
N LYS BA 153 -20.13 18.41 -62.40
CA LYS BA 153 -21.09 17.91 -61.44
C LYS BA 153 -20.52 16.83 -60.52
N GLU BA 154 -19.25 16.46 -60.67
CA GLU BA 154 -18.61 15.49 -59.81
C GLU BA 154 -17.72 16.20 -58.78
N ASP BA 155 -17.81 15.77 -57.53
CA ASP BA 155 -16.99 16.38 -56.49
C ASP BA 155 -15.68 15.68 -56.23
N GLU BA 156 -15.59 14.38 -56.50
CA GLU BA 156 -14.34 13.68 -56.22
C GLU BA 156 -13.24 14.06 -57.18
N VAL BA 157 -13.55 14.75 -58.28
CA VAL BA 157 -12.56 15.05 -59.29
C VAL BA 157 -11.67 16.19 -58.80
N THR BA 158 -10.35 15.99 -58.89
CA THR BA 158 -9.38 17.04 -58.60
C THR BA 158 -8.49 17.39 -59.77
N LEU BA 159 -8.43 16.56 -60.81
CA LEU BA 159 -7.52 16.77 -61.94
C LEU BA 159 -8.26 16.57 -63.25
N LEU BA 160 -7.92 17.36 -64.26
CA LEU BA 160 -8.56 17.31 -65.56
C LEU BA 160 -7.54 16.97 -66.64
N VAL BA 161 -7.81 15.92 -67.41
CA VAL BA 161 -6.88 15.42 -68.43
C VAL BA 161 -7.62 15.30 -69.75
N PHE BA 162 -6.98 15.78 -70.83
CA PHE BA 162 -7.51 15.69 -72.19
C PHE BA 162 -6.52 14.92 -73.05
N PRO BA 163 -6.58 13.59 -73.06
CA PRO BA 163 -5.60 12.82 -73.82
C PRO BA 163 -5.60 13.11 -75.31
N GLU BA 164 -6.77 13.23 -75.92
CA GLU BA 164 -6.89 13.45 -77.36
C GLU BA 164 -7.15 14.92 -77.65
N SER BA 165 -6.10 15.73 -77.51
CA SER BA 165 -6.18 17.14 -77.82
C SER BA 165 -5.02 17.64 -78.65
N GLN BA 166 -4.03 16.81 -78.92
CA GLN BA 166 -2.91 17.20 -79.76
C GLN BA 166 -3.26 17.24 -81.23
N SER BA 167 -4.41 16.69 -81.62
CA SER BA 167 -4.85 16.71 -83.00
C SER BA 167 -5.71 17.92 -83.32
N LEU BA 168 -6.06 18.74 -82.32
CA LEU BA 168 -6.82 19.95 -82.58
C LEU BA 168 -5.90 21.05 -83.08
N SER BA 169 -6.53 22.07 -83.67
CA SER BA 169 -5.80 23.25 -84.13
C SER BA 169 -5.46 24.16 -82.95
N ASP BA 170 -4.61 25.15 -83.21
CA ASP BA 170 -4.15 26.03 -82.14
C ASP BA 170 -5.29 26.84 -81.54
N GLU BA 171 -6.21 27.31 -82.38
CA GLU BA 171 -7.32 28.11 -81.85
C GLU BA 171 -8.26 27.26 -81.00
N ASN BA 172 -8.62 26.07 -81.50
CA ASN BA 172 -9.48 25.19 -80.74
C ASN BA 172 -8.80 24.70 -79.48
N TYR BA 173 -7.49 24.45 -79.56
CA TYR BA 173 -6.72 24.05 -78.39
C TYR BA 173 -6.73 25.13 -77.33
N ALA BA 174 -6.47 26.37 -77.74
CA ALA BA 174 -6.48 27.48 -76.78
C ALA BA 174 -7.85 27.67 -76.17
N ALA BA 175 -8.91 27.54 -76.98
CA ALA BA 175 -10.26 27.69 -76.46
C ALA BA 175 -10.58 26.63 -75.41
N LEU BA 176 -10.21 25.38 -75.67
CA LEU BA 176 -10.47 24.32 -74.72
C LEU BA 176 -9.69 24.53 -73.43
N MET BA 177 -8.41 24.88 -73.55
CA MET BA 177 -7.61 25.09 -72.35
C MET BA 177 -8.12 26.26 -71.54
N SER BA 178 -8.62 27.31 -72.21
CA SER BA 178 -9.19 28.44 -71.49
C SER BA 178 -10.45 28.03 -70.75
N ALA BA 179 -11.30 27.22 -71.37
CA ALA BA 179 -12.51 26.77 -70.68
C ALA BA 179 -12.17 25.93 -69.46
N ALA BA 180 -11.18 25.04 -69.58
CA ALA BA 180 -10.78 24.23 -68.43
C ALA BA 180 -10.27 25.10 -67.29
N LEU BA 181 -9.38 26.03 -67.60
CA LEU BA 181 -8.85 26.91 -66.57
C LEU BA 181 -9.94 27.76 -65.95
N GLU BA 182 -10.95 28.14 -66.73
CA GLU BA 182 -12.04 28.92 -66.17
C GLU BA 182 -12.87 28.09 -65.20
N GLN BA 183 -13.11 26.82 -65.52
CA GLN BA 183 -13.82 25.97 -64.57
C GLN BA 183 -13.03 25.83 -63.27
N CYS BA 184 -11.73 25.57 -63.36
CA CYS BA 184 -10.93 25.46 -62.14
C CYS BA 184 -10.93 26.77 -61.35
N ALA BA 185 -10.89 27.90 -62.05
CA ALA BA 185 -10.95 29.19 -61.36
C ALA BA 185 -12.29 29.38 -60.64
N ASN BA 186 -13.37 28.85 -61.21
CA ASN BA 186 -14.67 29.01 -60.59
C ASN BA 186 -14.88 28.10 -59.40
N LEU BA 187 -14.44 26.83 -59.48
CA LEU BA 187 -14.69 25.92 -58.37
C LEU BA 187 -13.61 25.99 -57.30
N GLN BA 188 -12.38 26.35 -57.67
CA GLN BA 188 -11.27 26.54 -56.73
C GLN BA 188 -10.89 25.26 -56.00
N ASP BA 189 -11.00 24.12 -56.69
CA ASP BA 189 -10.57 22.86 -56.10
C ASP BA 189 -9.95 21.91 -57.12
N ARG BA 190 -9.46 22.40 -58.26
CA ARG BA 190 -9.00 21.54 -59.33
C ARG BA 190 -7.72 22.08 -59.96
N PHE BA 191 -7.08 21.23 -60.76
CA PHE BA 191 -5.84 21.54 -61.44
C PHE BA 191 -5.85 20.87 -62.81
N THR BA 192 -5.26 21.52 -63.81
CA THR BA 192 -5.18 20.98 -65.16
C THR BA 192 -3.73 20.69 -65.55
N VAL BA 193 -3.54 19.64 -66.35
CA VAL BA 193 -2.24 19.22 -66.85
C VAL BA 193 -2.32 19.20 -68.38
N MET BA 194 -1.34 19.83 -69.03
CA MET BA 194 -1.35 20.00 -70.49
C MET BA 194 -0.13 19.35 -71.13
N ASP BA 195 -0.29 18.94 -72.39
CA ASP BA 195 0.78 18.38 -73.20
C ASP BA 195 1.18 19.40 -74.26
N LEU BA 196 2.47 19.70 -74.33
CA LEU BA 196 2.96 20.61 -75.37
C LEU BA 196 2.84 19.97 -76.74
N LYS BA 197 2.32 20.72 -77.70
CA LYS BA 197 2.25 20.26 -79.09
C LYS BA 197 3.61 20.39 -79.76
N LEU BA 198 4.01 19.34 -80.47
CA LEU BA 198 5.29 19.33 -81.17
C LEU BA 198 5.04 19.18 -82.67
N PRO BA 199 6.03 19.50 -83.52
CA PRO BA 199 5.82 19.39 -84.97
C PRO BA 199 5.37 18.01 -85.40
N ALA BA 200 4.56 17.96 -86.46
CA ALA BA 200 4.06 16.70 -86.99
C ALA BA 200 4.76 16.24 -88.27
N THR BA 201 6.02 16.64 -88.43
CA THR BA 201 6.79 16.27 -89.60
C THR BA 201 7.66 15.05 -89.29
N ARG BA 202 8.33 14.49 -90.30
CA ARG BA 202 9.17 13.32 -90.05
C ARG BA 202 10.45 13.23 -90.90
N PRO BA 203 11.58 12.88 -90.27
CA PRO BA 203 11.65 12.77 -88.83
C PRO BA 203 11.93 14.15 -88.26
N ILE BA 204 11.69 14.26 -86.97
CA ILE BA 204 11.85 15.51 -86.22
C ILE BA 204 13.08 16.33 -86.56
N PRO BA 205 12.85 17.63 -86.90
CA PRO BA 205 13.92 18.56 -87.24
C PRO BA 205 14.74 18.84 -85.99
N ALA BA 206 16.05 19.05 -86.16
CA ALA BA 206 16.92 19.32 -85.03
C ALA BA 206 16.46 20.52 -84.22
N ASN BA 207 16.53 20.39 -82.90
CA ASN BA 207 16.12 21.44 -81.98
C ASN BA 207 14.76 22.08 -82.26
N ALA BA 208 13.73 21.26 -82.43
CA ALA BA 208 12.38 21.82 -82.67
C ALA BA 208 11.67 22.41 -81.44
N ILE BA 209 12.01 21.90 -80.26
CA ILE BA 209 11.47 22.33 -78.97
C ILE BA 209 11.45 23.85 -78.87
N VAL BA 210 12.46 24.52 -79.42
CA VAL BA 210 12.53 25.96 -79.39
C VAL BA 210 11.40 26.58 -80.19
N GLY BA 211 11.06 25.97 -81.32
CA GLY BA 211 9.93 26.47 -82.11
C GLY BA 211 8.60 26.19 -81.44
N ALA BA 212 8.46 24.98 -80.89
CA ALA BA 212 7.22 24.59 -80.23
C ALA BA 212 6.94 25.47 -79.01
N SER BA 213 7.95 25.83 -78.24
CA SER BA 213 7.69 26.67 -77.07
C SER BA 213 7.29 28.08 -77.47
N ASN BA 214 7.82 28.59 -78.59
CA ASN BA 214 7.42 29.90 -79.06
C ASN BA 214 6.01 29.87 -79.62
N ALA BA 215 5.64 28.77 -80.26
CA ALA BA 215 4.26 28.61 -80.69
C ALA BA 215 3.31 28.53 -79.49
N PHE BA 216 3.74 27.84 -78.43
CA PHE BA 216 2.89 27.71 -77.25
C PHE BA 216 2.66 29.05 -76.57
N ARG BA 217 3.74 29.81 -76.36
CA ARG BA 217 3.59 31.07 -75.65
C ARG BA 217 2.75 32.07 -76.44
N ASP BA 218 2.59 31.84 -77.74
CA ASP BA 218 1.81 32.77 -78.61
C ASP BA 218 0.30 32.48 -78.50
N LEU BA 219 -0.11 31.47 -77.74
CA LEU BA 219 -1.53 31.22 -77.54
C LEU BA 219 -2.09 32.22 -76.54
N SER BA 220 -3.36 32.57 -76.72
CA SER BA 220 -4.01 33.56 -75.88
C SER BA 220 -4.84 32.85 -74.82
N LEU BA 221 -4.38 32.94 -73.57
CA LEU BA 221 -5.01 32.32 -72.42
C LEU BA 221 -5.26 33.36 -71.34
N PRO BA 222 -6.32 33.20 -70.55
CA PRO BA 222 -6.62 34.20 -69.52
C PRO BA 222 -5.53 34.26 -68.47
N GLN BA 223 -4.96 35.46 -68.30
CA GLN BA 223 -3.81 35.63 -67.43
C GLN BA 223 -4.14 35.47 -65.96
N ASP BA 224 -5.42 35.49 -65.60
CA ASP BA 224 -5.80 35.37 -64.20
C ASP BA 224 -6.05 33.94 -63.72
N ASN BA 225 -6.10 33.00 -64.66
CA ASN BA 225 -6.35 31.62 -64.31
C ASN BA 225 -5.14 30.73 -64.56
N LEU BA 226 -4.01 31.33 -64.92
CA LEU BA 226 -2.82 30.55 -65.26
C LEU BA 226 -2.25 29.83 -64.05
N LYS BA 227 -2.56 30.29 -62.84
CA LYS BA 227 -2.06 29.63 -61.65
C LYS BA 227 -2.72 28.29 -61.39
N TYR BA 228 -3.70 27.88 -62.20
CA TYR BA 228 -4.43 26.63 -62.01
C TYR BA 228 -4.03 25.54 -62.98
N GLY BA 229 -2.89 25.64 -63.65
CA GLY BA 229 -2.52 24.60 -64.59
C GLY BA 229 -1.03 24.48 -64.79
N ALA BA 230 -0.64 23.38 -65.44
CA ALA BA 230 0.76 23.08 -65.70
C ALA BA 230 0.91 22.46 -67.08
N CYS BA 231 2.15 22.43 -67.59
CA CYS BA 231 2.43 21.94 -68.93
C CYS BA 231 3.69 21.08 -68.91
N TYR BA 232 3.71 20.06 -69.77
CA TYR BA 232 4.85 19.14 -69.84
C TYR BA 232 5.22 18.83 -71.27
N ALA BA 233 6.48 18.47 -71.48
CA ALA BA 233 7.01 18.08 -72.77
C ALA BA 233 8.24 17.21 -72.55
N PRO BA 234 8.60 16.37 -73.52
CA PRO BA 234 7.95 15.97 -74.77
C PRO BA 234 7.23 14.63 -74.65
N ASP BA 235 6.81 14.09 -75.79
CA ASP BA 235 6.14 12.80 -75.82
C ASP BA 235 7.10 11.65 -75.52
N ILE BA 236 6.52 10.54 -75.08
CA ILE BA 236 7.28 9.42 -74.53
C ILE BA 236 6.97 8.16 -75.33
N GLU BA 237 8.01 7.36 -75.60
CA GLU BA 237 7.83 6.03 -76.17
C GLU BA 237 7.63 4.98 -75.08
N THR BA 238 6.77 4.01 -75.37
CA THR BA 238 6.41 2.99 -74.42
C THR BA 238 6.44 1.63 -75.11
N ILE BA 239 6.31 0.58 -74.29
CA ILE BA 239 6.51 -0.79 -74.73
C ILE BA 239 5.24 -1.46 -75.22
N PHE BA 240 4.09 -0.80 -75.13
CA PHE BA 240 2.83 -1.44 -75.47
C PHE BA 240 2.69 -1.61 -76.98
N ASN BA 241 1.81 -2.52 -77.37
CA ASN BA 241 1.66 -2.94 -78.76
C ASN BA 241 0.47 -2.26 -79.44
N TYR BA 242 0.45 -2.34 -80.76
CA TYR BA 242 -0.62 -1.80 -81.59
C TYR BA 242 -1.60 -2.89 -81.97
N PHE BA 243 -2.84 -2.51 -82.23
CA PHE BA 243 -3.84 -3.42 -82.78
C PHE BA 243 -3.87 -3.31 -84.31
N TYR BA 244 -4.02 -4.46 -84.98
CA TYR BA 244 -3.95 -4.49 -86.42
C TYR BA 244 -4.65 -5.75 -86.94
N GLN BA 245 -4.81 -5.80 -88.27
CA GLN BA 245 -5.25 -6.99 -88.98
C GLN BA 245 -4.19 -7.41 -89.97
N GLU BA 246 -4.10 -8.72 -90.22
CA GLU BA 246 -3.09 -9.27 -91.11
C GLU BA 246 -3.22 -8.87 -92.58
N ASP BA 247 -4.42 -8.51 -93.01
CA ASP BA 247 -4.63 -8.13 -94.40
C ASP BA 247 -4.46 -6.64 -94.64
N ALA BA 248 -4.05 -5.88 -93.62
CA ALA BA 248 -3.77 -4.46 -93.77
C ALA BA 248 -2.29 -4.12 -93.65
N VAL BA 249 -1.43 -5.11 -93.39
CA VAL BA 249 -0.01 -4.88 -93.23
C VAL BA 249 0.66 -4.96 -94.59
N THR BA 250 1.43 -3.93 -94.94
CA THR BA 250 2.03 -3.83 -96.27
C THR BA 250 3.49 -4.27 -96.21
N ILE BA 251 3.95 -5.02 -97.21
CA ILE BA 251 5.25 -5.67 -97.20
C ILE BA 251 6.13 -5.08 -98.28
N PHE BA 252 7.41 -4.89 -97.96
CA PHE BA 252 8.44 -4.44 -98.88
C PHE BA 252 9.66 -5.35 -98.77
N ARG BA 253 10.48 -5.36 -99.82
CA ARG BA 253 11.72 -6.12 -99.82
C ARG BA 253 12.87 -5.26 -100.31
N SER BA 254 14.07 -5.57 -99.81
CA SER BA 254 15.30 -4.93 -100.27
C SER BA 254 16.44 -5.92 -100.23
N VAL BA 255 17.20 -6.00 -101.31
CA VAL BA 255 18.25 -6.99 -101.47
C VAL BA 255 19.60 -6.30 -101.56
N ASN BA 256 20.54 -6.73 -100.71
CA ASN BA 256 21.92 -6.23 -100.72
C ASN BA 256 21.95 -4.71 -100.59
N GLY BA 257 21.02 -4.15 -99.85
CA GLY BA 257 20.94 -2.72 -99.69
C GLY BA 257 20.36 -1.98 -100.87
N GLY BA 258 19.64 -2.66 -101.76
CA GLY BA 258 19.11 -2.04 -102.94
C GLY BA 258 17.87 -1.21 -102.65
N ALA BA 259 17.13 -0.92 -103.71
CA ALA BA 259 15.91 -0.16 -103.59
C ALA BA 259 14.84 -0.96 -102.85
N GLU BA 260 13.99 -0.26 -102.12
CA GLU BA 260 12.93 -0.86 -101.34
C GLU BA 260 11.68 -0.95 -102.19
N GLU BA 261 11.25 -2.16 -102.51
CA GLU BA 261 10.15 -2.37 -103.44
C GLU BA 261 8.98 -3.03 -102.72
N GLN BA 262 7.77 -2.64 -103.11
CA GLN BA 262 6.56 -3.16 -102.49
C GLN BA 262 6.17 -4.49 -103.10
N ASP BA 263 5.87 -5.46 -102.25
CA ASP BA 263 5.44 -6.78 -102.67
C ASP BA 263 3.93 -6.75 -102.94
N THR BA 264 3.42 -7.80 -103.58
CA THR BA 264 2.01 -7.85 -103.95
C THR BA 264 1.16 -8.68 -102.98
N LEU BA 265 1.75 -9.21 -101.92
CA LEU BA 265 1.02 -9.95 -100.91
C LEU BA 265 0.88 -9.09 -99.67
N THR BA 266 -0.13 -9.42 -98.87
CA THR BA 266 -0.25 -8.88 -97.52
C THR BA 266 0.38 -9.87 -96.53
N MET BA 267 0.44 -9.45 -95.27
CA MET BA 267 0.89 -10.38 -94.23
C MET BA 267 0.06 -11.64 -94.25
N ALA BA 268 -1.25 -11.50 -94.45
CA ALA BA 268 -2.12 -12.66 -94.56
C ALA BA 268 -1.72 -13.57 -95.70
N GLY BA 269 -1.04 -13.02 -96.71
CA GLY BA 269 -0.59 -13.85 -97.80
C GLY BA 269 0.54 -14.80 -97.46
N TYR BA 270 1.20 -14.59 -96.33
CA TYR BA 270 2.25 -15.50 -95.89
C TYR BA 270 1.80 -16.43 -94.78
N ASN BA 271 0.54 -16.35 -94.38
CA ASN BA 271 0.04 -17.18 -93.31
C ASN BA 271 0.00 -18.63 -93.77
N PRO BA 272 0.61 -19.57 -93.04
CA PRO BA 272 0.59 -20.96 -93.48
C PRO BA 272 -0.82 -21.55 -93.55
N ALA BA 273 -1.77 -21.02 -92.78
CA ALA BA 273 -3.14 -21.49 -92.89
C ALA BA 273 -3.72 -21.20 -94.26
N ASN BA 274 -3.14 -20.24 -94.99
CA ASN BA 274 -3.56 -19.91 -96.34
C ASN BA 274 -2.62 -20.44 -97.40
N GLY BA 275 -1.66 -21.29 -97.02
CA GLY BA 275 -0.73 -21.83 -97.98
C GLY BA 275 0.47 -20.95 -98.29
N GLY BA 276 0.79 -20.01 -97.41
CA GLY BA 276 1.96 -19.16 -97.60
C GLY BA 276 3.19 -19.73 -96.91
N ASP BA 277 4.29 -18.99 -97.03
CA ASP BA 277 5.55 -19.38 -96.42
C ASP BA 277 5.57 -18.88 -94.99
N GLY BA 278 5.37 -19.79 -94.03
CA GLY BA 278 5.35 -19.41 -92.63
C GLY BA 278 6.70 -19.00 -92.08
N ILE BA 279 7.79 -19.40 -92.74
CA ILE BA 279 9.12 -19.08 -92.25
C ILE BA 279 9.33 -17.58 -92.23
N GLN BA 280 8.80 -16.87 -93.22
CA GLN BA 280 8.86 -15.42 -93.22
C GLN BA 280 7.72 -14.80 -92.42
N TYR BA 281 6.60 -15.52 -92.31
CA TYR BA 281 5.49 -15.05 -91.49
C TYR BA 281 5.91 -14.85 -90.04
N ALA BA 282 6.71 -15.79 -89.53
CA ALA BA 282 7.24 -15.65 -88.17
C ALA BA 282 8.08 -14.39 -88.02
N LEU BA 283 8.91 -14.09 -89.02
CA LEU BA 283 9.70 -12.87 -88.96
C LEU BA 283 8.82 -11.64 -89.00
N ILE BA 284 7.75 -11.67 -89.78
CA ILE BA 284 6.84 -10.53 -89.84
C ILE BA 284 6.19 -10.30 -88.49
N GLU BA 285 5.74 -11.38 -87.83
CA GLU BA 285 5.16 -11.23 -86.50
C GLU BA 285 6.16 -10.63 -85.53
N SER BA 286 7.37 -11.19 -85.49
CA SER BA 286 8.36 -10.76 -84.51
C SER BA 286 8.81 -9.33 -84.78
N ALA BA 287 8.76 -8.89 -86.03
CA ALA BA 287 9.09 -7.50 -86.36
C ALA BA 287 7.98 -6.57 -85.92
N ILE BA 288 6.72 -6.91 -86.22
CA ILE BA 288 5.62 -6.03 -85.82
C ILE BA 288 5.58 -5.89 -84.31
N ASP BA 289 5.93 -6.95 -83.58
CA ASP BA 289 5.82 -6.93 -82.13
C ASP BA 289 6.71 -5.86 -81.48
N GLN BA 290 7.77 -5.41 -82.15
CA GLN BA 290 8.80 -4.57 -81.54
C GLN BA 290 8.59 -3.08 -81.74
N LEU BA 291 7.53 -2.65 -82.42
CA LEU BA 291 7.33 -1.23 -82.68
C LEU BA 291 6.89 -0.49 -81.41
N PRO BA 292 7.59 0.58 -81.00
CA PRO BA 292 7.19 1.31 -79.81
C PRO BA 292 5.90 2.10 -80.01
N LEU BA 293 5.25 2.41 -78.90
CA LEU BA 293 4.00 3.17 -78.89
C LEU BA 293 4.24 4.58 -78.35
N ILE BA 294 3.78 5.60 -79.09
CA ILE BA 294 4.03 6.99 -78.71
C ILE BA 294 2.81 7.54 -77.98
N LEU BA 295 3.03 8.09 -76.79
CA LEU BA 295 1.98 8.68 -75.98
C LEU BA 295 2.40 10.04 -75.45
N PRO BA 296 1.43 10.89 -75.11
CA PRO BA 296 1.75 12.16 -74.47
C PRO BA 296 2.05 11.97 -73.01
N PRO BA 297 2.71 12.94 -72.35
CA PRO BA 297 3.15 12.73 -70.97
C PRO BA 297 2.03 12.65 -69.93
N SER BA 298 0.94 13.38 -70.13
CA SER BA 298 -0.10 13.62 -69.14
C SER BA 298 -0.63 12.37 -68.42
N PRO BA 299 -1.02 11.31 -69.15
CA PRO BA 299 -1.44 10.06 -68.48
C PRO BA 299 -0.43 9.54 -67.47
N LEU BA 300 0.86 9.60 -67.79
CA LEU BA 300 1.88 9.13 -66.86
C LEU BA 300 2.10 10.11 -65.72
N VAL BA 301 2.03 11.40 -66.03
CA VAL BA 301 2.26 12.42 -65.01
C VAL BA 301 1.21 12.33 -63.92
N VAL BA 302 -0.05 12.15 -64.29
CA VAL BA 302 -1.10 12.10 -63.27
C VAL BA 302 -0.94 10.86 -62.39
N GLY BA 303 -0.54 9.73 -62.98
CA GLY BA 303 -0.27 8.55 -62.18
C GLY BA 303 0.86 8.77 -61.20
N GLN BA 304 1.91 9.48 -61.63
CA GLN BA 304 3.00 9.78 -60.69
C GLN BA 304 2.57 10.75 -59.61
N TYR BA 305 1.63 11.66 -59.91
CA TYR BA 305 1.06 12.48 -58.84
C TYR BA 305 0.41 11.60 -57.79
N ALA BA 306 -0.44 10.66 -58.24
CA ALA BA 306 -1.13 9.78 -57.31
C ALA BA 306 -0.15 8.94 -56.52
N ARG BA 307 0.96 8.54 -57.13
CA ARG BA 307 1.93 7.73 -56.43
C ARG BA 307 2.71 8.54 -55.40
N THR BA 308 3.10 9.78 -55.72
CA THR BA 308 3.95 10.52 -54.80
C THR BA 308 3.18 11.17 -53.67
N ASP BA 309 1.90 11.50 -53.86
CA ASP BA 309 1.15 12.06 -52.74
C ASP BA 309 0.87 11.02 -51.65
N ASN BA 310 1.16 9.76 -51.91
CA ASN BA 310 0.87 8.69 -50.96
C ASN BA 310 2.06 8.30 -50.09
N THR BA 311 3.27 8.73 -50.43
CA THR BA 311 4.44 8.39 -49.64
C THR BA 311 5.09 9.60 -48.98
N ARG BA 312 4.95 10.78 -49.56
CA ARG BA 312 5.54 11.98 -49.00
C ARG BA 312 4.52 13.02 -48.57
N GLY BA 313 3.41 13.16 -49.28
CA GLY BA 313 2.41 14.15 -48.94
C GLY BA 313 2.15 15.11 -50.09
N VAL BA 314 1.00 15.78 -50.07
CA VAL BA 314 0.63 16.64 -51.19
C VAL BA 314 1.54 17.85 -51.30
N TRP BA 315 2.21 18.23 -50.21
CA TRP BA 315 3.06 19.42 -50.19
C TRP BA 315 4.47 19.15 -50.68
N LYS BA 316 4.79 17.91 -51.05
CA LYS BA 316 6.10 17.58 -51.59
C LYS BA 316 6.06 17.69 -53.11
N ALA BA 317 7.14 18.20 -53.70
CA ALA BA 317 7.17 18.43 -55.14
C ALA BA 317 7.05 17.10 -55.90
N PRO BA 318 6.12 16.99 -56.85
CA PRO BA 318 6.05 15.78 -57.70
C PRO BA 318 7.04 15.81 -58.84
N ALA BA 319 8.31 15.74 -58.50
CA ALA BA 319 9.40 15.82 -59.47
C ALA BA 319 10.56 14.98 -58.96
N ASN BA 320 11.53 14.73 -59.85
CA ASN BA 320 12.68 13.89 -59.54
C ASN BA 320 12.25 12.45 -59.24
N VAL BA 321 11.29 11.96 -60.03
CA VAL BA 321 10.77 10.60 -59.92
C VAL BA 321 10.85 9.94 -61.29
N ALA BA 322 10.99 8.62 -61.29
CA ALA BA 322 11.21 7.86 -62.52
C ALA BA 322 9.93 7.24 -63.03
N LEU BA 323 9.86 7.07 -64.35
CA LEU BA 323 8.69 6.54 -65.03
C LEU BA 323 8.87 5.06 -65.35
N SER BA 324 7.77 4.32 -65.32
CA SER BA 324 7.78 2.89 -65.60
C SER BA 324 7.18 2.59 -66.96
N SER BA 325 7.53 1.42 -67.48
CA SER BA 325 7.09 0.95 -68.80
C SER BA 325 7.41 1.96 -69.89
N VAL BA 326 8.59 2.54 -69.83
CA VAL BA 326 9.05 3.56 -70.77
C VAL BA 326 10.38 3.13 -71.34
N ILE BA 327 10.58 3.33 -72.65
CA ILE BA 327 11.86 3.06 -73.27
C ILE BA 327 12.74 4.31 -73.28
N LYS BA 328 12.27 5.38 -73.93
CA LYS BA 328 13.06 6.59 -74.09
C LYS BA 328 12.15 7.72 -74.53
N PRO BA 329 12.50 8.98 -74.22
CA PRO BA 329 11.75 10.11 -74.78
C PRO BA 329 12.07 10.31 -76.26
N VAL BA 330 11.13 10.95 -76.95
CA VAL BA 330 11.29 11.13 -78.39
C VAL BA 330 12.32 12.21 -78.71
N LEU BA 331 12.57 13.16 -77.83
CA LEU BA 331 13.54 14.20 -78.06
C LEU BA 331 14.44 14.34 -76.88
N LYS BA 332 15.64 14.86 -77.11
CA LYS BA 332 16.66 15.12 -76.10
C LYS BA 332 16.72 16.61 -75.82
N ILE BA 333 16.59 16.99 -74.56
CA ILE BA 333 16.64 18.39 -74.14
C ILE BA 333 17.98 18.62 -73.43
N THR BA 334 18.61 19.74 -73.72
CA THR BA 334 19.87 20.14 -73.10
C THR BA 334 19.62 21.18 -72.02
N ASN BA 335 20.69 21.51 -71.29
CA ASN BA 335 20.60 22.54 -70.25
C ASN BA 335 20.30 23.92 -70.83
N GLU BA 336 20.88 24.24 -71.99
CA GLU BA 336 20.71 25.57 -72.55
C GLU BA 336 19.26 25.79 -72.99
N GLN BA 337 18.62 24.75 -73.50
CA GLN BA 337 17.20 24.82 -73.83
C GLN BA 337 16.35 24.82 -72.57
N GLN BA 338 16.76 24.06 -71.56
CA GLN BA 338 16.04 24.06 -70.29
C GLN BA 338 16.02 25.44 -69.67
N ASN BA 339 17.07 26.24 -69.89
CA ASN BA 339 17.10 27.58 -69.32
C ASN BA 339 15.94 28.44 -69.82
N ASN BA 340 15.56 28.28 -71.09
CA ASN BA 340 14.45 29.03 -71.65
C ASN BA 340 13.12 28.35 -71.40
N LEU BA 341 13.11 27.03 -71.23
CA LEU BA 341 11.85 26.36 -70.89
C LEU BA 341 11.42 26.67 -69.47
N ASN BA 342 12.38 26.79 -68.54
CA ASN BA 342 12.04 26.87 -67.13
C ASN BA 342 11.72 28.29 -66.70
N VAL BA 343 12.42 29.29 -67.23
CA VAL BA 343 12.23 30.69 -66.87
C VAL BA 343 11.99 31.48 -68.15
N HIS BA 344 10.99 32.36 -68.12
CA HIS BA 344 10.66 33.18 -69.28
C HIS BA 344 9.98 34.45 -68.81
N PRO BA 345 10.22 35.59 -69.47
CA PRO BA 345 9.61 36.85 -69.03
C PRO BA 345 8.10 36.84 -69.02
N THR BA 346 7.45 35.94 -69.74
CA THR BA 346 5.99 35.89 -69.76
C THR BA 346 5.40 35.06 -68.64
N GLY BA 347 6.24 34.34 -67.88
CA GLY BA 347 5.78 33.51 -66.79
C GLY BA 347 5.31 32.14 -67.18
N LYS BA 348 5.07 31.85 -68.46
CA LYS BA 348 4.63 30.54 -68.87
C LYS BA 348 5.81 29.58 -68.91
N SER BA 349 5.69 28.47 -68.20
CA SER BA 349 6.83 27.61 -67.96
C SER BA 349 6.51 26.21 -68.45
N ILE BA 350 7.55 25.49 -68.84
CA ILE BA 350 7.42 24.17 -69.43
C ILE BA 350 8.30 23.21 -68.64
N ASN BA 351 7.68 22.22 -68.01
CA ASN BA 351 8.42 21.24 -67.25
C ASN BA 351 8.88 20.10 -68.16
N ALA BA 352 10.09 19.63 -67.95
CA ALA BA 352 10.72 18.71 -68.88
C ALA BA 352 10.72 17.28 -68.36
N ILE BA 353 10.92 16.33 -69.27
CA ILE BA 353 11.09 14.92 -68.93
C ILE BA 353 12.37 14.46 -69.62
N ARG BA 354 13.38 14.13 -68.83
CA ARG BA 354 14.73 13.94 -69.35
C ARG BA 354 15.31 12.62 -68.89
N ALA BA 355 16.20 12.06 -69.71
CA ALA BA 355 16.88 10.82 -69.35
C ALA BA 355 18.26 11.12 -68.78
N PHE BA 356 18.61 10.41 -67.71
CA PHE BA 356 19.89 10.58 -67.03
C PHE BA 356 20.57 9.23 -66.96
N THR BA 357 21.85 9.17 -67.33
CA THR BA 357 22.59 7.88 -67.40
C THR BA 357 22.52 7.02 -66.14
N GLY BA 358 21.90 5.85 -66.22
CA GLY BA 358 21.81 4.90 -65.08
C GLY BA 358 20.58 5.09 -64.22
N LYS BA 359 19.80 6.15 -64.42
CA LYS BA 359 18.68 6.45 -63.49
C LYS BA 359 17.30 6.24 -64.14
N GLY BA 360 17.25 5.95 -65.45
CA GLY BA 360 15.96 5.95 -66.19
C GLY BA 360 15.56 7.30 -66.72
N THR BA 361 14.27 7.49 -67.01
CA THR BA 361 13.75 8.80 -67.49
C THR BA 361 13.00 9.43 -66.33
N LEU BA 362 13.25 10.71 -66.03
CA LEU BA 362 12.68 11.33 -64.83
C LEU BA 362 12.02 12.64 -65.18
N ILE BA 363 11.03 13.00 -64.36
CA ILE BA 363 10.35 14.29 -64.42
C ILE BA 363 11.27 15.35 -63.81
N TRP BA 364 11.46 16.46 -64.52
CA TRP BA 364 12.42 17.49 -64.15
C TRP BA 364 11.72 18.83 -64.31
N GLY BA 365 11.24 19.38 -63.21
CA GLY BA 365 10.55 20.65 -63.15
C GLY BA 365 9.20 20.55 -62.49
N ALA BA 366 8.90 21.53 -61.63
CA ALA BA 366 7.71 21.51 -60.80
C ALA BA 366 7.07 22.90 -60.68
N ARG BA 367 6.97 23.64 -61.78
CA ARG BA 367 6.39 24.98 -61.73
C ARG BA 367 5.04 25.03 -62.44
N THR BA 368 4.26 26.05 -62.09
CA THR BA 368 2.98 26.32 -62.73
C THR BA 368 3.16 27.24 -63.94
N LEU BA 369 2.04 27.55 -64.60
CA LEU BA 369 2.04 28.49 -65.71
C LEU BA 369 2.18 29.94 -65.27
N ALA BA 370 2.40 30.18 -63.98
CA ALA BA 370 2.53 31.52 -63.41
C ALA BA 370 3.86 31.60 -62.67
N GLY BA 371 4.92 31.15 -63.34
CA GLY BA 371 6.19 30.92 -62.70
C GLY BA 371 6.88 32.15 -62.13
N ASN BA 372 6.44 33.35 -62.50
CA ASN BA 372 6.96 34.57 -61.90
C ASN BA 372 6.18 35.03 -60.69
N ASP BA 373 5.16 34.29 -60.28
CA ASP BA 373 4.33 34.67 -59.15
C ASP BA 373 5.02 34.20 -57.87
N ASN BA 374 5.25 35.13 -56.93
CA ASN BA 374 5.95 34.79 -55.70
C ASN BA 374 5.16 33.83 -54.82
N GLU BA 375 3.84 33.76 -54.98
CA GLU BA 375 2.99 32.90 -54.17
C GLU BA 375 2.63 31.59 -54.85
N TRP BA 376 2.33 31.62 -56.15
CA TRP BA 376 1.82 30.45 -56.86
C TRP BA 376 2.82 29.90 -57.87
N ARG BA 377 4.11 30.01 -57.55
CA ARG BA 377 5.14 29.53 -58.46
C ARG BA 377 5.09 28.01 -58.62
N TYR BA 378 4.84 27.28 -57.53
CA TYR BA 378 5.02 25.84 -57.53
C TYR BA 378 3.69 25.08 -57.49
N VAL BA 379 3.71 23.87 -58.03
CA VAL BA 379 2.51 23.04 -58.11
C VAL BA 379 2.05 22.62 -56.72
N SER BA 380 2.98 22.18 -55.88
CA SER BA 380 2.61 21.57 -54.60
C SER BA 380 1.96 22.58 -53.67
N VAL BA 381 2.38 23.85 -53.72
CA VAL BA 381 1.79 24.85 -52.86
C VAL BA 381 0.33 25.07 -53.24
N ARG BA 382 0.05 25.18 -54.53
CA ARG BA 382 -1.30 25.43 -54.97
C ARG BA 382 -2.21 24.24 -54.67
N ARG BA 383 -1.72 23.02 -54.90
CA ARG BA 383 -2.54 21.85 -54.61
C ARG BA 383 -2.83 21.73 -53.12
N PHE BA 384 -1.83 22.01 -52.28
CA PHE BA 384 -2.03 21.97 -50.84
C PHE BA 384 -3.07 23.00 -50.40
N PHE BA 385 -2.97 24.23 -50.93
CA PHE BA 385 -3.96 25.25 -50.59
C PHE BA 385 -5.36 24.82 -50.99
N ASN BA 386 -5.50 24.20 -52.17
CA ASN BA 386 -6.80 23.71 -52.58
C ASN BA 386 -7.36 22.70 -51.58
N MET BA 387 -6.52 21.74 -51.19
CA MET BA 387 -6.95 20.73 -50.23
C MET BA 387 -7.39 21.37 -48.91
N ALA BA 388 -6.58 22.29 -48.40
CA ALA BA 388 -6.86 22.87 -47.08
C ALA BA 388 -8.15 23.66 -47.10
N GLU BA 389 -8.37 24.47 -48.14
CA GLU BA 389 -9.60 25.27 -48.17
C GLU BA 389 -10.82 24.39 -48.36
N GLU BA 390 -10.69 23.30 -49.12
CA GLU BA 390 -11.82 22.39 -49.26
C GLU BA 390 -12.18 21.76 -47.92
N SER BA 391 -11.18 21.34 -47.15
CA SER BA 391 -11.47 20.75 -45.85
C SER BA 391 -12.10 21.76 -44.91
N ILE BA 392 -11.64 23.01 -44.97
CA ILE BA 392 -12.20 24.05 -44.10
C ILE BA 392 -13.66 24.32 -44.47
N LYS BA 393 -13.97 24.39 -45.77
CA LYS BA 393 -15.35 24.54 -46.21
C LYS BA 393 -16.22 23.41 -45.67
N LYS BA 394 -15.77 22.17 -45.85
CA LYS BA 394 -16.57 21.04 -45.38
C LYS BA 394 -16.76 21.07 -43.88
N GLY BA 395 -15.75 21.53 -43.14
CA GLY BA 395 -15.87 21.61 -41.70
C GLY BA 395 -16.84 22.70 -41.25
N SER BA 396 -16.85 23.84 -41.95
CA SER BA 396 -17.65 24.97 -41.52
C SER BA 396 -18.96 25.08 -42.29
N GLU BA 397 -19.37 24.01 -42.94
CA GLU BA 397 -20.71 24.00 -43.52
C GLU BA 397 -21.83 23.80 -42.50
N PRO BA 398 -21.71 22.88 -41.53
CA PRO BA 398 -22.85 22.61 -40.65
C PRO BA 398 -23.39 23.83 -39.91
N PHE BA 399 -22.61 24.89 -39.74
CA PHE BA 399 -23.15 26.05 -39.04
C PHE BA 399 -24.07 26.93 -39.90
N VAL BA 400 -24.55 26.53 -41.07
CA VAL BA 400 -25.48 27.35 -41.83
C VAL BA 400 -26.80 27.48 -41.07
N PHE BA 401 -27.36 28.69 -41.08
CA PHE BA 401 -28.62 28.99 -40.39
C PHE BA 401 -28.53 28.73 -38.89
N GLU BA 402 -27.42 29.14 -38.30
CA GLU BA 402 -27.19 29.15 -36.87
C GLU BA 402 -27.03 30.60 -36.38
N PRO BA 403 -27.20 30.84 -35.08
CA PRO BA 403 -27.10 32.22 -34.60
C PRO BA 403 -25.72 32.80 -34.85
N ASN BA 404 -25.69 34.03 -35.39
CA ASN BA 404 -24.46 34.72 -35.73
C ASN BA 404 -23.95 35.49 -34.52
N ASP BA 405 -23.35 34.75 -33.59
CA ASP BA 405 -22.89 35.32 -32.33
C ASP BA 405 -21.55 34.70 -31.94
N ALA BA 406 -21.09 35.05 -30.75
CA ALA BA 406 -19.72 34.73 -30.33
C ALA BA 406 -19.51 33.22 -30.15
N ASN BA 407 -20.56 32.48 -29.78
CA ASN BA 407 -20.38 31.07 -29.49
C ASN BA 407 -20.07 30.28 -30.74
N THR BA 408 -20.81 30.55 -31.82
CA THR BA 408 -20.52 29.91 -33.09
C THR BA 408 -19.13 30.27 -33.58
N TRP BA 409 -18.73 31.53 -33.39
CA TRP BA 409 -17.40 31.96 -33.81
C TRP BA 409 -16.32 31.20 -33.07
N THR BA 410 -16.50 31.01 -31.76
CA THR BA 410 -15.58 30.21 -30.98
C THR BA 410 -15.46 28.79 -31.53
N LYS BA 411 -16.61 28.16 -31.79
CA LYS BA 411 -16.57 26.77 -32.27
C LYS BA 411 -15.85 26.67 -33.62
N VAL BA 412 -16.16 27.59 -34.54
CA VAL BA 412 -15.54 27.56 -35.86
C VAL BA 412 -14.04 27.75 -35.76
N LYS BA 413 -13.60 28.71 -34.96
CA LYS BA 413 -12.17 28.95 -34.79
C LYS BA 413 -11.48 27.71 -34.23
N ALA BA 414 -12.13 27.04 -33.27
CA ALA BA 414 -11.54 25.82 -32.71
C ALA BA 414 -11.34 24.77 -33.77
N MET BA 415 -12.35 24.54 -34.60
CA MET BA 415 -12.23 23.54 -35.66
C MET BA 415 -11.07 23.86 -36.60
N ILE BA 416 -10.99 25.11 -37.06
CA ILE BA 416 -9.95 25.47 -38.01
C ILE BA 416 -8.57 25.30 -37.39
N GLU BA 417 -8.41 25.73 -36.14
CA GLU BA 417 -7.10 25.64 -35.51
C GLU BA 417 -6.67 24.20 -35.28
N ASN BA 418 -7.61 23.32 -34.94
CA ASN BA 418 -7.23 21.92 -34.78
C ASN BA 418 -6.76 21.32 -36.10
N PHE BA 419 -7.46 21.63 -37.19
CA PHE BA 419 -7.02 21.13 -38.50
C PHE BA 419 -5.62 21.65 -38.85
N LEU BA 420 -5.39 22.94 -38.65
CA LEU BA 420 -4.08 23.49 -38.98
C LEU BA 420 -2.98 22.94 -38.08
N THR BA 421 -3.28 22.64 -36.82
CA THR BA 421 -2.28 22.02 -35.96
C THR BA 421 -1.90 20.63 -36.46
N LEU BA 422 -2.90 19.84 -36.85
CA LEU BA 422 -2.59 18.53 -37.42
C LEU BA 422 -1.75 18.67 -38.68
N GLN BA 423 -1.99 19.70 -39.48
CA GLN BA 423 -1.18 19.87 -40.68
C GLN BA 423 0.25 20.28 -40.33
N TRP BA 424 0.41 21.14 -39.32
CA TRP BA 424 1.74 21.59 -38.92
C TRP BA 424 2.58 20.42 -38.44
N ARG BA 425 2.02 19.57 -37.58
CA ARG BA 425 2.89 18.58 -36.94
C ARG BA 425 3.39 17.50 -37.90
N ALA BA 426 2.86 17.42 -39.11
CA ALA BA 426 3.32 16.43 -40.08
C ALA BA 426 4.42 16.96 -40.98
N GLY BA 427 4.81 18.22 -40.84
CA GLY BA 427 5.87 18.80 -41.63
C GLY BA 427 5.45 19.58 -42.85
N ALA BA 428 4.17 19.96 -42.95
CA ALA BA 428 3.73 20.73 -44.10
C ALA BA 428 4.01 22.22 -43.93
N LEU BA 429 3.92 22.73 -42.71
CA LEU BA 429 4.05 24.14 -42.44
C LEU BA 429 5.33 24.43 -41.68
N ALA BA 430 5.86 25.63 -41.89
CA ALA BA 430 7.07 26.05 -41.20
C ALA BA 430 6.73 26.72 -39.87
N GLY BA 431 7.69 26.72 -38.95
CA GLY BA 431 7.53 27.36 -37.66
C GLY BA 431 7.93 26.46 -36.50
N ALA BA 432 8.36 27.09 -35.41
CA ALA BA 432 8.80 26.32 -34.25
C ALA BA 432 7.64 25.91 -33.36
N LYS BA 433 6.54 26.65 -33.38
CA LYS BA 433 5.35 26.27 -32.65
C LYS BA 433 4.13 26.52 -33.54
N PRO BA 434 2.93 26.10 -33.14
CA PRO BA 434 1.75 26.47 -33.93
C PRO BA 434 1.44 27.96 -33.91
N GLU BA 435 2.10 28.74 -33.07
CA GLU BA 435 1.90 30.18 -33.04
C GLU BA 435 2.61 30.89 -34.17
N GLN BA 436 3.67 30.30 -34.71
CA GLN BA 436 4.43 30.89 -35.79
C GLN BA 436 4.08 30.33 -37.14
N ALA BA 437 3.20 29.34 -37.20
CA ALA BA 437 2.88 28.65 -38.45
C ALA BA 437 1.60 29.15 -39.09
N PHE BA 438 0.62 29.62 -38.31
CA PHE BA 438 -0.66 30.00 -38.86
C PHE BA 438 -1.39 30.91 -37.88
N TYR BA 439 -2.39 31.62 -38.40
CA TYR BA 439 -3.28 32.41 -37.55
C TYR BA 439 -4.67 32.46 -38.15
N VAL BA 440 -5.66 32.66 -37.27
CA VAL BA 440 -7.08 32.67 -37.61
C VAL BA 440 -7.73 33.89 -36.97
N LYS BA 441 -8.47 34.66 -37.76
CA LYS BA 441 -9.15 35.87 -37.29
C LYS BA 441 -10.62 35.84 -37.68
N ILE BA 442 -11.49 35.82 -36.67
CA ILE BA 442 -12.94 35.88 -36.85
C ILE BA 442 -13.62 36.64 -35.70
N GLY BA 443 -14.24 37.77 -35.98
CA GLY BA 443 -14.98 38.44 -34.92
C GLY BA 443 -15.32 39.87 -35.27
N LEU BA 444 -15.95 40.53 -34.31
CA LEU BA 444 -16.37 41.92 -34.47
C LEU BA 444 -15.18 42.87 -34.59
N ASN BA 445 -14.16 42.65 -33.77
CA ASN BA 445 -13.00 43.51 -33.81
C ASN BA 445 -11.91 42.96 -34.72
N GLU BA 446 -12.23 41.91 -35.49
CA GLU BA 446 -11.23 41.29 -36.35
C GLU BA 446 -11.57 41.45 -37.82
N THR BA 447 -12.77 41.03 -38.25
CA THR BA 447 -13.09 41.06 -39.68
C THR BA 447 -14.54 41.43 -39.96
N MET BA 448 -15.32 41.82 -38.96
CA MET BA 448 -16.77 41.91 -39.12
C MET BA 448 -17.27 43.21 -38.50
N THR BA 449 -18.48 43.60 -38.89
CA THR BA 449 -19.11 44.80 -38.33
C THR BA 449 -20.58 44.51 -38.08
N ALA BA 450 -21.26 45.50 -37.51
CA ALA BA 450 -22.69 45.37 -37.22
C ALA BA 450 -23.49 45.13 -38.49
N LEU BA 451 -23.16 45.87 -39.55
CA LEU BA 451 -23.80 45.64 -40.85
C LEU BA 451 -23.70 44.18 -41.27
N ASP BA 452 -22.55 43.56 -41.03
CA ASP BA 452 -22.37 42.15 -41.39
C ASP BA 452 -23.20 41.23 -40.51
N ILE BA 453 -23.43 41.62 -39.25
CA ILE BA 453 -24.29 40.81 -38.39
C ILE BA 453 -25.73 40.89 -38.88
N LEU BA 454 -26.17 42.07 -39.29
CA LEU BA 454 -27.53 42.21 -39.79
C LEU BA 454 -27.71 41.48 -41.12
N GLU BA 455 -26.67 41.51 -41.98
CA GLU BA 455 -26.80 40.84 -43.26
C GLU BA 455 -26.84 39.32 -43.12
N GLY BA 456 -26.15 38.78 -42.11
CA GLY BA 456 -26.00 37.34 -41.98
C GLY BA 456 -24.71 36.77 -42.52
N ARG BA 457 -23.66 37.59 -42.64
CA ARG BA 457 -22.39 37.17 -43.21
C ARG BA 457 -21.36 36.90 -42.12
N MET BA 458 -20.56 35.86 -42.33
CA MET BA 458 -19.44 35.53 -41.46
C MET BA 458 -18.16 35.58 -42.27
N ILE BA 459 -17.17 36.32 -41.77
CA ILE BA 459 -15.89 36.48 -42.46
C ILE BA 459 -14.76 35.95 -41.59
N VAL BA 460 -13.96 35.06 -42.17
CA VAL BA 460 -12.83 34.46 -41.48
C VAL BA 460 -11.57 34.68 -42.30
N GLU BA 461 -10.47 35.05 -41.64
CA GLU BA 461 -9.18 35.25 -42.29
C GLU BA 461 -8.16 34.25 -41.76
N ILE BA 462 -7.49 33.54 -42.65
CA ILE BA 462 -6.57 32.46 -42.28
C ILE BA 462 -5.23 32.68 -42.97
N GLY BA 463 -4.16 32.78 -42.17
CA GLY BA 463 -2.80 32.90 -42.69
C GLY BA 463 -1.97 31.68 -42.37
N MET BA 464 -1.12 31.27 -43.34
CA MET BA 464 -0.35 30.04 -43.29
C MET BA 464 1.00 30.23 -43.95
N ALA BA 465 2.05 29.62 -43.36
CA ALA BA 465 3.39 29.63 -43.91
C ALA BA 465 3.76 28.22 -44.38
N VAL BA 466 4.02 28.08 -45.68
CA VAL BA 466 4.33 26.79 -46.28
C VAL BA 466 5.81 26.73 -46.60
N VAL BA 467 6.31 25.50 -46.78
CA VAL BA 467 7.73 25.24 -47.03
C VAL BA 467 7.96 25.12 -48.52
N ARG BA 468 9.07 25.68 -49.00
CA ARG BA 468 9.37 25.77 -50.42
C ARG BA 468 10.67 25.09 -50.77
N PRO BA 469 10.79 24.53 -51.98
CA PRO BA 469 11.92 23.64 -52.29
C PRO BA 469 13.18 24.38 -52.71
N ALA BA 470 14.25 23.61 -52.80
CA ALA BA 470 15.55 24.08 -53.29
C ALA BA 470 15.81 23.52 -54.67
N GLU BA 471 16.02 24.41 -55.65
CA GLU BA 471 16.17 24.00 -57.04
C GLU BA 471 17.61 23.98 -57.53
N PHE BA 472 18.51 24.76 -56.96
CA PHE BA 472 19.85 24.92 -57.53
C PHE BA 472 20.92 24.61 -56.49
N ILE BA 473 21.88 23.79 -56.89
CA ILE BA 473 22.99 23.39 -56.02
C ILE BA 473 24.30 23.77 -56.71
N ILE BA 474 25.14 24.50 -56.01
CA ILE BA 474 26.36 25.07 -56.57
C ILE BA 474 27.56 24.51 -55.82
N LEU BA 475 28.47 23.89 -56.56
CA LEU BA 475 29.68 23.32 -55.97
C LEU BA 475 30.90 24.12 -56.41
N LYS BA 476 31.81 24.35 -55.48
CA LYS BA 476 33.03 25.10 -55.75
C LYS BA 476 34.23 24.30 -55.32
N PHE BA 477 35.24 24.23 -56.18
CA PHE BA 477 36.39 23.37 -55.96
C PHE BA 477 37.65 24.21 -55.88
N SER BA 478 38.66 23.65 -55.21
CA SER BA 478 39.90 24.37 -55.00
C SER BA 478 41.02 23.36 -54.81
N HIS BA 479 42.24 23.85 -54.95
CA HIS BA 479 43.44 23.09 -54.61
C HIS BA 479 43.84 23.43 -53.18
N LYS BA 480 43.99 22.40 -52.35
CA LYS BA 480 44.29 22.65 -50.95
C LYS BA 480 45.72 23.14 -50.77
N MET BA 481 45.88 24.13 -49.90
CA MET BA 481 47.18 24.68 -49.59
C MET BA 481 48.08 23.64 -48.92
N GLN BA 482 49.30 23.53 -49.41
CA GLN BA 482 50.22 22.52 -48.92
C GLN BA 482 51.66 22.84 -49.31
N ALA CA 2 -15.66 41.66 -14.52
CA ALA CA 2 -14.32 42.12 -14.82
C ALA CA 2 -13.54 42.44 -13.55
N GLU CA 3 -14.27 42.78 -12.49
CA GLU CA 3 -13.65 43.11 -11.21
C GLU CA 3 -14.00 42.07 -10.16
N TYR CA 4 -15.09 41.35 -10.36
CA TYR CA 4 -15.53 40.33 -9.43
C TYR CA 4 -14.91 39.00 -9.80
N PRO CA 5 -14.68 38.11 -8.84
CA PRO CA 5 -14.30 36.75 -9.19
C PRO CA 5 -15.50 35.97 -9.70
N LEU CA 6 -15.24 34.98 -10.53
CA LEU CA 6 -16.29 34.25 -11.21
C LEU CA 6 -16.77 33.06 -10.40
N PRO CA 7 -18.05 32.67 -10.55
CA PRO CA 7 -18.53 31.42 -9.93
C PRO CA 7 -18.31 30.21 -10.82
N LYS CA 8 -18.65 29.03 -10.33
CA LYS CA 8 -18.39 27.83 -11.13
C LYS CA 8 -19.61 26.96 -11.35
N PHE CA 9 -20.74 27.58 -11.69
CA PHE CA 9 -21.93 26.76 -11.94
C PHE CA 9 -22.70 27.10 -13.22
N HIS CA 10 -22.12 27.83 -14.17
CA HIS CA 10 -22.81 28.20 -15.40
C HIS CA 10 -21.86 28.01 -16.57
N PHE CA 11 -22.02 26.90 -17.29
CA PHE CA 11 -21.06 26.47 -18.31
C PHE CA 11 -21.78 25.71 -19.41
N GLN CA 12 -21.06 25.40 -20.49
CA GLN CA 12 -21.60 24.55 -21.54
C GLN CA 12 -20.49 23.82 -22.27
N VAL CA 13 -20.87 22.72 -22.94
CA VAL CA 13 -19.94 21.78 -23.54
C VAL CA 13 -20.43 21.47 -24.95
N ASP CA 14 -19.56 21.68 -25.95
CA ASP CA 14 -19.79 21.21 -27.30
C ASP CA 14 -18.99 19.92 -27.52
N TRP CA 15 -19.71 18.82 -27.76
CA TRP CA 15 -19.13 17.49 -27.88
C TRP CA 15 -19.72 16.70 -29.03
N GLY CA 16 -20.34 17.36 -29.99
CA GLY CA 16 -20.89 16.70 -31.14
C GLY CA 16 -22.02 15.79 -30.83
N GLY CA 17 -22.61 15.98 -29.65
CA GLY CA 17 -23.75 15.18 -29.20
C GLY CA 17 -25.07 15.92 -29.40
N SER CA 18 -26.15 15.17 -29.42
CA SER CA 18 -27.49 15.73 -29.60
C SER CA 18 -27.93 16.70 -28.50
N ARG CA 19 -27.94 16.23 -27.25
CA ARG CA 19 -28.39 17.07 -26.13
C ARG CA 19 -27.27 17.76 -25.36
N LEU CA 20 -27.67 18.61 -24.41
CA LEU CA 20 -26.75 19.35 -23.57
C LEU CA 20 -27.27 19.29 -22.13
N GLY CA 21 -26.59 19.99 -21.23
CA GLY CA 21 -26.99 20.02 -19.84
C GLY CA 21 -26.23 19.01 -19.00
N PHE CA 22 -24.93 19.24 -18.82
CA PHE CA 22 -24.10 18.34 -18.03
C PHE CA 22 -24.02 18.80 -16.58
N THR CA 23 -23.85 17.84 -15.67
CA THR CA 23 -23.75 18.13 -14.25
C THR CA 23 -22.33 18.42 -13.79
N GLU CA 24 -21.40 17.51 -14.08
CA GLU CA 24 -20.02 17.68 -13.66
C GLU CA 24 -18.99 17.48 -14.76
N VAL CA 25 -17.98 18.34 -14.76
CA VAL CA 25 -16.87 18.30 -15.71
C VAL CA 25 -15.57 18.47 -14.96
N SER CA 26 -14.73 17.43 -14.91
CA SER CA 26 -13.46 17.56 -14.21
C SER CA 26 -12.32 16.91 -14.99
N GLY CA 27 -11.10 17.39 -14.72
CA GLY CA 27 -9.91 16.78 -15.28
C GLY CA 27 -9.02 17.67 -16.13
N LEU CA 28 -9.07 18.98 -15.96
CA LEU CA 28 -8.43 19.92 -16.88
C LEU CA 28 -7.08 20.36 -16.32
N ASP CA 29 -6.01 19.68 -16.76
CA ASP CA 29 -4.67 19.84 -16.20
C ASP CA 29 -3.63 19.77 -17.32
N VAL CA 30 -2.43 20.28 -17.03
CA VAL CA 30 -1.26 20.17 -17.90
C VAL CA 30 -0.03 19.98 -17.02
N GLU CA 31 0.96 19.23 -17.52
CA GLU CA 31 2.17 19.06 -16.72
C GLU CA 31 3.40 18.81 -17.60
N THR CA 32 4.57 19.07 -17.00
CA THR CA 32 5.89 18.82 -17.58
C THR CA 32 6.75 18.10 -16.56
N GLU CA 33 7.56 17.16 -17.05
CA GLU CA 33 8.44 16.38 -16.13
C GLU CA 33 9.74 17.14 -15.85
N VAL CA 34 10.33 16.92 -14.68
CA VAL CA 34 11.58 17.53 -14.27
C VAL CA 34 12.71 16.54 -14.53
N ILE CA 35 13.84 17.04 -15.06
CA ILE CA 35 15.06 16.27 -15.18
C ILE CA 35 16.11 16.91 -14.28
N GLU CA 36 16.87 16.08 -13.57
CA GLU CA 36 17.82 16.52 -12.56
C GLU CA 36 19.24 16.15 -12.95
N TYR CA 37 20.19 16.97 -12.51
CA TYR CA 37 21.58 16.78 -12.91
C TYR CA 37 22.51 17.40 -11.88
N ARG CA 38 23.62 16.72 -11.59
CA ARG CA 38 24.69 17.28 -10.77
C ARG CA 38 26.02 16.62 -11.09
N GLU CA 39 27.07 17.42 -11.18
CA GLU CA 39 28.44 16.94 -11.37
C GLU CA 39 29.20 17.04 -10.06
N GLY CA 40 30.32 16.32 -9.98
CA GLY CA 40 30.97 16.07 -8.70
C GLY CA 40 31.55 17.29 -8.04
N ASN CA 41 31.99 18.29 -8.82
CA ASN CA 41 32.74 19.42 -8.27
C ASN CA 41 31.88 20.65 -8.07
N LEU CA 42 30.57 20.53 -8.07
CA LEU CA 42 29.72 21.68 -7.86
C LEU CA 42 29.69 22.06 -6.39
N PRO CA 43 29.89 23.34 -6.05
CA PRO CA 43 29.93 23.73 -4.63
C PRO CA 43 28.64 23.56 -3.86
N GLN CA 44 27.50 23.51 -4.53
CA GLN CA 44 26.25 23.18 -3.86
C GLN CA 44 26.02 21.68 -3.89
N TYR CA 45 25.41 21.17 -2.82
CA TYR CA 45 25.18 19.74 -2.68
C TYR CA 45 23.72 19.38 -2.92
N HIS CA 46 23.07 20.05 -3.85
CA HIS CA 46 21.77 19.66 -4.37
C HIS CA 46 21.75 19.90 -5.88
N LYS CA 47 20.73 19.35 -6.53
CA LYS CA 47 20.75 19.17 -7.97
C LYS CA 47 20.15 20.34 -8.74
N LEU CA 48 20.47 20.39 -10.03
CA LEU CA 48 19.89 21.32 -10.99
C LEU CA 48 18.74 20.65 -11.72
N LYS CA 49 17.78 21.48 -12.16
CA LYS CA 49 16.51 21.01 -12.69
C LYS CA 49 16.21 21.68 -14.02
N MET CA 50 15.66 20.92 -14.96
CA MET CA 50 15.32 21.45 -16.27
C MET CA 50 14.09 20.73 -16.82
N PRO CA 51 13.38 21.35 -17.76
CA PRO CA 51 12.12 20.76 -18.26
C PRO CA 51 12.32 19.53 -19.13
N GLY CA 52 11.28 18.71 -19.19
CA GLY CA 52 11.26 17.46 -19.94
C GLY CA 52 10.06 17.35 -20.85
N MET CA 53 9.37 16.22 -20.77
CA MET CA 53 8.22 15.93 -21.62
C MET CA 53 6.91 16.38 -20.96
N GLN CA 54 5.86 16.48 -21.77
CA GLN CA 54 4.55 16.93 -21.31
C GLN CA 54 3.63 15.76 -21.03
N LYS CA 55 2.59 16.03 -20.24
CA LYS CA 55 1.59 15.04 -19.87
C LYS CA 55 0.23 15.72 -19.72
N PHE CA 56 -0.80 15.00 -20.15
CA PHE CA 56 -2.19 15.44 -20.17
C PHE CA 56 -3.05 14.39 -19.51
N SER CA 57 -4.17 14.81 -18.93
CA SER CA 57 -5.04 13.92 -18.19
C SER CA 57 -6.31 13.60 -18.97
N ASN CA 58 -6.98 12.53 -18.55
CA ASN CA 58 -8.30 12.21 -19.08
C ASN CA 58 -9.34 13.11 -18.46
N ILE CA 59 -10.47 13.26 -19.16
CA ILE CA 59 -11.53 14.18 -18.77
C ILE CA 59 -12.79 13.38 -18.47
N THR CA 60 -13.45 13.72 -17.37
CA THR CA 60 -14.64 13.02 -16.92
C THR CA 60 -15.85 13.95 -16.97
N MET CA 61 -16.99 13.43 -17.45
CA MET CA 61 -18.21 14.21 -17.51
C MET CA 61 -19.38 13.38 -17.00
N LYS CA 62 -20.28 14.02 -16.25
CA LYS CA 62 -21.43 13.36 -15.67
C LYS CA 62 -22.70 14.10 -16.02
N ARG CA 63 -23.75 13.34 -16.31
CA ARG CA 63 -25.04 13.92 -16.67
C ARG CA 63 -26.18 13.00 -16.27
N GLY CA 64 -27.38 13.54 -16.24
CA GLY CA 64 -28.56 12.77 -15.88
C GLY CA 64 -29.20 12.05 -17.05
N THR CA 65 -29.96 11.02 -16.73
CA THR CA 65 -30.50 10.10 -17.72
C THR CA 65 -31.92 10.47 -18.13
N PHE CA 66 -32.17 10.48 -19.44
CA PHE CA 66 -33.46 10.82 -20.00
C PHE CA 66 -33.94 9.73 -20.95
N GLN CA 67 -35.25 9.61 -21.07
CA GLN CA 67 -35.83 8.65 -22.00
C GLN CA 67 -35.55 9.05 -23.45
N GLY CA 68 -35.04 8.10 -24.22
CA GLY CA 68 -34.77 8.32 -25.64
C GLY CA 68 -33.37 8.75 -25.98
N ASP CA 69 -32.52 9.03 -24.99
CA ASP CA 69 -31.19 9.55 -25.22
C ASP CA 69 -30.16 8.46 -24.93
N ASN CA 70 -29.46 8.02 -25.97
CA ASN CA 70 -28.48 6.94 -25.84
C ASN CA 70 -27.17 7.35 -26.52
N ASP CA 71 -26.70 8.57 -26.24
CA ASP CA 71 -25.61 9.16 -27.00
C ASP CA 71 -24.22 8.72 -26.52
N PHE CA 72 -24.03 8.53 -25.21
CA PHE CA 72 -22.72 8.11 -24.74
C PHE CA 72 -22.34 6.77 -25.34
N TYR CA 73 -23.30 5.85 -25.31
CA TYR CA 73 -23.13 4.51 -25.87
C TYR CA 73 -22.93 4.61 -27.36
N LYS CA 74 -23.70 5.47 -28.02
CA LYS CA 74 -23.55 5.65 -29.46
C LYS CA 74 -22.11 6.01 -29.82
N TRP CA 75 -21.52 6.98 -29.12
CA TRP CA 75 -20.17 7.38 -29.46
C TRP CA 75 -19.17 6.28 -29.13
N TRP CA 76 -19.31 5.66 -27.95
CA TRP CA 76 -18.38 4.60 -27.55
C TRP CA 76 -18.40 3.44 -28.54
N ASN CA 77 -19.57 3.11 -29.07
CA ASN CA 77 -19.76 1.91 -29.89
C ASN CA 77 -19.29 2.09 -31.34
N THR CA 78 -18.64 3.19 -31.69
CA THR CA 78 -18.15 3.36 -33.05
C THR CA 78 -16.74 2.85 -33.22
N VAL CA 79 -16.33 1.90 -32.39
CA VAL CA 79 -14.93 1.49 -32.31
C VAL CA 79 -14.73 0.20 -33.11
N ALA CA 80 -13.83 0.26 -34.09
CA ALA CA 80 -13.34 -0.91 -34.79
C ALA CA 80 -12.02 -1.31 -34.13
N LEU CA 81 -11.25 -2.20 -34.76
CA LEU CA 81 -10.03 -2.74 -34.18
C LEU CA 81 -9.19 -1.64 -33.54
N ASN CA 82 -8.61 -0.73 -34.32
CA ASN CA 82 -7.86 0.39 -33.78
C ASN CA 82 -8.33 1.72 -34.34
N THR CA 83 -9.51 1.76 -34.95
CA THR CA 83 -10.08 2.97 -35.50
C THR CA 83 -11.32 3.35 -34.70
N ILE CA 84 -11.57 4.66 -34.63
CA ILE CA 84 -12.70 5.20 -33.89
C ILE CA 84 -12.98 6.60 -34.42
N GLU CA 85 -14.16 7.14 -34.11
CA GLU CA 85 -14.51 8.49 -34.51
C GLU CA 85 -14.04 9.51 -33.49
N ARG CA 86 -13.13 10.38 -33.89
CA ARG CA 86 -12.56 11.40 -33.02
C ARG CA 86 -13.26 12.73 -33.27
N ARG CA 87 -13.39 13.53 -32.21
CA ARG CA 87 -14.12 14.78 -32.27
C ARG CA 87 -13.32 15.89 -31.60
N ASP CA 88 -13.63 17.13 -31.98
CA ASP CA 88 -13.06 18.31 -31.33
C ASP CA 88 -13.98 18.72 -30.19
N LEU CA 89 -13.42 18.92 -29.00
CA LEU CA 89 -14.23 19.27 -27.84
C LEU CA 89 -14.03 20.71 -27.39
N THR CA 90 -15.13 21.38 -27.09
CA THR CA 90 -15.05 22.77 -26.61
C THR CA 90 -15.81 22.91 -25.31
N ILE CA 91 -15.19 23.51 -24.30
CA ILE CA 91 -15.83 23.76 -23.02
C ILE CA 91 -15.75 25.24 -22.74
N SER CA 92 -16.87 25.85 -22.33
CA SER CA 92 -16.86 27.29 -22.10
C SER CA 92 -17.57 27.61 -20.80
N LEU CA 93 -17.05 28.60 -20.08
CA LEU CA 93 -17.63 29.10 -18.84
C LEU CA 93 -18.37 30.40 -19.14
N LEU CA 94 -19.62 30.50 -18.75
CA LEU CA 94 -20.36 31.72 -19.03
C LEU CA 94 -20.61 32.58 -17.83
N ASN CA 95 -20.76 33.86 -18.04
CA ASN CA 95 -21.08 34.74 -16.95
C ASN CA 95 -22.55 35.13 -16.98
N GLU CA 96 -22.98 35.97 -16.03
CA GLU CA 96 -24.38 36.40 -15.92
C GLU CA 96 -25.12 36.75 -17.22
N LYS CA 97 -24.41 37.33 -18.19
CA LYS CA 97 -25.00 37.73 -19.47
C LYS CA 97 -24.73 36.70 -20.57
N HIS CA 98 -24.38 35.49 -20.13
CA HIS CA 98 -24.10 34.36 -21.00
C HIS CA 98 -23.04 34.57 -22.08
N GLU CA 99 -21.95 35.26 -21.73
CA GLU CA 99 -20.88 35.49 -22.69
C GLU CA 99 -19.71 34.58 -22.34
N PRO CA 100 -19.20 33.84 -23.33
CA PRO CA 100 -18.08 32.92 -23.10
C PRO CA 100 -16.90 33.70 -22.55
N VAL CA 101 -16.37 33.29 -21.40
CA VAL CA 101 -15.26 34.03 -20.81
C VAL CA 101 -13.99 33.21 -20.84
N VAL CA 102 -14.05 31.97 -20.38
CA VAL CA 102 -12.91 31.06 -20.39
C VAL CA 102 -13.26 29.88 -21.27
N VAL CA 103 -12.36 29.53 -22.18
CA VAL CA 103 -12.60 28.47 -23.14
C VAL CA 103 -11.47 27.45 -23.06
N TRP CA 104 -11.83 26.17 -22.98
CA TRP CA 104 -10.90 25.07 -23.07
C TRP CA 104 -11.14 24.33 -24.37
N LYS CA 105 -10.08 24.19 -25.17
CA LYS CA 105 -10.15 23.50 -26.46
C LYS CA 105 -9.39 22.20 -26.35
N VAL CA 106 -10.08 21.09 -26.62
CA VAL CA 106 -9.48 19.77 -26.55
C VAL CA 106 -9.25 19.27 -27.98
N ASN CA 107 -8.18 18.51 -28.18
CA ASN CA 107 -7.85 18.00 -29.51
C ASN CA 107 -7.90 16.47 -29.58
N ARG CA 108 -8.57 15.97 -30.61
CA ARG CA 108 -8.70 14.53 -30.85
C ARG CA 108 -9.18 13.73 -29.64
N ALA CA 109 -10.45 13.87 -29.28
CA ALA CA 109 -10.97 13.15 -28.11
C ALA CA 109 -11.93 12.01 -28.45
N TRP CA 110 -11.65 10.82 -27.92
CA TRP CA 110 -12.50 9.66 -28.12
C TRP CA 110 -12.81 9.02 -26.77
N PRO CA 111 -14.01 8.47 -26.60
CA PRO CA 111 -14.44 7.97 -25.29
C PRO CA 111 -13.79 6.64 -24.91
N THR CA 112 -13.12 6.62 -23.76
CA THR CA 112 -12.49 5.40 -23.29
C THR CA 112 -13.35 4.62 -22.31
N LYS CA 113 -14.32 5.26 -21.64
CA LYS CA 113 -15.09 4.53 -20.66
C LYS CA 113 -16.48 5.13 -20.49
N VAL CA 114 -17.47 4.27 -20.27
CA VAL CA 114 -18.86 4.68 -20.04
C VAL CA 114 -19.39 3.89 -18.84
N GLN CA 115 -19.92 4.61 -17.86
CA GLN CA 115 -20.49 3.96 -16.67
C GLN CA 115 -21.94 4.39 -16.47
N SER CA 116 -22.82 3.41 -16.30
CA SER CA 116 -24.22 3.66 -16.06
C SER CA 116 -24.52 3.70 -14.57
N THR CA 117 -25.77 4.01 -14.25
CA THR CA 117 -26.15 4.18 -12.86
C THR CA 117 -26.28 2.84 -12.16
N ASP CA 118 -26.37 2.90 -10.83
CA ASP CA 118 -26.65 1.74 -10.00
C ASP CA 118 -28.09 1.84 -9.51
N LEU CA 119 -28.69 0.69 -9.21
CA LEU CA 119 -30.10 0.60 -8.88
C LEU CA 119 -30.26 0.25 -7.41
N LYS CA 120 -31.00 1.08 -6.68
CA LYS CA 120 -31.25 0.85 -5.26
C LYS CA 120 -32.74 0.92 -4.99
N GLY CA 121 -33.27 -0.12 -4.34
CA GLY CA 121 -34.68 -0.11 -3.98
C GLY CA 121 -35.05 0.96 -2.98
N ASP CA 122 -34.07 1.56 -2.31
CA ASP CA 122 -34.31 2.60 -1.32
C ASP CA 122 -33.67 3.92 -1.69
N GLY CA 123 -33.31 4.12 -2.96
CA GLY CA 123 -32.59 5.32 -3.35
C GLY CA 123 -33.51 6.40 -3.87
N ASN CA 124 -33.55 7.52 -3.16
CA ASN CA 124 -34.36 8.68 -3.53
C ASN CA 124 -33.57 9.67 -4.37
N GLU CA 125 -32.81 9.18 -5.34
CA GLU CA 125 -32.05 10.10 -6.15
C GLU CA 125 -32.23 9.85 -7.63
N VAL CA 126 -31.82 10.83 -8.43
CA VAL CA 126 -31.88 10.71 -9.87
C VAL CA 126 -30.79 9.76 -10.34
N ALA CA 127 -31.00 9.16 -11.51
CA ALA CA 127 -30.00 8.29 -12.11
C ALA CA 127 -29.02 9.13 -12.92
N ILE CA 128 -27.72 8.89 -12.69
CA ILE CA 128 -26.66 9.64 -13.36
C ILE CA 128 -25.67 8.69 -14.06
N GLU CA 129 -25.20 9.13 -15.22
CA GLU CA 129 -24.24 8.36 -16.01
C GLU CA 129 -22.99 9.20 -16.25
N SER CA 130 -21.89 8.50 -16.55
CA SER CA 130 -20.59 9.14 -16.66
C SER CA 130 -19.85 8.66 -17.90
N ILE CA 131 -19.00 9.54 -18.43
CA ILE CA 131 -18.13 9.20 -19.54
C ILE CA 131 -16.72 9.70 -19.24
N GLU CA 132 -15.73 8.95 -19.70
CA GLU CA 132 -14.31 9.29 -19.54
C GLU CA 132 -13.65 9.29 -20.91
N VAL CA 133 -12.92 10.37 -21.20
CA VAL CA 133 -12.45 10.68 -22.54
C VAL CA 133 -10.94 10.91 -22.53
N ALA CA 134 -10.26 10.40 -23.56
CA ALA CA 134 -8.84 10.62 -23.81
C ALA CA 134 -8.69 11.54 -25.02
N HIS CA 135 -7.58 12.27 -25.05
CA HIS CA 135 -7.37 13.30 -26.06
C HIS CA 135 -5.88 13.48 -26.29
N GLU CA 136 -5.53 14.18 -27.38
CA GLU CA 136 -4.15 14.55 -27.65
C GLU CA 136 -4.00 16.06 -27.76
N GLY CA 137 -4.46 16.80 -26.76
CA GLY CA 137 -4.08 18.18 -26.61
C GLY CA 137 -5.14 18.99 -25.88
N LEU CA 138 -4.67 20.09 -25.29
CA LEU CA 138 -5.53 20.99 -24.53
C LEU CA 138 -4.96 22.40 -24.56
N THR CA 139 -5.85 23.39 -24.67
CA THR CA 139 -5.45 24.79 -24.75
C THR CA 139 -6.45 25.68 -24.03
N ILE CA 140 -5.93 26.66 -23.28
CA ILE CA 140 -6.74 27.57 -22.47
C ILE CA 140 -6.75 28.94 -23.10
N GLN CA 141 -7.93 29.56 -23.15
CA GLN CA 141 -8.10 30.92 -23.66
C GLN CA 141 -8.94 31.72 -22.69
N ASN CA 142 -8.35 32.76 -22.10
CA ASN CA 142 -9.03 33.68 -21.21
C ASN CA 142 -8.78 35.10 -21.68
N GLY CA 143 -9.84 35.83 -21.98
CA GLY CA 143 -9.73 37.21 -22.38
C GLY CA 143 -9.02 37.37 -23.71
N ALA DA 2 26.69 26.04 -21.50
CA ALA DA 2 25.88 26.68 -20.50
C ALA DA 2 26.01 25.87 -19.26
N GLU DA 3 24.90 25.56 -18.60
CA GLU DA 3 24.95 24.78 -17.38
C GLU DA 3 23.97 23.62 -17.44
N TYR DA 4 23.25 23.49 -18.55
CA TYR DA 4 22.32 22.40 -18.63
C TYR DA 4 22.70 21.56 -19.79
N PRO DA 5 22.59 20.24 -19.66
CA PRO DA 5 22.88 19.31 -20.76
C PRO DA 5 21.68 19.01 -21.66
N LEU DA 6 21.82 18.14 -22.65
CA LEU DA 6 20.69 17.83 -23.56
C LEU DA 6 19.92 16.56 -23.23
N PRO DA 7 18.63 16.49 -23.64
CA PRO DA 7 17.86 15.26 -23.44
C PRO DA 7 18.10 14.26 -24.56
N LYS DA 8 17.41 13.11 -24.53
CA LYS DA 8 17.73 11.99 -25.40
C LYS DA 8 16.54 11.53 -26.22
N PHE DA 9 15.53 12.39 -26.46
CA PHE DA 9 14.32 11.89 -27.10
C PHE DA 9 13.88 12.64 -28.35
N HIS DA 10 14.74 13.44 -28.97
CA HIS DA 10 14.35 14.21 -30.15
C HIS DA 10 15.49 14.10 -31.17
N PHE DA 11 15.32 13.24 -32.18
CA PHE DA 11 16.39 12.88 -33.10
C PHE DA 11 15.81 12.53 -34.46
N GLN DA 12 16.68 12.35 -35.45
CA GLN DA 12 16.25 11.87 -36.76
C GLN DA 12 17.37 11.12 -37.46
N VAL DA 13 16.97 10.29 -38.44
CA VAL DA 13 17.86 9.35 -39.10
C VAL DA 13 17.63 9.47 -40.61
N ASP DA 14 18.69 9.74 -41.37
CA ASP DA 14 18.67 9.63 -42.83
C ASP DA 14 19.31 8.30 -43.22
N TRP DA 15 18.51 7.44 -43.85
CA TRP DA 15 18.90 6.08 -44.22
C TRP DA 15 18.45 5.70 -45.61
N GLY DA 16 17.84 6.56 -46.40
CA GLY DA 16 17.45 6.14 -47.72
C GLY DA 16 16.04 5.65 -47.96
N GLY DA 17 15.31 5.48 -46.85
CA GLY DA 17 13.91 5.07 -46.86
C GLY DA 17 13.01 6.29 -46.66
N SER DA 18 11.72 6.11 -46.87
CA SER DA 18 10.75 7.20 -46.72
C SER DA 18 10.60 7.74 -45.29
N ARG DA 19 10.20 6.92 -44.33
CA ARG DA 19 9.98 7.46 -42.97
C ARG DA 19 11.25 7.85 -42.29
N LEU DA 20 11.18 8.83 -41.42
CA LEU DA 20 12.28 9.49 -40.71
C LEU DA 20 12.06 9.52 -39.20
N GLY DA 21 11.32 8.55 -38.68
CA GLY DA 21 11.08 8.50 -37.25
C GLY DA 21 11.24 7.11 -36.66
N PHE DA 22 12.13 6.97 -35.68
CA PHE DA 22 12.33 5.68 -35.07
C PHE DA 22 12.07 5.75 -33.60
N THR DA 23 11.94 4.59 -32.99
CA THR DA 23 11.76 4.56 -31.56
C THR DA 23 13.04 4.21 -30.81
N GLU DA 24 13.99 3.54 -31.45
CA GLU DA 24 15.22 3.23 -30.74
C GLU DA 24 16.39 3.15 -31.71
N VAL DA 25 17.51 3.73 -31.30
CA VAL DA 25 18.77 3.70 -32.05
C VAL DA 25 19.91 3.45 -31.07
N SER DA 26 20.56 2.29 -31.16
CA SER DA 26 21.67 2.02 -30.26
C SER DA 26 22.84 1.35 -30.97
N GLY DA 27 24.03 1.53 -30.41
CA GLY DA 27 25.22 0.85 -30.91
C GLY DA 27 26.38 1.71 -31.35
N LEU DA 28 26.48 2.95 -30.86
CA LEU DA 28 27.42 3.93 -31.39
C LEU DA 28 28.68 3.98 -30.54
N ASP DA 29 29.71 3.23 -30.95
CA ASP DA 29 30.92 3.01 -30.17
C ASP DA 29 32.14 3.00 -31.09
N VAL DA 30 33.31 3.20 -30.49
CA VAL DA 30 34.60 3.08 -31.16
C VAL DA 30 35.60 2.46 -30.18
N GLU DA 31 36.56 1.67 -30.68
CA GLU DA 31 37.55 1.10 -29.77
C GLU DA 31 38.87 0.82 -30.47
N THR DA 32 39.92 0.72 -29.65
CA THR DA 32 41.28 0.37 -30.06
C THR DA 32 41.82 -0.70 -29.14
N GLU DA 33 42.51 -1.71 -29.67
CA GLU DA 33 43.07 -2.74 -28.80
C GLU DA 33 44.35 -2.24 -28.13
N VAL DA 34 44.73 -2.94 -27.07
CA VAL DA 34 45.96 -2.68 -26.33
C VAL DA 34 46.97 -3.78 -26.64
N ILE DA 35 48.22 -3.38 -26.84
CA ILE DA 35 49.33 -4.32 -26.95
C ILE DA 35 50.26 -4.11 -25.77
N GLU DA 36 50.74 -5.21 -25.19
CA GLU DA 36 51.51 -5.18 -23.96
C GLU DA 36 52.92 -5.72 -24.19
N TYR DA 37 53.88 -5.21 -23.41
CA TYR DA 37 55.27 -5.57 -23.62
C TYR DA 37 56.06 -5.38 -22.33
N ARG DA 38 56.98 -6.30 -22.05
CA ARG DA 38 57.93 -6.14 -20.96
C ARG DA 38 59.18 -6.95 -21.21
N GLU DA 39 60.34 -6.36 -20.94
CA GLU DA 39 61.63 -7.04 -21.02
C GLU DA 39 62.12 -7.37 -19.61
N GLY DA 40 63.08 -8.29 -19.55
CA GLY DA 40 63.42 -8.93 -18.29
C GLY DA 40 64.03 -8.01 -17.25
N ASN DA 41 64.75 -6.98 -17.67
CA ASN DA 41 65.53 -6.16 -16.75
C ASN DA 41 64.83 -4.87 -16.36
N LEU DA 42 63.55 -4.75 -16.61
CA LEU DA 42 62.84 -3.52 -16.26
C LEU DA 42 62.57 -3.49 -14.75
N PRO DA 43 62.88 -2.38 -14.07
CA PRO DA 43 62.71 -2.33 -12.61
C PRO DA 43 61.26 -2.43 -12.13
N GLN DA 44 60.28 -2.11 -12.97
CA GLN DA 44 58.89 -2.35 -12.61
C GLN DA 44 58.47 -3.73 -13.06
N TYR DA 45 57.59 -4.34 -12.27
CA TYR DA 45 57.13 -5.70 -12.53
C TYR DA 45 55.71 -5.72 -13.09
N HIS DA 46 55.36 -4.74 -13.91
CA HIS DA 46 54.15 -4.76 -14.71
C HIS DA 46 54.46 -4.19 -16.09
N LYS DA 47 53.53 -4.38 -17.02
CA LYS DA 47 53.82 -4.23 -18.44
C LYS DA 47 53.55 -2.83 -18.96
N LEU DA 48 54.13 -2.55 -20.13
CA LEU DA 48 53.90 -1.34 -20.91
C LEU DA 48 52.82 -1.59 -21.95
N LYS DA 49 52.10 -0.52 -22.31
CA LYS DA 49 50.91 -0.61 -23.14
C LYS DA 49 50.97 0.39 -24.29
N MET DA 50 50.53 -0.03 -25.47
CA MET DA 50 50.53 0.83 -26.63
C MET DA 50 49.35 0.49 -27.54
N PRO DA 51 48.94 1.42 -28.39
CA PRO DA 51 47.74 1.22 -29.21
C PRO DA 51 47.93 0.20 -30.34
N GLY DA 52 46.81 -0.39 -30.76
CA GLY DA 52 46.77 -1.40 -31.80
C GLY DA 52 45.77 -1.07 -32.89
N MET DA 53 44.92 -2.05 -33.22
CA MET DA 53 43.94 -1.92 -34.28
C MET DA 53 42.61 -1.40 -33.74
N GLN DA 54 41.77 -0.92 -34.65
CA GLN DA 54 40.47 -0.35 -34.32
C GLN DA 54 39.34 -1.37 -34.49
N LYS DA 55 38.22 -1.08 -33.83
CA LYS DA 55 37.03 -1.92 -33.88
C LYS DA 55 35.79 -1.07 -33.79
N PHE DA 56 34.79 -1.41 -34.57
CA PHE DA 56 33.50 -0.72 -34.63
C PHE DA 56 32.40 -1.73 -34.39
N SER DA 57 31.24 -1.28 -33.98
CA SER DA 57 30.12 -2.14 -33.64
C SER DA 57 29.00 -2.04 -34.67
N ASN DA 58 28.11 -3.03 -34.64
CA ASN DA 58 26.90 -2.97 -35.44
C ASN DA 58 25.88 -2.04 -34.78
N ILE DA 59 24.96 -1.54 -35.59
CA ILE DA 59 23.98 -0.56 -35.15
C ILE DA 59 22.58 -1.15 -35.27
N THR DA 60 21.76 -0.94 -34.24
CA THR DA 60 20.42 -1.49 -34.18
C THR DA 60 19.40 -0.37 -34.20
N MET DA 61 18.32 -0.55 -34.96
CA MET DA 61 17.25 0.44 -35.01
C MET DA 61 15.89 -0.25 -34.94
N LYS DA 62 14.97 0.37 -34.19
CA LYS DA 62 13.65 -0.19 -33.99
C LYS DA 62 12.59 0.84 -34.34
N ARG DA 63 11.52 0.38 -34.97
CA ARG DA 63 10.42 1.25 -35.38
C ARG DA 63 9.10 0.49 -35.41
N GLY DA 64 8.01 1.23 -35.43
CA GLY DA 64 6.69 0.63 -35.47
C GLY DA 64 6.20 0.32 -36.88
N THR DA 65 5.25 -0.60 -36.96
CA THR DA 65 4.80 -1.16 -38.23
C THR DA 65 3.55 -0.44 -38.75
N PHE DA 66 3.60 -0.11 -40.04
CA PHE DA 66 2.52 0.59 -40.72
C PHE DA 66 2.06 -0.16 -41.96
N GLN DA 67 0.80 0.01 -42.31
CA GLN DA 67 0.28 -0.58 -43.53
C GLN DA 67 0.90 0.07 -44.77
N GLY DA 68 1.41 -0.75 -45.67
CA GLY DA 68 1.99 -0.27 -46.91
C GLY DA 68 3.48 -0.05 -46.91
N ASP DA 69 4.14 -0.16 -45.75
CA ASP DA 69 5.57 0.15 -45.63
C ASP DA 69 6.34 -1.16 -45.48
N ASN DA 70 7.16 -1.48 -46.46
CA ASN DA 70 7.94 -2.72 -46.45
C ASN DA 70 9.40 -2.43 -46.79
N ASP DA 71 9.97 -1.41 -46.14
CA ASP DA 71 11.27 -0.88 -46.53
C ASP DA 71 12.45 -1.66 -45.97
N PHE DA 72 12.34 -2.17 -44.74
CA PHE DA 72 13.46 -2.92 -44.19
C PHE DA 72 13.76 -4.15 -45.05
N TYR DA 73 12.70 -4.86 -45.40
CA TYR DA 73 12.78 -6.04 -46.25
C TYR DA 73 13.29 -5.65 -47.62
N LYS DA 74 12.79 -4.53 -48.15
CA LYS DA 74 13.26 -4.06 -49.45
C LYS DA 74 14.78 -3.90 -49.48
N TRP DA 75 15.34 -3.25 -48.47
CA TRP DA 75 16.78 -3.04 -48.47
C TRP DA 75 17.53 -4.35 -48.27
N TRP DA 76 17.07 -5.19 -47.33
CA TRP DA 76 17.73 -6.45 -47.08
C TRP DA 76 17.75 -7.35 -48.31
N ASN DA 77 16.67 -7.32 -49.09
CA ASN DA 77 16.49 -8.25 -50.20
C ASN DA 77 17.25 -7.84 -51.47
N THR DA 78 18.11 -6.84 -51.42
CA THR DA 78 18.88 -6.45 -52.59
C THR DA 78 20.21 -7.16 -52.65
N VAL DA 79 20.32 -8.34 -52.05
CA VAL DA 79 21.59 -9.01 -51.85
C VAL DA 79 21.76 -10.09 -52.92
N ALA DA 80 22.83 -9.99 -53.69
CA ALA DA 80 23.29 -11.04 -54.59
C ALA DA 80 24.38 -11.82 -53.84
N LEU DA 81 25.12 -12.66 -54.55
CA LEU DA 81 26.12 -13.55 -53.93
C LEU DA 81 26.95 -12.79 -52.91
N ASN DA 82 27.81 -11.86 -53.33
CA ASN DA 82 28.59 -11.05 -52.41
C ASN DA 82 28.44 -9.56 -52.68
N THR DA 83 27.41 -9.17 -53.43
CA THR DA 83 27.15 -7.78 -53.73
C THR DA 83 25.84 -7.36 -53.08
N ILE DA 84 25.76 -6.08 -52.72
CA ILE DA 84 24.60 -5.52 -52.05
C ILE DA 84 24.64 -4.01 -52.24
N GLU DA 85 23.51 -3.35 -52.00
CA GLU DA 85 23.43 -1.89 -52.10
C GLU DA 85 23.83 -1.25 -50.78
N ARG DA 86 24.91 -0.49 -50.81
CA ARG DA 86 25.44 0.18 -49.63
C ARG DA 86 25.00 1.64 -49.63
N ARG DA 87 24.77 2.19 -48.44
CA ARG DA 87 24.25 3.54 -48.29
C ARG DA 87 25.06 4.31 -47.25
N ASP DA 88 25.01 5.64 -47.34
CA ASP DA 88 25.59 6.51 -46.32
C ASP DA 88 24.53 6.82 -45.28
N LEU DA 89 24.86 6.63 -44.01
CA LEU DA 89 23.89 6.86 -42.94
C LEU DA 89 24.20 8.10 -42.11
N THR DA 90 23.18 8.88 -41.81
CA THR DA 90 23.36 10.08 -41.00
C THR DA 90 22.37 10.07 -39.85
N ILE DA 91 22.87 10.30 -38.63
CA ILE DA 91 22.02 10.36 -37.45
C ILE DA 91 22.25 11.71 -36.79
N SER DA 92 21.18 12.40 -36.42
CA SER DA 92 21.33 13.72 -35.84
C SER DA 92 20.42 13.87 -34.63
N LEU DA 93 20.94 14.57 -33.61
CA LEU DA 93 20.19 14.88 -32.39
C LEU DA 93 19.72 16.31 -32.46
N LEU DA 94 18.41 16.50 -32.49
CA LEU DA 94 17.83 17.81 -32.80
C LEU DA 94 17.61 18.62 -31.54
N ASN DA 95 17.47 19.93 -31.80
CA ASN DA 95 17.18 21.01 -30.83
C ASN DA 95 15.81 21.68 -30.99
N GLU DA 96 15.51 22.62 -30.10
CA GLU DA 96 14.24 23.35 -30.14
C GLU DA 96 13.91 23.95 -31.52
N LYS DA 97 14.92 24.42 -32.25
CA LYS DA 97 14.68 25.05 -33.54
C LYS DA 97 14.66 24.04 -34.67
N HIS DA 98 14.48 22.79 -34.33
CA HIS DA 98 14.46 21.68 -35.29
C HIS DA 98 15.75 21.61 -36.12
N GLU DA 99 16.85 21.77 -35.45
CA GLU DA 99 18.15 21.75 -36.11
C GLU DA 99 19.00 20.64 -35.50
N PRO DA 100 20.20 20.48 -36.01
CA PRO DA 100 21.10 19.44 -35.51
C PRO DA 100 22.22 19.96 -34.61
N VAL DA 101 22.52 19.22 -33.55
CA VAL DA 101 23.59 19.59 -32.63
C VAL DA 101 24.71 18.57 -32.66
N VAL DA 102 24.39 17.29 -32.55
CA VAL DA 102 25.37 16.22 -32.61
C VAL DA 102 25.02 15.34 -33.81
N VAL DA 103 26.03 15.05 -34.62
CA VAL DA 103 25.84 14.30 -35.85
C VAL DA 103 26.78 13.09 -35.85
N TRP DA 104 26.23 11.93 -36.16
CA TRP DA 104 27.00 10.71 -36.37
C TRP DA 104 26.92 10.35 -37.85
N LYS DA 105 28.08 10.20 -38.48
CA LYS DA 105 28.18 9.83 -39.89
C LYS DA 105 28.72 8.42 -40.00
N VAL DA 106 27.94 7.56 -40.65
CA VAL DA 106 28.26 6.13 -40.76
C VAL DA 106 28.52 5.81 -42.22
N ASN DA 107 29.64 5.13 -42.47
CA ASN DA 107 30.16 4.91 -43.81
C ASN DA 107 30.08 3.44 -44.20
N ARG DA 108 29.50 3.23 -45.39
CA ARG DA 108 29.31 1.93 -46.03
C ARG DA 108 28.50 0.98 -45.16
N ALA DA 109 27.21 1.27 -45.08
CA ALA DA 109 26.28 0.45 -44.30
C ALA DA 109 25.41 -0.43 -45.19
N TRP DA 110 25.22 -1.68 -44.76
CA TRP DA 110 24.27 -2.59 -45.39
C TRP DA 110 23.60 -3.45 -44.32
N PRO DA 111 22.32 -3.78 -44.48
CA PRO DA 111 21.58 -4.49 -43.42
C PRO DA 111 21.95 -5.95 -43.30
N THR DA 112 22.37 -6.36 -42.10
CA THR DA 112 22.70 -7.76 -41.87
C THR DA 112 21.56 -8.56 -41.26
N LYS DA 113 20.59 -7.92 -40.62
CA LYS DA 113 19.53 -8.69 -39.99
C LYS DA 113 18.23 -7.90 -39.90
N VAL DA 114 17.12 -8.59 -40.07
CA VAL DA 114 15.78 -7.99 -39.96
C VAL DA 114 14.91 -8.90 -39.11
N GLN DA 115 14.30 -8.35 -38.07
CA GLN DA 115 13.41 -9.13 -37.19
C GLN DA 115 12.04 -8.48 -37.13
N SER DA 116 11.01 -9.30 -37.35
CA SER DA 116 9.64 -8.86 -37.29
C SER DA 116 9.05 -9.09 -35.90
N THR DA 117 7.81 -8.64 -35.71
CA THR DA 117 7.20 -8.71 -34.41
C THR DA 117 6.74 -10.14 -34.10
N ASP DA 118 6.40 -10.35 -32.85
CA ASP DA 118 5.79 -11.59 -32.38
C ASP DA 118 4.32 -11.35 -32.13
N LEU DA 119 3.51 -12.41 -32.22
CA LEU DA 119 2.07 -12.30 -32.16
C LEU DA 119 1.56 -12.94 -30.88
N LYS DA 120 0.82 -12.16 -30.08
CA LYS DA 120 0.26 -12.66 -28.83
C LYS DA 120 -1.23 -12.38 -28.79
N GLY DA 121 -2.02 -13.41 -28.52
CA GLY DA 121 -3.45 -13.23 -28.39
C GLY DA 121 -3.87 -12.35 -27.23
N ASP DA 122 -2.97 -12.11 -26.29
CA ASP DA 122 -3.25 -11.30 -25.11
C ASP DA 122 -2.37 -10.06 -25.02
N GLY DA 123 -1.73 -9.66 -26.12
CA GLY DA 123 -0.79 -8.57 -26.08
C GLY DA 123 -1.42 -7.25 -26.44
N ASN DA 124 -1.45 -6.32 -25.49
CA ASN DA 124 -1.98 -4.98 -25.67
C ASN DA 124 -0.91 -3.99 -26.10
N GLU DA 125 -0.06 -4.38 -27.02
CA GLU DA 125 0.98 -3.47 -27.44
C GLU DA 125 1.07 -3.34 -28.95
N VAL DA 126 1.76 -2.30 -29.39
CA VAL DA 126 1.98 -2.07 -30.82
C VAL DA 126 2.99 -3.08 -31.33
N ALA DA 127 2.94 -3.35 -32.62
CA ALA DA 127 3.90 -4.23 -33.26
C ALA DA 127 5.14 -3.44 -33.66
N ILE DA 128 6.31 -3.95 -33.29
CA ILE DA 128 7.58 -3.29 -33.57
C ILE DA 128 8.54 -4.21 -34.33
N GLU DA 129 9.30 -3.64 -35.25
CA GLU DA 129 10.28 -4.36 -36.04
C GLU DA 129 11.66 -3.74 -35.86
N SER DA 130 12.68 -4.55 -36.15
CA SER DA 130 14.06 -4.15 -35.88
C SER DA 130 14.95 -4.48 -37.06
N ILE DA 131 16.00 -3.67 -37.22
CA ILE DA 131 17.04 -3.91 -38.22
C ILE DA 131 18.41 -3.75 -37.57
N GLU DA 132 19.35 -4.55 -38.04
CA GLU DA 132 20.73 -4.53 -37.59
C GLU DA 132 21.64 -4.35 -38.79
N VAL DA 133 22.58 -3.39 -38.67
CA VAL DA 133 23.35 -2.88 -39.80
C VAL DA 133 24.84 -2.94 -39.48
N ALA DA 134 25.62 -3.32 -40.48
CA ALA DA 134 27.08 -3.32 -40.45
C ALA DA 134 27.61 -2.20 -41.33
N HIS DA 135 28.80 -1.71 -41.00
CA HIS DA 135 29.34 -0.53 -41.67
C HIS DA 135 30.87 -0.58 -41.60
N GLU DA 136 31.51 0.27 -42.41
CA GLU DA 136 32.96 0.42 -42.36
C GLU DA 136 33.35 1.86 -42.05
N GLY DA 137 32.81 2.43 -40.98
CA GLY DA 137 33.34 3.65 -40.42
C GLY DA 137 32.29 4.46 -39.68
N LEU DA 138 32.78 5.29 -38.77
CA LEU DA 138 31.91 6.14 -37.95
C LEU DA 138 32.67 7.38 -37.54
N THR DA 139 31.96 8.52 -37.53
CA THR DA 139 32.58 9.80 -37.19
C THR DA 139 31.59 10.68 -36.42
N ILE DA 140 32.07 11.36 -35.38
CA ILE DA 140 31.26 12.19 -34.50
C ILE DA 140 31.57 13.65 -34.76
N GLN DA 141 30.53 14.48 -34.84
CA GLN DA 141 30.66 15.92 -35.00
C GLN DA 141 29.76 16.63 -34.00
N ASN DA 142 30.37 17.37 -33.09
CA ASN DA 142 29.65 18.18 -32.10
C ASN DA 142 30.20 19.60 -32.15
N GLY DA 143 29.33 20.56 -32.43
CA GLY DA 143 29.72 21.95 -32.43
C GLY DA 143 30.69 22.28 -33.54
#